data_7Y38
#
_entry.id   7Y38
#
_cell.length_a   1.00
_cell.length_b   1.00
_cell.length_c   1.00
_cell.angle_alpha   90.00
_cell.angle_beta   90.00
_cell.angle_gamma   90.00
#
_symmetry.space_group_name_H-M   'P 1'
#
loop_
_entity.id
_entity.type
_entity.pdbx_description
1 polymer 'mRNA-capping enzyme nsP1,affinity-tag (strepII-3XFLAG)'
2 polymer 'RNA-directed RNA polymerase nsP4'
3 polymer 'Protease nsP2'
4 polymer "RNA (5'-R(P*CP*CP*A)-3')"
5 non-polymer 'ZINC ION'
6 non-polymer "ADENOSINE-5'-TRIPHOSPHATE"
7 non-polymer "GUANOSINE-5'-TRIPHOSPHATE"
#
loop_
_entity_poly.entity_id
_entity_poly.type
_entity_poly.pdbx_seq_one_letter_code
_entity_poly.pdbx_strand_id
1 'polypeptide(L)'
;MDPVYVDIDADSAFLKALQRAYPMFEVEPRQVTPNDAANARAFSHLAIKLIEQEIDPDSTILDIGSAPARRMMSDRKYHC
VCPMRSAEDPERLANYARKLASAAGKVLDRNISGKIGDLQAVMAVPDTETPTFCLHTDVSCRQRADVAIYQDVYAVHAPT
SLYHQAIKGVRLAYWVGFDTTPFMYNAMAGAYPSYSTNWADEQVLKAKNIGLCSTDLTEGRRGKLSIMRGKKLEPCDRVL
FSVGSTLYPESRKLLKSWHLPSVFHLKGKLSFTCRCDTVVSCEGYVVKRITMSPGLYGKTTGYAVTHHADGFLMCKTTDT
VDGERVSFSVCTYVPATICDQMTGILATEVTPEDAQKLLVGLNQRIVVNGRTQRNTNTMKNYMIPVVAQAFSKWAKECRK
DMEDEKLLGVRERTLTCCCLWAFKKQKTHTVYKRPDTQSIQKVQAEFDSFVVPSLWSSGLSIPLRTRIKWLLSKVPKTDL
TPYSGDAQEARDAEKEAEEEREAELTLEALPPLQAAGGGGSWSHPQFEKMDYKDHDGDYKDHDIDYKDDDDKQEDVQVEI
DVEQLEDRAGNGL
;
A,B,C,D,E,F,G,H,I,J,K,L
2 'polypeptide(L)'
;YIFSSDTGQGHLQQKSVRQTTLPVNIVEEVHEEKCYPPKLDEIKEQLLLKRLQESASTANRSRYQSRKVENMKAMIIHRL
KEGCRLYLASDTPRVPSYRITYPAPIYSPSINIKLSNPETAVAVCNEFLARNYPTVASYQVTDEYDAYLDMVDGSESCLD
RATFNPSKLRSYPKQHSYHAPTIRSAVPSPFQNTLQNVLAAATKRNCNVTQMRELPTMDSAAFNVECFKKYACNQEYWRE
FASSPIRVTTENLTTYVTKLKGPKAAALFAKTHNLLPLQEVPMDRFTMDMKRDVKVTPGTKHTEERPKVQVIQAAEPLAT
AYLCGIHRELVRRLNAVLLPNVHTLFDMSAEDFDAIIATHFKPGDAVLETDIASFDKSQDDSLALTAMMLLEDLGVDQPI
LDLIEAAFGEISSCHLPTGTRFKFGAMMKSGMFLTLFVNTLLNITIASRVLEERLTTSACAAFIGDDNIIHGVVSDALMA
ARCATWMNMEVKIIDAVVSVKAPYFCGGFILHDTVTGTACRVADPLKRLFKLGKPLAAGDEQDEDRRRALADEVTRWQRT
GLVTELERAVYSRYEVQGITAVITSMATFASSKENFKKLRGPVVTLYGGPK
;
X
3 'polypeptide(L)'
;GIIETPRGAIKVTAQPTDHVVGEYLVLSPQTVLRSQKLSLIHALAEQVKTCTHSGRAGRYAVEAYDGRVLVPSGYAISPE
DFQSLSESATMVYNEREFVNRKLHHIAMHGPALNTDEESYELVRAERTEHEYVYDVDQRRCCKKEEAAGLVLVGDLTNPP
YHEFAYEGLKIRPACPYKIAVIGVFGVPGSGKSAIIKNLVTRQDLVTSGKKENCQEITTDVMRQRGLEISARTVDSLLLN
GCNRPVDVLYVDEAFACHSGTLLALIALVRPRQKVVLCGDPKQCGFFNMMQMKVNYNHNICTQVYHKSISRRCTLPVTAI
VSSLHYEGKMRTTNEYNKPIVVDTTGSTKPDPGDLVLTCFRGWVKQLQIDYRGHEVMTAAASQGLTRKGVYAVRQKVNEN
PLYASTSEHVNVLLTRTEGKLVWKTLSGDPWIKTLQNPPKGNFKATIKEWEVEHASIMAGICSHQMTFDTFQNKANVCWA
KSLVPILETAGIKLNDRQWSQIIQAFKEDKAYSPEVALNEICTRMYGVDLDSGLFSKPLVSVYYADNHWDNRPGGKMFGF
NPEAASILERKYPFTKGKWNINKQICVTTRRIEDFNPTTNIIPANRRLPHSLVAEHRPVKGERMEWLVNKINGHHVLLVS
GCSLALPTKRVTWVAPLGVRGADYTYNLELGLPATLGRYDLVVINIHTPFRIHHYQQCVDHAMKLQMLGGDSLRLLKPGG
SLLIRAYGYADRTSERVICVLGRKFRSSRALKPPCVTSNTEMFFLFSNFDNGRRNFTTHVMNNQLNAAFVGQATRAGC
;
Y
4 'polyribonucleotide' CCA Z
#
loop_
_chem_comp.id
_chem_comp.type
_chem_comp.name
_chem_comp.formula
A RNA linking ADENOSINE-5'-MONOPHOSPHATE 'C10 H14 N5 O7 P'
ATP non-polymer ADENOSINE-5'-TRIPHOSPHATE 'C10 H16 N5 O13 P3'
C RNA linking CYTIDINE-5'-MONOPHOSPHATE 'C9 H14 N3 O8 P'
GTP non-polymer GUANOSINE-5'-TRIPHOSPHATE 'C10 H16 N5 O14 P3'
ZN non-polymer 'ZINC ION' 'Zn 2'
#
# COMPACT_ATOMS: atom_id res chain seq x y z
N ASP A 2 4.11 -62.76 2.81
CA ASP A 2 4.06 -62.02 4.07
C ASP A 2 2.87 -61.03 4.16
N PRO A 3 2.61 -60.23 3.12
CA PRO A 3 1.45 -59.34 3.16
C PRO A 3 0.15 -60.13 3.17
N VAL A 4 -0.87 -59.54 3.77
CA VAL A 4 -2.20 -60.13 3.86
C VAL A 4 -3.17 -59.27 3.06
N TYR A 5 -3.98 -59.92 2.23
CA TYR A 5 -4.92 -59.23 1.35
C TYR A 5 -6.33 -59.35 1.91
N VAL A 6 -7.08 -58.24 1.84
CA VAL A 6 -8.45 -58.19 2.34
C VAL A 6 -9.34 -57.62 1.26
N ASP A 7 -10.63 -57.97 1.34
CA ASP A 7 -11.62 -57.52 0.36
C ASP A 7 -12.26 -56.22 0.84
N ILE A 8 -11.44 -55.16 0.83
CA ILE A 8 -11.84 -53.84 1.28
C ILE A 8 -11.52 -52.84 0.18
N ASP A 9 -12.34 -51.79 0.09
CA ASP A 9 -12.09 -50.72 -0.87
C ASP A 9 -10.79 -50.01 -0.50
N ALA A 10 -10.12 -49.48 -1.52
CA ALA A 10 -8.78 -48.91 -1.33
C ALA A 10 -8.80 -47.73 -0.35
N ASP A 11 -9.71 -46.78 -0.55
CA ASP A 11 -9.79 -45.59 0.30
C ASP A 11 -10.98 -45.73 1.24
N SER A 12 -10.74 -46.38 2.38
CA SER A 12 -11.76 -46.58 3.40
C SER A 12 -11.20 -46.19 4.76
N ALA A 13 -12.09 -45.66 5.60
CA ALA A 13 -11.68 -45.25 6.95
C ALA A 13 -11.53 -46.43 7.90
N PHE A 14 -12.09 -47.59 7.56
CA PHE A 14 -11.97 -48.75 8.44
C PHE A 14 -10.60 -49.40 8.33
N LEU A 15 -9.85 -49.10 7.28
CA LEU A 15 -8.55 -49.71 7.07
C LEU A 15 -7.58 -49.33 8.18
N LYS A 16 -7.62 -48.08 8.62
CA LYS A 16 -6.71 -47.62 9.67
C LYS A 16 -6.96 -48.35 10.99
N ALA A 17 -8.22 -48.66 11.27
CA ALA A 17 -8.54 -49.38 12.51
C ALA A 17 -7.93 -50.79 12.51
N LEU A 18 -7.97 -51.46 11.37
CA LEU A 18 -7.41 -52.81 11.29
C LEU A 18 -5.90 -52.80 11.51
N GLN A 19 -5.21 -51.80 10.96
CA GLN A 19 -3.76 -51.72 11.12
C GLN A 19 -3.34 -51.49 12.57
N ARG A 20 -4.19 -50.84 13.37
CA ARG A 20 -3.90 -50.62 14.77
C ARG A 20 -4.19 -51.82 15.66
N ALA A 21 -4.89 -52.83 15.12
CA ALA A 21 -5.21 -54.03 15.89
C ALA A 21 -4.33 -55.22 15.55
N TYR A 22 -3.67 -55.22 14.40
CA TYR A 22 -2.78 -56.30 13.99
C TYR A 22 -1.44 -55.70 13.58
N PRO A 23 -0.62 -55.28 14.54
CA PRO A 23 0.67 -54.66 14.20
C PRO A 23 1.69 -55.62 13.63
N MET A 24 1.46 -56.93 13.73
CA MET A 24 2.43 -57.92 13.27
C MET A 24 2.22 -58.34 11.82
N PHE A 25 1.24 -57.77 11.14
CA PHE A 25 0.93 -58.11 9.75
C PHE A 25 1.12 -56.90 8.86
N GLU A 26 0.91 -57.10 7.56
CA GLU A 26 0.94 -56.03 6.56
C GLU A 26 -0.35 -56.13 5.77
N VAL A 27 -1.26 -55.17 5.97
CA VAL A 27 -2.59 -55.21 5.39
C VAL A 27 -2.65 -54.24 4.23
N GLU A 28 -3.01 -54.76 3.06
CA GLU A 28 -3.26 -53.95 1.87
C GLU A 28 -4.49 -54.51 1.16
N PRO A 29 -5.33 -53.64 0.61
CA PRO A 29 -6.64 -54.08 0.13
C PRO A 29 -6.67 -54.43 -1.35
N ARG A 30 -7.71 -55.21 -1.70
CA ARG A 30 -8.03 -55.50 -3.10
C ARG A 30 -9.47 -55.96 -3.15
N GLN A 31 -10.31 -55.21 -3.85
CA GLN A 31 -11.76 -55.44 -3.87
C GLN A 31 -12.16 -56.17 -5.14
N VAL A 32 -12.84 -57.31 -4.98
CA VAL A 32 -13.31 -58.09 -6.12
C VAL A 32 -14.77 -58.47 -5.93
N THR A 33 -15.43 -57.86 -4.94
CA THR A 33 -16.82 -58.20 -4.64
C THR A 33 -17.49 -57.06 -3.88
N PRO A 34 -18.67 -56.60 -4.31
CA PRO A 34 -19.39 -55.55 -3.58
C PRO A 34 -20.32 -56.11 -2.51
N ASN A 35 -19.76 -56.86 -1.57
CA ASN A 35 -20.55 -57.47 -0.51
C ASN A 35 -21.05 -56.41 0.46
N ASP A 36 -22.23 -56.65 1.02
CA ASP A 36 -22.83 -55.70 1.94
C ASP A 36 -22.07 -55.65 3.27
N ALA A 37 -21.63 -56.80 3.77
CA ALA A 37 -20.90 -56.90 5.03
C ALA A 37 -19.44 -57.23 4.69
N ALA A 38 -18.64 -56.19 4.49
CA ALA A 38 -17.26 -56.35 4.06
C ALA A 38 -16.25 -56.12 5.17
N ASN A 39 -16.57 -55.29 6.17
CA ASN A 39 -15.62 -55.02 7.26
C ASN A 39 -15.31 -56.30 8.03
N ALA A 40 -16.34 -57.11 8.29
CA ALA A 40 -16.20 -58.48 8.79
C ALA A 40 -17.33 -59.26 8.15
N ARG A 41 -17.02 -60.19 7.24
CA ARG A 41 -15.80 -61.01 7.05
C ARG A 41 -14.36 -60.55 7.31
N ALA A 42 -13.95 -59.40 6.77
CA ALA A 42 -12.53 -59.07 6.69
C ALA A 42 -11.83 -59.16 8.04
N PHE A 43 -12.54 -58.82 9.12
CA PHE A 43 -11.95 -58.95 10.45
C PHE A 43 -11.72 -60.42 10.80
N SER A 44 -12.68 -61.28 10.45
CA SER A 44 -12.57 -62.69 10.80
C SER A 44 -11.43 -63.38 10.05
N HIS A 45 -11.13 -62.91 8.84
CA HIS A 45 -10.06 -63.50 8.06
C HIS A 45 -8.70 -63.33 8.75
N LEU A 46 -8.46 -62.14 9.32
CA LEU A 46 -7.19 -61.88 9.97
C LEU A 46 -7.08 -62.65 11.29
N ALA A 47 -8.21 -62.88 11.96
CA ALA A 47 -8.19 -63.58 13.24
C ALA A 47 -7.68 -65.01 13.09
N ILE A 48 -8.11 -65.69 12.03
CA ILE A 48 -7.67 -67.08 11.82
C ILE A 48 -6.17 -67.13 11.53
N LYS A 49 -5.67 -66.15 10.78
CA LYS A 49 -4.24 -66.09 10.49
C LYS A 49 -3.43 -65.93 11.77
N LEU A 50 -3.91 -65.08 12.69
CA LEU A 50 -3.21 -64.87 13.96
C LEU A 50 -3.19 -66.14 14.80
N ILE A 51 -4.31 -66.86 14.87
CA ILE A 51 -4.41 -68.02 15.74
C ILE A 51 -3.43 -69.11 15.29
N GLU A 52 -3.28 -69.30 13.98
CA GLU A 52 -2.38 -70.33 13.48
C GLU A 52 -0.91 -70.04 13.74
N GLN A 53 -0.58 -68.83 14.17
CA GLN A 53 0.81 -68.45 14.41
C GLN A 53 1.31 -68.86 15.80
N GLU A 54 0.43 -68.96 16.79
CA GLU A 54 0.83 -69.40 18.14
C GLU A 54 0.65 -70.89 18.38
N ILE A 55 -0.23 -71.55 17.64
CA ILE A 55 -0.51 -72.96 17.90
C ILE A 55 0.69 -73.81 17.48
N ASP A 56 0.87 -74.92 18.19
CA ASP A 56 1.93 -75.86 17.89
C ASP A 56 1.59 -76.66 16.63
N PRO A 57 2.46 -76.72 15.64
CA PRO A 57 2.21 -77.58 14.48
C PRO A 57 2.08 -79.05 14.87
N ASP A 58 1.74 -79.86 13.87
CA ASP A 58 1.47 -81.29 13.99
C ASP A 58 0.61 -81.62 15.21
N SER A 59 -0.36 -80.77 15.50
CA SER A 59 -1.30 -80.98 16.60
C SER A 59 -2.71 -80.99 16.05
N THR A 60 -3.49 -81.99 16.46
CA THR A 60 -4.85 -82.12 15.96
C THR A 60 -5.73 -80.98 16.49
N ILE A 61 -6.59 -80.46 15.63
CA ILE A 61 -7.44 -79.32 15.94
C ILE A 61 -8.89 -79.72 15.71
N LEU A 62 -9.75 -79.45 16.69
CA LEU A 62 -11.18 -79.67 16.53
C LEU A 62 -11.87 -78.38 16.10
N ASP A 63 -12.57 -78.44 14.97
CA ASP A 63 -13.30 -77.29 14.43
C ASP A 63 -14.78 -77.69 14.39
N ILE A 64 -15.47 -77.43 15.49
CA ILE A 64 -16.88 -77.83 15.62
C ILE A 64 -17.77 -76.74 15.05
N GLY A 65 -18.81 -77.14 14.33
CA GLY A 65 -19.73 -76.22 13.71
C GLY A 65 -19.07 -75.29 12.72
N SER A 66 -18.56 -75.84 11.62
CA SER A 66 -17.84 -75.07 10.63
C SER A 66 -18.13 -75.63 9.23
N ALA A 67 -17.76 -74.84 8.23
CA ALA A 67 -17.87 -75.26 6.84
C ALA A 67 -16.52 -75.83 6.40
N PRO A 68 -16.44 -77.11 6.01
CA PRO A 68 -15.14 -77.69 5.69
C PRO A 68 -14.54 -77.19 4.39
N ALA A 69 -15.28 -76.43 3.58
CA ALA A 69 -14.77 -75.98 2.30
C ALA A 69 -13.63 -74.98 2.46
N ARG A 70 -13.68 -74.15 3.50
CA ARG A 70 -12.68 -73.10 3.69
C ARG A 70 -11.40 -73.59 4.35
N ARG A 71 -11.39 -74.82 4.88
CA ARG A 71 -10.19 -75.39 5.48
C ARG A 71 -9.49 -76.37 4.55
N MET A 72 -9.94 -76.47 3.29
CA MET A 72 -9.36 -77.44 2.37
C MET A 72 -7.90 -77.13 2.06
N MET A 73 -7.58 -75.85 1.86
CA MET A 73 -6.23 -75.45 1.47
C MET A 73 -5.29 -75.25 2.66
N SER A 74 -5.79 -75.34 3.88
CA SER A 74 -4.93 -75.19 5.05
C SER A 74 -3.98 -76.36 5.19
N ASP A 75 -2.78 -76.07 5.70
CA ASP A 75 -1.74 -77.08 5.88
C ASP A 75 -1.67 -77.58 7.31
N ARG A 76 -2.81 -77.65 8.00
CA ARG A 76 -2.89 -78.16 9.35
C ARG A 76 -3.78 -79.40 9.39
N LYS A 77 -4.02 -79.90 10.59
CA LYS A 77 -4.82 -81.11 10.80
C LYS A 77 -6.14 -80.70 11.46
N TYR A 78 -7.18 -80.59 10.64
CA TYR A 78 -8.50 -80.20 11.13
C TYR A 78 -9.45 -81.40 11.15
N HIS A 79 -10.22 -81.50 12.22
CA HIS A 79 -11.29 -82.49 12.33
C HIS A 79 -12.61 -81.75 12.37
N CYS A 80 -13.35 -81.77 11.26
CA CYS A 80 -14.57 -80.99 11.12
C CYS A 80 -15.75 -81.76 11.70
N VAL A 81 -16.49 -81.10 12.58
CA VAL A 81 -17.70 -81.64 13.19
C VAL A 81 -18.87 -80.91 12.56
N CYS A 82 -19.60 -81.59 11.67
CA CYS A 82 -20.63 -80.95 10.85
C CYS A 82 -21.95 -81.71 10.98
N PRO A 83 -22.75 -81.40 11.98
CA PRO A 83 -24.10 -81.98 12.06
C PRO A 83 -25.04 -81.36 11.04
N MET A 84 -26.17 -82.01 10.79
CA MET A 84 -27.18 -81.53 9.83
C MET A 84 -28.37 -81.02 10.63
N ARG A 85 -28.33 -79.72 10.98
CA ARG A 85 -29.39 -79.10 11.77
C ARG A 85 -29.79 -77.72 11.27
N SER A 86 -29.31 -77.31 10.10
CA SER A 86 -29.66 -76.01 9.55
C SER A 86 -30.01 -76.16 8.08
N ALA A 87 -30.85 -75.24 7.59
CA ALA A 87 -31.27 -75.25 6.20
C ALA A 87 -30.14 -74.96 5.22
N GLU A 88 -29.01 -74.44 5.71
CA GLU A 88 -27.87 -74.12 4.87
C GLU A 88 -26.88 -75.27 4.74
N ASP A 89 -26.94 -76.25 5.64
CA ASP A 89 -26.00 -77.37 5.67
C ASP A 89 -25.94 -78.16 4.37
N PRO A 90 -27.08 -78.50 3.72
CA PRO A 90 -26.98 -79.25 2.46
C PRO A 90 -26.18 -78.54 1.38
N GLU A 91 -26.27 -77.21 1.30
CA GLU A 91 -25.50 -76.49 0.29
C GLU A 91 -24.01 -76.56 0.57
N ARG A 92 -23.62 -76.46 1.84
CA ARG A 92 -22.19 -76.51 2.18
C ARG A 92 -21.58 -77.87 1.86
N LEU A 93 -22.30 -78.95 2.16
CA LEU A 93 -21.76 -80.29 1.92
C LEU A 93 -21.57 -80.55 0.44
N ALA A 94 -22.51 -80.12 -0.39
CA ALA A 94 -22.38 -80.30 -1.84
C ALA A 94 -21.19 -79.50 -2.39
N ASN A 95 -20.99 -78.28 -1.88
CA ASN A 95 -19.88 -77.47 -2.34
C ASN A 95 -18.54 -78.12 -1.99
N TYR A 96 -18.45 -78.73 -0.81
CA TYR A 96 -17.22 -79.40 -0.41
C TYR A 96 -16.89 -80.55 -1.36
N ALA A 97 -17.90 -81.35 -1.73
CA ALA A 97 -17.66 -82.47 -2.63
C ALA A 97 -17.27 -81.99 -4.02
N ARG A 98 -17.92 -80.95 -4.52
CA ARG A 98 -17.62 -80.44 -5.86
C ARG A 98 -16.18 -79.91 -5.94
N LYS A 99 -15.75 -79.16 -4.92
CA LYS A 99 -14.40 -78.63 -4.93
C LYS A 99 -13.36 -79.74 -4.79
N LEU A 100 -13.66 -80.76 -3.98
CA LEU A 100 -12.71 -81.85 -3.79
C LEU A 100 -12.46 -82.61 -5.08
N ALA A 101 -13.52 -82.89 -5.84
CA ALA A 101 -13.37 -83.62 -7.09
C ALA A 101 -12.58 -82.82 -8.11
N SER A 102 -12.86 -81.51 -8.21
CA SER A 102 -12.15 -80.68 -9.17
C SER A 102 -10.67 -80.53 -8.81
N ALA A 103 -10.37 -80.40 -7.52
CA ALA A 103 -8.99 -80.18 -7.09
C ALA A 103 -8.15 -81.45 -7.07
N ALA A 104 -8.75 -82.62 -7.27
CA ALA A 104 -8.00 -83.86 -7.24
C ALA A 104 -7.16 -84.00 -8.51
N GLY A 105 -5.85 -84.15 -8.34
CA GLY A 105 -4.96 -84.32 -9.47
C GLY A 105 -3.97 -83.19 -9.63
N LYS A 106 -4.42 -81.95 -9.39
CA LYS A 106 -3.54 -80.79 -9.55
C LYS A 106 -2.65 -80.60 -8.33
N VAL A 107 -3.25 -80.36 -7.16
CA VAL A 107 -2.49 -80.19 -5.93
C VAL A 107 -2.17 -81.56 -5.33
N LEU A 108 -0.98 -81.68 -4.75
CA LEU A 108 -0.52 -82.95 -4.22
C LEU A 108 -0.26 -82.92 -2.72
N ASP A 109 0.42 -81.90 -2.21
CA ASP A 109 0.81 -81.84 -0.81
C ASP A 109 -0.28 -81.23 0.07
N ARG A 110 -1.51 -81.73 -0.07
CA ARG A 110 -2.62 -81.30 0.78
C ARG A 110 -3.49 -82.46 1.24
N ASN A 111 -3.03 -83.71 1.08
CA ASN A 111 -3.79 -84.89 1.49
C ASN A 111 -5.17 -84.93 0.83
N ILE A 112 -5.19 -84.65 -0.47
CA ILE A 112 -6.46 -84.66 -1.22
C ILE A 112 -7.02 -86.08 -1.30
N SER A 113 -6.15 -87.05 -1.59
CA SER A 113 -6.62 -88.44 -1.75
C SER A 113 -7.22 -88.98 -0.46
N GLY A 114 -6.60 -88.69 0.69
CA GLY A 114 -7.16 -89.15 1.96
C GLY A 114 -8.51 -88.56 2.25
N LYS A 115 -8.72 -87.28 1.88
CA LYS A 115 -10.00 -86.64 2.11
C LYS A 115 -11.10 -87.26 1.26
N ILE A 116 -10.76 -87.65 0.02
CA ILE A 116 -11.75 -88.29 -0.84
C ILE A 116 -12.21 -89.61 -0.25
N GLY A 117 -11.26 -90.43 0.23
CA GLY A 117 -11.62 -91.69 0.85
C GLY A 117 -12.36 -91.52 2.16
N ASP A 118 -11.99 -90.50 2.93
CA ASP A 118 -12.63 -90.30 4.23
C ASP A 118 -14.11 -89.98 4.10
N LEU A 119 -14.47 -89.12 3.13
CA LEU A 119 -15.85 -88.72 2.99
C LEU A 119 -16.72 -89.86 2.47
N GLN A 120 -16.16 -90.69 1.60
CA GLN A 120 -16.90 -91.84 1.09
C GLN A 120 -17.17 -92.87 2.18
N ALA A 121 -16.23 -93.03 3.12
CA ALA A 121 -16.44 -93.99 4.20
C ALA A 121 -17.63 -93.59 5.07
N VAL A 122 -17.79 -92.29 5.33
CA VAL A 122 -18.93 -91.83 6.10
C VAL A 122 -20.23 -92.10 5.36
N MET A 123 -20.24 -91.89 4.04
CA MET A 123 -21.45 -92.12 3.25
C MET A 123 -21.87 -93.59 3.29
N ALA A 124 -20.89 -94.50 3.26
CA ALA A 124 -21.21 -95.93 3.30
C ALA A 124 -21.91 -96.29 4.61
N VAL A 125 -21.19 -96.16 5.72
CA VAL A 125 -21.77 -96.38 7.05
C VAL A 125 -21.65 -95.10 7.87
N PRO A 126 -22.76 -94.49 8.28
CA PRO A 126 -22.74 -93.16 8.91
C PRO A 126 -22.51 -93.18 10.42
N ASP A 127 -21.51 -93.94 10.86
CA ASP A 127 -21.19 -93.96 12.29
C ASP A 127 -19.68 -93.99 12.55
N THR A 128 -18.84 -93.85 11.52
CA THR A 128 -17.40 -93.95 11.73
C THR A 128 -16.85 -92.62 12.23
N GLU A 129 -15.55 -92.65 12.56
CA GLU A 129 -14.81 -91.46 12.99
C GLU A 129 -13.55 -91.38 12.12
N THR A 130 -13.68 -90.77 10.96
CA THR A 130 -12.53 -90.52 10.11
C THR A 130 -11.67 -89.42 10.71
N PRO A 131 -10.36 -89.41 10.43
CA PRO A 131 -9.49 -88.37 10.99
C PRO A 131 -9.77 -86.98 10.43
N THR A 132 -10.74 -86.81 9.54
CA THR A 132 -11.02 -85.51 8.96
C THR A 132 -12.48 -85.09 9.05
N PHE A 133 -13.43 -86.03 9.00
CA PHE A 133 -14.84 -85.66 8.91
C PHE A 133 -15.66 -86.57 9.81
N CYS A 134 -16.75 -86.02 10.34
CA CYS A 134 -17.69 -86.78 11.17
C CYS A 134 -19.04 -86.07 11.12
N LEU A 135 -20.08 -86.78 11.55
CA LEU A 135 -21.44 -86.26 11.46
C LEU A 135 -22.13 -86.14 12.82
N HIS A 136 -21.39 -86.27 13.92
CA HIS A 136 -21.98 -86.17 15.25
C HIS A 136 -21.98 -84.70 15.71
N THR A 137 -22.45 -84.48 16.93
CA THR A 137 -22.49 -83.15 17.51
C THR A 137 -21.22 -82.94 18.36
N ASP A 138 -21.17 -81.83 19.09
CA ASP A 138 -20.00 -81.52 19.90
C ASP A 138 -19.93 -82.36 21.17
N VAL A 139 -21.05 -82.92 21.63
CA VAL A 139 -21.06 -83.76 22.82
C VAL A 139 -21.16 -85.24 22.46
N SER A 140 -21.05 -85.59 21.18
CA SER A 140 -21.11 -86.97 20.73
C SER A 140 -19.87 -87.45 20.02
N CYS A 141 -19.07 -86.55 19.44
CA CYS A 141 -17.85 -86.96 18.76
C CYS A 141 -16.84 -87.50 19.76
N ARG A 142 -16.26 -88.66 19.44
CA ARG A 142 -15.32 -89.34 20.32
C ARG A 142 -13.86 -89.14 19.92
N GLN A 143 -13.60 -88.30 18.92
CA GLN A 143 -12.22 -88.04 18.52
C GLN A 143 -11.50 -87.23 19.59
N ARG A 144 -10.21 -87.52 19.77
CA ARG A 144 -9.38 -86.82 20.73
C ARG A 144 -8.39 -85.90 20.02
N ALA A 145 -8.23 -84.70 20.55
CA ALA A 145 -7.33 -83.71 19.96
C ALA A 145 -6.78 -82.82 21.07
N ASP A 146 -6.19 -81.70 20.69
CA ASP A 146 -5.57 -80.78 21.64
C ASP A 146 -6.16 -79.37 21.63
N VAL A 147 -6.63 -78.90 20.48
CA VAL A 147 -7.09 -77.52 20.33
C VAL A 147 -8.49 -77.52 19.73
N ALA A 148 -9.36 -76.69 20.30
CA ALA A 148 -10.73 -76.51 19.80
C ALA A 148 -10.93 -75.05 19.44
N ILE A 149 -11.64 -74.80 18.35
CA ILE A 149 -11.87 -73.46 17.83
C ILE A 149 -13.36 -73.24 17.66
N TYR A 150 -13.87 -72.12 18.18
CA TYR A 150 -15.24 -71.68 17.98
C TYR A 150 -15.22 -70.41 17.13
N GLN A 151 -15.95 -70.43 16.02
CA GLN A 151 -16.04 -69.28 15.13
C GLN A 151 -17.51 -68.96 14.90
N ASP A 152 -17.99 -67.91 15.56
CA ASP A 152 -19.38 -67.45 15.44
C ASP A 152 -20.36 -68.57 15.78
N VAL A 153 -20.26 -69.04 17.02
CA VAL A 153 -21.11 -70.11 17.54
C VAL A 153 -21.89 -69.52 18.72
N TYR A 154 -23.18 -69.29 18.52
CA TYR A 154 -24.04 -68.74 19.57
C TYR A 154 -25.16 -69.69 19.97
N ALA A 155 -25.11 -70.95 19.53
CA ALA A 155 -26.21 -71.88 19.71
C ALA A 155 -25.85 -73.04 20.64
N VAL A 156 -24.88 -72.83 21.54
CA VAL A 156 -24.47 -73.85 22.50
C VAL A 156 -24.35 -73.21 23.88
N HIS A 157 -24.41 -74.06 24.90
CA HIS A 157 -24.21 -73.63 26.28
C HIS A 157 -22.74 -73.77 26.62
N ALA A 158 -22.08 -72.66 26.97
CA ALA A 158 -20.64 -72.65 27.12
C ALA A 158 -20.15 -73.57 28.24
N PRO A 159 -20.69 -73.54 29.47
CA PRO A 159 -20.16 -74.45 30.50
C PRO A 159 -20.29 -75.91 30.14
N THR A 160 -21.38 -76.30 29.48
CA THR A 160 -21.58 -77.70 29.13
C THR A 160 -20.66 -78.13 27.99
N SER A 161 -20.52 -77.27 26.97
CA SER A 161 -19.69 -77.62 25.82
C SER A 161 -18.22 -77.75 26.21
N LEU A 162 -17.73 -76.85 27.06
CA LEU A 162 -16.32 -76.88 27.44
C LEU A 162 -15.98 -78.11 28.26
N TYR A 163 -16.87 -78.52 29.15
CA TYR A 163 -16.59 -79.68 30.00
C TYR A 163 -16.44 -80.95 29.18
N HIS A 164 -17.31 -81.16 28.19
CA HIS A 164 -17.22 -82.35 27.36
C HIS A 164 -15.95 -82.36 26.53
N GLN A 165 -15.43 -81.18 26.18
CA GLN A 165 -14.16 -81.10 25.47
C GLN A 165 -12.96 -81.34 26.39
N ALA A 166 -13.10 -81.07 27.69
CA ALA A 166 -11.97 -81.21 28.61
C ALA A 166 -11.66 -82.67 28.90
N ILE A 167 -12.69 -83.51 29.02
CA ILE A 167 -12.48 -84.92 29.36
C ILE A 167 -11.86 -85.71 28.22
N LYS A 168 -11.67 -85.09 27.05
CA LYS A 168 -11.01 -85.74 25.93
C LYS A 168 -9.58 -85.26 25.72
N GLY A 169 -9.09 -84.35 26.55
CA GLY A 169 -7.69 -83.93 26.49
C GLY A 169 -7.45 -82.66 25.71
N VAL A 170 -8.29 -81.65 25.92
CA VAL A 170 -8.15 -80.35 25.24
C VAL A 170 -7.70 -79.32 26.27
N ARG A 171 -6.66 -78.57 25.93
CA ARG A 171 -6.08 -77.60 26.84
C ARG A 171 -6.26 -76.15 26.40
N LEU A 172 -6.62 -75.90 25.15
CA LEU A 172 -6.80 -74.55 24.65
C LEU A 172 -8.11 -74.44 23.89
N ALA A 173 -8.72 -73.27 23.94
CA ALA A 173 -9.94 -72.98 23.21
C ALA A 173 -9.94 -71.53 22.77
N TYR A 174 -10.65 -71.25 21.69
CA TYR A 174 -10.74 -69.90 21.14
C TYR A 174 -12.19 -69.60 20.78
N TRP A 175 -12.52 -68.31 20.79
CA TRP A 175 -13.88 -67.86 20.47
C TRP A 175 -13.81 -66.52 19.78
N VAL A 176 -14.46 -66.41 18.62
CA VAL A 176 -14.53 -65.19 17.84
C VAL A 176 -16.00 -64.84 17.64
N GLY A 177 -16.36 -63.61 17.96
CA GLY A 177 -17.74 -63.18 17.81
C GLY A 177 -17.95 -61.78 18.35
N PHE A 178 -19.22 -61.40 18.42
CA PHE A 178 -19.61 -60.08 18.87
C PHE A 178 -19.44 -59.94 20.38
N ASP A 179 -19.30 -58.71 20.84
CA ASP A 179 -19.22 -58.43 22.26
C ASP A 179 -20.57 -58.67 22.92
N THR A 180 -20.55 -59.28 24.11
CA THR A 180 -21.75 -59.61 24.85
C THR A 180 -22.08 -58.61 25.94
N THR A 181 -21.34 -57.50 26.02
CA THR A 181 -21.62 -56.50 27.05
C THR A 181 -23.01 -55.89 26.95
N PRO A 182 -23.53 -55.48 25.79
CA PRO A 182 -24.87 -54.87 25.76
C PRO A 182 -25.97 -55.76 26.33
N PHE A 183 -25.84 -57.08 26.21
CA PHE A 183 -26.88 -57.99 26.69
C PHE A 183 -26.82 -58.20 28.20
N MET A 184 -25.72 -57.84 28.85
CA MET A 184 -25.64 -57.92 30.31
C MET A 184 -26.29 -56.73 30.99
N TYR A 185 -26.57 -55.66 30.26
CA TYR A 185 -27.27 -54.50 30.80
C TYR A 185 -28.78 -54.59 30.59
N ASN A 186 -29.27 -55.66 29.95
CA ASN A 186 -30.69 -55.89 29.73
C ASN A 186 -31.32 -54.75 28.94
N ALA A 187 -30.84 -54.59 27.71
CA ALA A 187 -31.34 -53.55 26.81
C ALA A 187 -32.46 -54.08 25.94
N MET A 188 -33.09 -53.17 25.20
CA MET A 188 -34.18 -53.51 24.29
C MET A 188 -33.77 -53.51 22.83
N ALA A 189 -32.90 -52.59 22.41
CA ALA A 189 -32.42 -52.53 21.05
C ALA A 189 -31.04 -51.90 21.04
N GLY A 190 -30.31 -52.12 19.95
CA GLY A 190 -28.95 -51.61 19.86
C GLY A 190 -28.49 -51.62 18.42
N ALA A 191 -27.20 -51.27 18.25
CA ALA A 191 -26.60 -51.20 16.93
C ALA A 191 -25.09 -51.38 17.04
N TYR A 192 -24.49 -51.74 15.90
CA TYR A 192 -23.03 -51.83 15.76
C TYR A 192 -22.67 -51.01 14.53
N PRO A 193 -22.53 -49.69 14.69
CA PRO A 193 -22.41 -48.81 13.51
C PRO A 193 -21.25 -49.14 12.59
N SER A 194 -20.11 -49.58 13.13
CA SER A 194 -18.94 -49.82 12.29
C SER A 194 -19.07 -51.04 11.40
N TYR A 195 -20.02 -51.93 11.67
CA TYR A 195 -20.17 -53.16 10.89
C TYR A 195 -21.55 -53.28 10.25
N SER A 196 -22.35 -52.22 10.25
CA SER A 196 -23.69 -52.22 9.64
C SER A 196 -24.56 -53.34 10.20
N THR A 197 -24.55 -53.47 11.53
CA THR A 197 -25.31 -54.52 12.21
C THR A 197 -26.33 -53.86 13.14
N ASN A 198 -27.58 -54.31 13.05
CA ASN A 198 -28.66 -53.83 13.89
C ASN A 198 -29.41 -55.02 14.47
N TRP A 199 -29.74 -54.95 15.76
CA TRP A 199 -30.49 -55.99 16.43
C TRP A 199 -31.62 -55.36 17.24
N ALA A 200 -32.72 -56.08 17.36
CA ALA A 200 -33.88 -55.58 18.09
C ALA A 200 -34.66 -56.74 18.69
N ASP A 201 -35.43 -56.44 19.71
CA ASP A 201 -36.30 -57.43 20.33
C ASP A 201 -37.49 -57.72 19.43
N GLU A 202 -38.09 -58.90 19.63
CA GLU A 202 -39.22 -59.32 18.82
C GLU A 202 -40.49 -58.53 19.11
N GLN A 203 -40.56 -57.82 20.23
CA GLN A 203 -41.76 -57.07 20.60
C GLN A 203 -41.77 -55.65 20.07
N VAL A 204 -40.69 -55.19 19.46
CA VAL A 204 -40.61 -53.81 18.99
C VAL A 204 -40.27 -53.78 17.50
N LEU A 205 -40.65 -54.84 16.78
CA LEU A 205 -40.41 -54.89 15.35
C LEU A 205 -41.28 -53.92 14.57
N LYS A 206 -42.34 -53.38 15.17
CA LYS A 206 -43.23 -52.42 14.53
C LYS A 206 -43.00 -51.01 15.05
N ALA A 207 -41.76 -50.66 15.35
CA ALA A 207 -41.42 -49.32 15.82
C ALA A 207 -41.33 -48.38 14.61
N LYS A 208 -40.83 -47.18 14.83
CA LYS A 208 -40.79 -46.17 13.78
C LYS A 208 -39.41 -45.57 13.55
N ASN A 209 -38.60 -45.40 14.59
CA ASN A 209 -37.34 -44.65 14.48
C ASN A 209 -36.19 -45.44 15.09
N ILE A 210 -36.07 -46.72 14.74
CA ILE A 210 -34.94 -47.54 15.14
C ILE A 210 -34.36 -48.20 13.89
N GLY A 211 -33.25 -48.90 14.07
CA GLY A 211 -32.54 -49.47 12.94
C GLY A 211 -33.31 -50.58 12.24
N LEU A 212 -34.00 -51.42 13.00
CA LEU A 212 -34.70 -52.58 12.47
C LEU A 212 -36.17 -52.47 12.84
N CYS A 213 -36.98 -51.90 11.94
CA CYS A 213 -38.41 -51.73 12.19
C CYS A 213 -39.10 -51.42 10.87
N SER A 214 -40.43 -51.44 10.91
CA SER A 214 -41.26 -51.11 9.76
C SER A 214 -42.67 -50.84 10.25
N THR A 215 -43.31 -49.80 9.68
CA THR A 215 -44.64 -49.40 10.09
C THR A 215 -45.43 -48.95 8.87
N ASP A 216 -46.66 -48.50 9.09
CA ASP A 216 -47.54 -48.07 8.02
C ASP A 216 -48.25 -46.78 8.40
N LEU A 217 -48.84 -46.14 7.40
CA LEU A 217 -49.54 -44.87 7.61
C LEU A 217 -50.89 -45.10 8.27
N THR A 218 -51.31 -44.13 9.09
CA THR A 218 -52.59 -44.19 9.78
C THR A 218 -53.10 -42.77 9.98
N GLU A 219 -54.26 -42.67 10.64
CA GLU A 219 -54.89 -41.37 10.88
C GLU A 219 -55.26 -41.12 12.34
N GLY A 220 -55.11 -42.12 13.21
CA GLY A 220 -55.44 -41.94 14.62
C GLY A 220 -56.85 -42.33 14.97
N ARG A 221 -57.01 -43.19 15.98
CA ARG A 221 -58.31 -43.68 16.40
C ARG A 221 -58.41 -43.66 17.92
N ARG A 222 -59.63 -43.42 18.41
CA ARG A 222 -59.91 -43.34 19.85
C ARG A 222 -60.51 -44.62 20.42
N GLY A 223 -61.28 -45.37 19.62
CA GLY A 223 -61.98 -46.53 20.12
C GLY A 223 -61.24 -47.84 19.97
N LYS A 224 -59.95 -47.85 20.29
CA LYS A 224 -59.15 -49.08 20.24
C LYS A 224 -59.33 -49.85 21.53
N LEU A 225 -59.83 -51.08 21.43
CA LEU A 225 -60.00 -51.98 22.55
C LEU A 225 -59.27 -53.29 22.28
N SER A 226 -58.72 -53.89 23.32
CA SER A 226 -57.94 -55.12 23.22
C SER A 226 -58.54 -56.17 24.15
N ILE A 227 -58.17 -57.42 23.89
CA ILE A 227 -58.67 -58.53 24.70
C ILE A 227 -58.00 -58.55 26.07
N MET A 228 -56.70 -58.31 26.11
CA MET A 228 -55.94 -58.33 27.35
C MET A 228 -55.61 -56.91 27.80
N ARG A 229 -55.16 -56.78 29.05
CA ARG A 229 -54.81 -55.51 29.65
C ARG A 229 -53.38 -55.54 30.19
N GLY A 230 -52.45 -56.06 29.39
CA GLY A 230 -51.05 -56.08 29.78
C GLY A 230 -50.48 -54.70 30.03
N LYS A 231 -49.91 -54.50 31.21
CA LYS A 231 -49.39 -53.19 31.61
C LYS A 231 -47.89 -53.19 31.85
N LYS A 232 -47.18 -54.27 31.51
CA LYS A 232 -45.77 -54.38 31.80
C LYS A 232 -45.02 -54.81 30.54
N LEU A 233 -43.80 -54.26 30.38
CA LEU A 233 -43.01 -54.48 29.17
C LEU A 233 -41.57 -54.83 29.57
N GLU A 234 -41.29 -56.13 29.64
CA GLU A 234 -39.94 -56.65 29.85
C GLU A 234 -39.41 -57.33 28.60
N PRO A 235 -38.10 -57.28 28.37
CA PRO A 235 -37.53 -58.01 27.24
C PRO A 235 -37.75 -59.51 27.36
N CYS A 236 -37.96 -60.15 26.23
N CYS A 236 -37.96 -60.15 26.22
CA CYS A 236 -38.19 -61.59 26.16
CA CYS A 236 -38.19 -61.59 26.16
C CYS A 236 -36.89 -62.30 25.78
C CYS A 236 -36.89 -62.30 25.78
N ASP A 237 -36.98 -63.60 25.54
CA ASP A 237 -35.82 -64.43 25.23
C ASP A 237 -35.48 -64.49 23.76
N ARG A 238 -36.27 -63.86 22.89
CA ARG A 238 -36.08 -63.95 21.45
C ARG A 238 -35.55 -62.63 20.91
N VAL A 239 -34.43 -62.69 20.20
CA VAL A 239 -33.77 -61.52 19.62
C VAL A 239 -33.39 -61.83 18.18
N LEU A 240 -33.56 -60.84 17.31
CA LEU A 240 -33.27 -60.97 15.89
C LEU A 240 -32.06 -60.11 15.53
N PHE A 241 -31.10 -60.72 14.85
CA PHE A 241 -29.90 -60.03 14.37
C PHE A 241 -29.99 -59.81 12.87
N SER A 242 -29.35 -58.75 12.39
CA SER A 242 -29.30 -58.42 10.97
C SER A 242 -27.92 -57.88 10.64
N VAL A 243 -27.08 -58.74 10.04
CA VAL A 243 -25.74 -58.35 9.60
C VAL A 243 -25.80 -58.15 8.10
N GLY A 244 -25.61 -56.91 7.66
CA GLY A 244 -25.76 -56.60 6.25
C GLY A 244 -27.18 -56.78 5.79
N SER A 245 -27.44 -57.82 4.99
CA SER A 245 -28.78 -58.15 4.54
C SER A 245 -29.19 -59.58 4.91
N THR A 246 -28.59 -60.13 5.96
CA THR A 246 -28.85 -61.50 6.39
C THR A 246 -29.38 -61.51 7.80
N LEU A 247 -30.37 -62.37 8.05
CA LEU A 247 -31.09 -62.42 9.32
C LEU A 247 -30.69 -63.66 10.11
N TYR A 248 -30.47 -63.49 11.42
CA TYR A 248 -30.12 -64.59 12.31
C TYR A 248 -30.94 -64.49 13.60
N PRO A 249 -31.88 -65.41 13.83
CA PRO A 249 -32.53 -65.50 15.14
C PRO A 249 -31.55 -65.92 16.22
N GLU A 250 -31.78 -65.42 17.43
CA GLU A 250 -30.89 -65.68 18.56
C GLU A 250 -31.70 -65.80 19.85
N SER A 251 -31.04 -66.30 20.89
CA SER A 251 -31.63 -66.46 22.21
C SER A 251 -30.80 -65.71 23.25
N ARG A 252 -31.49 -65.14 24.24
CA ARG A 252 -30.80 -64.32 25.23
C ARG A 252 -29.99 -65.16 26.22
N LYS A 253 -30.54 -66.28 26.67
CA LYS A 253 -29.84 -67.09 27.65
C LYS A 253 -28.53 -67.64 27.10
N LEU A 254 -28.54 -68.11 25.85
CA LEU A 254 -27.33 -68.65 25.26
C LEU A 254 -26.30 -67.56 25.01
N LEU A 255 -26.75 -66.35 24.65
CA LEU A 255 -25.82 -65.25 24.43
C LEU A 255 -25.12 -64.84 25.72
N LYS A 256 -25.86 -64.81 26.84
CA LYS A 256 -25.30 -64.37 28.11
C LYS A 256 -24.44 -65.44 28.78
N SER A 257 -24.44 -66.66 28.26
CA SER A 257 -23.65 -67.72 28.86
C SER A 257 -22.18 -67.65 28.47
N TRP A 258 -21.81 -66.82 27.51
CA TRP A 258 -20.43 -66.68 27.08
C TRP A 258 -19.71 -65.54 27.77
N HIS A 259 -20.38 -64.84 28.69
CA HIS A 259 -19.75 -63.79 29.49
C HIS A 259 -19.14 -64.43 30.73
N LEU A 260 -18.06 -65.19 30.51
CA LEU A 260 -17.40 -65.99 31.52
C LEU A 260 -16.54 -65.12 32.44
N PRO A 261 -16.33 -65.55 33.69
CA PRO A 261 -15.44 -64.81 34.59
C PRO A 261 -13.98 -65.02 34.23
N SER A 262 -13.08 -64.48 35.05
CA SER A 262 -11.65 -64.69 34.84
C SER A 262 -11.18 -66.04 35.39
N VAL A 263 -11.86 -66.57 36.40
CA VAL A 263 -11.51 -67.85 37.01
C VAL A 263 -12.80 -68.56 37.40
N PHE A 264 -12.94 -69.82 36.98
CA PHE A 264 -14.11 -70.61 37.35
C PHE A 264 -13.70 -72.08 37.44
N HIS A 265 -14.51 -72.85 38.16
CA HIS A 265 -14.25 -74.25 38.43
C HIS A 265 -15.32 -75.11 37.78
N LEU A 266 -14.88 -76.19 37.13
CA LEU A 266 -15.78 -77.20 36.56
C LEU A 266 -15.69 -78.45 37.44
N LYS A 267 -16.74 -78.74 38.18
CA LYS A 267 -16.75 -79.83 39.14
C LYS A 267 -17.61 -80.98 38.61
N GLY A 268 -17.06 -82.19 38.66
CA GLY A 268 -17.76 -83.38 38.23
C GLY A 268 -16.98 -84.63 38.55
N LYS A 269 -16.99 -85.61 37.63
CA LYS A 269 -16.14 -86.78 37.81
C LYS A 269 -14.67 -86.39 37.76
N LEU A 270 -14.30 -85.50 36.85
CA LEU A 270 -12.96 -84.93 36.78
C LEU A 270 -13.07 -83.43 36.92
N SER A 271 -12.27 -82.86 37.82
CA SER A 271 -12.32 -81.44 38.13
C SER A 271 -11.23 -80.69 37.37
N PHE A 272 -11.56 -79.48 36.92
CA PHE A 272 -10.63 -78.65 36.17
C PHE A 272 -10.75 -77.20 36.63
N THR A 273 -9.68 -76.44 36.42
CA THR A 273 -9.65 -75.01 36.67
C THR A 273 -9.44 -74.30 35.34
N CYS A 274 -10.24 -73.27 35.09
CA CYS A 274 -10.25 -72.61 33.79
C CYS A 274 -10.08 -71.11 33.96
N ARG A 275 -9.62 -70.46 32.89
CA ARG A 275 -9.40 -69.02 32.87
C ARG A 275 -9.80 -68.46 31.51
N CYS A 276 -10.17 -67.19 31.50
CA CYS A 276 -10.61 -66.51 30.29
C CYS A 276 -9.92 -65.15 30.16
N ASP A 277 -9.34 -64.90 28.99
CA ASP A 277 -8.65 -63.64 28.70
C ASP A 277 -9.12 -63.10 27.36
N THR A 278 -9.03 -61.79 27.22
CA THR A 278 -9.34 -61.09 25.97
C THR A 278 -8.04 -60.53 25.40
N VAL A 279 -7.75 -60.87 24.14
CA VAL A 279 -6.48 -60.50 23.54
C VAL A 279 -6.63 -59.50 22.39
N VAL A 280 -7.77 -59.50 21.69
CA VAL A 280 -8.01 -58.57 20.58
C VAL A 280 -9.39 -57.98 20.75
N SER A 281 -9.52 -56.68 20.53
CA SER A 281 -10.80 -55.99 20.59
C SER A 281 -10.80 -54.84 19.61
N CYS A 282 -11.83 -54.78 18.75
CA CYS A 282 -11.93 -53.72 17.76
C CYS A 282 -13.40 -53.42 17.50
N GLU A 283 -13.93 -52.43 18.23
CA GLU A 283 -15.24 -51.83 17.96
C GLU A 283 -16.35 -52.88 17.86
N GLY A 284 -16.35 -53.84 18.77
CA GLY A 284 -17.42 -54.81 18.87
C GLY A 284 -17.00 -56.26 18.78
N TYR A 285 -15.97 -56.58 18.02
CA TYR A 285 -15.47 -57.94 17.91
C TYR A 285 -14.34 -58.16 18.91
N VAL A 286 -14.37 -59.31 19.58
CA VAL A 286 -13.34 -59.69 20.54
C VAL A 286 -12.85 -61.09 20.22
N VAL A 287 -11.64 -61.39 20.66
CA VAL A 287 -11.06 -62.73 20.54
C VAL A 287 -10.68 -63.19 21.94
N LYS A 288 -11.24 -64.32 22.37
CA LYS A 288 -11.05 -64.83 23.72
C LYS A 288 -10.27 -66.12 23.70
N ARG A 289 -9.40 -66.29 24.70
CA ARG A 289 -8.57 -67.48 24.84
C ARG A 289 -8.80 -68.10 26.21
N ILE A 290 -9.05 -69.41 26.23
CA ILE A 290 -9.35 -70.13 27.45
C ILE A 290 -8.33 -71.24 27.63
N THR A 291 -7.73 -71.31 28.83
CA THR A 291 -6.79 -72.36 29.19
C THR A 291 -7.41 -73.23 30.27
N MET A 292 -7.33 -74.55 30.08
CA MET A 292 -7.97 -75.50 30.98
C MET A 292 -6.93 -76.50 31.47
N SER A 293 -6.89 -76.70 32.78
CA SER A 293 -5.92 -77.58 33.40
C SER A 293 -6.58 -78.50 34.42
N PRO A 294 -6.15 -79.76 34.50
CA PRO A 294 -6.75 -80.67 35.49
C PRO A 294 -6.36 -80.30 36.91
N GLY A 295 -7.22 -80.67 37.84
CA GLY A 295 -6.98 -80.42 39.25
C GLY A 295 -7.98 -79.46 39.87
N LEU A 296 -7.61 -78.86 41.00
CA LEU A 296 -8.48 -77.91 41.68
C LEU A 296 -7.60 -77.00 42.54
N TYR A 297 -7.45 -75.75 42.12
CA TYR A 297 -6.55 -74.82 42.77
C TYR A 297 -7.21 -73.45 42.89
N GLY A 298 -6.73 -72.67 43.86
CA GLY A 298 -7.13 -71.29 43.99
C GLY A 298 -8.52 -71.09 44.55
N LYS A 299 -8.97 -69.84 44.48
CA LYS A 299 -10.28 -69.44 44.96
C LYS A 299 -10.95 -68.56 43.92
N THR A 300 -12.27 -68.70 43.80
CA THR A 300 -13.05 -67.98 42.81
C THR A 300 -13.66 -66.72 43.44
N THR A 301 -13.91 -65.72 42.59
CA THR A 301 -14.49 -64.46 43.01
C THR A 301 -15.86 -64.20 42.39
N GLY A 302 -15.98 -64.35 41.08
CA GLY A 302 -17.26 -64.18 40.42
C GLY A 302 -17.51 -62.79 39.86
N TYR A 303 -16.51 -62.22 39.19
CA TYR A 303 -16.64 -60.90 38.58
C TYR A 303 -16.09 -60.94 37.17
N ALA A 304 -16.69 -60.14 36.29
CA ALA A 304 -16.26 -60.01 34.90
C ALA A 304 -15.94 -58.56 34.61
N VAL A 305 -14.82 -58.31 33.94
CA VAL A 305 -14.33 -56.96 33.70
C VAL A 305 -14.24 -56.73 32.20
N THR A 306 -14.74 -55.57 31.77
CA THR A 306 -14.70 -55.16 30.37
C THR A 306 -14.02 -53.79 30.28
N HIS A 307 -13.05 -53.68 29.39
CA HIS A 307 -12.32 -52.43 29.18
C HIS A 307 -12.90 -51.69 27.98
N HIS A 308 -13.17 -50.40 28.15
CA HIS A 308 -13.77 -49.57 27.12
C HIS A 308 -12.69 -48.69 26.50
N ALA A 309 -12.67 -48.64 25.16
CA ALA A 309 -11.72 -47.82 24.44
C ALA A 309 -12.37 -46.76 23.56
N ASP A 310 -13.67 -46.86 23.28
CA ASP A 310 -14.35 -45.89 22.44
C ASP A 310 -15.42 -45.11 23.20
N GLY A 311 -16.34 -45.79 23.85
CA GLY A 311 -17.43 -45.12 24.54
C GLY A 311 -18.74 -45.85 24.41
N PHE A 312 -19.47 -45.99 25.51
CA PHE A 312 -20.71 -46.76 25.54
C PHE A 312 -21.83 -45.89 26.11
N LEU A 313 -22.97 -45.89 25.43
CA LEU A 313 -24.13 -45.13 25.84
C LEU A 313 -25.35 -46.05 25.99
N MET A 314 -26.24 -45.67 26.90
CA MET A 314 -27.55 -46.29 27.02
C MET A 314 -28.50 -45.31 27.67
N CYS A 315 -29.60 -45.00 27.00
CA CYS A 315 -30.53 -43.99 27.46
C CYS A 315 -31.96 -44.47 27.21
N LYS A 316 -32.91 -43.62 27.58
CA LYS A 316 -34.33 -43.89 27.40
C LYS A 316 -34.86 -43.09 26.22
N THR A 317 -35.61 -43.75 25.34
CA THR A 317 -36.21 -43.10 24.18
C THR A 317 -37.70 -43.38 24.14
N THR A 318 -38.44 -42.46 23.52
CA THR A 318 -39.89 -42.58 23.37
C THR A 318 -40.21 -42.72 21.89
N ASP A 319 -40.96 -43.77 21.56
CA ASP A 319 -41.32 -44.06 20.18
C ASP A 319 -42.79 -44.46 20.12
N THR A 320 -43.25 -44.79 18.93
CA THR A 320 -44.65 -45.16 18.68
C THR A 320 -44.66 -46.55 18.07
N VAL A 321 -45.08 -47.55 18.86
CA VAL A 321 -45.14 -48.94 18.42
C VAL A 321 -46.58 -49.27 18.09
N ASP A 322 -46.83 -49.59 16.82
CA ASP A 322 -48.17 -49.94 16.33
C ASP A 322 -49.18 -48.84 16.64
N GLY A 323 -48.75 -47.59 16.53
CA GLY A 323 -49.62 -46.46 16.77
C GLY A 323 -49.79 -46.06 18.21
N GLU A 324 -49.19 -46.80 19.15
CA GLU A 324 -49.30 -46.50 20.57
C GLU A 324 -47.94 -46.09 21.11
N ARG A 325 -47.92 -45.03 21.91
CA ARG A 325 -46.67 -44.43 22.35
C ARG A 325 -46.19 -45.09 23.64
N VAL A 326 -44.95 -45.60 23.61
CA VAL A 326 -44.32 -46.26 24.75
C VAL A 326 -42.89 -45.77 24.87
N SER A 327 -42.17 -46.33 25.85
CA SER A 327 -40.79 -45.96 26.12
C SER A 327 -39.98 -47.21 26.45
N PHE A 328 -38.76 -47.26 25.93
CA PHE A 328 -37.82 -48.34 26.22
C PHE A 328 -36.40 -47.78 26.15
N SER A 329 -35.41 -48.67 26.13
CA SER A 329 -34.01 -48.28 26.21
C SER A 329 -33.24 -48.82 25.01
N VAL A 330 -32.24 -48.04 24.58
CA VAL A 330 -31.38 -48.40 23.45
C VAL A 330 -29.93 -48.17 23.85
N CYS A 331 -29.02 -48.78 23.08
CA CYS A 331 -27.59 -48.68 23.33
C CYS A 331 -26.85 -48.57 22.01
N THR A 332 -25.64 -48.00 22.07
CA THR A 332 -24.83 -47.80 20.88
C THR A 332 -23.39 -47.54 21.30
N TYR A 333 -22.52 -47.41 20.29
CA TYR A 333 -21.10 -47.12 20.49
C TYR A 333 -20.75 -45.77 19.87
N VAL A 334 -19.84 -45.04 20.51
CA VAL A 334 -19.42 -43.72 20.04
C VAL A 334 -17.90 -43.68 19.92
N PRO A 335 -17.36 -43.05 18.86
CA PRO A 335 -15.90 -42.95 18.74
C PRO A 335 -15.27 -42.13 19.86
N ALA A 336 -13.96 -42.26 20.04
CA ALA A 336 -13.25 -41.59 21.12
C ALA A 336 -12.99 -40.12 20.83
N THR A 337 -12.76 -39.76 19.56
CA THR A 337 -12.46 -38.37 19.23
C THR A 337 -13.65 -37.46 19.51
N ILE A 338 -14.86 -37.92 19.20
CA ILE A 338 -16.05 -37.11 19.47
C ILE A 338 -16.23 -36.90 20.96
N CYS A 339 -16.00 -37.94 21.76
CA CYS A 339 -16.18 -37.83 23.20
C CYS A 339 -15.19 -36.85 23.83
N ASP A 340 -13.99 -36.76 23.28
CA ASP A 340 -12.98 -35.87 23.88
C ASP A 340 -13.27 -34.40 23.59
N GLN A 341 -13.91 -34.09 22.47
CA GLN A 341 -14.18 -32.72 22.09
C GLN A 341 -15.48 -32.18 22.68
N MET A 342 -16.23 -32.99 23.42
CA MET A 342 -17.46 -32.57 24.06
C MET A 342 -17.29 -32.31 25.56
N THR A 343 -16.05 -32.35 26.06
CA THR A 343 -15.81 -32.21 27.49
C THR A 343 -16.23 -30.82 28.00
N GLY A 344 -15.90 -29.78 27.24
CA GLY A 344 -16.18 -28.43 27.71
C GLY A 344 -17.64 -28.03 27.61
N ILE A 345 -18.36 -28.54 26.61
CA ILE A 345 -19.75 -28.12 26.40
C ILE A 345 -20.65 -28.63 27.51
N LEU A 346 -20.46 -29.89 27.92
CA LEU A 346 -21.33 -30.49 28.93
C LEU A 346 -21.06 -30.00 30.35
N ALA A 347 -20.25 -28.97 30.56
CA ALA A 347 -20.11 -28.41 31.90
C ALA A 347 -21.40 -27.74 32.36
N THR A 348 -22.09 -27.06 31.47
CA THR A 348 -23.36 -26.41 31.76
C THR A 348 -24.51 -27.25 31.23
N GLU A 349 -25.72 -26.71 31.31
CA GLU A 349 -26.91 -27.37 30.79
C GLU A 349 -27.13 -26.98 29.34
N VAL A 350 -27.42 -27.97 28.49
CA VAL A 350 -27.61 -27.76 27.06
C VAL A 350 -28.93 -28.39 26.65
N THR A 351 -29.62 -27.74 25.71
CA THR A 351 -30.86 -28.26 25.17
C THR A 351 -30.57 -29.28 24.07
N PRO A 352 -31.51 -30.20 23.82
CA PRO A 352 -31.27 -31.22 22.79
C PRO A 352 -31.01 -30.65 21.40
N GLU A 353 -31.67 -29.56 21.03
CA GLU A 353 -31.48 -29.00 19.69
C GLU A 353 -30.10 -28.34 19.56
N ASP A 354 -29.60 -27.74 20.64
CA ASP A 354 -28.27 -27.16 20.60
C ASP A 354 -27.19 -28.23 20.47
N ALA A 355 -27.36 -29.34 21.18
CA ALA A 355 -26.36 -30.41 21.12
C ALA A 355 -26.28 -31.03 19.72
N GLN A 356 -27.43 -31.17 19.05
CA GLN A 356 -27.44 -31.78 17.73
C GLN A 356 -26.67 -30.94 16.73
N LYS A 357 -26.83 -29.61 16.78
CA LYS A 357 -26.14 -28.75 15.83
C LYS A 357 -24.64 -28.77 16.04
N LEU A 358 -24.18 -28.83 17.29
CA LEU A 358 -22.76 -28.92 17.55
C LEU A 358 -22.17 -30.23 17.04
N LEU A 359 -22.91 -31.33 17.20
CA LEU A 359 -22.42 -32.62 16.74
C LEU A 359 -22.27 -32.66 15.23
N VAL A 360 -23.23 -32.06 14.50
CA VAL A 360 -23.17 -32.07 13.04
C VAL A 360 -21.94 -31.30 12.56
N GLY A 361 -21.66 -30.14 13.16
CA GLY A 361 -20.50 -29.36 12.75
C GLY A 361 -19.19 -30.10 12.99
N LEU A 362 -19.11 -30.87 14.07
CA LEU A 362 -17.90 -31.62 14.38
C LEU A 362 -17.73 -32.84 13.47
N ASN A 363 -18.83 -33.35 12.91
CA ASN A 363 -18.76 -34.58 12.14
C ASN A 363 -18.29 -34.34 10.73
N GLN A 364 -18.96 -33.46 10.00
CA GLN A 364 -18.70 -33.23 8.59
C GLN A 364 -17.64 -32.14 8.44
N ARG A 365 -16.60 -32.43 7.65
CA ARG A 365 -15.51 -31.49 7.44
C ARG A 365 -14.82 -31.79 6.12
N ILE A 366 -14.23 -30.75 5.54
CA ILE A 366 -13.38 -30.88 4.36
C ILE A 366 -12.08 -30.13 4.62
N VAL A 367 -10.95 -30.80 4.41
CA VAL A 367 -9.63 -30.22 4.62
C VAL A 367 -8.89 -30.24 3.30
N VAL A 368 -8.33 -29.10 2.91
CA VAL A 368 -7.60 -28.98 1.66
C VAL A 368 -6.11 -29.16 1.91
N ASN A 369 -5.54 -28.25 2.70
CA ASN A 369 -4.14 -28.31 3.13
C ASN A 369 -3.21 -28.66 1.97
N GLY A 370 -3.25 -27.81 0.94
CA GLY A 370 -2.40 -28.01 -0.22
C GLY A 370 -2.99 -28.93 -1.27
N ARG A 371 -2.55 -30.18 -1.31
CA ARG A 371 -2.93 -31.13 -2.34
C ARG A 371 -3.40 -32.44 -1.71
N THR A 372 -4.29 -32.35 -0.73
CA THR A 372 -4.84 -33.55 -0.10
C THR A 372 -6.22 -33.22 0.46
N GLN A 373 -7.26 -33.58 -0.30
CA GLN A 373 -8.64 -33.36 0.11
C GLN A 373 -9.21 -34.65 0.69
N ARG A 374 -10.02 -34.52 1.74
CA ARG A 374 -10.47 -35.68 2.50
C ARG A 374 -11.97 -35.93 2.36
N ASN A 375 -12.81 -34.95 2.72
CA ASN A 375 -14.25 -35.09 2.68
C ASN A 375 -14.72 -36.37 3.39
N THR A 376 -14.45 -36.40 4.69
CA THR A 376 -14.67 -37.58 5.51
C THR A 376 -15.85 -37.39 6.45
N ASN A 377 -16.32 -38.50 7.02
CA ASN A 377 -17.36 -38.51 8.03
C ASN A 377 -16.90 -39.39 9.18
N THR A 378 -16.91 -38.86 10.40
CA THR A 378 -16.40 -39.61 11.54
C THR A 378 -17.34 -40.73 11.94
N MET A 379 -18.64 -40.45 12.01
CA MET A 379 -19.61 -41.41 12.48
C MET A 379 -20.86 -41.34 11.60
N LYS A 380 -21.67 -42.41 11.68
CA LYS A 380 -22.90 -42.47 10.90
C LYS A 380 -23.88 -41.39 11.36
N ASN A 381 -24.64 -40.85 10.40
CA ASN A 381 -25.53 -39.73 10.67
C ASN A 381 -26.90 -40.14 11.18
N TYR A 382 -27.23 -41.43 11.18
CA TYR A 382 -28.54 -41.87 11.62
C TYR A 382 -28.62 -42.17 13.11
N MET A 383 -27.51 -41.99 13.84
CA MET A 383 -27.50 -42.13 15.29
C MET A 383 -27.31 -40.81 16.02
N ILE A 384 -27.08 -39.71 15.30
CA ILE A 384 -26.87 -38.42 15.96
C ILE A 384 -28.09 -37.98 16.78
N PRO A 385 -29.34 -38.06 16.27
CA PRO A 385 -30.48 -37.58 17.08
C PRO A 385 -30.61 -38.25 18.44
N VAL A 386 -30.35 -39.56 18.52
CA VAL A 386 -30.52 -40.26 19.79
C VAL A 386 -29.34 -40.00 20.71
N VAL A 387 -28.14 -39.82 20.13
CA VAL A 387 -26.96 -39.55 20.94
C VAL A 387 -27.03 -38.15 21.53
N ALA A 388 -27.52 -37.19 20.75
CA ALA A 388 -27.62 -35.82 21.23
C ALA A 388 -28.56 -35.71 22.42
N GLN A 389 -29.66 -36.48 22.39
CA GLN A 389 -30.59 -36.49 23.51
C GLN A 389 -29.96 -37.05 24.76
N ALA A 390 -29.10 -38.07 24.60
CA ALA A 390 -28.47 -38.71 25.76
C ALA A 390 -27.56 -37.74 26.51
N PHE A 391 -26.76 -36.96 25.78
CA PHE A 391 -25.87 -36.00 26.43
C PHE A 391 -26.63 -34.90 27.14
N SER A 392 -27.80 -34.50 26.65
CA SER A 392 -28.56 -33.44 27.29
C SER A 392 -29.05 -33.83 28.68
N LYS A 393 -29.54 -35.06 28.84
CA LYS A 393 -30.04 -35.51 30.13
C LYS A 393 -28.93 -35.88 31.10
N TRP A 394 -27.81 -36.39 30.59
CA TRP A 394 -26.70 -36.75 31.47
C TRP A 394 -26.09 -35.53 32.14
N ALA A 395 -25.98 -34.41 31.41
CA ALA A 395 -25.45 -33.20 31.98
C ALA A 395 -26.36 -32.64 33.06
N LYS A 396 -27.67 -32.73 32.87
CA LYS A 396 -28.62 -32.20 33.84
C LYS A 396 -28.53 -32.95 35.17
N GLU A 397 -28.40 -34.28 35.10
CA GLU A 397 -28.32 -35.08 36.32
C GLU A 397 -27.04 -34.81 37.10
N CYS A 398 -25.98 -34.36 36.43
CA CYS A 398 -24.74 -34.03 37.13
C CYS A 398 -24.81 -32.68 37.83
N ARG A 399 -25.84 -31.88 37.57
CA ARG A 399 -26.00 -30.59 38.22
C ARG A 399 -26.76 -30.71 39.54
N LYS A 400 -27.78 -31.57 39.60
CA LYS A 400 -28.52 -31.75 40.83
C LYS A 400 -27.67 -32.36 41.93
N ASP A 401 -26.68 -33.18 41.56
CA ASP A 401 -25.79 -33.77 42.55
C ASP A 401 -24.93 -32.70 43.23
N MET A 402 -24.48 -31.71 42.45
CA MET A 402 -23.64 -30.66 43.03
C MET A 402 -24.43 -29.75 43.96
N GLU A 403 -25.73 -29.56 43.70
CA GLU A 403 -26.56 -28.69 44.49
C GLU A 403 -27.19 -29.39 45.69
N ASP A 404 -26.90 -30.67 45.89
CA ASP A 404 -27.44 -31.43 47.02
C ASP A 404 -26.26 -32.24 47.56
N GLU A 405 -25.57 -31.68 48.55
CA GLU A 405 -24.42 -32.33 49.17
C GLU A 405 -24.80 -32.82 50.56
N LYS A 406 -24.11 -33.87 51.01
CA LYS A 406 -24.37 -34.49 52.30
C LYS A 406 -23.08 -34.58 53.11
N LEU A 407 -23.18 -35.22 54.27
CA LEU A 407 -22.06 -35.33 55.19
C LEU A 407 -21.20 -36.54 54.84
N LEU A 408 -20.03 -36.61 55.47
CA LEU A 408 -19.07 -37.67 55.22
C LEU A 408 -19.27 -38.84 56.19
N GLY A 409 -19.22 -40.05 55.65
CA GLY A 409 -19.26 -41.25 56.46
C GLY A 409 -20.60 -41.59 57.07
N VAL A 410 -21.69 -41.02 56.56
CA VAL A 410 -23.02 -41.30 57.10
C VAL A 410 -23.96 -41.59 55.93
N ARG A 411 -25.04 -42.32 56.24
CA ARG A 411 -26.11 -42.60 55.28
C ARG A 411 -27.43 -42.37 56.00
N GLU A 412 -27.95 -41.15 55.88
CA GLU A 412 -29.15 -40.77 56.62
C GLU A 412 -30.39 -41.44 56.05
N ARG A 413 -31.33 -41.75 56.94
CA ARG A 413 -32.63 -42.29 56.55
C ARG A 413 -33.74 -41.49 57.19
N THR A 414 -34.98 -41.95 57.06
CA THR A 414 -36.11 -41.26 57.68
C THR A 414 -36.55 -41.96 58.97
N CYS A 419 -41.00 -41.69 61.82
CA CYS A 419 -41.57 -43.01 61.61
C CYS A 419 -40.48 -44.02 61.24
N LEU A 420 -40.87 -45.06 60.52
CA LEU A 420 -39.92 -46.07 60.07
C LEU A 420 -38.92 -45.47 59.09
N TRP A 421 -37.68 -45.93 59.18
CA TRP A 421 -36.60 -45.39 58.36
C TRP A 421 -36.71 -45.91 56.93
N ALA A 422 -36.89 -45.00 55.98
CA ALA A 422 -36.97 -45.34 54.57
C ALA A 422 -36.09 -44.39 53.77
N PHE A 423 -35.49 -44.90 52.70
CA PHE A 423 -34.61 -44.12 51.84
C PHE A 423 -35.25 -43.93 50.47
N LYS A 424 -35.06 -42.76 49.90
CA LYS A 424 -35.63 -42.40 48.60
C LYS A 424 -34.62 -42.70 47.50
N LYS A 425 -35.09 -43.27 46.40
CA LYS A 425 -34.27 -43.56 45.24
C LYS A 425 -34.48 -42.50 44.16
N GLN A 426 -33.39 -42.09 43.52
CA GLN A 426 -33.42 -41.08 42.48
C GLN A 426 -33.62 -41.73 41.12
N LYS A 427 -34.02 -40.92 40.15
CA LYS A 427 -34.25 -41.40 38.79
C LYS A 427 -32.97 -41.29 37.96
N THR A 428 -32.73 -42.32 37.14
CA THR A 428 -31.58 -42.36 36.25
C THR A 428 -32.06 -42.69 34.86
N HIS A 429 -31.66 -41.87 33.87
CA HIS A 429 -32.11 -42.05 32.49
C HIS A 429 -30.96 -42.20 31.51
N THR A 430 -29.72 -42.16 31.98
CA THR A 430 -28.57 -42.25 31.09
C THR A 430 -27.42 -42.95 31.79
N VAL A 431 -26.72 -43.81 31.05
CA VAL A 431 -25.49 -44.45 31.50
C VAL A 431 -24.42 -44.16 30.47
N TYR A 432 -23.31 -43.57 30.90
CA TYR A 432 -22.25 -43.12 30.00
C TYR A 432 -20.91 -43.62 30.52
N LYS A 433 -20.30 -44.55 29.79
CA LYS A 433 -18.98 -45.06 30.12
C LYS A 433 -17.96 -44.35 29.24
N ARG A 434 -17.19 -43.45 29.83
CA ARG A 434 -16.22 -42.68 29.09
C ARG A 434 -15.04 -43.54 28.66
N PRO A 435 -14.29 -43.12 27.64
CA PRO A 435 -13.14 -43.90 27.20
C PRO A 435 -12.11 -44.10 28.30
N ASP A 436 -11.43 -45.24 28.24
CA ASP A 436 -10.41 -45.63 29.23
C ASP A 436 -11.04 -45.77 30.61
N THR A 437 -12.04 -46.64 30.72
CA THR A 437 -12.67 -47.01 31.97
C THR A 437 -12.95 -48.51 31.96
N GLN A 438 -13.49 -49.01 33.07
CA GLN A 438 -13.83 -50.42 33.19
C GLN A 438 -15.24 -50.57 33.73
N SER A 439 -15.88 -51.67 33.33
CA SER A 439 -17.21 -52.04 33.80
C SER A 439 -17.14 -53.43 34.42
N ILE A 440 -17.82 -53.62 35.54
CA ILE A 440 -17.76 -54.86 36.31
C ILE A 440 -19.17 -55.41 36.50
N GLN A 441 -19.29 -56.73 36.42
CA GLN A 441 -20.56 -57.42 36.58
C GLN A 441 -20.36 -58.65 37.44
N LYS A 442 -21.46 -59.14 38.01
CA LYS A 442 -21.46 -60.34 38.84
C LYS A 442 -22.16 -61.47 38.11
N VAL A 443 -21.47 -62.61 38.00
CA VAL A 443 -21.99 -63.79 37.32
C VAL A 443 -21.67 -65.01 38.17
N GLN A 444 -22.04 -66.19 37.66
CA GLN A 444 -21.82 -67.45 38.36
C GLN A 444 -20.44 -68.00 38.01
N ALA A 445 -19.76 -68.53 39.03
CA ALA A 445 -18.40 -69.01 38.87
C ALA A 445 -18.22 -70.51 39.13
N GLU A 446 -19.22 -71.19 39.66
CA GLU A 446 -19.14 -72.61 39.96
C GLU A 446 -20.23 -73.36 39.22
N PHE A 447 -19.84 -74.39 38.47
CA PHE A 447 -20.76 -75.24 37.73
C PHE A 447 -20.52 -76.69 38.10
N ASP A 448 -21.60 -77.41 38.40
CA ASP A 448 -21.49 -78.81 38.83
C ASP A 448 -22.38 -79.73 38.02
N SER A 449 -23.51 -79.23 37.54
CA SER A 449 -24.51 -80.06 36.85
C SER A 449 -24.20 -80.08 35.36
N PHE A 450 -23.87 -81.26 34.84
CA PHE A 450 -23.68 -81.49 33.41
C PHE A 450 -24.49 -82.73 33.04
N VAL A 451 -25.50 -82.56 32.21
CA VAL A 451 -26.42 -83.64 31.84
C VAL A 451 -26.14 -84.04 30.40
N VAL A 452 -25.86 -85.32 30.19
CA VAL A 452 -25.62 -85.83 28.84
C VAL A 452 -26.94 -85.93 28.10
N PRO A 453 -27.06 -85.36 26.90
CA PRO A 453 -28.34 -85.43 26.17
C PRO A 453 -28.61 -86.81 25.57
N SER A 454 -29.68 -86.91 24.79
CA SER A 454 -30.13 -88.18 24.24
C SER A 454 -29.14 -88.70 23.20
N LEU A 455 -29.46 -89.86 22.65
CA LEU A 455 -28.60 -90.55 21.70
C LEU A 455 -28.56 -89.83 20.35
N TRP A 456 -27.53 -90.14 19.58
CA TRP A 456 -27.36 -89.51 18.28
C TRP A 456 -28.18 -90.23 17.21
N SER A 457 -28.78 -89.44 16.32
CA SER A 457 -29.55 -89.97 15.19
C SER A 457 -29.09 -89.25 13.93
N SER A 458 -28.90 -90.01 12.86
CA SER A 458 -28.42 -89.43 11.61
C SER A 458 -29.49 -88.56 10.97
N GLY A 459 -29.11 -87.36 10.56
CA GLY A 459 -30.02 -86.46 9.91
C GLY A 459 -29.94 -86.52 8.39
N LEU A 460 -28.89 -87.17 7.88
CA LEU A 460 -28.72 -87.30 6.44
C LEU A 460 -29.74 -88.27 5.87
N SER A 461 -30.32 -87.92 4.73
CA SER A 461 -31.33 -88.73 4.07
C SER A 461 -30.76 -89.35 2.79
N ILE A 462 -31.54 -90.26 2.20
CA ILE A 462 -31.13 -90.99 1.00
C ILE A 462 -30.93 -90.06 -0.18
N PRO A 463 -31.85 -89.14 -0.50
CA PRO A 463 -31.64 -88.28 -1.69
C PRO A 463 -30.35 -87.49 -1.66
N LEU A 464 -29.96 -86.96 -0.51
CA LEU A 464 -28.69 -86.23 -0.42
C LEU A 464 -27.51 -87.18 -0.55
N ARG A 465 -27.63 -88.37 0.05
CA ARG A 465 -26.52 -89.33 0.03
C ARG A 465 -26.22 -89.80 -1.38
N THR A 466 -27.27 -90.05 -2.18
CA THR A 466 -27.06 -90.51 -3.55
C THR A 466 -26.36 -89.46 -4.40
N ARG A 467 -26.73 -88.19 -4.22
CA ARG A 467 -26.09 -87.12 -4.98
C ARG A 467 -24.61 -87.01 -4.63
N ILE A 468 -24.27 -87.15 -3.36
CA ILE A 468 -22.87 -87.08 -2.94
C ILE A 468 -22.08 -88.22 -3.56
N LYS A 469 -22.63 -89.44 -3.53
CA LYS A 469 -21.95 -90.58 -4.14
C LYS A 469 -21.77 -90.40 -5.64
N TRP A 470 -22.81 -89.88 -6.31
CA TRP A 470 -22.73 -89.67 -7.75
C TRP A 470 -21.65 -88.65 -8.10
N LEU A 471 -21.59 -87.55 -7.35
CA LEU A 471 -20.64 -86.48 -7.66
C LEU A 471 -19.19 -86.95 -7.49
N LEU A 472 -18.93 -87.72 -6.44
CA LEU A 472 -17.58 -88.24 -6.18
C LEU A 472 -17.42 -89.64 -6.78
N SER A 473 -17.50 -89.69 -8.11
CA SER A 473 -17.35 -90.94 -8.84
C SER A 473 -16.12 -90.95 -9.75
N LYS A 474 -15.96 -89.94 -10.58
CA LYS A 474 -14.82 -89.85 -11.49
C LYS A 474 -13.60 -89.19 -10.86
N VAL A 475 -13.27 -89.63 -9.65
CA VAL A 475 -12.13 -89.11 -8.91
C VAL A 475 -10.80 -89.57 -9.50
N PRO A 476 -10.69 -90.75 -10.17
CA PRO A 476 -9.36 -90.96 -10.76
C PRO A 476 -9.03 -89.98 -11.87
N ASP B 2 23.61 -53.19 23.51
CA ASP B 2 23.54 -52.02 24.38
C ASP B 2 22.16 -51.34 24.39
N PRO B 3 21.54 -51.11 23.23
CA PRO B 3 20.19 -50.54 23.24
C PRO B 3 19.18 -51.50 23.84
N VAL B 4 18.12 -50.92 24.41
CA VAL B 4 17.05 -51.68 25.04
C VAL B 4 15.75 -51.40 24.28
N TYR B 5 15.04 -52.46 23.92
CA TYR B 5 13.82 -52.37 23.13
C TYR B 5 12.61 -52.64 24.02
N VAL B 6 11.56 -51.85 23.84
CA VAL B 6 10.32 -52.00 24.61
C VAL B 6 9.16 -52.12 23.63
N ASP B 7 8.09 -52.75 24.11
CA ASP B 7 6.94 -53.06 23.26
C ASP B 7 5.84 -52.02 23.47
N ILE B 8 6.13 -50.81 23.03
CA ILE B 8 5.17 -49.71 23.04
C ILE B 8 5.24 -48.98 21.70
N ASP B 9 4.22 -48.14 21.45
CA ASP B 9 4.10 -47.46 20.18
C ASP B 9 5.23 -46.44 19.98
N ALA B 10 5.60 -46.24 18.72
CA ALA B 10 6.69 -45.33 18.40
C ALA B 10 6.31 -43.86 18.58
N ASP B 11 5.02 -43.53 18.53
CA ASP B 11 4.56 -42.16 18.68
C ASP B 11 3.90 -41.93 20.05
N SER B 12 4.19 -42.78 21.02
CA SER B 12 3.61 -42.65 22.34
C SER B 12 4.24 -41.48 23.09
N ALA B 13 3.48 -40.90 24.01
CA ALA B 13 3.96 -39.83 24.86
C ALA B 13 4.66 -40.34 26.12
N PHE B 14 4.73 -41.66 26.31
CA PHE B 14 5.37 -42.26 27.47
C PHE B 14 6.87 -42.48 27.29
N LEU B 15 7.39 -42.23 26.08
CA LEU B 15 8.82 -42.39 25.85
C LEU B 15 9.65 -41.41 26.66
N LYS B 16 9.21 -40.15 26.74
CA LYS B 16 9.96 -39.12 27.45
C LYS B 16 10.02 -39.40 28.94
N ALA B 17 8.92 -39.89 29.52
CA ALA B 17 8.93 -40.22 30.94
C ALA B 17 9.90 -41.36 31.24
N LEU B 18 9.92 -42.38 30.39
CA LEU B 18 10.83 -43.51 30.62
C LEU B 18 12.29 -43.09 30.49
N GLN B 19 12.61 -42.24 29.51
CA GLN B 19 13.99 -41.85 29.29
C GLN B 19 14.54 -41.06 30.48
N ARG B 20 13.73 -40.16 31.06
CA ARG B 20 14.20 -39.39 32.20
C ARG B 20 14.38 -40.27 33.44
N ALA B 21 13.59 -41.33 33.57
CA ALA B 21 13.72 -42.21 34.71
C ALA B 21 14.94 -43.12 34.62
N TYR B 22 15.37 -43.44 33.40
CA TYR B 22 16.51 -44.34 33.18
C TYR B 22 17.50 -43.66 32.24
N PRO B 23 18.29 -42.72 32.76
CA PRO B 23 19.23 -41.98 31.90
C PRO B 23 20.48 -42.76 31.51
N MET B 24 20.67 -43.96 32.05
CA MET B 24 21.87 -44.76 31.77
C MET B 24 21.64 -45.78 30.66
N PHE B 25 20.48 -45.76 30.02
CA PHE B 25 20.15 -46.72 28.97
C PHE B 25 19.74 -45.98 27.71
N GLU B 26 19.61 -46.75 26.62
CA GLU B 26 19.06 -46.25 25.36
C GLU B 26 17.78 -47.02 25.07
N VAL B 27 16.68 -46.29 24.89
CA VAL B 27 15.36 -46.88 24.77
C VAL B 27 14.84 -46.63 23.36
N GLU B 28 14.42 -47.70 22.68
CA GLU B 28 13.80 -47.60 21.36
C GLU B 28 12.54 -48.44 21.34
N PRO B 29 11.51 -48.01 20.62
CA PRO B 29 10.25 -48.76 20.59
C PRO B 29 10.19 -49.77 19.45
N ARG B 30 9.53 -50.90 19.75
CA ARG B 30 9.32 -51.95 18.75
C ARG B 30 8.04 -52.68 19.14
N GLN B 31 6.93 -52.32 18.49
CA GLN B 31 5.63 -52.84 18.85
C GLN B 31 5.33 -54.13 18.08
N VAL B 32 5.00 -55.19 18.81
CA VAL B 32 4.64 -56.47 18.21
C VAL B 32 3.35 -57.04 18.78
N THR B 33 2.70 -56.36 19.72
CA THR B 33 1.50 -56.88 20.36
C THR B 33 0.64 -55.72 20.83
N PRO B 34 -0.66 -55.71 20.52
CA PRO B 34 -1.56 -54.64 20.99
C PRO B 34 -2.09 -54.90 22.40
N ASN B 35 -1.17 -55.00 23.36
CA ASN B 35 -1.55 -55.26 24.74
C ASN B 35 -2.23 -54.03 25.34
N ASP B 36 -3.13 -54.29 26.30
CA ASP B 36 -3.84 -53.22 26.99
C ASP B 36 -3.09 -52.66 28.18
N ALA B 37 -1.98 -53.28 28.57
CA ALA B 37 -1.16 -52.83 29.69
C ALA B 37 0.30 -52.74 29.26
N ALA B 38 0.53 -52.12 28.10
CA ALA B 38 1.89 -52.01 27.58
C ALA B 38 2.77 -51.16 28.47
N ASN B 39 2.23 -50.05 29.00
CA ASN B 39 3.03 -49.15 29.83
C ASN B 39 3.48 -49.82 31.11
N ALA B 40 2.61 -50.62 31.74
CA ALA B 40 2.96 -51.28 32.99
C ALA B 40 4.03 -52.34 32.83
N ARG B 41 4.17 -52.93 31.64
CA ARG B 41 5.17 -53.96 31.41
C ARG B 41 6.52 -53.39 31.01
N ALA B 42 6.54 -52.21 30.38
CA ALA B 42 7.81 -51.59 30.01
C ALA B 42 8.62 -51.20 31.23
N PHE B 43 7.95 -50.69 32.27
CA PHE B 43 8.66 -50.29 33.48
C PHE B 43 9.29 -51.48 34.17
N SER B 44 8.57 -52.60 34.26
CA SER B 44 9.10 -53.78 34.93
C SER B 44 10.28 -54.38 34.16
N HIS B 45 10.21 -54.34 32.82
CA HIS B 45 11.30 -54.90 32.02
C HIS B 45 12.60 -54.13 32.24
N LEU B 46 12.52 -52.80 32.30
CA LEU B 46 13.73 -52.01 32.49
C LEU B 46 14.24 -52.08 33.94
N ALA B 47 13.34 -52.34 34.90
CA ALA B 47 13.75 -52.38 36.29
C ALA B 47 14.69 -53.55 36.56
N ILE B 48 14.43 -54.71 35.95
CA ILE B 48 15.24 -55.89 36.21
C ILE B 48 16.67 -55.70 35.69
N LYS B 49 16.81 -55.07 34.51
CA LYS B 49 18.13 -54.83 33.97
C LYS B 49 18.96 -53.93 34.88
N LEU B 50 18.33 -52.91 35.46
CA LEU B 50 19.02 -52.06 36.41
C LEU B 50 19.41 -52.83 37.67
N ILE B 51 18.52 -53.70 38.15
CA ILE B 51 18.78 -54.41 39.40
C ILE B 51 19.95 -55.38 39.22
N GLU B 52 19.95 -56.14 38.13
CA GLU B 52 20.96 -57.17 37.91
C GLU B 52 22.27 -56.61 37.37
N GLN B 53 22.39 -55.29 37.22
CA GLN B 53 23.62 -54.67 36.75
C GLN B 53 24.49 -54.15 37.88
N GLU B 54 23.92 -53.81 39.02
CA GLU B 54 24.67 -53.26 40.15
C GLU B 54 25.06 -54.31 41.18
N ILE B 55 24.84 -55.59 40.87
CA ILE B 55 25.21 -56.69 41.75
C ILE B 55 26.22 -57.56 41.04
N ASP B 56 27.27 -57.97 41.76
CA ASP B 56 28.33 -58.76 41.16
C ASP B 56 27.84 -60.18 40.86
N PRO B 57 28.45 -60.84 39.88
CA PRO B 57 28.10 -62.24 39.59
C PRO B 57 28.57 -63.19 40.69
N ASP B 58 28.38 -64.48 40.46
CA ASP B 58 28.77 -65.53 41.43
C ASP B 58 28.06 -65.33 42.77
N SER B 59 26.77 -64.99 42.69
CA SER B 59 25.93 -64.84 43.88
C SER B 59 24.57 -65.47 43.60
N THR B 60 23.94 -65.97 44.64
CA THR B 60 22.65 -66.65 44.51
C THR B 60 21.51 -65.68 44.80
N ILE B 61 20.49 -65.72 43.95
CA ILE B 61 19.34 -64.83 44.03
C ILE B 61 18.10 -65.67 44.30
N LEU B 62 17.33 -65.28 45.31
CA LEU B 62 16.06 -65.94 45.61
C LEU B 62 14.92 -65.17 44.97
N ASP B 63 14.04 -65.89 44.27
CA ASP B 63 12.90 -65.30 43.60
C ASP B 63 11.63 -65.73 44.31
N ILE B 64 10.81 -64.76 44.69
CA ILE B 64 9.59 -65.05 45.46
C ILE B 64 8.39 -65.26 44.54
N GLY B 65 8.15 -64.36 43.60
CA GLY B 65 7.10 -64.57 42.63
C GLY B 65 7.37 -65.80 41.77
N SER B 66 8.60 -65.91 41.27
CA SER B 66 9.14 -67.13 40.67
C SER B 66 8.28 -67.61 39.50
N ALA B 67 8.26 -66.79 38.45
CA ALA B 67 7.76 -67.26 37.16
C ALA B 67 8.94 -67.82 36.39
N PRO B 68 9.11 -69.15 36.36
CA PRO B 68 10.37 -69.72 35.84
C PRO B 68 10.63 -69.40 34.38
N ALA B 69 9.58 -69.17 33.58
CA ALA B 69 9.78 -68.91 32.16
C ALA B 69 10.54 -67.63 31.90
N ARG B 70 10.44 -66.63 32.78
CA ARG B 70 11.12 -65.36 32.55
C ARG B 70 12.62 -65.44 32.80
N ARG B 71 13.05 -66.32 33.71
CA ARG B 71 14.45 -66.41 34.10
C ARG B 71 15.18 -67.56 33.41
N MET B 72 14.57 -68.17 32.38
CA MET B 72 15.21 -69.29 31.71
C MET B 72 16.47 -68.87 30.97
N MET B 73 16.45 -67.72 30.32
CA MET B 73 17.54 -67.24 29.48
C MET B 73 18.29 -66.14 30.25
N SER B 74 19.21 -66.56 31.12
CA SER B 74 19.97 -65.62 31.94
C SER B 74 21.25 -66.28 32.39
N ASP B 75 22.19 -65.45 32.85
CA ASP B 75 23.49 -65.91 33.32
C ASP B 75 23.61 -65.97 34.84
N ARG B 76 22.77 -65.23 35.58
CA ARG B 76 22.82 -65.27 37.02
C ARG B 76 22.20 -66.57 37.55
N LYS B 77 22.47 -66.86 38.82
CA LYS B 77 21.95 -68.05 39.47
C LYS B 77 20.65 -67.69 40.19
N TYR B 78 19.57 -68.37 39.83
CA TYR B 78 18.25 -68.11 40.38
C TYR B 78 17.70 -69.34 41.08
N HIS B 79 17.11 -69.13 42.25
CA HIS B 79 16.40 -70.18 42.97
C HIS B 79 14.94 -69.76 43.06
N CYS B 80 14.08 -70.40 42.26
CA CYS B 80 12.68 -70.03 42.16
C CYS B 80 11.88 -70.75 43.23
N VAL B 81 11.15 -69.99 44.04
CA VAL B 81 10.29 -70.53 45.08
C VAL B 81 8.87 -70.54 44.53
N CYS B 82 8.37 -71.74 44.19
CA CYS B 82 7.11 -71.89 43.47
C CYS B 82 6.13 -72.71 44.27
N PRO B 83 5.32 -72.08 45.12
CA PRO B 83 4.19 -72.80 45.75
C PRO B 83 3.07 -73.03 44.75
N MET B 84 1.97 -73.66 45.20
CA MET B 84 0.80 -73.89 44.36
C MET B 84 -0.42 -73.39 45.14
N ARG B 85 -0.74 -72.11 44.99
CA ARG B 85 -1.83 -71.49 45.74
C ARG B 85 -2.76 -70.65 44.88
N SER B 86 -2.49 -70.50 43.59
CA SER B 86 -3.30 -69.68 42.70
C SER B 86 -3.67 -70.47 41.46
N ALA B 87 -4.63 -69.95 40.71
CA ALA B 87 -5.05 -70.54 39.45
C ALA B 87 -4.08 -70.26 38.31
N GLU B 88 -3.13 -69.35 38.50
CA GLU B 88 -2.10 -69.10 37.51
C GLU B 88 -1.06 -70.20 37.45
N ASP B 89 -0.84 -70.91 38.56
CA ASP B 89 0.31 -71.80 38.66
C ASP B 89 0.28 -72.99 37.71
N PRO B 90 -0.82 -73.74 37.56
CA PRO B 90 -0.77 -74.90 36.64
C PRO B 90 -0.37 -74.55 35.22
N GLU B 91 -0.81 -73.40 34.71
CA GLU B 91 -0.46 -73.00 33.36
C GLU B 91 1.03 -72.66 33.25
N ARG B 92 1.58 -71.97 34.25
CA ARG B 92 2.98 -71.57 34.20
C ARG B 92 3.91 -72.78 34.26
N LEU B 93 3.58 -73.76 35.12
CA LEU B 93 4.44 -74.93 35.26
C LEU B 93 4.49 -75.73 33.96
N ALA B 94 3.35 -75.90 33.29
CA ALA B 94 3.33 -76.61 32.01
C ALA B 94 4.11 -75.84 30.96
N ASN B 95 3.98 -74.51 30.94
CA ASN B 95 4.72 -73.71 29.98
C ASN B 95 6.22 -73.82 30.20
N TYR B 96 6.65 -73.87 31.47
CA TYR B 96 8.07 -74.02 31.76
C TYR B 96 8.61 -75.34 31.24
N ALA B 97 7.86 -76.43 31.44
CA ALA B 97 8.31 -77.73 30.96
C ALA B 97 8.36 -77.79 29.44
N ARG B 98 7.36 -77.21 28.78
CA ARG B 98 7.33 -77.24 27.32
C ARG B 98 8.50 -76.48 26.71
N LYS B 99 8.82 -75.31 27.26
CA LYS B 99 9.94 -74.53 26.74
C LYS B 99 11.27 -75.21 26.98
N LEU B 100 11.43 -75.84 28.15
CA LEU B 100 12.68 -76.52 28.46
C LEU B 100 12.96 -77.66 27.50
N ALA B 101 11.94 -78.45 27.17
CA ALA B 101 12.13 -79.56 26.25
C ALA B 101 12.51 -79.07 24.85
N SER B 102 11.84 -78.01 24.38
CA SER B 102 12.13 -77.50 23.04
C SER B 102 13.49 -76.82 22.97
N ALA B 103 13.95 -76.22 24.08
CA ALA B 103 15.22 -75.51 24.09
C ALA B 103 16.42 -76.42 24.26
N ALA B 104 16.21 -77.71 24.50
CA ALA B 104 17.33 -78.64 24.69
C ALA B 104 18.10 -78.81 23.40
N GLY B 105 19.42 -78.83 23.51
CA GLY B 105 20.30 -79.01 22.36
C GLY B 105 20.70 -77.76 21.62
N LYS B 106 19.72 -76.91 21.28
CA LYS B 106 20.02 -75.69 20.53
C LYS B 106 20.86 -74.73 21.35
N VAL B 107 20.55 -74.57 22.63
CA VAL B 107 21.26 -73.65 23.51
C VAL B 107 22.24 -74.43 24.37
N LEU B 108 23.49 -73.98 24.41
CA LEU B 108 24.53 -74.69 25.16
C LEU B 108 25.14 -73.80 26.23
N ASP B 109 25.04 -72.48 26.06
CA ASP B 109 25.64 -71.56 27.03
C ASP B 109 24.99 -71.71 28.40
N ARG B 110 23.66 -71.80 28.44
CA ARG B 110 22.95 -71.92 29.69
C ARG B 110 22.82 -73.39 30.10
N ASN B 111 22.55 -73.60 31.38
CA ASN B 111 22.47 -74.96 31.95
C ASN B 111 21.07 -75.53 31.68
N ILE B 112 20.82 -75.80 30.40
CA ILE B 112 19.55 -76.39 30.00
C ILE B 112 19.45 -77.84 30.49
N SER B 113 20.53 -78.60 30.32
CA SER B 113 20.53 -80.00 30.76
C SER B 113 20.35 -80.10 32.27
N GLY B 114 21.02 -79.22 33.03
CA GLY B 114 20.86 -79.25 34.47
C GLY B 114 19.45 -78.95 34.93
N LYS B 115 18.81 -77.97 34.29
CA LYS B 115 17.44 -77.61 34.67
C LYS B 115 16.47 -78.76 34.39
N ILE B 116 16.63 -79.42 33.25
CA ILE B 116 15.70 -80.51 32.89
C ILE B 116 15.82 -81.65 33.88
N GLY B 117 17.05 -82.09 34.17
CA GLY B 117 17.25 -83.10 35.19
C GLY B 117 16.83 -82.64 36.56
N ASP B 118 16.95 -81.35 36.85
CA ASP B 118 16.52 -80.82 38.13
C ASP B 118 15.02 -80.95 38.32
N LEU B 119 14.24 -80.68 37.27
CA LEU B 119 12.79 -80.73 37.40
C LEU B 119 12.29 -82.15 37.60
N GLN B 120 12.97 -83.12 36.99
CA GLN B 120 12.59 -84.52 37.18
C GLN B 120 12.80 -84.97 38.62
N ALA B 121 13.88 -84.49 39.26
CA ALA B 121 14.15 -84.87 40.63
C ALA B 121 13.05 -84.39 41.57
N VAL B 122 12.55 -83.17 41.36
CA VAL B 122 11.45 -82.67 42.19
C VAL B 122 10.19 -83.47 41.93
N MET B 123 9.95 -83.89 40.69
CA MET B 123 8.77 -84.68 40.37
C MET B 123 8.81 -86.05 41.03
N ALA B 124 10.02 -86.58 41.28
CA ALA B 124 10.13 -87.87 41.94
C ALA B 124 9.58 -87.79 43.37
N VAL B 125 10.13 -86.91 44.18
CA VAL B 125 9.62 -86.67 45.53
C VAL B 125 9.48 -85.17 45.75
N PRO B 126 8.33 -84.70 46.24
CA PRO B 126 8.09 -83.25 46.31
C PRO B 126 8.77 -82.55 47.47
N ASP B 127 9.72 -83.20 48.14
CA ASP B 127 10.30 -82.66 49.36
C ASP B 127 11.82 -82.65 49.29
N THR B 128 12.37 -82.15 48.19
CA THR B 128 13.81 -81.97 48.04
C THR B 128 14.11 -80.52 47.69
N GLU B 129 15.05 -79.93 48.42
CA GLU B 129 15.51 -78.56 48.13
C GLU B 129 16.62 -78.66 47.11
N THR B 130 16.32 -78.24 45.89
CA THR B 130 17.22 -78.32 44.75
C THR B 130 17.81 -76.95 44.44
N PRO B 131 18.94 -76.91 43.73
CA PRO B 131 19.60 -75.62 43.48
C PRO B 131 18.73 -74.61 42.75
N THR B 132 17.87 -75.04 41.81
CA THR B 132 17.15 -74.12 40.97
C THR B 132 15.62 -74.21 41.07
N PHE B 133 15.08 -75.04 41.94
CA PHE B 133 13.64 -75.18 42.02
C PHE B 133 13.23 -75.76 43.37
N CYS B 134 12.01 -75.43 43.79
CA CYS B 134 11.44 -75.96 45.02
C CYS B 134 9.94 -75.73 44.99
N LEU B 135 9.23 -76.40 45.89
CA LEU B 135 7.78 -76.30 45.99
C LEU B 135 7.33 -75.83 47.37
N HIS B 136 8.21 -75.17 48.10
CA HIS B 136 7.90 -74.65 49.42
C HIS B 136 7.47 -73.19 49.34
N THR B 137 7.11 -72.63 50.49
CA THR B 137 6.80 -71.22 50.59
C THR B 137 8.05 -70.43 50.93
N ASP B 138 7.90 -69.12 51.12
CA ASP B 138 9.05 -68.29 51.49
C ASP B 138 9.58 -68.66 52.87
N VAL B 139 8.68 -68.98 53.80
CA VAL B 139 9.12 -69.34 55.15
C VAL B 139 9.80 -70.70 55.16
N SER B 140 9.21 -71.67 54.47
CA SER B 140 9.66 -73.06 54.56
C SER B 140 10.88 -73.37 53.70
N CYS B 141 11.32 -72.44 52.86
CA CYS B 141 12.49 -72.70 52.03
C CYS B 141 13.75 -72.78 52.89
N ARG B 142 14.64 -73.69 52.52
CA ARG B 142 15.86 -73.94 53.28
C ARG B 142 17.14 -73.51 52.57
N GLN B 143 17.06 -73.20 51.27
CA GLN B 143 18.25 -72.80 50.53
C GLN B 143 18.75 -71.45 51.03
N ARG B 144 20.07 -71.31 51.10
CA ARG B 144 20.70 -70.08 51.56
C ARG B 144 21.26 -69.32 50.37
N ALA B 145 21.12 -67.99 50.41
CA ALA B 145 21.57 -67.13 49.32
C ALA B 145 22.02 -65.80 49.90
N ASP B 146 22.17 -64.80 49.04
CA ASP B 146 22.62 -63.47 49.46
C ASP B 146 21.67 -62.35 49.04
N VAL B 147 20.95 -62.51 47.94
CA VAL B 147 20.08 -61.46 47.41
C VAL B 147 18.68 -62.03 47.23
N ALA B 148 17.67 -61.26 47.64
CA ALA B 148 16.28 -61.62 47.47
C ALA B 148 15.57 -60.56 46.64
N ILE B 149 14.68 -61.00 45.76
CA ILE B 149 13.99 -60.12 44.83
C ILE B 149 12.49 -60.37 44.95
N TYR B 150 11.72 -59.29 45.14
CA TYR B 150 10.27 -59.33 45.12
C TYR B 150 9.76 -58.53 43.95
N GLN B 151 8.88 -59.13 43.14
CA GLN B 151 8.31 -58.47 41.98
C GLN B 151 6.79 -58.60 42.04
N ASP B 152 6.10 -57.48 42.27
CA ASP B 152 4.65 -57.43 42.29
C ASP B 152 4.07 -58.44 43.29
N VAL B 153 4.56 -58.39 44.52
CA VAL B 153 4.13 -59.27 45.60
C VAL B 153 3.36 -58.43 46.60
N TYR B 154 2.06 -58.73 46.75
CA TYR B 154 1.21 -58.02 47.69
C TYR B 154 0.48 -58.98 48.62
N ALA B 155 0.96 -60.22 48.75
CA ALA B 155 0.24 -61.25 49.49
C ALA B 155 1.03 -61.78 50.68
N VAL B 156 2.03 -61.03 51.15
CA VAL B 156 2.84 -61.45 52.28
C VAL B 156 2.98 -60.29 53.26
N HIS B 157 3.34 -60.62 54.49
CA HIS B 157 3.61 -59.62 55.52
C HIS B 157 5.08 -59.25 55.47
N ALA B 158 5.37 -57.96 55.26
CA ALA B 158 6.74 -57.52 55.05
C ALA B 158 7.64 -57.79 56.26
N PRO B 159 7.29 -57.40 57.50
CA PRO B 159 8.22 -57.67 58.61
C PRO B 159 8.48 -59.15 58.84
N THR B 160 7.47 -60.00 58.65
CA THR B 160 7.66 -61.43 58.88
C THR B 160 8.48 -62.07 57.77
N SER B 161 8.22 -61.70 56.52
CA SER B 161 8.96 -62.27 55.40
C SER B 161 10.43 -61.88 55.46
N LEU B 162 10.72 -60.62 55.80
CA LEU B 162 12.10 -60.15 55.83
C LEU B 162 12.90 -60.87 56.91
N TYR B 163 12.29 -61.12 58.07
CA TYR B 163 13.01 -61.76 59.16
C TYR B 163 13.45 -63.17 58.78
N HIS B 164 12.56 -63.94 58.14
CA HIS B 164 12.91 -65.30 57.77
C HIS B 164 14.01 -65.34 56.73
N GLN B 165 14.10 -64.33 55.87
CA GLN B 165 15.19 -64.25 54.91
C GLN B 165 16.49 -63.84 55.57
N ALA B 166 16.43 -63.00 56.60
CA ALA B 166 17.64 -62.51 57.25
C ALA B 166 18.40 -63.62 57.95
N ILE B 167 17.68 -64.52 58.63
CA ILE B 167 18.34 -65.58 59.39
C ILE B 167 19.05 -66.59 58.51
N LYS B 168 18.82 -66.56 57.21
CA LYS B 168 19.52 -67.42 56.27
C LYS B 168 20.73 -66.74 55.64
N GLY B 169 21.02 -65.49 56.02
CA GLY B 169 22.19 -64.80 55.52
C GLY B 169 21.96 -63.98 54.28
N VAL B 170 20.90 -63.17 54.27
CA VAL B 170 20.57 -62.29 53.15
C VAL B 170 20.81 -60.86 53.59
N ARG B 171 21.57 -60.11 52.79
CA ARG B 171 21.95 -58.76 53.14
C ARG B 171 21.38 -57.70 52.21
N LEU B 172 20.61 -58.08 51.20
CA LEU B 172 20.07 -57.12 50.24
C LEU B 172 18.74 -57.63 49.71
N ALA B 173 17.80 -56.72 49.53
CA ALA B 173 16.47 -57.06 49.01
C ALA B 173 15.97 -55.92 48.13
N TYR B 174 15.06 -56.27 47.23
CA TYR B 174 14.46 -55.30 46.32
C TYR B 174 12.95 -55.52 46.24
N TRP B 175 12.22 -54.46 45.93
CA TRP B 175 10.76 -54.52 45.81
C TRP B 175 10.33 -53.61 44.67
N VAL B 176 9.58 -54.17 43.73
CA VAL B 176 9.03 -53.41 42.60
C VAL B 176 7.51 -53.51 42.66
N GLY B 177 6.85 -52.37 42.68
CA GLY B 177 5.40 -52.36 42.77
C GLY B 177 4.84 -50.96 42.73
N PHE B 178 3.56 -50.87 43.06
CA PHE B 178 2.84 -49.60 43.03
C PHE B 178 3.13 -48.79 44.29
N ASP B 179 2.72 -47.52 44.26
CA ASP B 179 2.90 -46.64 45.41
C ASP B 179 1.78 -46.87 46.41
N THR B 180 2.15 -46.96 47.69
CA THR B 180 1.20 -47.23 48.76
C THR B 180 0.75 -45.96 49.48
N THR B 181 1.12 -44.78 48.98
CA THR B 181 0.74 -43.54 49.64
C THR B 181 -0.77 -43.34 49.72
N PRO B 182 -1.56 -43.53 48.65
CA PRO B 182 -3.02 -43.29 48.78
C PRO B 182 -3.70 -44.15 49.83
N PHE B 183 -3.20 -45.36 50.10
CA PHE B 183 -3.82 -46.24 51.08
C PHE B 183 -3.51 -45.85 52.51
N MET B 184 -2.51 -44.99 52.74
CA MET B 184 -2.24 -44.48 54.06
C MET B 184 -3.10 -43.27 54.42
N TYR B 185 -3.80 -42.69 53.45
CA TYR B 185 -4.71 -41.58 53.68
C TYR B 185 -6.15 -42.03 53.90
N ASN B 186 -6.40 -43.34 53.84
CA ASN B 186 -7.73 -43.92 54.07
C ASN B 186 -8.76 -43.36 53.09
N ALA B 187 -8.51 -43.63 51.82
CA ALA B 187 -9.39 -43.21 50.74
C ALA B 187 -10.34 -44.34 50.38
N MET B 188 -11.28 -44.06 49.48
CA MET B 188 -12.26 -45.03 49.02
C MET B 188 -11.98 -45.51 47.61
N ALA B 189 -11.70 -44.60 46.68
CA ALA B 189 -11.41 -44.96 45.30
C ALA B 189 -10.29 -44.07 44.79
N GLY B 190 -9.60 -44.56 43.76
CA GLY B 190 -8.48 -43.83 43.19
C GLY B 190 -8.20 -44.33 41.79
N ALA B 191 -7.17 -43.73 41.18
CA ALA B 191 -6.80 -44.08 39.81
C ALA B 191 -5.32 -43.81 39.59
N TYR B 192 -4.76 -44.48 38.59
CA TYR B 192 -3.42 -44.22 38.08
C TYR B 192 -3.53 -43.96 36.58
N PRO B 193 -3.82 -42.73 36.16
CA PRO B 193 -4.17 -42.49 34.75
C PRO B 193 -3.06 -42.80 33.75
N SER B 194 -1.80 -42.84 34.18
CA SER B 194 -0.72 -43.10 33.25
C SER B 194 -0.55 -44.58 32.92
N TYR B 195 -1.16 -45.47 33.70
CA TYR B 195 -1.06 -46.91 33.48
C TYR B 195 -2.41 -47.57 33.25
N SER B 196 -3.47 -46.78 33.07
CA SER B 196 -4.82 -47.31 32.84
C SER B 196 -5.24 -48.26 33.96
N THR B 197 -5.01 -47.84 35.20
CA THR B 197 -5.31 -48.64 36.38
C THR B 197 -6.34 -47.93 37.24
N ASN B 198 -7.39 -48.65 37.62
CA ASN B 198 -8.45 -48.13 38.47
C ASN B 198 -8.72 -49.11 39.60
N TRP B 199 -8.87 -48.60 40.82
CA TRP B 199 -9.17 -49.41 41.97
C TRP B 199 -10.30 -48.76 42.76
N ALA B 200 -11.13 -49.58 43.39
CA ALA B 200 -12.25 -49.08 44.16
C ALA B 200 -12.60 -50.06 45.27
N ASP B 201 -13.25 -49.55 46.31
CA ASP B 201 -13.71 -50.39 47.40
C ASP B 201 -14.90 -51.23 46.97
N GLU B 202 -15.09 -52.37 47.65
CA GLU B 202 -16.18 -53.27 47.31
C GLU B 202 -17.55 -52.66 47.61
N GLN B 203 -17.65 -51.82 48.63
CA GLN B 203 -18.93 -51.25 49.04
C GLN B 203 -19.48 -50.25 48.04
N VAL B 204 -18.68 -49.77 47.10
CA VAL B 204 -19.11 -48.72 46.17
C VAL B 204 -18.99 -49.21 44.74
N LEU B 205 -19.12 -50.53 44.54
CA LEU B 205 -19.05 -51.08 43.19
C LEU B 205 -20.26 -50.75 42.33
N LYS B 206 -21.33 -50.22 42.93
CA LYS B 206 -22.53 -49.86 42.19
C LYS B 206 -22.69 -48.35 42.04
N ALA B 207 -21.57 -47.64 41.90
CA ALA B 207 -21.60 -46.19 41.72
C ALA B 207 -21.95 -45.87 40.28
N LYS B 208 -21.85 -44.59 39.89
CA LYS B 208 -22.27 -44.17 38.58
C LYS B 208 -21.20 -43.36 37.84
N ASN B 209 -20.37 -42.63 38.58
CA ASN B 209 -19.44 -41.67 37.99
C ASN B 209 -18.04 -41.84 38.56
N ILE B 210 -17.54 -43.08 38.59
CA ILE B 210 -16.15 -43.36 38.92
C ILE B 210 -15.57 -44.25 37.84
N GLY B 211 -14.30 -44.62 38.01
CA GLY B 211 -13.61 -45.39 36.99
C GLY B 211 -14.01 -46.84 36.90
N LEU B 212 -14.45 -47.44 38.00
CA LEU B 212 -14.78 -48.86 38.07
C LEU B 212 -16.12 -49.00 38.79
N CYS B 213 -17.20 -49.04 38.02
CA CYS B 213 -18.55 -49.16 38.59
C CYS B 213 -19.50 -49.59 37.48
N SER B 214 -20.74 -49.89 37.89
CA SER B 214 -21.80 -50.26 36.95
C SER B 214 -23.13 -50.06 37.65
N THR B 215 -24.10 -49.49 36.91
CA THR B 215 -25.41 -49.20 37.46
C THR B 215 -26.47 -49.49 36.40
N ASP B 216 -27.73 -49.38 36.81
CA ASP B 216 -28.88 -49.65 35.95
C ASP B 216 -29.75 -48.40 35.83
N LEU B 217 -30.89 -48.55 35.16
CA LEU B 217 -31.83 -47.47 34.95
C LEU B 217 -33.05 -47.67 35.84
N THR B 218 -33.42 -46.63 36.58
CA THR B 218 -34.57 -46.68 37.47
C THR B 218 -35.43 -45.44 37.27
N GLU B 219 -36.74 -45.61 37.46
CA GLU B 219 -37.69 -44.50 37.37
C GLU B 219 -37.86 -43.76 38.68
N GLY B 220 -37.29 -44.26 39.76
CA GLY B 220 -37.43 -43.63 41.06
C GLY B 220 -38.48 -44.31 41.92
N ARG B 221 -38.31 -44.21 43.23
CA ARG B 221 -39.24 -44.82 44.17
C ARG B 221 -39.19 -44.04 45.47
N ARG B 222 -40.33 -43.47 45.87
CA ARG B 222 -40.37 -42.63 47.07
C ARG B 222 -40.11 -43.44 48.34
N GLY B 223 -40.54 -44.69 48.37
CA GLY B 223 -40.40 -45.50 49.57
C GLY B 223 -39.83 -46.88 49.35
N LYS B 224 -38.84 -47.25 50.16
CA LYS B 224 -38.27 -48.59 50.13
C LYS B 224 -37.63 -48.87 51.48
N LEU B 225 -37.73 -50.11 51.92
CA LEU B 225 -37.20 -50.56 53.21
C LEU B 225 -35.98 -51.44 52.99
N SER B 226 -35.39 -51.87 54.10
CA SER B 226 -34.21 -52.72 54.07
C SER B 226 -34.33 -53.74 55.22
N ILE B 227 -33.23 -54.44 55.49
CA ILE B 227 -33.19 -55.47 56.51
C ILE B 227 -32.19 -55.15 57.61
N MET B 228 -31.46 -54.04 57.50
CA MET B 228 -30.44 -53.70 58.47
C MET B 228 -30.25 -52.18 58.48
N ARG B 229 -29.83 -51.66 59.63
CA ARG B 229 -29.58 -50.24 59.80
C ARG B 229 -28.20 -49.88 59.26
N GLY B 230 -28.09 -48.71 58.66
CA GLY B 230 -26.83 -48.24 58.13
C GLY B 230 -26.18 -47.18 59.00
N LYS B 231 -26.32 -45.91 58.58
CA LYS B 231 -25.85 -44.71 59.28
C LYS B 231 -24.35 -44.57 59.30
N LYS B 232 -23.59 -45.55 58.79
CA LYS B 232 -22.14 -45.46 58.76
C LYS B 232 -21.64 -46.14 57.49
N LEU B 233 -20.80 -45.42 56.73
CA LEU B 233 -20.13 -45.97 55.56
C LEU B 233 -18.64 -45.64 55.68
N GLU B 234 -17.84 -46.64 56.03
CA GLU B 234 -16.41 -46.46 56.21
C GLU B 234 -15.66 -47.52 55.42
N PRO B 235 -14.42 -47.24 55.02
CA PRO B 235 -13.66 -48.23 54.24
C PRO B 235 -13.45 -49.52 55.02
N CYS B 236 -13.48 -50.63 54.29
N CYS B 236 -13.48 -50.63 54.29
CA CYS B 236 -13.28 -51.96 54.85
CA CYS B 236 -13.28 -51.96 54.84
C CYS B 236 -11.99 -52.57 54.29
C CYS B 236 -12.00 -52.57 54.28
N ASP B 237 -11.68 -53.78 54.74
CA ASP B 237 -10.45 -54.45 54.35
C ASP B 237 -10.67 -55.35 53.13
N ARG B 238 -11.10 -54.74 52.03
CA ARG B 238 -11.29 -55.46 50.77
C ARG B 238 -11.34 -54.46 49.63
N VAL B 239 -10.39 -54.56 48.71
CA VAL B 239 -10.33 -53.69 47.55
C VAL B 239 -10.10 -54.53 46.30
N LEU B 240 -10.40 -53.94 45.15
CA LEU B 240 -10.26 -54.62 43.87
C LEU B 240 -9.42 -53.75 42.94
N PHE B 241 -8.49 -54.39 42.22
CA PHE B 241 -7.62 -53.71 41.28
C PHE B 241 -7.93 -54.15 39.85
N SER B 242 -7.86 -53.20 38.92
CA SER B 242 -8.07 -53.48 37.50
C SER B 242 -6.93 -52.84 36.72
N VAL B 243 -6.05 -53.66 36.18
CA VAL B 243 -4.89 -53.20 35.42
C VAL B 243 -5.21 -53.45 33.95
N GLY B 244 -5.80 -52.47 33.30
CA GLY B 244 -6.15 -52.57 31.90
C GLY B 244 -7.38 -53.42 31.67
N SER B 245 -7.24 -54.74 31.82
CA SER B 245 -8.37 -55.64 31.68
C SER B 245 -8.36 -56.79 32.67
N THR B 246 -7.41 -56.85 33.60
CA THR B 246 -7.27 -57.97 34.51
C THR B 246 -7.67 -57.55 35.92
N LEU B 247 -8.31 -58.46 36.64
CA LEU B 247 -8.82 -58.18 37.98
C LEU B 247 -7.94 -58.82 39.04
N TYR B 248 -7.61 -58.05 40.07
CA TYR B 248 -6.81 -58.52 41.19
C TYR B 248 -7.43 -58.07 42.52
N PRO B 249 -7.89 -59.00 43.35
CA PRO B 249 -8.37 -58.62 44.69
C PRO B 249 -7.25 -58.55 45.71
N GLU B 250 -7.27 -57.49 46.52
CA GLU B 250 -6.24 -57.24 47.51
C GLU B 250 -6.88 -56.88 48.84
N SER B 251 -6.05 -56.67 49.85
CA SER B 251 -6.48 -56.30 51.19
C SER B 251 -5.66 -55.11 51.68
N ARG B 252 -6.29 -54.28 52.52
CA ARG B 252 -5.64 -53.06 52.97
C ARG B 252 -4.51 -53.34 53.96
N LYS B 253 -4.69 -54.34 54.83
CA LYS B 253 -3.71 -54.61 55.87
C LYS B 253 -2.36 -55.00 55.28
N LEU B 254 -2.38 -55.85 54.25
CA LEU B 254 -1.13 -56.28 53.64
C LEU B 254 -0.47 -55.17 52.83
N LEU B 255 -1.28 -54.33 52.17
CA LEU B 255 -0.71 -53.23 51.40
C LEU B 255 0.00 -52.22 52.30
N LYS B 256 -0.60 -51.89 53.44
CA LYS B 256 -0.01 -50.90 54.34
C LYS B 256 1.24 -51.42 55.03
N SER B 257 1.46 -52.73 55.06
CA SER B 257 2.63 -53.29 55.73
C SER B 257 3.91 -53.06 54.96
N TRP B 258 3.84 -52.63 53.70
CA TRP B 258 5.03 -52.39 52.89
C TRP B 258 5.45 -50.92 52.89
N HIS B 259 4.78 -50.08 53.69
CA HIS B 259 5.16 -48.68 53.82
C HIS B 259 6.13 -48.54 55.00
N LEU B 260 7.30 -49.15 54.82
CA LEU B 260 8.28 -49.24 55.89
C LEU B 260 8.89 -47.86 56.18
N PRO B 261 9.30 -47.63 57.43
CA PRO B 261 9.95 -46.35 57.78
C PRO B 261 11.40 -46.34 57.33
N SER B 262 12.08 -45.25 57.68
CA SER B 262 13.48 -45.08 57.27
C SER B 262 14.39 -46.11 57.93
N VAL B 263 14.16 -46.38 59.22
CA VAL B 263 15.00 -47.32 59.96
C VAL B 263 14.12 -48.04 60.98
N PHE B 264 14.37 -49.33 61.15
CA PHE B 264 13.60 -50.15 62.08
C PHE B 264 14.46 -51.29 62.58
N HIS B 265 14.03 -51.92 63.67
CA HIS B 265 14.74 -53.01 64.30
C HIS B 265 13.89 -54.28 64.30
N LEU B 266 14.53 -55.41 63.98
CA LEU B 266 13.90 -56.71 64.05
C LEU B 266 14.52 -57.48 65.22
N LYS B 267 13.71 -57.75 66.24
CA LYS B 267 14.17 -58.39 67.47
C LYS B 267 13.54 -59.76 67.59
N GLY B 268 14.37 -60.79 67.72
CA GLY B 268 13.91 -62.15 67.93
C GLY B 268 14.98 -62.98 68.61
N LYS B 269 15.18 -64.21 68.14
CA LYS B 269 16.34 -64.98 68.59
C LYS B 269 17.64 -64.28 68.18
N LEU B 270 17.67 -63.71 66.98
CA LEU B 270 18.75 -62.88 66.51
C LEU B 270 18.21 -61.50 66.17
N SER B 271 19.08 -60.49 66.24
CA SER B 271 18.68 -59.11 66.05
C SER B 271 19.37 -58.53 64.81
N PHE B 272 18.64 -57.67 64.08
CA PHE B 272 19.16 -57.05 62.88
C PHE B 272 18.75 -55.59 62.85
N THR B 273 19.48 -54.80 62.07
CA THR B 273 19.17 -53.39 61.84
C THR B 273 19.00 -53.17 60.34
N CYS B 274 17.93 -52.50 59.96
CA CYS B 274 17.54 -52.38 58.56
C CYS B 274 17.33 -50.93 58.16
N ARG B 275 17.45 -50.67 56.86
CA ARG B 275 17.21 -49.36 56.29
C ARG B 275 16.46 -49.52 54.97
N CYS B 276 15.67 -48.50 54.63
CA CYS B 276 14.86 -48.54 53.41
C CYS B 276 14.99 -47.22 52.66
N ASP B 277 15.29 -47.30 51.37
CA ASP B 277 15.43 -46.13 50.52
C ASP B 277 14.66 -46.35 49.22
N THR B 278 14.32 -45.25 48.56
CA THR B 278 13.67 -45.26 47.26
C THR B 278 14.64 -44.73 46.21
N VAL B 279 14.83 -45.50 45.14
CA VAL B 279 15.83 -45.17 44.14
C VAL B 279 15.21 -44.75 42.80
N VAL B 280 14.02 -45.22 42.46
CA VAL B 280 13.37 -44.89 41.20
C VAL B 280 11.90 -44.64 41.46
N SER B 281 11.36 -43.55 40.89
CA SER B 281 9.95 -43.22 41.00
C SER B 281 9.48 -42.61 39.69
N CYS B 282 8.37 -43.15 39.16
CA CYS B 282 7.83 -42.65 37.90
C CYS B 282 6.31 -42.80 37.93
N GLU B 283 5.61 -41.75 38.35
CA GLU B 283 4.16 -41.61 38.21
C GLU B 283 3.38 -42.74 38.87
N GLY B 284 3.93 -43.37 39.91
CA GLY B 284 3.19 -44.39 40.63
C GLY B 284 3.99 -45.63 40.94
N TYR B 285 4.90 -46.01 40.05
CA TYR B 285 5.79 -47.14 40.29
C TYR B 285 7.04 -46.66 41.04
N VAL B 286 7.45 -47.44 42.03
CA VAL B 286 8.64 -47.14 42.83
C VAL B 286 9.49 -48.39 42.95
N VAL B 287 10.77 -48.19 43.22
CA VAL B 287 11.71 -49.28 43.49
C VAL B 287 12.36 -49.01 44.84
N LYS B 288 12.35 -50.01 45.71
CA LYS B 288 12.86 -49.87 47.07
C LYS B 288 13.99 -50.86 47.31
N ARG B 289 15.06 -50.38 47.95
CA ARG B 289 16.21 -51.20 48.30
C ARG B 289 16.34 -51.25 49.81
N ILE B 290 16.50 -52.45 50.35
CA ILE B 290 16.56 -52.68 51.78
C ILE B 290 17.86 -53.41 52.10
N THR B 291 18.58 -52.93 53.11
CA THR B 291 19.81 -53.54 53.56
C THR B 291 19.66 -53.98 55.01
N MET B 292 20.15 -55.19 55.30
CA MET B 292 20.04 -55.77 56.64
C MET B 292 21.43 -56.19 57.12
N SER B 293 21.73 -55.90 58.38
CA SER B 293 23.02 -56.21 58.97
C SER B 293 22.84 -56.83 60.34
N PRO B 294 23.75 -57.72 60.74
CA PRO B 294 23.66 -58.31 62.08
C PRO B 294 23.95 -57.28 63.17
N GLY B 295 23.43 -57.56 64.36
CA GLY B 295 23.61 -56.68 65.50
C GLY B 295 22.38 -55.84 65.77
N LEU B 296 22.46 -55.06 66.85
CA LEU B 296 21.34 -54.23 67.27
C LEU B 296 21.90 -53.00 68.00
N TYR B 297 22.01 -51.89 67.29
CA TYR B 297 22.45 -50.64 67.89
C TYR B 297 22.04 -49.48 67.00
N GLY B 298 21.72 -48.35 67.64
CA GLY B 298 21.18 -47.19 66.97
C GLY B 298 19.91 -46.72 67.64
N LYS B 299 19.15 -45.86 66.97
CA LYS B 299 17.88 -45.40 67.52
C LYS B 299 16.92 -45.11 66.38
N THR B 300 15.63 -45.24 66.65
CA THR B 300 14.59 -45.08 65.65
C THR B 300 13.62 -43.97 66.07
N THR B 301 12.99 -43.35 65.08
CA THR B 301 11.99 -42.31 65.31
C THR B 301 10.59 -42.70 64.85
N GLY B 302 10.47 -43.58 63.87
CA GLY B 302 9.17 -44.06 63.43
C GLY B 302 8.43 -43.08 62.53
N TYR B 303 9.10 -42.62 61.47
CA TYR B 303 8.49 -41.71 60.51
C TYR B 303 8.77 -42.19 59.09
N ALA B 304 7.83 -41.91 58.19
CA ALA B 304 7.96 -42.22 56.78
C ALA B 304 7.80 -40.94 55.97
N VAL B 305 8.65 -40.77 54.96
CA VAL B 305 8.70 -39.55 54.16
C VAL B 305 8.53 -39.93 52.69
N THR B 306 7.64 -39.21 52.01
CA THR B 306 7.39 -39.40 50.59
C THR B 306 7.62 -38.09 49.86
N HIS B 307 8.30 -38.16 48.72
CA HIS B 307 8.60 -36.99 47.90
C HIS B 307 7.69 -36.97 46.68
N HIS B 308 7.05 -35.83 46.44
CA HIS B 308 6.10 -35.68 45.35
C HIS B 308 6.77 -34.91 44.21
N ALA B 309 6.87 -35.55 43.05
CA ALA B 309 7.36 -34.90 41.84
C ALA B 309 6.25 -34.28 41.01
N ASP B 310 5.00 -34.67 41.24
CA ASP B 310 3.85 -34.10 40.55
C ASP B 310 2.70 -33.95 41.54
N GLY B 311 1.66 -33.26 41.11
CA GLY B 311 0.56 -32.96 42.01
C GLY B 311 -0.18 -34.20 42.47
N PHE B 312 -0.70 -34.11 43.70
CA PHE B 312 -1.48 -35.18 44.31
C PHE B 312 -2.70 -34.56 44.98
N LEU B 313 -3.89 -35.00 44.60
CA LEU B 313 -5.13 -34.44 45.10
C LEU B 313 -5.98 -35.51 45.78
N MET B 314 -6.80 -35.07 46.72
CA MET B 314 -7.79 -35.92 47.37
C MET B 314 -8.91 -35.04 47.90
N CYS B 315 -10.12 -35.24 47.38
CA CYS B 315 -11.24 -34.37 47.68
C CYS B 315 -12.45 -35.23 48.05
N LYS B 316 -13.57 -34.55 48.33
CA LYS B 316 -14.82 -35.20 48.70
C LYS B 316 -15.85 -34.98 47.60
N THR B 317 -16.48 -36.06 47.14
CA THR B 317 -17.44 -36.01 46.06
C THR B 317 -18.75 -36.65 46.48
N THR B 318 -19.83 -36.17 45.89
CA THR B 318 -21.17 -36.71 46.12
C THR B 318 -21.60 -37.51 44.90
N ASP B 319 -21.98 -38.76 45.12
CA ASP B 319 -22.36 -39.66 44.03
C ASP B 319 -23.53 -40.53 44.48
N THR B 320 -24.26 -41.05 43.50
CA THR B 320 -25.42 -41.89 43.75
C THR B 320 -24.99 -43.36 43.70
N VAL B 321 -25.21 -44.07 44.79
CA VAL B 321 -24.89 -45.49 44.91
C VAL B 321 -26.19 -46.26 45.05
N ASP B 322 -26.52 -47.05 44.02
CA ASP B 322 -27.73 -47.86 43.99
C ASP B 322 -28.99 -47.02 44.23
N GLY B 323 -29.02 -45.81 43.68
CA GLY B 323 -30.17 -44.93 43.79
C GLY B 323 -30.16 -44.00 44.98
N GLU B 324 -29.15 -44.08 45.85
CA GLU B 324 -29.10 -43.28 47.07
C GLU B 324 -27.88 -42.37 47.04
N ARG B 325 -28.07 -41.11 47.45
CA ARG B 325 -26.98 -40.15 47.46
C ARG B 325 -26.08 -40.38 48.66
N VAL B 326 -24.78 -40.60 48.40
CA VAL B 326 -23.77 -40.79 49.43
C VAL B 326 -22.55 -39.96 49.06
N SER B 327 -21.73 -39.65 50.07
CA SER B 327 -20.51 -38.88 49.87
C SER B 327 -19.31 -39.67 50.38
N PHE B 328 -18.21 -39.60 49.64
CA PHE B 328 -16.97 -40.26 50.02
C PHE B 328 -15.81 -39.57 49.32
N SER B 329 -14.61 -40.07 49.54
CA SER B 329 -13.38 -39.42 49.10
C SER B 329 -12.70 -40.20 47.99
N VAL B 330 -12.10 -39.47 47.05
CA VAL B 330 -11.34 -40.05 45.94
C VAL B 330 -10.01 -39.32 45.84
N CYS B 331 -9.08 -39.94 45.11
CA CYS B 331 -7.74 -39.38 44.94
C CYS B 331 -7.23 -39.69 43.54
N THR B 332 -6.24 -38.90 43.10
CA THR B 332 -5.68 -39.04 41.76
C THR B 332 -4.36 -38.29 41.71
N TYR B 333 -3.72 -38.35 40.54
CA TYR B 333 -2.48 -37.64 40.27
C TYR B 333 -2.70 -36.60 39.17
N VAL B 334 -1.91 -35.52 39.23
CA VAL B 334 -1.99 -34.43 38.27
C VAL B 334 -0.59 -34.14 37.72
N PRO B 335 -0.44 -33.92 36.42
CA PRO B 335 0.87 -33.57 35.88
C PRO B 335 1.37 -32.23 36.42
N ALA B 336 2.70 -32.10 36.50
CA ALA B 336 3.30 -30.93 37.11
C ALA B 336 3.09 -29.67 36.27
N THR B 337 3.06 -29.81 34.94
CA THR B 337 2.90 -28.64 34.08
C THR B 337 1.54 -27.98 34.29
N ILE B 338 0.48 -28.78 34.45
CA ILE B 338 -0.85 -28.22 34.68
C ILE B 338 -0.89 -27.45 36.00
N CYS B 339 -0.26 -28.00 37.04
CA CYS B 339 -0.28 -27.36 38.35
C CYS B 339 0.42 -26.02 38.33
N ASP B 340 1.53 -25.91 37.59
CA ASP B 340 2.32 -24.68 37.59
C ASP B 340 1.61 -23.54 36.87
N GLN B 341 0.74 -23.85 35.92
CA GLN B 341 0.10 -22.83 35.10
C GLN B 341 -1.21 -22.32 35.68
N MET B 342 -1.60 -22.77 36.87
CA MET B 342 -2.82 -22.30 37.52
C MET B 342 -2.51 -21.63 38.86
N THR B 343 -1.29 -21.11 39.01
CA THR B 343 -0.92 -20.45 40.26
C THR B 343 -1.64 -19.13 40.42
N GLY B 344 -1.69 -18.32 39.36
CA GLY B 344 -2.35 -17.02 39.44
C GLY B 344 -3.85 -17.08 39.41
N ILE B 345 -4.42 -18.13 38.82
CA ILE B 345 -5.88 -18.23 38.76
C ILE B 345 -6.46 -18.52 40.14
N LEU B 346 -5.79 -19.36 40.93
CA LEU B 346 -6.28 -19.77 42.24
C LEU B 346 -6.10 -18.69 43.30
N ALA B 347 -5.70 -17.48 42.92
CA ALA B 347 -5.58 -16.39 43.89
C ALA B 347 -6.93 -15.83 44.31
N THR B 348 -8.00 -16.14 43.58
CA THR B 348 -9.34 -15.66 43.93
C THR B 348 -10.31 -16.82 44.02
N GLU B 349 -11.60 -16.53 44.15
CA GLU B 349 -12.64 -17.54 44.22
C GLU B 349 -13.21 -17.78 42.83
N VAL B 350 -13.27 -19.04 42.42
CA VAL B 350 -13.74 -19.42 41.10
C VAL B 350 -14.79 -20.50 41.24
N THR B 351 -15.81 -20.44 40.38
CA THR B 351 -16.85 -21.46 40.35
C THR B 351 -16.33 -22.71 39.67
N PRO B 352 -16.91 -23.88 39.98
CA PRO B 352 -16.49 -25.11 39.29
C PRO B 352 -16.66 -25.05 37.79
N GLU B 353 -17.68 -24.33 37.30
CA GLU B 353 -17.89 -24.23 35.85
C GLU B 353 -16.73 -23.50 35.19
N ASP B 354 -16.28 -22.38 35.78
CA ASP B 354 -15.18 -21.62 35.19
C ASP B 354 -13.88 -22.42 35.22
N ALA B 355 -13.62 -23.12 36.32
CA ALA B 355 -12.38 -23.89 36.43
C ALA B 355 -12.33 -24.99 35.38
N GLN B 356 -13.48 -25.60 35.07
CA GLN B 356 -13.51 -26.65 34.06
C GLN B 356 -13.16 -26.09 32.68
N LYS B 357 -13.64 -24.88 32.37
CA LYS B 357 -13.36 -24.30 31.06
C LYS B 357 -11.89 -24.02 30.87
N LEU B 358 -11.22 -23.49 31.90
CA LEU B 358 -9.79 -23.20 31.79
C LEU B 358 -8.97 -24.48 31.68
N LEU B 359 -9.37 -25.52 32.41
CA LEU B 359 -8.63 -26.78 32.36
C LEU B 359 -8.66 -27.40 30.97
N VAL B 360 -9.83 -27.35 30.32
CA VAL B 360 -9.92 -27.87 28.95
C VAL B 360 -9.05 -27.07 28.00
N GLY B 361 -9.07 -25.74 28.14
CA GLY B 361 -8.24 -24.91 27.28
C GLY B 361 -6.76 -25.11 27.53
N LEU B 362 -6.37 -25.26 28.79
CA LEU B 362 -4.95 -25.47 29.12
C LEU B 362 -4.45 -26.81 28.57
N ASN B 363 -5.36 -27.77 28.37
CA ASN B 363 -5.00 -29.07 27.85
C ASN B 363 -4.61 -29.06 26.37
N GLN B 364 -4.83 -27.95 25.68
CA GLN B 364 -4.56 -27.89 24.24
C GLN B 364 -3.60 -26.79 23.85
N ARG B 365 -3.68 -25.61 24.47
CA ARG B 365 -2.85 -24.49 24.04
C ARG B 365 -2.63 -23.54 25.20
N ILE B 366 -1.47 -22.89 25.19
CA ILE B 366 -1.11 -21.86 26.17
C ILE B 366 -0.48 -20.70 25.41
N VAL B 367 -0.88 -19.48 25.78
CA VAL B 367 -0.35 -18.26 25.17
C VAL B 367 0.80 -17.75 26.03
N VAL B 368 1.92 -17.46 25.39
CA VAL B 368 3.12 -16.94 26.06
C VAL B 368 3.59 -15.70 25.31
N ASN B 369 3.57 -14.56 25.99
CA ASN B 369 4.04 -13.28 25.43
C ASN B 369 3.34 -12.97 24.10
N GLY B 370 2.05 -13.26 24.04
CA GLY B 370 1.29 -13.03 22.83
C GLY B 370 1.43 -14.10 21.77
N ARG B 371 2.17 -15.17 22.04
CA ARG B 371 2.39 -16.26 21.09
C ARG B 371 1.72 -17.52 21.62
N THR B 372 1.02 -18.22 20.73
CA THR B 372 0.28 -19.42 21.10
C THR B 372 1.09 -20.66 20.73
N GLN B 373 1.20 -21.59 21.67
CA GLN B 373 1.93 -22.84 21.46
C GLN B 373 1.12 -23.99 22.01
N ARG B 374 1.42 -25.19 21.50
CA ARG B 374 0.66 -26.39 21.83
C ARG B 374 1.27 -27.07 23.05
N ASN B 375 0.43 -27.56 23.94
CA ASN B 375 0.88 -28.26 25.13
C ASN B 375 1.13 -29.74 24.80
N THR B 376 2.31 -30.23 25.17
CA THR B 376 2.71 -31.60 24.92
C THR B 376 2.53 -32.49 26.16
N ASN B 377 1.93 -31.98 27.22
CA ASN B 377 1.69 -32.73 28.46
C ASN B 377 0.19 -32.76 28.71
N THR B 378 -0.48 -33.76 28.14
CA THR B 378 -1.93 -33.88 28.28
C THR B 378 -2.29 -34.84 29.41
N MET B 379 -3.56 -34.82 29.79
CA MET B 379 -4.09 -35.70 30.82
C MET B 379 -5.41 -36.28 30.35
N LYS B 380 -5.79 -37.42 30.94
CA LYS B 380 -7.01 -38.10 30.55
C LYS B 380 -8.22 -37.22 30.82
N ASN B 381 -9.17 -37.25 29.89
CA ASN B 381 -10.33 -36.35 29.94
C ASN B 381 -11.41 -36.80 30.91
N TYR B 382 -11.37 -38.04 31.39
CA TYR B 382 -12.40 -38.51 32.30
C TYR B 382 -12.12 -38.15 33.75
N MET B 383 -11.00 -37.50 34.05
CA MET B 383 -10.68 -37.06 35.39
C MET B 383 -10.78 -35.54 35.55
N ILE B 384 -11.07 -34.81 34.48
CA ILE B 384 -11.15 -33.35 34.58
C ILE B 384 -12.29 -32.88 35.49
N PRO B 385 -13.53 -33.42 35.39
CA PRO B 385 -14.61 -32.91 36.24
C PRO B 385 -14.31 -32.96 37.74
N VAL B 386 -13.69 -34.05 38.21
CA VAL B 386 -13.44 -34.19 39.64
C VAL B 386 -12.30 -33.26 40.06
N VAL B 387 -11.32 -33.06 39.18
CA VAL B 387 -10.19 -32.19 39.51
C VAL B 387 -10.65 -30.74 39.64
N ALA B 388 -11.54 -30.31 38.74
CA ALA B 388 -12.04 -28.94 38.77
C ALA B 388 -12.78 -28.64 40.06
N GLN B 389 -13.55 -29.61 40.56
CA GLN B 389 -14.26 -29.44 41.82
C GLN B 389 -13.30 -29.24 42.98
N ALA B 390 -12.21 -30.00 42.99
CA ALA B 390 -11.25 -29.93 44.09
C ALA B 390 -10.57 -28.57 44.15
N PHE B 391 -10.22 -28.00 42.99
CA PHE B 391 -9.53 -26.72 42.95
C PHE B 391 -10.42 -25.61 43.49
N SER B 392 -11.72 -25.65 43.19
CA SER B 392 -12.63 -24.61 43.67
C SER B 392 -12.72 -24.61 45.19
N LYS B 393 -12.76 -25.79 45.80
CA LYS B 393 -12.82 -25.89 47.26
C LYS B 393 -11.55 -25.35 47.90
N TRP B 394 -10.39 -25.63 47.29
CA TRP B 394 -9.12 -25.18 47.85
C TRP B 394 -9.04 -23.66 47.88
N ALA B 395 -9.50 -23.00 46.82
CA ALA B 395 -9.43 -21.55 46.76
C ALA B 395 -10.28 -20.87 47.82
N LYS B 396 -11.47 -21.41 48.10
CA LYS B 396 -12.35 -20.80 49.10
C LYS B 396 -11.77 -20.93 50.51
N GLU B 397 -11.17 -22.08 50.82
CA GLU B 397 -10.64 -22.30 52.16
C GLU B 397 -9.49 -21.37 52.48
N CYS B 398 -8.61 -21.11 51.50
CA CYS B 398 -7.47 -20.23 51.75
C CYS B 398 -7.91 -18.80 52.03
N ARG B 399 -8.94 -18.33 51.33
CA ARG B 399 -9.42 -16.96 51.54
C ARG B 399 -9.98 -16.76 52.94
N LYS B 400 -10.72 -17.75 53.46
CA LYS B 400 -11.30 -17.61 54.79
C LYS B 400 -10.25 -17.57 55.90
N ASP B 401 -9.09 -18.17 55.67
CA ASP B 401 -8.03 -18.13 56.67
C ASP B 401 -7.42 -16.74 56.80
N MET B 402 -7.28 -16.03 55.68
CA MET B 402 -6.71 -14.69 55.72
C MET B 402 -7.65 -13.70 56.40
N GLU B 403 -8.96 -13.87 56.22
CA GLU B 403 -9.94 -12.96 56.81
C GLU B 403 -10.05 -13.09 58.32
N ASP B 404 -9.47 -14.14 58.91
CA ASP B 404 -9.51 -14.37 60.35
C ASP B 404 -8.09 -14.59 60.82
N GLU B 405 -7.48 -13.55 61.39
CA GLU B 405 -6.11 -13.61 61.87
C GLU B 405 -6.10 -13.69 63.40
N LYS B 406 -5.29 -14.60 63.93
CA LYS B 406 -5.15 -14.79 65.36
C LYS B 406 -3.84 -14.18 65.85
N LEU B 407 -3.70 -14.13 67.17
CA LEU B 407 -2.50 -13.57 67.79
C LEU B 407 -1.34 -14.55 67.66
N LEU B 408 -0.13 -14.04 67.89
CA LEU B 408 1.09 -14.81 67.74
C LEU B 408 1.46 -15.48 69.05
N GLY B 409 1.68 -16.80 69.00
CA GLY B 409 2.16 -17.54 70.15
C GLY B 409 1.10 -18.01 71.13
N VAL B 410 -0.18 -17.68 70.90
CA VAL B 410 -1.25 -18.07 71.80
C VAL B 410 -2.38 -18.67 70.99
N ARG B 411 -3.23 -19.44 71.66
CA ARG B 411 -4.41 -20.04 71.07
C ARG B 411 -5.62 -19.75 71.94
N GLU B 412 -6.79 -19.64 71.30
CA GLU B 412 -8.01 -19.19 71.97
C GLU B 412 -8.86 -20.41 72.31
N ARG B 413 -8.64 -20.94 73.50
CA ARG B 413 -9.44 -22.06 74.02
C ARG B 413 -10.42 -21.56 75.07
N THR B 414 -11.55 -21.04 74.57
CA THR B 414 -12.63 -20.61 75.46
C THR B 414 -13.97 -21.15 74.96
N CYS B 419 -10.92 -21.00 80.78
CA CYS B 419 -12.07 -21.76 81.25
C CYS B 419 -11.87 -23.26 81.03
N LEU B 420 -12.87 -23.91 80.44
CA LEU B 420 -12.83 -25.34 80.16
C LEU B 420 -12.50 -25.64 78.71
N TRP B 421 -11.70 -24.79 78.06
CA TRP B 421 -11.23 -25.00 76.69
C TRP B 421 -12.44 -25.04 75.76
N ALA B 422 -12.82 -26.20 75.23
CA ALA B 422 -13.96 -26.33 74.32
C ALA B 422 -13.72 -25.53 73.04
N PHE B 423 -12.54 -25.68 72.45
CA PHE B 423 -12.23 -24.99 71.20
C PHE B 423 -13.02 -25.60 70.04
N LYS B 424 -13.15 -24.83 68.97
CA LYS B 424 -13.94 -25.21 67.81
C LYS B 424 -13.02 -25.67 66.68
N LYS B 425 -13.45 -26.72 65.98
CA LYS B 425 -12.70 -27.28 64.86
C LYS B 425 -13.32 -26.83 63.54
N GLN B 426 -12.45 -26.61 62.54
CA GLN B 426 -12.89 -26.19 61.22
C GLN B 426 -13.10 -27.40 60.32
N LYS B 427 -13.66 -27.13 59.13
CA LYS B 427 -13.95 -28.17 58.15
C LYS B 427 -12.91 -28.17 57.04
N THR B 428 -12.51 -29.35 56.62
CA THR B 428 -11.55 -29.54 55.54
C THR B 428 -12.13 -30.47 54.51
N HIS B 429 -12.08 -30.06 53.23
CA HIS B 429 -12.67 -30.85 52.15
C HIS B 429 -11.69 -31.14 51.02
N THR B 430 -10.44 -30.71 51.14
CA THR B 430 -9.47 -30.92 50.07
C THR B 430 -8.06 -30.95 50.64
N VAL B 431 -7.28 -31.92 50.19
CA VAL B 431 -5.86 -32.01 50.50
C VAL B 431 -5.10 -31.95 49.18
N TYR B 432 -4.20 -30.98 49.05
CA TYR B 432 -3.50 -30.72 47.79
C TYR B 432 -2.01 -30.63 48.08
N LYS B 433 -1.24 -31.54 47.47
CA LYS B 433 0.21 -31.57 47.62
C LYS B 433 0.84 -31.15 46.30
N ARG B 434 1.47 -29.99 46.30
CA ARG B 434 2.09 -29.39 45.12
C ARG B 434 3.43 -30.05 44.83
N PRO B 435 3.94 -29.91 43.60
CA PRO B 435 5.26 -30.46 43.28
C PRO B 435 6.35 -29.91 44.19
N ASP B 436 7.36 -30.75 44.43
CA ASP B 436 8.49 -30.42 45.31
C ASP B 436 8.00 -30.16 46.74
N THR B 437 7.25 -31.12 47.25
CA THR B 437 6.70 -31.06 48.60
C THR B 437 6.66 -32.47 49.17
N GLN B 438 7.05 -32.60 50.44
CA GLN B 438 7.16 -33.89 51.09
C GLN B 438 5.99 -34.13 52.03
N SER B 439 5.69 -35.40 52.25
CA SER B 439 4.62 -35.83 53.16
C SER B 439 5.22 -36.74 54.21
N ILE B 440 4.86 -36.50 55.48
CA ILE B 440 5.43 -37.22 56.61
C ILE B 440 4.29 -37.88 57.38
N GLN B 441 4.52 -39.13 57.80
CA GLN B 441 3.53 -39.91 58.52
C GLN B 441 4.22 -40.78 59.55
N LYS B 442 3.44 -41.21 60.55
CA LYS B 442 3.96 -41.99 61.67
C LYS B 442 3.52 -43.44 61.55
N VAL B 443 4.49 -44.35 61.67
CA VAL B 443 4.25 -45.79 61.59
C VAL B 443 4.99 -46.46 62.75
N GLN B 444 4.90 -47.79 62.78
CA GLN B 444 5.56 -48.58 63.80
C GLN B 444 6.95 -49.00 63.33
N ALA B 445 7.94 -48.89 64.22
CA ALA B 445 9.32 -49.16 63.87
C ALA B 445 9.96 -50.26 64.72
N GLU B 446 9.21 -50.91 65.61
CA GLU B 446 9.74 -51.98 66.45
C GLU B 446 8.88 -53.22 66.28
N PHE B 447 9.52 -54.33 65.93
CA PHE B 447 8.83 -55.60 65.70
C PHE B 447 9.51 -56.70 66.50
N ASP B 448 8.72 -57.47 67.25
CA ASP B 448 9.25 -58.58 68.02
C ASP B 448 8.37 -59.82 68.02
N SER B 449 7.26 -59.84 67.27
CA SER B 449 6.33 -60.95 67.28
C SER B 449 6.33 -61.64 65.92
N PHE B 450 6.53 -62.95 65.94
CA PHE B 450 6.52 -63.76 64.72
C PHE B 450 5.80 -65.08 65.00
N VAL B 451 4.89 -65.46 64.12
CA VAL B 451 4.15 -66.70 64.22
C VAL B 451 4.30 -67.47 62.91
N VAL B 452 4.38 -68.79 63.01
CA VAL B 452 4.59 -69.62 61.83
C VAL B 452 3.64 -70.81 61.83
N PRO B 453 2.96 -71.09 60.72
CA PRO B 453 2.19 -72.34 60.61
C PRO B 453 3.09 -73.52 60.27
N SER B 454 3.70 -74.13 61.29
CA SER B 454 4.69 -75.17 61.09
C SER B 454 4.01 -76.46 60.64
N LEU B 455 3.65 -76.48 59.36
CA LEU B 455 3.12 -77.69 58.73
C LEU B 455 3.36 -77.57 57.23
N TRP B 456 3.75 -78.68 56.60
CA TRP B 456 4.05 -78.72 55.18
C TRP B 456 2.98 -79.53 54.46
N SER B 457 2.31 -78.90 53.50
CA SER B 457 1.29 -79.55 52.70
C SER B 457 1.56 -79.26 51.23
N SER B 458 1.56 -80.31 50.40
CA SER B 458 1.83 -80.17 48.99
C SER B 458 0.52 -80.13 48.21
N GLY B 459 0.32 -79.04 47.46
CA GLY B 459 -0.84 -78.90 46.62
C GLY B 459 -0.74 -79.55 45.27
N LEU B 460 0.40 -80.16 44.96
CA LEU B 460 0.59 -80.83 43.68
C LEU B 460 -0.31 -82.06 43.58
N SER B 461 -0.82 -82.30 42.38
CA SER B 461 -1.81 -83.34 42.15
C SER B 461 -1.23 -84.42 41.24
N ILE B 462 -1.79 -85.62 41.37
CA ILE B 462 -1.32 -86.75 40.56
C ILE B 462 -1.51 -86.52 39.06
N PRO B 463 -2.69 -86.10 38.58
CA PRO B 463 -2.83 -85.91 37.12
C PRO B 463 -1.87 -84.87 36.55
N LEU B 464 -1.58 -83.82 37.32
CA LEU B 464 -0.62 -82.82 36.85
C LEU B 464 0.80 -83.41 36.78
N ARG B 465 1.14 -84.28 37.73
CA ARG B 465 2.46 -84.93 37.70
C ARG B 465 2.62 -85.80 36.46
N THR B 466 1.58 -86.56 36.11
CA THR B 466 1.67 -87.43 34.95
C THR B 466 1.86 -86.64 33.67
N ARG B 467 1.13 -85.53 33.51
CA ARG B 467 1.24 -84.73 32.30
C ARG B 467 2.64 -84.12 32.16
N ILE B 468 3.19 -83.61 33.28
CA ILE B 468 4.51 -83.01 33.22
C ILE B 468 5.58 -84.06 32.92
N LYS B 469 5.49 -85.22 33.56
CA LYS B 469 6.42 -86.31 33.28
C LYS B 469 6.30 -86.78 31.83
N TRP B 470 5.07 -86.92 31.35
CA TRP B 470 4.84 -87.36 29.97
C TRP B 470 5.25 -86.30 28.97
N LEU B 471 5.23 -85.03 29.36
CA LEU B 471 5.64 -83.96 28.44
C LEU B 471 7.15 -83.92 28.28
N LEU B 472 7.89 -84.15 29.36
CA LEU B 472 9.35 -84.06 29.32
C LEU B 472 9.99 -85.30 28.69
N SER B 473 9.28 -86.42 28.61
CA SER B 473 9.86 -87.65 28.10
C SER B 473 10.25 -87.51 26.63
N LYS B 474 9.41 -86.85 25.83
CA LYS B 474 9.63 -86.73 24.39
C LYS B 474 10.68 -85.66 24.10
N VAL B 475 11.92 -86.01 24.39
CA VAL B 475 13.04 -85.11 24.10
C VAL B 475 13.22 -85.02 22.58
N PRO B 476 13.56 -83.86 22.02
CA PRO B 476 13.77 -83.69 20.58
C PRO B 476 14.93 -84.54 20.05
N ASP C 2 42.12 -29.68 33.43
CA ASP C 2 41.45 -30.81 34.05
C ASP C 2 40.00 -30.46 34.42
N PRO C 3 39.09 -30.60 33.46
CA PRO C 3 37.69 -30.29 33.75
C PRO C 3 37.12 -31.21 34.83
N VAL C 4 36.16 -30.68 35.59
CA VAL C 4 35.52 -31.39 36.67
C VAL C 4 34.14 -31.85 36.21
N TYR C 5 33.80 -33.11 36.49
CA TYR C 5 32.55 -33.70 36.06
C TYR C 5 31.57 -33.71 37.23
N VAL C 6 30.36 -33.23 36.99
CA VAL C 6 29.31 -33.21 38.00
C VAL C 6 28.12 -34.01 37.49
N ASP C 7 27.36 -34.57 38.43
CA ASP C 7 26.21 -35.42 38.10
C ASP C 7 24.93 -34.58 38.19
N ILE C 8 24.74 -33.73 37.17
CA ILE C 8 23.52 -32.93 37.04
C ILE C 8 23.09 -32.95 35.58
N ASP C 9 21.84 -32.57 35.35
CA ASP C 9 21.30 -32.50 34.00
C ASP C 9 22.01 -31.40 33.23
N ALA C 10 22.16 -31.63 31.92
CA ALA C 10 22.88 -30.68 31.07
C ALA C 10 22.11 -29.40 30.81
N ASP C 11 20.80 -29.38 31.08
CA ASP C 11 19.97 -28.20 30.83
C ASP C 11 19.47 -27.57 32.12
N SER C 12 20.03 -27.91 33.27
CA SER C 12 19.59 -27.34 34.53
C SER C 12 20.08 -25.91 34.67
N ALA C 13 19.33 -25.12 35.44
CA ALA C 13 19.69 -23.73 35.71
C ALA C 13 20.69 -23.58 36.84
N PHE C 14 20.99 -24.67 37.56
CA PHE C 14 21.95 -24.60 38.65
C PHE C 14 23.40 -24.55 38.16
N LEU C 15 23.65 -24.88 36.89
CA LEU C 15 25.01 -24.88 36.38
C LEU C 15 25.60 -23.47 36.36
N LYS C 16 24.80 -22.47 36.01
CA LYS C 16 25.30 -21.10 35.95
C LYS C 16 25.71 -20.61 37.34
N ALA C 17 24.89 -20.91 38.35
CA ALA C 17 25.23 -20.51 39.71
C ALA C 17 26.46 -21.25 40.22
N LEU C 18 26.57 -22.54 39.88
CA LEU C 18 27.71 -23.34 40.35
C LEU C 18 29.01 -22.83 39.76
N GLN C 19 29.01 -22.47 38.47
CA GLN C 19 30.22 -21.97 37.84
C GLN C 19 30.64 -20.63 38.41
N ARG C 20 29.66 -19.78 38.76
CA ARG C 20 29.97 -18.46 39.30
C ARG C 20 30.67 -18.55 40.64
N ALA C 21 30.26 -19.50 41.49
CA ALA C 21 30.86 -19.63 42.82
C ALA C 21 32.26 -20.23 42.78
N TYR C 22 32.62 -20.90 41.69
CA TYR C 22 33.92 -21.55 41.55
C TYR C 22 34.57 -21.08 40.25
N PRO C 23 35.12 -19.86 40.23
CA PRO C 23 35.74 -19.37 38.99
C PRO C 23 37.06 -20.04 38.65
N MET C 24 37.71 -20.70 39.61
CA MET C 24 39.00 -21.33 39.35
C MET C 24 38.88 -22.63 38.57
N PHE C 25 37.70 -23.26 38.57
CA PHE C 25 37.49 -24.52 37.88
C PHE C 25 36.59 -24.31 36.65
N GLU C 26 36.68 -25.25 35.72
CA GLU C 26 35.77 -25.34 34.60
C GLU C 26 34.95 -26.61 34.73
N VAL C 27 33.63 -26.47 34.67
CA VAL C 27 32.71 -27.54 35.03
C VAL C 27 31.77 -27.81 33.86
N GLU C 28 31.56 -29.09 33.57
CA GLU C 28 30.55 -29.54 32.62
C GLU C 28 29.80 -30.72 33.23
N PRO C 29 28.54 -30.91 32.87
CA PRO C 29 27.74 -31.96 33.50
C PRO C 29 27.88 -33.33 32.84
N ARG C 30 27.60 -34.36 33.63
CA ARG C 30 27.62 -35.74 33.14
C ARG C 30 26.69 -36.55 34.06
N GLN C 31 25.49 -36.85 33.57
CA GLN C 31 24.46 -37.48 34.38
C GLN C 31 24.48 -38.99 34.18
N VAL C 32 24.49 -39.73 35.29
CA VAL C 32 24.49 -41.19 35.24
C VAL C 32 23.44 -41.76 36.18
N THR C 33 22.91 -40.92 37.08
CA THR C 33 21.97 -41.39 38.08
C THR C 33 20.89 -40.34 38.33
N PRO C 34 19.61 -40.73 38.33
CA PRO C 34 18.52 -39.78 38.58
C PRO C 34 18.26 -39.56 40.07
N ASN C 35 19.27 -39.07 40.78
CA ASN C 35 19.13 -38.80 42.21
C ASN C 35 18.22 -37.59 42.43
N ASP C 36 17.58 -37.57 43.60
CA ASP C 36 16.70 -36.48 43.98
C ASP C 36 17.40 -35.38 44.76
N ALA C 37 18.70 -35.53 45.03
CA ALA C 37 19.48 -34.53 45.74
C ALA C 37 20.80 -34.29 45.01
N ALA C 38 20.70 -34.12 43.69
CA ALA C 38 21.90 -33.95 42.88
C ALA C 38 22.62 -32.64 43.20
N ASN C 39 21.85 -31.56 43.42
CA ASN C 39 22.47 -30.26 43.68
C ASN C 39 23.26 -30.28 44.99
N ALA C 40 22.72 -30.92 46.03
CA ALA C 40 23.40 -30.96 47.31
C ALA C 40 24.73 -31.71 47.21
N ARG C 41 24.75 -32.82 46.49
CA ARG C 41 25.98 -33.61 46.37
C ARG C 41 26.99 -32.92 45.46
N ALA C 42 26.51 -32.18 44.46
CA ALA C 42 27.43 -31.51 43.54
C ALA C 42 28.25 -30.43 44.26
N PHE C 43 27.61 -29.67 45.16
CA PHE C 43 28.33 -28.64 45.90
C PHE C 43 29.38 -29.25 46.81
N SER C 44 29.05 -30.36 47.48
CA SER C 44 30.00 -30.98 48.40
C SER C 44 31.22 -31.51 47.67
N HIS C 45 31.02 -32.07 46.47
CA HIS C 45 32.14 -32.61 45.71
C HIS C 45 33.13 -31.52 45.34
N LEU C 46 32.64 -30.35 44.92
CA LEU C 46 33.54 -29.27 44.51
C LEU C 46 34.24 -28.66 45.71
N ALA C 47 33.57 -28.62 46.87
CA ALA C 47 34.16 -28.02 48.05
C ALA C 47 35.40 -28.78 48.50
N ILE C 48 35.36 -30.12 48.45
CA ILE C 48 36.50 -30.92 48.87
C ILE C 48 37.68 -30.69 47.93
N LYS C 49 37.41 -30.57 46.62
CA LYS C 49 38.48 -30.36 45.65
C LYS C 49 39.21 -29.05 45.92
N LEU C 50 38.45 -27.99 46.24
CA LEU C 50 39.07 -26.70 46.53
C LEU C 50 39.94 -26.76 47.77
N ILE C 51 39.47 -27.44 48.82
CA ILE C 51 40.23 -27.52 50.06
C ILE C 51 41.53 -28.28 49.84
N GLU C 52 41.47 -29.40 49.11
CA GLU C 52 42.67 -30.20 48.88
C GLU C 52 43.69 -29.45 48.04
N GLN C 53 43.22 -28.61 47.12
CA GLN C 53 44.14 -27.86 46.27
C GLN C 53 44.93 -26.83 47.07
N GLU C 54 44.28 -26.15 48.00
CA GLU C 54 44.90 -25.06 48.74
C GLU C 54 45.62 -25.52 50.01
N ILE C 55 45.47 -26.79 50.39
CA ILE C 55 46.09 -27.28 51.61
C ILE C 55 47.52 -27.71 51.31
N ASP C 56 48.37 -27.62 52.32
CA ASP C 56 49.77 -28.01 52.18
C ASP C 56 49.87 -29.52 52.00
N PRO C 57 50.54 -30.01 50.95
CA PRO C 57 50.70 -31.45 50.78
C PRO C 57 51.52 -32.09 51.89
N ASP C 58 51.72 -33.41 51.79
CA ASP C 58 52.45 -34.23 52.76
C ASP C 58 52.11 -33.87 54.21
N SER C 59 50.83 -33.62 54.47
CA SER C 59 50.34 -33.34 55.80
C SER C 59 49.27 -34.35 56.19
N THR C 60 49.10 -34.56 57.49
CA THR C 60 48.15 -35.52 58.01
C THR C 60 46.85 -34.81 58.40
N ILE C 61 45.73 -35.40 58.01
CA ILE C 61 44.41 -34.79 58.18
C ILE C 61 43.52 -35.72 58.98
N LEU C 62 42.70 -35.13 59.85
CA LEU C 62 41.68 -35.86 60.59
C LEU C 62 40.34 -35.69 59.91
N ASP C 63 39.57 -36.77 59.84
CA ASP C 63 38.21 -36.75 59.33
C ASP C 63 37.28 -37.20 60.44
N ILE C 64 36.29 -36.38 60.76
CA ILE C 64 35.42 -36.61 61.91
C ILE C 64 34.09 -37.13 61.41
N GLY C 65 33.73 -38.35 61.82
CA GLY C 65 32.45 -38.93 61.47
C GLY C 65 32.25 -39.11 59.98
N SER C 66 33.27 -39.58 59.28
CA SER C 66 33.23 -39.69 57.83
C SER C 66 33.05 -41.13 57.38
N ALA C 67 32.76 -41.28 56.10
CA ALA C 67 32.71 -42.60 55.47
C ALA C 67 34.07 -42.91 54.85
N PRO C 68 34.74 -43.99 55.26
CA PRO C 68 36.10 -44.25 54.78
C PRO C 68 36.17 -44.85 53.39
N ALA C 69 35.05 -44.93 52.66
CA ALA C 69 35.06 -45.50 51.31
C ALA C 69 35.31 -44.48 50.22
N ARG C 70 35.02 -43.20 50.47
CA ARG C 70 35.20 -42.16 49.46
C ARG C 70 36.56 -41.48 49.55
N ARG C 71 37.41 -41.88 50.49
CA ARG C 71 38.78 -41.39 50.57
C ARG C 71 39.80 -42.44 50.15
N MET C 72 39.34 -43.54 49.55
CA MET C 72 40.25 -44.64 49.19
C MET C 72 41.24 -44.22 48.11
N MET C 73 40.78 -43.50 47.09
CA MET C 73 41.59 -43.16 45.93
C MET C 73 42.18 -41.76 46.02
N SER C 74 42.50 -41.29 47.22
CA SER C 74 43.10 -39.99 47.43
C SER C 74 44.52 -40.16 47.93
N ASP C 75 45.47 -39.47 47.30
CA ASP C 75 46.86 -39.56 47.69
C ASP C 75 47.17 -38.86 49.01
N ARG C 76 46.25 -38.04 49.51
CA ARG C 76 46.47 -37.38 50.79
C ARG C 76 46.43 -38.38 51.94
N LYS C 77 47.03 -37.99 53.05
CA LYS C 77 47.09 -38.83 54.24
C LYS C 77 45.87 -38.54 55.12
N TYR C 78 45.02 -39.55 55.30
CA TYR C 78 43.78 -39.40 56.06
C TYR C 78 43.77 -40.36 57.24
N HIS C 79 43.31 -39.87 58.39
CA HIS C 79 43.03 -40.68 59.56
C HIS C 79 41.56 -40.53 59.91
N CYS C 80 40.80 -41.60 59.74
CA CYS C 80 39.35 -41.56 59.85
C CYS C 80 38.92 -41.96 61.25
N VAL C 81 38.19 -41.08 61.92
CA VAL C 81 37.60 -41.35 63.23
C VAL C 81 36.17 -41.84 62.96
N CYS C 82 35.96 -43.15 63.12
CA CYS C 82 34.70 -43.79 62.72
C CYS C 82 34.13 -44.60 63.89
N PRO C 83 33.40 -43.95 64.80
CA PRO C 83 32.66 -44.71 65.81
C PRO C 83 31.44 -45.39 65.21
N MET C 84 30.66 -46.08 66.04
CA MET C 84 29.49 -46.81 65.55
C MET C 84 28.22 -46.31 66.19
N ARG C 85 28.06 -44.99 66.30
CA ARG C 85 26.90 -44.43 66.99
C ARG C 85 25.63 -44.56 66.15
N SER C 86 25.71 -44.31 64.86
CA SER C 86 24.54 -44.27 64.00
C SER C 86 24.20 -45.67 63.49
N ALA C 87 23.08 -45.77 62.77
CA ALA C 87 22.61 -47.03 62.20
C ALA C 87 23.07 -47.24 60.77
N GLU C 88 23.77 -46.28 60.17
CA GLU C 88 24.27 -46.40 58.81
C GLU C 88 25.71 -46.89 58.74
N ASP C 89 26.32 -47.18 59.89
CA ASP C 89 27.72 -47.59 59.97
C ASP C 89 27.96 -49.03 59.49
N PRO C 90 27.10 -50.01 59.83
CA PRO C 90 27.36 -51.37 59.32
C PRO C 90 27.46 -51.45 57.81
N GLU C 91 26.64 -50.70 57.08
CA GLU C 91 26.71 -50.72 55.62
C GLU C 91 27.99 -50.06 55.12
N ARG C 92 28.38 -48.94 55.74
CA ARG C 92 29.58 -48.23 55.28
C ARG C 92 30.84 -49.04 55.54
N LEU C 93 30.95 -49.65 56.73
CA LEU C 93 32.15 -50.42 57.04
C LEU C 93 32.26 -51.67 56.18
N ALA C 94 31.12 -52.34 55.93
CA ALA C 94 31.15 -53.52 55.08
C ALA C 94 31.53 -53.15 53.65
N ASN C 95 31.04 -52.01 53.16
CA ASN C 95 31.40 -51.57 51.82
C ASN C 95 32.89 -51.26 51.72
N TYR C 96 33.47 -50.67 52.77
CA TYR C 96 34.89 -50.36 52.77
C TYR C 96 35.73 -51.62 52.67
N ALA C 97 35.37 -52.66 53.41
CA ALA C 97 36.13 -53.91 53.37
C ALA C 97 35.98 -54.60 52.01
N ARG C 98 34.77 -54.59 51.46
CA ARG C 98 34.56 -55.26 50.17
C ARG C 98 35.31 -54.56 49.05
N LYS C 99 35.32 -53.22 49.06
CA LYS C 99 36.00 -52.49 47.99
C LYS C 99 37.51 -52.63 48.09
N LEU C 100 38.06 -52.74 49.31
CA LEU C 100 39.49 -52.91 49.46
C LEU C 100 39.96 -54.22 48.86
N ALA C 101 39.23 -55.32 49.11
CA ALA C 101 39.60 -56.61 48.58
C ALA C 101 39.25 -56.79 47.12
N SER C 102 38.33 -55.97 46.59
CA SER C 102 37.95 -56.09 45.19
C SER C 102 39.06 -55.69 44.24
N ALA C 103 40.01 -54.87 44.69
CA ALA C 103 41.14 -54.44 43.87
C ALA C 103 42.39 -54.43 44.74
N ALA C 104 43.13 -55.54 44.71
CA ALA C 104 44.36 -55.68 45.49
C ALA C 104 45.61 -55.70 44.62
N GLY C 105 45.47 -55.92 43.32
CA GLY C 105 46.62 -55.92 42.42
C GLY C 105 46.47 -54.92 41.29
N LYS C 106 45.24 -54.43 41.09
CA LYS C 106 45.00 -53.44 40.05
C LYS C 106 45.74 -52.13 40.35
N VAL C 107 45.72 -51.69 41.60
CA VAL C 107 46.41 -50.47 42.02
C VAL C 107 47.56 -50.87 42.93
N LEU C 108 48.75 -50.36 42.63
CA LEU C 108 49.96 -50.74 43.35
C LEU C 108 50.70 -49.54 43.93
N ASP C 109 50.08 -48.35 43.94
CA ASP C 109 50.75 -47.15 44.46
C ASP C 109 49.94 -46.40 45.51
N ARG C 110 48.65 -46.70 45.68
CA ARG C 110 47.80 -45.97 46.60
C ARG C 110 47.80 -46.58 48.01
N ASN C 111 48.85 -47.33 48.37
CA ASN C 111 48.98 -47.92 49.70
C ASN C 111 47.78 -48.79 50.05
N ILE C 112 47.31 -49.57 49.06
CA ILE C 112 46.19 -50.47 49.31
C ILE C 112 46.59 -51.55 50.30
N SER C 113 47.79 -52.10 50.16
CA SER C 113 48.25 -53.15 51.08
C SER C 113 48.36 -52.62 52.50
N GLY C 114 48.86 -51.40 52.66
CA GLY C 114 48.96 -50.81 53.99
C GLY C 114 47.61 -50.64 54.65
N LYS C 115 46.61 -50.18 53.89
CA LYS C 115 45.27 -50.03 54.44
C LYS C 115 44.68 -51.37 54.84
N ILE C 116 44.89 -52.41 54.02
CA ILE C 116 44.37 -53.73 54.35
C ILE C 116 45.03 -54.27 55.61
N GLY C 117 46.36 -54.12 55.72
CA GLY C 117 47.05 -54.57 56.92
C GLY C 117 46.61 -53.82 58.16
N ASP C 118 46.34 -52.52 58.01
CA ASP C 118 45.84 -51.74 59.14
C ASP C 118 44.48 -52.23 59.59
N LEU C 119 43.62 -52.59 58.65
CA LEU C 119 42.30 -53.11 59.00
C LEU C 119 42.40 -54.45 59.71
N GLN C 120 43.46 -55.21 59.43
CA GLN C 120 43.66 -56.49 60.11
C GLN C 120 43.87 -56.30 61.60
N ALA C 121 44.70 -55.32 61.98
CA ALA C 121 45.08 -55.17 63.39
C ALA C 121 43.91 -54.67 64.23
N VAL C 122 43.13 -53.73 63.71
CA VAL C 122 42.04 -53.15 64.48
C VAL C 122 40.96 -54.19 64.75
N MET C 123 40.71 -55.07 63.79
CA MET C 123 39.71 -56.12 64.00
C MET C 123 40.22 -57.18 64.98
N ALA C 124 41.53 -57.25 65.21
CA ALA C 124 42.07 -58.16 66.20
C ALA C 124 41.84 -57.64 67.61
N VAL C 125 42.40 -56.47 67.91
CA VAL C 125 42.17 -55.78 69.17
C VAL C 125 41.48 -54.45 68.87
N PRO C 126 40.36 -54.13 69.51
CA PRO C 126 39.58 -52.96 69.12
C PRO C 126 40.02 -51.65 69.77
N ASP C 127 41.04 -51.66 70.62
CA ASP C 127 41.47 -50.45 71.32
C ASP C 127 42.81 -49.91 70.85
N THR C 128 43.39 -50.50 69.80
CA THR C 128 44.68 -50.03 69.31
C THR C 128 44.51 -48.82 68.41
N GLU C 129 45.59 -48.07 68.24
CA GLU C 129 45.62 -46.94 67.33
C GLU C 129 46.18 -47.37 65.97
N THR C 130 45.94 -46.52 64.97
CA THR C 130 46.32 -46.84 63.59
C THR C 130 46.48 -45.54 62.83
N PRO C 131 47.50 -45.40 61.99
CA PRO C 131 47.65 -44.16 61.21
C PRO C 131 46.56 -43.91 60.20
N THR C 132 45.66 -44.87 59.96
CA THR C 132 44.61 -44.71 58.96
C THR C 132 43.22 -45.08 59.44
N PHE C 133 43.06 -45.59 60.66
CA PHE C 133 41.75 -45.98 61.14
C PHE C 133 41.68 -45.83 62.66
N CYS C 134 40.45 -45.74 63.16
CA CYS C 134 40.19 -45.56 64.58
C CYS C 134 38.71 -45.77 64.86
N LEU C 135 38.41 -46.27 66.07
CA LEU C 135 37.03 -46.46 66.50
C LEU C 135 36.70 -45.69 67.77
N HIS C 136 37.45 -44.62 68.06
CA HIS C 136 37.15 -43.77 69.20
C HIS C 136 36.27 -42.59 68.74
N THR C 137 36.02 -41.66 69.65
CA THR C 137 35.25 -40.47 69.33
C THR C 137 36.21 -39.32 69.03
N ASP C 138 35.64 -38.12 68.85
CA ASP C 138 36.47 -36.96 68.56
C ASP C 138 37.28 -36.53 69.78
N VAL C 139 36.81 -36.82 70.98
CA VAL C 139 37.49 -36.45 72.20
C VAL C 139 38.24 -37.64 72.81
N SER C 140 38.49 -38.68 72.03
CA SER C 140 39.17 -39.87 72.53
C SER C 140 40.35 -40.29 71.65
N CYS C 141 40.35 -39.91 70.38
CA CYS C 141 41.48 -40.23 69.52
C CYS C 141 42.75 -39.56 70.02
N ARG C 142 43.87 -40.29 69.95
CA ARG C 142 45.12 -39.85 70.54
C ARG C 142 46.15 -39.42 69.51
N GLN C 143 45.95 -39.73 68.22
CA GLN C 143 46.93 -39.37 67.20
C GLN C 143 46.94 -37.87 66.98
N ARG C 144 48.12 -37.33 66.67
CA ARG C 144 48.32 -35.90 66.49
C ARG C 144 48.58 -35.61 65.01
N ALA C 145 48.05 -34.47 64.55
CA ALA C 145 48.25 -34.03 63.17
C ALA C 145 48.03 -32.52 63.13
N ASP C 146 47.88 -31.98 61.92
CA ASP C 146 47.86 -30.54 61.72
C ASP C 146 46.51 -29.98 61.25
N VAL C 147 45.72 -30.76 60.52
CA VAL C 147 44.49 -30.27 59.90
C VAL C 147 43.34 -31.19 60.27
N ALA C 148 42.17 -30.59 60.52
CA ALA C 148 40.94 -31.33 60.77
C ALA C 148 39.86 -30.85 59.82
N ILE C 149 39.00 -31.77 59.38
CA ILE C 149 37.96 -31.48 58.41
C ILE C 149 36.63 -32.00 58.93
N TYR C 150 35.61 -31.14 58.95
CA TYR C 150 34.24 -31.52 59.25
C TYR C 150 33.40 -31.34 58.00
N GLN C 151 32.69 -32.40 57.60
CA GLN C 151 31.83 -32.39 56.43
C GLN C 151 30.43 -32.83 56.84
N ASP C 152 29.50 -31.88 56.87
CA ASP C 152 28.10 -32.13 57.22
C ASP C 152 27.99 -32.79 58.60
N VAL C 153 28.50 -32.10 59.61
CA VAL C 153 28.48 -32.57 60.98
C VAL C 153 27.66 -31.58 61.80
N TYR C 154 26.63 -32.10 62.47
CA TYR C 154 25.77 -31.28 63.33
C TYR C 154 25.54 -31.90 64.70
N ALA C 155 26.26 -32.97 65.04
CA ALA C 155 26.01 -33.71 66.27
C ALA C 155 27.03 -33.45 67.36
N VAL C 156 27.85 -32.40 67.23
CA VAL C 156 28.88 -32.11 68.20
C VAL C 156 28.75 -30.66 68.66
N HIS C 157 29.29 -30.39 69.84
CA HIS C 157 29.32 -29.04 70.40
C HIS C 157 30.63 -28.39 69.97
N ALA C 158 30.52 -27.31 69.18
CA ALA C 158 31.70 -26.78 68.48
C ALA C 158 32.78 -26.27 69.43
N PRO C 159 32.51 -25.43 70.44
CA PRO C 159 33.59 -25.01 71.32
C PRO C 159 34.31 -26.15 72.03
N THR C 160 33.57 -27.20 72.43
CA THR C 160 34.20 -28.32 73.12
C THR C 160 35.04 -29.15 72.16
N SER C 161 34.51 -29.42 70.96
CA SER C 161 35.24 -30.23 69.99
C SER C 161 36.50 -29.51 69.52
N LEU C 162 36.41 -28.21 69.27
CA LEU C 162 37.57 -27.47 68.76
C LEU C 162 38.70 -27.43 69.77
N TYR C 163 38.37 -27.28 71.06
CA TYR C 163 39.42 -27.21 72.08
C TYR C 163 40.22 -28.50 72.15
N HIS C 164 39.54 -29.65 72.07
CA HIS C 164 40.24 -30.92 72.14
C HIS C 164 41.14 -31.14 70.92
N GLN C 165 40.74 -30.63 69.76
CA GLN C 165 41.59 -30.74 68.57
C GLN C 165 42.82 -29.86 68.70
N ALA C 166 42.67 -28.67 69.28
CA ALA C 166 43.79 -27.74 69.36
C ALA C 166 44.88 -28.23 70.32
N ILE C 167 44.50 -29.05 71.30
CA ILE C 167 45.48 -29.58 72.25
C ILE C 167 46.50 -30.46 71.52
N LYS C 168 46.03 -31.30 70.61
CA LYS C 168 46.91 -32.19 69.86
C LYS C 168 47.78 -31.47 68.84
N GLY C 169 47.51 -30.18 68.57
CA GLY C 169 48.36 -29.42 67.67
C GLY C 169 47.76 -29.16 66.30
N VAL C 170 46.47 -28.84 66.25
CA VAL C 170 45.78 -28.52 65.01
C VAL C 170 45.67 -27.00 64.90
N ARG C 171 46.06 -26.47 63.74
CA ARG C 171 46.05 -25.03 63.51
C ARG C 171 45.11 -24.59 62.40
N LEU C 172 44.38 -25.51 61.76
CA LEU C 172 43.51 -25.15 60.65
C LEU C 172 42.37 -26.16 60.57
N ALA C 173 41.14 -25.65 60.45
CA ALA C 173 39.95 -26.49 60.37
C ALA C 173 39.00 -25.92 59.32
N TYR C 174 38.13 -26.79 58.80
CA TYR C 174 37.15 -26.42 57.79
C TYR C 174 35.79 -27.03 58.16
N TRP C 175 34.74 -26.37 57.69
CA TRP C 175 33.38 -26.81 57.97
C TRP C 175 32.50 -26.57 56.73
N VAL C 176 31.70 -27.58 56.39
CA VAL C 176 30.76 -27.51 55.27
C VAL C 176 29.39 -27.91 55.75
N GLY C 177 28.38 -27.11 55.44
CA GLY C 177 27.02 -27.44 55.84
C GLY C 177 26.06 -26.32 55.52
N PHE C 178 24.86 -26.47 56.06
CA PHE C 178 23.78 -25.51 55.86
C PHE C 178 24.09 -24.19 56.56
N ASP C 179 23.41 -23.13 56.11
CA ASP C 179 23.52 -21.85 56.78
C ASP C 179 22.75 -21.86 58.10
N THR C 180 23.35 -21.26 59.12
CA THR C 180 22.78 -21.25 60.46
C THR C 180 21.92 -20.02 60.73
N THR C 181 21.91 -19.05 59.82
CA THR C 181 21.20 -17.79 60.07
C THR C 181 19.72 -17.97 60.38
N PRO C 182 18.94 -18.81 59.69
CA PRO C 182 17.51 -18.90 60.02
C PRO C 182 17.24 -19.34 61.46
N PHE C 183 18.10 -20.15 62.05
CA PHE C 183 17.87 -20.65 63.40
C PHE C 183 18.23 -19.64 64.48
N MET C 184 18.98 -18.59 64.15
CA MET C 184 19.28 -17.54 65.11
C MET C 184 18.17 -16.51 65.23
N TYR C 185 17.20 -16.52 64.31
CA TYR C 185 16.05 -15.64 64.36
C TYR C 185 14.86 -16.29 65.07
N ASN C 186 15.03 -17.50 65.59
CA ASN C 186 13.97 -18.24 66.26
C ASN C 186 12.76 -18.43 65.34
N ALA C 187 13.02 -19.06 64.19
CA ALA C 187 11.97 -19.33 63.23
C ALA C 187 11.21 -20.61 63.61
N MET C 188 10.01 -20.73 63.07
CA MET C 188 9.15 -21.87 63.37
C MET C 188 9.21 -22.93 62.28
N ALA C 189 9.33 -22.52 61.01
CA ALA C 189 9.51 -23.42 59.89
C ALA C 189 10.18 -22.65 58.76
N GLY C 190 10.73 -23.39 57.80
CA GLY C 190 11.44 -22.76 56.70
C GLY C 190 11.72 -23.76 55.59
N ALA C 191 12.43 -23.28 54.57
CA ALA C 191 12.73 -24.11 53.41
C ALA C 191 13.94 -23.56 52.68
N TYR C 192 14.62 -24.44 51.95
CA TYR C 192 15.68 -24.07 51.02
C TYR C 192 15.24 -24.48 49.62
N PRO C 193 14.66 -23.57 48.84
CA PRO C 193 14.04 -23.97 47.57
C PRO C 193 15.03 -24.44 46.50
N SER C 194 16.27 -23.98 46.60
CA SER C 194 17.25 -24.31 45.56
C SER C 194 17.73 -25.75 45.67
N TYR C 195 17.79 -26.30 46.89
CA TYR C 195 18.30 -27.65 47.10
C TYR C 195 17.19 -28.64 47.43
N SER C 196 15.92 -28.24 47.28
CA SER C 196 14.78 -29.11 47.56
C SER C 196 14.81 -29.65 48.99
N THR C 197 14.98 -28.73 49.94
CA THR C 197 15.08 -29.06 51.36
C THR C 197 14.01 -28.32 52.13
N ASN C 198 13.31 -29.03 53.00
CA ASN C 198 12.28 -28.46 53.86
C ASN C 198 12.51 -28.92 55.29
N TRP C 199 12.38 -28.00 56.24
CA TRP C 199 12.52 -28.32 57.65
C TRP C 199 11.36 -27.71 58.42
N ALA C 200 10.93 -28.40 59.48
CA ALA C 200 9.80 -27.96 60.27
C ALA C 200 9.97 -28.43 61.70
N ASP C 201 9.26 -27.77 62.60
CA ASP C 201 9.29 -28.10 64.02
C ASP C 201 8.41 -29.32 64.30
N GLU C 202 8.62 -29.91 65.48
CA GLU C 202 7.89 -31.11 65.86
C GLU C 202 6.40 -30.83 66.07
N GLN C 203 6.06 -29.65 66.60
CA GLN C 203 4.69 -29.36 66.99
C GLN C 203 3.77 -28.98 65.83
N VAL C 204 4.32 -28.76 64.64
CA VAL C 204 3.50 -28.33 63.51
C VAL C 204 3.63 -29.33 62.37
N LEU C 205 3.85 -30.61 62.70
CA LEU C 205 3.91 -31.65 61.69
C LEU C 205 2.56 -31.99 61.09
N LYS C 206 1.47 -31.47 61.66
CA LYS C 206 0.12 -31.71 61.17
C LYS C 206 -0.50 -30.44 60.58
N ALA C 207 0.31 -29.62 59.92
CA ALA C 207 -0.16 -28.40 59.30
C ALA C 207 -0.83 -28.72 57.96
N LYS C 208 -1.13 -27.70 57.18
CA LYS C 208 -1.84 -27.93 55.93
C LYS C 208 -1.14 -27.32 54.72
N ASN C 209 -0.51 -26.17 54.87
CA ASN C 209 0.04 -25.41 53.74
C ASN C 209 1.49 -25.04 53.99
N ILE C 210 2.31 -26.00 54.44
CA ILE C 210 3.75 -25.79 54.56
C ILE C 210 4.48 -26.88 53.80
N GLY C 211 5.80 -26.81 53.78
CA GLY C 211 6.58 -27.74 52.97
C GLY C 211 6.49 -29.18 53.46
N LEU C 212 6.57 -29.38 54.76
CA LEU C 212 6.60 -30.71 55.37
C LEU C 212 5.44 -30.83 56.35
N CYS C 213 4.35 -31.46 55.93
CA CYS C 213 3.17 -31.62 56.76
C CYS C 213 2.28 -32.69 56.17
N SER C 214 1.27 -33.07 56.94
CA SER C 214 0.23 -33.99 56.49
C SER C 214 -1.01 -33.77 57.33
N THR C 215 -2.16 -34.17 56.80
CA THR C 215 -3.43 -33.99 57.48
C THR C 215 -4.44 -34.96 56.88
N ASP C 216 -5.71 -34.82 57.27
CA ASP C 216 -6.77 -35.68 56.79
C ASP C 216 -8.08 -34.92 56.74
N LEU C 217 -9.02 -35.45 55.97
CA LEU C 217 -10.32 -34.82 55.80
C LEU C 217 -11.16 -34.94 57.07
N THR C 218 -11.94 -33.90 57.35
CA THR C 218 -12.84 -33.89 58.49
C THR C 218 -14.00 -32.95 58.21
N GLU C 219 -15.09 -33.15 58.95
CA GLU C 219 -16.28 -32.32 58.79
C GLU C 219 -16.32 -31.16 59.77
N GLY C 220 -15.71 -31.30 60.94
CA GLY C 220 -15.71 -30.24 61.94
C GLY C 220 -16.91 -30.29 62.84
N ARG C 221 -16.67 -30.30 64.15
CA ARG C 221 -17.73 -30.36 65.15
C ARG C 221 -17.65 -29.14 66.06
N ARG C 222 -18.57 -29.06 67.01
CA ARG C 222 -18.68 -27.92 67.92
C ARG C 222 -18.13 -28.31 69.29
N GLY C 223 -17.02 -27.70 69.67
CA GLY C 223 -16.45 -27.91 71.00
C GLY C 223 -15.61 -29.17 71.13
N LYS C 224 -14.45 -29.05 71.75
CA LYS C 224 -13.58 -30.19 72.03
C LYS C 224 -13.00 -30.01 73.43
N LEU C 225 -13.29 -30.97 74.31
CA LEU C 225 -12.78 -30.92 75.67
C LEU C 225 -11.38 -31.52 75.71
N SER C 226 -10.42 -30.73 76.18
CA SER C 226 -9.04 -31.16 76.25
C SER C 226 -8.74 -31.72 77.65
N ILE C 227 -7.47 -31.97 77.93
CA ILE C 227 -7.06 -32.57 79.18
C ILE C 227 -6.34 -31.57 80.09
N MET C 228 -5.39 -30.81 79.56
CA MET C 228 -4.72 -29.78 80.37
C MET C 228 -4.71 -28.47 79.59
N ARG C 229 -4.18 -27.43 80.24
CA ARG C 229 -4.13 -26.09 79.66
C ARG C 229 -3.14 -26.04 78.49
N GLY C 230 -3.49 -25.25 77.48
CA GLY C 230 -2.60 -25.01 76.36
C GLY C 230 -2.10 -23.58 76.33
N LYS C 231 -2.71 -22.76 75.49
CA LYS C 231 -2.51 -21.31 75.42
C LYS C 231 -1.04 -20.92 75.26
N LYS C 232 -0.20 -21.85 74.80
CA LYS C 232 1.21 -21.54 74.57
C LYS C 232 1.71 -22.33 73.37
N LEU C 233 2.40 -21.65 72.45
CA LEU C 233 2.95 -22.27 71.25
C LEU C 233 4.31 -21.62 70.99
N GLU C 234 5.37 -22.26 71.48
CA GLU C 234 6.72 -21.77 71.32
C GLU C 234 7.62 -22.86 70.76
N PRO C 235 8.67 -22.49 70.02
CA PRO C 235 9.56 -23.51 69.44
C PRO C 235 10.19 -24.38 70.51
N CYS C 236 10.32 -25.67 70.20
N CYS C 236 10.32 -25.67 70.20
CA CYS C 236 10.95 -26.64 71.07
CA CYS C 236 10.95 -26.64 71.08
C CYS C 236 12.37 -26.93 70.58
C CYS C 236 12.37 -26.93 70.58
N ASP C 237 13.03 -27.91 71.21
CA ASP C 237 14.41 -28.23 70.90
C ASP C 237 14.56 -29.27 69.79
N ARG C 238 13.48 -29.84 69.27
CA ARG C 238 13.55 -30.90 68.28
C ARG C 238 13.08 -30.39 66.93
N VAL C 239 13.91 -30.57 65.90
CA VAL C 239 13.63 -30.10 64.55
C VAL C 239 13.89 -31.22 63.56
N LEU C 240 13.01 -31.37 62.59
CA LEU C 240 13.11 -32.42 61.57
C LEU C 240 13.55 -31.80 60.25
N PHE C 241 14.54 -32.42 59.61
CA PHE C 241 15.03 -32.02 58.31
C PHE C 241 14.63 -33.06 57.26
N SER C 242 14.49 -32.61 56.01
CA SER C 242 14.15 -33.48 54.89
C SER C 242 14.90 -33.00 53.65
N VAL C 243 15.91 -33.76 53.24
CA VAL C 243 16.69 -33.46 52.05
C VAL C 243 16.31 -34.50 50.99
N GLY C 244 15.65 -34.05 49.92
CA GLY C 244 15.16 -34.97 48.92
C GLY C 244 14.10 -35.90 49.49
N SER C 245 14.44 -37.17 49.65
CA SER C 245 13.55 -38.16 50.25
C SER C 245 14.15 -38.78 51.52
N THR C 246 15.11 -38.10 52.14
CA THR C 246 15.79 -38.60 53.33
C THR C 246 15.44 -37.72 54.52
N LEU C 247 15.35 -38.33 55.70
CA LEU C 247 14.95 -37.64 56.93
C LEU C 247 16.13 -37.57 57.89
N TYR C 248 16.27 -36.42 58.55
CA TYR C 248 17.33 -36.21 59.53
C TYR C 248 16.82 -35.41 60.73
N PRO C 249 16.82 -35.99 61.93
CA PRO C 249 16.45 -35.23 63.12
C PRO C 249 17.61 -34.41 63.65
N GLU C 250 17.30 -33.21 64.13
CA GLU C 250 18.32 -32.28 64.62
C GLU C 250 17.82 -31.60 65.88
N SER C 251 18.76 -30.98 66.60
CA SER C 251 18.47 -30.21 67.80
C SER C 251 18.95 -28.78 67.61
N ARG C 252 18.21 -27.83 68.20
CA ARG C 252 18.52 -26.42 68.00
C ARG C 252 19.80 -26.00 68.72
N LYS C 253 20.07 -26.56 69.91
CA LYS C 253 21.21 -26.11 70.70
C LYS C 253 22.53 -26.39 69.97
N LEU C 254 22.64 -27.58 69.37
CA LEU C 254 23.86 -27.91 68.64
C LEU C 254 23.97 -27.12 67.34
N LEU C 255 22.83 -26.83 66.70
CA LEU C 255 22.86 -26.05 65.47
C LEU C 255 23.35 -24.63 65.70
N LYS C 256 22.89 -24.00 66.79
CA LYS C 256 23.27 -22.61 67.06
C LYS C 256 24.69 -22.47 67.57
N SER C 257 25.32 -23.56 68.00
CA SER C 257 26.68 -23.48 68.53
C SER C 257 27.72 -23.30 67.43
N TRP C 258 27.35 -23.54 66.17
CA TRP C 258 28.29 -23.42 65.07
C TRP C 258 28.28 -22.04 64.41
N HIS C 259 27.49 -21.10 64.93
CA HIS C 259 27.48 -19.74 64.41
C HIS C 259 28.45 -18.88 65.22
N LEU C 260 29.73 -19.20 65.06
CA LEU C 260 30.81 -18.62 65.84
C LEU C 260 31.02 -17.15 65.49
N PRO C 261 31.46 -16.35 66.46
CA PRO C 261 31.76 -14.94 66.17
C PRO C 261 33.09 -14.77 65.45
N SER C 262 33.50 -13.52 65.23
CA SER C 262 34.73 -13.26 64.50
C SER C 262 35.96 -13.66 65.33
N VAL C 263 36.00 -13.27 66.60
CA VAL C 263 37.13 -13.53 67.48
C VAL C 263 36.60 -14.06 68.81
N PHE C 264 37.20 -15.14 69.29
CA PHE C 264 36.82 -15.70 70.59
C PHE C 264 38.05 -16.36 71.22
N HIS C 265 37.99 -16.52 72.54
CA HIS C 265 39.09 -17.06 73.32
C HIS C 265 38.69 -18.39 73.94
N LEU C 266 39.63 -19.33 73.97
CA LEU C 266 39.46 -20.62 74.64
C LEU C 266 40.44 -20.68 75.81
N LYS C 267 39.91 -20.69 77.02
CA LYS C 267 40.72 -20.64 78.24
C LYS C 267 40.56 -21.95 79.01
N GLY C 268 41.67 -22.51 79.47
CA GLY C 268 41.68 -23.74 80.23
C GLY C 268 43.06 -24.05 80.75
N LYS C 269 43.49 -25.31 80.64
CA LYS C 269 44.88 -25.65 80.95
C LYS C 269 45.82 -24.90 80.02
N LEU C 270 45.48 -24.83 78.73
CA LEU C 270 46.19 -24.02 77.76
C LEU C 270 45.22 -22.99 77.18
N SER C 271 45.78 -21.94 76.58
CA SER C 271 44.99 -20.85 76.04
C SER C 271 45.26 -20.69 74.55
N PHE C 272 44.22 -20.37 73.79
CA PHE C 272 44.32 -20.20 72.35
C PHE C 272 43.49 -19.00 71.92
N THR C 273 43.86 -18.44 70.76
CA THR C 273 43.12 -17.35 70.13
C THR C 273 42.66 -17.83 68.76
N CYS C 274 41.39 -17.58 68.44
CA CYS C 274 40.76 -18.16 67.26
C CYS C 274 40.08 -17.07 66.44
N ARG C 275 39.94 -17.34 65.13
CA ARG C 275 39.21 -16.50 64.21
C ARG C 275 38.41 -17.36 63.26
N CYS C 276 37.29 -16.82 62.78
CA CYS C 276 36.41 -17.54 61.87
C CYS C 276 36.05 -16.63 60.69
N ASP C 277 36.12 -17.18 59.48
CA ASP C 277 35.81 -16.44 58.26
C ASP C 277 34.98 -17.31 57.34
N THR C 278 34.19 -16.67 56.49
CA THR C 278 33.37 -17.34 55.50
C THR C 278 34.02 -17.17 54.12
N VAL C 279 34.22 -18.28 53.42
CA VAL C 279 34.94 -18.28 52.15
C VAL C 279 33.99 -18.35 50.96
N VAL C 280 33.12 -19.36 50.92
CA VAL C 280 32.23 -19.60 49.79
C VAL C 280 30.80 -19.62 50.30
N SER C 281 29.90 -18.96 49.57
CA SER C 281 28.48 -18.96 49.90
C SER C 281 27.69 -19.06 48.60
N CYS C 282 26.75 -20.00 48.53
CA CYS C 282 25.96 -20.19 47.32
C CYS C 282 24.57 -20.69 47.71
N GLU C 283 23.63 -19.76 47.86
CA GLU C 283 22.21 -20.04 47.97
C GLU C 283 21.89 -20.96 49.16
N GLY C 284 22.70 -20.94 50.21
CA GLY C 284 22.41 -21.68 51.41
C GLY C 284 23.55 -22.50 51.97
N TYR C 285 24.56 -22.85 51.16
CA TYR C 285 25.73 -23.57 51.63
C TYR C 285 26.88 -22.59 51.87
N VAL C 286 27.60 -22.78 52.97
CA VAL C 286 28.75 -21.96 53.31
C VAL C 286 29.92 -22.86 53.62
N VAL C 287 31.13 -22.33 53.44
CA VAL C 287 32.37 -23.00 53.81
C VAL C 287 33.11 -22.08 54.77
N LYS C 288 33.40 -22.59 55.97
CA LYS C 288 33.98 -21.79 57.03
C LYS C 288 35.41 -22.25 57.28
N ARG C 289 36.29 -21.27 57.53
CA ARG C 289 37.70 -21.52 57.79
C ARG C 289 38.07 -20.94 59.14
N ILE C 290 38.67 -21.75 59.99
CA ILE C 290 39.03 -21.35 61.36
C ILE C 290 40.51 -21.60 61.56
N THR C 291 41.21 -20.60 62.11
CA THR C 291 42.62 -20.70 62.43
C THR C 291 42.80 -20.60 63.94
N MET C 292 43.71 -21.42 64.47
CA MET C 292 43.95 -21.48 65.90
C MET C 292 45.43 -21.25 66.18
N SER C 293 45.72 -20.45 67.19
CA SER C 293 47.08 -20.08 67.55
C SER C 293 47.24 -20.17 69.06
N PRO C 294 48.43 -20.55 69.55
CA PRO C 294 48.65 -20.61 71.00
C PRO C 294 48.99 -19.25 71.57
N GLY C 295 48.42 -18.96 72.74
CA GLY C 295 48.57 -17.70 73.41
C GLY C 295 47.23 -17.09 73.77
N LEU C 296 47.29 -15.95 74.45
CA LEU C 296 46.08 -15.26 74.90
C LEU C 296 46.38 -13.76 74.95
N TYR C 297 46.04 -13.06 73.87
CA TYR C 297 46.18 -11.61 73.82
C TYR C 297 45.40 -11.06 72.64
N GLY C 298 44.65 -10.01 72.88
CA GLY C 298 43.76 -9.42 71.91
C GLY C 298 42.57 -8.78 72.60
N LYS C 299 41.46 -8.68 71.87
CA LYS C 299 40.22 -8.15 72.43
C LYS C 299 39.05 -8.72 71.66
N THR C 300 37.92 -8.90 72.36
CA THR C 300 36.73 -9.50 71.79
C THR C 300 35.53 -8.57 71.99
N THR C 301 34.58 -8.64 71.06
CA THR C 301 33.37 -7.85 71.13
C THR C 301 32.09 -8.68 71.14
N GLY C 302 32.13 -9.91 70.64
CA GLY C 302 30.97 -10.77 70.67
C GLY C 302 29.90 -10.41 69.65
N TYR C 303 30.26 -10.41 68.37
CA TYR C 303 29.33 -10.11 67.30
C TYR C 303 29.57 -11.05 66.13
N ALA C 304 28.49 -11.33 65.40
CA ALA C 304 28.54 -12.16 64.20
C ALA C 304 27.88 -11.40 63.05
N VAL C 305 28.51 -11.46 61.88
CA VAL C 305 28.07 -10.71 60.71
C VAL C 305 27.79 -11.68 59.57
N THR C 306 26.63 -11.52 58.93
CA THR C 306 26.25 -12.30 57.77
C THR C 306 25.97 -11.36 56.61
N HIS C 307 26.52 -11.68 55.44
CA HIS C 307 26.34 -10.86 54.25
C HIS C 307 25.35 -11.54 53.32
N HIS C 308 24.36 -10.78 52.85
CA HIS C 308 23.26 -11.31 52.06
C HIS C 308 23.48 -10.98 50.59
N ALA C 309 23.58 -12.02 49.76
CA ALA C 309 23.61 -11.86 48.32
C ALA C 309 22.24 -11.98 47.68
N ASP C 310 21.34 -12.76 48.28
CA ASP C 310 19.96 -12.86 47.87
C ASP C 310 19.07 -12.20 48.92
N GLY C 311 17.76 -12.28 48.73
CA GLY C 311 16.81 -11.72 49.68
C GLY C 311 16.44 -12.73 50.75
N PHE C 312 16.34 -12.25 51.98
CA PHE C 312 15.94 -13.07 53.13
C PHE C 312 14.65 -12.51 53.69
N LEU C 313 13.65 -13.38 53.85
CA LEU C 313 12.29 -12.97 54.22
C LEU C 313 11.79 -13.79 55.39
N MET C 314 11.02 -13.15 56.26
CA MET C 314 10.34 -13.81 57.37
C MET C 314 9.06 -13.04 57.69
N CYS C 315 7.96 -13.77 57.87
CA CYS C 315 6.66 -13.13 58.09
C CYS C 315 5.80 -14.03 58.97
N LYS C 316 4.64 -13.51 59.34
CA LYS C 316 3.67 -14.22 60.16
C LYS C 316 2.56 -14.79 59.26
N THR C 317 2.24 -16.06 59.45
CA THR C 317 1.23 -16.74 58.66
C THR C 317 0.22 -17.41 59.56
N THR C 318 -0.99 -17.61 59.03
CA THR C 318 -2.08 -18.26 59.74
C THR C 318 -2.43 -19.57 59.05
N ASP C 319 -2.47 -20.65 59.82
CA ASP C 319 -2.79 -21.97 59.29
C ASP C 319 -3.61 -22.73 60.33
N THR C 320 -4.05 -23.93 59.96
CA THR C 320 -4.83 -24.79 60.83
C THR C 320 -3.99 -26.03 61.14
N VAL C 321 -3.77 -26.28 62.43
CA VAL C 321 -3.03 -27.47 62.89
C VAL C 321 -4.02 -28.39 63.58
N ASP C 322 -4.24 -29.57 63.00
CA ASP C 322 -5.17 -30.56 63.52
C ASP C 322 -6.59 -30.00 63.67
N GLY C 323 -6.98 -29.08 62.80
CA GLY C 323 -8.30 -28.51 62.82
C GLY C 323 -8.46 -27.25 63.64
N GLU C 324 -7.39 -26.73 64.22
CA GLU C 324 -7.44 -25.53 65.04
C GLU C 324 -6.53 -24.47 64.45
N ARG C 325 -7.01 -23.23 64.41
CA ARG C 325 -6.28 -22.14 63.79
C ARG C 325 -5.25 -21.55 64.74
N VAL C 326 -4.01 -21.40 64.25
CA VAL C 326 -2.92 -20.81 65.01
C VAL C 326 -2.11 -19.92 64.08
N SER C 327 -1.06 -19.30 64.64
CA SER C 327 -0.19 -18.43 63.87
C SER C 327 1.26 -18.64 64.29
N PHE C 328 2.15 -18.64 63.32
CA PHE C 328 3.58 -18.79 63.59
C PHE C 328 4.35 -18.07 62.48
N SER C 329 5.65 -18.32 62.38
CA SER C 329 6.53 -17.60 61.47
C SER C 329 7.19 -18.57 60.49
N VAL C 330 7.46 -18.08 59.29
CA VAL C 330 8.06 -18.87 58.22
C VAL C 330 9.13 -18.02 57.53
N CYS C 331 10.25 -18.64 57.18
CA CYS C 331 11.35 -17.97 56.51
C CYS C 331 11.71 -18.67 55.22
N THR C 332 12.26 -17.91 54.27
CA THR C 332 12.63 -18.42 52.97
C THR C 332 13.61 -17.46 52.30
N TYR C 333 14.09 -17.86 51.12
CA TYR C 333 15.02 -17.08 50.33
C TYR C 333 14.37 -16.65 49.02
N VAL C 334 14.81 -15.50 48.50
CA VAL C 334 14.29 -14.95 47.25
C VAL C 334 15.46 -14.62 46.32
N PRO C 335 15.37 -14.93 45.02
CA PRO C 335 16.43 -14.52 44.10
C PRO C 335 16.55 -13.01 43.99
N ALA C 336 17.75 -12.55 43.65
CA ALA C 336 18.04 -11.12 43.64
C ALA C 336 17.29 -10.41 42.52
N THR C 337 17.12 -11.07 41.36
CA THR C 337 16.49 -10.43 40.22
C THR C 337 15.04 -10.05 40.51
N ILE C 338 14.31 -10.92 41.21
CA ILE C 338 12.92 -10.63 41.54
C ILE C 338 12.84 -9.43 42.49
N CYS C 339 13.75 -9.36 43.46
CA CYS C 339 13.73 -8.27 44.42
C CYS C 339 13.98 -6.93 43.75
N ASP C 340 14.89 -6.90 42.76
CA ASP C 340 15.23 -5.64 42.10
C ASP C 340 14.05 -5.09 41.32
N GLN C 341 13.27 -5.95 40.67
CA GLN C 341 12.19 -5.51 39.80
C GLN C 341 10.90 -5.18 40.54
N MET C 342 10.85 -5.38 41.85
CA MET C 342 9.68 -5.07 42.65
C MET C 342 9.81 -3.74 43.39
N THR C 343 10.87 -2.97 43.13
CA THR C 343 11.07 -1.71 43.84
C THR C 343 9.99 -0.69 43.52
N GLY C 344 9.60 -0.61 42.24
CA GLY C 344 8.63 0.40 41.84
C GLY C 344 7.21 0.13 42.31
N ILE C 345 6.87 -1.13 42.57
CA ILE C 345 5.51 -1.46 42.96
C ILE C 345 5.29 -1.23 44.45
N LEU C 346 6.34 -1.37 45.27
CA LEU C 346 6.22 -1.26 46.71
C LEU C 346 6.25 0.17 47.22
N ALA C 347 6.02 1.15 46.36
CA ALA C 347 5.98 2.54 46.78
C ALA C 347 4.62 2.95 47.35
N THR C 348 3.59 2.11 47.20
CA THR C 348 2.27 2.40 47.70
C THR C 348 1.72 1.14 48.37
N GLU C 349 0.43 1.17 48.70
CA GLU C 349 -0.23 0.02 49.31
C GLU C 349 -0.74 -0.91 48.21
N VAL C 350 -0.41 -2.20 48.34
CA VAL C 350 -0.76 -3.19 47.33
C VAL C 350 -1.56 -4.31 47.98
N THR C 351 -2.58 -4.79 47.27
CA THR C 351 -3.44 -5.87 47.72
C THR C 351 -2.73 -7.22 47.52
N PRO C 352 -2.87 -8.14 48.49
CA PRO C 352 -2.17 -9.43 48.37
C PRO C 352 -2.48 -10.18 47.08
N GLU C 353 -3.73 -10.16 46.61
CA GLU C 353 -4.04 -10.81 45.34
C GLU C 353 -3.38 -10.08 44.18
N ASP C 354 -3.32 -8.75 44.23
CA ASP C 354 -2.63 -8.01 43.18
C ASP C 354 -1.14 -8.35 43.15
N ALA C 355 -0.52 -8.48 44.32
CA ALA C 355 0.90 -8.80 44.36
C ALA C 355 1.17 -10.21 43.84
N GLN C 356 0.26 -11.15 44.11
CA GLN C 356 0.44 -12.52 43.64
C GLN C 356 0.45 -12.59 42.12
N LYS C 357 -0.46 -11.86 41.46
CA LYS C 357 -0.52 -11.88 40.01
C LYS C 357 0.74 -11.30 39.38
N LEU C 358 1.28 -10.23 39.98
CA LEU C 358 2.51 -9.64 39.46
C LEU C 358 3.69 -10.61 39.58
N LEU C 359 3.78 -11.32 40.71
CA LEU C 359 4.87 -12.26 40.91
C LEU C 359 4.81 -13.40 39.90
N VAL C 360 3.62 -13.91 39.62
CA VAL C 360 3.47 -14.96 38.62
C VAL C 360 3.86 -14.44 37.24
N GLY C 361 3.45 -13.22 36.91
CA GLY C 361 3.83 -12.63 35.64
C GLY C 361 5.33 -12.45 35.49
N LEU C 362 5.99 -12.00 36.56
CA LEU C 362 7.44 -11.82 36.50
C LEU C 362 8.17 -13.14 36.34
N ASN C 363 7.81 -14.14 37.17
CA ASN C 363 8.49 -15.43 37.11
C ASN C 363 8.31 -16.10 35.76
N GLN C 364 7.09 -16.03 35.21
CA GLN C 364 6.81 -16.66 33.92
C GLN C 364 7.47 -15.93 32.77
N ARG C 365 7.84 -14.66 32.94
CA ARG C 365 8.38 -13.85 31.85
C ARG C 365 9.91 -13.89 31.79
N ILE C 366 10.59 -14.25 32.87
CA ILE C 366 12.05 -14.31 32.86
C ILE C 366 12.55 -15.31 31.83
N VAL C 367 11.71 -16.29 31.46
CA VAL C 367 12.14 -17.35 30.57
C VAL C 367 12.49 -16.79 29.19
N VAL C 368 11.78 -15.75 28.75
CA VAL C 368 11.93 -15.06 27.46
C VAL C 368 12.33 -16.00 26.32
N ASN C 369 11.86 -17.23 26.36
CA ASN C 369 12.16 -18.22 25.32
C ASN C 369 11.17 -19.37 25.38
N GLY C 370 11.50 -20.50 24.75
CA GLY C 370 10.59 -21.62 24.70
C GLY C 370 10.74 -22.44 23.43
N ARG C 371 11.45 -21.90 22.44
CA ARG C 371 11.89 -22.72 21.33
C ARG C 371 12.97 -23.71 21.77
N THR C 372 13.79 -23.32 22.74
CA THR C 372 14.87 -24.15 23.25
C THR C 372 14.69 -24.56 24.70
N GLN C 373 14.37 -23.61 25.59
CA GLN C 373 14.30 -23.86 27.02
C GLN C 373 12.87 -23.99 27.54
N ARG C 374 11.92 -24.31 26.67
CA ARG C 374 10.49 -24.41 26.97
C ARG C 374 10.03 -23.38 28.01
N ASN C 375 9.62 -23.85 29.18
CA ASN C 375 9.16 -22.97 30.26
C ASN C 375 9.97 -23.27 31.52
N THR C 376 10.94 -22.41 31.82
CA THR C 376 11.75 -22.53 33.01
C THR C 376 11.48 -21.35 33.93
N ASN C 377 11.40 -21.63 35.23
CA ASN C 377 11.08 -20.61 36.23
C ASN C 377 12.27 -20.41 37.16
N THR C 378 12.51 -19.16 37.53
CA THR C 378 13.56 -18.80 38.48
C THR C 378 13.10 -18.94 39.93
N MET C 379 11.82 -19.23 40.16
CA MET C 379 11.30 -19.38 41.51
C MET C 379 10.34 -20.57 41.54
N LYS C 380 10.44 -21.37 42.61
CA LYS C 380 9.48 -22.46 42.80
C LYS C 380 8.10 -21.89 43.07
N ASN C 381 7.09 -22.50 42.47
CA ASN C 381 5.76 -21.91 42.49
C ASN C 381 5.02 -22.15 43.81
N TYR C 382 5.51 -23.08 44.64
CA TYR C 382 4.82 -23.38 45.88
C TYR C 382 5.15 -22.40 47.00
N MET C 383 6.07 -21.47 46.78
CA MET C 383 6.41 -20.45 47.75
C MET C 383 5.86 -19.07 47.39
N ILE C 384 5.27 -18.92 46.21
CA ILE C 384 4.75 -17.61 45.80
C ILE C 384 3.64 -17.11 46.73
N PRO C 385 2.63 -17.93 47.12
CA PRO C 385 1.57 -17.39 47.99
C PRO C 385 2.06 -16.72 49.27
N VAL C 386 3.02 -17.35 49.95
CA VAL C 386 3.48 -16.80 51.22
C VAL C 386 4.34 -15.56 51.00
N VAL C 387 5.11 -15.54 49.90
CA VAL C 387 5.97 -14.39 49.62
C VAL C 387 5.13 -13.17 49.27
N ALA C 388 4.05 -13.37 48.52
CA ALA C 388 3.21 -12.25 48.11
C ALA C 388 2.58 -11.55 49.29
N GLN C 389 2.17 -12.32 50.31
CA GLN C 389 1.57 -11.72 51.50
C GLN C 389 2.58 -10.88 52.28
N ALA C 390 3.83 -11.33 52.31
CA ALA C 390 4.85 -10.61 53.08
C ALA C 390 5.09 -9.21 52.54
N PHE C 391 5.15 -9.07 51.21
CA PHE C 391 5.36 -7.76 50.61
C PHE C 391 4.20 -6.82 50.89
N SER C 392 2.98 -7.36 50.95
CA SER C 392 1.82 -6.54 51.24
C SER C 392 1.90 -5.92 52.63
N LYS C 393 2.33 -6.71 53.62
CA LYS C 393 2.45 -6.19 54.98
C LYS C 393 3.62 -5.22 55.10
N TRP C 394 4.71 -5.49 54.40
CA TRP C 394 5.88 -4.61 54.47
C TRP C 394 5.54 -3.22 53.93
N ALA C 395 4.81 -3.15 52.82
CA ALA C 395 4.43 -1.87 52.25
C ALA C 395 3.53 -1.08 53.19
N LYS C 396 2.61 -1.77 53.87
CA LYS C 396 1.72 -1.10 54.81
C LYS C 396 2.49 -0.50 55.98
N GLU C 397 3.46 -1.23 56.52
CA GLU C 397 4.22 -0.75 57.68
C GLU C 397 5.11 0.44 57.34
N CYS C 398 5.64 0.52 56.12
CA CYS C 398 6.46 1.66 55.73
C CYS C 398 5.68 2.94 55.54
N ARG C 399 4.39 2.84 55.21
CA ARG C 399 3.57 4.04 55.06
C ARG C 399 3.37 4.76 56.40
N LYS C 400 3.04 4.00 57.45
CA LYS C 400 2.63 4.62 58.71
C LYS C 400 3.73 5.48 59.32
N ASP C 401 4.98 5.13 59.05
CA ASP C 401 6.09 5.89 59.63
C ASP C 401 6.17 7.32 59.09
N MET C 402 5.63 7.57 57.90
CA MET C 402 5.77 8.90 57.31
C MET C 402 4.78 9.91 57.88
N GLU C 403 3.59 9.47 58.28
CA GLU C 403 2.61 10.36 58.89
C GLU C 403 2.78 10.46 60.41
N ASP C 404 3.80 9.82 60.97
CA ASP C 404 4.08 9.84 62.40
C ASP C 404 5.50 10.33 62.64
N GLU C 405 5.87 11.42 61.97
CA GLU C 405 7.20 11.99 62.14
C GLU C 405 7.36 12.55 63.56
N LYS C 406 8.59 12.51 64.05
CA LYS C 406 8.90 12.94 65.40
C LYS C 406 10.10 13.90 65.37
N LEU C 407 10.35 14.54 66.50
CA LEU C 407 11.44 15.49 66.60
C LEU C 407 12.78 14.76 66.62
N LEU C 408 13.84 15.52 66.36
CA LEU C 408 15.19 14.97 66.22
C LEU C 408 15.91 15.05 67.55
N GLY C 409 16.43 13.91 68.01
CA GLY C 409 17.25 13.85 69.20
C GLY C 409 16.52 13.63 70.50
N VAL C 410 15.19 13.61 70.49
CA VAL C 410 14.39 13.44 71.70
C VAL C 410 13.54 12.19 71.56
N ARG C 411 13.01 11.74 72.69
CA ARG C 411 12.13 10.58 72.77
C ARG C 411 10.80 11.00 73.37
N GLU C 412 9.71 10.46 72.82
CA GLU C 412 8.37 10.84 73.24
C GLU C 412 7.91 9.91 74.36
N ARG C 413 7.74 10.46 75.55
CA ARG C 413 7.22 9.74 76.70
C ARG C 413 6.02 10.49 77.25
N THR C 414 4.93 9.77 77.52
CA THR C 414 3.65 10.30 77.99
C THR C 414 3.32 11.70 77.44
N CYS C 419 8.37 10.28 86.44
CA CYS C 419 8.00 8.97 85.93
C CYS C 419 6.68 9.02 85.17
N LEU C 420 5.98 7.87 85.11
CA LEU C 420 4.71 7.73 84.41
C LEU C 420 4.87 8.11 82.94
N TRP C 421 5.59 7.27 82.22
CA TRP C 421 5.79 7.40 80.79
C TRP C 421 4.85 6.45 80.04
N ALA C 422 4.77 6.65 78.72
CA ALA C 422 3.94 5.78 77.88
C ALA C 422 4.77 4.65 77.28
N PHE C 423 5.78 4.99 76.48
CA PHE C 423 6.72 4.03 75.91
C PHE C 423 5.97 2.88 75.25
N LYS C 424 5.24 3.22 74.19
CA LYS C 424 4.42 2.26 73.48
C LYS C 424 5.20 1.61 72.34
N LYS C 425 5.07 0.29 72.22
CA LYS C 425 5.70 -0.44 71.13
C LYS C 425 4.74 -0.57 69.95
N GLN C 426 5.29 -0.93 68.80
CA GLN C 426 4.55 -1.04 67.56
C GLN C 426 4.56 -2.48 67.06
N LYS C 427 3.66 -2.76 66.12
CA LYS C 427 3.56 -4.08 65.53
C LYS C 427 4.63 -4.28 64.47
N THR C 428 5.18 -5.50 64.42
CA THR C 428 6.17 -5.87 63.41
C THR C 428 5.82 -7.26 62.92
N HIS C 429 5.37 -7.35 61.66
CA HIS C 429 4.91 -8.61 61.09
C HIS C 429 5.77 -9.11 59.94
N THR C 430 6.83 -8.38 59.57
CA THR C 430 7.65 -8.78 58.45
C THR C 430 9.07 -8.25 58.63
N VAL C 431 10.05 -9.12 58.43
CA VAL C 431 11.46 -8.75 58.40
C VAL C 431 11.99 -9.06 57.01
N TYR C 432 12.51 -8.05 56.33
CA TYR C 432 12.93 -8.17 54.94
C TYR C 432 14.34 -7.60 54.81
N LYS C 433 15.30 -8.47 54.51
CA LYS C 433 16.69 -8.06 54.30
C LYS C 433 16.99 -8.06 52.81
N ARG C 434 17.21 -6.87 52.26
CA ARG C 434 17.46 -6.70 50.85
C ARG C 434 18.88 -7.14 50.50
N PRO C 435 19.15 -7.43 49.22
CA PRO C 435 20.50 -7.77 48.80
C PRO C 435 21.49 -6.65 49.11
N ASP C 436 22.75 -7.04 49.32
CA ASP C 436 23.84 -6.12 49.66
C ASP C 436 23.61 -5.44 51.01
N THR C 437 23.05 -6.19 51.96
CA THR C 437 22.89 -5.74 53.34
C THR C 437 23.51 -6.78 54.27
N GLN C 438 23.62 -6.42 55.54
CA GLN C 438 24.28 -7.27 56.52
C GLN C 438 23.40 -7.41 57.76
N SER C 439 23.51 -8.56 58.41
CA SER C 439 22.81 -8.85 59.66
C SER C 439 23.82 -9.08 60.77
N ILE C 440 23.53 -8.54 61.95
CA ILE C 440 24.44 -8.61 63.09
C ILE C 440 23.70 -9.24 64.26
N GLN C 441 24.39 -10.12 64.99
CA GLN C 441 23.82 -10.83 66.13
C GLN C 441 24.82 -10.78 67.29
N LYS C 442 24.30 -10.89 68.51
CA LYS C 442 25.11 -10.89 69.72
C LYS C 442 25.20 -12.31 70.26
N VAL C 443 26.42 -12.83 70.38
CA VAL C 443 26.68 -14.18 70.84
C VAL C 443 27.76 -14.13 71.93
N GLN C 444 28.11 -15.31 72.43
CA GLN C 444 29.12 -15.46 73.46
C GLN C 444 30.50 -15.62 72.85
N ALA C 445 31.53 -15.12 73.56
CA ALA C 445 32.88 -15.14 73.04
C ALA C 445 33.92 -15.57 74.07
N GLU C 446 33.51 -16.08 75.24
CA GLU C 446 34.44 -16.53 76.27
C GLU C 446 34.02 -17.92 76.71
N PHE C 447 34.89 -18.91 76.48
CA PHE C 447 34.61 -20.30 76.81
C PHE C 447 35.70 -20.81 77.74
N ASP C 448 35.28 -21.30 78.92
CA ASP C 448 36.24 -21.84 79.88
C ASP C 448 35.72 -23.08 80.59
N SER C 449 34.70 -23.75 80.05
CA SER C 449 34.09 -24.92 80.68
C SER C 449 34.14 -26.09 79.70
N PHE C 450 35.11 -26.98 79.89
CA PHE C 450 35.28 -28.16 79.05
C PHE C 450 35.26 -29.40 79.93
N VAL C 451 34.44 -30.38 79.55
CA VAL C 451 34.27 -31.61 80.32
C VAL C 451 34.33 -32.80 79.37
N VAL C 452 34.94 -33.89 79.83
CA VAL C 452 35.02 -35.13 79.08
C VAL C 452 34.28 -36.21 79.86
N PRO C 453 33.38 -36.97 79.23
CA PRO C 453 32.63 -38.01 79.96
C PRO C 453 33.38 -39.33 80.11
N SER C 454 34.49 -39.52 79.39
CA SER C 454 35.24 -40.77 79.39
C SER C 454 34.32 -41.96 79.09
N LEU C 455 34.49 -43.05 79.83
CA LEU C 455 33.64 -44.25 79.75
C LEU C 455 33.49 -44.73 78.30
N TRP C 456 34.64 -44.78 77.63
CA TRP C 456 34.70 -45.24 76.24
C TRP C 456 34.30 -46.71 76.17
N SER C 457 33.49 -47.05 75.16
CA SER C 457 33.05 -48.40 74.91
C SER C 457 33.48 -48.84 73.51
N SER C 458 33.63 -50.17 73.35
CA SER C 458 34.06 -50.70 72.06
C SER C 458 33.06 -50.40 70.96
N GLY C 459 31.77 -50.58 71.24
CA GLY C 459 30.74 -50.30 70.26
C GLY C 459 30.72 -51.22 69.06
N LEU C 460 31.23 -52.44 69.21
CA LEU C 460 31.27 -53.41 68.13
C LEU C 460 30.72 -54.74 68.61
N SER C 461 30.09 -55.47 67.70
CA SER C 461 29.47 -56.75 68.00
C SER C 461 30.32 -57.89 67.45
N ILE C 462 30.00 -59.10 67.90
CA ILE C 462 30.77 -60.30 67.52
C ILE C 462 30.37 -60.75 66.12
N PRO C 463 29.07 -60.86 65.77
CA PRO C 463 28.74 -61.21 64.38
C PRO C 463 29.32 -60.24 63.36
N LEU C 464 29.33 -58.94 63.68
CA LEU C 464 29.85 -57.96 62.73
C LEU C 464 31.35 -58.13 62.54
N ARG C 465 32.09 -58.33 63.62
CA ARG C 465 33.53 -58.54 63.50
C ARG C 465 33.85 -59.81 62.73
N THR C 466 33.12 -60.89 63.01
CA THR C 466 33.36 -62.15 62.31
C THR C 466 33.03 -62.03 60.82
N ARG C 467 31.92 -61.36 60.49
CA ARG C 467 31.54 -61.22 59.08
C ARG C 467 32.56 -60.41 58.30
N ILE C 468 33.06 -59.33 58.90
CA ILE C 468 34.05 -58.49 58.20
C ILE C 468 35.35 -59.25 58.00
N LYS C 469 35.83 -59.92 59.05
CA LYS C 469 37.12 -60.62 58.96
C LYS C 469 37.10 -61.67 57.85
N TRP C 470 35.97 -62.37 57.69
CA TRP C 470 35.86 -63.35 56.62
C TRP C 470 35.94 -62.69 55.24
N LEU C 471 35.49 -61.44 55.13
CA LEU C 471 35.48 -60.76 53.84
C LEU C 471 36.89 -60.55 53.30
N LEU C 472 37.81 -60.08 54.14
CA LEU C 472 39.17 -59.82 53.71
C LEU C 472 40.16 -60.84 54.28
N SER C 473 39.69 -62.03 54.65
CA SER C 473 40.57 -63.09 55.12
C SER C 473 41.40 -63.71 54.00
N LYS C 474 41.10 -63.37 52.74
CA LYS C 474 41.81 -63.91 51.59
C LYS C 474 42.68 -62.84 50.96
N VAL C 475 43.88 -63.23 50.53
CA VAL C 475 44.77 -62.29 49.86
C VAL C 475 44.16 -61.73 48.58
N PRO C 476 43.59 -62.55 47.67
CA PRO C 476 42.96 -61.92 46.50
C PRO C 476 41.66 -61.19 46.85
N ASP D 2 54.14 -4.46 31.82
CA ASP D 2 53.61 -3.12 32.11
C ASP D 2 52.10 -3.11 32.39
N PRO D 3 51.31 -3.98 31.74
CA PRO D 3 49.92 -4.12 32.14
C PRO D 3 49.81 -4.50 33.61
N VAL D 4 48.79 -3.95 34.27
CA VAL D 4 48.50 -4.23 35.68
C VAL D 4 47.23 -5.07 35.74
N TYR D 5 47.31 -6.20 36.44
CA TYR D 5 46.21 -7.15 36.52
C TYR D 5 45.52 -7.05 37.87
N VAL D 6 44.20 -6.98 37.87
CA VAL D 6 43.40 -6.87 39.08
C VAL D 6 42.39 -7.99 39.11
N ASP D 7 41.91 -8.31 40.32
CA ASP D 7 40.98 -9.41 40.53
C ASP D 7 39.54 -8.88 40.47
N ILE D 8 39.14 -8.53 39.25
CA ILE D 8 37.81 -7.99 38.98
C ILE D 8 37.19 -8.78 37.84
N ASP D 9 35.87 -8.96 37.91
CA ASP D 9 35.15 -9.64 36.84
C ASP D 9 35.24 -8.82 35.55
N ALA D 10 35.24 -9.53 34.41
CA ALA D 10 35.44 -8.88 33.13
C ALA D 10 34.25 -8.02 32.72
N ASP D 11 33.07 -8.25 33.28
CA ASP D 11 31.87 -7.49 32.93
C ASP D 11 31.46 -6.50 34.02
N SER D 12 32.31 -6.26 35.00
CA SER D 12 31.97 -5.33 36.07
C SER D 12 31.95 -3.90 35.57
N ALA D 13 31.05 -3.09 36.14
CA ALA D 13 30.96 -1.68 35.80
C ALA D 13 31.97 -0.82 36.55
N PHE D 14 32.65 -1.38 37.55
CA PHE D 14 33.67 -0.65 38.29
C PHE D 14 34.97 -0.48 37.52
N LEU D 15 35.16 -1.23 36.44
CA LEU D 15 36.39 -1.14 35.67
C LEU D 15 36.55 0.23 35.03
N LYS D 16 35.45 0.81 34.53
CA LYS D 16 35.52 2.12 33.90
C LYS D 16 35.95 3.20 34.90
N ALA D 17 35.43 3.12 36.13
CA ALA D 17 35.80 4.11 37.14
C ALA D 17 37.26 3.99 37.53
N LEU D 18 37.80 2.77 37.54
CA LEU D 18 39.21 2.59 37.89
C LEU D 18 40.13 3.22 36.86
N GLN D 19 39.79 3.10 35.57
CA GLN D 19 40.68 3.59 34.52
C GLN D 19 40.79 5.11 34.56
N ARG D 20 39.68 5.82 34.81
CA ARG D 20 39.73 7.28 34.82
C ARG D 20 40.50 7.79 36.02
N ALA D 21 40.53 7.03 37.12
CA ALA D 21 41.27 7.46 38.30
C ALA D 21 42.76 7.26 38.14
N TYR D 22 43.17 6.31 37.31
CA TYR D 22 44.58 5.98 37.09
C TYR D 22 44.86 6.01 35.60
N PRO D 23 45.01 7.20 35.01
CA PRO D 23 45.22 7.30 33.57
C PRO D 23 46.66 7.05 33.12
N MET D 24 47.58 6.82 34.04
CA MET D 24 48.97 6.52 33.70
C MET D 24 49.25 5.03 33.62
N PHE D 25 48.25 4.18 33.85
CA PHE D 25 48.38 2.74 33.78
C PHE D 25 47.41 2.18 32.75
N GLU D 26 47.45 0.85 32.59
CA GLU D 26 46.47 0.12 31.81
C GLU D 26 46.05 -1.10 32.62
N VAL D 27 44.74 -1.31 32.75
CA VAL D 27 44.18 -2.29 33.67
C VAL D 27 43.51 -3.40 32.86
N GLU D 28 43.82 -4.65 33.21
CA GLU D 28 43.23 -5.81 32.57
C GLU D 28 42.70 -6.74 33.65
N PRO D 29 41.43 -7.12 33.60
CA PRO D 29 40.86 -7.95 34.68
C PRO D 29 41.32 -9.41 34.59
N ARG D 30 41.48 -10.01 35.77
CA ARG D 30 41.88 -11.41 35.87
C ARG D 30 41.40 -11.92 37.22
N GLN D 31 40.30 -12.67 37.22
CA GLN D 31 39.65 -13.13 38.44
C GLN D 31 40.07 -14.55 38.76
N VAL D 32 40.45 -14.79 40.01
CA VAL D 32 40.90 -16.11 40.46
C VAL D 32 40.16 -16.53 41.72
N THR D 33 39.44 -15.60 42.35
CA THR D 33 38.74 -15.90 43.59
C THR D 33 37.47 -15.06 43.69
N PRO D 34 36.39 -15.63 44.23
CA PRO D 34 35.13 -14.88 44.39
C PRO D 34 35.03 -14.18 45.75
N ASN D 35 35.99 -13.30 46.02
CA ASN D 35 35.99 -12.56 47.28
C ASN D 35 34.83 -11.58 47.32
N ASP D 36 34.29 -11.36 48.52
CA ASP D 36 33.14 -10.49 48.70
C ASP D 36 33.51 -9.01 48.75
N ALA D 37 34.80 -8.69 48.81
CA ALA D 37 35.27 -7.30 48.85
C ALA D 37 36.34 -7.07 47.79
N ALA D 38 36.08 -7.54 46.57
CA ALA D 38 37.08 -7.43 45.51
C ALA D 38 37.37 -5.99 45.15
N ASN D 39 36.32 -5.14 45.12
CA ASN D 39 36.52 -3.74 44.73
C ASN D 39 37.40 -3.00 45.72
N ALA D 40 37.31 -3.34 47.01
CA ALA D 40 38.09 -2.64 48.03
C ALA D 40 39.57 -2.97 47.96
N ARG D 41 39.94 -4.10 47.36
CA ARG D 41 41.34 -4.52 47.28
C ARG D 41 42.00 -4.04 46.00
N ALA D 42 41.22 -3.88 44.92
CA ALA D 42 41.78 -3.42 43.65
C ALA D 42 42.36 -2.02 43.77
N PHE D 43 41.66 -1.13 44.49
CA PHE D 43 42.12 0.23 44.66
C PHE D 43 43.42 0.29 45.45
N SER D 44 43.52 -0.53 46.50
CA SER D 44 44.71 -0.55 47.33
C SER D 44 45.93 -1.03 46.54
N HIS D 45 45.73 -2.02 45.67
CA HIS D 45 46.83 -2.55 44.87
C HIS D 45 47.40 -1.48 43.94
N LEU D 46 46.52 -0.72 43.29
CA LEU D 46 46.98 0.31 42.36
C LEU D 46 47.63 1.48 43.09
N ALA D 47 47.16 1.78 44.30
CA ALA D 47 47.71 2.89 45.06
C ALA D 47 49.18 2.67 45.38
N ILE D 48 49.54 1.45 45.76
CA ILE D 48 50.93 1.14 46.12
C ILE D 48 51.83 1.29 44.90
N LYS D 49 51.35 0.83 43.74
CA LYS D 49 52.14 0.94 42.50
C LYS D 49 52.41 2.39 42.15
N LEU D 50 51.41 3.26 42.32
CA LEU D 50 51.59 4.67 42.00
C LEU D 50 52.63 5.32 42.92
N ILE D 51 52.60 4.99 44.21
CA ILE D 51 53.53 5.60 45.16
C ILE D 51 54.96 5.23 44.83
N GLU D 52 55.22 3.93 44.61
CA GLU D 52 56.58 3.47 44.33
C GLU D 52 57.15 4.07 43.05
N GLN D 53 56.31 4.53 42.13
CA GLN D 53 56.79 5.13 40.90
C GLN D 53 57.34 6.53 41.10
N GLU D 54 56.94 7.22 42.17
CA GLU D 54 57.37 8.60 42.42
C GLU D 54 58.30 8.73 43.62
N ILE D 55 58.76 7.62 44.17
CA ILE D 55 59.71 7.63 45.29
C ILE D 55 61.10 7.39 44.75
N ASP D 56 62.06 8.19 45.22
CA ASP D 56 63.45 8.03 44.82
C ASP D 56 63.94 6.65 45.24
N PRO D 57 64.65 5.93 44.37
CA PRO D 57 65.18 4.61 44.76
C PRO D 57 66.24 4.70 45.85
N ASP D 58 66.80 3.54 46.21
CA ASP D 58 67.84 3.36 47.23
C ASP D 58 67.63 4.28 48.44
N SER D 59 66.38 4.34 48.90
CA SER D 59 66.01 5.08 50.10
C SER D 59 65.13 4.19 50.96
N THR D 60 65.44 4.11 52.25
CA THR D 60 64.68 3.25 53.15
C THR D 60 63.30 3.84 53.44
N ILE D 61 62.36 2.95 53.71
CA ILE D 61 60.95 3.32 53.91
C ILE D 61 60.46 2.70 55.21
N LEU D 62 59.71 3.48 55.99
CA LEU D 62 59.08 2.99 57.21
C LEU D 62 57.63 2.64 56.91
N ASP D 63 57.24 1.42 57.24
CA ASP D 63 55.88 0.94 57.02
C ASP D 63 55.28 0.63 58.38
N ILE D 64 54.28 1.41 58.78
CA ILE D 64 53.72 1.34 60.13
C ILE D 64 52.57 0.35 60.15
N GLY D 65 52.64 -0.62 61.05
CA GLY D 65 51.55 -1.56 61.26
C GLY D 65 51.20 -2.41 60.05
N SER D 66 52.19 -2.96 59.38
CA SER D 66 51.99 -3.69 58.13
C SER D 66 52.33 -5.17 58.30
N ALA D 67 51.61 -6.00 57.56
CA ALA D 67 51.93 -7.42 57.48
C ALA D 67 53.18 -7.60 56.63
N PRO D 68 54.22 -8.29 57.13
CA PRO D 68 55.47 -8.37 56.37
C PRO D 68 55.43 -9.30 55.18
N ALA D 69 54.36 -10.08 55.00
CA ALA D 69 54.26 -10.99 53.87
C ALA D 69 53.91 -10.28 52.56
N ARG D 70 53.50 -9.01 52.62
CA ARG D 70 53.13 -8.29 51.42
C ARG D 70 54.31 -7.59 50.76
N ARG D 71 55.32 -7.20 51.54
CA ARG D 71 56.49 -6.49 51.02
C ARG D 71 57.70 -7.40 50.85
N MET D 72 57.46 -8.67 50.49
CA MET D 72 58.55 -9.62 50.35
C MET D 72 59.21 -9.56 48.98
N MET D 73 58.42 -9.56 47.91
CA MET D 73 58.94 -9.58 46.55
C MET D 73 59.29 -8.19 46.02
N SER D 74 59.03 -7.14 46.78
CA SER D 74 59.39 -5.79 46.35
C SER D 74 60.90 -5.61 46.37
N ASP D 75 61.40 -4.84 45.41
CA ASP D 75 62.83 -4.58 45.28
C ASP D 75 63.29 -3.38 46.10
N ARG D 76 62.38 -2.72 46.81
CA ARG D 76 62.73 -1.56 47.63
C ARG D 76 63.24 -2.03 48.99
N LYS D 77 63.52 -1.07 49.87
CA LYS D 77 63.97 -1.34 51.22
C LYS D 77 62.86 -0.94 52.19
N TYR D 78 62.41 -1.90 52.99
CA TYR D 78 61.31 -1.69 53.92
C TYR D 78 61.74 -2.02 55.34
N HIS D 79 61.23 -1.25 56.30
CA HIS D 79 61.41 -1.51 57.71
C HIS D 79 60.03 -1.62 58.34
N CYS D 80 59.63 -2.85 58.70
CA CYS D 80 58.28 -3.12 59.17
C CYS D 80 58.22 -2.98 60.68
N VAL D 81 57.25 -2.21 61.15
CA VAL D 81 56.96 -2.05 62.58
C VAL D 81 55.75 -2.93 62.88
N CYS D 82 55.97 -3.98 63.68
CA CYS D 82 54.95 -5.01 63.90
C CYS D 82 54.73 -5.23 65.40
N PRO D 83 53.87 -4.41 66.02
CA PRO D 83 53.45 -4.72 67.39
C PRO D 83 52.52 -5.93 67.41
N MET D 84 52.29 -6.50 68.59
CA MET D 84 51.50 -7.72 68.72
C MET D 84 50.28 -7.47 69.60
N ARG D 85 49.57 -6.37 69.33
CA ARG D 85 48.41 -5.99 70.09
C ARG D 85 47.10 -6.23 69.35
N SER D 86 47.09 -7.18 68.41
CA SER D 86 45.89 -7.50 67.63
C SER D 86 45.63 -8.99 67.70
N ALA D 87 44.41 -9.37 67.31
CA ALA D 87 43.96 -10.75 67.41
C ALA D 87 44.27 -11.58 66.17
N GLU D 88 44.83 -10.97 65.12
CA GLU D 88 45.19 -11.73 63.93
C GLU D 88 46.67 -11.62 63.60
N ASP D 89 47.48 -11.03 64.47
CA ASP D 89 48.93 -10.95 64.30
C ASP D 89 49.60 -12.32 64.25
N PRO D 90 49.27 -13.28 65.15
CA PRO D 90 49.98 -14.57 65.10
C PRO D 90 49.89 -15.28 63.77
N GLU D 91 48.73 -15.21 63.10
CA GLU D 91 48.60 -15.85 61.80
C GLU D 91 49.51 -15.19 60.77
N ARG D 92 49.60 -13.87 60.79
CA ARG D 92 50.45 -13.16 59.83
C ARG D 92 51.92 -13.50 60.04
N LEU D 93 52.36 -13.56 61.30
CA LEU D 93 53.76 -13.86 61.58
C LEU D 93 54.10 -15.29 61.18
N ALA D 94 53.21 -16.24 61.48
CA ALA D 94 53.47 -17.63 61.11
C ALA D 94 53.47 -17.81 59.60
N ASN D 95 52.55 -17.13 58.90
CA ASN D 95 52.53 -17.22 57.44
C ASN D 95 53.79 -16.61 56.84
N TYR D 96 54.26 -15.50 57.41
CA TYR D 96 55.49 -14.88 56.91
C TYR D 96 56.69 -15.80 57.07
N ALA D 97 56.80 -16.47 58.21
CA ALA D 97 57.92 -17.39 58.42
C ALA D 97 57.84 -18.58 57.48
N ARG D 98 56.65 -19.15 57.29
CA ARG D 98 56.51 -20.32 56.43
C ARG D 98 56.84 -19.98 54.98
N LYS D 99 56.35 -18.83 54.50
CA LYS D 99 56.62 -18.45 53.12
C LYS D 99 58.09 -18.08 52.93
N LEU D 100 58.72 -17.48 53.95
CA LEU D 100 60.13 -17.14 53.85
C LEU D 100 60.99 -18.39 53.73
N ALA D 101 60.70 -19.42 54.54
CA ALA D 101 61.47 -20.65 54.49
C ALA D 101 61.31 -21.35 53.14
N SER D 102 60.08 -21.38 52.62
CA SER D 102 59.82 -22.05 51.35
C SER D 102 60.42 -21.31 50.16
N ALA D 103 60.78 -20.03 50.34
CA ALA D 103 61.36 -19.24 49.26
C ALA D 103 62.88 -19.27 49.25
N ALA D 104 63.51 -19.91 50.23
CA ALA D 104 64.96 -19.95 50.29
C ALA D 104 65.52 -20.92 49.26
N GLY D 105 66.51 -20.47 48.49
CA GLY D 105 67.18 -21.30 47.52
C GLY D 105 66.54 -21.34 46.14
N LYS D 106 65.36 -20.73 45.97
CA LYS D 106 64.70 -20.70 44.67
C LYS D 106 64.62 -19.32 44.05
N VAL D 107 64.99 -18.26 44.79
CA VAL D 107 64.98 -16.90 44.27
C VAL D 107 66.40 -16.37 44.35
N LEU D 108 66.90 -15.81 43.25
CA LEU D 108 68.30 -15.43 43.15
C LEU D 108 68.59 -14.17 43.96
N ASP D 109 67.96 -13.05 43.59
CA ASP D 109 68.27 -11.74 44.17
C ASP D 109 66.98 -11.14 44.75
N ARG D 110 66.69 -11.47 46.01
CA ARG D 110 65.61 -10.81 46.74
C ARG D 110 65.98 -10.58 48.20
N ASN D 111 67.25 -10.74 48.58
CA ASN D 111 67.70 -10.61 49.96
C ASN D 111 66.95 -11.56 50.88
N ILE D 112 66.69 -12.78 50.40
CA ILE D 112 66.03 -13.78 51.21
C ILE D 112 66.91 -14.18 52.39
N SER D 113 68.21 -14.35 52.15
CA SER D 113 69.12 -14.76 53.22
C SER D 113 69.17 -13.71 54.33
N GLY D 114 69.17 -12.43 53.96
CA GLY D 114 69.16 -11.39 54.97
C GLY D 114 67.90 -11.41 55.81
N LYS D 115 66.74 -11.63 55.18
CA LYS D 115 65.49 -11.68 55.92
C LYS D 115 65.46 -12.84 56.89
N ILE D 116 66.00 -14.00 56.49
CA ILE D 116 66.06 -15.15 57.39
C ILE D 116 66.92 -14.82 58.60
N GLY D 117 68.10 -14.23 58.37
CA GLY D 117 68.96 -13.88 59.48
C GLY D 117 68.36 -12.82 60.38
N ASP D 118 67.63 -11.86 59.79
CA ASP D 118 67.00 -10.82 60.58
C ASP D 118 65.95 -11.39 61.52
N LEU D 119 65.12 -12.32 61.03
CA LEU D 119 64.06 -12.89 61.86
C LEU D 119 64.64 -13.69 63.02
N GLN D 120 65.69 -14.48 62.77
CA GLN D 120 66.28 -15.28 63.84
C GLN D 120 66.90 -14.40 64.92
N ALA D 121 67.56 -13.32 64.52
CA ALA D 121 68.20 -12.43 65.49
C ALA D 121 67.17 -11.79 66.41
N VAL D 122 66.03 -11.36 65.86
CA VAL D 122 65.00 -10.71 66.68
C VAL D 122 64.39 -11.69 67.67
N MET D 123 64.14 -12.92 67.23
CA MET D 123 63.53 -13.91 68.12
C MET D 123 64.43 -14.26 69.31
N ALA D 124 65.75 -14.11 69.16
CA ALA D 124 66.64 -14.36 70.30
C ALA D 124 66.54 -13.26 71.34
N VAL D 125 66.55 -11.99 70.89
CA VAL D 125 66.48 -10.85 71.78
C VAL D 125 65.31 -9.97 71.33
N PRO D 126 64.21 -9.91 72.07
CA PRO D 126 63.07 -9.09 71.62
C PRO D 126 63.37 -7.61 71.50
N ASP D 127 64.29 -7.08 72.31
CA ASP D 127 64.55 -5.65 72.36
C ASP D 127 65.53 -5.19 71.27
N THR D 128 66.10 -6.10 70.50
CA THR D 128 67.08 -5.71 69.49
C THR D 128 66.41 -4.95 68.36
N GLU D 129 67.21 -4.14 67.65
CA GLU D 129 66.75 -3.38 66.50
C GLU D 129 67.40 -3.94 65.25
N THR D 130 66.59 -4.17 64.22
CA THR D 130 67.02 -4.80 62.98
C THR D 130 66.53 -3.98 61.80
N PRO D 131 67.32 -3.85 60.73
CA PRO D 131 66.89 -2.99 59.61
C PRO D 131 65.58 -3.39 58.97
N THR D 132 65.20 -4.66 59.01
CA THR D 132 64.01 -5.12 58.32
C THR D 132 62.90 -5.65 59.24
N PHE D 133 63.08 -5.58 60.56
CA PHE D 133 62.05 -6.10 61.46
C PHE D 133 62.26 -5.53 62.86
N CYS D 134 61.15 -5.30 63.55
CA CYS D 134 61.17 -4.85 64.93
C CYS D 134 59.80 -5.09 65.55
N LEU D 135 59.76 -5.08 66.88
CA LEU D 135 58.53 -5.28 67.64
C LEU D 135 58.21 -4.10 68.55
N HIS D 136 58.55 -2.89 68.12
CA HIS D 136 58.21 -1.69 68.87
C HIS D 136 56.94 -1.07 68.29
N THR D 137 56.58 0.10 68.80
CA THR D 137 55.44 0.86 68.29
C THR D 137 55.94 2.03 67.45
N ASP D 138 55.01 2.87 67.00
CA ASP D 138 55.40 4.03 66.21
C ASP D 138 56.23 5.01 67.03
N VAL D 139 55.88 5.19 68.31
CA VAL D 139 56.61 6.10 69.19
C VAL D 139 57.75 5.42 69.91
N SER D 140 57.99 4.14 69.68
CA SER D 140 59.05 3.40 70.33
C SER D 140 60.18 3.00 69.40
N CYS D 141 59.92 2.88 68.10
CA CYS D 141 60.97 2.52 67.16
C CYS D 141 62.00 3.64 67.07
N ARG D 142 63.27 3.25 67.03
CA ARG D 142 64.38 4.20 67.01
C ARG D 142 65.26 3.98 65.78
N GLN D 143 64.64 3.80 64.63
CA GLN D 143 65.34 3.65 63.36
C GLN D 143 65.05 4.85 62.47
N ARG D 144 66.11 5.45 61.94
CA ARG D 144 66.00 6.65 61.12
C ARG D 144 65.68 6.30 59.67
N ALA D 145 64.89 7.16 59.04
CA ALA D 145 64.49 6.98 57.65
C ALA D 145 64.09 8.35 57.09
N ASP D 146 63.48 8.34 55.91
CA ASP D 146 63.00 9.59 55.30
C ASP D 146 61.60 9.51 54.73
N VAL D 147 61.04 8.32 54.52
CA VAL D 147 59.70 8.16 53.96
C VAL D 147 58.91 7.21 54.84
N ALA D 148 57.67 7.60 55.17
CA ALA D 148 56.77 6.78 55.97
C ALA D 148 55.49 6.55 55.20
N ILE D 149 54.92 5.36 55.33
CA ILE D 149 53.72 4.97 54.59
C ILE D 149 52.71 4.42 55.58
N TYR D 150 51.48 4.94 55.53
CA TYR D 150 50.35 4.41 56.28
C TYR D 150 49.35 3.79 55.30
N GLN D 151 48.73 2.70 55.73
CA GLN D 151 47.77 1.99 54.88
C GLN D 151 46.65 1.45 55.76
N ASP D 152 45.47 2.05 55.66
CA ASP D 152 44.28 1.61 56.39
C ASP D 152 44.54 1.57 57.89
N VAL D 153 44.98 2.70 58.44
CA VAL D 153 45.28 2.83 59.86
C VAL D 153 44.32 3.84 60.46
N TYR D 154 43.57 3.42 61.47
CA TYR D 154 42.61 4.29 62.17
C TYR D 154 42.75 4.16 63.67
N ALA D 155 43.93 3.77 64.16
CA ALA D 155 44.12 3.50 65.58
C ALA D 155 45.23 4.35 66.19
N VAL D 156 45.61 5.46 65.55
CA VAL D 156 46.65 6.33 66.06
C VAL D 156 46.18 7.77 65.99
N HIS D 157 46.80 8.60 66.83
CA HIS D 157 46.55 10.03 66.80
C HIS D 157 47.46 10.68 65.76
N ALA D 158 46.85 11.34 64.77
CA ALA D 158 47.63 11.84 63.63
C ALA D 158 48.68 12.88 64.03
N PRO D 159 48.36 13.93 64.80
CA PRO D 159 49.41 14.90 65.15
C PRO D 159 50.53 14.31 65.99
N THR D 160 50.19 13.45 66.96
CA THR D 160 51.22 12.87 67.82
C THR D 160 52.12 11.91 67.05
N SER D 161 51.52 11.08 66.20
CA SER D 161 52.30 10.10 65.43
C SER D 161 53.22 10.79 64.44
N LEU D 162 52.73 11.84 63.77
CA LEU D 162 53.54 12.52 62.77
C LEU D 162 54.74 13.21 63.38
N TYR D 163 54.57 13.79 64.58
CA TYR D 163 55.67 14.49 65.23
C TYR D 163 56.84 13.56 65.53
N HIS D 164 56.55 12.36 66.02
CA HIS D 164 57.62 11.42 66.33
C HIS D 164 58.34 10.96 65.08
N GLN D 165 57.64 10.86 63.96
CA GLN D 165 58.31 10.50 62.70
C GLN D 165 59.21 11.63 62.21
N ALA D 166 58.78 12.88 62.38
CA ALA D 166 59.55 14.02 61.93
C ALA D 166 60.82 14.23 62.75
N ILE D 167 60.82 13.81 64.02
CA ILE D 167 62.01 13.95 64.84
C ILE D 167 63.16 13.13 64.26
N LYS D 168 62.86 11.91 63.81
CA LYS D 168 63.88 11.05 63.24
C LYS D 168 64.34 11.50 61.85
N GLY D 169 63.67 12.49 61.26
CA GLY D 169 64.11 13.04 59.99
C GLY D 169 63.33 12.53 58.78
N VAL D 170 62.01 12.52 58.89
CA VAL D 170 61.14 12.09 57.80
C VAL D 170 60.53 13.34 57.16
N ARG D 171 60.62 13.42 55.83
CA ARG D 171 60.16 14.59 55.09
C ARG D 171 59.03 14.28 54.12
N LEU D 172 58.41 13.09 54.24
CA LEU D 172 57.35 12.72 53.32
C LEU D 172 56.52 11.60 53.95
N ALA D 173 55.21 11.64 53.72
CA ALA D 173 54.31 10.64 54.27
C ALA D 173 53.12 10.47 53.35
N TYR D 174 52.46 9.31 53.45
CA TYR D 174 51.29 9.00 52.64
C TYR D 174 50.25 8.32 53.52
N TRP D 175 48.98 8.45 53.12
CA TRP D 175 47.87 7.85 53.85
C TRP D 175 46.83 7.36 52.86
N VAL D 176 46.35 6.13 53.05
CA VAL D 176 45.33 5.52 52.20
C VAL D 176 44.21 5.04 53.10
N GLY D 177 42.98 5.40 52.76
CA GLY D 177 41.84 4.98 53.56
C GLY D 177 40.55 5.56 53.05
N PHE D 178 39.53 5.52 53.91
CA PHE D 178 38.19 5.99 53.59
C PHE D 178 38.15 7.52 53.61
N ASP D 179 36.95 8.08 53.47
CA ASP D 179 36.74 9.52 53.51
C ASP D 179 36.21 9.92 54.88
N THR D 180 36.80 10.96 55.45
CA THR D 180 36.48 11.42 56.80
C THR D 180 35.29 12.38 56.81
N THR D 181 34.89 12.91 55.66
CA THR D 181 33.87 13.94 55.62
C THR D 181 32.54 13.55 56.28
N PRO D 182 32.00 12.33 56.08
CA PRO D 182 30.73 12.00 56.75
C PRO D 182 30.79 12.12 58.27
N PHE D 183 31.93 11.81 58.89
CA PHE D 183 32.05 11.92 60.34
C PHE D 183 32.21 13.35 60.82
N MET D 184 32.60 14.28 59.95
CA MET D 184 32.68 15.68 60.33
C MET D 184 31.31 16.35 60.41
N TYR D 185 30.30 15.75 59.80
CA TYR D 185 28.94 16.27 59.84
C TYR D 185 28.12 15.74 61.00
N ASN D 186 28.72 14.88 61.85
CA ASN D 186 28.07 14.31 63.01
C ASN D 186 26.83 13.50 62.62
N ALA D 187 27.05 12.49 61.78
CA ALA D 187 25.98 11.63 61.32
C ALA D 187 25.83 10.43 62.25
N MET D 188 24.70 9.73 62.11
CA MET D 188 24.40 8.55 62.90
C MET D 188 24.65 7.24 62.15
N ALA D 189 24.38 7.22 60.85
CA ALA D 189 24.61 6.03 60.04
C ALA D 189 24.90 6.47 58.61
N GLY D 190 25.56 5.58 57.86
CA GLY D 190 25.92 5.89 56.49
C GLY D 190 26.30 4.63 55.75
N ALA D 191 26.67 4.80 54.49
CA ALA D 191 27.02 3.68 53.64
C ALA D 191 27.90 4.14 52.49
N TYR D 192 28.77 3.25 52.04
CA TYR D 192 29.53 3.42 50.80
C TYR D 192 29.09 2.35 49.82
N PRO D 193 28.20 2.64 48.88
CA PRO D 193 27.59 1.57 48.08
C PRO D 193 28.52 0.97 47.05
N SER D 194 29.51 1.74 46.59
CA SER D 194 30.41 1.25 45.56
C SER D 194 31.34 0.15 46.06
N TYR D 195 31.60 0.10 47.37
CA TYR D 195 32.50 -0.89 47.94
C TYR D 195 31.79 -1.86 48.89
N SER D 196 30.45 -1.83 48.92
CA SER D 196 29.66 -2.73 49.77
C SER D 196 30.06 -2.59 51.24
N THR D 197 30.09 -1.37 51.73
CA THR D 197 30.49 -1.07 53.10
C THR D 197 29.36 -0.32 53.81
N ASN D 198 29.03 -0.78 55.01
CA ASN D 198 27.99 -0.16 55.83
C ASN D 198 28.54 0.06 57.23
N TRP D 199 28.23 1.22 57.81
CA TRP D 199 28.65 1.55 59.16
C TRP D 199 27.48 2.16 59.92
N ALA D 200 27.43 1.91 61.22
CA ALA D 200 26.33 2.37 62.06
C ALA D 200 26.84 2.62 63.46
N ASP D 201 25.99 3.27 64.26
CA ASP D 201 26.31 3.61 65.64
C ASP D 201 25.88 2.48 66.58
N GLU D 202 26.45 2.50 67.78
CA GLU D 202 26.17 1.45 68.76
C GLU D 202 24.71 1.41 69.17
N GLN D 203 24.06 2.57 69.24
CA GLN D 203 22.71 2.67 69.78
C GLN D 203 21.62 2.39 68.77
N VAL D 204 21.97 2.13 67.51
CA VAL D 204 20.95 1.89 66.49
C VAL D 204 21.20 0.54 65.81
N LEU D 205 21.82 -0.39 66.54
CA LEU D 205 22.06 -1.72 66.00
C LEU D 205 20.80 -2.57 65.96
N LYS D 206 19.71 -2.12 66.58
CA LYS D 206 18.45 -2.85 66.57
C LYS D 206 17.38 -2.12 65.76
N ALA D 207 17.79 -1.46 64.69
CA ALA D 207 16.86 -0.74 63.81
C ALA D 207 16.19 -1.75 62.87
N LYS D 208 15.47 -1.25 61.89
CA LYS D 208 14.72 -2.13 61.01
C LYS D 208 15.02 -1.91 59.53
N ASN D 209 15.28 -0.66 59.11
CA ASN D 209 15.40 -0.33 57.69
C ASN D 209 16.66 0.47 57.42
N ILE D 210 17.80 0.01 57.95
CA ILE D 210 19.09 0.59 57.60
C ILE D 210 19.99 -0.51 57.06
N GLY D 211 21.22 -0.14 56.68
CA GLY D 211 22.10 -1.10 56.05
C GLY D 211 22.53 -2.23 56.96
N LEU D 212 22.87 -1.91 58.22
CA LEU D 212 23.39 -2.89 59.17
C LEU D 212 22.53 -2.85 60.43
N CYS D 213 21.65 -3.83 60.57
CA CYS D 213 20.74 -3.90 61.70
C CYS D 213 20.16 -5.31 61.77
N SER D 214 19.36 -5.55 62.81
CA SER D 214 18.65 -6.82 62.99
C SER D 214 17.56 -6.61 64.03
N THR D 215 16.43 -7.29 63.84
CA THR D 215 15.29 -7.15 64.74
C THR D 215 14.48 -8.45 64.69
N ASP D 216 13.33 -8.44 65.35
CA ASP D 216 12.47 -9.62 65.41
C ASP D 216 11.01 -9.17 65.46
N LEU D 217 10.11 -10.14 65.23
CA LEU D 217 8.68 -9.86 65.20
C LEU D 217 8.13 -9.69 66.61
N THR D 218 7.05 -8.91 66.70
CA THR D 218 6.38 -8.67 67.98
C THR D 218 4.94 -8.28 67.70
N GLU D 219 4.11 -8.33 68.75
CA GLU D 219 2.71 -7.96 68.66
C GLU D 219 2.43 -6.54 69.14
N GLY D 220 3.25 -6.02 70.05
CA GLY D 220 3.07 -4.65 70.51
C GLY D 220 2.23 -4.54 71.76
N ARG D 221 2.82 -4.04 72.84
CA ARG D 221 2.13 -3.86 74.11
C ARG D 221 2.10 -2.37 74.47
N ARG D 222 1.05 -1.97 75.19
CA ARG D 222 0.83 -0.58 75.56
C ARG D 222 1.46 -0.23 76.90
N GLY D 223 2.48 -0.97 77.34
CA GLY D 223 3.12 -0.67 78.61
C GLY D 223 4.42 -1.41 78.83
N LYS D 224 5.46 -0.66 79.21
CA LYS D 224 6.76 -1.24 79.52
C LYS D 224 7.59 -0.19 80.24
N LEU D 225 8.22 -0.58 81.34
CA LEU D 225 8.97 0.34 82.19
C LEU D 225 10.46 0.03 82.13
N SER D 226 11.28 1.07 82.20
CA SER D 226 12.72 0.94 82.19
C SER D 226 13.32 1.87 83.23
N ILE D 227 14.51 1.49 83.73
CA ILE D 227 15.18 2.31 84.74
C ILE D 227 15.91 3.49 84.14
N MET D 228 16.15 3.49 82.83
CA MET D 228 16.84 4.58 82.15
C MET D 228 15.80 5.50 81.53
N ARG D 229 15.78 6.77 81.98
CA ARG D 229 14.82 7.72 81.44
C ARG D 229 15.11 8.04 79.98
N GLY D 230 16.39 8.17 79.63
CA GLY D 230 16.76 8.47 78.26
C GLY D 230 16.44 9.90 77.87
N LYS D 231 15.44 10.06 77.00
CA LYS D 231 14.97 11.37 76.54
C LYS D 231 16.05 12.15 75.80
N LYS D 232 17.08 11.46 75.30
CA LYS D 232 18.16 12.13 74.57
C LYS D 232 18.88 11.08 73.74
N LEU D 233 18.81 11.21 72.42
CA LEU D 233 19.47 10.30 71.49
C LEU D 233 20.53 11.08 70.73
N GLU D 234 21.79 10.93 71.15
CA GLU D 234 22.90 11.64 70.53
C GLU D 234 24.02 10.67 70.22
N PRO D 235 24.83 10.96 69.19
CA PRO D 235 25.90 10.04 68.81
C PRO D 235 26.91 9.85 69.92
N CYS D 236 27.45 8.64 70.01
N CYS D 236 27.45 8.63 70.00
CA CYS D 236 28.47 8.26 70.98
CA CYS D 236 28.46 8.26 70.98
C CYS D 236 29.81 8.05 70.29
C CYS D 236 29.81 8.05 70.29
N ASP D 237 30.80 7.62 71.06
CA ASP D 237 32.15 7.45 70.56
C ASP D 237 32.41 6.11 69.90
N ARG D 238 31.48 5.16 69.97
CA ARG D 238 31.69 3.82 69.46
C ARG D 238 30.95 3.62 68.14
N VAL D 239 31.67 3.17 67.12
CA VAL D 239 31.14 3.00 65.78
C VAL D 239 31.60 1.64 65.24
N LEU D 240 30.68 0.93 64.58
CA LEU D 240 30.96 -0.38 63.99
C LEU D 240 31.04 -0.25 62.48
N PHE D 241 32.08 -0.86 61.90
CA PHE D 241 32.27 -0.90 60.46
C PHE D 241 32.09 -2.32 59.94
N SER D 242 31.59 -2.44 58.72
CA SER D 242 31.37 -3.74 58.09
C SER D 242 31.74 -3.63 56.62
N VAL D 243 32.93 -4.12 56.27
CA VAL D 243 33.40 -4.14 54.89
C VAL D 243 33.25 -5.57 54.38
N GLY D 244 32.36 -5.76 53.41
CA GLY D 244 32.07 -7.10 52.93
C GLY D 244 31.42 -7.95 53.99
N SER D 245 32.16 -8.93 54.51
CA SER D 245 31.69 -9.78 55.59
C SER D 245 32.61 -9.73 56.82
N THR D 246 33.36 -8.65 56.97
CA THR D 246 34.32 -8.50 58.06
C THR D 246 33.93 -7.30 58.91
N LEU D 247 34.04 -7.46 60.23
CA LEU D 247 33.63 -6.45 61.20
C LEU D 247 34.86 -5.71 61.74
N TYR D 248 34.73 -4.39 61.90
CA TYR D 248 35.79 -3.55 62.43
C TYR D 248 35.24 -2.51 63.41
N PRO D 249 35.64 -2.55 64.67
CA PRO D 249 35.25 -1.50 65.61
C PRO D 249 36.21 -0.31 65.56
N GLU D 250 35.62 0.89 65.51
CA GLU D 250 36.40 2.12 65.41
C GLU D 250 35.90 3.13 66.42
N SER D 251 36.63 4.24 66.53
CA SER D 251 36.31 5.33 67.44
C SER D 251 36.23 6.64 66.66
N ARG D 252 35.30 7.51 67.09
CA ARG D 252 35.09 8.77 66.39
C ARG D 252 36.25 9.74 66.59
N LYS D 253 36.83 9.77 67.80
CA LYS D 253 37.88 10.74 68.08
C LYS D 253 39.10 10.54 67.19
N LEU D 254 39.50 9.29 66.99
CA LEU D 254 40.68 9.03 66.17
C LEU D 254 40.38 9.20 64.69
N LEU D 255 39.14 8.96 64.27
CA LEU D 255 38.78 9.13 62.86
C LEU D 255 38.82 10.60 62.46
N LYS D 256 38.33 11.48 63.34
CA LYS D 256 38.31 12.91 63.04
C LYS D 256 39.69 13.54 63.10
N SER D 257 40.65 12.89 63.75
CA SER D 257 41.99 13.47 63.86
C SER D 257 42.76 13.46 62.55
N TRP D 258 42.31 12.68 61.57
CA TRP D 258 42.98 12.60 60.28
C TRP D 258 42.42 13.57 59.26
N HIS D 259 41.45 14.40 59.64
CA HIS D 259 40.93 15.46 58.77
C HIS D 259 41.79 16.71 58.94
N LEU D 260 43.03 16.59 58.48
CA LEU D 260 44.03 17.62 58.72
C LEU D 260 43.72 18.87 57.90
N PRO D 261 44.11 20.04 58.39
CA PRO D 261 43.93 21.28 57.63
C PRO D 261 44.96 21.37 56.51
N SER D 262 44.93 22.49 55.78
CA SER D 262 45.89 22.70 54.70
C SER D 262 47.28 23.00 55.22
N VAL D 263 47.39 23.85 56.24
CA VAL D 263 48.67 24.24 56.82
C VAL D 263 48.53 24.23 58.33
N PHE D 264 49.50 23.61 59.01
CA PHE D 264 49.50 23.58 60.47
C PHE D 264 50.95 23.53 60.96
N HIS D 265 51.14 23.91 62.22
CA HIS D 265 52.45 24.00 62.84
C HIS D 265 52.57 22.99 63.96
N LEU D 266 53.75 22.37 64.09
CA LEU D 266 54.08 21.48 65.19
C LEU D 266 55.12 22.16 66.06
N LYS D 267 54.75 22.44 67.32
CA LYS D 267 55.60 23.19 68.23
C LYS D 267 55.96 22.33 69.42
N GLY D 268 57.25 22.23 69.71
CA GLY D 268 57.75 21.49 70.84
C GLY D 268 59.20 21.81 71.13
N LYS D 269 60.00 20.80 71.44
CA LYS D 269 61.44 21.01 71.53
C LYS D 269 62.01 21.44 70.19
N LEU D 270 61.51 20.85 69.10
CA LEU D 270 61.82 21.28 67.74
C LEU D 270 60.53 21.69 67.05
N SER D 271 60.66 22.55 66.05
CA SER D 271 59.51 23.10 65.34
C SER D 271 59.51 22.64 63.90
N PHE D 272 58.31 22.47 63.34
CA PHE D 272 58.15 22.03 61.97
C PHE D 272 56.95 22.72 61.35
N THR D 273 56.95 22.79 60.02
CA THR D 273 55.86 23.34 59.23
C THR D 273 55.35 22.27 58.29
N CYS D 274 54.04 22.10 58.21
CA CYS D 274 53.43 20.97 57.51
C CYS D 274 52.39 21.45 56.52
N ARG D 275 52.09 20.59 55.55
CA ARG D 275 51.04 20.79 54.56
C ARG D 275 50.31 19.47 54.32
N CYS D 276 49.23 19.55 53.54
CA CYS D 276 48.42 18.37 53.25
C CYS D 276 47.72 18.57 51.91
N ASP D 277 47.76 17.53 51.08
CA ASP D 277 47.16 17.56 49.75
C ASP D 277 46.46 16.24 49.48
N THR D 278 45.49 16.29 48.57
CA THR D 278 44.78 15.11 48.10
C THR D 278 45.09 14.92 46.63
N VAL D 279 45.56 13.73 46.27
CA VAL D 279 46.01 13.44 44.92
C VAL D 279 45.02 12.56 44.16
N VAL D 280 44.44 11.56 44.82
CA VAL D 280 43.53 10.62 44.19
C VAL D 280 42.27 10.53 45.03
N SER D 281 41.11 10.58 44.36
CA SER D 281 39.82 10.42 45.01
C SER D 281 38.89 9.66 44.07
N CYS D 282 38.28 8.59 44.57
CA CYS D 282 37.42 7.76 43.74
C CYS D 282 36.31 7.17 44.61
N GLU D 283 35.17 7.88 44.65
CA GLU D 283 33.92 7.35 45.20
C GLU D 283 34.06 6.94 46.67
N GLY D 284 34.93 7.62 47.41
CA GLY D 284 35.07 7.35 48.83
C GLY D 284 36.49 7.15 49.30
N TYR D 285 37.33 6.50 48.50
CA TYR D 285 38.74 6.36 48.83
C TYR D 285 39.53 7.59 48.42
N VAL D 286 40.47 7.99 49.28
CA VAL D 286 41.33 9.13 49.02
C VAL D 286 42.77 8.72 49.32
N VAL D 287 43.71 9.43 48.70
CA VAL D 287 45.13 9.29 48.97
C VAL D 287 45.67 10.67 49.32
N LYS D 288 46.37 10.76 50.44
CA LYS D 288 46.85 12.03 50.95
C LYS D 288 48.38 12.02 51.02
N ARG D 289 48.96 13.19 50.77
CA ARG D 289 50.41 13.39 50.82
C ARG D 289 50.74 14.52 51.78
N ILE D 290 51.67 14.27 52.69
CA ILE D 290 52.06 15.25 53.71
C ILE D 290 53.56 15.49 53.61
N THR D 291 53.94 16.75 53.57
CA THR D 291 55.35 17.15 53.54
C THR D 291 55.71 17.88 54.82
N MET D 292 56.92 17.63 55.31
CA MET D 292 57.39 18.19 56.57
C MET D 292 58.73 18.87 56.37
N SER D 293 58.89 20.04 56.97
CA SER D 293 60.11 20.83 56.87
C SER D 293 60.47 21.36 58.24
N PRO D 294 61.77 21.55 58.52
CA PRO D 294 62.17 22.09 59.83
C PRO D 294 62.21 23.62 59.84
N GLY D 295 61.54 24.22 60.82
CA GLY D 295 61.50 25.66 60.96
C GLY D 295 60.12 26.10 61.39
N LEU D 296 59.82 27.38 61.14
CA LEU D 296 58.52 27.95 61.49
C LEU D 296 58.27 29.12 60.55
N TYR D 297 57.41 28.89 59.55
CA TYR D 297 57.16 29.88 58.51
C TYR D 297 55.67 30.02 58.27
N GLY D 298 55.30 31.16 57.68
CA GLY D 298 53.95 31.37 57.22
C GLY D 298 52.95 31.64 58.33
N LYS D 299 51.67 31.56 57.93
CA LYS D 299 50.56 31.79 58.83
C LYS D 299 49.52 30.70 58.62
N THR D 300 48.69 30.48 59.65
CA THR D 300 47.68 29.44 59.63
C THR D 300 46.29 30.05 59.64
N THR D 301 45.33 29.33 59.03
CA THR D 301 43.95 29.77 58.96
C THR D 301 42.94 28.79 59.54
N GLY D 302 43.31 27.52 59.73
CA GLY D 302 42.41 26.57 60.37
C GLY D 302 41.16 26.22 59.59
N TYR D 303 41.28 25.97 58.29
CA TYR D 303 40.16 25.58 57.46
C TYR D 303 40.53 24.35 56.63
N ALA D 304 39.53 23.51 56.37
CA ALA D 304 39.70 22.32 55.54
C ALA D 304 38.67 22.36 54.41
N VAL D 305 39.10 21.94 53.22
CA VAL D 305 38.29 22.03 52.01
C VAL D 305 38.18 20.65 51.38
N THR D 306 36.96 20.26 51.03
CA THR D 306 36.69 18.99 50.34
C THR D 306 35.99 19.29 49.03
N HIS D 307 36.41 18.62 47.96
CA HIS D 307 35.84 18.80 46.64
C HIS D 307 34.98 17.59 46.30
N HIS D 308 33.73 17.84 45.90
CA HIS D 308 32.76 16.79 45.60
C HIS D 308 32.67 16.59 44.10
N ALA D 309 32.98 15.38 43.65
CA ALA D 309 32.77 15.02 42.26
C ALA D 309 31.43 14.33 42.04
N ASP D 310 30.87 13.72 43.08
CA ASP D 310 29.56 13.11 43.07
C ASP D 310 28.67 13.79 44.11
N GLY D 311 27.39 13.46 44.09
CA GLY D 311 26.45 14.06 45.02
C GLY D 311 26.62 13.49 46.42
N PHE D 312 26.42 14.35 47.41
CA PHE D 312 26.48 13.98 48.82
C PHE D 312 25.18 14.40 49.49
N LEU D 313 24.54 13.46 50.17
CA LEU D 313 23.23 13.68 50.77
C LEU D 313 23.26 13.40 52.27
N MET D 314 22.45 14.16 53.01
CA MET D 314 22.27 13.96 54.44
C MET D 314 20.87 14.39 54.81
N CYS D 315 20.04 13.45 55.27
CA CYS D 315 18.64 13.72 55.53
C CYS D 315 18.23 13.10 56.86
N LYS D 316 16.99 13.38 57.26
CA LYS D 316 16.43 12.87 58.50
C LYS D 316 15.38 11.82 58.19
N THR D 317 15.48 10.68 58.87
CA THR D 317 14.58 9.55 58.65
C THR D 317 13.93 9.12 59.96
N THR D 318 12.79 8.45 59.84
CA THR D 318 12.03 7.94 60.97
C THR D 318 12.02 6.42 60.90
N ASP D 319 12.40 5.76 62.00
CA ASP D 319 12.46 4.31 62.06
C ASP D 319 12.17 3.87 63.49
N THR D 320 11.86 2.60 63.67
CA THR D 320 11.55 2.02 64.98
C THR D 320 12.77 1.26 65.46
N VAL D 321 13.31 1.67 66.61
CA VAL D 321 14.44 1.00 67.24
C VAL D 321 13.93 0.22 68.44
N ASP D 322 13.98 -1.10 68.36
CA ASP D 322 13.51 -1.99 69.42
C ASP D 322 12.05 -1.72 69.77
N GLY D 323 11.24 -1.37 68.78
CA GLY D 323 9.82 -1.15 68.96
C GLY D 323 9.42 0.28 69.23
N GLU D 324 10.37 1.18 69.45
CA GLU D 324 10.09 2.58 69.74
C GLU D 324 10.45 3.44 68.53
N ARG D 325 9.57 4.37 68.19
CA ARG D 325 9.79 5.23 67.03
C ARG D 325 10.68 6.40 67.40
N VAL D 326 11.79 6.55 66.65
CA VAL D 326 12.75 7.62 66.87
C VAL D 326 13.15 8.19 65.51
N SER D 327 14.00 9.22 65.55
CA SER D 327 14.48 9.87 64.34
C SER D 327 15.96 10.18 64.47
N PHE D 328 16.69 9.99 63.39
CA PHE D 328 18.12 10.30 63.34
C PHE D 328 18.47 10.68 61.90
N SER D 329 19.76 10.74 61.60
CA SER D 329 20.25 11.22 60.31
C SER D 329 21.06 10.14 59.61
N VAL D 330 20.96 10.13 58.27
CA VAL D 330 21.64 9.14 57.43
C VAL D 330 22.29 9.88 56.25
N CYS D 331 23.48 9.44 55.88
CA CYS D 331 24.22 10.04 54.76
C CYS D 331 24.62 8.97 53.76
N THR D 332 24.80 9.39 52.50
CA THR D 332 25.15 8.48 51.43
C THR D 332 25.70 9.28 50.25
N TYR D 333 26.09 8.56 49.20
CA TYR D 333 26.59 9.13 47.97
C TYR D 333 25.67 8.81 46.80
N VAL D 334 25.61 9.72 45.83
CA VAL D 334 24.77 9.56 44.64
C VAL D 334 25.62 9.75 43.40
N PRO D 335 25.45 8.93 42.36
CA PRO D 335 26.21 9.14 41.12
C PRO D 335 25.88 10.46 40.46
N ALA D 336 26.85 10.98 39.71
CA ALA D 336 26.71 12.29 39.09
C ALA D 336 25.69 12.29 37.96
N THR D 337 25.59 11.20 37.20
CA THR D 337 24.66 11.15 36.08
C THR D 337 23.22 11.24 36.55
N ILE D 338 22.89 10.59 37.66
CA ILE D 338 21.53 10.65 38.20
C ILE D 338 21.20 12.07 38.63
N CYS D 339 22.15 12.75 39.27
CA CYS D 339 21.88 14.10 39.78
C CYS D 339 21.59 15.08 38.63
N ASP D 340 22.32 14.96 37.52
CA ASP D 340 22.15 15.91 36.43
C ASP D 340 20.78 15.78 35.78
N GLN D 341 20.24 14.57 35.69
CA GLN D 341 18.96 14.34 35.02
C GLN D 341 17.76 14.65 35.91
N MET D 342 17.97 14.97 37.18
CA MET D 342 16.90 15.29 38.10
C MET D 342 16.65 16.79 38.22
N THR D 343 17.41 17.61 37.48
CA THR D 343 17.30 19.06 37.64
C THR D 343 15.93 19.58 37.23
N GLY D 344 15.30 18.94 36.25
CA GLY D 344 14.05 19.46 35.72
C GLY D 344 12.90 19.43 36.70
N ILE D 345 12.75 18.32 37.43
CA ILE D 345 11.53 18.11 38.22
C ILE D 345 11.60 18.71 39.61
N LEU D 346 12.79 19.03 40.12
CA LEU D 346 12.89 19.69 41.41
C LEU D 346 12.65 21.20 41.34
N ALA D 347 12.13 21.69 40.21
CA ALA D 347 11.67 23.07 40.14
C ALA D 347 10.26 23.23 40.70
N THR D 348 9.55 22.13 40.93
CA THR D 348 8.20 22.14 41.50
C THR D 348 8.19 21.31 42.78
N GLU D 349 6.99 21.09 43.31
CA GLU D 349 6.81 20.27 44.51
C GLU D 349 6.38 18.88 44.09
N VAL D 350 7.13 17.86 44.55
CA VAL D 350 6.89 16.48 44.18
C VAL D 350 6.73 15.65 45.45
N THR D 351 5.75 14.74 45.43
CA THR D 351 5.56 13.82 46.54
C THR D 351 6.63 12.73 46.51
N PRO D 352 6.91 12.11 47.66
CA PRO D 352 7.91 11.03 47.68
C PRO D 352 7.58 9.88 46.75
N GLU D 353 6.30 9.57 46.56
CA GLU D 353 5.93 8.46 45.67
C GLU D 353 6.32 8.76 44.23
N ASP D 354 6.09 9.99 43.77
CA ASP D 354 6.45 10.34 42.39
C ASP D 354 7.95 10.31 42.19
N ALA D 355 8.71 10.77 43.17
CA ALA D 355 10.17 10.75 43.05
C ALA D 355 10.71 9.33 42.99
N GLN D 356 10.14 8.42 43.79
CA GLN D 356 10.62 7.04 43.79
C GLN D 356 10.38 6.37 42.46
N LYS D 357 9.20 6.58 41.85
CA LYS D 357 8.88 5.94 40.59
C LYS D 357 9.80 6.43 39.47
N LEU D 358 10.08 7.73 39.44
CA LEU D 358 10.90 8.29 38.37
C LEU D 358 12.36 7.85 38.52
N LEU D 359 12.83 7.69 39.75
CA LEU D 359 14.20 7.22 39.96
C LEU D 359 14.37 5.78 39.47
N VAL D 360 13.36 4.94 39.66
CA VAL D 360 13.43 3.56 39.21
C VAL D 360 13.53 3.50 37.69
N GLY D 361 12.74 4.31 36.99
CA GLY D 361 12.78 4.31 35.55
C GLY D 361 14.11 4.76 34.98
N LEU D 362 14.74 5.74 35.64
CA LEU D 362 16.03 6.24 35.18
C LEU D 362 17.17 5.27 35.48
N ASN D 363 16.93 4.25 36.31
CA ASN D 363 18.03 3.42 36.80
C ASN D 363 18.14 2.11 36.01
N GLN D 364 17.02 1.45 35.75
CA GLN D 364 17.03 0.09 35.21
C GLN D 364 16.84 0.09 33.70
N ARG D 365 17.63 -0.72 33.02
CA ARG D 365 17.55 -0.91 31.58
C ARG D 365 17.73 -2.39 31.26
N ILE D 366 17.08 -2.83 30.19
CA ILE D 366 17.18 -4.20 29.70
C ILE D 366 18.08 -4.20 28.47
N VAL D 367 19.12 -5.04 28.50
CA VAL D 367 20.11 -5.11 27.43
C VAL D 367 20.06 -6.50 26.82
N VAL D 368 19.98 -6.55 25.49
CA VAL D 368 19.91 -7.79 24.74
C VAL D 368 21.18 -7.93 23.90
N ASN D 369 21.82 -9.10 23.98
CA ASN D 369 23.05 -9.38 23.24
C ASN D 369 22.79 -10.62 22.39
N GLY D 370 22.22 -10.42 21.21
CA GLY D 370 21.93 -11.51 20.31
C GLY D 370 20.68 -12.28 20.67
N ARG D 371 20.77 -13.09 21.73
CA ARG D 371 19.62 -13.84 22.21
C ARG D 371 19.54 -13.78 23.73
N THR D 372 20.63 -13.35 24.36
CA THR D 372 20.69 -13.28 25.81
C THR D 372 20.10 -11.96 26.31
N GLN D 373 19.49 -12.02 27.49
CA GLN D 373 18.88 -10.85 28.12
C GLN D 373 19.54 -10.61 29.47
N ARG D 374 19.72 -9.33 29.80
CA ARG D 374 20.37 -8.95 31.04
C ARG D 374 19.74 -7.66 31.55
N ASN D 375 19.75 -7.50 32.87
CA ASN D 375 19.25 -6.29 33.53
C ASN D 375 20.43 -5.52 34.09
N THR D 376 20.49 -4.22 33.82
CA THR D 376 21.59 -3.37 34.21
C THR D 376 21.11 -2.28 35.15
N ASN D 377 21.89 -2.00 36.19
CA ASN D 377 21.58 -0.98 37.16
C ASN D 377 22.76 -0.04 37.32
N THR D 378 22.46 1.22 37.61
CA THR D 378 23.50 2.23 37.82
C THR D 378 23.93 2.32 39.27
N MET D 379 22.99 2.29 40.20
CA MET D 379 23.28 2.33 41.62
C MET D 379 22.47 1.27 42.34
N LYS D 380 22.85 0.98 43.58
CA LYS D 380 22.18 -0.06 44.36
C LYS D 380 20.73 0.33 44.64
N ASN D 381 19.85 -0.66 44.55
CA ASN D 381 18.41 -0.39 44.66
C ASN D 381 17.96 -0.14 46.09
N TYR D 382 18.66 -0.69 47.08
CA TYR D 382 18.18 -0.59 48.46
C TYR D 382 18.32 0.81 49.04
N MET D 383 19.01 1.72 48.37
CA MET D 383 19.13 3.10 48.83
C MET D 383 18.17 4.05 48.15
N ILE D 384 17.34 3.56 47.23
CA ILE D 384 16.40 4.45 46.54
C ILE D 384 15.36 5.05 47.47
N PRO D 385 14.67 4.27 48.34
CA PRO D 385 13.61 4.87 49.16
C PRO D 385 14.06 6.04 50.03
N VAL D 386 15.26 5.94 50.61
CA VAL D 386 15.75 7.01 51.48
C VAL D 386 16.15 8.22 50.66
N VAL D 387 16.68 8.00 49.45
CA VAL D 387 17.12 9.10 48.59
C VAL D 387 15.91 9.88 48.08
N ALA D 388 14.82 9.16 47.75
CA ALA D 388 13.63 9.81 47.24
C ALA D 388 13.03 10.76 48.27
N GLN D 389 13.16 10.43 49.56
CA GLN D 389 12.64 11.29 50.61
C GLN D 389 13.42 12.60 50.67
N ALA D 390 14.75 12.52 50.48
CA ALA D 390 15.59 13.70 50.60
C ALA D 390 15.26 14.75 49.54
N PHE D 391 15.03 14.31 48.30
CA PHE D 391 14.73 15.24 47.23
C PHE D 391 13.40 15.94 47.47
N SER D 392 12.42 15.22 48.02
CA SER D 392 11.12 15.81 48.29
C SER D 392 11.23 16.94 49.31
N LYS D 393 12.01 16.73 50.37
CA LYS D 393 12.18 17.77 51.38
C LYS D 393 12.97 18.95 50.83
N TRP D 394 14.00 18.68 50.03
CA TRP D 394 14.83 19.76 49.48
C TRP D 394 14.01 20.67 48.56
N ALA D 395 13.16 20.09 47.72
CA ALA D 395 12.36 20.88 46.80
C ALA D 395 11.36 21.77 47.53
N LYS D 396 10.92 21.37 48.72
CA LYS D 396 9.97 22.17 49.49
C LYS D 396 10.62 23.32 50.23
N GLU D 397 11.82 23.14 50.76
CA GLU D 397 12.51 24.18 51.49
C GLU D 397 12.98 25.33 50.60
N CYS D 398 13.36 25.04 49.36
CA CYS D 398 13.81 26.09 48.44
C CYS D 398 12.67 27.01 48.01
N ARG D 399 11.46 26.46 47.84
CA ARG D 399 10.33 27.28 47.45
C ARG D 399 9.97 28.31 48.52
N LYS D 400 9.98 27.90 49.79
CA LYS D 400 9.56 28.79 50.87
C LYS D 400 10.45 30.03 50.94
N ASP D 401 11.70 29.91 50.48
CA ASP D 401 12.60 31.06 50.49
C ASP D 401 12.23 32.09 49.44
N MET D 402 11.39 31.71 48.47
CA MET D 402 11.08 32.59 47.35
C MET D 402 9.92 33.54 47.63
N GLU D 403 9.04 33.23 48.57
CA GLU D 403 7.97 34.15 48.94
C GLU D 403 8.36 35.10 50.06
N ASP D 404 9.04 34.60 51.09
CA ASP D 404 9.46 35.41 52.23
C ASP D 404 10.78 36.08 51.86
N GLU D 405 10.68 37.09 51.00
CA GLU D 405 11.86 37.82 50.55
C GLU D 405 12.17 38.97 51.52
N LYS D 406 13.43 39.07 51.91
CA LYS D 406 13.87 40.07 52.86
C LYS D 406 14.52 41.26 52.15
N LEU D 407 14.72 42.33 52.90
CA LEU D 407 15.38 43.52 52.38
C LEU D 407 16.88 43.28 52.27
N LEU D 408 17.53 44.12 51.46
CA LEU D 408 18.95 43.98 51.18
C LEU D 408 19.77 44.76 52.19
N GLY D 409 20.66 44.07 52.90
CA GLY D 409 21.61 44.72 53.78
C GLY D 409 21.18 44.88 55.22
N VAL D 410 20.01 44.38 55.61
CA VAL D 410 19.51 44.54 56.96
C VAL D 410 19.11 43.18 57.51
N ARG D 411 19.05 43.09 58.83
CA ARG D 411 18.61 41.91 59.55
C ARG D 411 17.30 42.22 60.27
N GLU D 412 16.31 41.36 60.09
CA GLU D 412 15.00 41.56 60.69
C GLU D 412 15.04 41.11 62.15
N ARG D 413 14.90 42.08 63.06
CA ARG D 413 14.92 41.78 64.50
C ARG D 413 14.12 42.87 65.20
N THR D 414 12.86 42.55 65.53
CA THR D 414 12.00 43.52 66.19
C THR D 414 12.14 43.45 67.70
N CYS D 419 7.98 41.74 68.31
CA CYS D 419 7.71 42.53 69.50
C CYS D 419 8.91 42.55 70.43
N LEU D 420 9.73 41.49 70.35
CA LEU D 420 10.91 41.33 71.18
C LEU D 420 12.14 41.22 70.29
N TRP D 421 13.28 41.70 70.79
CA TRP D 421 14.51 41.73 70.03
C TRP D 421 15.11 40.34 69.89
N ALA D 422 14.42 39.45 69.17
CA ALA D 422 14.91 38.11 68.90
C ALA D 422 14.63 37.76 67.45
N PHE D 423 15.45 36.87 66.90
CA PHE D 423 15.33 36.44 65.52
C PHE D 423 14.93 34.97 65.49
N LYS D 424 13.98 34.64 64.63
CA LYS D 424 13.50 33.26 64.54
C LYS D 424 14.47 32.41 63.73
N LYS D 425 14.66 31.17 64.16
CA LYS D 425 15.53 30.21 63.50
C LYS D 425 14.68 29.18 62.76
N GLN D 426 14.91 29.05 61.45
CA GLN D 426 14.15 28.11 60.64
C GLN D 426 14.66 26.69 60.82
N LYS D 427 13.86 25.73 60.38
CA LYS D 427 14.19 24.32 60.48
C LYS D 427 14.83 23.82 59.19
N THR D 428 15.78 22.91 59.32
CA THR D 428 16.47 22.31 58.19
C THR D 428 16.43 20.79 58.32
N HIS D 429 16.04 20.12 57.25
CA HIS D 429 15.92 18.67 57.26
C HIS D 429 16.75 17.97 56.18
N THR D 430 17.40 18.71 55.29
CA THR D 430 18.15 18.09 54.21
C THR D 430 19.33 18.97 53.83
N VAL D 431 20.50 18.35 53.71
CA VAL D 431 21.70 18.99 53.20
C VAL D 431 22.12 18.25 51.95
N TYR D 432 22.16 18.96 50.82
CA TYR D 432 22.45 18.35 49.52
C TYR D 432 23.58 19.12 48.87
N LYS D 433 24.65 18.42 48.51
CA LYS D 433 25.82 19.02 47.89
C LYS D 433 25.91 18.55 46.44
N ARG D 434 25.73 19.48 45.50
CA ARG D 434 25.77 19.16 44.09
C ARG D 434 27.19 18.87 43.65
N PRO D 435 27.36 18.19 42.51
CA PRO D 435 28.71 18.00 41.95
C PRO D 435 29.36 19.34 41.63
N ASP D 436 30.69 19.37 41.69
CA ASP D 436 31.49 20.57 41.46
C ASP D 436 31.21 21.63 42.51
N THR D 437 31.04 21.20 43.76
CA THR D 437 30.79 22.10 44.88
C THR D 437 31.70 21.70 46.04
N GLN D 438 32.20 22.70 46.75
CA GLN D 438 33.13 22.48 47.86
C GLN D 438 32.45 22.73 49.19
N SER D 439 32.97 22.08 50.22
CA SER D 439 32.51 22.26 51.60
C SER D 439 33.70 22.60 52.48
N ILE D 440 33.48 23.49 53.45
CA ILE D 440 34.55 24.02 54.29
C ILE D 440 34.18 23.81 55.76
N GLN D 441 35.16 23.37 56.54
CA GLN D 441 34.96 23.09 57.96
C GLN D 441 36.03 23.82 58.78
N LYS D 442 35.71 24.04 60.05
CA LYS D 442 36.63 24.70 60.98
C LYS D 442 37.27 23.66 61.89
N VAL D 443 38.60 23.64 61.91
CA VAL D 443 39.38 22.68 62.68
C VAL D 443 40.52 23.41 63.39
N GLN D 444 41.36 22.64 64.08
CA GLN D 444 42.47 23.17 64.83
C GLN D 444 43.76 23.06 64.03
N ALA D 445 44.62 24.08 64.16
CA ALA D 445 45.85 24.14 63.39
C ALA D 445 47.12 24.29 64.23
N GLU D 446 47.00 24.56 65.53
CA GLU D 446 48.15 24.73 66.40
C GLU D 446 48.19 23.58 67.40
N PHE D 447 49.30 22.86 67.44
CA PHE D 447 49.47 21.71 68.31
C PHE D 447 50.69 21.94 69.19
N ASP D 448 50.52 21.81 70.50
CA ASP D 448 51.57 22.12 71.46
C ASP D 448 52.05 20.92 72.25
N SER D 449 51.14 20.19 72.89
CA SER D 449 51.52 19.12 73.80
C SER D 449 51.50 17.78 73.10
N PHE D 450 52.63 17.06 73.15
CA PHE D 450 52.72 15.71 72.62
C PHE D 450 53.35 14.71 73.59
N VAL D 451 53.55 15.09 74.85
CA VAL D 451 54.29 14.26 75.79
C VAL D 451 53.39 13.10 76.23
N VAL D 452 53.76 11.88 75.84
CA VAL D 452 53.03 10.68 76.23
C VAL D 452 54.02 9.59 76.67
N PRO D 453 54.69 9.79 77.81
CA PRO D 453 55.64 8.78 78.29
C PRO D 453 54.95 7.49 78.67
N SER D 454 55.67 6.38 78.49
CA SER D 454 55.16 5.06 78.82
C SER D 454 56.36 4.10 78.95
N LEU D 455 56.05 2.85 79.26
CA LEU D 455 57.05 1.80 79.39
C LEU D 455 56.78 0.71 78.37
N TRP D 456 57.85 0.21 77.76
CA TRP D 456 57.75 -0.81 76.73
C TRP D 456 57.72 -2.20 77.36
N SER D 457 56.76 -3.02 76.95
CA SER D 457 56.62 -4.39 77.41
C SER D 457 56.69 -5.34 76.24
N SER D 458 57.40 -6.45 76.42
CA SER D 458 57.58 -7.43 75.37
C SER D 458 56.26 -8.15 75.10
N GLY D 459 55.66 -7.88 73.94
CA GLY D 459 54.42 -8.51 73.57
C GLY D 459 54.61 -9.80 72.80
N LEU D 460 55.08 -10.85 73.48
CA LEU D 460 55.30 -12.13 72.83
C LEU D 460 55.18 -13.23 73.87
N SER D 461 55.01 -14.46 73.38
CA SER D 461 54.87 -15.63 74.24
C SER D 461 55.87 -16.70 73.84
N ILE D 462 56.28 -17.50 74.83
CA ILE D 462 57.24 -18.57 74.63
C ILE D 462 56.69 -19.64 73.69
N PRO D 463 55.44 -20.10 73.83
CA PRO D 463 54.92 -21.07 72.85
C PRO D 463 54.98 -20.58 71.41
N LEU D 464 54.70 -19.31 71.18
CA LEU D 464 54.82 -18.76 69.83
C LEU D 464 56.28 -18.70 69.38
N ARG D 465 57.18 -18.35 70.30
CA ARG D 465 58.60 -18.27 69.95
C ARG D 465 59.15 -19.63 69.54
N THR D 466 58.76 -20.69 70.25
CA THR D 466 59.23 -22.03 69.90
C THR D 466 58.71 -22.46 68.53
N ARG D 467 57.45 -22.14 68.23
CA ARG D 467 56.87 -22.55 66.95
C ARG D 467 57.59 -21.87 65.78
N ILE D 468 57.90 -20.58 65.91
CA ILE D 468 58.60 -19.87 64.85
C ILE D 468 60.00 -20.43 64.66
N LYS D 469 60.71 -20.70 65.76
CA LYS D 469 62.06 -21.23 65.65
C LYS D 469 62.08 -22.60 65.00
N TRP D 470 61.13 -23.47 65.37
CA TRP D 470 61.08 -24.79 64.75
C TRP D 470 60.75 -24.71 63.27
N LEU D 471 59.84 -23.81 62.90
CA LEU D 471 59.50 -23.64 61.49
C LEU D 471 60.69 -23.11 60.69
N LEU D 472 61.50 -22.25 61.29
CA LEU D 472 62.71 -21.74 60.65
C LEU D 472 63.90 -22.60 61.06
N SER D 473 63.84 -23.87 60.65
CA SER D 473 64.91 -24.82 60.97
C SER D 473 65.00 -25.82 59.81
N LYS D 474 65.90 -25.53 58.87
CA LYS D 474 66.14 -26.39 57.73
C LYS D 474 67.48 -26.02 57.12
N VAL D 475 68.10 -26.97 56.42
CA VAL D 475 69.44 -26.79 55.90
C VAL D 475 69.53 -25.73 54.80
N PRO D 476 68.46 -25.42 54.05
CA PRO D 476 68.70 -24.25 53.17
C PRO D 476 68.73 -22.94 53.96
N ASP E 2 57.14 22.90 17.48
CA ASP E 2 55.97 23.76 17.24
C ASP E 2 54.70 23.28 17.96
N PRO E 3 54.40 21.97 17.94
CA PRO E 3 53.25 21.49 18.72
C PRO E 3 53.45 21.74 20.21
N VAL E 4 52.35 21.99 20.90
CA VAL E 4 52.35 22.26 22.34
C VAL E 4 51.48 21.21 23.01
N TYR E 5 52.02 20.59 24.06
CA TYR E 5 51.32 19.54 24.78
C TYR E 5 50.66 20.10 26.05
N VAL E 6 49.43 19.66 26.30
CA VAL E 6 48.66 20.11 27.45
C VAL E 6 48.12 18.87 28.18
N ASP E 7 48.09 18.96 29.52
CA ASP E 7 47.62 17.86 30.35
C ASP E 7 46.09 17.94 30.48
N ILE E 8 45.43 17.66 29.35
CA ILE E 8 43.97 17.74 29.26
C ILE E 8 43.46 16.46 28.62
N ASP E 9 42.28 16.04 29.03
CA ASP E 9 41.65 14.86 28.45
C ASP E 9 41.33 15.11 26.97
N ALA E 10 41.44 14.05 26.17
CA ALA E 10 41.27 14.17 24.73
C ALA E 10 39.83 14.39 24.30
N ASP E 11 38.86 14.22 25.20
CA ASP E 11 37.45 14.40 24.86
C ASP E 11 36.81 15.57 25.58
N SER E 12 37.60 16.45 26.19
CA SER E 12 37.05 17.60 26.90
C SER E 12 36.54 18.64 25.91
N ALA E 13 35.61 19.46 26.38
CA ALA E 13 35.05 20.55 25.58
C ALA E 13 35.81 21.85 25.75
N PHE E 14 36.81 21.90 26.65
CA PHE E 14 37.59 23.11 26.86
C PHE E 14 38.69 23.28 25.82
N LEU E 15 38.99 22.24 25.04
CA LEU E 15 40.05 22.34 24.04
C LEU E 15 39.70 23.32 22.93
N LYS E 16 38.41 23.41 22.58
CA LYS E 16 38.00 24.36 21.54
C LYS E 16 38.25 25.80 21.97
N ALA E 17 37.98 26.11 23.24
CA ALA E 17 38.19 27.47 23.73
C ALA E 17 39.67 27.84 23.71
N LEU E 18 40.54 26.89 24.08
CA LEU E 18 41.97 27.16 24.09
C LEU E 18 42.49 27.45 22.69
N GLN E 19 42.01 26.70 21.69
CA GLN E 19 42.46 26.91 20.31
C GLN E 19 42.06 28.29 19.81
N ARG E 20 40.86 28.75 20.16
CA ARG E 20 40.41 30.07 19.72
C ARG E 20 41.25 31.18 20.34
N ALA E 21 41.65 31.01 21.60
CA ALA E 21 42.40 32.06 22.29
C ALA E 21 43.84 32.15 21.79
N TYR E 22 44.39 31.05 21.27
CA TYR E 22 45.77 31.01 20.80
C TYR E 22 45.78 30.48 19.37
N PRO E 23 45.54 31.35 18.39
CA PRO E 23 45.52 30.90 16.99
C PRO E 23 46.90 30.73 16.38
N MET E 24 47.96 31.17 17.06
CA MET E 24 49.32 31.07 16.53
C MET E 24 50.01 29.76 16.91
N PHE E 25 49.37 28.91 17.69
CA PHE E 25 49.94 27.65 18.13
C PHE E 25 49.05 26.49 17.67
N GLU E 26 49.58 25.28 17.83
CA GLU E 26 48.83 24.04 17.58
C GLU E 26 48.89 23.22 18.86
N VAL E 27 47.76 23.11 19.56
CA VAL E 27 47.69 22.43 20.85
C VAL E 27 47.01 21.09 20.67
N GLU E 28 47.59 20.05 21.25
CA GLU E 28 47.03 18.70 21.26
C GLU E 28 47.20 18.10 22.64
N PRO E 29 46.26 17.27 23.08
CA PRO E 29 46.24 16.85 24.48
C PRO E 29 46.92 15.52 24.74
N ARG E 30 47.56 15.40 25.91
CA ARG E 30 48.01 14.12 26.44
C ARG E 30 47.96 14.20 27.96
N GLN E 31 47.37 13.17 28.58
CA GLN E 31 47.06 13.20 30.00
C GLN E 31 47.97 12.24 30.76
N VAL E 32 48.51 12.71 31.89
CA VAL E 32 49.40 11.89 32.71
C VAL E 32 48.96 11.97 34.18
N THR E 33 48.07 12.91 34.49
CA THR E 33 47.66 13.14 35.87
C THR E 33 46.20 13.57 35.90
N PRO E 34 45.38 12.96 36.76
CA PRO E 34 43.98 13.39 36.90
C PRO E 34 43.82 14.53 37.91
N ASN E 35 44.47 15.65 37.63
CA ASN E 35 44.42 16.80 38.53
C ASN E 35 43.03 17.42 38.53
N ASP E 36 42.64 17.97 39.69
CA ASP E 36 41.34 18.60 39.83
C ASP E 36 41.32 20.03 39.31
N ALA E 37 42.47 20.60 38.96
CA ALA E 37 42.57 21.95 38.42
C ALA E 37 43.35 21.95 37.11
N ALA E 38 43.01 21.00 36.24
CA ALA E 38 43.75 20.86 34.98
C ALA E 38 43.53 22.04 34.06
N ASN E 39 42.32 22.61 34.04
CA ASN E 39 42.03 23.72 33.14
C ASN E 39 42.78 24.99 33.52
N ALA E 40 43.05 25.21 34.81
CA ALA E 40 43.71 26.42 35.27
C ALA E 40 45.21 26.41 35.02
N ARG E 41 45.81 25.24 34.76
CA ARG E 41 47.23 25.15 34.49
C ARG E 41 47.57 25.18 33.01
N ALA E 42 46.64 24.75 32.15
CA ALA E 42 46.88 24.83 30.71
C ALA E 42 46.99 26.28 30.24
N PHE E 43 46.15 27.15 30.78
CA PHE E 43 46.20 28.57 30.39
C PHE E 43 47.52 29.20 30.79
N SER E 44 48.01 28.90 31.99
CA SER E 44 49.26 29.47 32.46
C SER E 44 50.43 28.98 31.62
N HIS E 45 50.42 27.71 31.22
CA HIS E 45 51.50 27.16 30.42
C HIS E 45 51.60 27.85 29.06
N LEU E 46 50.45 28.09 28.42
CA LEU E 46 50.46 28.72 27.11
C LEU E 46 50.79 30.21 27.20
N ALA E 47 50.41 30.85 28.31
CA ALA E 47 50.67 32.28 28.46
C ALA E 47 52.17 32.57 28.52
N ILE E 48 52.93 31.71 29.23
CA ILE E 48 54.37 31.91 29.34
C ILE E 48 55.05 31.71 27.98
N LYS E 49 54.59 30.72 27.21
CA LYS E 49 55.16 30.46 25.90
C LYS E 49 54.99 31.66 24.98
N LEU E 50 53.80 32.28 25.00
CA LEU E 50 53.55 33.44 24.17
C LEU E 50 54.42 34.62 24.58
N ILE E 51 54.56 34.85 25.88
CA ILE E 51 55.33 36.00 26.37
C ILE E 51 56.79 35.87 25.99
N GLU E 52 57.36 34.66 26.13
CA GLU E 52 58.76 34.45 25.80
C GLU E 52 59.03 34.72 24.31
N GLN E 53 58.11 34.29 23.45
CA GLN E 53 58.27 34.50 22.02
C GLN E 53 58.24 35.97 21.65
N GLU E 54 57.35 36.75 22.30
CA GLU E 54 57.18 38.14 21.93
C GLU E 54 58.45 38.95 22.18
N ILE E 55 59.11 38.74 23.31
CA ILE E 55 60.26 39.55 23.68
C ILE E 55 61.51 38.99 23.02
N ASP E 56 62.48 39.87 22.80
CA ASP E 56 63.74 39.49 22.17
C ASP E 56 64.62 38.71 23.15
N PRO E 57 65.58 37.94 22.63
CA PRO E 57 66.51 37.23 23.52
C PRO E 57 67.52 38.16 24.18
N ASP E 58 68.49 37.56 24.87
CA ASP E 58 69.61 38.27 25.54
C ASP E 58 69.14 39.46 26.38
N SER E 59 67.92 39.38 26.90
CA SER E 59 67.37 40.40 27.78
C SER E 59 67.17 39.81 29.17
N THR E 60 67.52 40.60 30.19
CA THR E 60 67.41 40.13 31.57
C THR E 60 65.97 40.30 32.06
N ILE E 61 65.45 39.24 32.70
CA ILE E 61 64.06 39.19 33.14
C ILE E 61 64.04 38.97 34.64
N LEU E 62 63.16 39.70 35.33
CA LEU E 62 62.96 39.56 36.76
C LEU E 62 61.65 38.82 37.03
N ASP E 63 61.68 37.91 38.00
CA ASP E 63 60.49 37.19 38.45
C ASP E 63 60.16 37.61 39.87
N ILE E 64 58.93 38.04 40.09
CA ILE E 64 58.48 38.53 41.39
C ILE E 64 57.76 37.38 42.08
N GLY E 65 58.43 36.77 43.06
CA GLY E 65 57.83 35.67 43.82
C GLY E 65 57.52 34.46 42.97
N SER E 66 58.55 33.80 42.46
CA SER E 66 58.39 32.66 41.56
C SER E 66 59.10 31.44 42.13
N ALA E 67 58.76 30.27 41.57
CA ALA E 67 59.43 29.04 41.92
C ALA E 67 60.59 28.82 40.97
N PRO E 68 61.84 28.80 41.45
CA PRO E 68 62.98 28.67 40.52
C PRO E 68 63.01 27.36 39.74
N ALA E 69 62.32 26.32 40.22
CA ALA E 69 62.35 25.04 39.53
C ALA E 69 61.65 25.06 38.18
N ARG E 70 60.72 26.00 37.97
CA ARG E 70 60.00 26.06 36.71
C ARG E 70 60.84 26.63 35.58
N ARG E 71 61.82 27.47 35.90
CA ARG E 71 62.65 28.13 34.89
C ARG E 71 64.02 27.47 34.74
N MET E 72 64.21 26.27 35.29
CA MET E 72 65.51 25.62 35.23
C MET E 72 65.92 25.30 33.80
N MET E 73 64.98 24.81 32.99
CA MET E 73 65.26 24.44 31.60
C MET E 73 64.71 25.53 30.70
N SER E 74 65.53 26.56 30.46
CA SER E 74 65.13 27.66 29.59
C SER E 74 66.39 28.30 29.02
N ASP E 75 66.20 29.10 27.98
CA ASP E 75 67.30 29.82 27.34
C ASP E 75 67.42 31.26 27.81
N ARG E 76 66.32 31.87 28.25
CA ARG E 76 66.34 33.26 28.68
C ARG E 76 67.06 33.39 30.02
N LYS E 77 67.56 34.60 30.29
CA LYS E 77 68.28 34.90 31.52
C LYS E 77 67.26 35.37 32.56
N TYR E 78 67.03 34.55 33.57
CA TYR E 78 66.07 34.83 34.62
C TYR E 78 66.77 35.23 35.92
N HIS E 79 66.12 36.11 36.68
CA HIS E 79 66.57 36.50 38.01
C HIS E 79 65.42 36.27 38.97
N CYS E 80 65.52 35.24 39.79
CA CYS E 80 64.42 34.81 40.66
C CYS E 80 64.51 35.55 41.99
N VAL E 81 63.47 36.34 42.29
CA VAL E 81 63.34 37.02 43.57
C VAL E 81 62.30 36.26 44.38
N CYS E 82 62.69 35.75 45.55
CA CYS E 82 61.82 34.91 46.36
C CYS E 82 62.18 35.06 47.83
N PRO E 83 61.38 35.81 48.60
CA PRO E 83 61.55 35.83 50.04
C PRO E 83 60.99 34.55 50.67
N MET E 84 61.08 34.49 51.99
CA MET E 84 60.57 33.36 52.77
C MET E 84 59.39 33.86 53.58
N ARG E 85 58.21 33.82 52.98
CA ARG E 85 57.00 34.34 53.61
C ARG E 85 55.80 33.41 53.53
N SER E 86 55.95 32.22 52.97
CA SER E 86 54.85 31.28 52.80
C SER E 86 55.30 29.89 53.22
N ALA E 87 54.32 29.07 53.59
CA ALA E 87 54.59 27.70 54.03
C ALA E 87 55.12 26.82 52.91
N GLU E 88 54.86 27.16 51.65
CA GLU E 88 55.35 26.38 50.52
C GLU E 88 56.77 26.74 50.12
N ASP E 89 57.33 27.82 50.66
CA ASP E 89 58.68 28.24 50.28
C ASP E 89 59.75 27.22 50.65
N PRO E 90 59.78 26.66 51.87
CA PRO E 90 60.81 25.63 52.15
C PRO E 90 60.74 24.43 51.23
N GLU E 91 59.53 24.01 50.84
CA GLU E 91 59.40 22.86 49.95
C GLU E 91 59.94 23.18 48.56
N ARG E 92 59.67 24.39 48.06
CA ARG E 92 60.14 24.76 46.72
C ARG E 92 61.65 24.83 46.67
N LEU E 93 62.28 25.38 47.71
CA LEU E 93 63.74 25.50 47.71
C LEU E 93 64.40 24.12 47.74
N ALA E 94 63.87 23.20 48.55
CA ALA E 94 64.43 21.86 48.61
C ALA E 94 64.30 21.14 47.27
N ASN E 95 63.16 21.31 46.60
CA ASN E 95 62.97 20.68 45.29
C ASN E 95 63.96 21.25 44.27
N TYR E 96 64.19 22.56 44.32
CA TYR E 96 65.12 23.19 43.39
C TYR E 96 66.53 22.64 43.57
N ALA E 97 66.97 22.51 44.83
CA ALA E 97 68.32 22.00 45.09
C ALA E 97 68.46 20.54 44.67
N ARG E 98 67.46 19.72 44.99
CA ARG E 98 67.54 18.30 44.66
C ARG E 98 67.55 18.08 43.16
N LYS E 99 66.70 18.81 42.44
CA LYS E 99 66.65 18.65 40.98
C LYS E 99 67.90 19.20 40.31
N LEU E 100 68.47 20.29 40.85
CA LEU E 100 69.68 20.86 40.26
C LEU E 100 70.86 19.91 40.39
N ALA E 101 71.00 19.25 41.53
CA ALA E 101 72.12 18.35 41.75
C ALA E 101 71.95 17.02 41.00
N SER E 102 70.76 16.72 40.51
CA SER E 102 70.49 15.47 39.81
C SER E 102 70.78 15.54 38.32
N ALA E 103 71.16 16.71 37.81
CA ALA E 103 71.47 16.88 36.39
C ALA E 103 72.75 17.68 36.22
N ALA E 104 73.76 17.39 37.04
CA ALA E 104 75.01 18.13 36.95
C ALA E 104 75.79 17.77 35.70
N GLY E 105 75.79 16.50 35.31
CA GLY E 105 76.57 16.06 34.17
C GLY E 105 75.72 15.42 33.08
N LYS E 106 74.47 15.84 32.96
CA LYS E 106 73.57 15.33 31.94
C LYS E 106 73.10 16.39 30.96
N VAL E 107 73.05 17.65 31.36
CA VAL E 107 72.63 18.75 30.50
C VAL E 107 73.80 19.72 30.36
N LEU E 108 74.17 20.03 29.12
CA LEU E 108 75.28 20.92 28.85
C LEU E 108 74.89 22.24 28.21
N ASP E 109 73.70 22.32 27.59
CA ASP E 109 73.30 23.55 26.93
C ASP E 109 73.03 24.67 27.93
N ARG E 110 72.33 24.35 29.02
CA ARG E 110 71.98 25.35 30.01
C ARG E 110 73.18 25.63 30.94
N ASN E 111 73.09 26.75 31.65
CA ASN E 111 74.15 27.17 32.58
C ASN E 111 73.90 26.52 33.93
N ILE E 112 74.09 25.20 33.96
CA ILE E 112 73.89 24.43 35.19
C ILE E 112 74.97 24.73 36.23
N SER E 113 76.23 24.82 35.79
CA SER E 113 77.32 25.07 36.73
C SER E 113 77.18 26.44 37.39
N GLY E 114 76.77 27.45 36.63
CA GLY E 114 76.61 28.77 37.21
C GLY E 114 75.53 28.82 38.27
N LYS E 115 74.43 28.11 38.05
CA LYS E 115 73.34 28.09 39.03
C LYS E 115 73.78 27.43 40.33
N ILE E 116 74.53 26.33 40.24
CA ILE E 116 74.98 25.62 41.44
C ILE E 116 75.92 26.51 42.25
N GLY E 117 76.87 27.15 41.58
CA GLY E 117 77.75 28.08 42.27
C GLY E 117 77.00 29.28 42.82
N ASP E 118 75.98 29.74 42.10
CA ASP E 118 75.16 30.85 42.57
C ASP E 118 74.46 30.49 43.87
N LEU E 119 73.89 29.29 43.95
CA LEU E 119 73.19 28.88 45.16
C LEU E 119 74.14 28.81 46.35
N GLN E 120 75.32 28.24 46.16
CA GLN E 120 76.28 28.10 47.25
C GLN E 120 76.73 29.45 47.78
N ALA E 121 76.97 30.41 46.89
CA ALA E 121 77.43 31.73 47.31
C ALA E 121 76.38 32.43 48.17
N VAL E 122 75.10 32.31 47.79
CA VAL E 122 74.04 32.93 48.57
C VAL E 122 73.91 32.24 49.93
N MET E 123 74.11 30.92 49.99
CA MET E 123 73.97 30.20 51.24
C MET E 123 75.04 30.61 52.26
N ALA E 124 76.20 31.06 51.79
CA ALA E 124 77.25 31.51 52.69
C ALA E 124 76.79 32.72 53.50
N VAL E 125 76.50 33.83 52.82
CA VAL E 125 75.94 35.01 53.47
C VAL E 125 74.67 35.42 52.74
N PRO E 126 73.60 35.76 53.46
CA PRO E 126 72.31 36.00 52.80
C PRO E 126 72.18 37.35 52.12
N ASP E 127 73.15 38.25 52.29
CA ASP E 127 73.05 39.61 51.78
C ASP E 127 73.83 39.80 50.47
N THR E 128 73.86 38.78 49.62
CA THR E 128 74.59 38.84 48.37
C THR E 128 73.62 38.91 47.19
N GLU E 129 73.89 39.85 46.28
CA GLU E 129 73.13 39.99 45.04
C GLU E 129 73.87 39.26 43.94
N THR E 130 73.19 38.34 43.26
CA THR E 130 73.76 37.51 42.23
C THR E 130 72.88 37.54 41.00
N PRO E 131 73.43 37.24 39.82
CA PRO E 131 72.62 37.34 38.59
C PRO E 131 71.43 36.38 38.54
N THR E 132 71.42 35.32 39.34
CA THR E 132 70.37 34.32 39.26
C THR E 132 69.48 34.26 40.49
N PHE E 133 70.05 34.34 41.69
CA PHE E 133 69.30 34.11 42.92
C PHE E 133 69.49 35.27 43.89
N CYS E 134 68.44 35.56 44.65
CA CYS E 134 68.49 36.56 45.71
C CYS E 134 67.37 36.27 46.70
N LEU E 135 67.49 36.86 47.88
CA LEU E 135 66.55 36.63 48.97
C LEU E 135 65.97 37.94 49.49
N HIS E 136 65.64 38.85 48.58
CA HIS E 136 65.06 40.14 48.93
C HIS E 136 63.60 40.20 48.48
N THR E 137 62.97 41.34 48.73
CA THR E 137 61.60 41.58 48.31
C THR E 137 61.61 42.36 46.99
N ASP E 138 60.43 42.79 46.54
CA ASP E 138 60.33 43.55 45.31
C ASP E 138 60.87 44.98 45.45
N VAL E 139 60.95 45.50 46.67
CA VAL E 139 61.43 46.85 46.91
C VAL E 139 62.81 46.85 47.56
N SER E 140 63.46 45.69 47.66
CA SER E 140 64.77 45.59 48.25
C SER E 140 65.85 45.05 47.31
N CYS E 141 65.46 44.44 46.20
CA CYS E 141 66.44 43.93 45.25
C CYS E 141 67.17 45.09 44.58
N ARG E 142 68.42 44.84 44.20
CA ARG E 142 69.27 45.86 43.60
C ARG E 142 69.86 45.38 42.27
N GLN E 143 69.11 44.58 41.53
CA GLN E 143 69.54 44.09 40.23
C GLN E 143 68.78 44.83 39.13
N ARG E 144 69.52 45.41 38.19
CA ARG E 144 68.93 46.17 37.10
C ARG E 144 68.67 45.26 35.91
N ALA E 145 67.44 45.30 35.39
CA ALA E 145 67.03 44.46 34.28
C ALA E 145 66.16 45.28 33.33
N ASP E 146 65.47 44.57 32.43
CA ASP E 146 64.64 45.22 31.43
C ASP E 146 63.17 44.81 31.48
N VAL E 147 62.86 43.57 31.82
CA VAL E 147 61.51 43.05 31.79
C VAL E 147 61.18 42.45 33.15
N ALA E 148 59.95 42.69 33.61
CA ALA E 148 59.44 42.13 34.85
C ALA E 148 58.18 41.33 34.56
N ILE E 149 58.03 40.21 35.26
CA ILE E 149 56.91 39.30 35.05
C ILE E 149 56.24 39.02 36.39
N TYR E 150 54.92 39.19 36.44
CA TYR E 150 54.11 38.84 37.60
C TYR E 150 53.17 37.72 37.18
N GLN E 151 53.32 36.54 37.78
CA GLN E 151 52.48 35.38 37.49
C GLN E 151 51.73 34.99 38.75
N ASP E 152 50.42 35.22 38.75
CA ASP E 152 49.54 34.87 39.87
C ASP E 152 50.01 35.51 41.17
N VAL E 153 50.24 36.82 41.12
CA VAL E 153 50.67 37.60 42.27
C VAL E 153 49.53 38.49 42.70
N TYR E 154 49.09 38.34 43.95
CA TYR E 154 47.98 39.11 44.49
C TYR E 154 48.29 39.80 45.81
N ALA E 155 49.53 39.74 46.28
CA ALA E 155 49.89 40.22 47.62
C ALA E 155 50.80 41.44 47.59
N VAL E 156 50.69 42.27 46.54
CA VAL E 156 51.47 43.49 46.43
C VAL E 156 50.56 44.63 46.00
N HIS E 157 51.03 45.85 46.26
CA HIS E 157 50.34 47.06 45.81
C HIS E 157 50.87 47.42 44.43
N ALA E 158 49.97 47.52 43.45
CA ALA E 158 50.39 47.71 42.07
C ALA E 158 51.14 49.02 41.84
N PRO E 159 50.67 50.19 42.29
CA PRO E 159 51.44 51.42 42.04
C PRO E 159 52.81 51.42 42.71
N THR E 160 52.88 51.01 43.98
CA THR E 160 54.16 51.03 44.69
C THR E 160 55.15 50.06 44.08
N SER E 161 54.70 48.85 43.74
CA SER E 161 55.61 47.86 43.18
C SER E 161 56.15 48.28 41.82
N LEU E 162 55.29 48.86 40.97
CA LEU E 162 55.71 49.24 39.64
C LEU E 162 56.72 50.39 39.69
N TYR E 163 56.55 51.33 40.61
CA TYR E 163 57.45 52.48 40.70
C TYR E 163 58.87 52.04 41.04
N HIS E 164 59.01 51.11 41.99
CA HIS E 164 60.34 50.65 42.37
C HIS E 164 61.01 49.88 41.23
N GLN E 165 60.22 49.18 40.41
CA GLN E 165 60.79 48.53 39.23
C GLN E 165 61.18 49.55 38.17
N ALA E 166 60.42 50.64 38.05
CA ALA E 166 60.67 51.62 36.99
C ALA E 166 61.97 52.38 37.20
N ILE E 167 62.28 52.74 38.45
CA ILE E 167 63.46 53.55 38.72
C ILE E 167 64.75 52.78 38.49
N LYS E 168 64.68 51.47 38.31
CA LYS E 168 65.85 50.65 38.01
C LYS E 168 66.01 50.38 36.52
N GLY E 169 65.17 50.99 35.69
CA GLY E 169 65.32 50.89 34.25
C GLY E 169 64.54 49.76 33.60
N VAL E 170 63.26 49.64 33.92
CA VAL E 170 62.39 48.61 33.37
C VAL E 170 61.36 49.29 32.47
N ARG E 171 61.23 48.80 31.24
CA ARG E 171 60.35 49.40 30.26
C ARG E 171 59.08 48.60 29.98
N LEU E 172 59.06 47.31 30.31
CA LEU E 172 57.93 46.46 29.97
C LEU E 172 57.61 45.55 31.15
N ALA E 173 56.33 45.20 31.29
CA ALA E 173 55.87 44.33 32.36
C ALA E 173 54.66 43.55 31.89
N TYR E 174 54.41 42.42 32.55
CA TYR E 174 53.29 41.54 32.23
C TYR E 174 52.62 41.08 33.51
N TRP E 175 51.34 40.73 33.40
CA TRP E 175 50.56 40.23 34.52
C TRP E 175 49.61 39.15 34.04
N VAL E 176 49.56 38.03 34.76
CA VAL E 176 48.68 36.92 34.45
C VAL E 176 47.88 36.59 35.72
N GLY E 177 46.56 36.56 35.59
CA GLY E 177 45.73 36.27 36.74
C GLY E 177 44.27 36.28 36.38
N PHE E 178 43.43 36.32 37.41
CA PHE E 178 41.98 36.31 37.26
C PHE E 178 41.46 37.71 36.97
N ASP E 179 40.25 37.76 36.41
CA ASP E 179 39.59 39.03 36.15
C ASP E 179 39.10 39.65 37.45
N THR E 180 39.30 40.96 37.59
CA THR E 180 38.97 41.68 38.82
C THR E 180 37.67 42.47 38.70
N THR E 181 36.93 42.29 37.61
CA THR E 181 35.67 43.01 37.39
C THR E 181 34.63 42.73 38.47
N PRO E 182 34.43 41.47 38.91
CA PRO E 182 33.41 41.23 39.95
C PRO E 182 33.61 42.03 41.22
N PHE E 183 34.86 42.33 41.59
CA PHE E 183 35.14 42.99 42.86
C PHE E 183 34.87 44.50 42.82
N MET E 184 34.68 45.07 41.65
CA MET E 184 34.28 46.47 41.53
C MET E 184 32.77 46.66 41.68
N TYR E 185 32.00 45.58 41.63
CA TYR E 185 30.55 45.63 41.79
C TYR E 185 30.12 45.33 43.22
N ASN E 186 31.07 45.09 44.13
CA ASN E 186 30.78 44.85 45.54
C ASN E 186 29.83 43.65 45.72
N ALA E 187 30.26 42.51 45.20
CA ALA E 187 29.51 41.28 45.31
C ALA E 187 29.86 40.55 46.60
N MET E 188 28.94 39.69 47.04
CA MET E 188 29.14 38.90 48.25
C MET E 188 29.74 37.53 47.98
N ALA E 189 29.40 36.93 46.84
CA ALA E 189 29.95 35.64 46.45
C ALA E 189 29.89 35.52 44.93
N GLY E 190 30.66 34.58 44.41
CA GLY E 190 30.71 34.39 42.96
C GLY E 190 31.37 33.07 42.62
N ALA E 191 31.50 32.83 41.32
CA ALA E 191 32.08 31.59 40.84
C ALA E 191 32.63 31.77 39.43
N TYR E 192 33.60 30.92 39.08
CA TYR E 192 34.10 30.79 37.72
C TYR E 192 33.85 29.36 37.26
N PRO E 193 32.72 29.07 36.60
CA PRO E 193 32.36 27.67 36.33
C PRO E 193 33.35 26.94 35.43
N SER E 194 34.03 27.66 34.55
CA SER E 194 34.92 27.01 33.58
C SER E 194 36.18 26.45 34.24
N TYR E 195 36.59 26.99 35.39
CA TYR E 195 37.82 26.54 36.05
C TYR E 195 37.56 25.92 37.42
N SER E 196 36.30 25.61 37.74
CA SER E 196 35.94 25.00 39.01
C SER E 196 36.45 25.81 40.20
N THR E 197 36.26 27.12 40.13
CA THR E 197 36.72 28.04 41.16
C THR E 197 35.52 28.73 41.81
N ASN E 198 35.51 28.72 43.14
CA ASN E 198 34.47 29.36 43.92
C ASN E 198 35.10 30.25 44.98
N TRP E 199 34.49 31.41 45.20
CA TRP E 199 34.96 32.35 46.21
C TRP E 199 33.76 32.91 46.96
N ALA E 200 33.96 33.22 48.24
CA ALA E 200 32.89 33.74 49.06
C ALA E 200 33.48 34.59 50.18
N ASP E 201 32.64 35.48 50.72
CA ASP E 201 33.05 36.31 51.85
C ASP E 201 33.09 35.48 53.12
N GLU E 202 33.86 35.95 54.10
CA GLU E 202 34.02 35.22 55.36
C GLU E 202 32.74 35.22 56.19
N GLN E 203 31.90 36.25 56.07
CA GLN E 203 30.71 36.37 56.89
C GLN E 203 29.59 35.44 56.46
N VAL E 204 29.70 34.79 55.31
CA VAL E 204 28.62 33.96 54.78
C VAL E 204 29.11 32.54 54.53
N LEU E 205 30.11 32.10 55.28
CA LEU E 205 30.65 30.77 55.11
C LEU E 205 29.72 29.68 55.63
N LYS E 206 28.66 30.04 56.33
CA LYS E 206 27.69 29.07 56.86
C LYS E 206 26.36 29.14 56.12
N ALA E 207 26.41 29.40 54.81
CA ALA E 207 25.20 29.45 53.99
C ALA E 207 24.77 28.02 53.64
N LYS E 208 23.82 27.90 52.73
CA LYS E 208 23.28 26.59 52.40
C LYS E 208 23.29 26.29 50.90
N ASN E 209 23.06 27.29 50.05
CA ASN E 209 22.86 27.07 48.62
C ASN E 209 23.81 27.93 47.80
N ILE E 210 25.08 27.94 48.16
CA ILE E 210 26.12 28.58 47.37
C ILE E 210 27.25 27.58 47.14
N GLY E 211 28.25 27.99 46.37
CA GLY E 211 29.30 27.08 45.97
C GLY E 211 30.27 26.73 47.08
N LEU E 212 30.36 27.57 48.11
CA LEU E 212 31.31 27.38 49.20
C LEU E 212 30.58 27.66 50.52
N CYS E 213 30.02 26.62 51.13
CA CYS E 213 29.28 26.76 52.37
C CYS E 213 29.17 25.40 53.04
N SER E 214 28.71 25.41 54.29
CA SER E 214 28.49 24.19 55.05
C SER E 214 27.58 24.51 56.23
N THR E 215 26.51 23.72 56.38
CA THR E 215 25.55 23.91 57.45
C THR E 215 25.18 22.54 58.02
N ASP E 216 24.33 22.55 59.05
CA ASP E 216 23.88 21.33 59.71
C ASP E 216 22.36 21.37 59.87
N LEU E 217 21.81 20.29 60.40
CA LEU E 217 20.37 20.15 60.55
C LEU E 217 19.91 20.70 61.89
N THR E 218 18.84 21.49 61.85
CA THR E 218 18.25 22.06 63.06
C THR E 218 16.74 21.87 63.03
N GLU E 219 16.14 21.85 64.22
CA GLU E 219 14.70 21.71 64.35
C GLU E 219 13.97 23.04 64.52
N GLY E 220 14.69 24.11 64.83
CA GLY E 220 14.07 25.41 65.00
C GLY E 220 13.92 25.83 66.44
N ARG E 221 14.52 26.96 66.81
CA ARG E 221 14.44 27.50 68.17
C ARG E 221 13.86 28.91 68.08
N ARG E 222 12.60 29.05 68.49
CA ARG E 222 11.91 30.33 68.42
C ARG E 222 12.52 31.29 69.43
N GLY E 223 13.23 32.31 68.96
CA GLY E 223 13.86 33.26 69.83
C GLY E 223 15.24 32.82 70.28
N LYS E 224 16.24 33.69 70.13
CA LYS E 224 17.61 33.38 70.51
C LYS E 224 18.22 34.58 71.22
N LEU E 225 19.18 34.29 72.09
CA LEU E 225 19.88 35.36 72.81
C LEU E 225 20.83 36.09 71.86
N SER E 226 21.02 37.38 72.13
CA SER E 226 21.87 38.24 71.31
C SER E 226 22.59 39.21 72.23
N ILE E 227 23.86 38.92 72.53
CA ILE E 227 24.66 39.82 73.35
C ILE E 227 24.88 41.14 72.62
N MET E 228 25.21 41.07 71.34
CA MET E 228 25.44 42.24 70.50
C MET E 228 24.34 42.35 69.45
N ARG E 229 24.26 43.53 68.84
CA ARG E 229 23.27 43.83 67.82
C ARG E 229 23.92 43.93 66.45
N GLY E 230 23.21 43.45 65.43
CA GLY E 230 23.71 43.46 64.07
C GLY E 230 23.11 44.57 63.22
N LYS E 231 22.12 44.21 62.42
CA LYS E 231 21.38 45.07 61.49
C LYS E 231 22.22 45.53 60.31
N LYS E 232 23.52 45.23 60.28
CA LYS E 232 24.40 45.58 59.17
C LYS E 232 24.92 44.31 58.52
N LEU E 233 24.84 44.26 57.19
CA LEU E 233 25.40 43.14 56.44
C LEU E 233 26.02 43.70 55.17
N GLU E 234 27.31 44.02 55.23
CA GLU E 234 28.06 44.55 54.10
C GLU E 234 29.35 43.78 53.94
N PRO E 235 29.88 43.68 52.72
CA PRO E 235 31.12 42.93 52.51
C PRO E 235 32.29 43.53 53.29
N CYS E 236 33.17 42.66 53.76
N CYS E 236 33.16 42.66 53.76
CA CYS E 236 34.36 43.03 54.51
CA CYS E 236 34.36 43.03 54.51
C CYS E 236 35.59 42.77 53.66
C CYS E 236 35.59 42.77 53.66
N ASP E 237 36.76 42.99 54.26
CA ASP E 237 38.02 42.89 53.55
C ASP E 237 38.51 41.46 53.34
N ARG E 238 37.92 40.47 54.01
CA ARG E 238 38.40 39.09 53.95
C ARG E 238 37.62 38.31 52.90
N VAL E 239 38.35 37.66 52.00
CA VAL E 239 37.77 36.82 50.95
C VAL E 239 38.58 35.54 50.84
N LEU E 240 37.88 34.42 50.68
CA LEU E 240 38.49 33.10 50.58
C LEU E 240 38.29 32.55 49.18
N PHE E 241 39.35 31.97 48.63
CA PHE E 241 39.33 31.40 47.29
C PHE E 241 39.53 29.89 47.35
N SER E 242 38.90 29.17 46.43
CA SER E 242 39.02 27.72 46.33
C SER E 242 39.16 27.35 44.86
N VAL E 243 40.38 27.01 44.45
CA VAL E 243 40.68 26.66 43.06
C VAL E 243 40.71 25.14 42.99
N GLY E 244 39.54 24.54 42.77
CA GLY E 244 39.42 23.09 42.67
C GLY E 244 39.47 22.40 44.01
N SER E 245 40.65 22.35 44.62
CA SER E 245 40.79 21.73 45.94
C SER E 245 41.75 22.47 46.86
N THR E 246 42.27 23.63 46.48
CA THR E 246 43.26 24.35 47.27
C THR E 246 42.68 25.68 47.75
N LEU E 247 42.99 26.03 49.00
CA LEU E 247 42.44 27.22 49.64
C LEU E 247 43.44 28.36 49.59
N TYR E 248 42.94 29.56 49.27
CA TYR E 248 43.76 30.77 49.23
C TYR E 248 43.01 31.94 49.85
N PRO E 249 43.49 32.48 50.98
CA PRO E 249 42.92 33.73 51.49
C PRO E 249 43.42 34.94 50.72
N GLU E 250 42.54 35.93 50.57
CA GLU E 250 42.84 37.12 49.80
C GLU E 250 42.29 38.35 50.51
N SER E 251 42.66 39.52 49.98
CA SER E 251 42.21 40.80 50.51
C SER E 251 41.61 41.64 49.38
N ARG E 252 40.58 42.41 49.71
CA ARG E 252 39.88 43.19 48.68
C ARG E 252 40.71 44.36 48.20
N LYS E 253 41.37 45.08 49.12
CA LYS E 253 42.10 46.28 48.75
C LYS E 253 43.25 45.95 47.80
N LEU E 254 43.97 44.86 48.06
CA LEU E 254 45.05 44.48 47.16
C LEU E 254 44.54 43.90 45.86
N LEU E 255 43.35 43.29 45.88
CA LEU E 255 42.76 42.77 44.65
C LEU E 255 42.33 43.88 43.71
N LYS E 256 41.77 44.96 44.26
CA LYS E 256 41.24 46.05 43.46
C LYS E 256 42.32 47.00 42.95
N SER E 257 43.55 46.87 43.44
CA SER E 257 44.62 47.76 43.02
C SER E 257 45.15 47.43 41.64
N TRP E 258 44.88 46.23 41.13
CA TRP E 258 45.38 45.81 39.83
C TRP E 258 44.42 46.12 38.68
N HIS E 259 43.28 46.75 38.97
CA HIS E 259 42.35 47.17 37.92
C HIS E 259 42.73 48.59 37.51
N LEU E 260 43.86 48.68 36.82
CA LEU E 260 44.45 49.96 36.47
C LEU E 260 43.70 50.62 35.32
N PRO E 261 43.71 51.95 35.24
CA PRO E 261 43.09 52.65 34.12
C PRO E 261 43.96 52.58 32.87
N SER E 262 43.51 53.24 31.82
CA SER E 262 44.24 53.22 30.55
C SER E 262 45.53 54.02 30.64
N VAL E 263 45.50 55.21 31.23
CA VAL E 263 46.66 56.09 31.32
C VAL E 263 46.72 56.67 32.73
N PHE E 264 47.90 56.63 33.34
CA PHE E 264 48.11 57.23 34.65
C PHE E 264 49.57 57.65 34.78
N HIS E 265 49.82 58.54 35.73
CA HIS E 265 51.13 59.12 35.94
C HIS E 265 51.69 58.67 37.28
N LEU E 266 53.00 58.42 37.31
CA LEU E 266 53.73 58.09 38.53
C LEU E 266 54.74 59.21 38.76
N LYS E 267 54.44 60.09 39.71
CA LYS E 267 55.26 61.28 39.96
C LYS E 267 55.80 61.23 41.39
N GLY E 268 57.13 61.09 41.50
CA GLY E 268 57.81 61.14 42.78
C GLY E 268 59.10 61.93 42.66
N LYS E 269 60.21 61.33 43.09
CA LYS E 269 61.51 61.93 42.79
C LYS E 269 61.76 61.98 41.29
N LEU E 270 61.38 60.92 40.58
CA LEU E 270 61.37 60.90 39.12
C LEU E 270 59.95 60.69 38.64
N SER E 271 59.70 61.03 37.39
CA SER E 271 58.37 61.00 36.80
C SER E 271 58.34 60.05 35.61
N PHE E 272 57.23 59.34 35.46
CA PHE E 272 57.03 58.41 34.36
C PHE E 272 55.60 58.49 33.86
N THR E 273 55.41 58.13 32.60
CA THR E 273 54.10 58.03 31.97
C THR E 273 53.95 56.63 31.39
N CYS E 274 52.83 55.98 31.70
CA CYS E 274 52.66 54.57 31.36
C CYS E 274 51.21 54.29 30.98
N ARG E 275 51.01 53.15 30.32
CA ARG E 275 49.71 52.73 29.80
C ARG E 275 49.40 51.32 30.28
N CYS E 276 48.26 50.80 29.84
CA CYS E 276 47.83 49.45 30.20
C CYS E 276 46.89 48.93 29.13
N ASP E 277 47.12 47.69 28.69
CA ASP E 277 46.34 47.06 27.64
C ASP E 277 46.08 45.61 27.98
N THR E 278 45.02 45.06 27.39
CA THR E 278 44.66 43.65 27.53
C THR E 278 44.83 42.96 26.18
N VAL E 279 45.51 41.82 26.18
CA VAL E 279 45.86 41.12 24.95
C VAL E 279 45.11 39.80 24.81
N VAL E 280 44.95 39.06 25.91
CA VAL E 280 44.32 37.74 25.88
C VAL E 280 43.26 37.68 26.98
N SER E 281 42.08 37.16 26.64
CA SER E 281 41.01 36.97 27.60
C SER E 281 40.24 35.71 27.24
N CYS E 282 40.02 34.84 28.23
CA CYS E 282 39.30 33.59 28.00
C CYS E 282 38.53 33.21 29.27
N GLU E 283 37.27 33.64 29.35
CA GLU E 283 36.32 33.17 30.36
C GLU E 283 36.82 33.37 31.79
N GLY E 284 37.57 34.45 32.02
CA GLY E 284 37.99 34.76 33.37
C GLY E 284 39.46 35.08 33.52
N TYR E 285 40.31 34.42 32.76
CA TYR E 285 41.75 34.68 32.76
C TYR E 285 42.08 35.75 31.74
N VAL E 286 42.89 36.72 32.15
CA VAL E 286 43.31 37.82 31.28
C VAL E 286 44.83 37.97 31.39
N VAL E 287 45.42 38.57 30.36
CA VAL E 287 46.84 38.90 30.33
C VAL E 287 46.96 40.40 30.07
N LYS E 288 47.69 41.09 30.92
CA LYS E 288 47.81 42.54 30.85
C LYS E 288 49.26 42.93 30.55
N ARG E 289 49.41 44.00 29.77
CA ARG E 289 50.72 44.51 29.38
C ARG E 289 50.83 45.97 29.77
N ILE E 290 51.92 46.32 30.45
CA ILE E 290 52.15 47.68 30.93
C ILE E 290 53.52 48.14 30.43
N THR E 291 53.56 49.32 29.83
CA THR E 291 54.80 49.91 29.33
C THR E 291 55.01 51.27 29.99
N MET E 292 56.20 51.47 30.57
CA MET E 292 56.55 52.73 31.21
C MET E 292 57.49 53.53 30.33
N SER E 293 57.50 54.85 30.55
CA SER E 293 58.37 55.76 29.81
C SER E 293 58.62 56.99 30.67
N PRO E 294 59.86 57.47 30.73
CA PRO E 294 60.16 58.64 31.57
C PRO E 294 59.53 59.91 31.01
N GLY E 295 59.23 60.83 31.93
CA GLY E 295 58.65 62.11 31.58
C GLY E 295 57.14 62.12 31.74
N LEU E 296 56.58 63.32 31.61
CA LEU E 296 55.14 63.53 31.71
C LEU E 296 54.61 64.01 30.37
N TYR E 297 53.55 63.36 29.88
CA TYR E 297 52.95 63.69 28.61
C TYR E 297 51.45 63.49 28.68
N GLY E 298 50.73 64.28 27.87
CA GLY E 298 49.30 64.09 27.71
C GLY E 298 48.49 64.47 28.94
N LYS E 299 47.24 64.01 28.92
CA LYS E 299 46.29 64.26 29.99
C LYS E 299 45.59 62.95 30.35
N THR E 300 45.18 62.84 31.61
CA THR E 300 44.54 61.64 32.14
C THR E 300 43.05 61.88 32.34
N THR E 301 42.28 60.80 32.25
CA THR E 301 40.83 60.86 32.44
C THR E 301 40.31 59.93 33.53
N GLY E 302 41.09 58.95 33.95
CA GLY E 302 40.70 58.08 35.06
C GLY E 302 39.50 57.20 34.81
N TYR E 303 39.44 56.55 33.65
CA TYR E 303 38.37 55.62 33.33
C TYR E 303 38.96 54.27 32.94
N ALA E 304 38.27 53.20 33.33
CA ALA E 304 38.67 51.84 33.00
C ALA E 304 37.54 51.16 32.23
N VAL E 305 37.90 50.41 31.19
CA VAL E 305 36.93 49.80 30.28
C VAL E 305 37.18 48.30 30.22
N THR E 306 36.10 47.53 30.33
CA THR E 306 36.14 46.08 30.20
C THR E 306 35.19 45.65 29.10
N HIS E 307 35.65 44.74 28.23
CA HIS E 307 34.87 44.25 27.12
C HIS E 307 34.38 42.84 27.44
N HIS E 308 33.07 42.62 27.27
CA HIS E 308 32.43 41.36 27.61
C HIS E 308 32.16 40.56 26.35
N ALA E 309 32.86 39.43 26.19
CA ALA E 309 32.55 38.47 25.15
C ALA E 309 31.55 37.42 25.60
N ASP E 310 31.24 37.36 26.89
CA ASP E 310 30.27 36.45 27.46
C ASP E 310 29.33 37.22 28.37
N GLY E 311 28.16 36.63 28.62
CA GLY E 311 27.19 37.28 29.49
C GLY E 311 27.69 37.32 30.93
N PHE E 312 27.45 38.46 31.58
CA PHE E 312 27.83 38.68 32.97
C PHE E 312 26.56 39.05 33.74
N LEU E 313 26.30 38.32 34.83
CA LEU E 313 25.07 38.48 35.60
C LEU E 313 25.39 38.80 37.05
N MET E 314 24.52 39.58 37.68
CA MET E 314 24.61 39.87 39.10
C MET E 314 23.20 40.07 39.64
N CYS E 315 22.75 39.15 40.50
CA CYS E 315 21.40 39.16 41.02
C CYS E 315 21.44 39.16 42.55
N LYS E 316 20.27 39.36 43.14
CA LYS E 316 20.10 39.37 44.59
C LYS E 316 19.26 38.16 44.98
N THR E 317 19.76 37.37 45.91
CA THR E 317 19.12 36.12 46.30
C THR E 317 18.89 36.09 47.81
N THR E 318 17.93 35.28 48.22
CA THR E 318 17.60 35.08 49.64
C THR E 318 18.04 33.70 50.07
N ASP E 319 18.82 33.62 51.15
CA ASP E 319 19.34 32.37 51.66
C ASP E 319 19.18 32.35 53.18
N THR E 320 19.62 31.26 53.78
CA THR E 320 19.56 31.07 55.23
C THR E 320 20.98 30.86 55.75
N VAL E 321 21.48 31.82 56.53
CA VAL E 321 22.82 31.76 57.10
C VAL E 321 22.69 31.47 58.59
N ASP E 322 23.15 30.30 59.00
CA ASP E 322 23.12 29.85 60.40
C ASP E 322 21.70 29.95 60.96
N GLY E 323 20.71 29.47 60.20
CA GLY E 323 19.35 29.43 60.65
C GLY E 323 18.57 30.72 60.52
N GLU E 324 19.17 31.77 59.98
CA GLU E 324 18.54 33.08 59.87
C GLU E 324 18.46 33.50 58.41
N ARG E 325 17.32 34.07 58.02
CA ARG E 325 17.09 34.46 56.65
C ARG E 325 17.68 35.85 56.38
N VAL E 326 18.53 35.94 55.34
CA VAL E 326 19.15 37.19 54.93
C VAL E 326 19.15 37.24 53.40
N SER E 327 19.62 38.37 52.88
CA SER E 327 19.72 38.59 51.44
C SER E 327 21.06 39.19 51.09
N PHE E 328 21.61 38.78 49.95
CA PHE E 328 22.88 39.29 49.45
C PHE E 328 22.97 39.01 47.96
N SER E 329 24.03 39.53 47.34
CA SER E 329 24.17 39.52 45.90
C SER E 329 25.27 38.55 45.46
N VAL E 330 25.06 37.91 44.31
CA VAL E 330 26.01 36.98 43.72
C VAL E 330 26.19 37.32 42.25
N CYS E 331 27.28 36.81 41.68
CA CYS E 331 27.63 37.08 40.28
C CYS E 331 28.20 35.82 39.64
N THR E 332 28.13 35.77 38.31
CA THR E 332 28.59 34.62 37.56
C THR E 332 28.75 34.99 36.08
N TYR E 333 29.13 33.99 35.30
CA TYR E 333 29.29 34.11 33.86
C TYR E 333 28.34 33.16 33.13
N VAL E 334 27.87 33.58 31.97
CA VAL E 334 26.96 32.77 31.15
C VAL E 334 27.54 32.64 29.74
N PRO E 335 27.50 31.45 29.13
CA PRO E 335 27.99 31.31 27.75
C PRO E 335 27.17 32.14 26.78
N ALA E 336 27.85 32.57 25.71
CA ALA E 336 27.23 33.47 24.74
C ALA E 336 26.10 32.78 23.98
N THR E 337 26.27 31.50 23.67
CA THR E 337 25.27 30.79 22.88
C THR E 337 23.92 30.73 23.61
N ILE E 338 23.96 30.48 24.92
CA ILE E 338 22.72 30.43 25.69
C ILE E 338 22.01 31.77 25.69
N CYS E 339 22.78 32.87 25.81
CA CYS E 339 22.18 34.20 25.86
C CYS E 339 21.48 34.54 24.56
N ASP E 340 22.10 34.20 23.42
CA ASP E 340 21.50 34.55 22.12
C ASP E 340 20.18 33.82 21.91
N GLN E 341 20.12 32.54 22.25
CA GLN E 341 18.90 31.76 22.09
C GLN E 341 17.81 32.12 23.10
N MET E 342 18.15 32.92 24.12
CA MET E 342 17.23 33.26 25.20
C MET E 342 16.47 34.55 24.92
N THR E 343 16.70 35.18 23.76
CA THR E 343 16.15 36.51 23.51
C THR E 343 14.66 36.47 23.21
N GLY E 344 14.18 35.38 22.62
CA GLY E 344 12.82 35.35 22.12
C GLY E 344 11.77 35.50 23.21
N ILE E 345 11.91 34.77 24.31
CA ILE E 345 10.87 34.77 25.33
C ILE E 345 11.01 35.90 26.33
N LEU E 346 12.16 36.57 26.38
CA LEU E 346 12.37 37.63 27.36
C LEU E 346 11.59 38.90 27.05
N ALA E 347 10.76 38.90 26.00
CA ALA E 347 9.92 40.04 25.69
C ALA E 347 8.61 40.05 26.48
N THR E 348 8.34 39.01 27.26
CA THR E 348 7.13 38.94 28.07
C THR E 348 7.49 38.66 29.52
N GLU E 349 6.47 38.40 30.35
CA GLU E 349 6.68 38.06 31.75
C GLU E 349 6.70 36.54 31.89
N VAL E 350 7.78 36.02 32.45
CA VAL E 350 7.98 34.58 32.59
C VAL E 350 8.28 34.26 34.04
N THR E 351 7.60 33.23 34.56
CA THR E 351 7.82 32.80 35.93
C THR E 351 9.16 32.07 36.04
N PRO E 352 9.75 32.06 37.24
CA PRO E 352 11.03 31.34 37.41
C PRO E 352 10.95 29.86 37.07
N GLU E 353 9.81 29.20 37.36
CA GLU E 353 9.68 27.78 37.02
C GLU E 353 9.71 27.56 35.52
N ASP E 354 9.03 28.43 34.75
CA ASP E 354 9.02 28.27 33.31
C ASP E 354 10.42 28.50 32.71
N ALA E 355 11.16 29.46 33.26
CA ALA E 355 12.51 29.74 32.75
C ALA E 355 13.44 28.56 33.02
N GLN E 356 13.28 27.90 34.17
CA GLN E 356 14.14 26.76 34.49
C GLN E 356 13.95 25.61 33.53
N LYS E 357 12.70 25.33 33.14
CA LYS E 357 12.43 24.21 32.25
C LYS E 357 13.06 24.45 30.88
N LEU E 358 12.96 25.67 30.36
CA LEU E 358 13.50 25.95 29.04
C LEU E 358 15.02 25.96 29.04
N LEU E 359 15.63 26.40 30.15
CA LEU E 359 17.09 26.36 30.24
C LEU E 359 17.61 24.93 30.20
N VAL E 360 16.92 24.01 30.87
CA VAL E 360 17.33 22.60 30.85
C VAL E 360 17.21 22.04 29.44
N GLY E 361 16.09 22.32 28.76
CA GLY E 361 15.93 21.84 27.40
C GLY E 361 16.90 22.48 26.42
N LEU E 362 17.15 23.78 26.58
CA LEU E 362 18.09 24.48 25.72
C LEU E 362 19.55 24.06 25.95
N ASN E 363 19.81 23.32 27.01
CA ASN E 363 21.16 22.88 27.35
C ASN E 363 21.56 21.65 26.55
N GLN E 364 20.63 21.04 25.83
CA GLN E 364 20.90 19.85 25.04
C GLN E 364 20.86 20.06 23.53
N ARG E 365 20.13 21.07 23.05
CA ARG E 365 19.97 21.25 21.61
C ARG E 365 19.93 22.74 21.27
N ILE E 366 20.59 23.11 20.18
CA ILE E 366 20.58 24.47 19.66
C ILE E 366 20.39 24.41 18.15
N VAL E 367 20.01 25.55 17.58
CA VAL E 367 19.82 25.69 16.13
C VAL E 367 20.90 26.62 15.59
N VAL E 368 21.55 26.18 14.51
CA VAL E 368 22.63 26.95 13.88
C VAL E 368 22.54 26.78 12.38
N ASN E 369 22.48 27.90 11.66
CA ASN E 369 22.50 27.92 10.19
C ASN E 369 21.40 27.02 9.62
N GLY E 370 20.20 27.13 10.18
CA GLY E 370 19.07 26.33 9.72
C GLY E 370 19.15 24.85 10.00
N ARG E 371 20.14 24.40 10.77
CA ARG E 371 20.31 22.99 11.11
C ARG E 371 20.36 22.83 12.62
N THR E 372 20.52 21.59 13.06
CA THR E 372 20.40 21.22 14.46
C THR E 372 21.59 20.40 14.90
N GLN E 373 22.06 20.66 16.12
CA GLN E 373 23.18 19.93 16.71
C GLN E 373 23.10 20.05 18.22
N ARG E 374 24.00 19.35 18.90
CA ARG E 374 24.11 19.48 20.35
C ARG E 374 24.77 20.81 20.72
N ASN E 375 24.62 21.18 21.99
CA ASN E 375 25.16 22.45 22.46
C ASN E 375 26.69 22.46 22.41
N THR E 376 27.32 21.44 22.99
CA THR E 376 28.78 21.29 23.06
C THR E 376 29.43 22.42 23.83
N ASN E 377 28.63 23.34 24.36
CA ASN E 377 29.13 24.44 25.20
C ASN E 377 28.22 24.58 26.42
N THR E 378 27.96 23.44 27.04
CA THR E 378 27.02 23.34 28.14
C THR E 378 27.52 24.12 29.36
N MET E 379 26.58 24.44 30.24
CA MET E 379 26.87 25.13 31.49
C MET E 379 26.60 24.21 32.67
N LYS E 380 27.26 24.50 33.79
CA LYS E 380 27.14 23.64 34.96
C LYS E 380 25.72 23.67 35.50
N ASN E 381 25.24 22.50 35.93
CA ASN E 381 23.84 22.37 36.35
C ASN E 381 23.58 22.99 37.71
N TYR E 382 24.58 23.07 38.57
CA TYR E 382 24.35 23.53 39.94
C TYR E 382 24.09 25.03 40.02
N MET E 383 24.28 25.76 38.93
CA MET E 383 24.02 27.20 38.91
C MET E 383 22.79 27.58 38.09
N ILE E 384 22.07 26.60 37.53
CA ILE E 384 20.87 26.92 36.75
C ILE E 384 19.79 27.58 37.60
N PRO E 385 19.45 27.07 38.81
CA PRO E 385 18.36 27.70 39.59
C PRO E 385 18.54 29.19 39.83
N VAL E 386 19.76 29.62 40.14
CA VAL E 386 19.98 31.04 40.46
C VAL E 386 19.91 31.88 39.18
N VAL E 387 20.34 31.33 38.06
CA VAL E 387 20.33 32.07 36.80
C VAL E 387 18.89 32.27 36.32
N ALA E 388 18.05 31.26 36.49
CA ALA E 388 16.66 31.33 36.01
C ALA E 388 15.90 32.43 36.73
N GLN E 389 16.10 32.57 38.04
CA GLN E 389 15.42 33.61 38.80
C GLN E 389 15.85 35.00 38.35
N ALA E 390 17.13 35.16 38.02
CA ALA E 390 17.64 36.46 37.61
C ALA E 390 16.98 36.94 36.32
N PHE E 391 16.77 36.03 35.38
CA PHE E 391 16.16 36.41 34.10
C PHE E 391 14.73 36.92 34.30
N SER E 392 13.99 36.31 35.22
CA SER E 392 12.61 36.71 35.45
C SER E 392 12.50 38.15 35.95
N LYS E 393 13.40 38.52 36.87
CA LYS E 393 13.37 39.88 37.41
C LYS E 393 13.70 40.91 36.34
N TRP E 394 14.65 40.59 35.47
CA TRP E 394 15.03 41.53 34.41
C TRP E 394 13.87 41.79 33.45
N ALA E 395 13.14 40.73 33.09
CA ALA E 395 12.02 40.90 32.17
C ALA E 395 10.93 41.77 32.78
N LYS E 396 10.65 41.58 34.07
CA LYS E 396 9.62 42.37 34.73
C LYS E 396 10.00 43.84 34.79
N GLU E 397 11.27 44.14 35.09
CA GLU E 397 11.71 45.53 35.22
C GLU E 397 11.66 46.28 33.90
N CYS E 398 11.89 45.60 32.77
CA CYS E 398 11.87 46.24 31.48
C CYS E 398 10.46 46.55 30.98
N ARG E 399 9.43 45.95 31.59
CA ARG E 399 8.05 46.23 31.21
C ARG E 399 7.45 47.40 31.97
N LYS E 400 8.00 47.77 33.12
CA LYS E 400 7.52 48.92 33.86
C LYS E 400 8.03 50.24 33.30
N ASP E 401 9.15 50.22 32.58
CA ASP E 401 9.65 51.44 31.95
C ASP E 401 8.83 51.82 30.72
N MET E 402 8.25 50.83 30.04
CA MET E 402 7.44 51.12 28.86
C MET E 402 6.08 51.70 29.24
N GLU E 403 5.59 51.40 30.44
CA GLU E 403 4.31 51.90 30.91
C GLU E 403 4.42 53.21 31.67
N ASP E 404 5.62 53.78 31.76
CA ASP E 404 5.87 55.03 32.47
C ASP E 404 6.56 56.04 31.56
N GLU E 405 6.01 56.19 30.36
CA GLU E 405 6.60 57.10 29.37
C GLU E 405 6.67 58.51 29.92
N LYS E 406 7.80 59.17 29.68
CA LYS E 406 8.05 60.52 30.20
C LYS E 406 8.45 61.45 29.08
N LEU E 407 8.27 62.74 29.31
CA LEU E 407 8.59 63.75 28.32
C LEU E 407 10.10 63.86 28.12
N LEU E 408 10.50 64.23 26.91
CA LEU E 408 11.90 64.35 26.55
C LEU E 408 12.46 65.67 27.07
N GLY E 409 13.66 65.61 27.64
CA GLY E 409 14.40 66.80 28.04
C GLY E 409 14.13 67.29 29.44
N VAL E 410 13.26 66.62 30.19
CA VAL E 410 12.91 67.07 31.54
C VAL E 410 13.28 66.01 32.57
N ARG E 411 13.48 66.45 33.81
CA ARG E 411 13.79 65.54 34.92
C ARG E 411 12.97 65.99 36.12
N GLU E 412 11.88 65.28 36.42
CA GLU E 412 10.94 65.70 37.45
C GLU E 412 11.63 65.79 38.80
N ARG E 413 11.44 66.91 39.49
CA ARG E 413 11.96 67.12 40.84
C ARG E 413 10.87 67.75 41.70
N THR E 414 10.84 67.37 42.96
CA THR E 414 9.85 67.91 43.89
C THR E 414 10.52 68.76 44.97
N CYS E 419 15.87 75.89 48.57
CA CYS E 419 14.75 74.95 48.52
C CYS E 419 15.21 73.57 48.10
N LEU E 420 14.80 72.55 48.87
CA LEU E 420 15.13 71.18 48.55
C LEU E 420 14.29 70.68 47.38
N TRP E 421 14.82 69.69 46.66
CA TRP E 421 14.12 69.07 45.54
C TRP E 421 14.38 67.56 45.60
N ALA E 422 13.35 66.81 45.97
CA ALA E 422 13.48 65.37 46.17
C ALA E 422 12.85 64.62 45.00
N PHE E 423 13.55 63.60 44.50
CA PHE E 423 13.06 62.77 43.41
C PHE E 423 13.17 61.30 43.82
N LYS E 424 12.17 60.51 43.42
CA LYS E 424 12.13 59.11 43.80
C LYS E 424 13.14 58.30 43.01
N LYS E 425 13.60 57.20 43.61
CA LYS E 425 14.52 56.27 42.96
C LYS E 425 13.80 54.95 42.75
N GLN E 426 13.76 54.50 41.50
CA GLN E 426 13.10 53.23 41.18
C GLN E 426 13.98 52.07 41.65
N LYS E 427 13.35 50.90 41.77
CA LYS E 427 14.02 49.71 42.31
C LYS E 427 14.64 48.88 41.20
N THR E 428 15.85 48.41 41.43
CA THR E 428 16.57 47.54 40.52
C THR E 428 17.12 46.36 41.30
N HIS E 429 16.88 45.15 40.81
CA HIS E 429 17.26 43.94 41.51
C HIS E 429 18.22 43.05 40.72
N THR E 430 18.62 43.45 39.52
CA THR E 430 19.53 42.62 38.72
C THR E 430 20.29 43.52 37.76
N VAL E 431 21.51 43.08 37.41
CA VAL E 431 22.35 43.75 36.42
C VAL E 431 22.79 42.70 35.42
N TYR E 432 22.52 42.96 34.13
CA TYR E 432 22.77 41.99 33.07
C TYR E 432 23.58 42.68 31.98
N LYS E 433 24.78 42.16 31.70
CA LYS E 433 25.66 42.69 30.67
C LYS E 433 25.71 41.68 29.53
N ARG E 434 25.06 42.03 28.42
CA ARG E 434 24.98 41.15 27.26
C ARG E 434 26.32 41.11 26.52
N PRO E 435 26.54 40.08 25.70
CA PRO E 435 27.78 40.02 24.92
C PRO E 435 27.92 41.23 24.00
N ASP E 436 29.17 41.61 23.74
CA ASP E 436 29.51 42.77 22.94
C ASP E 436 29.00 44.06 23.59
N THR E 437 29.32 44.21 24.87
CA THR E 437 28.95 45.38 25.65
C THR E 437 30.08 45.68 26.62
N GLN E 438 30.34 46.98 26.84
CA GLN E 438 31.48 47.42 27.62
C GLN E 438 31.02 48.08 28.91
N SER E 439 31.83 47.95 29.96
CA SER E 439 31.58 48.58 31.24
C SER E 439 32.66 49.63 31.50
N ILE E 440 32.26 50.78 32.05
CA ILE E 440 33.15 51.89 32.31
C ILE E 440 32.99 52.32 33.77
N GLN E 441 34.11 52.59 34.44
CA GLN E 441 34.11 52.90 35.86
C GLN E 441 35.17 53.96 36.16
N LYS E 442 35.00 54.62 37.30
CA LYS E 442 35.89 55.68 37.75
C LYS E 442 36.91 55.12 38.74
N VAL E 443 38.20 55.39 38.49
CA VAL E 443 39.28 54.97 39.36
C VAL E 443 40.25 56.13 39.53
N GLN E 444 41.32 55.88 40.29
CA GLN E 444 42.35 56.87 40.52
C GLN E 444 43.45 56.76 39.47
N ALA E 445 43.96 57.90 39.02
CA ALA E 445 44.97 57.93 37.97
C ALA E 445 46.18 58.79 38.31
N GLU E 446 46.28 59.29 39.54
CA GLU E 446 47.42 60.10 39.96
C GLU E 446 47.94 59.57 41.29
N PHE E 447 49.20 59.14 41.31
CA PHE E 447 49.84 58.61 42.50
C PHE E 447 51.14 59.36 42.76
N ASP E 448 51.32 59.81 44.00
CA ASP E 448 52.53 60.56 44.34
C ASP E 448 53.18 60.07 45.64
N SER E 449 52.37 59.53 46.55
CA SER E 449 52.86 59.13 47.87
C SER E 449 53.42 57.71 47.80
N PHE E 450 54.74 57.61 47.65
CA PHE E 450 55.44 56.33 47.56
C PHE E 450 56.51 56.16 48.63
N VAL E 451 56.54 57.06 49.62
CA VAL E 451 57.58 57.02 50.65
C VAL E 451 57.33 55.86 51.61
N VAL E 452 58.15 54.83 51.51
CA VAL E 452 58.07 53.67 52.41
C VAL E 452 59.46 53.35 52.94
N PRO E 453 59.93 54.07 53.98
CA PRO E 453 61.25 53.76 54.57
C PRO E 453 61.21 52.48 55.41
N SER E 454 61.29 51.34 54.73
CA SER E 454 61.20 50.03 55.36
C SER E 454 62.56 49.35 55.32
N LEU E 455 63.00 48.82 56.45
CA LEU E 455 64.26 48.10 56.54
C LEU E 455 64.07 46.65 56.07
N TRP E 456 65.16 45.88 56.12
CA TRP E 456 65.15 44.51 55.66
C TRP E 456 65.78 43.60 56.71
N SER E 457 65.29 42.36 56.76
CA SER E 457 65.84 41.35 57.67
C SER E 457 65.75 39.99 57.00
N SER E 458 66.67 39.10 57.37
CA SER E 458 66.70 37.77 56.80
C SER E 458 65.57 36.92 57.35
N GLY E 459 65.28 35.84 56.64
CA GLY E 459 64.21 34.94 57.04
C GLY E 459 64.61 33.47 57.03
N LEU E 460 65.90 33.20 56.88
CA LEU E 460 66.41 31.84 56.84
C LEU E 460 66.69 31.34 58.26
N SER E 461 67.13 30.09 58.36
CA SER E 461 67.44 29.49 59.65
C SER E 461 68.55 28.47 59.48
N ILE E 462 69.19 28.11 60.59
CA ILE E 462 70.29 27.15 60.55
C ILE E 462 69.85 25.77 60.06
N PRO E 463 68.78 25.16 60.58
CA PRO E 463 68.44 23.80 60.13
C PRO E 463 68.17 23.70 58.64
N LEU E 464 67.54 24.71 58.05
CA LEU E 464 67.26 24.67 56.61
C LEU E 464 68.53 24.89 55.81
N ARG E 465 69.42 25.77 56.29
CA ARG E 465 70.66 26.02 55.57
C ARG E 465 71.55 24.79 55.54
N THR E 466 71.61 24.04 56.65
CA THR E 466 72.42 22.83 56.69
C THR E 466 71.92 21.79 55.70
N ARG E 467 70.58 21.64 55.59
CA ARG E 467 70.03 20.66 54.68
C ARG E 467 70.37 20.96 53.23
N ILE E 468 70.29 22.25 52.84
CA ILE E 468 70.60 22.62 51.46
C ILE E 468 72.06 22.36 51.14
N LYS E 469 72.96 22.67 52.08
CA LYS E 469 74.38 22.38 51.86
C LYS E 469 74.62 20.89 51.69
N TRP E 470 73.95 20.06 52.50
CA TRP E 470 74.12 18.62 52.38
C TRP E 470 73.61 18.10 51.04
N LEU E 471 72.47 18.62 50.56
CA LEU E 471 71.94 18.19 49.28
C LEU E 471 72.88 18.58 48.14
N LEU E 472 73.43 19.79 48.19
CA LEU E 472 74.36 20.23 47.16
C LEU E 472 75.73 19.59 47.28
N SER E 473 76.03 18.92 48.39
CA SER E 473 77.30 18.24 48.55
C SER E 473 77.41 16.99 47.70
N LYS E 474 76.30 16.49 47.16
CA LYS E 474 76.30 15.31 46.30
C LYS E 474 76.83 15.72 44.93
N VAL E 475 78.16 15.65 44.77
CA VAL E 475 78.76 16.00 43.49
C VAL E 475 78.29 15.08 42.36
N PRO E 476 78.26 13.74 42.52
CA PRO E 476 77.72 12.94 41.41
C PRO E 476 76.22 13.14 41.22
N ASP F 2 48.08 39.68 -7.50
CA ASP F 2 48.51 40.46 -6.35
C ASP F 2 47.48 40.42 -5.23
N PRO F 3 47.48 39.34 -4.46
CA PRO F 3 46.51 39.20 -3.37
C PRO F 3 46.90 40.00 -2.15
N VAL F 4 45.89 40.32 -1.34
CA VAL F 4 46.07 41.07 -0.10
C VAL F 4 45.58 40.22 1.06
N TYR F 5 46.39 40.13 2.11
CA TYR F 5 46.08 39.31 3.27
C TYR F 5 45.58 40.18 4.41
N VAL F 6 44.47 39.78 5.02
CA VAL F 6 43.88 40.51 6.13
C VAL F 6 43.90 39.63 7.37
N ASP F 7 43.98 40.27 8.53
CA ASP F 7 44.11 39.56 9.81
C ASP F 7 42.73 39.39 10.45
N ILE F 8 41.93 38.52 9.85
CA ILE F 8 40.61 38.17 10.37
C ILE F 8 40.41 36.67 10.21
N ASP F 9 39.33 36.19 10.82
CA ASP F 9 39.01 34.76 10.79
C ASP F 9 38.58 34.35 9.37
N ALA F 10 38.76 33.06 9.07
CA ALA F 10 38.48 32.52 7.76
C ALA F 10 37.00 32.25 7.51
N ASP F 11 36.15 32.34 8.55
CA ASP F 11 34.73 32.09 8.41
C ASP F 11 33.89 33.28 8.85
N SER F 12 34.50 34.46 8.97
CA SER F 12 33.76 35.65 9.38
C SER F 12 32.82 36.11 8.27
N ALA F 13 31.68 36.66 8.67
CA ALA F 13 30.71 37.18 7.72
C ALA F 13 31.12 38.53 7.14
N PHE F 14 32.15 39.17 7.70
CA PHE F 14 32.61 40.46 7.21
C PHE F 14 33.37 40.36 5.90
N LEU F 15 33.74 39.15 5.46
CA LEU F 15 34.46 38.99 4.21
C LEU F 15 33.61 39.43 3.01
N LYS F 16 32.33 39.06 3.00
CA LYS F 16 31.47 39.41 1.87
C LYS F 16 31.32 40.91 1.73
N ALA F 17 31.12 41.61 2.85
CA ALA F 17 31.02 43.06 2.81
C ALA F 17 32.34 43.70 2.40
N LEU F 18 33.45 43.19 2.91
CA LEU F 18 34.76 43.77 2.61
C LEU F 18 35.12 43.60 1.13
N GLN F 19 34.85 42.42 0.57
CA GLN F 19 35.17 42.19 -0.84
C GLN F 19 34.32 43.05 -1.76
N ARG F 20 33.05 43.26 -1.41
CA ARG F 20 32.17 44.04 -2.25
C ARG F 20 32.57 45.52 -2.28
N ALA F 21 33.14 46.02 -1.17
CA ALA F 21 33.56 47.41 -1.14
C ALA F 21 34.86 47.65 -1.90
N TYR F 22 35.64 46.60 -2.14
CA TYR F 22 36.92 46.70 -2.85
C TYR F 22 36.93 45.68 -3.98
N PRO F 23 36.29 46.00 -5.11
CA PRO F 23 36.22 45.04 -6.21
C PRO F 23 37.46 45.02 -7.11
N MET F 24 38.43 45.89 -6.87
CA MET F 24 39.66 45.92 -7.67
C MET F 24 40.76 45.05 -7.08
N PHE F 25 40.51 44.41 -5.94
CA PHE F 25 41.47 43.53 -5.29
C PHE F 25 40.85 42.14 -5.12
N GLU F 26 41.61 41.25 -4.51
CA GLU F 26 41.11 39.95 -4.07
C GLU F 26 41.57 39.75 -2.63
N VAL F 27 40.62 39.49 -1.74
CA VAL F 27 40.90 39.46 -0.31
C VAL F 27 41.09 38.01 0.13
N GLU F 28 42.18 37.76 0.85
CA GLU F 28 42.50 36.43 1.37
C GLU F 28 42.69 36.52 2.88
N PRO F 29 42.03 35.67 3.66
CA PRO F 29 42.12 35.77 5.12
C PRO F 29 43.26 34.96 5.69
N ARG F 30 43.84 35.50 6.78
CA ARG F 30 44.92 34.83 7.49
C ARG F 30 45.01 35.44 8.89
N GLN F 31 44.73 34.62 9.90
CA GLN F 31 44.63 35.08 11.28
C GLN F 31 45.86 34.68 12.06
N VAL F 32 46.47 35.67 12.73
CA VAL F 32 47.65 35.44 13.56
C VAL F 32 47.52 36.03 14.95
N THR F 33 46.45 36.76 15.23
CA THR F 33 46.30 37.44 16.52
C THR F 33 44.83 37.55 16.87
N PRO F 34 44.43 37.17 18.08
CA PRO F 34 43.01 37.28 18.49
C PRO F 34 42.66 38.68 18.99
N ASN F 35 42.88 39.67 18.13
CA ASN F 35 42.57 41.05 18.47
C ASN F 35 41.06 41.27 18.53
N ASP F 36 40.64 42.18 19.40
CA ASP F 36 39.23 42.48 19.60
C ASP F 36 38.70 43.54 18.64
N ALA F 37 39.56 44.12 17.80
CA ALA F 37 39.16 45.12 16.83
C ALA F 37 39.70 44.76 15.45
N ALA F 38 39.53 43.49 15.06
CA ALA F 38 40.05 43.03 13.79
C ALA F 38 39.36 43.71 12.61
N ASN F 39 38.05 43.93 12.70
CA ASN F 39 37.31 44.54 11.60
C ASN F 39 37.78 45.96 11.33
N ALA F 40 38.04 46.73 12.38
CA ALA F 40 38.45 48.12 12.23
C ALA F 40 39.82 48.28 11.58
N ARG F 41 40.71 47.30 11.75
CA ARG F 41 42.06 47.40 11.16
C ARG F 41 42.11 46.90 9.73
N ALA F 42 41.22 45.98 9.34
CA ALA F 42 41.21 45.49 7.97
C ALA F 42 40.83 46.59 6.99
N PHE F 43 39.86 47.43 7.36
CA PHE F 43 39.43 48.50 6.46
C PHE F 43 40.54 49.52 6.24
N SER F 44 41.25 49.88 7.30
CA SER F 44 42.31 50.88 7.18
C SER F 44 43.46 50.35 6.32
N HIS F 45 43.77 49.06 6.44
CA HIS F 45 44.85 48.48 5.65
C HIS F 45 44.52 48.53 4.16
N LEU F 46 43.28 48.22 3.80
CA LEU F 46 42.88 48.23 2.39
C LEU F 46 42.77 49.66 1.86
N ALA F 47 42.36 50.60 2.72
CA ALA F 47 42.19 51.98 2.27
C ALA F 47 43.52 52.59 1.83
N ILE F 48 44.59 52.31 2.56
CA ILE F 48 45.90 52.87 2.21
C ILE F 48 46.38 52.29 0.89
N LYS F 49 46.14 51.00 0.66
CA LYS F 49 46.56 50.37 -0.58
C LYS F 49 45.90 51.02 -1.79
N LEU F 50 44.61 51.33 -1.68
CA LEU F 50 43.90 51.99 -2.78
C LEU F 50 44.47 53.37 -3.06
N ILE F 51 44.78 54.13 -2.00
CA ILE F 51 45.27 55.50 -2.18
C ILE F 51 46.66 55.50 -2.81
N GLU F 52 47.52 54.58 -2.38
CA GLU F 52 48.91 54.60 -2.83
C GLU F 52 49.03 54.38 -4.33
N GLN F 53 48.27 53.42 -4.88
CA GLN F 53 48.38 53.11 -6.30
C GLN F 53 47.74 54.19 -7.17
N GLU F 54 46.83 54.98 -6.60
CA GLU F 54 46.12 55.97 -7.40
C GLU F 54 46.98 57.19 -7.69
N ILE F 55 47.81 57.60 -6.74
CA ILE F 55 48.56 58.85 -6.85
C ILE F 55 49.84 58.66 -7.65
N ASP F 56 50.42 59.77 -8.09
CA ASP F 56 51.69 59.72 -8.83
C ASP F 56 52.81 59.30 -7.89
N PRO F 57 53.61 58.28 -8.24
CA PRO F 57 54.68 57.85 -7.33
C PRO F 57 55.90 58.75 -7.35
N ASP F 58 55.78 59.94 -7.93
CA ASP F 58 56.89 60.89 -8.02
C ASP F 58 56.65 62.15 -7.17
N SER F 59 55.65 62.14 -6.29
CA SER F 59 55.32 63.30 -5.49
C SER F 59 55.73 63.08 -4.03
N THR F 60 55.51 64.12 -3.22
CA THR F 60 55.84 64.10 -1.80
C THR F 60 54.55 64.10 -0.98
N ILE F 61 54.52 63.27 0.05
CA ILE F 61 53.33 63.04 0.86
C ILE F 61 53.60 63.52 2.28
N LEU F 62 52.64 64.25 2.84
CA LEU F 62 52.69 64.69 4.23
C LEU F 62 51.76 63.85 5.09
N ASP F 63 52.20 63.52 6.30
CA ASP F 63 51.41 62.78 7.27
C ASP F 63 51.17 63.65 8.48
N ILE F 64 49.93 63.69 8.96
CA ILE F 64 49.56 64.50 10.11
C ILE F 64 49.28 63.57 11.28
N GLY F 65 50.09 63.66 12.33
CA GLY F 65 49.91 62.84 13.51
C GLY F 65 50.01 61.35 13.25
N SER F 66 51.02 60.95 12.50
CA SER F 66 51.18 59.55 12.09
C SER F 66 52.24 58.86 12.95
N ALA F 67 52.30 57.54 12.80
CA ALA F 67 53.32 56.72 13.44
C ALA F 67 54.35 56.31 12.40
N PRO F 68 55.59 56.78 12.49
CA PRO F 68 56.58 56.48 11.44
C PRO F 68 56.95 55.00 11.35
N ALA F 69 56.62 54.20 12.36
CA ALA F 69 57.03 52.80 12.36
C ALA F 69 56.41 52.02 11.20
N ARG F 70 55.16 52.31 10.85
CA ARG F 70 54.46 51.59 9.81
C ARG F 70 54.72 52.13 8.42
N ARG F 71 55.46 53.23 8.30
CA ARG F 71 55.82 53.81 7.01
C ARG F 71 57.24 53.47 6.59
N MET F 72 57.90 52.54 7.28
CA MET F 72 59.28 52.19 6.96
C MET F 72 59.37 51.47 5.62
N MET F 73 58.69 50.34 5.49
CA MET F 73 58.74 49.53 4.27
C MET F 73 57.76 50.08 3.25
N SER F 74 58.11 51.24 2.72
CA SER F 74 57.30 51.91 1.71
C SER F 74 58.22 52.50 0.64
N ASP F 75 57.81 52.39 -0.61
CA ASP F 75 58.59 52.88 -1.74
C ASP F 75 58.30 54.34 -2.08
N ARG F 76 57.40 54.98 -1.35
CA ARG F 76 57.05 56.37 -1.61
C ARG F 76 57.90 57.28 -0.74
N LYS F 77 57.67 58.58 -0.81
CA LYS F 77 58.37 59.58 0.00
C LYS F 77 57.39 60.15 1.01
N TYR F 78 57.72 60.06 2.29
CA TYR F 78 56.84 60.47 3.36
C TYR F 78 57.54 61.48 4.26
N HIS F 79 56.81 62.53 4.65
CA HIS F 79 57.26 63.51 5.62
C HIS F 79 56.34 63.40 6.84
N CYS F 80 56.85 62.78 7.91
CA CYS F 80 56.04 62.49 9.09
C CYS F 80 56.08 63.69 10.03
N VAL F 81 54.90 64.19 10.39
CA VAL F 81 54.76 65.27 11.36
C VAL F 81 54.35 64.63 12.68
N CYS F 82 55.28 64.57 13.63
CA CYS F 82 55.07 63.85 14.89
C CYS F 82 55.35 64.77 16.08
N PRO F 83 54.35 65.52 16.53
CA PRO F 83 54.52 66.28 17.78
C PRO F 83 54.46 65.38 18.99
N MET F 84 54.57 65.95 20.19
CA MET F 84 54.54 65.20 21.45
C MET F 84 53.41 65.78 22.29
N ARG F 85 52.19 65.27 22.09
CA ARG F 85 51.02 65.77 22.80
C ARG F 85 50.14 64.64 23.33
N SER F 86 50.67 63.42 23.41
CA SER F 86 49.88 62.29 23.88
C SER F 86 50.79 61.31 24.59
N ALA F 87 50.18 60.45 25.41
CA ALA F 87 50.93 59.46 26.17
C ALA F 87 51.42 58.29 25.32
N GLU F 88 50.94 58.16 24.08
CA GLU F 88 51.35 57.07 23.20
C GLU F 88 52.56 57.42 22.36
N ASP F 89 52.87 58.70 22.20
CA ASP F 89 53.99 59.10 21.35
C ASP F 89 55.35 58.58 21.84
N PRO F 90 55.70 58.66 23.13
CA PRO F 90 57.01 58.11 23.54
C PRO F 90 57.20 56.65 23.17
N GLU F 91 56.15 55.83 23.29
CA GLU F 91 56.27 54.42 22.93
C GLU F 91 56.50 54.24 21.44
N ARG F 92 55.81 55.02 20.61
CA ARG F 92 55.96 54.90 19.17
C ARG F 92 57.35 55.33 18.72
N LEU F 93 57.87 56.41 19.30
CA LEU F 93 59.20 56.89 18.92
C LEU F 93 60.28 55.87 19.29
N ALA F 94 60.16 55.25 20.47
CA ALA F 94 61.14 54.25 20.87
C ALA F 94 61.10 53.03 19.95
N ASN F 95 59.90 52.61 19.56
CA ASN F 95 59.77 51.47 18.66
C ASN F 95 60.37 51.77 17.30
N TYR F 96 60.22 53.00 16.82
CA TYR F 96 60.79 53.38 15.52
C TYR F 96 62.31 53.29 15.54
N ALA F 97 62.93 53.77 16.62
CA ALA F 97 64.39 53.72 16.71
C ALA F 97 64.89 52.28 16.78
N ARG F 98 64.20 51.43 17.54
CA ARG F 98 64.64 50.04 17.67
C ARG F 98 64.55 49.30 16.34
N LYS F 99 63.48 49.52 15.59
CA LYS F 99 63.31 48.84 14.31
C LYS F 99 64.34 49.32 13.28
N LEU F 100 64.67 50.61 13.30
CA LEU F 100 65.64 51.14 12.35
C LEU F 100 67.01 50.53 12.56
N ALA F 101 67.45 50.43 13.82
CA ALA F 101 68.76 49.87 14.10
C ALA F 101 68.80 48.37 13.82
N SER F 102 67.72 47.65 14.14
CA SER F 102 67.69 46.21 13.94
C SER F 102 67.78 45.85 12.46
N ALA F 103 67.08 46.59 11.61
CA ALA F 103 67.03 46.31 10.18
C ALA F 103 68.05 47.11 9.39
N ALA F 104 69.19 47.43 9.99
CA ALA F 104 70.24 48.19 9.32
C ALA F 104 71.27 47.23 8.75
N GLY F 105 71.58 47.40 7.46
CA GLY F 105 72.56 46.57 6.79
C GLY F 105 72.00 45.33 6.13
N LYS F 106 70.73 44.99 6.37
CA LYS F 106 70.10 43.83 5.75
C LYS F 106 69.24 44.22 4.56
N VAL F 107 68.27 45.11 4.75
CA VAL F 107 67.42 45.59 3.66
C VAL F 107 67.96 46.95 3.26
N LEU F 108 68.93 46.94 2.35
CA LEU F 108 69.53 48.18 1.83
C LEU F 108 68.85 48.63 0.55
N ASP F 109 67.52 48.78 0.58
CA ASP F 109 66.78 49.14 -0.62
C ASP F 109 65.78 50.25 -0.33
N ARG F 110 65.35 50.38 0.91
CA ARG F 110 64.31 51.34 1.29
C ARG F 110 64.89 52.60 1.93
N ASN F 111 66.15 52.91 1.65
CA ASN F 111 66.82 54.10 2.18
C ASN F 111 66.78 54.11 3.71
N ILE F 112 67.45 53.10 4.29
CA ILE F 112 67.50 52.99 5.75
C ILE F 112 68.57 53.90 6.33
N SER F 113 69.72 53.99 5.66
CA SER F 113 70.81 54.82 6.17
C SER F 113 70.41 56.29 6.23
N GLY F 114 69.70 56.77 5.21
CA GLY F 114 69.26 58.16 5.22
C GLY F 114 68.31 58.47 6.37
N LYS F 115 67.38 57.55 6.65
CA LYS F 115 66.46 57.74 7.76
C LYS F 115 67.20 57.75 9.10
N ILE F 116 68.17 56.86 9.26
CA ILE F 116 68.93 56.81 10.50
C ILE F 116 69.70 58.11 10.73
N GLY F 117 70.38 58.58 9.69
CA GLY F 117 71.13 59.83 9.82
C GLY F 117 70.22 61.02 10.05
N ASP F 118 69.06 61.04 9.41
CA ASP F 118 68.14 62.16 9.56
C ASP F 118 67.58 62.23 10.98
N LEU F 119 67.28 61.08 11.57
CA LEU F 119 66.76 61.07 12.94
C LEU F 119 67.79 61.60 13.93
N GLN F 120 69.05 61.25 13.74
CA GLN F 120 70.11 61.72 14.64
C GLN F 120 70.24 63.24 14.57
N ALA F 121 70.12 63.81 13.37
CA ALA F 121 70.26 65.26 13.23
C ALA F 121 69.18 66.01 13.99
N VAL F 122 67.94 65.50 13.95
CA VAL F 122 66.86 66.16 14.67
C VAL F 122 67.08 66.09 16.18
N MET F 123 67.64 64.97 16.65
CA MET F 123 67.90 64.83 18.08
C MET F 123 68.91 65.87 18.57
N ALA F 124 69.94 66.14 17.77
CA ALA F 124 70.95 67.13 18.18
C ALA F 124 70.35 68.53 18.24
N VAL F 125 69.66 68.93 17.18
CA VAL F 125 69.02 70.24 17.12
C VAL F 125 67.52 70.02 16.91
N PRO F 126 66.72 70.12 17.98
CA PRO F 126 65.28 69.84 17.84
C PRO F 126 64.48 71.03 17.32
N ASP F 127 64.98 71.68 16.27
CA ASP F 127 64.23 72.75 15.63
C ASP F 127 64.39 72.78 14.11
N THR F 128 65.10 71.82 13.53
CA THR F 128 65.37 71.84 12.09
C THR F 128 64.27 71.10 11.34
N GLU F 129 64.08 71.50 10.08
CA GLU F 129 63.15 70.84 9.18
C GLU F 129 63.91 69.93 8.24
N THR F 130 63.50 68.68 8.17
CA THR F 130 64.19 67.63 7.43
C THR F 130 63.22 66.98 6.45
N PRO F 131 63.73 66.41 5.36
CA PRO F 131 62.83 65.79 4.37
C PRO F 131 62.01 64.63 4.93
N THR F 132 62.51 63.91 5.92
CA THR F 132 61.86 62.71 6.42
C THR F 132 61.16 62.90 7.75
N PHE F 133 61.74 63.64 8.68
CA PHE F 133 61.20 63.78 10.03
C PHE F 133 60.99 65.25 10.38
N CYS F 134 60.02 65.49 11.26
CA CYS F 134 59.71 66.83 11.72
C CYS F 134 59.15 66.75 13.13
N LEU F 135 59.22 67.87 13.85
CA LEU F 135 58.79 67.89 15.25
C LEU F 135 57.84 69.04 15.56
N HIS F 136 57.31 69.71 14.55
CA HIS F 136 56.35 70.79 14.74
C HIS F 136 54.93 70.24 14.53
N THR F 137 53.94 71.13 14.55
CA THR F 137 52.57 70.77 14.29
C THR F 137 52.26 70.97 12.81
N ASP F 138 51.00 70.69 12.44
CA ASP F 138 50.59 70.89 11.04
C ASP F 138 50.59 72.36 10.65
N VAL F 139 50.47 73.27 11.62
CA VAL F 139 50.47 74.69 11.30
C VAL F 139 51.91 75.24 11.25
N SER F 140 52.75 74.84 12.20
CA SER F 140 54.09 75.39 12.30
C SER F 140 55.08 74.76 11.33
N CYS F 141 54.74 73.62 10.71
CA CYS F 141 55.64 72.98 9.78
C CYS F 141 55.82 73.84 8.53
N ARG F 142 57.04 73.86 8.00
CA ARG F 142 57.40 74.70 6.86
C ARG F 142 57.98 73.87 5.73
N GLN F 143 57.35 72.74 5.43
CA GLN F 143 57.76 71.86 4.35
C GLN F 143 56.73 71.90 3.23
N ARG F 144 57.22 71.94 1.99
CA ARG F 144 56.36 72.04 0.82
C ARG F 144 56.26 70.67 0.16
N ALA F 145 55.03 70.27 -0.17
CA ALA F 145 54.76 68.98 -0.78
C ALA F 145 53.56 69.12 -1.71
N ASP F 146 52.98 67.98 -2.09
CA ASP F 146 51.85 67.96 -3.02
C ASP F 146 50.61 67.27 -2.47
N VAL F 147 50.77 66.24 -1.64
CA VAL F 147 49.65 65.45 -1.14
C VAL F 147 49.71 65.41 0.38
N ALA F 148 48.54 65.56 1.02
CA ALA F 148 48.41 65.44 2.46
C ALA F 148 47.41 64.35 2.79
N ILE F 149 47.71 63.55 3.80
CA ILE F 149 46.90 62.40 4.17
C ILE F 149 46.54 62.49 5.65
N TYR F 150 45.24 62.37 5.94
CA TYR F 150 44.74 62.28 7.31
C TYR F 150 44.20 60.88 7.56
N GLN F 151 44.58 60.29 8.68
CA GLN F 151 44.13 58.95 9.05
C GLN F 151 43.68 58.96 10.51
N ASP F 152 42.37 58.82 10.73
CA ASP F 152 41.79 58.75 12.07
C ASP F 152 42.18 59.97 12.91
N VAL F 153 41.98 61.15 12.34
CA VAL F 153 42.30 62.40 13.00
C VAL F 153 40.99 63.12 13.32
N TYR F 154 40.75 63.38 14.61
CA TYR F 154 39.55 64.07 15.04
C TYR F 154 39.85 65.25 15.96
N ALA F 155 41.11 65.66 16.08
CA ALA F 155 41.51 66.69 17.03
C ALA F 155 41.94 67.99 16.37
N VAL F 156 41.64 68.19 15.09
CA VAL F 156 42.06 69.37 14.36
C VAL F 156 40.86 69.99 13.67
N HIS F 157 40.69 71.30 13.80
CA HIS F 157 39.67 72.03 13.06
C HIS F 157 39.97 71.93 11.57
N ALA F 158 38.94 71.58 10.79
CA ALA F 158 39.17 71.21 9.40
C ALA F 158 39.39 72.41 8.46
N PRO F 159 38.53 73.45 8.48
CA PRO F 159 38.81 74.60 7.61
C PRO F 159 40.15 75.26 7.87
N THR F 160 40.57 75.34 9.14
CA THR F 160 41.82 76.00 9.47
C THR F 160 43.02 75.19 8.99
N SER F 161 43.00 73.87 9.21
CA SER F 161 44.11 73.02 8.81
C SER F 161 44.27 72.99 7.29
N LEU F 162 43.15 72.91 6.57
CA LEU F 162 43.22 72.83 5.11
C LEU F 162 43.81 74.09 4.51
N TYR F 163 43.45 75.25 5.06
CA TYR F 163 43.97 76.51 4.54
C TYR F 163 45.48 76.60 4.69
N HIS F 164 46.01 76.16 5.83
CA HIS F 164 47.46 76.23 6.05
C HIS F 164 48.21 75.27 5.14
N GLN F 165 47.58 74.15 4.77
CA GLN F 165 48.21 73.25 3.82
C GLN F 165 48.15 73.82 2.40
N ALA F 166 47.09 74.57 2.08
CA ALA F 166 46.92 75.08 0.73
C ALA F 166 47.99 76.09 0.36
N ILE F 167 48.36 76.97 1.30
CA ILE F 167 49.34 78.02 1.00
C ILE F 167 50.73 77.48 0.77
N LYS F 168 50.98 76.21 1.07
CA LYS F 168 52.27 75.58 0.81
C LYS F 168 52.28 74.78 -0.49
N GLY F 169 51.19 74.84 -1.27
CA GLY F 169 51.14 74.19 -2.55
C GLY F 169 50.64 72.76 -2.51
N VAL F 170 49.56 72.51 -1.77
CA VAL F 170 48.94 71.19 -1.68
C VAL F 170 47.66 71.21 -2.50
N ARG F 171 47.51 70.24 -3.39
CA ARG F 171 46.39 70.20 -4.32
C ARG F 171 45.48 69.00 -4.13
N LEU F 172 45.75 68.13 -3.16
CA LEU F 172 44.94 66.93 -2.95
C LEU F 172 45.03 66.51 -1.50
N ALA F 173 43.95 65.94 -0.97
CA ALA F 173 43.91 65.51 0.42
C ALA F 173 42.98 64.31 0.53
N TYR F 174 43.16 63.56 1.61
CA TYR F 174 42.34 62.39 1.92
C TYR F 174 42.03 62.35 3.41
N TRP F 175 40.92 61.69 3.74
CA TRP F 175 40.50 61.56 5.13
C TRP F 175 39.81 60.21 5.32
N VAL F 176 40.25 59.47 6.33
CA VAL F 176 39.68 58.16 6.66
C VAL F 176 39.23 58.19 8.11
N GLY F 177 37.98 57.82 8.34
CA GLY F 177 37.46 57.83 9.69
C GLY F 177 36.01 57.39 9.73
N PHE F 178 35.38 57.64 10.87
CA PHE F 178 34.00 57.24 11.11
C PHE F 178 33.03 58.22 10.44
N ASP F 179 31.80 57.77 10.24
CA ASP F 179 30.77 58.63 9.67
C ASP F 179 30.31 59.65 10.71
N THR F 180 30.17 60.91 10.29
CA THR F 180 29.78 61.99 11.17
C THR F 180 28.29 62.29 11.12
N THR F 181 27.51 61.49 10.40
CA THR F 181 26.07 61.75 10.31
C THR F 181 25.34 61.70 11.65
N PRO F 182 25.57 60.72 12.54
CA PRO F 182 24.80 60.69 13.79
C PRO F 182 24.96 61.94 14.64
N PHE F 183 26.09 62.63 14.56
CA PHE F 183 26.30 63.83 15.35
C PHE F 183 25.61 65.06 14.78
N MET F 184 25.14 65.00 13.53
CA MET F 184 24.36 66.10 12.98
C MET F 184 22.91 66.06 13.42
N TYR F 185 22.41 64.90 13.82
CA TYR F 185 21.05 64.76 14.34
C TYR F 185 20.96 65.06 15.83
N ASN F 186 22.10 65.33 16.49
CA ASN F 186 22.16 65.66 17.90
C ASN F 186 21.56 64.55 18.76
N ALA F 187 22.20 63.39 18.69
CA ALA F 187 21.78 62.23 19.47
C ALA F 187 22.57 62.16 20.78
N MET F 188 22.06 61.36 21.71
CA MET F 188 22.71 61.18 23.01
C MET F 188 23.63 59.97 23.06
N ALA F 189 23.27 58.87 22.39
CA ALA F 189 24.09 57.68 22.36
C ALA F 189 23.86 56.96 21.04
N GLY F 190 24.81 56.10 20.68
CA GLY F 190 24.72 55.38 19.44
C GLY F 190 25.63 54.16 19.45
N ALA F 191 25.71 53.50 18.30
CA ALA F 191 26.52 52.29 18.20
C ALA F 191 26.86 52.03 16.74
N TYR F 192 27.98 51.33 16.54
CA TYR F 192 28.37 50.79 15.24
C TYR F 192 28.54 49.29 15.40
N PRO F 193 27.47 48.50 15.28
CA PRO F 193 27.55 47.08 15.66
C PRO F 193 28.46 46.24 14.78
N SER F 194 28.77 46.68 13.56
CA SER F 194 29.62 45.89 12.69
C SER F 194 31.08 45.93 13.12
N TYR F 195 31.47 46.94 13.90
CA TYR F 195 32.86 47.13 14.31
C TYR F 195 33.04 47.10 15.82
N SER F 196 32.00 46.72 16.58
CA SER F 196 32.07 46.63 18.04
C SER F 196 32.50 47.96 18.66
N THR F 197 31.79 49.03 18.29
CA THR F 197 32.08 50.37 18.77
C THR F 197 30.83 50.95 19.42
N ASN F 198 30.99 51.55 20.60
CA ASN F 198 29.91 52.18 21.33
C ASN F 198 30.39 53.53 21.86
N TRP F 199 29.51 54.53 21.82
CA TRP F 199 29.83 55.85 22.33
C TRP F 199 28.65 56.39 23.11
N ALA F 200 28.94 57.28 24.06
CA ALA F 200 27.91 57.85 24.93
C ALA F 200 28.42 59.16 25.51
N ASP F 201 27.49 59.93 26.06
CA ASP F 201 27.81 61.17 26.75
C ASP F 201 28.01 60.91 28.24
N GLU F 202 28.73 61.84 28.89
CA GLU F 202 29.06 61.69 30.30
C GLU F 202 27.81 61.71 31.19
N GLN F 203 26.77 62.44 30.80
CA GLN F 203 25.57 62.55 31.63
C GLN F 203 24.76 61.27 31.67
N VAL F 204 25.05 60.30 30.81
CA VAL F 204 24.29 59.05 30.77
C VAL F 204 25.22 57.86 30.94
N LEU F 205 26.38 58.09 31.58
CA LEU F 205 27.32 57.00 31.81
C LEU F 205 26.85 56.02 32.88
N LYS F 206 25.81 56.36 33.64
CA LYS F 206 25.26 55.50 34.66
C LYS F 206 23.88 54.97 34.27
N ALA F 207 23.72 54.66 32.99
CA ALA F 207 22.46 54.10 32.49
C ALA F 207 22.40 52.61 32.81
N LYS F 208 21.42 51.91 32.27
CA LYS F 208 21.23 50.51 32.60
C LYS F 208 21.13 49.62 31.36
N ASN F 209 20.61 50.17 30.26
CA ASN F 209 20.31 49.37 29.08
C ASN F 209 20.87 50.00 27.82
N ILE F 210 22.12 50.44 27.86
CA ILE F 210 22.81 50.92 26.68
C ILE F 210 24.14 50.18 26.56
N GLY F 211 24.84 50.43 25.45
CA GLY F 211 26.05 49.69 25.15
C GLY F 211 27.25 50.05 26.00
N LEU F 212 27.25 51.23 26.61
CA LEU F 212 28.39 51.70 27.40
C LEU F 212 27.85 52.38 28.66
N CYS F 213 27.73 51.60 29.73
CA CYS F 213 27.21 52.11 30.99
C CYS F 213 27.59 51.16 32.12
N SER F 214 27.30 51.58 33.34
CA SER F 214 27.54 50.77 34.53
C SER F 214 26.72 51.35 35.67
N THR F 215 25.92 50.50 36.31
CA THR F 215 25.02 50.93 37.37
C THR F 215 25.30 50.11 38.64
N ASP F 216 24.55 50.40 39.69
CA ASP F 216 24.71 49.77 40.99
C ASP F 216 23.47 48.94 41.33
N LEU F 217 23.51 48.29 42.49
CA LEU F 217 22.43 47.41 42.92
C LEU F 217 21.84 47.81 44.27
N THR F 218 22.65 48.31 45.20
CA THR F 218 22.16 48.68 46.53
C THR F 218 21.35 49.96 46.41
N GLU F 219 20.04 49.85 46.58
CA GLU F 219 19.10 50.94 46.33
C GLU F 219 17.71 50.52 46.79
N GLY F 220 16.74 51.41 46.59
CA GLY F 220 15.36 51.13 46.92
C GLY F 220 14.72 52.14 47.84
N ARG F 221 15.31 53.32 47.94
CA ARG F 221 14.87 54.33 48.90
C ARG F 221 14.06 55.43 48.23
N ARG F 222 13.48 56.29 49.05
CA ARG F 222 12.59 57.36 48.62
C ARG F 222 13.17 58.71 49.05
N GLY F 223 13.28 59.64 48.09
CA GLY F 223 13.67 60.99 48.40
C GLY F 223 15.17 61.25 48.29
N LYS F 224 15.56 62.10 47.35
CA LYS F 224 16.96 62.50 47.18
C LYS F 224 17.00 64.02 47.07
N LEU F 225 17.42 64.68 48.14
CA LEU F 225 17.46 66.14 48.16
C LEU F 225 18.49 66.65 47.16
N SER F 226 18.11 67.68 46.41
CA SER F 226 18.97 68.30 45.42
C SER F 226 18.93 69.81 45.56
N ILE F 227 20.09 70.45 45.43
CA ILE F 227 20.16 71.91 45.56
C ILE F 227 19.78 72.57 44.24
N MET F 228 20.39 72.14 43.15
CA MET F 228 20.14 72.74 41.84
C MET F 228 18.91 72.09 41.19
N ARG F 229 18.14 72.89 40.46
CA ARG F 229 16.95 72.42 39.75
C ARG F 229 17.28 72.31 38.28
N GLY F 230 17.82 71.16 37.88
CA GLY F 230 18.25 70.97 36.51
C GLY F 230 17.14 71.03 35.48
N LYS F 231 16.28 70.02 35.48
CA LYS F 231 15.13 69.93 34.56
C LYS F 231 15.56 69.90 33.09
N LYS F 232 16.88 69.85 32.85
CA LYS F 232 17.44 69.95 31.51
C LYS F 232 18.31 68.76 31.15
N LEU F 233 18.04 68.13 30.02
CA LEU F 233 18.92 67.13 29.43
C LEU F 233 19.19 67.51 27.98
N GLU F 234 20.36 68.09 27.73
CA GLU F 234 20.79 68.45 26.39
C GLU F 234 22.22 67.97 26.21
N PRO F 235 22.59 67.56 25.00
CA PRO F 235 23.97 67.09 24.77
C PRO F 235 24.99 68.17 25.08
N CYS F 236 26.12 67.75 25.62
N CYS F 236 26.12 67.75 25.62
CA CYS F 236 27.23 68.64 25.93
CA CYS F 236 27.24 68.63 25.94
C CYS F 236 28.42 68.33 25.02
C CYS F 236 28.42 68.33 25.02
N ASP F 237 29.48 69.09 25.17
CA ASP F 237 30.64 68.95 24.27
C ASP F 237 31.32 67.60 24.42
N ARG F 238 31.46 67.11 25.66
CA ARG F 238 32.29 65.93 25.89
C ARG F 238 31.58 64.66 25.44
N VAL F 239 32.30 63.83 24.68
CA VAL F 239 31.79 62.56 24.18
C VAL F 239 32.91 61.53 24.32
N LEU F 240 32.55 60.32 24.76
CA LEU F 240 33.51 59.24 24.97
C LEU F 240 33.27 58.15 23.94
N PHE F 241 34.37 57.63 23.38
CA PHE F 241 34.32 56.55 22.40
C PHE F 241 34.96 55.29 22.98
N SER F 242 34.50 54.13 22.50
CA SER F 242 35.03 52.83 22.93
C SER F 242 35.09 51.91 21.73
N VAL F 243 36.30 51.65 21.24
CA VAL F 243 36.53 50.72 20.15
C VAL F 243 37.19 49.47 20.72
N GLY F 244 36.47 48.36 20.68
CA GLY F 244 36.96 47.15 21.31
C GLY F 244 37.09 47.30 22.81
N SER F 245 38.34 47.38 23.30
CA SER F 245 38.62 47.60 24.71
C SER F 245 39.56 48.79 24.88
N THR F 246 39.36 49.83 24.07
CA THR F 246 40.17 51.04 24.12
C THR F 246 39.26 52.25 24.19
N LEU F 247 39.65 53.24 24.98
CA LEU F 247 38.83 54.41 25.25
C LEU F 247 39.44 55.65 24.59
N TYR F 248 38.57 56.45 23.96
CA TYR F 248 39.00 57.67 23.30
C TYR F 248 38.05 58.83 23.60
N PRO F 249 38.52 59.89 24.25
CA PRO F 249 37.68 61.08 24.45
C PRO F 249 37.67 61.98 23.22
N GLU F 250 36.49 62.54 22.94
CA GLU F 250 36.30 63.41 21.78
C GLU F 250 35.46 64.61 22.17
N SER F 251 35.31 65.53 21.23
CA SER F 251 34.48 66.72 21.39
C SER F 251 33.55 66.87 20.20
N ARG F 252 32.33 67.34 20.48
CA ARG F 252 31.32 67.43 19.43
C ARG F 252 31.67 68.48 18.39
N LYS F 253 32.21 69.62 18.82
CA LYS F 253 32.48 70.72 17.89
C LYS F 253 33.51 70.33 16.84
N LEU F 254 34.57 69.62 17.25
CA LEU F 254 35.59 69.22 16.29
C LEU F 254 35.10 68.08 15.39
N LEU F 255 34.18 67.25 15.88
CA LEU F 255 33.65 66.16 15.06
C LEU F 255 32.75 66.70 13.96
N LYS F 256 31.95 67.73 14.26
CA LYS F 256 31.03 68.29 13.27
C LYS F 256 31.72 69.15 12.23
N SER F 257 32.97 69.55 12.47
CA SER F 257 33.68 70.40 11.52
C SER F 257 34.13 69.64 10.28
N TRP F 258 34.11 68.31 10.31
CA TRP F 258 34.55 67.49 9.19
C TRP F 258 33.41 67.07 8.28
N HIS F 259 32.18 67.53 8.57
CA HIS F 259 31.03 67.26 7.72
C HIS F 259 30.93 68.40 6.70
N LEU F 260 31.91 68.43 5.80
CA LEU F 260 32.07 69.52 4.84
C LEU F 260 31.01 69.47 3.76
N PRO F 261 30.65 70.61 3.18
CA PRO F 261 29.69 70.64 2.09
C PRO F 261 30.39 70.31 0.77
N SER F 262 29.59 70.29 -0.31
CA SER F 262 30.13 69.94 -1.62
C SER F 262 31.09 71.00 -2.14
N VAL F 263 30.72 72.27 -2.03
CA VAL F 263 31.54 73.38 -2.53
C VAL F 263 31.63 74.44 -1.44
N PHE F 264 32.84 74.93 -1.18
CA PHE F 264 33.05 75.99 -0.22
C PHE F 264 34.26 76.83 -0.65
N HIS F 265 34.33 78.04 -0.12
CA HIS F 265 35.38 78.99 -0.45
C HIS F 265 36.24 79.28 0.78
N LEU F 266 37.53 79.48 0.56
CA LEU F 266 38.47 79.89 1.59
C LEU F 266 39.05 81.25 1.21
N LYS F 267 38.86 82.24 2.08
CA LYS F 267 39.27 83.61 1.80
C LYS F 267 40.25 84.10 2.85
N GLY F 268 41.22 84.90 2.41
CA GLY F 268 42.23 85.45 3.29
C GLY F 268 43.28 86.22 2.51
N LYS F 269 44.55 85.97 2.80
CA LYS F 269 45.61 86.54 1.98
C LYS F 269 45.52 86.01 0.54
N LEU F 270 45.25 84.72 0.39
CA LEU F 270 44.99 84.10 -0.89
C LEU F 270 43.60 83.48 -0.89
N SER F 271 43.10 83.16 -2.07
CA SER F 271 41.76 82.62 -2.24
C SER F 271 41.82 81.28 -2.96
N PHE F 272 40.96 80.35 -2.53
CA PHE F 272 40.89 79.02 -3.11
C PHE F 272 39.45 78.55 -3.18
N THR F 273 39.21 77.60 -4.09
CA THR F 273 37.93 76.91 -4.19
C THR F 273 38.16 75.42 -4.00
N CYS F 274 37.31 74.79 -3.20
CA CYS F 274 37.51 73.40 -2.82
C CYS F 274 36.23 72.60 -3.02
N ARG F 275 36.40 71.29 -3.25
CA ARG F 275 35.30 70.36 -3.41
C ARG F 275 35.57 69.10 -2.58
N CYS F 276 34.50 68.50 -2.09
CA CYS F 276 34.57 67.29 -1.29
C CYS F 276 33.72 66.20 -1.93
N ASP F 277 34.25 64.98 -1.94
CA ASP F 277 33.57 63.85 -2.55
C ASP F 277 33.82 62.59 -1.72
N THR F 278 32.87 61.67 -1.76
CA THR F 278 32.95 60.41 -1.04
C THR F 278 33.22 59.28 -2.03
N VAL F 279 34.20 58.44 -1.73
CA VAL F 279 34.65 57.40 -2.63
C VAL F 279 34.21 56.01 -2.16
N VAL F 280 34.53 55.66 -0.91
CA VAL F 280 34.24 54.34 -0.37
C VAL F 280 33.43 54.53 0.91
N SER F 281 32.36 53.74 1.05
CA SER F 281 31.55 53.72 2.26
C SER F 281 31.18 52.28 2.59
N CYS F 282 31.39 51.89 3.85
CA CYS F 282 31.08 50.53 4.28
C CYS F 282 30.68 50.55 5.76
N GLU F 283 29.38 50.65 6.01
CA GLU F 283 28.79 50.42 7.33
C GLU F 283 29.38 51.32 8.42
N GLY F 284 29.88 52.51 8.06
CA GLY F 284 30.35 53.43 9.08
C GLY F 284 31.62 54.18 8.75
N TYR F 285 32.56 53.52 8.06
CA TYR F 285 33.77 54.18 7.56
C TYR F 285 33.52 54.75 6.18
N VAL F 286 34.03 55.96 5.95
CA VAL F 286 33.98 56.62 4.66
C VAL F 286 35.37 57.10 4.29
N VAL F 287 35.60 57.27 2.99
CA VAL F 287 36.85 57.82 2.48
C VAL F 287 36.51 59.03 1.63
N LYS F 288 37.06 60.18 1.99
CA LYS F 288 36.74 61.44 1.35
C LYS F 288 37.97 61.99 0.64
N ARG F 289 37.75 62.58 -0.54
CA ARG F 289 38.80 63.18 -1.33
C ARG F 289 38.49 64.65 -1.54
N ILE F 290 39.45 65.52 -1.26
CA ILE F 290 39.28 66.96 -1.33
C ILE F 290 40.35 67.55 -2.23
N THR F 291 39.95 68.46 -3.11
CA THR F 291 40.86 69.12 -4.04
C THR F 291 40.80 70.63 -3.83
N MET F 292 41.95 71.29 -4.00
CA MET F 292 42.06 72.73 -3.85
C MET F 292 42.56 73.34 -5.15
N SER F 293 42.09 74.56 -5.44
CA SER F 293 42.49 75.28 -6.64
C SER F 293 42.49 76.77 -6.35
N PRO F 294 43.48 77.51 -6.82
CA PRO F 294 43.55 78.94 -6.53
C PRO F 294 42.46 79.73 -7.25
N GLY F 295 42.14 80.89 -6.69
CA GLY F 295 41.14 81.77 -7.26
C GLY F 295 39.76 81.52 -6.70
N LEU F 296 38.81 82.30 -7.22
CA LEU F 296 37.40 82.19 -6.85
C LEU F 296 36.59 81.87 -8.10
N TYR F 297 35.70 80.88 -7.99
CA TYR F 297 34.90 80.45 -9.13
C TYR F 297 33.55 79.96 -8.65
N GLY F 298 32.50 80.30 -9.40
CA GLY F 298 31.17 79.80 -9.11
C GLY F 298 30.56 80.41 -7.86
N LYS F 299 29.44 79.81 -7.45
CA LYS F 299 28.72 80.20 -6.25
C LYS F 299 28.38 78.98 -5.42
N THR F 300 28.25 79.19 -4.12
CA THR F 300 27.98 78.11 -3.18
C THR F 300 26.50 78.10 -2.77
N THR F 301 26.09 77.00 -2.14
CA THR F 301 24.71 76.85 -1.69
C THR F 301 24.65 76.41 -0.23
N GLY F 302 25.71 75.75 0.24
CA GLY F 302 25.77 75.32 1.62
C GLY F 302 24.83 74.19 1.96
N TYR F 303 25.03 73.02 1.34
CA TYR F 303 24.22 71.85 1.60
C TYR F 303 25.09 70.61 1.60
N ALA F 304 24.79 69.67 2.50
CA ALA F 304 25.50 68.41 2.61
C ALA F 304 24.53 67.26 2.36
N VAL F 305 24.96 66.28 1.57
CA VAL F 305 24.12 65.18 1.14
C VAL F 305 24.80 63.86 1.53
N THR F 306 24.04 62.97 2.15
CA THR F 306 24.50 61.64 2.52
C THR F 306 23.60 60.59 1.88
N HIS F 307 24.21 59.55 1.34
CA HIS F 307 23.48 58.46 0.69
C HIS F 307 23.50 57.24 1.59
N HIS F 308 22.33 56.67 1.84
CA HIS F 308 22.18 55.52 2.73
C HIS F 308 22.06 54.25 1.91
N ALA F 309 23.01 53.33 2.09
CA ALA F 309 22.93 52.01 1.48
C ALA F 309 22.17 51.01 2.33
N ASP F 310 22.12 51.23 3.64
CA ASP F 310 21.37 50.41 4.57
C ASP F 310 20.54 51.33 5.46
N GLY F 311 19.67 50.72 6.26
CA GLY F 311 18.75 51.50 7.07
C GLY F 311 19.45 52.25 8.19
N PHE F 312 19.04 53.50 8.39
CA PHE F 312 19.49 54.33 9.50
C PHE F 312 18.30 54.70 10.35
N LEU F 313 18.40 54.48 11.66
CA LEU F 313 17.27 54.61 12.56
C LEU F 313 17.63 55.46 13.76
N MET F 314 16.68 56.27 14.21
CA MET F 314 16.82 57.09 15.40
C MET F 314 15.48 57.15 16.11
N CYS F 315 15.47 56.82 17.40
CA CYS F 315 14.23 56.74 18.17
C CYS F 315 14.45 57.36 19.53
N LYS F 316 13.42 57.26 20.38
CA LYS F 316 13.43 57.81 21.73
C LYS F 316 13.14 56.70 22.71
N THR F 317 13.96 56.60 23.76
CA THR F 317 13.86 55.51 24.73
C THR F 317 13.77 56.07 26.13
N THR F 318 13.26 55.24 27.05
CA THR F 318 13.12 55.60 28.45
C THR F 318 13.98 54.66 29.29
N ASP F 319 14.83 55.24 30.14
CA ASP F 319 15.73 54.47 30.99
C ASP F 319 15.87 55.17 32.33
N THR F 320 16.60 54.54 33.24
CA THR F 320 16.87 55.08 34.57
C THR F 320 18.35 55.40 34.68
N VAL F 321 18.67 56.64 35.01
CA VAL F 321 20.04 57.09 35.21
C VAL F 321 20.22 57.34 36.70
N ASP F 322 21.06 56.53 37.35
CA ASP F 322 21.35 56.57 38.77
C ASP F 322 20.11 56.37 39.64
N GLY F 323 19.02 55.85 39.07
CA GLY F 323 17.82 55.60 39.84
C GLY F 323 16.64 56.47 39.45
N GLU F 324 16.90 57.49 38.63
CA GLU F 324 15.86 58.44 38.22
C GLU F 324 15.49 58.17 36.76
N ARG F 325 14.19 58.10 36.50
CA ARG F 325 13.70 57.82 35.15
C ARG F 325 13.80 59.08 34.29
N VAL F 326 14.41 58.93 33.11
CA VAL F 326 14.56 60.01 32.15
C VAL F 326 14.29 59.47 30.75
N SER F 327 14.41 60.36 29.76
CA SER F 327 14.19 60.00 28.36
C SER F 327 15.21 60.72 27.49
N PHE F 328 15.74 60.00 26.51
CA PHE F 328 16.68 60.57 25.54
C PHE F 328 16.65 59.73 24.27
N SER F 329 17.42 60.15 23.28
CA SER F 329 17.40 59.57 21.95
C SER F 329 18.66 58.78 21.66
N VAL F 330 18.51 57.71 20.86
CA VAL F 330 19.60 56.85 20.45
C VAL F 330 19.50 56.60 18.96
N CYS F 331 20.56 56.01 18.39
CA CYS F 331 20.60 55.72 16.96
C CYS F 331 21.42 54.46 16.73
N THR F 332 21.19 53.84 15.58
CA THR F 332 21.88 52.60 15.21
C THR F 332 21.73 52.39 13.71
N TYR F 333 22.31 51.29 13.22
CA TYR F 333 22.25 50.90 11.82
C TYR F 333 21.57 49.54 11.70
N VAL F 334 20.85 49.35 10.60
CA VAL F 334 20.09 48.12 10.35
C VAL F 334 20.48 47.56 8.99
N PRO F 335 20.67 46.25 8.86
CA PRO F 335 20.96 45.66 7.54
C PRO F 335 19.81 45.84 6.57
N ALA F 336 20.16 45.91 5.28
CA ALA F 336 19.17 46.19 4.25
C ALA F 336 18.19 45.04 4.08
N THR F 337 18.68 43.79 4.20
CA THR F 337 17.81 42.64 3.99
C THR F 337 16.69 42.58 5.02
N ILE F 338 17.00 42.92 6.28
CA ILE F 338 15.98 42.92 7.33
C ILE F 338 14.91 43.97 7.03
N CYS F 339 15.33 45.15 6.56
CA CYS F 339 14.38 46.23 6.30
C CYS F 339 13.41 45.86 5.19
N ASP F 340 13.88 45.18 4.14
CA ASP F 340 13.03 44.85 3.01
C ASP F 340 11.95 43.85 3.40
N GLN F 341 12.27 42.89 4.27
CA GLN F 341 11.34 41.82 4.58
C GLN F 341 10.25 42.23 5.57
N MET F 342 10.33 43.42 6.15
CA MET F 342 9.33 43.90 7.09
C MET F 342 8.37 44.89 6.46
N THR F 343 8.38 45.02 5.13
CA THR F 343 7.51 45.97 4.46
C THR F 343 6.04 45.62 4.64
N GLY F 344 5.70 44.33 4.51
CA GLY F 344 4.31 43.93 4.60
C GLY F 344 3.75 43.95 6.02
N ILE F 345 4.59 43.66 7.01
CA ILE F 345 4.13 43.64 8.39
C ILE F 345 3.78 45.04 8.87
N LEU F 346 4.57 46.04 8.47
CA LEU F 346 4.39 47.42 8.92
C LEU F 346 3.22 48.12 8.26
N ALA F 347 2.38 47.41 7.52
CA ALA F 347 1.21 48.02 6.91
C ALA F 347 0.13 48.37 7.93
N THR F 348 0.12 47.72 9.09
CA THR F 348 -0.86 48.00 10.13
C THR F 348 -0.17 48.32 11.45
N GLU F 349 -0.95 48.45 12.52
CA GLU F 349 -0.41 48.72 13.85
C GLU F 349 0.00 47.39 14.49
N VAL F 350 1.22 47.35 15.03
CA VAL F 350 1.78 46.14 15.60
C VAL F 350 2.25 46.41 17.02
N THR F 351 2.00 45.46 17.91
CA THR F 351 2.43 45.52 19.30
C THR F 351 3.95 45.34 19.36
N PRO F 352 4.63 46.08 20.25
CA PRO F 352 6.10 45.93 20.33
C PRO F 352 6.57 44.51 20.62
N GLU F 353 5.84 43.75 21.44
CA GLU F 353 6.27 42.39 21.74
C GLU F 353 6.10 41.48 20.52
N ASP F 354 5.07 41.73 19.70
CA ASP F 354 4.89 40.95 18.49
C ASP F 354 6.00 41.21 17.48
N ALA F 355 6.43 42.46 17.38
CA ALA F 355 7.50 42.80 16.44
C ALA F 355 8.82 42.16 16.85
N GLN F 356 9.07 42.07 18.17
CA GLN F 356 10.31 41.48 18.64
C GLN F 356 10.41 40.00 18.25
N LYS F 357 9.30 39.27 18.36
CA LYS F 357 9.31 37.85 18.01
C LYS F 357 9.57 37.66 16.51
N LEU F 358 8.98 38.52 15.68
CA LEU F 358 9.20 38.41 14.24
C LEU F 358 10.65 38.69 13.88
N LEU F 359 11.26 39.68 14.54
CA LEU F 359 12.64 40.02 14.23
C LEU F 359 13.59 38.88 14.60
N VAL F 360 13.32 38.19 15.71
CA VAL F 360 14.17 37.08 16.12
C VAL F 360 14.13 35.96 15.09
N GLY F 361 12.92 35.63 14.60
CA GLY F 361 12.80 34.58 13.61
C GLY F 361 13.49 34.92 12.30
N LEU F 362 13.37 36.18 11.87
CA LEU F 362 14.02 36.60 10.62
C LEU F 362 15.54 36.58 10.75
N ASN F 363 16.06 36.79 11.95
CA ASN F 363 17.51 36.95 12.11
C ASN F 363 18.21 35.60 12.18
N GLN F 364 17.86 34.77 13.16
CA GLN F 364 18.60 33.55 13.47
C GLN F 364 17.82 32.27 13.18
N ARG F 365 16.64 32.37 12.57
CA ARG F 365 15.81 31.20 12.30
C ARG F 365 15.28 31.24 10.88
N ILE F 366 16.18 31.52 9.93
CA ILE F 366 15.83 31.57 8.51
C ILE F 366 16.68 30.55 7.77
N VAL F 367 16.07 29.87 6.79
CA VAL F 367 16.75 28.86 6.00
C VAL F 367 16.13 28.83 4.61
N VAL F 368 16.97 28.60 3.60
CA VAL F 368 16.48 28.49 2.22
C VAL F 368 16.85 27.13 1.63
N ASN F 369 18.15 26.80 1.62
CA ASN F 369 18.59 25.49 1.15
C ASN F 369 19.75 24.92 1.96
N GLY F 370 20.14 25.55 3.07
CA GLY F 370 21.30 25.11 3.81
C GLY F 370 22.62 25.59 3.27
N ARG F 371 22.62 26.47 2.26
CA ARG F 371 23.84 26.95 1.62
C ARG F 371 24.25 28.33 2.12
N THR F 372 23.39 29.33 1.97
CA THR F 372 23.72 30.71 2.31
C THR F 372 22.91 31.22 3.49
N GLN F 373 21.58 31.19 3.40
CA GLN F 373 20.67 31.64 4.47
C GLN F 373 21.06 33.09 4.82
N ARG F 374 21.03 33.46 6.10
CA ARG F 374 21.49 34.77 6.55
C ARG F 374 22.67 34.64 7.50
N ASN F 375 23.43 33.56 7.36
CA ASN F 375 24.58 33.25 8.22
C ASN F 375 24.19 33.12 9.69
N THR F 376 22.90 32.89 9.93
CA THR F 376 22.24 32.61 11.22
C THR F 376 22.45 33.73 12.24
N ASN F 377 23.21 34.75 11.84
CA ASN F 377 23.46 35.95 12.65
C ASN F 377 23.73 37.09 11.68
N THR F 378 22.74 37.92 11.41
CA THR F 378 22.90 39.09 10.56
C THR F 378 23.01 40.39 11.35
N MET F 379 22.18 40.55 12.39
CA MET F 379 22.22 41.70 13.27
C MET F 379 22.45 41.23 14.70
N LYS F 380 23.31 41.93 15.42
CA LYS F 380 23.66 41.53 16.77
C LYS F 380 22.45 41.63 17.69
N ASN F 381 22.34 40.68 18.61
CA ASN F 381 21.11 40.45 19.36
C ASN F 381 20.86 41.46 20.46
N TYR F 382 21.83 42.31 20.80
CA TYR F 382 21.67 43.24 21.90
C TYR F 382 21.02 44.56 21.49
N MET F 383 20.65 44.71 20.22
CA MET F 383 20.03 45.93 19.73
C MET F 383 18.60 45.70 19.23
N ILE F 384 18.11 44.47 19.33
CA ILE F 384 16.77 44.12 18.85
C ILE F 384 15.68 44.84 19.65
N PRO F 385 15.71 44.86 20.99
CA PRO F 385 14.62 45.53 21.71
C PRO F 385 14.45 47.00 21.35
N VAL F 386 15.55 47.70 21.05
CA VAL F 386 15.45 49.10 20.64
C VAL F 386 14.81 49.20 19.27
N VAL F 387 15.22 48.32 18.35
CA VAL F 387 14.70 48.35 16.98
C VAL F 387 13.21 48.03 16.97
N ALA F 388 12.79 47.03 17.75
CA ALA F 388 11.38 46.64 17.77
C ALA F 388 10.50 47.78 18.26
N GLN F 389 10.97 48.55 19.24
CA GLN F 389 10.21 49.68 19.74
C GLN F 389 10.03 50.75 18.66
N ALA F 390 11.06 50.98 17.84
CA ALA F 390 11.01 52.04 16.84
C ALA F 390 10.00 51.72 15.74
N PHE F 391 10.00 50.48 15.25
CA PHE F 391 9.06 50.10 14.19
C PHE F 391 7.62 50.20 14.66
N SER F 392 7.34 49.81 15.90
CA SER F 392 5.98 49.88 16.41
C SER F 392 5.48 51.32 16.45
N LYS F 393 6.33 52.25 16.89
CA LYS F 393 5.93 53.66 16.94
C LYS F 393 5.80 54.23 15.54
N TRP F 394 6.69 53.83 14.63
CA TRP F 394 6.65 54.37 13.26
C TRP F 394 5.36 53.99 12.55
N ALA F 395 4.93 52.73 12.69
CA ALA F 395 3.72 52.28 12.03
C ALA F 395 2.49 52.99 12.58
N LYS F 396 2.45 53.21 13.89
CA LYS F 396 1.31 53.88 14.51
C LYS F 396 1.17 55.31 14.01
N GLU F 397 2.28 56.03 13.88
CA GLU F 397 2.23 57.42 13.45
C GLU F 397 1.90 57.57 11.97
N CYS F 398 2.16 56.54 11.16
CA CYS F 398 1.83 56.63 9.74
C CYS F 398 0.34 56.50 9.49
N ARG F 399 -0.37 55.78 10.36
CA ARG F 399 -1.81 55.61 10.19
C ARG F 399 -2.58 56.89 10.50
N LYS F 400 -2.08 57.70 11.45
CA LYS F 400 -2.77 58.93 11.80
C LYS F 400 -2.73 59.94 10.67
N ASP F 401 -1.71 59.88 9.81
CA ASP F 401 -1.61 60.83 8.70
C ASP F 401 -2.77 60.64 7.71
N MET F 402 -3.11 59.39 7.41
CA MET F 402 -4.18 59.14 6.45
C MET F 402 -5.56 59.49 6.99
N GLU F 403 -5.69 59.64 8.31
CA GLU F 403 -6.97 59.99 8.92
C GLU F 403 -7.15 61.49 9.10
N ASP F 404 -6.19 62.29 8.67
CA ASP F 404 -6.25 63.75 8.76
C ASP F 404 -6.00 64.37 7.39
N GLU F 405 -6.70 63.85 6.38
CA GLU F 405 -6.57 64.33 5.03
C GLU F 405 -6.98 65.79 4.92
N LYS F 406 -6.14 66.60 4.28
CA LYS F 406 -6.33 68.04 4.17
C LYS F 406 -6.36 68.46 2.71
N LEU F 407 -6.65 69.75 2.49
CA LEU F 407 -6.82 70.29 1.16
C LEU F 407 -5.47 70.54 0.48
N LEU F 408 -5.52 70.80 -0.82
CA LEU F 408 -4.32 71.01 -1.61
C LEU F 408 -3.96 72.49 -1.66
N GLY F 409 -2.70 72.79 -1.36
CA GLY F 409 -2.17 74.14 -1.54
C GLY F 409 -2.59 75.15 -0.50
N VAL F 410 -3.25 74.74 0.58
CA VAL F 410 -3.68 75.64 1.63
C VAL F 410 -3.23 75.11 2.98
N ARG F 411 -3.17 76.00 3.95
CA ARG F 411 -2.81 75.67 5.32
C ARG F 411 -3.79 76.34 6.27
N GLU F 412 -4.07 75.71 7.40
CA GLU F 412 -5.07 76.17 8.35
C GLU F 412 -4.40 76.72 9.59
N ARG F 413 -4.85 77.90 10.03
CA ARG F 413 -4.38 78.53 11.26
C ARG F 413 -5.59 78.83 12.14
N THR F 414 -5.50 78.44 13.41
CA THR F 414 -6.58 78.66 14.35
C THR F 414 -6.41 79.98 15.09
N ALA F 422 -0.55 80.36 14.71
CA ALA F 422 -1.84 79.84 15.14
C ALA F 422 -2.06 78.42 14.61
N PHE F 423 -0.98 77.65 14.55
CA PHE F 423 -1.02 76.29 14.05
C PHE F 423 -0.43 75.34 15.09
N LYS F 424 -0.89 74.09 15.06
CA LYS F 424 -0.47 73.07 16.00
C LYS F 424 0.64 72.22 15.41
N LYS F 425 1.60 71.86 16.26
CA LYS F 425 2.71 70.99 15.87
C LYS F 425 2.50 69.61 16.47
N GLN F 426 2.60 68.59 15.62
CA GLN F 426 2.40 67.22 16.08
C GLN F 426 3.65 66.72 16.81
N LYS F 427 3.58 65.48 17.29
CA LYS F 427 4.68 64.86 18.02
C LYS F 427 5.36 63.81 17.16
N THR F 428 6.69 63.79 17.19
CA THR F 428 7.49 62.83 16.44
C THR F 428 8.44 62.12 17.40
N HIS F 429 8.46 60.80 17.33
CA HIS F 429 9.32 60.00 18.20
C HIS F 429 10.23 59.05 17.43
N THR F 430 10.19 59.06 16.10
CA THR F 430 10.99 58.13 15.31
C THR F 430 11.34 58.74 13.97
N VAL F 431 12.61 58.66 13.59
CA VAL F 431 13.08 59.03 12.27
C VAL F 431 13.71 57.79 11.64
N TYR F 432 13.18 57.38 10.49
CA TYR F 432 13.59 56.14 9.84
C TYR F 432 13.95 56.43 8.39
N LYS F 433 15.20 56.15 8.03
CA LYS F 433 15.70 56.35 6.67
C LYS F 433 15.92 54.98 6.03
N ARG F 434 15.08 54.66 5.05
CA ARG F 434 15.15 53.38 4.36
C ARG F 434 16.30 53.37 3.37
N PRO F 435 16.71 52.18 2.90
CA PRO F 435 17.77 52.13 1.89
C PRO F 435 17.37 52.85 0.61
N ASP F 436 18.40 53.33 -0.10
CA ASP F 436 18.22 54.11 -1.34
C ASP F 436 17.49 55.43 -1.05
N THR F 437 17.89 56.09 0.04
CA THR F 437 17.31 57.37 0.43
C THR F 437 18.45 58.29 0.84
N GLN F 438 18.27 59.58 0.59
CA GLN F 438 19.29 60.59 0.86
C GLN F 438 18.77 61.58 1.89
N SER F 439 19.69 62.11 2.68
CA SER F 439 19.41 63.13 3.68
C SER F 439 20.22 64.38 3.39
N ILE F 440 19.63 65.55 3.62
CA ILE F 440 20.25 66.83 3.30
C ILE F 440 20.26 67.70 4.54
N GLN F 441 21.37 68.41 4.76
CA GLN F 441 21.53 69.30 5.91
C GLN F 441 22.13 70.61 5.45
N LYS F 442 21.93 71.64 6.27
CA LYS F 442 22.43 72.98 5.99
C LYS F 442 23.65 73.27 6.85
N VAL F 443 24.75 73.68 6.23
CA VAL F 443 26.00 73.96 6.89
C VAL F 443 26.58 75.26 6.35
N GLN F 444 27.76 75.62 6.84
CA GLN F 444 28.46 76.83 6.41
C GLN F 444 29.36 76.52 5.23
N ALA F 445 29.48 77.48 4.31
CA ALA F 445 30.26 77.28 3.09
C ALA F 445 31.21 78.44 2.79
N GLU F 446 31.32 79.41 3.68
CA GLU F 446 32.21 80.55 3.49
C GLU F 446 33.02 80.76 4.76
N PHE F 447 34.35 80.64 4.65
CA PHE F 447 35.24 80.77 5.79
C PHE F 447 36.27 81.86 5.50
N ASP F 448 36.45 82.77 6.46
CA ASP F 448 37.45 83.82 6.32
C ASP F 448 38.19 84.12 7.61
N SER F 449 38.08 83.27 8.63
CA SER F 449 38.72 83.52 9.92
C SER F 449 40.17 83.04 9.85
N PHE F 450 41.10 83.99 9.81
CA PHE F 450 42.53 83.68 9.78
C PHE F 450 43.11 83.80 11.19
N VAL F 451 42.73 82.84 12.04
CA VAL F 451 43.27 82.79 13.39
C VAL F 451 44.71 82.29 13.32
N VAL F 452 45.52 82.71 14.29
CA VAL F 452 46.94 82.34 14.31
C VAL F 452 47.28 81.69 15.65
N PRO F 453 46.96 80.41 15.84
CA PRO F 453 47.37 79.70 17.07
C PRO F 453 48.85 79.36 17.04
N SER F 454 49.69 80.38 17.12
CA SER F 454 51.14 80.23 16.98
C SER F 454 51.81 80.51 18.33
N LEU F 455 51.90 79.46 19.15
CA LEU F 455 52.66 79.49 20.41
C LEU F 455 53.54 78.25 20.40
N TRP F 456 54.71 78.36 19.78
CA TRP F 456 55.57 77.21 19.54
C TRP F 456 56.44 76.93 20.76
N SER F 457 56.45 75.67 21.18
CA SER F 457 57.30 75.22 22.29
C SER F 457 57.55 73.73 22.14
N SER F 458 58.80 73.32 22.32
CA SER F 458 59.16 71.93 22.18
C SER F 458 58.62 71.10 23.34
N GLY F 459 58.45 69.80 23.09
CA GLY F 459 57.97 68.89 24.10
C GLY F 459 58.84 67.67 24.26
N LEU F 460 60.14 67.83 24.06
CA LEU F 460 61.11 66.75 24.16
C LEU F 460 61.89 66.89 25.45
N SER F 461 62.00 65.81 26.21
CA SER F 461 62.68 65.80 27.49
C SER F 461 64.09 65.22 27.35
N ILE F 462 64.97 65.65 28.26
CA ILE F 462 66.36 65.19 28.20
C ILE F 462 66.48 63.68 28.36
N PRO F 463 65.82 63.03 29.33
CA PRO F 463 65.96 61.56 29.41
C PRO F 463 65.49 60.83 28.16
N LEU F 464 64.45 61.34 27.49
CA LEU F 464 63.98 60.69 26.27
C LEU F 464 64.99 60.83 25.14
N ARG F 465 65.66 61.98 25.04
CA ARG F 465 66.69 62.17 24.03
C ARG F 465 67.86 61.20 24.25
N THR F 466 68.25 61.00 25.51
CA THR F 466 69.36 60.10 25.80
C THR F 466 69.03 58.67 25.38
N ARG F 467 67.80 58.22 25.66
CA ARG F 467 67.41 56.86 25.30
C ARG F 467 67.41 56.66 23.79
N ILE F 468 66.87 57.63 23.05
CA ILE F 468 66.81 57.50 21.59
C ILE F 468 68.20 57.47 20.99
N LYS F 469 69.08 58.36 21.47
CA LYS F 469 70.46 58.39 20.97
C LYS F 469 71.20 57.11 21.32
N TRP F 470 70.98 56.57 22.52
CA TRP F 470 71.67 55.36 22.93
C TRP F 470 71.26 54.15 22.09
N LEU F 471 69.98 54.07 21.72
CA LEU F 471 69.54 52.96 20.88
C LEU F 471 70.20 52.97 19.51
N LEU F 472 70.56 54.15 19.01
CA LEU F 472 71.24 54.29 17.73
C LEU F 472 72.75 54.34 17.88
N SER F 473 73.27 54.24 19.11
CA SER F 473 74.72 54.26 19.30
C SER F 473 75.39 53.07 18.64
N LYS F 474 74.78 51.89 18.77
CA LYS F 474 75.30 50.68 18.15
C LYS F 474 74.66 50.48 16.78
N VAL F 475 75.48 50.35 15.75
CA VAL F 475 74.99 50.16 14.39
C VAL F 475 74.30 48.81 14.20
N PRO F 476 74.64 47.74 14.96
CA PRO F 476 73.80 46.56 14.69
C PRO F 476 72.41 46.68 15.30
N PRO G 3 32.47 44.56 -29.36
CA PRO G 3 31.96 44.45 -27.99
C PRO G 3 32.17 45.73 -27.19
N VAL G 4 31.25 46.02 -26.27
CA VAL G 4 31.30 47.20 -25.43
C VAL G 4 31.28 46.76 -23.98
N TYR G 5 32.21 47.30 -23.19
CA TYR G 5 32.33 46.94 -21.78
C TYR G 5 31.77 48.07 -20.92
N VAL G 6 30.93 47.72 -19.96
CA VAL G 6 30.28 48.67 -19.06
C VAL G 6 30.65 48.33 -17.63
N ASP G 7 30.86 49.37 -16.81
CA ASP G 7 31.24 49.19 -15.40
C ASP G 7 29.97 48.93 -14.60
N ILE G 8 29.45 47.71 -14.74
CA ILE G 8 28.24 47.28 -14.06
C ILE G 8 28.52 45.92 -13.41
N ASP G 9 27.79 45.64 -12.33
CA ASP G 9 27.93 44.36 -11.66
C ASP G 9 27.49 43.24 -12.61
N ALA G 10 28.16 42.09 -12.50
CA ALA G 10 27.95 41.00 -13.43
C ALA G 10 26.57 40.36 -13.28
N ASP G 11 25.92 40.51 -12.13
CA ASP G 11 24.65 39.87 -11.85
C ASP G 11 23.62 40.90 -11.42
N SER G 12 23.51 41.98 -12.20
CA SER G 12 22.54 43.03 -11.95
C SER G 12 21.34 42.90 -12.88
N ALA G 13 20.20 43.42 -12.42
CA ALA G 13 18.97 43.35 -13.21
C ALA G 13 18.90 44.42 -14.29
N PHE G 14 19.76 45.44 -14.24
CA PHE G 14 19.75 46.50 -15.24
C PHE G 14 20.38 46.06 -16.56
N LEU G 15 21.11 44.96 -16.58
CA LEU G 15 21.77 44.51 -17.81
C LEU G 15 20.74 44.14 -18.88
N LYS G 16 19.67 43.44 -18.48
CA LYS G 16 18.66 43.02 -19.44
C LYS G 16 17.95 44.22 -20.08
N ALA G 17 17.61 45.22 -19.27
CA ALA G 17 16.96 46.41 -19.81
C ALA G 17 17.90 47.17 -20.75
N LEU G 18 19.18 47.25 -20.39
CA LEU G 18 20.14 47.97 -21.22
C LEU G 18 20.33 47.27 -22.57
N GLN G 19 20.32 45.94 -22.58
CA GLN G 19 20.49 45.20 -23.83
C GLN G 19 19.33 45.46 -24.78
N ARG G 20 18.11 45.54 -24.25
CA ARG G 20 16.95 45.76 -25.11
C ARG G 20 16.96 47.14 -25.74
N ALA G 21 17.53 48.14 -25.06
CA ALA G 21 17.56 49.49 -25.60
C ALA G 21 18.56 49.63 -26.73
N TYR G 22 19.58 48.78 -26.76
CA TYR G 22 20.64 48.84 -27.77
C TYR G 22 20.78 47.46 -28.40
N PRO G 23 19.92 47.12 -29.36
CA PRO G 23 19.95 45.79 -29.97
C PRO G 23 20.98 45.64 -31.08
N MET G 24 21.76 46.67 -31.40
CA MET G 24 22.79 46.58 -32.41
C MET G 24 24.17 46.28 -31.86
N PHE G 25 24.36 46.38 -30.54
CA PHE G 25 25.63 46.08 -29.89
C PHE G 25 25.51 44.82 -29.06
N GLU G 26 26.66 44.31 -28.64
CA GLU G 26 26.74 43.25 -27.63
C GLU G 26 27.42 43.84 -26.41
N VAL G 27 26.81 43.64 -25.24
CA VAL G 27 27.23 44.31 -24.00
C VAL G 27 27.76 43.27 -23.03
N GLU G 28 28.92 43.54 -22.45
CA GLU G 28 29.53 42.67 -21.46
C GLU G 28 29.90 43.48 -20.23
N PRO G 29 29.72 42.94 -19.03
CA PRO G 29 30.03 43.68 -17.81
C PRO G 29 31.48 43.49 -17.37
N ARG G 30 32.04 44.57 -16.81
CA ARG G 30 33.40 44.55 -16.29
C ARG G 30 33.48 45.62 -15.21
N GLN G 31 33.44 45.20 -13.95
CA GLN G 31 33.38 46.11 -12.82
C GLN G 31 34.77 46.36 -12.26
N VAL G 32 35.14 47.64 -12.16
CA VAL G 32 36.43 48.03 -11.59
C VAL G 32 36.31 49.14 -10.56
N THR G 33 35.09 49.59 -10.24
CA THR G 33 34.90 50.71 -9.33
C THR G 33 33.53 50.63 -8.67
N PRO G 34 33.45 50.78 -7.33
CA PRO G 34 32.15 50.73 -6.65
C PRO G 34 31.46 52.09 -6.62
N ASN G 35 31.15 52.61 -7.80
CA ASN G 35 30.48 53.89 -7.91
C ASN G 35 29.03 53.78 -7.46
N ASP G 36 28.52 54.88 -6.89
CA ASP G 36 27.14 54.93 -6.45
C ASP G 36 26.17 55.30 -7.56
N ALA G 37 26.68 55.69 -8.73
CA ALA G 37 25.85 56.04 -9.89
C ALA G 37 26.33 55.30 -11.12
N ALA G 38 26.60 53.99 -10.97
CA ALA G 38 27.10 53.20 -12.08
C ALA G 38 26.06 53.08 -13.19
N ASN G 39 24.79 52.93 -12.83
CA ASN G 39 23.74 52.77 -13.83
C ASN G 39 23.62 54.00 -14.72
N ALA G 40 23.72 55.19 -14.13
CA ALA G 40 23.60 56.42 -14.90
C ALA G 40 24.77 56.63 -15.84
N ARG G 41 25.94 56.07 -15.54
CA ARG G 41 27.11 56.28 -16.38
C ARG G 41 27.12 55.32 -17.58
N ALA G 42 26.53 54.13 -17.40
CA ALA G 42 26.53 53.14 -18.47
C ALA G 42 25.73 53.62 -19.68
N PHE G 43 24.58 54.25 -19.43
CA PHE G 43 23.72 54.70 -20.51
C PHE G 43 24.39 55.78 -21.35
N SER G 44 25.06 56.72 -20.69
CA SER G 44 25.71 57.81 -21.41
C SER G 44 26.85 57.30 -22.28
N HIS G 45 27.58 56.29 -21.79
CA HIS G 45 28.67 55.71 -22.56
C HIS G 45 28.18 55.09 -23.85
N LEU G 46 27.05 54.37 -23.79
CA LEU G 46 26.51 53.73 -24.98
C LEU G 46 25.91 54.75 -25.93
N ALA G 47 25.38 55.85 -25.39
CA ALA G 47 24.75 56.87 -26.23
C ALA G 47 25.76 57.50 -27.18
N ILE G 48 26.96 57.77 -26.69
CA ILE G 48 27.98 58.41 -27.53
C ILE G 48 28.39 57.50 -28.68
N LYS G 49 28.50 56.19 -28.41
CA LYS G 49 28.88 55.25 -29.45
C LYS G 49 27.85 55.21 -30.58
N LEU G 50 26.57 55.26 -30.23
CA LEU G 50 25.52 55.25 -31.24
C LEU G 50 25.58 56.50 -32.11
N ILE G 51 25.83 57.65 -31.50
CA ILE G 51 25.84 58.90 -32.27
C ILE G 51 26.98 58.92 -33.27
N GLU G 52 28.17 58.49 -32.87
CA GLU G 52 29.35 58.51 -33.73
C GLU G 52 29.27 57.47 -34.86
N GLN G 53 28.35 56.52 -34.77
CA GLN G 53 28.22 55.47 -35.78
C GLN G 53 27.40 55.90 -36.99
N GLU G 54 26.66 57.00 -36.89
CA GLU G 54 25.79 57.45 -37.97
C GLU G 54 26.14 58.86 -38.42
N ILE G 55 27.39 59.27 -38.23
CA ILE G 55 27.86 60.60 -38.59
C ILE G 55 29.00 60.45 -39.58
N ASP G 56 28.96 61.25 -40.65
CA ASP G 56 30.03 61.23 -41.63
C ASP G 56 31.35 61.64 -40.97
N PRO G 57 32.41 60.83 -41.10
CA PRO G 57 33.65 61.12 -40.38
C PRO G 57 34.44 62.28 -40.96
N ASP G 58 33.87 63.00 -41.92
CA ASP G 58 34.55 64.14 -42.53
C ASP G 58 34.19 65.46 -41.90
N SER G 59 33.07 65.54 -41.19
CA SER G 59 32.61 66.79 -40.60
C SER G 59 33.25 67.02 -39.24
N THR G 60 33.04 68.22 -38.70
CA THR G 60 33.54 68.62 -37.39
C THR G 60 32.38 68.81 -36.44
N ILE G 61 32.61 68.46 -35.17
CA ILE G 61 31.57 68.44 -34.15
C ILE G 61 31.91 69.43 -33.05
N LEU G 62 30.95 70.27 -32.68
CA LEU G 62 31.10 71.16 -31.54
C LEU G 62 30.63 70.48 -30.26
N ASP G 63 31.21 70.90 -29.14
CA ASP G 63 30.84 70.39 -27.82
C ASP G 63 30.58 71.57 -26.91
N ILE G 64 29.34 71.68 -26.41
CA ILE G 64 28.95 72.78 -25.54
C ILE G 64 29.02 72.28 -24.10
N GLY G 65 29.85 72.94 -23.29
CA GLY G 65 29.99 72.56 -21.89
C GLY G 65 30.54 71.17 -21.68
N SER G 66 31.58 70.79 -22.41
CA SER G 66 32.14 69.45 -22.31
C SER G 66 33.46 69.45 -21.54
N ALA G 67 33.90 68.25 -21.18
CA ALA G 67 35.19 68.06 -20.52
C ALA G 67 36.19 67.56 -21.54
N PRO G 68 37.24 68.31 -21.85
CA PRO G 68 38.17 67.89 -22.91
C PRO G 68 38.92 66.61 -22.59
N ALA G 69 38.97 66.19 -21.33
CA ALA G 69 39.77 65.02 -20.96
C ALA G 69 39.24 63.75 -21.61
N ARG G 70 37.93 63.60 -21.72
CA ARG G 70 37.34 62.37 -22.22
C ARG G 70 37.19 62.33 -23.74
N ARG G 71 37.57 63.40 -24.43
CA ARG G 71 37.55 63.43 -25.89
C ARG G 71 38.94 63.34 -26.50
N MET G 72 39.95 62.97 -25.71
CA MET G 72 41.32 62.93 -26.22
C MET G 72 41.53 61.77 -27.17
N MET G 73 41.34 60.54 -26.70
CA MET G 73 41.62 59.35 -27.49
C MET G 73 40.40 59.01 -28.35
N SER G 74 40.15 59.87 -29.33
CA SER G 74 39.08 59.66 -30.30
C SER G 74 39.61 59.96 -31.69
N ASP G 75 39.01 59.31 -32.69
CA ASP G 75 39.43 59.45 -34.07
C ASP G 75 38.65 60.51 -34.84
N ARG G 76 37.76 61.23 -34.16
CA ARG G 76 36.97 62.28 -34.78
C ARG G 76 37.58 63.64 -34.47
N LYS G 77 36.91 64.70 -34.95
CA LYS G 77 37.34 66.07 -34.76
C LYS G 77 36.33 66.78 -33.85
N TYR G 78 36.81 67.31 -32.74
CA TYR G 78 35.96 68.01 -31.77
C TYR G 78 36.51 69.40 -31.50
N HIS G 79 35.60 70.37 -31.42
CA HIS G 79 35.92 71.73 -31.00
C HIS G 79 35.24 71.98 -29.65
N CYS G 80 36.03 71.94 -28.58
CA CYS G 80 35.50 72.01 -27.23
C CYS G 80 35.25 73.47 -26.84
N VAL G 81 34.02 73.78 -26.46
CA VAL G 81 33.64 75.10 -25.97
C VAL G 81 33.38 74.96 -24.49
N CYS G 82 34.19 75.62 -23.66
CA CYS G 82 34.08 75.49 -22.21
C CYS G 82 34.55 76.77 -21.55
N PRO G 83 33.63 77.63 -21.11
CA PRO G 83 34.02 78.78 -20.30
C PRO G 83 34.33 78.38 -18.86
N MET G 84 34.60 79.36 -17.99
CA MET G 84 34.90 79.11 -16.59
C MET G 84 33.79 79.73 -15.75
N ARG G 85 32.73 78.95 -15.52
CA ARG G 85 31.58 79.41 -14.76
C ARG G 85 31.17 78.46 -13.65
N SER G 86 31.84 77.31 -13.51
CA SER G 86 31.51 76.33 -12.50
C SER G 86 32.67 76.16 -11.53
N ALA G 87 32.36 75.75 -10.31
CA ALA G 87 33.36 75.57 -9.26
C ALA G 87 34.17 74.29 -9.42
N GLU G 88 33.98 73.55 -10.51
CA GLU G 88 34.73 72.32 -10.75
C GLU G 88 35.42 72.34 -12.11
N ASP G 89 35.46 73.50 -12.76
CA ASP G 89 36.09 73.66 -14.07
C ASP G 89 37.61 73.70 -14.00
N PRO G 90 38.22 74.45 -13.06
CA PRO G 90 39.69 74.47 -13.01
C PRO G 90 40.30 73.09 -12.79
N GLU G 91 39.63 72.21 -12.05
CA GLU G 91 40.13 70.85 -11.88
C GLU G 91 40.15 70.10 -13.21
N ARG G 92 39.13 70.29 -14.04
CA ARG G 92 39.09 69.64 -15.33
C ARG G 92 40.22 70.10 -16.24
N LEU G 93 40.49 71.42 -16.24
CA LEU G 93 41.55 71.95 -17.09
C LEU G 93 42.92 71.42 -16.67
N ALA G 94 43.17 71.36 -15.35
CA ALA G 94 44.43 70.81 -14.86
C ALA G 94 44.58 69.34 -15.23
N ASN G 95 43.49 68.57 -15.14
CA ASN G 95 43.53 67.17 -15.52
C ASN G 95 43.83 67.02 -17.01
N TYR G 96 43.24 67.90 -17.83
CA TYR G 96 43.49 67.84 -19.27
C TYR G 96 44.96 68.07 -19.59
N ALA G 97 45.58 69.04 -18.91
CA ALA G 97 47.00 69.32 -19.16
C ALA G 97 47.87 68.15 -18.72
N ARG G 98 47.54 67.53 -17.57
CA ARG G 98 48.34 66.43 -17.06
C ARG G 98 48.29 65.23 -18.00
N LYS G 99 47.12 64.92 -18.53
CA LYS G 99 46.99 63.78 -19.43
C LYS G 99 47.77 64.01 -20.72
N LEU G 100 47.72 65.23 -21.26
CA LEU G 100 48.44 65.52 -22.50
C LEU G 100 49.94 65.41 -22.30
N ALA G 101 50.46 65.94 -21.19
CA ALA G 101 51.90 65.88 -20.93
C ALA G 101 52.36 64.44 -20.68
N SER G 102 51.54 63.65 -19.98
CA SER G 102 51.93 62.28 -19.65
C SER G 102 51.99 61.38 -20.87
N ALA G 103 51.42 61.79 -22.00
CA ALA G 103 51.44 60.99 -23.24
C ALA G 103 51.74 61.94 -24.39
N ALA G 104 53.03 62.08 -24.71
CA ALA G 104 53.47 62.94 -25.79
C ALA G 104 54.07 62.19 -26.97
N GLY G 105 54.58 60.98 -26.77
CA GLY G 105 55.12 60.20 -27.86
C GLY G 105 54.71 58.75 -27.80
N LYS G 106 53.99 58.37 -26.73
CA LYS G 106 53.55 56.99 -26.60
C LYS G 106 52.38 56.68 -27.54
N VAL G 107 51.47 57.63 -27.70
CA VAL G 107 50.26 57.45 -28.51
C VAL G 107 50.39 58.26 -29.78
N LEU G 108 50.18 57.60 -30.93
CA LEU G 108 50.22 58.24 -32.24
C LEU G 108 48.86 58.17 -32.92
N ASP G 109 47.79 58.29 -32.13
CA ASP G 109 46.44 58.25 -32.69
C ASP G 109 46.20 59.44 -33.60
N ARG G 110 46.34 60.65 -33.07
CA ARG G 110 46.11 61.87 -33.84
C ARG G 110 47.10 62.93 -33.35
N ASN G 111 46.80 64.19 -33.67
CA ASN G 111 47.72 65.30 -33.43
C ASN G 111 47.78 65.63 -31.93
N ILE G 112 48.39 64.71 -31.18
CA ILE G 112 48.63 64.95 -29.76
C ILE G 112 49.54 66.17 -29.58
N SER G 113 50.61 66.25 -30.37
CA SER G 113 51.46 67.43 -30.34
C SER G 113 50.70 68.66 -30.81
N GLY G 114 49.82 68.50 -31.80
CA GLY G 114 49.00 69.62 -32.25
C GLY G 114 48.09 70.14 -31.16
N LYS G 115 47.47 69.23 -30.39
CA LYS G 115 46.62 69.66 -29.28
C LYS G 115 47.42 70.40 -28.22
N ILE G 116 48.64 69.94 -27.94
CA ILE G 116 49.49 70.63 -26.98
C ILE G 116 49.83 72.02 -27.48
N GLY G 117 50.17 72.15 -28.76
CA GLY G 117 50.43 73.47 -29.32
C GLY G 117 49.21 74.36 -29.31
N ASP G 118 48.03 73.78 -29.55
CA ASP G 118 46.79 74.55 -29.50
C ASP G 118 46.53 75.09 -28.10
N LEU G 119 46.76 74.27 -27.07
CA LEU G 119 46.52 74.71 -25.70
C LEU G 119 47.46 75.86 -25.33
N GLN G 120 48.74 75.77 -25.74
CA GLN G 120 49.69 76.83 -25.42
C GLN G 120 49.31 78.14 -26.07
N ALA G 121 48.83 78.09 -27.32
CA ALA G 121 48.44 79.32 -28.02
C ALA G 121 47.29 80.02 -27.32
N VAL G 122 46.30 79.26 -26.85
CA VAL G 122 45.17 79.84 -26.15
C VAL G 122 45.61 80.46 -24.83
N MET G 123 46.58 79.82 -24.16
CA MET G 123 47.05 80.34 -22.88
C MET G 123 47.84 81.64 -23.05
N ALA G 124 48.54 81.79 -24.18
CA ALA G 124 49.28 83.02 -24.42
C ALA G 124 48.34 84.21 -24.53
N VAL G 125 47.45 84.21 -25.51
CA VAL G 125 46.43 85.23 -25.68
C VAL G 125 45.06 84.59 -25.47
N PRO G 126 44.22 85.09 -24.57
CA PRO G 126 42.95 84.42 -24.27
C PRO G 126 41.96 84.48 -25.42
N ASP G 127 41.71 85.67 -25.95
CA ASP G 127 40.67 85.87 -26.96
C ASP G 127 41.21 85.45 -28.32
N THR G 128 41.21 84.13 -28.55
CA THR G 128 41.62 83.56 -29.82
C THR G 128 40.76 82.34 -30.12
N GLU G 129 40.67 82.01 -31.41
CA GLU G 129 39.92 80.86 -31.88
C GLU G 129 40.88 79.79 -32.38
N THR G 130 40.69 78.56 -31.93
CA THR G 130 41.55 77.44 -32.26
C THR G 130 40.70 76.25 -32.67
N PRO G 131 41.13 75.48 -33.68
CA PRO G 131 40.35 74.32 -34.12
C PRO G 131 40.22 73.22 -33.08
N THR G 132 40.77 73.38 -31.88
CA THR G 132 40.66 72.36 -30.85
C THR G 132 40.11 72.88 -29.54
N PHE G 133 40.46 74.11 -29.15
CA PHE G 133 40.08 74.65 -27.85
C PHE G 133 39.54 76.07 -28.01
N CYS G 134 38.70 76.46 -27.05
CA CYS G 134 38.11 77.79 -27.02
C CYS G 134 37.73 78.13 -25.60
N LEU G 135 37.52 79.42 -25.34
CA LEU G 135 37.18 79.90 -24.01
C LEU G 135 35.97 80.84 -24.04
N HIS G 136 35.11 80.68 -25.03
CA HIS G 136 33.90 81.49 -25.14
C HIS G 136 32.69 80.67 -24.72
N THR G 137 31.52 81.30 -24.78
CA THR G 137 30.27 80.63 -24.47
C THR G 137 29.68 80.04 -25.74
N ASP G 138 28.45 79.52 -25.65
CA ASP G 138 27.77 78.99 -26.83
C ASP G 138 27.33 80.08 -27.78
N VAL G 139 27.31 81.34 -27.35
CA VAL G 139 26.90 82.46 -28.17
C VAL G 139 28.10 83.19 -28.76
N SER G 140 29.13 83.44 -27.95
CA SER G 140 30.27 84.23 -28.39
C SER G 140 31.23 83.45 -29.28
N CYS G 141 31.12 82.13 -29.34
CA CYS G 141 32.02 81.34 -30.17
C CYS G 141 31.75 81.60 -31.64
N ARG G 142 32.83 81.59 -32.44
CA ARG G 142 32.75 81.81 -33.88
C ARG G 142 33.56 80.72 -34.57
N GLN G 143 32.88 79.63 -34.94
CA GLN G 143 33.53 78.50 -35.59
C GLN G 143 32.51 77.79 -36.46
N ARG G 144 32.96 77.31 -37.62
CA ARG G 144 32.09 76.64 -38.57
C ARG G 144 32.12 75.14 -38.34
N ALA G 145 30.94 74.52 -38.31
CA ALA G 145 30.82 73.09 -38.08
C ALA G 145 29.51 72.60 -38.65
N ASP G 146 29.28 71.29 -38.54
CA ASP G 146 28.08 70.66 -39.06
C ASP G 146 27.22 69.99 -38.00
N VAL G 147 27.82 69.53 -36.90
CA VAL G 147 27.11 68.78 -35.86
C VAL G 147 27.41 69.39 -34.51
N ALA G 148 26.36 69.51 -33.68
CA ALA G 148 26.50 69.99 -32.31
C ALA G 148 25.93 68.94 -31.37
N ILE G 149 26.56 68.77 -30.22
CA ILE G 149 26.17 67.76 -29.25
C ILE G 149 25.99 68.42 -27.89
N TYR G 150 24.84 68.17 -27.26
CA TYR G 150 24.55 68.61 -25.91
C TYR G 150 24.44 67.38 -25.02
N GLN G 151 25.37 67.25 -24.07
CA GLN G 151 25.40 66.11 -23.16
C GLN G 151 25.20 66.60 -21.73
N ASP G 152 24.01 66.32 -21.18
CA ASP G 152 23.66 66.68 -19.81
C ASP G 152 23.82 68.19 -19.57
N VAL G 153 23.06 68.95 -20.34
CA VAL G 153 23.05 70.41 -20.25
C VAL G 153 21.65 70.85 -19.85
N TYR G 154 21.55 71.59 -18.76
CA TYR G 154 20.26 72.09 -18.27
C TYR G 154 20.31 73.57 -17.92
N ALA G 155 21.37 74.29 -18.30
CA ALA G 155 21.56 75.67 -17.87
C ALA G 155 21.45 76.68 -19.00
N VAL G 156 20.95 76.30 -20.17
CA VAL G 156 20.83 77.21 -21.30
C VAL G 156 19.40 77.17 -21.83
N HIS G 157 19.01 78.28 -22.47
CA HIS G 157 17.71 78.36 -23.11
C HIS G 157 17.74 77.65 -24.46
N ALA G 158 16.74 76.81 -24.72
CA ALA G 158 16.80 75.97 -25.91
C ALA G 158 16.58 76.75 -27.20
N PRO G 159 15.50 77.52 -27.37
CA PRO G 159 15.34 78.26 -28.65
C PRO G 159 16.46 79.25 -28.91
N THR G 160 17.00 79.89 -27.87
CA THR G 160 18.05 80.87 -28.08
C THR G 160 19.35 80.21 -28.50
N SER G 161 19.72 79.11 -27.84
CA SER G 161 20.97 78.43 -28.17
C SER G 161 20.91 77.83 -29.57
N LEU G 162 19.78 77.25 -29.95
CA LEU G 162 19.67 76.59 -31.25
C LEU G 162 19.80 77.60 -32.39
N TYR G 163 19.22 78.79 -32.22
CA TYR G 163 19.28 79.80 -33.29
C TYR G 163 20.71 80.23 -33.56
N HIS G 164 21.51 80.42 -32.50
CA HIS G 164 22.88 80.88 -32.68
C HIS G 164 23.75 79.82 -33.36
N GLN G 165 23.46 78.55 -33.13
CA GLN G 165 24.19 77.49 -33.82
C GLN G 165 23.77 77.35 -35.28
N ALA G 166 22.54 77.74 -35.61
CA ALA G 166 22.04 77.53 -36.97
C ALA G 166 22.66 78.53 -37.95
N ILE G 167 22.94 79.75 -37.49
CA ILE G 167 23.48 80.79 -38.37
C ILE G 167 24.93 80.50 -38.71
N LYS G 168 25.53 79.54 -38.00
CA LYS G 168 26.90 79.13 -38.26
C LYS G 168 27.01 77.92 -39.17
N GLY G 169 25.88 77.40 -39.66
CA GLY G 169 25.88 76.29 -40.59
C GLY G 169 25.61 74.92 -39.98
N VAL G 170 25.23 74.85 -38.71
CA VAL G 170 24.93 73.57 -38.08
C VAL G 170 23.56 73.10 -38.52
N ARG G 171 23.47 71.83 -38.91
CA ARG G 171 22.22 71.27 -39.40
C ARG G 171 21.71 70.09 -38.59
N LEU G 172 22.52 69.51 -37.71
CA LEU G 172 22.13 68.35 -36.92
C LEU G 172 22.56 68.55 -35.47
N ALA G 173 21.71 68.12 -34.54
CA ALA G 173 22.01 68.28 -33.12
C ALA G 173 21.47 67.08 -32.35
N TYR G 174 22.05 66.83 -31.18
CA TYR G 174 21.63 65.76 -30.30
C TYR G 174 21.57 66.27 -28.86
N TRP G 175 20.73 65.62 -28.06
CA TRP G 175 20.56 65.99 -26.66
C TRP G 175 20.34 64.72 -25.84
N VAL G 176 21.13 64.55 -24.79
CA VAL G 176 21.04 63.40 -23.90
C VAL G 176 20.82 63.90 -22.48
N GLY G 177 19.78 63.38 -21.83
CA GLY G 177 19.50 63.80 -20.47
C GLY G 177 18.25 63.17 -19.93
N PHE G 178 17.82 63.68 -18.77
CA PHE G 178 16.63 63.20 -18.07
C PHE G 178 15.36 63.58 -18.81
N ASP G 179 14.28 62.88 -18.47
CA ASP G 179 12.98 63.17 -19.04
C ASP G 179 12.42 64.46 -18.45
N THR G 180 11.58 65.13 -19.24
CA THR G 180 11.02 66.42 -18.87
C THR G 180 9.55 66.33 -18.45
N THR G 181 8.87 65.24 -18.79
CA THR G 181 7.44 65.12 -18.54
C THR G 181 7.03 65.37 -17.08
N PRO G 182 7.72 64.87 -16.06
CA PRO G 182 7.27 65.14 -14.69
C PRO G 182 7.16 66.62 -14.35
N PHE G 183 8.01 67.47 -14.93
CA PHE G 183 7.95 68.90 -14.67
C PHE G 183 6.86 69.61 -15.46
N MET G 184 6.31 68.97 -16.50
CA MET G 184 5.19 69.55 -17.23
C MET G 184 3.87 69.39 -16.50
N TYR G 185 3.79 68.46 -15.55
CA TYR G 185 2.59 68.26 -14.75
C TYR G 185 2.57 69.12 -13.50
N ASN G 186 3.61 69.93 -13.28
CA ASN G 186 3.70 70.81 -12.11
C ASN G 186 3.64 70.02 -10.81
N ALA G 187 4.58 69.10 -10.67
CA ALA G 187 4.66 68.26 -9.49
C ALA G 187 5.53 68.92 -8.42
N MET G 188 5.41 68.41 -7.20
CA MET G 188 6.17 68.94 -6.07
C MET G 188 7.41 68.12 -5.74
N ALA G 189 7.38 66.82 -5.97
CA ALA G 189 8.52 65.96 -5.74
C ALA G 189 8.38 64.71 -6.60
N GLY G 190 9.49 64.00 -6.76
CA GLY G 190 9.50 62.81 -7.60
C GLY G 190 10.78 62.03 -7.41
N ALA G 191 10.88 60.94 -8.17
CA ALA G 191 12.04 60.07 -8.08
C ALA G 191 12.22 59.28 -9.36
N TYR G 192 13.45 58.83 -9.59
CA TYR G 192 13.78 57.89 -10.66
C TYR G 192 14.38 56.64 -10.03
N PRO G 193 13.59 55.62 -9.72
CA PRO G 193 14.08 54.51 -8.90
C PRO G 193 15.18 53.68 -9.55
N SER G 194 15.23 53.67 -10.88
CA SER G 194 16.22 52.83 -11.56
C SER G 194 17.62 53.41 -11.47
N TYR G 195 17.76 54.73 -11.43
CA TYR G 195 19.05 55.39 -11.40
C TYR G 195 19.40 55.94 -10.03
N SER G 196 18.61 55.62 -9.00
CA SER G 196 18.84 56.09 -7.64
C SER G 196 18.93 57.62 -7.58
N THR G 197 17.91 58.27 -8.16
CA THR G 197 17.86 59.73 -8.24
C THR G 197 16.59 60.23 -7.56
N ASN G 198 16.75 61.24 -6.70
CA ASN G 198 15.64 61.86 -6.00
C ASN G 198 15.73 63.36 -6.17
N TRP G 199 14.59 64.00 -6.45
CA TRP G 199 14.53 65.45 -6.59
C TRP G 199 13.34 65.97 -5.79
N ALA G 200 13.49 67.17 -5.23
CA ALA G 200 12.44 67.75 -4.41
C ALA G 200 12.52 69.27 -4.49
N ASP G 201 11.40 69.92 -4.19
CA ASP G 201 11.34 71.37 -4.16
C ASP G 201 12.02 71.90 -2.90
N GLU G 202 12.46 73.16 -2.97
CA GLU G 202 13.18 73.75 -1.85
C GLU G 202 12.28 73.93 -0.63
N GLN G 203 10.98 74.13 -0.83
CA GLN G 203 10.08 74.41 0.28
C GLN G 203 9.71 73.17 1.09
N VAL G 204 10.04 71.97 0.61
CA VAL G 204 9.65 70.75 1.30
C VAL G 204 10.88 69.94 1.67
N LEU G 205 12.01 70.62 1.88
CA LEU G 205 13.24 69.93 2.25
C LEU G 205 13.22 69.42 3.69
N LYS G 206 12.24 69.83 4.49
CA LYS G 206 12.12 69.39 5.88
C LYS G 206 10.94 68.44 6.05
N ALA G 207 10.72 67.59 5.07
CA ALA G 207 9.62 66.62 5.12
C ALA G 207 10.04 65.43 5.98
N LYS G 208 9.22 64.38 5.97
CA LYS G 208 9.49 63.23 6.83
C LYS G 208 9.53 61.91 6.07
N ASN G 209 8.71 61.74 5.04
CA ASN G 209 8.56 60.45 4.36
C ASN G 209 8.68 60.61 2.85
N ILE G 210 9.70 61.33 2.40
CA ILE G 210 10.00 61.41 0.98
C ILE G 210 11.45 61.00 0.76
N GLY G 211 11.89 60.99 -0.50
CA GLY G 211 13.21 60.47 -0.83
C GLY G 211 14.35 61.39 -0.45
N LEU G 212 14.09 62.68 -0.26
CA LEU G 212 15.14 63.65 0.05
C LEU G 212 14.59 64.64 1.07
N CYS G 213 14.84 64.37 2.34
CA CYS G 213 14.34 65.22 3.43
C CYS G 213 15.15 64.92 4.68
N SER G 214 14.92 65.71 5.72
CA SER G 214 15.57 65.53 7.01
C SER G 214 14.78 66.28 8.07
N THR G 215 14.44 65.60 9.16
CA THR G 215 13.66 66.19 10.24
C THR G 215 14.26 65.77 11.57
N ASP G 216 13.66 66.26 12.66
CA ASP G 216 14.13 66.00 14.00
C ASP G 216 12.93 65.65 14.90
N LEU G 217 13.25 65.19 16.11
CA LEU G 217 12.22 64.80 17.06
C LEU G 217 11.67 66.01 17.79
N THR G 218 10.36 66.01 18.04
CA THR G 218 9.70 67.06 18.77
C THR G 218 8.66 66.45 19.70
N GLU G 219 8.29 67.20 20.74
CA GLU G 219 7.37 66.69 21.75
C GLU G 219 5.91 66.97 21.42
N GLY G 220 5.62 68.03 20.67
CA GLY G 220 4.24 68.30 20.31
C GLY G 220 3.69 69.61 20.85
N ARG G 221 4.56 70.63 20.96
CA ARG G 221 4.11 71.94 21.41
C ARG G 221 3.04 72.49 20.47
N ARG G 222 1.86 72.78 21.04
CA ARG G 222 0.71 73.22 20.25
C ARG G 222 0.66 74.74 20.24
N GLY G 223 1.10 75.31 19.11
CA GLY G 223 1.05 76.74 18.92
C GLY G 223 2.40 77.41 19.06
N LYS G 224 2.95 77.89 17.95
CA LYS G 224 4.23 78.59 17.96
C LYS G 224 4.11 80.06 17.58
N LEU G 225 3.58 80.36 16.40
CA LEU G 225 3.46 81.74 15.94
C LEU G 225 2.28 81.85 14.98
N SER G 226 1.81 83.07 14.81
CA SER G 226 0.79 83.39 13.81
C SER G 226 1.34 84.33 12.74
N ILE G 227 1.90 85.47 13.15
CA ILE G 227 2.54 86.50 12.33
C ILE G 227 2.13 86.46 10.86
N MET G 228 3.09 86.17 9.98
CA MET G 228 2.85 86.17 8.53
C MET G 228 1.85 85.08 8.17
N ARG G 229 0.83 85.46 7.39
CA ARG G 229 -0.18 84.51 6.93
C ARG G 229 0.22 83.94 5.57
N GLY G 230 0.85 82.77 5.56
CA GLY G 230 1.20 82.12 4.32
C GLY G 230 -0.03 81.74 3.52
N LYS G 231 -0.81 80.80 4.04
CA LYS G 231 -2.12 80.43 3.49
C LYS G 231 -2.04 79.89 2.08
N LYS G 232 -0.82 79.61 1.59
CA LYS G 232 -0.65 79.15 0.23
C LYS G 232 0.64 78.35 0.12
N LEU G 233 0.61 77.31 -0.72
CA LEU G 233 1.79 76.45 -0.92
C LEU G 233 1.79 76.03 -2.39
N GLU G 234 2.63 76.68 -3.19
CA GLU G 234 2.73 76.40 -4.61
C GLU G 234 4.19 76.21 -5.00
N PRO G 235 4.46 75.41 -6.02
CA PRO G 235 5.85 75.17 -6.43
C PRO G 235 6.54 76.46 -6.87
N CYS G 236 7.82 76.57 -6.55
N CYS G 236 7.82 76.57 -6.54
CA CYS G 236 8.65 77.70 -6.91
CA CYS G 236 8.64 77.71 -6.91
C CYS G 236 9.59 77.31 -8.05
C CYS G 236 9.56 77.33 -8.07
N ASP G 237 10.48 78.22 -8.43
CA ASP G 237 11.37 78.02 -9.55
C ASP G 237 12.67 77.29 -9.19
N ARG G 238 12.91 77.03 -7.91
CA ARG G 238 14.17 76.43 -7.47
C ARG G 238 13.95 74.97 -7.10
N VAL G 239 14.68 74.08 -7.76
CA VAL G 239 14.59 72.64 -7.54
C VAL G 239 16.00 72.09 -7.33
N LEU G 240 16.10 71.05 -6.50
CA LEU G 240 17.37 70.41 -6.18
C LEU G 240 17.35 68.96 -6.64
N PHE G 241 18.45 68.51 -7.23
CA PHE G 241 18.61 67.14 -7.70
C PHE G 241 19.67 66.43 -6.87
N SER G 242 19.56 65.11 -6.80
CA SER G 242 20.54 64.27 -6.10
C SER G 242 20.69 62.97 -6.88
N VAL G 243 21.82 62.82 -7.57
CA VAL G 243 22.10 61.64 -8.38
C VAL G 243 23.08 60.77 -7.59
N GLY G 244 22.54 59.85 -6.81
CA GLY G 244 23.37 58.94 -6.03
C GLY G 244 23.94 59.58 -4.79
N SER G 245 24.95 60.44 -4.97
CA SER G 245 25.54 61.16 -3.86
C SER G 245 25.94 62.59 -4.20
N THR G 246 25.64 63.07 -5.40
CA THR G 246 26.03 64.41 -5.83
C THR G 246 24.81 65.31 -5.89
N LEU G 247 25.00 66.57 -5.52
CA LEU G 247 23.93 67.55 -5.46
C LEU G 247 23.99 68.48 -6.65
N TYR G 248 22.84 68.75 -7.27
CA TYR G 248 22.75 69.64 -8.42
C TYR G 248 21.57 70.59 -8.27
N PRO G 249 21.81 71.90 -8.18
CA PRO G 249 20.69 72.86 -8.17
C PRO G 249 20.33 73.31 -9.59
N GLU G 250 19.02 73.35 -9.85
CA GLU G 250 18.52 73.63 -11.18
C GLU G 250 17.28 74.52 -11.08
N SER G 251 16.86 75.04 -12.24
CA SER G 251 15.71 75.94 -12.34
C SER G 251 14.63 75.32 -13.22
N ARG G 252 13.38 75.62 -12.88
CA ARG G 252 12.25 75.02 -13.60
C ARG G 252 12.10 75.60 -15.00
N LYS G 253 12.36 76.90 -15.17
CA LYS G 253 12.13 77.53 -16.47
C LYS G 253 13.03 76.93 -17.54
N LEU G 254 14.31 76.70 -17.21
CA LEU G 254 15.23 76.14 -18.19
C LEU G 254 14.92 74.68 -18.49
N LEU G 255 14.46 73.93 -17.48
CA LEU G 255 14.13 72.52 -17.69
C LEU G 255 12.94 72.37 -18.64
N LYS G 256 11.92 73.21 -18.47
CA LYS G 256 10.72 73.09 -19.29
C LYS G 256 10.91 73.61 -20.71
N SER G 257 11.99 74.35 -20.97
CA SER G 257 12.22 74.89 -22.31
C SER G 257 12.73 73.84 -23.28
N TRP G 258 13.13 72.66 -22.81
CA TRP G 258 13.61 71.60 -23.68
C TRP G 258 12.52 70.63 -24.10
N HIS G 259 11.28 70.86 -23.69
CA HIS G 259 10.14 70.05 -24.11
C HIS G 259 9.58 70.61 -25.42
N LEU G 260 10.38 70.48 -26.46
CA LEU G 260 10.09 71.08 -27.76
C LEU G 260 8.93 70.36 -28.45
N PRO G 261 8.17 71.08 -29.29
CA PRO G 261 7.10 70.42 -30.05
C PRO G 261 7.66 69.60 -31.21
N SER G 262 6.77 69.04 -32.03
CA SER G 262 7.22 68.28 -33.18
C SER G 262 7.75 69.17 -34.29
N VAL G 263 7.09 70.30 -34.55
CA VAL G 263 7.50 71.24 -35.59
C VAL G 263 7.35 72.65 -35.04
N PHE G 264 8.38 73.48 -35.25
CA PHE G 264 8.34 74.87 -34.84
C PHE G 264 9.27 75.68 -35.74
N HIS G 265 9.08 76.99 -35.71
CA HIS G 265 9.78 77.92 -36.59
C HIS G 265 10.64 78.88 -35.78
N LEU G 266 11.81 79.21 -36.32
CA LEU G 266 12.68 80.24 -35.75
C LEU G 266 12.71 81.41 -36.72
N LYS G 267 12.21 82.56 -36.27
CA LYS G 267 12.08 83.74 -37.12
C LYS G 267 12.96 84.86 -36.58
N GLY G 268 13.70 85.50 -37.48
CA GLY G 268 14.57 86.61 -37.13
C GLY G 268 15.16 87.25 -38.36
N LYS G 269 16.46 87.56 -38.31
CA LYS G 269 17.15 88.03 -39.51
C LYS G 269 17.14 86.94 -40.59
N LEU G 270 17.37 85.69 -40.20
CA LEU G 270 17.24 84.54 -41.08
C LEU G 270 16.16 83.63 -40.52
N SER G 271 15.49 82.90 -41.42
CA SER G 271 14.38 82.04 -41.06
C SER G 271 14.78 80.57 -41.23
N PHE G 272 14.35 79.74 -40.28
CA PHE G 272 14.64 78.31 -40.31
C PHE G 272 13.40 77.53 -39.90
N THR G 273 13.31 76.31 -40.40
CA THR G 273 12.28 75.35 -40.00
C THR G 273 12.97 74.09 -39.50
N CYS G 274 12.42 73.49 -38.45
CA CYS G 274 13.11 72.39 -37.78
C CYS G 274 12.11 71.49 -37.07
N ARG G 275 12.56 70.28 -36.75
CA ARG G 275 11.75 69.26 -36.12
C ARG G 275 12.52 68.62 -34.97
N CYS G 276 11.77 67.95 -34.09
CA CYS G 276 12.35 67.21 -32.97
C CYS G 276 11.75 65.81 -32.93
N ASP G 277 12.56 64.86 -32.49
CA ASP G 277 12.14 63.46 -32.45
C ASP G 277 12.94 62.71 -31.39
N THR G 278 12.29 61.76 -30.74
CA THR G 278 12.92 60.91 -29.72
C THR G 278 13.23 59.55 -30.32
N VAL G 279 14.49 59.11 -30.18
CA VAL G 279 14.93 57.88 -30.80
C VAL G 279 15.24 56.78 -29.79
N VAL G 280 15.65 57.13 -28.58
CA VAL G 280 15.98 56.14 -27.54
C VAL G 280 15.30 56.56 -26.25
N SER G 281 14.70 55.59 -25.55
CA SER G 281 14.08 55.84 -24.27
C SER G 281 14.24 54.61 -23.37
N CYS G 282 14.75 54.82 -22.16
CA CYS G 282 14.97 53.72 -21.23
C CYS G 282 14.79 54.23 -19.80
N GLU G 283 13.58 54.11 -19.28
CA GLU G 283 13.28 54.28 -17.85
C GLU G 283 13.68 55.66 -17.33
N GLY G 284 13.70 56.68 -18.19
CA GLY G 284 13.97 58.03 -17.73
C GLY G 284 14.92 58.83 -18.59
N TYR G 285 15.92 58.16 -19.19
CA TYR G 285 16.80 58.81 -20.14
C TYR G 285 16.23 58.73 -21.55
N VAL G 286 16.34 59.84 -22.28
CA VAL G 286 15.89 59.91 -23.66
C VAL G 286 17.00 60.54 -24.49
N VAL G 287 16.99 60.24 -25.79
CA VAL G 287 17.92 60.82 -26.75
C VAL G 287 17.09 61.49 -27.83
N LYS G 288 17.35 62.78 -28.06
CA LYS G 288 16.57 63.58 -29.00
C LYS G 288 17.46 64.02 -30.16
N ARG G 289 16.90 63.98 -31.37
CA ARG G 289 17.59 64.38 -32.58
C ARG G 289 16.85 65.53 -33.23
N ILE G 290 17.56 66.60 -33.54
CA ILE G 290 16.97 67.81 -34.10
C ILE G 290 17.67 68.14 -35.42
N THR G 291 16.87 68.41 -36.44
CA THR G 291 17.38 68.79 -37.76
C THR G 291 16.82 70.14 -38.15
N MET G 292 17.67 70.98 -38.74
CA MET G 292 17.29 72.34 -39.11
C MET G 292 17.55 72.55 -40.60
N SER G 293 16.76 73.42 -41.21
CA SER G 293 16.87 73.72 -42.63
C SER G 293 16.46 75.17 -42.89
N PRO G 294 17.11 75.84 -43.84
CA PRO G 294 16.73 77.23 -44.13
C PRO G 294 15.37 77.33 -44.79
N GLY G 295 14.73 78.48 -44.62
CA GLY G 295 13.44 78.75 -45.22
C GLY G 295 12.28 78.40 -44.30
N LEU G 296 11.10 78.86 -44.69
CA LEU G 296 9.87 78.63 -43.96
C LEU G 296 8.97 77.71 -44.78
N TYR G 297 8.56 76.59 -44.18
CA TYR G 297 7.74 75.61 -44.86
C TYR G 297 6.66 75.09 -43.91
N GLY G 298 5.51 74.74 -44.49
CA GLY G 298 4.45 74.10 -43.73
C GLY G 298 3.79 75.01 -42.71
N LYS G 299 3.12 74.38 -41.76
CA LYS G 299 2.44 75.07 -40.67
C LYS G 299 2.59 74.27 -39.39
N THR G 300 2.42 74.95 -38.26
CA THR G 300 2.63 74.37 -36.95
C THR G 300 1.30 74.26 -36.20
N THR G 301 1.29 73.36 -35.21
CA THR G 301 0.11 73.14 -34.38
C THR G 301 0.37 73.34 -32.89
N GLY G 302 1.62 73.18 -32.43
CA GLY G 302 1.94 73.41 -31.04
C GLY G 302 1.47 72.31 -30.10
N TYR G 303 1.95 71.09 -30.32
CA TYR G 303 1.60 69.96 -29.47
C TYR G 303 2.83 69.08 -29.26
N ALA G 304 2.99 68.58 -28.05
CA ALA G 304 4.07 67.68 -27.69
C ALA G 304 3.49 66.36 -27.23
N VAL G 305 4.02 65.25 -27.75
CA VAL G 305 3.51 63.91 -27.49
C VAL G 305 4.64 63.05 -26.95
N THR G 306 4.34 62.31 -25.89
CA THR G 306 5.27 61.35 -25.30
C THR G 306 4.61 59.98 -25.27
N HIS G 307 5.42 58.93 -25.44
CA HIS G 307 4.92 57.57 -25.45
C HIS G 307 5.40 56.84 -24.21
N HIS G 308 4.47 56.20 -23.50
CA HIS G 308 4.76 55.55 -22.23
C HIS G 308 4.94 54.06 -22.44
N ALA G 309 6.15 53.56 -22.17
CA ALA G 309 6.40 52.13 -22.18
C ALA G 309 6.23 51.49 -20.80
N ASP G 310 6.28 52.29 -19.74
CA ASP G 310 6.05 51.85 -18.38
C ASP G 310 4.88 52.64 -17.79
N GLY G 311 4.64 52.44 -16.50
CA GLY G 311 3.55 53.13 -15.83
C GLY G 311 4.02 54.43 -15.19
N PHE G 312 3.25 55.49 -15.43
CA PHE G 312 3.50 56.81 -14.84
C PHE G 312 2.40 57.11 -13.84
N LEU G 313 2.79 57.46 -12.62
CA LEU G 313 1.85 57.67 -11.53
C LEU G 313 2.05 59.04 -10.92
N MET G 314 0.94 59.70 -10.60
CA MET G 314 0.95 60.98 -9.90
C MET G 314 -0.24 61.01 -8.96
N CYS G 315 0.03 61.26 -7.68
CA CYS G 315 -1.00 61.16 -6.65
C CYS G 315 -0.81 62.27 -5.63
N LYS G 316 -1.79 62.39 -4.74
CA LYS G 316 -1.78 63.37 -3.67
C LYS G 316 -1.51 62.67 -2.35
N THR G 317 -0.56 63.21 -1.58
CA THR G 317 -0.14 62.59 -0.33
C THR G 317 -0.18 63.63 0.79
N THR G 318 -0.32 63.14 2.02
CA THR G 318 -0.33 63.97 3.21
C THR G 318 0.90 63.67 4.04
N ASP G 319 1.66 64.72 4.37
CA ASP G 319 2.89 64.57 5.14
C ASP G 319 2.94 65.68 6.19
N THR G 320 4.01 65.68 6.98
CA THR G 320 4.21 66.64 8.06
C THR G 320 5.52 67.38 7.79
N VAL G 321 5.42 68.64 7.40
CA VAL G 321 6.58 69.48 7.09
C VAL G 321 6.84 70.40 8.27
N ASP G 322 7.98 70.20 8.94
CA ASP G 322 8.40 71.02 10.07
C ASP G 322 7.35 71.03 11.19
N GLY G 323 6.67 69.90 11.40
CA GLY G 323 5.70 69.77 12.46
C GLY G 323 4.28 70.11 12.08
N GLU G 324 4.05 70.61 10.86
CA GLU G 324 2.72 71.01 10.41
C GLU G 324 2.26 70.10 9.28
N ARG G 325 1.00 69.68 9.34
CA ARG G 325 0.46 68.80 8.30
C ARG G 325 0.12 69.61 7.04
N VAL G 326 0.58 69.12 5.89
CA VAL G 326 0.30 69.74 4.60
C VAL G 326 0.02 68.63 3.59
N SER G 327 -0.27 69.04 2.36
CA SER G 327 -0.53 68.11 1.27
C SER G 327 0.10 68.62 -0.01
N PHE G 328 0.61 67.71 -0.82
CA PHE G 328 1.22 68.04 -2.11
C PHE G 328 1.26 66.79 -2.96
N SER G 329 1.79 66.92 -4.18
CA SER G 329 1.77 65.85 -5.17
C SER G 329 3.15 65.22 -5.34
N VAL G 330 3.15 63.93 -5.65
CA VAL G 330 4.36 63.15 -5.83
C VAL G 330 4.21 62.28 -7.08
N CYS G 331 5.28 62.15 -7.86
CA CYS G 331 5.27 61.36 -9.08
C CYS G 331 6.34 60.27 -9.01
N THR G 332 6.15 59.20 -9.76
CA THR G 332 7.06 58.07 -9.78
C THR G 332 6.82 57.23 -11.03
N TYR G 333 7.67 56.23 -11.21
CA TYR G 333 7.57 55.29 -12.32
C TYR G 333 7.33 53.88 -11.80
N VAL G 334 6.56 53.10 -12.55
CA VAL G 334 6.20 51.74 -12.17
C VAL G 334 6.57 50.77 -13.30
N PRO G 335 7.13 49.61 -13.00
CA PRO G 335 7.42 48.63 -14.06
C PRO G 335 6.15 48.12 -14.72
N ALA G 336 6.33 47.66 -15.97
CA ALA G 336 5.18 47.24 -16.76
C ALA G 336 4.60 45.92 -16.25
N THR G 337 5.45 45.00 -15.79
CA THR G 337 4.95 43.69 -15.36
C THR G 337 4.05 43.81 -14.14
N ILE G 338 4.39 44.70 -13.20
CA ILE G 338 3.57 44.89 -12.01
C ILE G 338 2.20 45.42 -12.40
N CYS G 339 2.15 46.37 -13.33
CA CYS G 339 0.87 46.95 -13.73
C CYS G 339 -0.04 45.92 -14.40
N ASP G 340 0.54 45.04 -15.22
CA ASP G 340 -0.27 44.04 -15.93
C ASP G 340 -0.93 43.06 -14.96
N GLN G 341 -0.21 42.64 -13.93
CA GLN G 341 -0.71 41.65 -12.99
C GLN G 341 -1.66 42.24 -11.94
N MET G 342 -2.09 43.49 -12.11
CA MET G 342 -2.95 44.15 -11.14
C MET G 342 -4.31 44.49 -11.72
N THR G 343 -4.58 44.11 -12.97
CA THR G 343 -5.84 44.50 -13.61
C THR G 343 -7.04 43.87 -12.92
N GLY G 344 -6.95 42.59 -12.55
CA GLY G 344 -8.10 41.92 -11.97
C GLY G 344 -8.50 42.47 -10.61
N ILE G 345 -7.51 42.83 -9.79
CA ILE G 345 -7.80 43.27 -8.43
C ILE G 345 -8.50 44.62 -8.44
N LEU G 346 -8.10 45.52 -9.34
CA LEU G 346 -8.65 46.87 -9.37
C LEU G 346 -10.09 46.94 -9.90
N ALA G 347 -10.77 45.82 -10.13
CA ALA G 347 -12.16 45.88 -10.56
C ALA G 347 -13.14 46.15 -9.43
N THR G 348 -12.67 46.13 -8.18
CA THR G 348 -13.52 46.39 -7.03
C THR G 348 -12.92 47.50 -6.16
N GLU G 349 -13.50 47.72 -4.98
CA GLU G 349 -13.00 48.69 -4.03
C GLU G 349 -12.09 47.97 -3.04
N VAL G 350 -10.81 48.37 -3.01
CA VAL G 350 -9.80 47.70 -2.19
C VAL G 350 -9.19 48.73 -1.26
N THR G 351 -9.07 48.36 0.02
CA THR G 351 -8.47 49.24 1.01
C THR G 351 -6.96 49.30 0.81
N PRO G 352 -6.32 50.38 1.26
CA PRO G 352 -4.86 50.48 1.13
C PRO G 352 -4.10 49.36 1.80
N GLU G 353 -4.60 48.84 2.93
CA GLU G 353 -3.90 47.78 3.63
C GLU G 353 -3.82 46.51 2.78
N ASP G 354 -4.91 46.15 2.10
CA ASP G 354 -4.88 44.98 1.23
C ASP G 354 -3.94 45.17 0.05
N ALA G 355 -3.93 46.38 -0.53
CA ALA G 355 -3.10 46.63 -1.71
C ALA G 355 -1.62 46.47 -1.38
N GLN G 356 -1.21 46.83 -0.17
CA GLN G 356 0.18 46.68 0.22
C GLN G 356 0.58 45.21 0.26
N LYS G 357 -0.29 44.35 0.78
CA LYS G 357 0.07 42.95 0.96
C LYS G 357 0.23 42.23 -0.38
N LEU G 358 -0.67 42.48 -1.34
CA LEU G 358 -0.54 41.86 -2.65
C LEU G 358 0.69 42.36 -3.39
N LEU G 359 1.01 43.66 -3.25
CA LEU G 359 2.18 44.20 -3.92
C LEU G 359 3.47 43.57 -3.41
N VAL G 360 3.55 43.35 -2.10
CA VAL G 360 4.75 42.73 -1.53
C VAL G 360 4.89 41.30 -2.03
N GLY G 361 3.79 40.55 -2.06
CA GLY G 361 3.86 39.17 -2.54
C GLY G 361 4.28 39.07 -3.99
N LEU G 362 3.78 39.98 -4.84
CA LEU G 362 4.15 39.97 -6.25
C LEU G 362 5.61 40.36 -6.45
N ASN G 363 6.17 41.16 -5.55
CA ASN G 363 7.51 41.69 -5.74
C ASN G 363 8.60 40.66 -5.48
N GLN G 364 8.35 39.65 -4.65
CA GLN G 364 9.37 38.71 -4.23
C GLN G 364 9.14 37.30 -4.76
N ARG G 365 7.96 36.73 -4.51
CA ARG G 365 7.72 35.34 -4.89
C ARG G 365 7.49 35.22 -6.40
N ILE G 366 6.51 35.96 -6.92
CA ILE G 366 6.12 35.87 -8.32
C ILE G 366 7.07 36.69 -9.16
N VAL G 367 7.15 36.39 -10.47
CA VAL G 367 7.89 37.15 -11.47
C VAL G 367 9.40 36.94 -11.34
N VAL G 368 9.95 37.22 -10.15
CA VAL G 368 11.39 37.29 -9.96
C VAL G 368 11.84 36.04 -9.20
N ASN G 369 12.92 35.43 -9.69
CA ASN G 369 13.59 34.31 -9.02
C ASN G 369 15.00 34.22 -9.57
N GLY G 370 15.67 33.11 -9.29
CA GLY G 370 17.02 32.92 -9.81
C GLY G 370 17.69 31.72 -9.17
N ARG G 371 19.02 31.67 -9.32
CA ARG G 371 19.84 30.61 -8.75
C ARG G 371 20.94 31.25 -7.93
N THR G 372 21.18 30.69 -6.73
CA THR G 372 22.13 31.24 -5.76
C THR G 372 21.71 32.64 -5.34
N GLN G 373 21.77 33.60 -6.27
CA GLN G 373 21.19 34.92 -6.07
C GLN G 373 19.70 34.82 -6.38
N ARG G 374 18.92 34.48 -5.36
CA ARG G 374 17.52 34.11 -5.54
C ARG G 374 16.61 35.12 -4.87
N ASN G 375 15.42 35.28 -5.45
CA ASN G 375 14.37 36.14 -4.92
C ASN G 375 14.85 37.59 -4.80
N THR G 376 15.17 38.17 -5.95
CA THR G 376 15.58 39.57 -6.03
C THR G 376 14.30 40.42 -5.96
N ASN G 377 14.43 41.74 -6.02
CA ASN G 377 13.28 42.64 -5.99
C ASN G 377 13.12 43.31 -7.35
N THR G 378 11.89 43.28 -7.88
CA THR G 378 11.63 43.91 -9.17
C THR G 378 11.66 45.43 -9.06
N MET G 379 11.11 45.97 -7.97
CA MET G 379 11.06 47.41 -7.77
C MET G 379 11.48 47.73 -6.33
N LYS G 380 11.94 48.95 -6.13
CA LYS G 380 12.39 49.38 -4.82
C LYS G 380 11.23 49.41 -3.83
N ASN G 381 11.53 49.07 -2.58
CA ASN G 381 10.51 48.89 -1.56
C ASN G 381 10.10 50.18 -0.86
N TYR G 382 10.79 51.29 -1.10
CA TYR G 382 10.46 52.53 -0.41
C TYR G 382 9.43 53.37 -1.15
N MET G 383 8.98 52.94 -2.33
CA MET G 383 7.83 53.53 -3.00
C MET G 383 6.59 52.66 -2.95
N ILE G 384 6.66 51.49 -2.30
CA ILE G 384 5.48 50.62 -2.22
C ILE G 384 4.33 51.27 -1.46
N PRO G 385 4.53 51.88 -0.26
CA PRO G 385 3.39 52.51 0.43
C PRO G 385 2.71 53.59 -0.39
N VAL G 386 3.48 54.39 -1.13
CA VAL G 386 2.91 55.47 -1.92
C VAL G 386 2.12 54.91 -3.10
N VAL G 387 2.68 53.91 -3.78
CA VAL G 387 2.03 53.33 -4.95
C VAL G 387 0.74 52.64 -4.55
N ALA G 388 0.75 51.94 -3.41
CA ALA G 388 -0.42 51.20 -2.97
C ALA G 388 -1.61 52.13 -2.71
N GLN G 389 -1.35 53.29 -2.12
CA GLN G 389 -2.42 54.24 -1.84
C GLN G 389 -3.00 54.82 -3.12
N ALA G 390 -2.16 55.01 -4.13
CA ALA G 390 -2.62 55.60 -5.39
C ALA G 390 -3.64 54.71 -6.09
N PHE G 391 -3.38 53.39 -6.12
CA PHE G 391 -4.31 52.47 -6.76
C PHE G 391 -5.65 52.44 -6.04
N SER G 392 -5.64 52.56 -4.71
CA SER G 392 -6.88 52.51 -3.95
C SER G 392 -7.81 53.67 -4.33
N LYS G 393 -7.24 54.87 -4.48
CA LYS G 393 -8.06 56.02 -4.85
C LYS G 393 -8.55 55.92 -6.29
N TRP G 394 -7.74 55.35 -7.18
CA TRP G 394 -8.12 55.23 -8.58
C TRP G 394 -9.35 54.34 -8.74
N ALA G 395 -9.39 53.23 -8.02
CA ALA G 395 -10.53 52.32 -8.11
C ALA G 395 -11.80 52.98 -7.62
N LYS G 396 -11.71 53.77 -6.55
CA LYS G 396 -12.89 54.44 -6.02
C LYS G 396 -13.47 55.43 -7.02
N GLU G 397 -12.61 56.18 -7.70
CA GLU G 397 -13.08 57.19 -8.64
C GLU G 397 -13.73 56.58 -9.88
N CYS G 398 -13.28 55.40 -10.31
CA CYS G 398 -13.85 54.74 -11.47
C CYS G 398 -15.22 54.15 -11.21
N ARG G 399 -15.61 53.98 -9.94
CA ARG G 399 -16.92 53.44 -9.60
C ARG G 399 -17.99 54.51 -9.61
N LYS G 400 -17.65 55.73 -9.17
CA LYS G 400 -18.64 56.81 -9.17
C LYS G 400 -19.02 57.24 -10.58
N ASP G 401 -18.13 57.03 -11.55
CA ASP G 401 -18.42 57.42 -12.92
C ASP G 401 -19.54 56.57 -13.53
N MET G 402 -19.59 55.29 -13.18
CA MET G 402 -20.61 54.40 -13.71
C MET G 402 -21.95 54.52 -12.99
N GLU G 403 -21.95 54.93 -11.72
CA GLU G 403 -23.19 55.06 -10.97
C GLU G 403 -23.93 56.36 -11.25
N ASP G 404 -23.30 57.32 -11.94
CA ASP G 404 -23.90 58.61 -12.24
C ASP G 404 -23.76 58.84 -13.75
N GLU G 405 -24.74 58.36 -14.51
CA GLU G 405 -24.70 58.45 -15.96
C GLU G 405 -25.32 59.76 -16.44
N LYS G 406 -25.01 60.12 -17.69
CA LYS G 406 -25.53 61.30 -18.34
C LYS G 406 -26.06 60.94 -19.72
N LEU G 407 -26.84 61.86 -20.29
CA LEU G 407 -27.36 61.66 -21.63
C LEU G 407 -26.25 61.85 -22.67
N LEU G 408 -26.54 61.38 -23.88
CA LEU G 408 -25.56 61.38 -24.96
C LEU G 408 -25.62 62.70 -25.73
N GLY G 409 -24.48 63.37 -25.85
CA GLY G 409 -24.36 64.55 -26.67
C GLY G 409 -24.82 65.85 -26.06
N VAL G 410 -25.14 65.87 -24.77
CA VAL G 410 -25.61 67.08 -24.10
C VAL G 410 -24.82 67.28 -22.81
N ARG G 411 -24.82 68.52 -22.33
CA ARG G 411 -24.19 68.90 -21.07
C ARG G 411 -25.22 69.53 -20.16
N GLU G 412 -25.13 69.22 -18.87
CA GLU G 412 -26.10 69.69 -17.89
C GLU G 412 -25.55 70.90 -17.15
N ARG G 413 -26.31 71.99 -17.15
CA ARG G 413 -25.97 73.22 -16.45
C ARG G 413 -26.93 73.43 -15.29
N THR G 414 -26.77 74.56 -14.62
CA THR G 414 -27.64 74.91 -13.50
C THR G 414 -28.31 76.27 -13.74
N CYS G 419 -31.76 83.39 -15.02
CA CYS G 419 -31.40 82.34 -15.96
C CYS G 419 -29.92 81.98 -15.87
N LEU G 420 -29.35 82.22 -14.69
CA LEU G 420 -27.95 81.91 -14.45
C LEU G 420 -27.71 80.40 -14.56
N TRP G 421 -26.67 80.01 -15.28
CA TRP G 421 -26.33 78.60 -15.47
C TRP G 421 -24.85 78.40 -15.20
N ALA G 422 -24.52 77.34 -14.48
CA ALA G 422 -23.14 77.01 -14.17
C ALA G 422 -23.01 75.50 -13.99
N PHE G 423 -21.79 75.00 -14.10
CA PHE G 423 -21.52 73.58 -14.00
C PHE G 423 -20.65 73.29 -12.79
N LYS G 424 -20.79 72.07 -12.26
CA LYS G 424 -20.06 71.62 -11.08
C LYS G 424 -18.84 70.81 -11.50
N LYS G 425 -17.76 70.97 -10.75
CA LYS G 425 -16.50 70.28 -11.02
C LYS G 425 -16.28 69.18 -10.00
N GLN G 426 -15.86 68.02 -10.47
CA GLN G 426 -15.65 66.85 -9.62
C GLN G 426 -14.25 66.88 -9.02
N LYS G 427 -13.96 65.89 -8.19
CA LYS G 427 -12.66 65.75 -7.55
C LYS G 427 -11.74 64.89 -8.40
N THR G 428 -10.43 65.10 -8.22
CA THR G 428 -9.42 64.31 -8.91
C THR G 428 -8.18 64.27 -8.04
N HIS G 429 -7.83 63.07 -7.57
CA HIS G 429 -6.71 62.90 -6.66
C HIS G 429 -5.64 61.95 -7.20
N THR G 430 -5.81 61.40 -8.40
CA THR G 430 -4.85 60.43 -8.93
C THR G 430 -4.87 60.50 -10.46
N VAL G 431 -3.68 60.55 -11.04
CA VAL G 431 -3.51 60.44 -12.49
C VAL G 431 -2.62 59.24 -12.77
N TYR G 432 -3.12 58.32 -13.59
CA TYR G 432 -2.44 57.05 -13.84
C TYR G 432 -2.40 56.81 -15.34
N LYS G 433 -1.20 56.74 -15.90
CA LYS G 433 -1.00 56.49 -17.32
C LYS G 433 -0.49 55.06 -17.49
N ARG G 434 -1.33 54.19 -18.05
CA ARG G 434 -0.98 52.80 -18.25
C ARG G 434 -0.01 52.65 -19.41
N PRO G 435 0.72 51.52 -19.47
CA PRO G 435 1.63 51.31 -20.60
C PRO G 435 0.90 51.25 -21.92
N ASP G 436 1.62 51.61 -22.99
CA ASP G 436 1.06 51.72 -24.34
C ASP G 436 0.00 52.80 -24.41
N THR G 437 0.29 53.95 -23.80
CA THR G 437 -0.60 55.10 -23.83
C THR G 437 0.25 56.34 -24.09
N GLN G 438 -0.38 57.36 -24.66
CA GLN G 438 0.30 58.59 -25.04
C GLN G 438 -0.26 59.77 -24.24
N SER G 439 0.60 60.74 -23.97
CA SER G 439 0.23 61.96 -23.27
C SER G 439 0.56 63.15 -24.16
N ILE G 440 -0.33 64.13 -24.17
CA ILE G 440 -0.22 65.28 -25.06
C ILE G 440 -0.28 66.56 -24.24
N GLN G 441 0.53 67.54 -24.64
CA GLN G 441 0.59 68.83 -23.96
C GLN G 441 0.60 69.95 -24.99
N LYS G 442 0.17 71.13 -24.56
CA LYS G 442 0.15 72.32 -25.41
C LYS G 442 1.29 73.24 -25.00
N VAL G 443 2.14 73.61 -25.97
CA VAL G 443 3.30 74.44 -25.74
C VAL G 443 3.40 75.47 -26.87
N GLN G 444 4.43 76.31 -26.80
CA GLN G 444 4.65 77.36 -27.79
C GLN G 444 5.56 76.86 -28.90
N ALA G 445 5.25 77.24 -30.14
CA ALA G 445 6.02 76.80 -31.30
C ALA G 445 6.38 77.94 -32.24
N GLU G 446 6.42 79.17 -31.74
CA GLU G 446 6.77 80.34 -32.56
C GLU G 446 7.64 81.26 -31.72
N PHE G 447 8.93 81.33 -32.06
CA PHE G 447 9.90 82.15 -31.34
C PHE G 447 10.50 83.17 -32.28
N ASP G 448 10.46 84.45 -31.89
CA ASP G 448 11.04 85.51 -32.70
C ASP G 448 11.76 86.57 -31.86
N SER G 449 12.04 86.29 -30.59
CA SER G 449 12.70 87.24 -29.71
C SER G 449 13.96 86.59 -29.14
N PHE G 450 15.11 87.23 -29.36
CA PHE G 450 16.39 86.72 -28.91
C PHE G 450 17.19 87.82 -28.26
N VAL G 451 18.12 87.43 -27.40
CA VAL G 451 18.98 88.37 -26.67
C VAL G 451 20.44 88.06 -27.00
N VAL G 452 21.24 89.10 -27.14
CA VAL G 452 22.66 88.97 -27.46
C VAL G 452 23.48 89.73 -26.44
N PRO G 453 23.74 89.15 -25.26
CA PRO G 453 24.52 89.84 -24.23
C PRO G 453 26.01 89.81 -24.57
N SER G 454 26.81 90.41 -23.68
CA SER G 454 28.26 90.45 -23.83
C SER G 454 28.93 90.16 -22.50
N LEU G 455 28.45 89.14 -21.79
CA LEU G 455 28.94 88.81 -20.45
C LEU G 455 30.14 87.86 -20.56
N TRP G 456 31.26 88.42 -21.04
CA TRP G 456 32.51 87.67 -21.12
C TRP G 456 33.64 88.69 -20.94
N SER G 457 34.08 88.85 -19.69
CA SER G 457 35.12 89.84 -19.37
C SER G 457 36.52 89.28 -19.59
N SER G 458 36.91 88.28 -18.78
CA SER G 458 38.24 87.68 -18.92
C SER G 458 38.25 86.16 -18.85
N GLY G 459 37.31 85.51 -18.17
CA GLY G 459 37.31 84.06 -18.08
C GLY G 459 38.26 83.50 -17.04
N LEU G 460 39.57 83.62 -17.30
CA LEU G 460 40.59 83.00 -16.49
C LEU G 460 41.20 84.00 -15.51
N SER G 461 42.12 83.51 -14.68
CA SER G 461 42.89 84.30 -13.75
C SER G 461 44.37 84.03 -13.98
N ILE G 462 45.22 84.84 -13.35
CA ILE G 462 46.67 84.71 -13.54
C ILE G 462 47.26 83.56 -12.72
N PRO G 463 46.85 83.30 -11.46
CA PRO G 463 47.50 82.19 -10.74
C PRO G 463 47.25 80.84 -11.38
N LEU G 464 46.08 80.63 -11.99
CA LEU G 464 45.80 79.36 -12.64
C LEU G 464 46.54 79.24 -13.96
N ARG G 465 46.70 80.35 -14.68
CA ARG G 465 47.40 80.32 -15.96
C ARG G 465 48.86 79.95 -15.78
N THR G 466 49.51 80.46 -14.73
CA THR G 466 50.91 80.14 -14.49
C THR G 466 51.10 78.66 -14.22
N ARG G 467 50.19 78.06 -13.45
CA ARG G 467 50.30 76.63 -13.15
C ARG G 467 50.15 75.78 -14.42
N ILE G 468 49.23 76.17 -15.29
CA ILE G 468 49.01 75.41 -16.53
C ILE G 468 50.25 75.48 -17.42
N LYS G 469 50.84 76.68 -17.54
CA LYS G 469 52.05 76.81 -18.34
C LYS G 469 53.20 76.00 -17.77
N TRP G 470 53.35 75.99 -16.45
CA TRP G 470 54.40 75.20 -15.82
C TRP G 470 54.18 73.71 -16.06
N LEU G 471 52.93 73.25 -15.98
CA LEU G 471 52.65 71.84 -16.20
C LEU G 471 52.96 71.44 -17.64
N LEU G 472 52.62 72.29 -18.60
CA LEU G 472 52.92 72.03 -20.00
C LEU G 472 54.36 72.35 -20.37
N SER G 473 55.12 72.98 -19.46
CA SER G 473 56.51 73.32 -19.76
C SER G 473 57.34 72.07 -19.98
N LYS G 474 57.12 71.03 -19.16
CA LYS G 474 57.86 69.79 -19.29
C LYS G 474 57.22 68.88 -20.33
N VAL G 475 56.98 69.41 -21.53
CA VAL G 475 56.38 68.66 -22.62
C VAL G 475 57.38 67.70 -23.28
N PRO G 476 58.69 68.04 -23.42
CA PRO G 476 59.48 67.02 -24.11
C PRO G 476 59.75 65.79 -23.25
N PRO H 3 13.58 35.31 -50.14
CA PRO H 3 13.04 35.58 -48.81
C PRO H 3 12.94 37.06 -48.51
N VAL H 4 12.05 37.44 -47.59
CA VAL H 4 11.84 38.82 -47.19
C VAL H 4 12.22 38.96 -45.71
N TYR H 5 12.92 40.03 -45.38
CA TYR H 5 13.43 40.26 -44.03
C TYR H 5 12.68 41.43 -43.41
N VAL H 6 12.20 41.23 -42.18
CA VAL H 6 11.45 42.25 -41.46
C VAL H 6 12.22 42.65 -40.21
N ASP H 7 12.06 43.92 -39.82
CA ASP H 7 12.75 44.47 -38.66
C ASP H 7 11.82 44.45 -37.45
N ILE H 8 11.60 43.24 -36.94
CA ILE H 8 10.81 43.03 -35.73
C ILE H 8 11.55 42.01 -34.85
N ASP H 9 11.06 41.87 -33.61
CA ASP H 9 11.65 40.92 -32.68
C ASP H 9 11.32 39.49 -33.10
N ALA H 10 12.19 38.56 -32.68
CA ALA H 10 12.02 37.15 -33.01
C ALA H 10 11.03 36.45 -32.08
N ASP H 11 10.62 37.08 -31.00
CA ASP H 11 9.68 36.51 -30.04
C ASP H 11 8.40 37.35 -29.98
N SER H 12 7.92 37.80 -31.13
CA SER H 12 6.73 38.63 -31.22
C SER H 12 5.57 37.83 -31.80
N ALA H 13 4.39 38.02 -31.21
CA ALA H 13 3.20 37.34 -31.68
C ALA H 13 2.66 37.90 -33.00
N PHE H 14 3.16 39.06 -33.43
CA PHE H 14 2.72 39.64 -34.69
C PHE H 14 3.26 38.89 -35.90
N LEU H 15 4.29 38.07 -35.72
CA LEU H 15 4.87 37.33 -36.84
C LEU H 15 3.87 36.34 -37.42
N LYS H 16 3.09 35.67 -36.56
CA LYS H 16 2.11 34.70 -37.06
C LYS H 16 1.05 35.38 -37.91
N ALA H 17 0.60 36.58 -37.49
CA ALA H 17 -0.41 37.30 -38.26
C ALA H 17 0.13 37.70 -39.63
N LEU H 18 1.39 38.15 -39.69
CA LEU H 18 1.97 38.56 -40.96
C LEU H 18 2.09 37.40 -41.93
N GLN H 19 2.48 36.22 -41.44
CA GLN H 19 2.64 35.06 -42.31
C GLN H 19 1.30 34.63 -42.91
N ARG H 20 0.23 34.68 -42.12
CA ARG H 20 -1.08 34.27 -42.62
C ARG H 20 -1.56 35.20 -43.73
N ALA H 21 -1.33 36.51 -43.59
CA ALA H 21 -1.80 37.46 -44.58
C ALA H 21 -1.01 37.40 -45.88
N TYR H 22 0.21 36.87 -45.84
CA TYR H 22 1.08 36.77 -47.01
C TYR H 22 1.54 35.33 -47.16
N PRO H 23 0.71 34.47 -47.73
CA PRO H 23 1.09 33.05 -47.85
C PRO H 23 1.99 32.75 -49.03
N MET H 24 2.19 33.69 -49.95
CA MET H 24 3.06 33.47 -51.10
C MET H 24 4.52 33.83 -50.82
N PHE H 25 4.81 34.38 -49.65
CA PHE H 25 6.16 34.76 -49.26
C PHE H 25 6.62 33.94 -48.07
N GLU H 26 7.86 34.19 -47.63
CA GLU H 26 8.38 33.64 -46.38
C GLU H 26 9.14 34.77 -45.68
N VAL H 27 8.83 34.97 -44.40
CA VAL H 27 9.39 36.08 -43.64
C VAL H 27 10.25 35.54 -42.50
N GLU H 28 11.25 36.32 -42.11
CA GLU H 28 12.13 36.01 -41.00
C GLU H 28 12.79 37.29 -40.52
N PRO H 29 12.90 37.49 -39.20
CA PRO H 29 13.25 38.82 -38.67
C PRO H 29 14.73 39.03 -38.41
N ARG H 30 15.14 40.30 -38.54
CA ARG H 30 16.43 40.76 -38.00
C ARG H 30 16.16 42.12 -37.36
N GLN H 31 16.32 42.20 -36.04
CA GLN H 31 16.10 43.45 -35.32
C GLN H 31 17.40 44.24 -35.26
N VAL H 32 17.37 45.46 -35.78
CA VAL H 32 18.57 46.30 -35.84
C VAL H 32 18.26 47.68 -35.26
N THR H 33 16.98 47.99 -35.07
CA THR H 33 16.57 49.29 -34.58
C THR H 33 15.40 49.14 -33.62
N PRO H 34 15.47 49.75 -32.42
CA PRO H 34 14.36 49.67 -31.45
C PRO H 34 13.27 50.70 -31.70
N ASN H 35 12.71 50.69 -32.92
CA ASN H 35 11.66 51.64 -33.26
C ASN H 35 10.37 51.31 -32.52
N ASP H 36 9.58 52.35 -32.25
CA ASP H 36 8.32 52.21 -31.53
C ASP H 36 7.14 51.92 -32.45
N ALA H 37 7.35 51.91 -33.77
CA ALA H 37 6.31 51.64 -34.76
C ALA H 37 6.78 50.59 -35.75
N ALA H 38 7.34 49.50 -35.23
CA ALA H 38 7.90 48.46 -36.09
C ALA H 38 6.81 47.76 -36.89
N ASN H 39 5.65 47.50 -36.27
CA ASN H 39 4.59 46.76 -36.95
C ASN H 39 4.06 47.52 -38.16
N ALA H 40 3.86 48.83 -38.02
CA ALA H 40 3.34 49.63 -39.14
C ALA H 40 4.32 49.64 -40.30
N ARG H 41 5.61 49.79 -40.02
CA ARG H 41 6.61 49.79 -41.09
C ARG H 41 6.75 48.41 -41.73
N ALA H 42 6.61 47.35 -40.92
CA ALA H 42 6.80 46.00 -41.45
C ALA H 42 5.75 45.65 -42.49
N PHE H 43 4.49 46.00 -42.23
CA PHE H 43 3.42 45.65 -43.17
C PHE H 43 3.55 46.42 -44.48
N SER H 44 3.94 47.70 -44.41
CA SER H 44 4.06 48.51 -45.61
C SER H 44 5.18 48.00 -46.51
N HIS H 45 6.25 47.48 -45.91
CA HIS H 45 7.36 46.94 -46.70
C HIS H 45 6.90 45.74 -47.52
N LEU H 46 6.10 44.86 -46.92
CA LEU H 46 5.62 43.69 -47.63
C LEU H 46 4.59 44.06 -48.69
N ALA H 47 3.77 45.08 -48.42
CA ALA H 47 2.73 45.47 -49.36
C ALA H 47 3.32 45.98 -50.66
N ILE H 48 4.37 46.81 -50.59
CA ILE H 48 4.99 47.34 -51.79
C ILE H 48 5.66 46.24 -52.60
N LYS H 49 6.30 45.29 -51.91
CA LYS H 49 6.96 44.19 -52.60
C LYS H 49 5.97 43.37 -53.42
N LEU H 50 4.79 43.10 -52.86
CA LEU H 50 3.76 42.38 -53.60
C LEU H 50 3.23 43.20 -54.76
N ILE H 51 3.10 44.51 -54.57
CA ILE H 51 2.56 45.38 -55.62
C ILE H 51 3.51 45.42 -56.81
N GLU H 52 4.82 45.39 -56.57
CA GLU H 52 5.77 45.39 -57.67
C GLU H 52 5.64 44.14 -58.53
N GLN H 53 5.12 43.06 -57.97
CA GLN H 53 4.81 41.86 -58.73
C GLN H 53 3.49 42.06 -59.46
N GLU H 54 3.02 41.01 -60.14
CA GLU H 54 1.73 40.95 -60.81
C GLU H 54 1.49 42.10 -61.79
N ILE H 55 2.56 42.84 -62.12
CA ILE H 55 2.52 43.89 -63.13
C ILE H 55 3.72 43.73 -64.03
N ASP H 56 3.51 43.88 -65.34
CA ASP H 56 4.58 43.70 -66.29
C ASP H 56 5.59 44.84 -66.21
N PRO H 57 6.87 44.56 -66.49
CA PRO H 57 7.86 45.64 -66.52
C PRO H 57 7.66 46.57 -67.69
N ASP H 58 8.57 47.54 -67.84
CA ASP H 58 8.52 48.53 -68.93
C ASP H 58 7.23 49.33 -68.89
N SER H 59 6.72 49.61 -67.69
CA SER H 59 5.52 50.41 -67.51
C SER H 59 5.82 51.53 -66.53
N THR H 60 5.46 52.76 -66.90
CA THR H 60 5.73 53.92 -66.07
C THR H 60 4.81 53.93 -64.85
N ILE H 61 5.39 54.27 -63.70
CA ILE H 61 4.66 54.32 -62.44
C ILE H 61 4.78 55.71 -61.84
N LEU H 62 3.68 56.19 -61.28
CA LEU H 62 3.62 57.50 -60.63
C LEU H 62 3.52 57.34 -59.14
N ASP H 63 4.29 58.13 -58.40
CA ASP H 63 4.26 58.15 -56.94
C ASP H 63 3.82 59.54 -56.50
N ILE H 64 2.63 59.63 -55.92
CA ILE H 64 2.09 60.91 -55.48
C ILE H 64 2.50 61.16 -54.03
N GLY H 65 3.26 62.23 -53.81
CA GLY H 65 3.68 62.60 -52.47
C GLY H 65 4.56 61.56 -51.80
N SER H 66 5.56 61.06 -52.51
CA SER H 66 6.44 60.02 -52.00
C SER H 66 7.82 60.59 -51.70
N ALA H 67 8.68 59.75 -51.11
CA ALA H 67 10.05 60.12 -50.82
C ALA H 67 10.96 59.48 -51.86
N PRO H 68 11.72 60.27 -52.63
CA PRO H 68 12.56 59.68 -53.69
C PRO H 68 13.61 58.73 -53.18
N ALA H 69 14.02 58.85 -51.92
CA ALA H 69 15.10 58.01 -51.39
C ALA H 69 14.73 56.55 -51.34
N ARG H 70 13.44 56.23 -51.13
CA ARG H 70 13.02 54.84 -51.00
C ARG H 70 12.93 54.12 -52.34
N ARG H 71 12.99 54.82 -53.46
CA ARG H 71 12.91 54.22 -54.78
C ARG H 71 14.24 54.25 -55.52
N MET H 72 15.35 54.51 -54.82
CA MET H 72 16.63 54.65 -55.50
C MET H 72 17.14 53.32 -56.04
N MET H 73 17.05 52.25 -55.24
CA MET H 73 17.66 50.96 -55.57
C MET H 73 16.67 49.98 -56.17
N SER H 74 15.74 50.47 -56.98
CA SER H 74 14.75 49.62 -57.65
C SER H 74 14.91 49.73 -59.15
N ASP H 75 14.57 48.65 -59.85
CA ASP H 75 14.69 48.58 -61.30
C ASP H 75 13.37 48.88 -62.01
N ARG H 76 12.54 49.74 -61.42
CA ARG H 76 11.27 50.13 -62.00
C ARG H 76 11.28 51.60 -62.37
N LYS H 77 10.56 51.93 -63.44
CA LYS H 77 10.53 53.31 -63.96
C LYS H 77 9.52 54.11 -63.15
N TYR H 78 10.02 54.75 -62.10
CA TYR H 78 9.20 55.59 -61.24
C TYR H 78 9.27 57.05 -61.68
N HIS H 79 8.21 57.79 -61.39
CA HIS H 79 8.16 59.24 -61.58
C HIS H 79 7.57 59.84 -60.33
N CYS H 80 8.41 60.48 -59.52
CA CYS H 80 7.99 61.01 -58.22
C CYS H 80 7.41 62.41 -58.37
N VAL H 81 6.21 62.59 -57.84
CA VAL H 81 5.56 63.90 -57.83
C VAL H 81 5.60 64.45 -56.41
N CYS H 82 6.63 65.23 -56.11
CA CYS H 82 6.87 65.72 -54.75
C CYS H 82 6.82 67.25 -54.71
N PRO H 83 5.71 67.84 -54.28
CA PRO H 83 5.71 69.29 -54.06
C PRO H 83 6.31 69.65 -52.72
N MET H 84 6.27 70.93 -52.35
CA MET H 84 6.81 71.40 -51.07
C MET H 84 5.65 72.00 -50.28
N ARG H 85 4.98 71.15 -49.51
CA ARG H 85 3.82 71.56 -48.72
C ARG H 85 3.98 71.36 -47.23
N SER H 86 4.71 70.34 -46.78
CA SER H 86 4.89 70.04 -45.38
C SER H 86 6.28 70.50 -44.93
N ALA H 87 6.55 70.32 -43.63
CA ALA H 87 7.82 70.70 -43.04
C ALA H 87 8.85 69.58 -43.07
N GLU H 88 8.50 68.41 -43.60
CA GLU H 88 9.40 67.27 -43.67
C GLU H 88 10.03 67.11 -45.05
N ASP H 89 9.69 67.95 -46.02
CA ASP H 89 10.17 67.81 -47.38
C ASP H 89 11.61 68.31 -47.56
N PRO H 90 12.00 69.47 -47.01
CA PRO H 90 13.40 69.90 -47.17
C PRO H 90 14.40 68.88 -46.68
N GLU H 91 14.12 68.20 -45.57
CA GLU H 91 15.05 67.18 -45.07
C GLU H 91 15.15 66.00 -46.04
N ARG H 92 14.01 65.58 -46.61
CA ARG H 92 14.03 64.44 -47.53
C ARG H 92 14.79 64.78 -48.81
N LEU H 93 14.62 65.99 -49.32
CA LEU H 93 15.32 66.39 -50.55
C LEU H 93 16.82 66.41 -50.33
N ALA H 94 17.27 66.93 -49.18
CA ALA H 94 18.70 66.94 -48.89
C ALA H 94 19.25 65.53 -48.75
N ASN H 95 18.48 64.63 -48.13
CA ASN H 95 18.90 63.24 -48.02
C ASN H 95 18.99 62.58 -49.39
N TYR H 96 18.04 62.90 -50.27
CA TYR H 96 18.06 62.32 -51.62
C TYR H 96 19.31 62.75 -52.38
N ALA H 97 19.68 64.03 -52.29
CA ALA H 97 20.87 64.50 -52.99
C ALA H 97 22.14 63.89 -52.40
N ARG H 98 22.22 63.79 -51.08
CA ARG H 98 23.41 63.25 -50.44
C ARG H 98 23.62 61.78 -50.81
N LYS H 99 22.54 60.99 -50.80
CA LYS H 99 22.66 59.59 -51.19
C LYS H 99 22.96 59.44 -52.67
N LEU H 100 22.45 60.35 -53.50
CA LEU H 100 22.73 60.29 -54.94
C LEU H 100 24.22 60.49 -55.22
N ALA H 101 24.83 61.46 -54.55
CA ALA H 101 26.27 61.72 -54.73
C ALA H 101 27.11 60.85 -53.80
N SER H 102 26.79 59.55 -53.78
CA SER H 102 27.61 58.56 -53.10
C SER H 102 27.68 57.25 -53.87
N ALA H 103 27.08 57.17 -55.05
CA ALA H 103 26.99 55.96 -55.86
C ALA H 103 27.35 56.26 -57.30
N ALA H 104 28.48 56.93 -57.50
CA ALA H 104 28.91 57.40 -58.82
C ALA H 104 29.82 56.40 -59.51
N GLY H 105 29.55 55.11 -59.32
CA GLY H 105 30.37 54.05 -59.86
C GLY H 105 30.41 52.86 -58.93
N LYS H 106 29.86 53.04 -57.72
CA LYS H 106 29.74 51.91 -56.80
C LYS H 106 28.76 50.87 -57.32
N VAL H 107 27.65 51.32 -57.91
CA VAL H 107 26.64 50.44 -58.48
C VAL H 107 26.74 50.50 -60.00
N LEU H 108 26.47 49.38 -60.65
CA LEU H 108 26.70 49.28 -62.10
C LEU H 108 25.52 49.82 -62.90
N ASP H 109 24.36 49.20 -62.77
CA ASP H 109 23.21 49.49 -63.63
C ASP H 109 22.01 49.89 -62.77
N ARG H 110 21.93 51.20 -62.46
CA ARG H 110 20.76 51.73 -61.76
C ARG H 110 20.34 53.09 -62.32
N ASN H 111 20.87 53.51 -63.46
CA ASN H 111 20.57 54.81 -64.05
C ASN H 111 20.88 55.94 -63.07
N ILE H 112 21.95 55.77 -62.31
CA ILE H 112 22.34 56.79 -61.33
C ILE H 112 22.76 58.07 -62.03
N SER H 113 23.55 57.94 -63.10
CA SER H 113 24.01 59.12 -63.83
C SER H 113 22.82 59.89 -64.42
N GLY H 114 21.82 59.17 -64.94
CA GLY H 114 20.64 59.84 -65.47
C GLY H 114 19.88 60.61 -64.39
N LYS H 115 19.73 60.01 -63.21
CA LYS H 115 19.03 60.68 -62.12
C LYS H 115 19.78 61.91 -61.66
N ILE H 116 21.10 61.83 -61.56
CA ILE H 116 21.89 62.98 -61.13
C ILE H 116 21.75 64.13 -62.13
N GLY H 117 21.88 63.83 -63.42
CA GLY H 117 21.67 64.84 -64.43
C GLY H 117 20.23 65.34 -64.46
N ASP H 118 19.28 64.46 -64.16
CA ASP H 118 17.88 64.86 -64.12
C ASP H 118 17.63 65.88 -63.03
N LEU H 119 18.25 65.69 -61.86
CA LEU H 119 18.08 66.64 -60.76
C LEU H 119 18.72 67.98 -61.09
N GLN H 120 19.81 67.98 -61.84
CA GLN H 120 20.46 69.23 -62.23
C GLN H 120 19.54 70.09 -63.08
N ALA H 121 18.83 69.48 -64.03
CA ALA H 121 17.95 70.23 -64.91
C ALA H 121 16.80 70.86 -64.14
N VAL H 122 16.24 70.13 -63.17
CA VAL H 122 15.12 70.65 -62.40
C VAL H 122 15.54 71.86 -61.57
N MET H 123 16.75 71.81 -61.01
CA MET H 123 17.24 72.95 -60.22
C MET H 123 17.55 74.15 -61.10
N ALA H 124 17.91 73.92 -62.37
CA ALA H 124 18.16 75.03 -63.28
C ALA H 124 16.88 75.82 -63.54
N VAL H 125 15.79 75.13 -63.82
CA VAL H 125 14.47 75.76 -63.99
C VAL H 125 13.42 74.86 -63.36
N PRO H 126 12.57 75.40 -62.48
CA PRO H 126 11.64 74.54 -61.73
C PRO H 126 10.35 74.18 -62.47
N ASP H 127 10.15 74.69 -63.69
CA ASP H 127 8.91 74.47 -64.43
C ASP H 127 9.13 73.57 -65.64
N THR H 128 9.94 72.53 -65.48
CA THR H 128 10.21 71.57 -66.54
C THR H 128 9.91 70.17 -66.04
N GLU H 129 9.31 69.35 -66.92
CA GLU H 129 9.07 67.96 -66.58
C GLU H 129 10.33 67.12 -66.80
N THR H 130 10.36 65.97 -66.13
CA THR H 130 11.52 65.11 -66.11
C THR H 130 11.06 63.67 -65.96
N PRO H 131 11.67 62.73 -66.68
CA PRO H 131 11.23 61.32 -66.56
C PRO H 131 11.28 60.78 -65.15
N THR H 132 12.26 61.15 -64.34
CA THR H 132 12.44 60.59 -63.01
C THR H 132 12.24 61.59 -61.89
N PHE H 133 11.72 62.78 -62.18
CA PHE H 133 11.52 63.78 -61.15
C PHE H 133 10.47 64.78 -61.61
N CYS H 134 9.90 65.50 -60.65
CA CYS H 134 8.92 66.53 -60.92
C CYS H 134 8.81 67.44 -59.71
N LEU H 135 8.15 68.59 -59.90
CA LEU H 135 7.99 69.54 -58.82
C LEU H 135 6.58 70.10 -58.73
N HIS H 136 5.64 69.58 -59.50
CA HIS H 136 4.26 70.04 -59.48
C HIS H 136 3.44 69.17 -58.54
N THR H 137 2.13 69.37 -58.54
CA THR H 137 1.20 68.56 -57.76
C THR H 137 0.63 67.44 -58.64
N ASP H 138 -0.30 66.68 -58.08
CA ASP H 138 -0.94 65.61 -58.84
C ASP H 138 -1.78 66.18 -59.98
N VAL H 139 -2.43 67.33 -59.76
CA VAL H 139 -3.27 67.93 -60.79
C VAL H 139 -2.40 68.49 -61.91
N SER H 140 -1.27 69.11 -61.57
CA SER H 140 -0.44 69.82 -62.53
C SER H 140 0.59 68.94 -63.22
N CYS H 141 0.65 67.65 -62.91
CA CYS H 141 1.61 66.75 -63.54
C CYS H 141 1.06 66.25 -64.87
N ARG H 142 1.93 66.15 -65.87
CA ARG H 142 1.56 65.75 -67.21
C ARG H 142 2.55 64.72 -67.76
N GLN H 143 2.86 63.71 -66.95
CA GLN H 143 3.86 62.72 -67.31
C GLN H 143 3.36 61.71 -68.33
N ARG H 144 2.05 61.54 -68.48
CA ARG H 144 1.46 60.58 -69.42
C ARG H 144 1.92 59.15 -69.10
N ALA H 145 1.49 58.69 -67.93
CA ALA H 145 1.80 57.36 -67.44
C ALA H 145 0.51 56.53 -67.40
N ASP H 146 0.63 55.30 -66.87
CA ASP H 146 -0.49 54.37 -66.84
C ASP H 146 -0.72 53.68 -65.49
N VAL H 147 0.18 53.85 -64.52
CA VAL H 147 0.04 53.21 -63.22
C VAL H 147 0.32 54.25 -62.13
N ALA H 148 -0.55 54.28 -61.12
CA ALA H 148 -0.41 55.20 -60.00
C ALA H 148 -0.43 54.41 -58.69
N ILE H 149 0.34 54.88 -57.72
CA ILE H 149 0.45 54.23 -56.41
C ILE H 149 0.29 55.30 -55.33
N TYR H 150 -0.57 55.02 -54.35
CA TYR H 150 -0.75 55.88 -53.19
C TYR H 150 -0.31 55.11 -51.95
N GLN H 151 0.58 55.71 -51.16
CA GLN H 151 1.08 55.10 -49.94
C GLN H 151 0.92 56.09 -48.80
N ASP H 152 -0.04 55.83 -47.91
CA ASP H 152 -0.31 56.65 -46.72
C ASP H 152 -0.58 58.10 -47.12
N VAL H 153 -1.64 58.29 -47.89
CA VAL H 153 -2.07 59.60 -48.35
C VAL H 153 -3.49 59.84 -47.87
N TYR H 154 -3.69 60.92 -47.10
CA TYR H 154 -5.01 61.27 -46.59
C TYR H 154 -5.31 62.76 -46.78
N ALA H 155 -4.62 63.43 -47.70
CA ALA H 155 -4.74 64.87 -47.86
C ALA H 155 -5.27 65.27 -49.23
N VAL H 156 -5.93 64.36 -49.95
CA VAL H 156 -6.49 64.64 -51.26
C VAL H 156 -7.91 64.11 -51.32
N HIS H 157 -8.69 64.67 -52.23
CA HIS H 157 -10.04 64.22 -52.50
C HIS H 157 -9.99 63.08 -53.52
N ALA H 158 -10.47 61.91 -53.13
CA ALA H 158 -10.32 60.73 -53.98
C ALA H 158 -11.02 60.86 -55.33
N PRO H 159 -12.29 61.29 -55.42
CA PRO H 159 -12.90 61.42 -56.76
C PRO H 159 -12.17 62.40 -57.66
N THR H 160 -11.66 63.51 -57.12
CA THR H 160 -11.00 64.51 -57.94
C THR H 160 -9.63 64.03 -58.38
N SER H 161 -8.87 63.41 -57.48
CA SER H 161 -7.52 62.95 -57.83
C SER H 161 -7.58 61.84 -58.88
N LEU H 162 -8.52 60.91 -58.75
CA LEU H 162 -8.59 59.79 -59.68
C LEU H 162 -8.97 60.27 -61.08
N TYR H 163 -9.85 61.27 -61.17
CA TYR H 163 -10.28 61.76 -62.49
C TYR H 163 -9.11 62.34 -63.27
N HIS H 164 -8.26 63.12 -62.61
CA HIS H 164 -7.13 63.74 -63.30
C HIS H 164 -6.10 62.71 -63.76
N GLN H 165 -5.97 61.60 -63.03
CA GLN H 165 -5.07 60.54 -63.46
C GLN H 165 -5.64 59.78 -64.64
N ALA H 166 -6.97 59.66 -64.71
CA ALA H 166 -7.59 58.85 -65.75
C ALA H 166 -7.51 59.51 -67.12
N ILE H 167 -7.54 60.84 -67.18
CA ILE H 167 -7.54 61.55 -68.45
C ILE H 167 -6.14 61.55 -69.04
N LYS H 168 -5.17 61.06 -68.27
CA LYS H 168 -3.80 60.93 -68.74
C LYS H 168 -3.44 59.51 -69.16
N GLY H 169 -4.38 58.58 -69.08
CA GLY H 169 -4.15 57.23 -69.57
C GLY H 169 -3.72 56.24 -68.50
N VAL H 170 -4.28 56.35 -67.31
CA VAL H 170 -3.98 55.45 -66.20
C VAL H 170 -5.14 54.47 -66.05
N ARG H 171 -4.82 53.17 -66.02
CA ARG H 171 -5.83 52.13 -65.96
C ARG H 171 -5.73 51.26 -64.70
N LEU H 172 -4.90 51.65 -63.74
CA LEU H 172 -4.71 50.85 -62.53
C LEU H 172 -4.18 51.74 -61.42
N ALA H 173 -4.73 51.58 -60.22
CA ALA H 173 -4.32 52.36 -59.06
C ALA H 173 -4.30 51.47 -57.82
N TYR H 174 -3.47 51.85 -56.84
CA TYR H 174 -3.37 51.13 -55.58
C TYR H 174 -3.39 52.13 -54.42
N TRP H 175 -3.91 51.70 -53.28
CA TRP H 175 -3.98 52.54 -52.10
C TRP H 175 -3.67 51.69 -50.87
N VAL H 176 -2.76 52.18 -50.03
CA VAL H 176 -2.38 51.51 -48.78
C VAL H 176 -2.58 52.49 -47.64
N GLY H 177 -3.27 52.06 -46.60
CA GLY H 177 -3.52 52.92 -45.47
C GLY H 177 -4.41 52.23 -44.44
N PHE H 178 -4.76 53.01 -43.41
CA PHE H 178 -5.61 52.50 -42.34
C PHE H 178 -7.04 52.33 -42.81
N ASP H 179 -7.79 51.50 -42.10
CA ASP H 179 -9.20 51.32 -42.39
C ASP H 179 -9.99 52.56 -42.02
N THR H 180 -11.01 52.87 -42.81
CA THR H 180 -11.83 54.07 -42.62
C THR H 180 -13.21 53.75 -42.07
N THR H 181 -13.46 52.50 -41.68
CA THR H 181 -14.75 52.09 -41.16
C THR H 181 -15.15 52.82 -39.87
N PRO H 182 -14.26 53.01 -38.90
CA PRO H 182 -14.68 53.73 -37.68
C PRO H 182 -15.21 55.12 -37.94
N PHE H 183 -14.66 55.85 -38.92
CA PHE H 183 -15.09 57.21 -39.19
C PHE H 183 -16.45 57.29 -39.87
N MET H 184 -16.93 56.19 -40.46
CA MET H 184 -18.27 56.17 -41.02
C MET H 184 -19.35 56.02 -39.96
N TYR H 185 -18.97 55.64 -38.73
CA TYR H 185 -19.91 55.49 -37.63
C TYR H 185 -20.02 56.74 -36.76
N ASN H 186 -19.25 57.79 -37.06
CA ASN H 186 -19.27 59.05 -36.33
C ASN H 186 -18.97 58.83 -34.84
N ALA H 187 -17.76 58.37 -34.57
CA ALA H 187 -17.29 58.15 -33.21
C ALA H 187 -16.40 59.31 -32.76
N MET H 188 -16.10 59.34 -31.47
CA MET H 188 -15.26 60.36 -30.87
C MET H 188 -13.82 59.93 -30.69
N ALA H 189 -13.57 58.69 -30.26
CA ALA H 189 -12.22 58.20 -30.04
C ALA H 189 -12.17 56.72 -30.38
N GLY H 190 -10.95 56.24 -30.62
CA GLY H 190 -10.75 54.85 -30.99
C GLY H 190 -9.29 54.49 -30.86
N ALA H 191 -8.99 53.25 -31.22
CA ALA H 191 -7.63 52.74 -31.12
C ALA H 191 -7.41 51.59 -32.09
N TYR H 192 -6.15 51.35 -32.42
CA TYR H 192 -5.70 50.17 -33.15
C TYR H 192 -4.62 49.49 -32.33
N PRO H 193 -4.99 48.61 -31.39
CA PRO H 193 -3.99 48.12 -30.42
C PRO H 193 -2.83 47.37 -31.05
N SER H 194 -3.04 46.69 -32.18
CA SER H 194 -1.97 45.91 -32.78
C SER H 194 -0.85 46.77 -33.35
N TYR H 195 -1.10 48.06 -33.57
CA TYR H 195 -0.11 48.95 -34.15
C TYR H 195 0.26 50.11 -33.23
N SER H 196 -0.19 50.08 -31.97
CA SER H 196 0.11 51.13 -30.99
C SER H 196 -0.30 52.50 -31.51
N THR H 197 -1.50 52.59 -32.06
CA THR H 197 -2.03 53.82 -32.63
C THR H 197 -3.28 54.24 -31.89
N ASN H 198 -3.33 55.52 -31.50
CA ASN H 198 -4.48 56.09 -30.81
C ASN H 198 -4.87 57.39 -31.51
N TRP H 199 -6.17 57.60 -31.66
CA TRP H 199 -6.70 58.83 -32.25
C TRP H 199 -7.86 59.33 -31.41
N ALA H 200 -8.04 60.66 -31.38
CA ALA H 200 -9.10 61.26 -30.59
C ALA H 200 -9.52 62.57 -31.22
N ASP H 201 -10.73 63.00 -30.90
CA ASP H 201 -11.24 64.29 -31.35
C ASP H 201 -10.59 65.41 -30.57
N GLU H 202 -10.53 66.59 -31.18
CA GLU H 202 -9.88 67.74 -30.55
C GLU H 202 -10.61 68.22 -29.31
N GLN H 203 -11.92 67.98 -29.22
CA GLN H 203 -12.71 68.48 -28.10
C GLN H 203 -12.56 67.66 -26.83
N VAL H 204 -11.95 66.48 -26.90
CA VAL H 204 -11.85 65.61 -25.73
C VAL H 204 -10.38 65.34 -25.42
N LEU H 205 -9.50 66.29 -25.72
CA LEU H 205 -8.08 66.12 -25.43
C LEU H 205 -7.78 66.18 -23.94
N LYS H 206 -8.69 66.71 -23.13
CA LYS H 206 -8.50 66.84 -21.70
C LYS H 206 -9.31 65.82 -20.91
N ALA H 207 -9.49 64.62 -21.47
CA ALA H 207 -10.22 63.56 -20.80
C ALA H 207 -9.33 62.91 -19.75
N LYS H 208 -9.79 61.80 -19.18
CA LYS H 208 -9.10 61.17 -18.07
C LYS H 208 -8.71 59.71 -18.32
N ASN H 209 -9.53 58.95 -19.04
CA ASN H 209 -9.34 57.51 -19.15
C ASN H 209 -9.48 57.05 -20.60
N ILE H 210 -8.78 57.74 -21.51
CA ILE H 210 -8.70 57.26 -22.89
C ILE H 210 -7.23 57.14 -23.27
N GLY H 211 -6.97 56.71 -24.51
CA GLY H 211 -5.60 56.44 -24.93
C GLY H 211 -4.79 57.67 -25.28
N LEU H 212 -5.44 58.82 -25.46
CA LEU H 212 -4.75 60.06 -25.83
C LEU H 212 -5.43 61.21 -25.08
N CYS H 213 -4.89 61.55 -23.91
CA CYS H 213 -5.47 62.60 -23.08
C CYS H 213 -4.43 63.02 -22.05
N SER H 214 -4.73 64.13 -21.37
CA SER H 214 -3.90 64.62 -20.28
C SER H 214 -4.75 65.54 -19.42
N THR H 215 -4.53 65.48 -18.10
CA THR H 215 -5.28 66.30 -17.16
C THR H 215 -4.39 66.59 -15.96
N ASP H 216 -4.96 67.28 -14.97
CA ASP H 216 -4.24 67.65 -13.76
C ASP H 216 -5.14 67.46 -12.55
N LEU H 217 -4.52 67.41 -11.37
CA LEU H 217 -5.25 67.21 -10.13
C LEU H 217 -6.04 68.46 -9.76
N THR H 218 -7.27 68.24 -9.28
CA THR H 218 -8.12 69.33 -8.80
C THR H 218 -8.85 68.86 -7.55
N GLU H 219 -9.26 69.83 -6.74
CA GLU H 219 -9.91 69.54 -5.47
C GLU H 219 -11.44 69.53 -5.57
N GLY H 220 -12.01 70.15 -6.60
CA GLY H 220 -13.45 70.17 -6.75
C GLY H 220 -14.04 71.55 -6.56
N ARG H 221 -13.32 72.58 -7.01
CA ARG H 221 -13.80 73.96 -6.95
C ARG H 221 -15.06 74.12 -7.79
N ARG H 222 -16.19 74.37 -7.14
CA ARG H 222 -17.47 74.49 -7.82
C ARG H 222 -17.79 75.96 -8.06
N GLY H 223 -18.24 76.28 -9.27
CA GLY H 223 -18.62 77.64 -9.59
C GLY H 223 -18.34 78.06 -11.01
N LYS H 224 -17.79 79.28 -11.16
CA LYS H 224 -17.39 79.97 -12.38
C LYS H 224 -18.56 80.19 -13.34
N LEU H 225 -18.60 81.37 -13.96
CA LEU H 225 -19.68 81.77 -14.84
C LEU H 225 -19.09 82.25 -16.17
N SER H 226 -19.91 82.20 -17.22
CA SER H 226 -19.49 82.64 -18.53
C SER H 226 -20.72 83.11 -19.31
N ILE H 227 -20.52 83.38 -20.60
CA ILE H 227 -21.60 83.87 -21.46
C ILE H 227 -22.04 82.79 -22.42
N MET H 228 -21.08 82.06 -22.99
CA MET H 228 -21.40 81.02 -23.96
C MET H 228 -22.02 79.82 -23.25
N ARG H 229 -23.00 79.20 -23.92
CA ARG H 229 -23.68 78.01 -23.41
C ARG H 229 -23.57 76.92 -24.48
N GLY H 230 -22.77 75.90 -24.21
CA GLY H 230 -22.56 74.85 -25.19
C GLY H 230 -23.77 73.97 -25.41
N LYS H 231 -24.13 73.18 -24.39
CA LYS H 231 -25.29 72.28 -24.41
C LYS H 231 -25.25 71.25 -25.54
N LYS H 232 -24.14 71.15 -26.26
CA LYS H 232 -24.02 70.20 -27.36
C LYS H 232 -22.59 69.70 -27.44
N LEU H 233 -22.43 68.40 -27.63
CA LEU H 233 -21.11 67.78 -27.79
C LEU H 233 -21.19 66.82 -28.97
N GLU H 234 -20.79 67.30 -30.14
CA GLU H 234 -20.86 66.51 -31.36
C GLU H 234 -19.52 66.56 -32.09
N PRO H 235 -19.21 65.52 -32.87
CA PRO H 235 -17.91 65.49 -33.57
C PRO H 235 -17.74 66.67 -34.52
N CYS H 236 -16.50 67.14 -34.62
N CYS H 236 -16.50 67.14 -34.62
CA CYS H 236 -16.12 68.22 -35.51
CA CYS H 236 -16.12 68.22 -35.51
C CYS H 236 -15.13 67.71 -36.54
C CYS H 236 -15.13 67.71 -36.55
N ASP H 237 -14.70 68.60 -37.42
CA ASP H 237 -13.77 68.24 -38.51
C ASP H 237 -12.32 68.45 -38.13
N ARG H 238 -11.90 67.85 -37.01
CA ARG H 238 -10.50 67.93 -36.58
C ARG H 238 -10.17 66.67 -35.80
N VAL H 239 -9.28 65.84 -36.35
CA VAL H 239 -8.88 64.58 -35.74
C VAL H 239 -7.37 64.53 -35.66
N LEU H 240 -6.85 64.08 -34.52
CA LEU H 240 -5.41 63.97 -34.29
C LEU H 240 -5.03 62.50 -34.20
N PHE H 241 -3.99 62.12 -34.93
CA PHE H 241 -3.49 60.75 -34.95
C PHE H 241 -2.14 60.69 -34.23
N SER H 242 -1.88 59.56 -33.57
CA SER H 242 -0.64 59.34 -32.84
C SER H 242 -0.18 57.91 -33.11
N VAL H 243 0.84 57.76 -33.96
CA VAL H 243 1.44 56.47 -34.26
C VAL H 243 2.78 56.42 -33.55
N GLY H 244 2.85 55.66 -32.45
CA GLY H 244 4.04 55.63 -31.63
C GLY H 244 4.27 56.96 -30.93
N SER H 245 5.30 57.70 -31.36
CA SER H 245 5.61 59.01 -30.81
C SER H 245 5.44 60.12 -31.83
N THR H 246 4.86 59.83 -32.99
CA THR H 246 4.68 60.81 -34.05
C THR H 246 3.22 61.25 -34.12
N LEU H 247 3.00 62.54 -34.33
CA LEU H 247 1.67 63.13 -34.33
C LEU H 247 1.31 63.61 -35.73
N TYR H 248 0.09 63.29 -36.16
CA TYR H 248 -0.41 63.71 -37.46
C TYR H 248 -1.81 64.29 -37.30
N PRO H 249 -2.08 65.48 -37.80
CA PRO H 249 -3.45 66.00 -37.83
C PRO H 249 -4.14 65.65 -39.14
N GLU H 250 -5.41 65.27 -39.03
CA GLU H 250 -6.19 64.84 -40.18
C GLU H 250 -7.55 65.53 -40.18
N SER H 251 -8.28 65.34 -41.28
CA SER H 251 -9.61 65.90 -41.47
C SER H 251 -10.61 64.79 -41.76
N ARG H 252 -11.82 64.95 -41.22
CA ARG H 252 -12.83 63.90 -41.38
C ARG H 252 -13.32 63.81 -42.82
N LYS H 253 -13.48 64.94 -43.50
CA LYS H 253 -14.04 64.93 -44.85
C LYS H 253 -13.15 64.17 -45.82
N LEU H 254 -11.84 64.40 -45.77
CA LEU H 254 -10.93 63.69 -46.66
C LEU H 254 -10.81 62.22 -46.29
N LEU H 255 -10.87 61.90 -45.00
CA LEU H 255 -10.80 60.50 -44.59
C LEU H 255 -11.99 59.70 -45.09
N LYS H 256 -13.19 60.28 -45.03
CA LYS H 256 -14.39 59.59 -45.46
C LYS H 256 -14.52 59.48 -46.97
N SER H 257 -13.79 60.31 -47.72
CA SER H 257 -13.89 60.30 -49.18
C SER H 257 -13.25 59.07 -49.81
N TRP H 258 -12.47 58.30 -49.06
CA TRP H 258 -11.82 57.11 -49.59
C TRP H 258 -12.64 55.84 -49.37
N HIS H 259 -13.84 55.96 -48.81
CA HIS H 259 -14.74 54.81 -48.63
C HIS H 259 -15.60 54.66 -49.88
N LEU H 260 -14.94 54.26 -50.97
CA LEU H 260 -15.58 54.17 -52.27
C LEU H 260 -16.49 52.93 -52.35
N PRO H 261 -17.55 53.00 -53.14
CA PRO H 261 -18.44 51.85 -53.31
C PRO H 261 -17.88 50.88 -54.34
N SER H 262 -18.66 49.84 -54.63
CA SER H 262 -18.22 48.80 -55.56
C SER H 262 -18.08 49.34 -56.98
N VAL H 263 -19.06 50.11 -57.43
CA VAL H 263 -19.05 50.67 -58.79
C VAL H 263 -19.53 52.12 -58.72
N PHE H 264 -18.88 52.98 -59.51
CA PHE H 264 -19.28 54.39 -59.59
C PHE H 264 -18.79 54.95 -60.91
N HIS H 265 -19.43 56.04 -61.33
CA HIS H 265 -19.18 56.67 -62.62
C HIS H 265 -18.55 58.04 -62.43
N LEU H 266 -17.63 58.39 -63.33
CA LEU H 266 -17.04 59.73 -63.40
C LEU H 266 -17.53 60.39 -64.67
N LYS H 267 -18.20 61.53 -64.52
CA LYS H 267 -18.83 62.22 -65.64
C LYS H 267 -18.26 63.63 -65.79
N GLY H 268 -17.99 64.02 -67.02
CA GLY H 268 -17.45 65.34 -67.31
C GLY H 268 -17.20 65.51 -68.80
N LYS H 269 -16.03 66.07 -69.14
CA LYS H 269 -15.64 66.13 -70.55
C LYS H 269 -15.47 64.72 -71.12
N LEU H 270 -14.87 63.82 -70.35
CA LEU H 270 -14.76 62.42 -70.69
C LEU H 270 -15.43 61.58 -69.60
N SER H 271 -15.96 60.42 -69.99
CA SER H 271 -16.70 59.56 -69.09
C SER H 271 -15.94 58.26 -68.88
N PHE H 272 -15.96 57.78 -67.63
CA PHE H 272 -15.28 56.54 -67.27
C PHE H 272 -16.15 55.74 -66.31
N THR H 273 -15.91 54.43 -66.29
CA THR H 273 -16.51 53.52 -65.32
C THR H 273 -15.41 52.74 -64.63
N CYS H 274 -15.58 52.46 -63.34
CA CYS H 274 -14.49 51.90 -62.56
C CYS H 274 -15.05 51.20 -61.32
N ARG H 275 -14.19 50.40 -60.68
CA ARG H 275 -14.54 49.62 -59.51
C ARG H 275 -13.51 49.82 -58.41
N CYS H 276 -13.77 49.17 -57.27
CA CYS H 276 -12.86 49.17 -56.13
C CYS H 276 -12.98 47.83 -55.41
N ASP H 277 -11.82 47.23 -55.11
CA ASP H 277 -11.77 45.94 -54.47
C ASP H 277 -10.75 45.97 -53.34
N THR H 278 -10.94 45.07 -52.37
CA THR H 278 -10.03 44.91 -51.25
C THR H 278 -9.26 43.61 -51.43
N VAL H 279 -7.93 43.69 -51.36
CA VAL H 279 -7.07 42.55 -51.63
C VAL H 279 -6.60 41.88 -50.35
N VAL H 280 -5.99 42.63 -49.43
CA VAL H 280 -5.44 42.08 -48.21
C VAL H 280 -5.84 42.98 -47.04
N SER H 281 -6.17 42.37 -45.91
CA SER H 281 -6.52 43.08 -44.69
C SER H 281 -5.94 42.35 -43.49
N CYS H 282 -5.40 43.11 -42.54
CA CYS H 282 -4.79 42.51 -41.35
C CYS H 282 -5.02 43.46 -40.17
N GLU H 283 -6.07 43.18 -39.40
CA GLU H 283 -6.36 43.89 -38.15
C GLU H 283 -6.50 45.40 -38.37
N GLY H 284 -7.18 45.78 -39.44
CA GLY H 284 -7.55 47.17 -39.66
C GLY H 284 -6.58 48.02 -40.45
N TYR H 285 -5.77 47.42 -41.32
CA TYR H 285 -4.85 48.17 -42.16
C TYR H 285 -4.79 47.47 -43.51
N VAL H 286 -5.48 48.04 -44.50
CA VAL H 286 -5.86 47.32 -45.70
C VAL H 286 -5.16 47.88 -46.93
N VAL H 287 -5.33 47.17 -48.05
CA VAL H 287 -4.83 47.57 -49.36
C VAL H 287 -5.97 47.42 -50.35
N LYS H 288 -6.19 48.45 -51.17
CA LYS H 288 -7.28 48.48 -52.14
C LYS H 288 -6.74 48.65 -53.55
N ARG H 289 -7.51 48.17 -54.53
CA ARG H 289 -7.15 48.23 -55.93
C ARG H 289 -8.31 48.80 -56.74
N ILE H 290 -7.99 49.71 -57.65
CA ILE H 290 -9.00 50.37 -58.48
C ILE H 290 -8.61 50.20 -59.95
N THR H 291 -9.58 49.77 -60.76
CA THR H 291 -9.39 49.64 -62.20
C THR H 291 -10.37 50.56 -62.91
N MET H 292 -9.87 51.33 -63.88
CA MET H 292 -10.66 52.34 -64.58
C MET H 292 -10.70 52.02 -66.07
N SER H 293 -11.87 52.22 -66.66
CA SER H 293 -12.09 51.98 -68.09
C SER H 293 -12.90 53.13 -68.66
N PRO H 294 -12.73 53.43 -69.95
CA PRO H 294 -13.50 54.52 -70.57
C PRO H 294 -14.85 54.06 -71.09
N GLY H 295 -15.84 54.93 -70.92
CA GLY H 295 -17.20 54.65 -71.34
C GLY H 295 -18.13 54.41 -70.16
N LEU H 296 -19.42 54.44 -70.45
CA LEU H 296 -20.47 54.24 -69.46
C LEU H 296 -21.13 52.88 -69.69
N TYR H 297 -21.03 52.00 -68.70
CA TYR H 297 -21.62 50.67 -68.78
C TYR H 297 -22.32 50.35 -67.47
N GLY H 298 -23.44 49.63 -67.56
CA GLY H 298 -24.13 49.17 -66.37
C GLY H 298 -24.81 50.29 -65.60
N LYS H 299 -25.18 49.96 -64.37
CA LYS H 299 -25.83 50.89 -63.47
C LYS H 299 -25.28 50.71 -62.06
N THR H 300 -25.40 51.76 -61.26
CA THR H 300 -24.84 51.79 -59.91
C THR H 300 -25.94 51.61 -58.87
N THR H 301 -25.51 51.30 -57.64
CA THR H 301 -26.41 51.14 -56.51
C THR H 301 -26.05 51.98 -55.30
N GLY H 302 -24.77 52.38 -55.16
CA GLY H 302 -24.37 53.22 -54.06
C GLY H 302 -24.34 52.53 -52.71
N TYR H 303 -23.63 51.40 -52.62
CA TYR H 303 -23.50 50.66 -51.38
C TYR H 303 -22.04 50.26 -51.17
N ALA H 304 -21.61 50.25 -49.91
CA ALA H 304 -20.27 49.84 -49.54
C ALA H 304 -20.36 48.70 -48.53
N VAL H 305 -19.51 47.69 -48.71
CA VAL H 305 -19.54 46.48 -47.90
C VAL H 305 -18.18 46.28 -47.24
N THR H 306 -18.19 45.96 -45.95
CA THR H 306 -16.99 45.67 -45.19
C THR H 306 -17.12 44.30 -44.54
N HIS H 307 -16.07 43.49 -44.66
CA HIS H 307 -16.05 42.15 -44.09
C HIS H 307 -15.20 42.16 -42.82
N HIS H 308 -15.78 41.64 -41.74
CA HIS H 308 -15.12 41.61 -40.44
C HIS H 308 -14.55 40.23 -40.18
N ALA H 309 -13.22 40.15 -40.06
CA ALA H 309 -12.56 38.92 -39.66
C ALA H 309 -12.33 38.85 -38.16
N ASP H 310 -12.72 39.88 -37.42
CA ASP H 310 -12.58 39.91 -35.97
C ASP H 310 -13.62 40.88 -35.41
N GLY H 311 -13.80 40.83 -34.09
CA GLY H 311 -14.85 41.60 -33.46
C GLY H 311 -14.62 43.10 -33.59
N PHE H 312 -15.72 43.85 -33.62
CA PHE H 312 -15.72 45.30 -33.66
C PHE H 312 -16.74 45.83 -32.67
N LEU H 313 -16.30 46.73 -31.79
CA LEU H 313 -17.15 47.26 -30.73
C LEU H 313 -17.30 48.77 -30.86
N MET H 314 -18.49 49.26 -30.52
CA MET H 314 -18.75 50.68 -30.36
C MET H 314 -19.76 50.86 -29.24
N CYS H 315 -19.34 51.49 -28.15
CA CYS H 315 -20.17 51.60 -26.96
C CYS H 315 -20.13 53.03 -26.44
N LYS H 316 -20.99 53.30 -25.46
CA LYS H 316 -21.07 54.60 -24.81
C LYS H 316 -20.37 54.55 -23.47
N THR H 317 -19.54 55.56 -23.20
CA THR H 317 -18.76 55.62 -21.97
C THR H 317 -18.96 56.97 -21.31
N THR H 318 -18.68 57.01 -20.01
CA THR H 318 -18.79 58.21 -19.20
C THR H 318 -17.40 58.60 -18.68
N ASP H 319 -17.06 59.87 -18.81
CA ASP H 319 -15.76 60.38 -18.41
C ASP H 319 -15.90 61.84 -18.00
N THR H 320 -14.86 62.37 -17.37
CA THR H 320 -14.83 63.75 -16.90
C THR H 320 -13.85 64.53 -17.77
N VAL H 321 -14.37 65.46 -18.56
CA VAL H 321 -13.53 66.31 -19.41
C VAL H 321 -13.38 67.65 -18.72
N ASP H 322 -12.14 67.98 -18.34
CA ASP H 322 -11.82 69.22 -17.64
C ASP H 322 -12.64 69.40 -16.38
N GLY H 323 -12.91 68.30 -15.67
CA GLY H 323 -13.65 68.33 -14.43
C GLY H 323 -15.15 68.24 -14.57
N GLU H 324 -15.68 68.23 -15.80
CA GLU H 324 -17.11 68.15 -16.04
C GLU H 324 -17.46 66.79 -16.63
N ARG H 325 -18.49 66.16 -16.08
CA ARG H 325 -18.89 64.83 -16.51
C ARG H 325 -19.68 64.90 -17.81
N VAL H 326 -19.29 64.08 -18.79
CA VAL H 326 -19.93 64.02 -20.10
C VAL H 326 -19.96 62.56 -20.55
N SER H 327 -20.54 62.34 -21.73
CA SER H 327 -20.64 61.01 -22.31
C SER H 327 -20.43 61.09 -23.82
N PHE H 328 -19.72 60.11 -24.35
CA PHE H 328 -19.48 60.01 -25.79
C PHE H 328 -19.27 58.54 -26.15
N SER H 329 -18.80 58.27 -27.36
CA SER H 329 -18.70 56.92 -27.89
C SER H 329 -17.25 56.60 -28.25
N VAL H 330 -16.87 55.34 -28.01
CA VAL H 330 -15.52 54.85 -28.27
C VAL H 330 -15.63 53.54 -29.06
N CYS H 331 -14.66 53.30 -29.94
CA CYS H 331 -14.62 52.09 -30.75
C CYS H 331 -13.25 51.43 -30.64
N THR H 332 -13.22 50.12 -30.88
CA THR H 332 -11.98 49.35 -30.79
C THR H 332 -12.15 48.04 -31.53
N TYR H 333 -11.07 47.26 -31.56
CA TYR H 333 -11.05 45.94 -32.18
C TYR H 333 -10.80 44.86 -31.12
N VAL H 334 -11.34 43.67 -31.37
CA VAL H 334 -11.21 42.55 -30.45
C VAL H 334 -10.70 41.33 -31.21
N PRO H 335 -9.78 40.56 -30.64
CA PRO H 335 -9.33 39.33 -31.33
C PRO H 335 -10.46 38.32 -31.49
N ALA H 336 -10.35 37.52 -32.55
CA ALA H 336 -11.43 36.58 -32.88
C ALA H 336 -11.56 35.48 -31.84
N THR H 337 -10.45 34.97 -31.32
CA THR H 337 -10.51 33.84 -30.40
C THR H 337 -11.15 34.23 -29.07
N ILE H 338 -11.04 35.51 -28.70
CA ILE H 338 -11.67 35.98 -27.46
C ILE H 338 -13.19 36.00 -27.62
N CYS H 339 -13.67 36.44 -28.78
CA CYS H 339 -15.11 36.53 -29.00
C CYS H 339 -15.76 35.15 -29.01
N ASP H 340 -15.06 34.15 -29.52
CA ASP H 340 -15.64 32.81 -29.60
C ASP H 340 -15.89 32.21 -28.22
N GLN H 341 -14.97 32.44 -27.28
CA GLN H 341 -15.04 31.80 -25.96
C GLN H 341 -16.01 32.48 -25.01
N MET H 342 -16.58 33.63 -25.38
CA MET H 342 -17.50 34.36 -24.52
C MET H 342 -18.96 34.10 -24.90
N THR H 343 -19.23 33.17 -25.82
CA THR H 343 -20.60 32.94 -26.26
C THR H 343 -21.48 32.40 -25.13
N GLY H 344 -20.96 31.46 -24.35
CA GLY H 344 -21.76 30.86 -23.30
C GLY H 344 -22.13 31.81 -22.18
N ILE H 345 -21.21 32.69 -21.78
CA ILE H 345 -21.44 33.57 -20.65
C ILE H 345 -22.51 34.59 -20.98
N LEU H 346 -22.52 35.10 -22.21
CA LEU H 346 -23.43 36.17 -22.60
C LEU H 346 -24.86 35.69 -22.82
N ALA H 347 -25.18 34.45 -22.45
CA ALA H 347 -26.56 33.96 -22.54
C ALA H 347 -27.44 34.46 -21.42
N THR H 348 -26.86 34.99 -20.34
CA THR H 348 -27.63 35.49 -19.21
C THR H 348 -27.24 36.93 -18.88
N GLU H 349 -27.73 37.46 -17.77
CA GLU H 349 -27.38 38.80 -17.32
C GLU H 349 -26.14 38.72 -16.43
N VAL H 350 -25.09 39.44 -16.82
CA VAL H 350 -23.81 39.40 -16.12
C VAL H 350 -23.39 40.82 -15.76
N THR H 351 -22.95 41.01 -14.52
CA THR H 351 -22.50 42.30 -14.04
C THR H 351 -21.16 42.65 -14.66
N PRO H 352 -20.84 43.95 -14.78
CA PRO H 352 -19.56 44.35 -15.39
C PRO H 352 -18.34 43.80 -14.66
N GLU H 353 -18.38 43.71 -13.33
CA GLU H 353 -17.21 43.22 -12.60
C GLU H 353 -16.96 41.75 -12.86
N ASP H 354 -18.03 40.96 -12.98
CA ASP H 354 -17.87 39.54 -13.28
C ASP H 354 -17.26 39.33 -14.66
N ALA H 355 -17.67 40.14 -15.63
CA ALA H 355 -17.12 40.03 -16.98
C ALA H 355 -15.65 40.40 -17.01
N GLN H 356 -15.24 41.38 -16.20
CA GLN H 356 -13.85 41.78 -16.17
C GLN H 356 -12.96 40.66 -15.65
N LYS H 357 -13.40 39.95 -14.61
CA LYS H 357 -12.61 38.85 -14.07
C LYS H 357 -12.48 37.70 -15.07
N LEU H 358 -13.56 37.40 -15.79
CA LEU H 358 -13.51 36.34 -16.79
C LEU H 358 -12.56 36.69 -17.93
N LEU H 359 -12.58 37.95 -18.37
CA LEU H 359 -11.71 38.35 -19.47
C LEU H 359 -10.24 38.25 -19.09
N VAL H 360 -9.89 38.59 -17.85
CA VAL H 360 -8.51 38.50 -17.41
C VAL H 360 -8.02 37.07 -17.45
N GLY H 361 -8.83 36.13 -16.96
CA GLY H 361 -8.42 34.73 -16.96
C GLY H 361 -8.20 34.17 -18.36
N LEU H 362 -9.03 34.59 -19.31
CA LEU H 362 -8.88 34.14 -20.69
C LEU H 362 -7.69 34.78 -21.37
N ASN H 363 -7.23 35.95 -20.90
CA ASN H 363 -6.16 36.66 -21.58
C ASN H 363 -4.84 35.92 -21.46
N GLN H 364 -4.48 35.48 -20.26
CA GLN H 364 -3.23 34.76 -20.07
C GLN H 364 -3.33 33.38 -20.71
N ARG H 365 -2.35 33.08 -21.57
CA ARG H 365 -2.36 31.87 -22.38
C ARG H 365 -0.98 31.26 -22.38
N ILE H 366 -0.92 29.93 -22.31
CA ILE H 366 0.27 29.22 -21.87
C ILE H 366 0.88 28.29 -22.91
N VAL H 367 0.13 27.91 -23.96
CA VAL H 367 0.62 26.86 -24.84
C VAL H 367 1.80 27.34 -25.68
N VAL H 368 1.85 28.64 -26.00
CA VAL H 368 2.84 29.17 -26.93
C VAL H 368 4.01 29.82 -26.20
N ASN H 369 3.96 29.89 -24.87
CA ASN H 369 4.98 30.65 -24.13
C ASN H 369 6.38 30.07 -24.33
N GLY H 370 6.48 28.78 -24.61
CA GLY H 370 7.78 28.16 -24.71
C GLY H 370 8.49 28.00 -23.38
N ARG H 371 7.74 28.01 -22.28
CA ARG H 371 8.20 27.87 -20.91
C ARG H 371 9.06 29.04 -20.45
N THR H 372 9.22 30.08 -21.27
CA THR H 372 10.01 31.25 -20.91
C THR H 372 9.23 32.55 -21.04
N GLN H 373 8.42 32.72 -22.09
CA GLN H 373 7.71 33.96 -22.30
C GLN H 373 6.68 34.22 -21.20
N ARG H 374 6.00 33.15 -20.75
CA ARG H 374 5.11 33.21 -19.60
C ARG H 374 3.89 34.10 -19.84
N ASN H 375 4.11 35.41 -19.98
CA ASN H 375 3.02 36.37 -20.00
C ASN H 375 2.08 36.11 -21.19
N THR H 376 2.58 36.32 -22.40
CA THR H 376 1.88 36.04 -23.66
C THR H 376 0.45 36.59 -23.63
N ASN H 377 0.34 37.91 -23.56
CA ASN H 377 -0.96 38.56 -23.59
C ASN H 377 -1.54 38.50 -25.00
N THR H 378 -2.82 38.10 -25.09
CA THR H 378 -3.49 38.09 -26.38
C THR H 378 -3.88 39.49 -26.81
N MET H 379 -4.29 40.33 -25.86
CA MET H 379 -4.68 41.71 -26.15
C MET H 379 -4.14 42.61 -25.05
N LYS H 380 -3.99 43.89 -25.38
CA LYS H 380 -3.47 44.86 -24.43
C LYS H 380 -4.43 45.03 -23.25
N ASN H 381 -3.86 45.15 -22.05
CA ASN H 381 -4.66 45.19 -20.84
C ASN H 381 -5.33 46.53 -20.61
N TYR H 382 -4.86 47.59 -21.26
CA TYR H 382 -5.42 48.92 -21.02
C TYR H 382 -6.78 49.12 -21.69
N MET H 383 -7.20 48.20 -22.55
CA MET H 383 -8.52 48.26 -23.17
C MET H 383 -9.51 47.27 -22.57
N ILE H 384 -9.09 46.47 -21.59
CA ILE H 384 -9.99 45.48 -21.00
C ILE H 384 -11.18 46.12 -20.27
N PRO H 385 -10.99 47.15 -19.40
CA PRO H 385 -12.15 47.68 -18.66
C PRO H 385 -13.29 48.18 -19.54
N VAL H 386 -12.96 48.83 -20.66
CA VAL H 386 -14.01 49.38 -21.52
C VAL H 386 -14.73 48.26 -22.27
N VAL H 387 -14.01 47.20 -22.62
CA VAL H 387 -14.64 46.09 -23.35
C VAL H 387 -15.61 45.34 -22.45
N ALA H 388 -15.27 45.22 -21.17
CA ALA H 388 -16.13 44.49 -20.23
C ALA H 388 -17.49 45.15 -20.10
N GLN H 389 -17.53 46.48 -20.06
CA GLN H 389 -18.80 47.19 -19.95
C GLN H 389 -19.65 47.00 -21.20
N ALA H 390 -19.00 46.90 -22.36
CA ALA H 390 -19.74 46.75 -23.61
C ALA H 390 -20.53 45.46 -23.65
N PHE H 391 -19.91 44.35 -23.21
CA PHE H 391 -20.61 43.07 -23.20
C PHE H 391 -21.76 43.07 -22.22
N SER H 392 -21.61 43.74 -21.08
CA SER H 392 -22.66 43.77 -20.08
C SER H 392 -23.92 44.46 -20.61
N LYS H 393 -23.74 45.56 -21.33
CA LYS H 393 -24.89 46.26 -21.91
C LYS H 393 -25.52 45.46 -23.03
N TRP H 394 -24.70 44.76 -23.82
CA TRP H 394 -25.22 43.96 -24.94
C TRP H 394 -26.13 42.85 -24.43
N ALA H 395 -25.71 42.14 -23.38
CA ALA H 395 -26.50 41.04 -22.85
C ALA H 395 -27.84 41.51 -22.27
N LYS H 396 -27.86 42.69 -21.66
CA LYS H 396 -29.10 43.21 -21.09
C LYS H 396 -30.13 43.56 -22.16
N GLU H 397 -29.69 44.13 -23.27
CA GLU H 397 -30.61 44.55 -24.33
C GLU H 397 -31.19 43.38 -25.11
N CYS H 398 -30.50 42.25 -25.18
CA CYS H 398 -31.02 41.09 -25.89
C CYS H 398 -32.12 40.38 -25.10
N ARG H 399 -32.06 40.41 -23.77
CA ARG H 399 -33.11 39.79 -22.97
C ARG H 399 -34.43 40.55 -23.10
N LYS H 400 -34.36 41.87 -23.23
CA LYS H 400 -35.58 42.68 -23.32
C LYS H 400 -36.35 42.35 -24.61
N ASP H 401 -35.62 42.10 -25.71
CA ASP H 401 -36.28 41.75 -26.96
C ASP H 401 -37.02 40.42 -26.88
N MET H 402 -36.62 39.53 -25.98
CA MET H 402 -37.28 38.25 -25.83
C MET H 402 -38.42 38.27 -24.83
N GLU H 403 -38.38 39.19 -23.86
CA GLU H 403 -39.45 39.26 -22.87
C GLU H 403 -40.78 39.62 -23.52
N ASP H 404 -40.77 40.58 -24.44
CA ASP H 404 -41.94 40.92 -25.23
C ASP H 404 -41.84 40.33 -26.63
N GLU H 405 -42.97 40.28 -27.33
CA GLU H 405 -43.02 39.68 -28.65
C GLU H 405 -44.15 40.32 -29.45
N LYS H 406 -43.89 40.63 -30.71
CA LYS H 406 -44.85 41.25 -31.60
C LYS H 406 -45.49 40.18 -32.49
N LEU H 407 -46.30 40.63 -33.44
CA LEU H 407 -46.98 39.74 -34.38
C LEU H 407 -46.36 39.86 -35.76
N LEU H 408 -46.35 38.74 -36.49
CA LEU H 408 -45.72 38.70 -37.79
C LEU H 408 -46.49 39.54 -38.81
N GLY H 409 -45.75 40.31 -39.60
CA GLY H 409 -46.31 41.04 -40.72
C GLY H 409 -47.03 42.32 -40.39
N VAL H 410 -47.04 42.75 -39.13
CA VAL H 410 -47.73 43.97 -38.74
C VAL H 410 -46.79 44.85 -37.94
N ARG H 411 -47.05 46.15 -37.99
CA ARG H 411 -46.32 47.14 -37.22
C ARG H 411 -47.33 48.02 -36.48
N GLU H 412 -47.11 48.21 -35.19
CA GLU H 412 -48.09 48.87 -34.32
C GLU H 412 -47.76 50.36 -34.23
N ARG H 413 -48.76 51.19 -34.50
CA ARG H 413 -48.65 52.64 -34.40
C ARG H 413 -49.76 53.17 -33.49
N THR H 414 -49.73 54.47 -33.23
CA THR H 414 -50.75 55.11 -32.40
C THR H 414 -51.51 56.16 -33.19
N ALA H 422 -45.72 58.38 -34.56
CA ALA H 422 -46.75 57.76 -33.73
C ALA H 422 -46.23 56.46 -33.12
N PHE H 423 -44.91 56.26 -33.17
CA PHE H 423 -44.28 55.05 -32.66
C PHE H 423 -43.10 55.43 -31.77
N LYS H 424 -42.84 54.58 -30.77
CA LYS H 424 -41.77 54.80 -29.81
C LYS H 424 -40.49 54.16 -30.31
N LYS H 425 -39.37 54.86 -30.11
CA LYS H 425 -38.06 54.36 -30.48
C LYS H 425 -37.31 53.90 -29.24
N GLN H 426 -36.73 52.71 -29.31
CA GLN H 426 -36.00 52.14 -28.18
C GLN H 426 -34.60 52.76 -28.09
N LYS H 427 -33.93 52.48 -26.98
CA LYS H 427 -32.59 53.01 -26.72
C LYS H 427 -31.54 51.96 -27.02
N THR H 428 -30.44 52.40 -27.62
CA THR H 428 -29.34 51.52 -27.99
C THR H 428 -28.05 52.10 -27.45
N HIS H 429 -27.23 51.27 -26.80
CA HIS H 429 -25.98 51.71 -26.20
C HIS H 429 -24.77 50.93 -26.66
N THR H 430 -24.94 49.92 -27.52
CA THR H 430 -23.82 49.10 -27.94
C THR H 430 -24.09 48.52 -29.33
N VAL H 431 -23.08 48.60 -30.19
CA VAL H 431 -23.10 47.94 -31.50
C VAL H 431 -21.96 46.94 -31.52
N TYR H 432 -22.29 45.68 -31.76
CA TYR H 432 -21.32 44.59 -31.70
C TYR H 432 -21.37 43.81 -33.01
N LYS H 433 -20.23 43.73 -33.69
CA LYS H 433 -20.13 43.01 -34.95
C LYS H 433 -19.25 41.78 -34.74
N ARG H 434 -19.86 40.61 -34.84
CA ARG H 434 -19.18 39.35 -34.59
C ARG H 434 -18.33 38.95 -35.80
N PRO H 435 -17.38 38.04 -35.61
CA PRO H 435 -16.58 37.56 -36.75
C PRO H 435 -17.45 36.91 -37.81
N ASP H 436 -17.00 37.02 -39.06
CA ASP H 436 -17.72 36.50 -40.23
C ASP H 436 -19.07 37.19 -40.38
N THR H 437 -19.07 38.51 -40.23
CA THR H 437 -20.26 39.32 -40.40
C THR H 437 -19.91 40.52 -41.27
N GLN H 438 -20.87 40.95 -42.08
CA GLN H 438 -20.67 42.03 -43.02
C GLN H 438 -21.43 43.27 -42.57
N SER H 439 -20.90 44.44 -42.93
CA SER H 439 -21.52 45.72 -42.65
C SER H 439 -21.71 46.48 -43.96
N ILE H 440 -22.85 47.14 -44.10
CA ILE H 440 -23.22 47.82 -45.34
C ILE H 440 -23.55 49.27 -45.02
N GLN H 441 -23.11 50.18 -45.89
CA GLN H 441 -23.32 51.61 -45.73
C GLN H 441 -23.83 52.20 -47.04
N LYS H 442 -24.49 53.34 -46.94
CA LYS H 442 -25.04 54.06 -48.09
C LYS H 442 -24.19 55.29 -48.36
N VAL H 443 -23.63 55.38 -49.56
CA VAL H 443 -22.76 56.47 -49.95
C VAL H 443 -23.18 56.97 -51.33
N GLN H 444 -22.42 57.95 -51.85
CA GLN H 444 -22.67 58.52 -53.16
C GLN H 444 -21.85 57.79 -54.21
N ALA H 445 -22.41 57.67 -55.42
CA ALA H 445 -21.74 56.92 -56.47
C ALA H 445 -21.80 57.62 -57.83
N GLU H 446 -22.17 58.90 -57.89
CA GLU H 446 -22.22 59.64 -59.15
C GLU H 446 -21.52 60.98 -58.94
N PHE H 447 -20.39 61.17 -59.60
CA PHE H 447 -19.57 62.37 -59.45
C PHE H 447 -19.45 63.08 -60.79
N ASP H 448 -19.75 64.38 -60.79
CA ASP H 448 -19.58 65.19 -61.98
C ASP H 448 -18.98 66.57 -61.72
N SER H 449 -18.69 66.92 -60.46
CA SER H 449 -18.21 68.25 -60.11
C SER H 449 -16.68 68.22 -60.04
N PHE H 450 -16.04 68.96 -60.94
CA PHE H 450 -14.58 69.12 -60.93
C PHE H 450 -14.29 70.57 -61.30
N VAL H 451 -13.99 71.40 -60.30
CA VAL H 451 -13.74 72.81 -60.53
C VAL H 451 -12.48 73.04 -61.35
N VAL H 452 -11.51 72.13 -61.27
CA VAL H 452 -10.23 72.23 -61.98
C VAL H 452 -9.57 73.57 -61.66
N PRO H 453 -9.04 73.75 -60.45
CA PRO H 453 -8.34 74.99 -60.13
C PRO H 453 -7.06 75.13 -60.92
N SER H 454 -6.67 76.37 -61.19
CA SER H 454 -5.44 76.68 -61.92
C SER H 454 -4.64 77.69 -61.10
N LEU H 455 -3.87 77.18 -60.14
CA LEU H 455 -2.97 78.02 -59.33
C LEU H 455 -1.68 77.25 -59.15
N TRP H 456 -0.59 77.79 -59.66
CA TRP H 456 0.72 77.15 -59.56
C TRP H 456 1.75 78.15 -59.05
N SER H 457 2.57 77.72 -58.10
CA SER H 457 3.63 78.55 -57.55
C SER H 457 4.68 77.64 -56.95
N SER H 458 5.93 77.75 -57.43
CA SER H 458 6.99 76.88 -56.94
C SER H 458 7.35 77.23 -55.51
N GLY H 459 7.34 76.21 -54.64
CA GLY H 459 7.70 76.40 -53.25
C GLY H 459 9.15 76.10 -52.98
N LEU H 460 10.04 76.87 -53.59
CA LEU H 460 11.48 76.67 -53.45
C LEU H 460 12.15 77.99 -53.14
N SER H 461 13.31 77.90 -52.49
CA SER H 461 14.05 79.09 -52.06
C SER H 461 15.48 79.00 -52.57
N ILE H 462 16.12 80.16 -52.69
CA ILE H 462 17.50 80.22 -53.17
C ILE H 462 18.45 79.46 -52.26
N PRO H 463 18.41 79.61 -50.93
CA PRO H 463 19.35 78.83 -50.09
C PRO H 463 19.21 77.34 -50.26
N LEU H 464 18.00 76.83 -50.48
CA LEU H 464 17.83 75.40 -50.70
C LEU H 464 18.51 74.96 -52.00
N ARG H 465 18.37 75.76 -53.06
CA ARG H 465 19.00 75.41 -54.34
C ARG H 465 20.52 75.37 -54.22
N THR H 466 21.09 76.35 -53.52
CA THR H 466 22.55 76.39 -53.36
C THR H 466 23.05 75.18 -52.58
N ARG H 467 22.33 74.77 -51.54
CA ARG H 467 22.74 73.62 -50.75
C ARG H 467 22.70 72.35 -51.58
N ILE H 468 21.65 72.15 -52.36
CA ILE H 468 21.53 70.95 -53.18
C ILE H 468 22.65 70.89 -54.23
N LYS H 469 22.92 72.04 -54.87
CA LYS H 469 23.98 72.07 -55.87
C LYS H 469 25.33 71.77 -55.27
N TRP H 470 25.61 72.31 -54.08
CA TRP H 470 26.91 72.09 -53.45
C TRP H 470 27.12 70.64 -53.03
N LEU H 471 26.06 69.97 -52.56
CA LEU H 471 26.20 68.58 -52.13
C LEU H 471 26.59 67.67 -53.27
N LEU H 472 26.00 67.89 -54.45
CA LEU H 472 26.27 67.08 -55.64
C LEU H 472 27.22 67.77 -56.61
N SER H 473 27.89 68.84 -56.18
CA SER H 473 28.82 69.54 -57.05
C SER H 473 29.98 68.64 -57.47
N LYS H 474 30.51 67.85 -56.54
CA LYS H 474 31.58 66.91 -56.85
C LYS H 474 30.97 65.67 -57.47
N VAL H 475 30.75 65.74 -58.78
CA VAL H 475 30.12 64.65 -59.52
C VAL H 475 31.02 63.41 -59.63
N PRO H 476 32.36 63.52 -59.60
CA PRO H 476 33.04 62.21 -59.63
C PRO H 476 32.98 61.49 -58.29
N ASP I 2 -3.80 13.84 -63.17
CA ASP I 2 -4.89 13.22 -62.42
C ASP I 2 -5.21 13.94 -61.09
N PRO I 3 -4.20 14.29 -60.29
CA PRO I 3 -4.48 15.06 -59.07
C PRO I 3 -5.08 16.43 -59.41
N VAL I 4 -5.91 16.92 -58.50
CA VAL I 4 -6.58 18.21 -58.66
C VAL I 4 -6.08 19.13 -57.58
N TYR I 5 -5.71 20.36 -57.96
CA TYR I 5 -5.15 21.35 -57.06
C TYR I 5 -6.20 22.42 -56.78
N VAL I 6 -6.36 22.76 -55.50
CA VAL I 6 -7.32 23.78 -55.08
C VAL I 6 -6.61 24.78 -54.18
N ASP I 7 -7.15 26.00 -54.14
CA ASP I 7 -6.57 27.08 -53.34
C ASP I 7 -7.25 27.11 -51.96
N ILE I 8 -6.94 26.08 -51.17
CA ILE I 8 -7.54 25.88 -49.87
C ILE I 8 -6.41 25.65 -48.86
N ASP I 9 -6.57 26.21 -47.66
CA ASP I 9 -5.54 26.04 -46.63
C ASP I 9 -5.44 24.57 -46.23
N ALA I 10 -4.22 24.15 -45.87
CA ALA I 10 -3.95 22.71 -45.72
C ALA I 10 -4.80 22.09 -44.62
N ASP I 11 -4.78 22.66 -43.43
CA ASP I 11 -5.50 22.09 -42.28
C ASP I 11 -6.83 22.83 -42.09
N SER I 12 -7.79 22.50 -42.95
CA SER I 12 -9.11 23.11 -42.91
C SER I 12 -10.16 21.99 -42.91
N ALA I 13 -11.30 22.28 -42.31
CA ALA I 13 -12.36 21.30 -42.17
C ALA I 13 -13.18 21.11 -43.43
N PHE I 14 -13.08 22.03 -44.40
CA PHE I 14 -13.86 21.92 -45.62
C PHE I 14 -13.29 20.89 -46.60
N LEU I 15 -12.07 20.41 -46.38
CA LEU I 15 -11.46 19.46 -47.30
C LEU I 15 -12.21 18.12 -47.27
N LYS I 16 -12.69 17.72 -46.09
CA LYS I 16 -13.41 16.44 -45.99
C LYS I 16 -14.70 16.48 -46.80
N ALA I 17 -15.42 17.61 -46.75
CA ALA I 17 -16.68 17.71 -47.49
C ALA I 17 -16.45 17.62 -48.99
N LEU I 18 -15.40 18.27 -49.49
CA LEU I 18 -15.12 18.23 -50.92
C LEU I 18 -14.78 16.84 -51.39
N GLN I 19 -13.99 16.10 -50.59
CA GLN I 19 -13.58 14.76 -50.98
C GLN I 19 -14.77 13.82 -51.08
N ARG I 20 -15.72 13.92 -50.15
CA ARG I 20 -16.88 13.03 -50.17
C ARG I 20 -17.82 13.37 -51.32
N ALA I 21 -17.90 14.64 -51.72
CA ALA I 21 -18.78 15.04 -52.80
C ALA I 21 -18.22 14.64 -54.17
N TYR I 22 -16.93 14.43 -54.29
CA TYR I 22 -16.29 14.03 -55.54
C TYR I 22 -15.43 12.80 -55.29
N PRO I 23 -16.04 11.62 -55.15
CA PRO I 23 -15.27 10.41 -54.84
C PRO I 23 -14.42 9.89 -55.99
N MET I 24 -14.63 10.39 -57.21
CA MET I 24 -13.89 9.90 -58.38
C MET I 24 -12.59 10.65 -58.60
N PHE I 25 -12.26 11.62 -57.76
CA PHE I 25 -11.04 12.40 -57.88
C PHE I 25 -10.24 12.30 -56.59
N GLU I 26 -9.01 12.84 -56.62
CA GLU I 26 -8.20 13.01 -55.43
C GLU I 26 -7.85 14.49 -55.32
N VAL I 27 -8.03 15.05 -54.13
CA VAL I 27 -7.90 16.49 -53.89
C VAL I 27 -6.77 16.73 -52.90
N GLU I 28 -5.84 17.61 -53.26
CA GLU I 28 -4.75 18.00 -52.38
C GLU I 28 -4.59 19.51 -52.43
N PRO I 29 -4.45 20.16 -51.28
CA PRO I 29 -4.50 21.62 -51.24
C PRO I 29 -3.20 22.28 -51.69
N ARG I 30 -3.34 23.51 -52.21
CA ARG I 30 -2.19 24.32 -52.57
C ARG I 30 -2.65 25.78 -52.53
N GLN I 31 -2.23 26.50 -51.49
CA GLN I 31 -2.68 27.87 -51.25
C GLN I 31 -1.64 28.86 -51.76
N VAL I 32 -2.08 29.84 -52.55
CA VAL I 32 -1.19 30.86 -53.08
C VAL I 32 -1.79 32.24 -52.86
N THR I 33 -3.09 32.30 -52.51
CA THR I 33 -3.80 33.56 -52.39
C THR I 33 -4.71 33.53 -51.17
N PRO I 34 -4.69 34.57 -50.33
CA PRO I 34 -5.59 34.62 -49.17
C PRO I 34 -6.94 35.25 -49.51
N ASN I 35 -7.66 34.62 -50.45
CA ASN I 35 -8.96 35.12 -50.85
C ASN I 35 -9.99 34.92 -49.73
N ASP I 36 -11.00 35.76 -49.72
CA ASP I 36 -12.05 35.71 -48.71
C ASP I 36 -13.21 34.79 -49.09
N ALA I 37 -13.17 34.21 -50.29
CA ALA I 37 -14.21 33.29 -50.76
C ALA I 37 -13.57 32.06 -51.38
N ALA I 38 -12.59 31.49 -50.69
CA ALA I 38 -11.86 30.34 -51.23
C ALA I 38 -12.77 29.13 -51.38
N ASN I 39 -13.67 28.90 -50.43
CA ASN I 39 -14.55 27.74 -50.50
C ASN I 39 -15.48 27.82 -51.70
N ALA I 40 -15.96 29.01 -52.02
CA ALA I 40 -16.88 29.18 -53.15
C ALA I 40 -16.23 28.85 -54.49
N ARG I 41 -14.98 29.24 -54.68
CA ARG I 41 -14.29 28.99 -55.95
C ARG I 41 -13.83 27.56 -56.10
N ALA I 42 -13.54 26.87 -55.00
CA ALA I 42 -13.08 25.48 -55.08
C ALA I 42 -14.16 24.57 -55.65
N PHE I 43 -15.41 24.77 -55.24
CA PHE I 43 -16.49 23.94 -55.74
C PHE I 43 -16.70 24.14 -57.24
N SER I 44 -16.66 25.39 -57.70
CA SER I 44 -16.88 25.66 -59.11
C SER I 44 -15.77 25.08 -59.98
N HIS I 45 -14.53 25.10 -59.48
CA HIS I 45 -13.42 24.53 -60.24
C HIS I 45 -13.60 23.04 -60.45
N LEU I 46 -14.01 22.32 -59.41
CA LEU I 46 -14.17 20.87 -59.52
C LEU I 46 -15.39 20.52 -60.36
N ALA I 47 -16.43 21.36 -60.32
CA ALA I 47 -17.65 21.08 -61.08
C ALA I 47 -17.38 21.12 -62.58
N ILE I 48 -16.57 22.08 -63.04
CA ILE I 48 -16.30 22.20 -64.46
C ILE I 48 -15.52 21.00 -64.96
N LYS I 49 -14.53 20.55 -64.18
CA LYS I 49 -13.77 19.37 -64.56
C LYS I 49 -14.65 18.14 -64.67
N LEU I 50 -15.60 17.99 -63.74
CA LEU I 50 -16.52 16.86 -63.78
C LEU I 50 -17.42 16.90 -65.01
N ILE I 51 -17.95 18.09 -65.35
CA ILE I 51 -18.93 18.19 -66.42
C ILE I 51 -18.31 17.83 -67.76
N GLU I 52 -17.12 18.36 -68.04
CA GLU I 52 -16.48 18.15 -69.34
C GLU I 52 -15.95 16.73 -69.53
N GLN I 53 -15.94 15.91 -68.48
CA GLN I 53 -15.36 14.58 -68.57
C GLN I 53 -16.29 13.56 -69.20
N GLU I 54 -17.60 13.69 -69.00
CA GLU I 54 -18.55 12.72 -69.55
C GLU I 54 -19.03 13.08 -70.94
N ILE I 55 -18.98 14.35 -71.33
CA ILE I 55 -19.50 14.79 -72.62
C ILE I 55 -18.65 14.20 -73.74
N ASP I 56 -19.29 13.97 -74.88
CA ASP I 56 -18.58 13.42 -76.04
C ASP I 56 -17.62 14.47 -76.58
N PRO I 57 -16.34 14.14 -76.79
CA PRO I 57 -15.41 15.11 -77.38
C PRO I 57 -15.81 15.55 -78.77
N ASP I 58 -15.03 16.47 -79.35
CA ASP I 58 -15.30 17.08 -80.67
C ASP I 58 -16.76 17.49 -80.80
N SER I 59 -17.27 18.14 -79.76
CA SER I 59 -18.63 18.67 -79.74
C SER I 59 -18.59 20.12 -79.30
N THR I 60 -19.42 20.95 -79.94
CA THR I 60 -19.45 22.38 -79.63
C THR I 60 -20.24 22.65 -78.36
N ILE I 61 -19.75 23.60 -77.56
CA ILE I 61 -20.36 23.96 -76.29
C ILE I 61 -20.64 25.46 -76.30
N LEU I 62 -21.84 25.84 -75.89
CA LEU I 62 -22.21 27.24 -75.77
C LEU I 62 -22.08 27.72 -74.33
N ASP I 63 -21.49 28.89 -74.15
CA ASP I 63 -21.34 29.52 -72.85
C ASP I 63 -22.19 30.78 -72.80
N ILE I 64 -22.98 30.93 -71.74
CA ILE I 64 -23.89 32.04 -71.59
C ILE I 64 -23.35 32.97 -70.51
N GLY I 65 -23.02 34.21 -70.89
CA GLY I 65 -22.54 35.19 -69.94
C GLY I 65 -21.27 34.80 -69.22
N SER I 66 -20.27 34.31 -69.95
CA SER I 66 -19.03 33.85 -69.38
C SER I 66 -17.87 34.74 -69.80
N ALA I 67 -16.80 34.69 -69.02
CA ALA I 67 -15.58 35.42 -69.34
C ALA I 67 -14.68 34.54 -70.20
N PRO I 68 -14.32 34.96 -71.42
CA PRO I 68 -13.48 34.09 -72.27
C PRO I 68 -12.08 33.85 -71.72
N ALA I 69 -11.62 34.67 -70.77
CA ALA I 69 -10.28 34.50 -70.25
C ALA I 69 -10.10 33.17 -69.54
N ARG I 70 -11.10 32.75 -68.76
CA ARG I 70 -10.97 31.52 -67.98
C ARG I 70 -10.94 30.27 -68.85
N ARG I 71 -11.37 30.36 -70.10
CA ARG I 71 -11.37 29.23 -71.03
C ARG I 71 -10.50 29.60 -72.23
N MET I 72 -9.20 29.39 -72.09
CA MET I 72 -8.26 29.67 -73.17
C MET I 72 -7.30 28.50 -73.36
N MET I 73 -7.06 27.75 -72.29
CA MET I 73 -6.17 26.60 -72.33
C MET I 73 -6.91 25.28 -72.45
N SER I 74 -8.23 25.32 -72.58
CA SER I 74 -9.01 24.10 -72.71
C SER I 74 -8.84 23.50 -74.10
N ASP I 75 -8.95 22.18 -74.18
CA ASP I 75 -8.81 21.45 -75.44
C ASP I 75 -10.16 21.07 -76.03
N ARG I 76 -11.18 21.91 -75.83
CA ARG I 76 -12.52 21.70 -76.37
C ARG I 76 -12.88 22.85 -77.30
N LYS I 77 -14.12 22.82 -77.80
CA LYS I 77 -14.64 23.85 -78.68
C LYS I 77 -15.70 24.63 -77.92
N TYR I 78 -15.45 25.93 -77.74
CA TYR I 78 -16.33 26.80 -76.98
C TYR I 78 -16.79 27.97 -77.85
N HIS I 79 -18.02 28.42 -77.60
CA HIS I 79 -18.59 29.59 -78.26
C HIS I 79 -19.08 30.54 -77.18
N CYS I 80 -18.34 31.62 -76.95
CA CYS I 80 -18.62 32.55 -75.86
C CYS I 80 -19.65 33.58 -76.29
N VAL I 81 -20.71 33.71 -75.51
CA VAL I 81 -21.76 34.71 -75.74
C VAL I 81 -21.54 35.81 -74.71
N CYS I 82 -20.95 36.93 -75.13
CA CYS I 82 -20.55 38.00 -74.22
C CYS I 82 -21.19 39.31 -74.65
N PRO I 83 -22.33 39.66 -74.08
CA PRO I 83 -22.91 40.99 -74.29
C PRO I 83 -22.16 42.02 -73.45
N MET I 84 -22.66 43.26 -73.49
CA MET I 84 -22.05 44.38 -72.77
C MET I 84 -23.15 45.05 -71.95
N ARG I 85 -23.39 44.54 -70.74
CA ARG I 85 -24.48 45.04 -69.91
C ARG I 85 -24.10 45.17 -68.44
N SER I 86 -22.82 45.05 -68.10
CA SER I 86 -22.38 45.15 -66.72
C SER I 86 -21.04 45.88 -66.67
N ALA I 87 -20.72 46.39 -65.48
CA ALA I 87 -19.46 47.09 -65.24
C ALA I 87 -18.25 46.16 -65.22
N GLU I 88 -18.48 44.84 -65.23
CA GLU I 88 -17.40 43.86 -65.27
C GLU I 88 -16.88 43.59 -66.66
N ASP I 89 -17.70 43.73 -67.69
CA ASP I 89 -17.33 43.28 -69.03
C ASP I 89 -16.12 44.02 -69.62
N PRO I 90 -16.04 45.35 -69.59
CA PRO I 90 -14.88 46.01 -70.22
C PRO I 90 -13.55 45.57 -69.64
N GLU I 91 -13.49 45.31 -68.33
CA GLU I 91 -12.24 44.82 -67.74
C GLU I 91 -11.89 43.43 -68.23
N ARG I 92 -12.90 42.57 -68.38
CA ARG I 92 -12.65 41.20 -68.83
C ARG I 92 -12.14 41.16 -70.26
N LEU I 93 -12.71 41.99 -71.14
CA LEU I 93 -12.28 42.00 -72.53
C LEU I 93 -10.83 42.44 -72.66
N ALA I 94 -10.44 43.48 -71.92
CA ALA I 94 -9.05 43.95 -71.97
C ALA I 94 -8.09 42.88 -71.46
N ASN I 95 -8.46 42.19 -70.38
CA ASN I 95 -7.61 41.14 -69.85
C ASN I 95 -7.47 39.98 -70.83
N TYR I 96 -8.56 39.63 -71.51
CA TYR I 96 -8.52 38.54 -72.48
C TYR I 96 -7.57 38.84 -73.63
N ALA I 97 -7.60 40.08 -74.14
CA ALA I 97 -6.72 40.45 -75.24
C ALA I 97 -5.26 40.44 -74.79
N ARG I 98 -4.99 40.92 -73.58
CA ARG I 98 -3.60 40.98 -73.10
C ARG I 98 -3.01 39.58 -72.96
N LYS I 99 -3.78 38.65 -72.38
CA LYS I 99 -3.30 37.29 -72.23
C LYS I 99 -3.14 36.61 -73.59
N LEU I 100 -4.08 36.84 -74.51
CA LEU I 100 -4.02 36.20 -75.82
C LEU I 100 -2.80 36.66 -76.60
N ALA I 101 -2.50 37.97 -76.57
CA ALA I 101 -1.35 38.48 -77.32
C ALA I 101 -0.04 37.95 -76.74
N SER I 102 0.06 37.87 -75.41
CA SER I 102 1.29 37.45 -74.76
C SER I 102 1.54 35.94 -74.88
N ALA I 103 0.53 35.17 -75.33
CA ALA I 103 0.67 33.73 -75.46
C ALA I 103 1.00 33.28 -76.87
N ALA I 104 1.24 34.22 -77.78
CA ALA I 104 1.51 33.86 -79.17
C ALA I 104 2.90 33.24 -79.30
N GLY I 105 2.96 32.11 -80.02
CA GLY I 105 4.22 31.45 -80.29
C GLY I 105 4.65 30.48 -79.22
N LYS I 106 4.56 30.89 -77.94
CA LYS I 106 4.99 30.04 -76.85
C LYS I 106 4.14 28.78 -76.73
N VAL I 107 2.83 28.90 -76.93
CA VAL I 107 1.91 27.77 -76.84
C VAL I 107 1.55 27.36 -78.26
N LEU I 108 2.14 26.27 -78.72
CA LEU I 108 1.86 25.73 -80.06
C LEU I 108 0.73 24.70 -80.03
N ASP I 109 -0.39 25.09 -79.44
CA ASP I 109 -1.55 24.21 -79.29
C ASP I 109 -2.74 25.07 -78.89
N ARG I 110 -3.89 24.43 -78.72
CA ARG I 110 -5.13 25.06 -78.26
C ARG I 110 -5.64 26.12 -79.24
N ASN I 111 -5.21 26.05 -80.50
CA ASN I 111 -5.69 26.94 -81.55
C ASN I 111 -5.50 28.41 -81.18
N ILE I 112 -4.33 28.73 -80.62
CA ILE I 112 -4.04 30.11 -80.25
C ILE I 112 -3.99 31.01 -81.47
N SER I 113 -3.31 30.55 -82.53
CA SER I 113 -3.16 31.36 -83.74
C SER I 113 -4.49 31.56 -84.47
N GLY I 114 -5.47 30.70 -84.24
CA GLY I 114 -6.75 30.82 -84.92
C GLY I 114 -7.66 31.88 -84.34
N LYS I 115 -7.97 31.76 -83.05
CA LYS I 115 -8.88 32.70 -82.41
C LYS I 115 -8.25 34.07 -82.15
N ILE I 116 -6.92 34.18 -82.22
CA ILE I 116 -6.29 35.48 -82.07
C ILE I 116 -6.63 36.40 -83.24
N GLY I 117 -6.92 35.84 -84.40
CA GLY I 117 -7.36 36.60 -85.55
C GLY I 117 -8.86 36.75 -85.67
N ASP I 118 -9.63 36.09 -84.81
CA ASP I 118 -11.08 36.21 -84.83
C ASP I 118 -11.59 37.37 -83.98
N LEU I 119 -10.84 37.74 -82.95
CA LEU I 119 -11.24 38.86 -82.11
C LEU I 119 -11.23 40.17 -82.89
N GLN I 120 -10.21 40.37 -83.73
CA GLN I 120 -10.13 41.59 -84.52
C GLN I 120 -11.22 41.62 -85.59
N ALA I 121 -11.59 40.45 -86.13
CA ALA I 121 -12.67 40.40 -87.11
C ALA I 121 -14.00 40.85 -86.51
N VAL I 122 -14.27 40.44 -85.27
CA VAL I 122 -15.50 40.87 -84.60
C VAL I 122 -15.47 42.38 -84.34
N MET I 123 -14.31 42.90 -83.94
CA MET I 123 -14.21 44.33 -83.68
C MET I 123 -14.42 45.15 -84.95
N ALA I 124 -14.12 44.58 -86.11
CA ALA I 124 -14.31 45.32 -87.36
C ALA I 124 -15.79 45.52 -87.67
N VAL I 125 -16.58 44.45 -87.57
CA VAL I 125 -18.02 44.52 -87.79
C VAL I 125 -18.69 43.89 -86.58
N PRO I 126 -19.44 44.64 -85.77
CA PRO I 126 -19.95 44.09 -84.51
C PRO I 126 -21.19 43.23 -84.66
N ASP I 127 -21.51 42.79 -85.87
CA ASP I 127 -22.71 42.00 -86.14
C ASP I 127 -22.37 40.78 -86.99
N THR I 128 -21.32 40.06 -86.60
CA THR I 128 -20.92 38.84 -87.30
C THR I 128 -20.77 37.71 -86.30
N GLU I 129 -21.05 36.50 -86.77
CA GLU I 129 -20.84 35.29 -85.98
C GLU I 129 -19.42 34.77 -86.16
N THR I 130 -18.94 34.04 -85.17
CA THR I 130 -17.59 33.50 -85.17
C THR I 130 -17.60 32.21 -84.36
N PRO I 131 -16.92 31.15 -84.80
CA PRO I 131 -16.91 29.91 -84.01
C PRO I 131 -16.23 30.01 -82.65
N THR I 132 -15.76 31.19 -82.25
CA THR I 132 -15.10 31.33 -80.96
C THR I 132 -15.65 32.50 -80.17
N PHE I 133 -16.17 33.51 -80.85
CA PHE I 133 -16.62 34.74 -80.20
C PHE I 133 -17.97 35.17 -80.76
N CYS I 134 -18.69 35.94 -79.95
CA CYS I 134 -19.98 36.48 -80.34
C CYS I 134 -20.24 37.73 -79.51
N LEU I 135 -21.22 38.53 -79.96
CA LEU I 135 -21.53 39.78 -79.27
C LEU I 135 -23.04 40.00 -79.12
N HIS I 136 -23.85 38.96 -79.25
CA HIS I 136 -25.29 39.08 -79.06
C HIS I 136 -25.70 38.51 -77.70
N THR I 137 -27.00 38.46 -77.47
CA THR I 137 -27.54 37.91 -76.23
C THR I 137 -27.81 36.42 -76.42
N ASP I 138 -28.41 35.79 -75.41
CA ASP I 138 -28.70 34.36 -75.50
C ASP I 138 -29.85 34.08 -76.46
N VAL I 139 -30.75 35.05 -76.65
CA VAL I 139 -31.89 34.88 -77.55
C VAL I 139 -31.64 35.53 -78.91
N SER I 140 -30.42 35.98 -79.18
CA SER I 140 -30.08 36.61 -80.44
C SER I 140 -28.95 35.93 -81.18
N CYS I 141 -28.20 35.04 -80.53
CA CYS I 141 -27.12 34.33 -81.21
C CYS I 141 -27.70 33.36 -82.24
N ARG I 142 -26.91 33.12 -83.29
CA ARG I 142 -27.35 32.27 -84.39
C ARG I 142 -26.51 31.00 -84.54
N GLN I 143 -25.47 30.83 -83.74
CA GLN I 143 -24.64 29.63 -83.83
C GLN I 143 -25.42 28.40 -83.39
N ARG I 144 -25.19 27.28 -84.08
CA ARG I 144 -25.86 26.02 -83.80
C ARG I 144 -24.91 25.09 -83.06
N ALA I 145 -25.39 24.52 -81.97
CA ALA I 145 -24.59 23.60 -81.16
C ALA I 145 -25.51 22.56 -80.55
N ASP I 146 -25.00 21.82 -79.57
CA ASP I 146 -25.78 20.76 -78.92
C ASP I 146 -25.67 20.76 -77.40
N VAL I 147 -24.70 21.46 -76.80
CA VAL I 147 -24.52 21.49 -75.36
C VAL I 147 -24.44 22.95 -74.92
N ALA I 148 -25.17 23.27 -73.85
CA ALA I 148 -25.15 24.60 -73.26
C ALA I 148 -24.83 24.50 -71.78
N ILE I 149 -24.09 25.49 -71.27
CA ILE I 149 -23.63 25.49 -69.89
C ILE I 149 -23.97 26.85 -69.26
N TYR I 150 -24.64 26.81 -68.11
CA TYR I 150 -24.91 28.00 -67.31
C TYR I 150 -24.12 27.90 -66.01
N GLN I 151 -23.34 28.94 -65.72
CA GLN I 151 -22.52 28.98 -64.51
C GLN I 151 -22.78 30.30 -63.78
N ASP I 152 -23.41 30.21 -62.62
CA ASP I 152 -23.69 31.38 -61.77
C ASP I 152 -24.47 32.45 -62.53
N VAL I 153 -25.55 32.02 -63.19
CA VAL I 153 -26.42 32.91 -63.96
C VAL I 153 -27.75 33.02 -63.24
N TYR I 154 -28.11 34.24 -62.85
CA TYR I 154 -29.37 34.49 -62.15
C TYR I 154 -30.16 35.63 -62.79
N ALA I 155 -29.82 36.05 -64.00
CA ALA I 155 -30.44 37.22 -64.62
C ALA I 155 -31.24 36.87 -65.86
N VAL I 156 -31.69 35.63 -65.99
CA VAL I 156 -32.48 35.21 -67.14
C VAL I 156 -33.70 34.42 -66.66
N HIS I 157 -34.71 34.35 -67.52
CA HIS I 157 -35.91 33.56 -67.26
C HIS I 157 -35.70 32.17 -67.83
N ALA I 158 -35.70 31.17 -66.95
CA ALA I 158 -35.30 29.82 -67.36
C ALA I 158 -36.22 29.22 -68.42
N PRO I 159 -37.55 29.24 -68.31
CA PRO I 159 -38.38 28.68 -69.39
C PRO I 159 -38.14 29.34 -70.74
N THR I 160 -37.94 30.66 -70.76
CA THR I 160 -37.76 31.36 -72.03
C THR I 160 -36.37 31.06 -72.62
N SER I 161 -35.34 31.09 -71.79
CA SER I 161 -33.98 30.86 -72.28
C SER I 161 -33.82 29.44 -72.81
N LEU I 162 -34.37 28.45 -72.09
CA LEU I 162 -34.21 27.06 -72.50
C LEU I 162 -34.90 26.79 -73.83
N TYR I 163 -36.07 27.39 -74.05
CA TYR I 163 -36.80 27.16 -75.29
C TYR I 163 -36.02 27.64 -76.51
N HIS I 164 -35.37 28.81 -76.39
CA HIS I 164 -34.61 29.34 -77.52
C HIS I 164 -33.41 28.47 -77.85
N GLN I 165 -32.76 27.90 -76.82
CA GLN I 165 -31.61 27.04 -77.06
C GLN I 165 -32.03 25.72 -77.71
N ALA I 166 -33.19 25.19 -77.34
CA ALA I 166 -33.64 23.92 -77.91
C ALA I 166 -34.05 24.06 -79.36
N ILE I 167 -34.45 25.26 -79.78
CA ILE I 167 -34.82 25.49 -81.18
C ILE I 167 -33.62 25.26 -82.08
N LYS I 168 -32.43 25.67 -81.64
CA LYS I 168 -31.22 25.51 -82.42
C LYS I 168 -30.66 24.09 -82.37
N GLY I 169 -31.24 23.21 -81.56
CA GLY I 169 -30.81 21.82 -81.54
C GLY I 169 -29.91 21.47 -80.38
N VAL I 170 -30.25 21.91 -79.18
CA VAL I 170 -29.49 21.61 -77.97
C VAL I 170 -30.26 20.56 -77.17
N ARG I 171 -29.57 19.49 -76.80
CA ARG I 171 -30.20 18.36 -76.10
C ARG I 171 -29.69 18.17 -74.69
N LEU I 172 -28.82 19.05 -74.19
CA LEU I 172 -28.27 18.91 -72.85
C LEU I 172 -27.93 20.27 -72.29
N ALA I 173 -28.08 20.43 -70.98
CA ALA I 173 -27.80 21.69 -70.31
C ALA I 173 -27.32 21.40 -68.90
N TYR I 174 -26.60 22.36 -68.32
CA TYR I 174 -26.07 22.25 -66.98
C TYR I 174 -26.22 23.57 -66.26
N TRP I 175 -26.40 23.51 -64.93
CA TRP I 175 -26.56 24.69 -64.11
C TRP I 175 -25.79 24.51 -62.81
N VAL I 176 -25.04 25.54 -62.41
CA VAL I 176 -24.26 25.55 -61.18
C VAL I 176 -24.57 26.85 -60.43
N GLY I 177 -24.94 26.73 -59.17
CA GLY I 177 -25.24 27.91 -58.38
C GLY I 177 -25.82 27.53 -57.03
N PHE I 178 -26.29 28.56 -56.33
CA PHE I 178 -26.86 28.39 -55.00
C PHE I 178 -28.18 27.62 -55.04
N ASP I 179 -28.50 26.98 -53.93
CA ASP I 179 -29.78 26.31 -53.80
C ASP I 179 -30.91 27.33 -53.68
N THR I 180 -32.03 27.06 -54.34
CA THR I 180 -33.16 27.97 -54.37
C THR I 180 -34.25 27.60 -53.38
N THR I 181 -34.00 26.63 -52.50
CA THR I 181 -35.01 26.22 -51.54
C THR I 181 -35.44 27.34 -50.58
N PRO I 182 -34.54 28.13 -49.98
CA PRO I 182 -35.00 29.16 -49.03
C PRO I 182 -35.95 30.19 -49.63
N PHE I 183 -35.86 30.46 -50.93
CA PHE I 183 -36.71 31.47 -51.56
C PHE I 183 -38.10 30.95 -51.89
N MET I 184 -38.34 29.65 -51.76
CA MET I 184 -39.68 29.11 -51.91
C MET I 184 -40.47 29.15 -50.62
N TYR I 185 -39.84 29.50 -49.50
CA TYR I 185 -40.49 29.58 -48.21
C TYR I 185 -40.85 31.02 -47.82
N ASN I 186 -40.53 31.99 -48.67
CA ASN I 186 -40.82 33.41 -48.43
C ASN I 186 -40.19 33.89 -47.12
N ALA I 187 -38.86 33.86 -47.08
CA ALA I 187 -38.09 34.31 -45.94
C ALA I 187 -37.56 35.71 -46.17
N MET I 188 -37.25 36.40 -45.06
CA MET I 188 -36.72 37.76 -45.11
C MET I 188 -35.19 37.79 -45.13
N ALA I 189 -34.53 36.95 -44.34
CA ALA I 189 -33.08 36.90 -44.28
C ALA I 189 -32.63 35.46 -44.12
N GLY I 190 -31.39 35.20 -44.55
CA GLY I 190 -30.84 33.87 -44.49
C GLY I 190 -29.32 33.92 -44.50
N ALA I 191 -28.72 32.75 -44.40
CA ALA I 191 -27.27 32.64 -44.36
C ALA I 191 -26.82 31.32 -44.98
N TYR I 192 -25.57 31.31 -45.44
CA TYR I 192 -24.91 30.11 -45.93
C TYR I 192 -23.59 30.00 -45.17
N PRO I 193 -23.63 29.54 -43.92
CA PRO I 193 -22.45 29.65 -43.05
C PRO I 193 -21.23 28.92 -43.55
N SER I 194 -21.38 27.87 -44.37
CA SER I 194 -20.23 27.13 -44.86
C SER I 194 -19.46 27.87 -45.93
N TYR I 195 -20.07 28.85 -46.60
CA TYR I 195 -19.42 29.60 -47.66
C TYR I 195 -19.27 31.08 -47.33
N SER I 196 -19.52 31.48 -46.08
CA SER I 196 -19.40 32.87 -45.66
C SER I 196 -20.27 33.80 -46.50
N THR I 197 -21.51 33.39 -46.74
CA THR I 197 -22.45 34.15 -47.55
C THR I 197 -23.66 34.54 -46.72
N ASN I 198 -24.06 35.81 -46.85
CA ASN I 198 -25.24 36.33 -46.18
C ASN I 198 -26.09 37.10 -47.17
N TRP I 199 -27.40 37.09 -46.95
CA TRP I 199 -28.33 37.81 -47.80
C TRP I 199 -29.49 38.31 -46.95
N ALA I 200 -30.05 39.45 -47.34
CA ALA I 200 -31.14 40.06 -46.59
C ALA I 200 -32.01 40.87 -47.52
N ASP I 201 -33.26 41.10 -47.10
CA ASP I 201 -34.18 41.91 -47.86
C ASP I 201 -33.81 43.39 -47.75
N GLU I 202 -34.26 44.17 -48.73
CA GLU I 202 -33.94 45.59 -48.77
C GLU I 202 -34.63 46.40 -47.68
N GLN I 203 -35.63 45.84 -47.01
CA GLN I 203 -36.36 46.55 -45.97
C GLN I 203 -35.80 46.32 -44.58
N VAL I 204 -34.78 45.47 -44.43
CA VAL I 204 -34.25 45.16 -43.11
C VAL I 204 -32.74 45.40 -43.09
N LEU I 205 -32.27 46.33 -43.93
CA LEU I 205 -30.85 46.64 -43.98
C LEU I 205 -30.38 47.47 -42.79
N LYS I 206 -31.29 47.98 -41.97
CA LYS I 206 -30.96 48.73 -40.77
C LYS I 206 -31.29 47.96 -39.50
N ALA I 207 -31.11 46.64 -39.55
CA ALA I 207 -31.36 45.78 -38.39
C ALA I 207 -30.16 45.84 -37.45
N LYS I 208 -30.14 44.98 -36.45
CA LYS I 208 -29.07 45.03 -35.47
C LYS I 208 -28.36 43.70 -35.28
N ASN I 209 -29.07 42.58 -35.32
CA ASN I 209 -28.52 41.27 -34.98
C ASN I 209 -28.79 40.25 -36.09
N ILE I 210 -28.51 40.63 -37.33
CA ILE I 210 -28.59 39.69 -38.44
C ILE I 210 -27.26 39.67 -39.18
N GLY I 211 -27.17 38.86 -40.23
CA GLY I 211 -25.89 38.67 -40.91
C GLY I 211 -25.40 39.92 -41.63
N LEU I 212 -26.31 40.69 -42.23
CA LEU I 212 -25.95 41.84 -43.04
C LEU I 212 -26.84 43.02 -42.64
N CYS I 213 -26.32 43.89 -41.78
CA CYS I 213 -27.07 45.04 -41.31
C CYS I 213 -26.09 46.07 -40.74
N SER I 214 -26.62 47.26 -40.44
CA SER I 214 -25.85 48.32 -39.83
C SER I 214 -26.80 49.28 -39.13
N THR I 215 -26.42 49.74 -37.94
CA THR I 215 -27.24 50.64 -37.15
C THR I 215 -26.35 51.64 -36.44
N ASP I 216 -26.96 52.54 -35.68
CA ASP I 216 -26.24 53.59 -34.96
C ASP I 216 -26.80 53.72 -33.55
N LEU I 217 -26.06 54.45 -32.71
CA LEU I 217 -26.46 54.65 -31.33
C LEU I 217 -27.56 55.69 -31.23
N THR I 218 -28.44 55.52 -30.25
CA THR I 218 -29.53 56.45 -30.02
C THR I 218 -29.90 56.42 -28.54
N GLU I 219 -30.56 57.50 -28.10
CA GLU I 219 -30.99 57.62 -26.72
C GLU I 219 -32.45 57.26 -26.50
N GLY I 220 -33.31 57.50 -27.48
CA GLY I 220 -34.72 57.14 -27.33
C GLY I 220 -35.60 58.36 -27.29
N ARG I 221 -36.67 58.32 -28.08
CA ARG I 221 -37.66 59.39 -28.16
C ARG I 221 -39.02 58.80 -27.81
N ARG I 222 -39.63 59.31 -26.74
CA ARG I 222 -40.92 58.81 -26.27
C ARG I 222 -42.02 59.37 -27.14
N GLY I 223 -42.17 58.76 -28.32
CA GLY I 223 -43.19 59.17 -29.27
C GLY I 223 -42.66 60.08 -30.35
N LYS I 224 -42.52 59.54 -31.56
CA LYS I 224 -42.03 60.30 -32.70
C LYS I 224 -43.03 60.18 -33.84
N LEU I 225 -43.40 61.32 -34.43
CA LEU I 225 -44.35 61.36 -35.52
C LEU I 225 -43.62 61.65 -36.82
N SER I 226 -43.89 60.84 -37.85
CA SER I 226 -43.24 61.00 -39.14
C SER I 226 -44.26 61.13 -40.26
N ILE I 227 -43.80 61.12 -41.51
CA ILE I 227 -44.68 61.27 -42.66
C ILE I 227 -44.79 59.94 -43.40
N MET I 228 -44.59 58.83 -42.68
CA MET I 228 -44.63 57.50 -43.24
C MET I 228 -45.70 56.67 -42.55
N ARG I 229 -46.48 55.94 -43.35
CA ARG I 229 -47.52 55.06 -42.83
C ARG I 229 -47.15 53.61 -43.15
N GLY I 230 -47.21 52.77 -42.13
CA GLY I 230 -46.74 51.40 -42.27
C GLY I 230 -47.80 50.32 -42.13
N LYS I 231 -47.85 49.71 -40.95
CA LYS I 231 -48.70 48.59 -40.56
C LYS I 231 -48.68 47.45 -41.58
N LYS I 232 -47.66 47.43 -42.43
CA LYS I 232 -47.37 46.38 -43.40
C LYS I 232 -45.90 46.00 -43.35
N LEU I 233 -45.59 44.70 -43.35
CA LEU I 233 -44.21 44.25 -43.42
C LEU I 233 -44.20 42.88 -44.11
N GLU I 234 -43.96 42.88 -45.41
CA GLU I 234 -43.96 41.67 -46.22
C GLU I 234 -42.81 41.73 -47.21
N PRO I 235 -42.30 40.56 -47.63
CA PRO I 235 -41.16 40.54 -48.56
C PRO I 235 -41.49 41.22 -49.88
N CYS I 236 -40.49 41.87 -50.46
N CYS I 236 -40.49 41.87 -50.46
CA CYS I 236 -40.60 42.55 -51.74
CA CYS I 236 -40.60 42.55 -51.74
C CYS I 236 -39.60 41.95 -52.72
C CYS I 236 -39.60 41.95 -52.72
N ASP I 237 -39.58 42.48 -53.93
CA ASP I 237 -38.74 41.95 -55.01
C ASP I 237 -37.40 42.68 -55.07
N ARG I 238 -36.67 42.64 -53.96
CA ARG I 238 -35.34 43.24 -53.89
C ARG I 238 -34.53 42.48 -52.84
N VAL I 239 -33.47 41.80 -53.28
CA VAL I 239 -32.62 41.01 -52.39
C VAL I 239 -31.17 41.37 -52.67
N LEU I 240 -30.38 41.47 -51.60
CA LEU I 240 -28.96 41.79 -51.69
C LEU I 240 -28.14 40.58 -51.23
N PHE I 241 -27.20 40.15 -52.05
CA PHE I 241 -26.28 39.07 -51.71
C PHE I 241 -24.90 39.63 -51.40
N SER I 242 -24.21 39.00 -50.46
CA SER I 242 -22.85 39.37 -50.10
C SER I 242 -22.02 38.11 -49.95
N VAL I 243 -21.17 37.84 -50.94
CA VAL I 243 -20.26 36.70 -50.92
C VAL I 243 -18.87 37.25 -50.64
N GLY I 244 -18.33 36.90 -49.47
CA GLY I 244 -17.06 37.46 -49.05
C GLY I 244 -17.15 38.96 -48.84
N SER I 245 -16.54 39.72 -49.74
CA SER I 245 -16.60 41.17 -49.70
C SER I 245 -17.25 41.77 -50.94
N THR I 246 -17.89 40.95 -51.76
CA THR I 246 -18.52 41.41 -53.01
C THR I 246 -20.03 41.44 -52.85
N LEU I 247 -20.65 42.44 -53.46
CA LEU I 247 -22.09 42.66 -53.35
C LEU I 247 -22.77 42.36 -54.69
N TYR I 248 -23.91 41.67 -54.63
CA TYR I 248 -24.68 41.34 -55.82
C TYR I 248 -26.16 41.59 -55.60
N PRO I 249 -26.76 42.54 -56.31
CA PRO I 249 -28.21 42.72 -56.23
C PRO I 249 -28.95 41.78 -57.17
N GLU I 250 -30.05 41.22 -56.67
CA GLU I 250 -30.80 40.22 -57.42
C GLU I 250 -32.29 40.42 -57.19
N SER I 251 -33.10 39.66 -57.92
CA SER I 251 -34.55 39.72 -57.86
C SER I 251 -35.13 38.35 -57.57
N ARG I 252 -36.25 38.34 -56.84
CA ARG I 252 -36.85 37.07 -56.42
C ARG I 252 -37.48 36.32 -57.58
N LYS I 253 -38.09 37.04 -58.54
CA LYS I 253 -38.83 36.37 -59.62
C LYS I 253 -37.89 35.53 -60.47
N LEU I 254 -36.71 36.04 -60.78
CA LEU I 254 -35.77 35.28 -61.59
C LEU I 254 -35.15 34.13 -60.82
N LEU I 255 -35.05 34.26 -59.49
CA LEU I 255 -34.48 33.17 -58.69
C LEU I 255 -35.43 31.99 -58.60
N LYS I 256 -36.74 32.26 -58.47
CA LYS I 256 -37.71 31.18 -58.33
C LYS I 256 -37.95 30.44 -59.65
N SER I 257 -37.59 31.05 -60.79
CA SER I 257 -37.84 30.42 -62.07
C SER I 257 -36.95 29.20 -62.31
N TRP I 258 -35.84 29.08 -61.57
CA TRP I 258 -34.91 27.98 -61.75
C TRP I 258 -35.24 26.78 -60.86
N HIS I 259 -36.30 26.86 -60.05
CA HIS I 259 -36.74 25.73 -59.24
C HIS I 259 -37.72 24.88 -60.07
N LEU I 260 -37.16 24.26 -61.10
CA LEU I 260 -37.94 23.53 -62.09
C LEU I 260 -38.52 22.24 -61.50
N PRO I 261 -39.67 21.80 -61.97
CA PRO I 261 -40.24 20.53 -61.53
C PRO I 261 -39.52 19.36 -62.21
N SER I 262 -40.01 18.15 -61.92
CA SER I 262 -39.37 16.96 -62.48
C SER I 262 -39.62 16.84 -63.98
N VAL I 263 -40.86 17.08 -64.42
CA VAL I 263 -41.23 16.97 -65.83
C VAL I 263 -42.07 18.19 -66.20
N PHE I 264 -41.74 18.81 -67.32
CA PHE I 264 -42.50 19.96 -67.80
C PHE I 264 -42.51 19.96 -69.33
N HIS I 265 -43.50 20.65 -69.88
CA HIS I 265 -43.71 20.72 -71.32
C HIS I 265 -43.45 22.13 -71.83
N LEU I 266 -42.88 22.23 -73.02
CA LEU I 266 -42.69 23.50 -73.70
C LEU I 266 -43.46 23.45 -75.01
N LYS I 267 -44.47 24.32 -75.15
CA LYS I 267 -45.38 24.29 -76.28
C LYS I 267 -45.31 25.60 -77.04
N GLY I 268 -45.22 25.52 -78.36
CA GLY I 268 -45.16 26.68 -79.22
C GLY I 268 -45.22 26.28 -80.69
N LYS I 269 -44.39 26.92 -81.52
CA LYS I 269 -44.26 26.47 -82.90
C LYS I 269 -43.72 25.05 -82.95
N LEU I 270 -42.71 24.76 -82.13
CA LEU I 270 -42.23 23.41 -81.90
C LEU I 270 -42.42 23.04 -80.44
N SER I 271 -42.48 21.75 -80.17
CA SER I 271 -42.80 21.25 -78.84
C SER I 271 -41.71 20.28 -78.37
N PHE I 272 -41.46 20.29 -77.06
CA PHE I 272 -40.43 19.46 -76.46
C PHE I 272 -40.89 19.00 -75.08
N THR I 273 -40.29 17.92 -74.61
CA THR I 273 -40.47 17.42 -73.25
C THR I 273 -39.12 17.40 -72.56
N CYS I 274 -39.09 17.81 -71.28
CA CYS I 274 -37.84 18.02 -70.58
C CYS I 274 -37.90 17.38 -69.19
N ARG I 275 -36.72 17.14 -68.62
CA ARG I 275 -36.58 16.61 -67.27
C ARG I 275 -35.44 17.32 -66.56
N CYS I 276 -35.51 17.32 -65.22
CA CYS I 276 -34.52 17.98 -64.39
C CYS I 276 -34.12 17.07 -63.24
N ASP I 277 -32.82 16.77 -63.15
CA ASP I 277 -32.27 15.95 -62.09
C ASP I 277 -31.18 16.72 -61.36
N THR I 278 -30.94 16.35 -60.10
CA THR I 278 -29.87 16.91 -59.29
C THR I 278 -28.76 15.87 -59.15
N VAL I 279 -27.54 16.26 -59.44
CA VAL I 279 -26.41 15.34 -59.50
C VAL I 279 -25.50 15.47 -58.27
N VAL I 280 -25.03 16.69 -57.98
CA VAL I 280 -24.11 16.94 -56.88
C VAL I 280 -24.70 18.00 -55.98
N SER I 281 -24.69 17.75 -54.67
CA SER I 281 -25.14 18.71 -53.68
C SER I 281 -24.18 18.73 -52.50
N CYS I 282 -23.77 19.93 -52.09
CA CYS I 282 -22.82 20.06 -50.97
C CYS I 282 -23.11 21.35 -50.23
N GLU I 283 -23.95 21.26 -49.20
CA GLU I 283 -24.15 22.33 -48.21
C GLU I 283 -24.59 23.65 -48.85
N GLY I 284 -25.29 23.60 -49.99
CA GLY I 284 -25.81 24.82 -50.58
C GLY I 284 -25.63 24.92 -52.09
N TYR I 285 -24.52 24.39 -52.61
CA TYR I 285 -24.31 24.33 -54.04
C TYR I 285 -24.92 23.05 -54.61
N VAL I 286 -25.59 23.18 -55.75
CA VAL I 286 -26.21 22.06 -56.44
C VAL I 286 -25.80 22.12 -57.91
N VAL I 287 -25.84 20.96 -58.57
CA VAL I 287 -25.59 20.85 -60.00
C VAL I 287 -26.80 20.17 -60.62
N LYS I 288 -27.39 20.80 -61.63
CA LYS I 288 -28.61 20.31 -62.26
C LYS I 288 -28.33 19.95 -63.71
N ARG I 289 -28.86 18.81 -64.14
CA ARG I 289 -28.74 18.34 -65.51
C ARG I 289 -30.12 18.29 -66.14
N ILE I 290 -30.26 18.91 -67.31
CA ILE I 290 -31.54 19.02 -68.01
C ILE I 290 -31.39 18.41 -69.39
N THR I 291 -32.33 17.53 -69.76
CA THR I 291 -32.35 16.89 -71.06
C THR I 291 -33.64 17.29 -71.78
N MET I 292 -33.55 17.43 -73.10
CA MET I 292 -34.68 17.89 -73.91
C MET I 292 -34.84 16.98 -75.12
N SER I 293 -36.09 16.79 -75.54
CA SER I 293 -36.41 15.92 -76.66
C SER I 293 -37.70 16.40 -77.33
N PRO I 294 -37.76 16.39 -78.65
CA PRO I 294 -38.97 16.87 -79.34
C PRO I 294 -40.13 15.89 -79.21
N GLY I 295 -41.34 16.43 -79.33
CA GLY I 295 -42.56 15.64 -79.30
C GLY I 295 -43.33 15.83 -78.01
N LEU I 296 -44.43 15.10 -77.90
CA LEU I 296 -45.27 15.07 -76.71
C LEU I 296 -45.28 13.65 -76.17
N TYR I 297 -44.91 13.50 -74.90
CA TYR I 297 -44.88 12.20 -74.27
C TYR I 297 -45.23 12.32 -72.79
N GLY I 298 -45.87 11.28 -72.26
CA GLY I 298 -46.11 11.19 -70.84
C GLY I 298 -47.14 12.19 -70.32
N LYS I 299 -47.12 12.36 -69.00
CA LYS I 299 -48.02 13.26 -68.30
C LYS I 299 -47.25 14.00 -67.22
N THR I 300 -47.77 15.16 -66.84
CA THR I 300 -47.13 16.02 -65.85
C THR I 300 -47.99 16.11 -64.59
N THR I 301 -47.32 16.42 -63.47
CA THR I 301 -48.01 16.54 -62.20
C THR I 301 -47.72 17.89 -61.54
N GLY I 302 -46.55 18.46 -61.83
CA GLY I 302 -46.20 19.77 -61.30
C GLY I 302 -45.78 19.76 -59.84
N TYR I 303 -44.75 18.99 -59.52
CA TYR I 303 -44.22 18.92 -58.17
C TYR I 303 -42.71 18.97 -58.20
N ALA I 304 -42.12 19.53 -57.14
CA ALA I 304 -40.68 19.62 -56.98
C ALA I 304 -40.29 18.97 -55.66
N VAL I 305 -39.21 18.19 -55.68
CA VAL I 305 -38.77 17.42 -54.52
C VAL I 305 -37.33 17.81 -54.19
N THR I 306 -37.08 18.09 -52.92
CA THR I 306 -35.75 18.41 -52.42
C THR I 306 -35.39 17.44 -51.31
N HIS I 307 -34.18 16.88 -51.38
CA HIS I 307 -33.70 15.93 -50.39
C HIS I 307 -32.70 16.62 -49.47
N HIS I 308 -32.91 16.49 -48.16
CA HIS I 308 -32.10 17.17 -47.16
C HIS I 308 -31.11 16.18 -46.55
N ALA I 309 -29.81 16.45 -46.73
CA ALA I 309 -28.77 15.73 -46.01
C ALA I 309 -28.37 16.42 -44.72
N ASP I 310 -28.54 17.74 -44.64
CA ASP I 310 -28.32 18.51 -43.42
C ASP I 310 -29.64 19.10 -42.94
N GLY I 311 -29.65 19.51 -41.68
CA GLY I 311 -30.85 20.09 -41.11
C GLY I 311 -31.14 21.48 -41.67
N PHE I 312 -32.40 21.69 -42.02
CA PHE I 312 -32.88 22.98 -42.51
C PHE I 312 -33.82 23.57 -41.49
N LEU I 313 -33.58 24.83 -41.11
CA LEU I 313 -34.29 25.46 -40.01
C LEU I 313 -34.85 26.80 -40.46
N MET I 314 -36.06 27.12 -39.99
CA MET I 314 -36.70 28.39 -40.27
C MET I 314 -37.57 28.76 -39.08
N CYS I 315 -37.34 29.93 -38.49
CA CYS I 315 -38.02 30.34 -37.28
C CYS I 315 -38.37 31.82 -37.37
N LYS I 316 -39.07 32.30 -36.35
CA LYS I 316 -39.49 33.69 -36.24
C LYS I 316 -38.68 34.37 -35.14
N THR I 317 -38.14 35.56 -35.46
CA THR I 317 -37.28 36.29 -34.54
C THR I 317 -37.81 37.70 -34.37
N THR I 318 -37.44 38.31 -33.24
CA THR I 318 -37.80 39.68 -32.91
C THR I 318 -36.54 40.53 -32.86
N ASP I 319 -36.55 41.64 -33.61
CA ASP I 319 -35.40 42.52 -33.69
C ASP I 319 -35.89 43.97 -33.64
N THR I 320 -34.95 44.90 -33.84
CA THR I 320 -35.24 46.33 -33.82
C THR I 320 -34.69 46.95 -35.09
N VAL I 321 -35.57 47.41 -35.96
CA VAL I 321 -35.19 48.00 -37.24
C VAL I 321 -35.42 49.50 -37.18
N ASP I 322 -34.34 50.27 -37.32
CA ASP I 322 -34.39 51.73 -37.30
C ASP I 322 -35.07 52.25 -36.02
N GLY I 323 -34.77 51.62 -34.89
CA GLY I 323 -35.31 52.03 -33.62
C GLY I 323 -36.69 51.49 -33.30
N GLU I 324 -37.31 50.75 -34.23
CA GLU I 324 -38.66 50.22 -34.05
C GLU I 324 -38.60 48.71 -33.96
N ARG I 325 -39.42 48.14 -33.09
CA ARG I 325 -39.42 46.70 -32.84
C ARG I 325 -40.41 46.01 -33.77
N VAL I 326 -39.92 45.03 -34.53
CA VAL I 326 -40.71 44.30 -35.50
C VAL I 326 -40.35 42.82 -35.41
N SER I 327 -41.00 42.00 -36.25
CA SER I 327 -40.76 40.57 -36.28
C SER I 327 -40.75 40.08 -37.73
N PHE I 328 -39.88 39.12 -38.02
CA PHE I 328 -39.81 38.50 -39.34
C PHE I 328 -39.21 37.11 -39.19
N SER I 329 -38.85 36.50 -40.31
CA SER I 329 -38.40 35.11 -40.33
C SER I 329 -36.97 35.02 -40.85
N VAL I 330 -36.23 34.05 -40.32
CA VAL I 330 -34.83 33.83 -40.68
C VAL I 330 -34.62 32.33 -40.89
N CYS I 331 -33.82 31.98 -41.90
CA CYS I 331 -33.52 30.60 -42.23
C CYS I 331 -32.02 30.37 -42.23
N THR I 332 -31.62 29.11 -41.98
CA THR I 332 -30.21 28.75 -41.90
C THR I 332 -30.07 27.24 -42.04
N TYR I 333 -28.83 26.78 -42.08
CA TYR I 333 -28.48 25.38 -42.18
C TYR I 333 -27.77 24.91 -40.92
N VAL I 334 -27.96 23.64 -40.57
CA VAL I 334 -27.36 23.05 -39.38
C VAL I 334 -26.64 21.76 -39.77
N PRO I 335 -25.46 21.48 -39.20
CA PRO I 335 -24.78 20.22 -39.51
C PRO I 335 -25.56 19.02 -38.98
N ALA I 336 -25.31 17.87 -39.62
CA ALA I 336 -26.06 16.65 -39.30
C ALA I 336 -25.69 16.12 -37.93
N THR I 337 -24.41 16.19 -37.55
CA THR I 337 -23.98 15.61 -36.27
C THR I 337 -24.63 16.34 -35.10
N ILE I 338 -24.78 17.66 -35.19
CA ILE I 338 -25.40 18.42 -34.12
C ILE I 338 -26.86 18.01 -33.94
N CYS I 339 -27.57 17.82 -35.05
CA CYS I 339 -28.98 17.44 -34.96
C CYS I 339 -29.18 16.07 -34.34
N ASP I 340 -28.27 15.13 -34.60
CA ASP I 340 -28.41 13.78 -34.09
C ASP I 340 -28.21 13.70 -32.57
N GLN I 341 -27.33 14.54 -32.02
CA GLN I 341 -27.02 14.48 -30.60
C GLN I 341 -28.03 15.23 -29.74
N MET I 342 -28.97 15.95 -30.33
CA MET I 342 -29.98 16.69 -29.59
C MET I 342 -31.29 15.94 -29.44
N THR I 343 -31.36 14.68 -29.89
CA THR I 343 -32.61 13.94 -29.85
C THR I 343 -33.08 13.71 -28.42
N GLY I 344 -32.17 13.33 -27.52
CA GLY I 344 -32.55 13.02 -26.16
C GLY I 344 -32.90 14.23 -25.31
N ILE I 345 -32.39 15.41 -25.65
CA ILE I 345 -32.66 16.59 -24.84
C ILE I 345 -34.02 17.19 -25.18
N LEU I 346 -34.41 17.17 -26.45
CA LEU I 346 -35.66 17.79 -26.87
C LEU I 346 -36.90 17.08 -26.35
N ALA I 347 -36.75 15.88 -25.77
CA ALA I 347 -37.91 15.19 -25.22
C ALA I 347 -38.47 15.93 -24.01
N THR I 348 -37.62 16.62 -23.25
CA THR I 348 -38.05 17.37 -22.07
C THR I 348 -38.38 18.80 -22.47
N GLU I 349 -38.59 19.67 -21.48
CA GLU I 349 -38.85 21.08 -21.70
C GLU I 349 -37.58 21.87 -21.42
N VAL I 350 -37.12 22.62 -22.41
CA VAL I 350 -35.87 23.37 -22.32
C VAL I 350 -36.14 24.84 -22.58
N THR I 351 -35.60 25.70 -21.73
CA THR I 351 -35.63 27.13 -21.91
C THR I 351 -34.53 27.57 -22.87
N PRO I 352 -34.69 28.72 -23.52
CA PRO I 352 -33.64 29.18 -24.46
C PRO I 352 -32.27 29.32 -23.82
N GLU I 353 -32.21 29.71 -22.54
CA GLU I 353 -30.91 29.86 -21.88
C GLU I 353 -30.20 28.51 -21.75
N ASP I 354 -30.93 27.47 -21.33
CA ASP I 354 -30.31 26.16 -21.18
C ASP I 354 -29.87 25.59 -22.52
N ALA I 355 -30.69 25.78 -23.57
CA ALA I 355 -30.35 25.22 -24.88
C ALA I 355 -29.07 25.84 -25.43
N GLN I 356 -28.86 27.13 -25.19
CA GLN I 356 -27.66 27.79 -25.68
C GLN I 356 -26.40 27.21 -25.05
N LYS I 357 -26.45 26.93 -23.74
CA LYS I 357 -25.27 26.42 -23.05
C LYS I 357 -24.87 25.04 -23.56
N LEU I 358 -25.84 24.16 -23.80
CA LEU I 358 -25.53 22.84 -24.31
C LEU I 358 -24.92 22.90 -25.71
N LEU I 359 -25.44 23.79 -26.55
CA LEU I 359 -24.92 23.91 -27.91
C LEU I 359 -23.46 24.34 -27.92
N VAL I 360 -23.10 25.27 -27.05
CA VAL I 360 -21.71 25.73 -26.97
C VAL I 360 -20.79 24.61 -26.53
N GLY I 361 -21.21 23.83 -25.53
CA GLY I 361 -20.40 22.72 -25.08
C GLY I 361 -20.23 21.65 -26.14
N LEU I 362 -21.29 21.38 -26.91
CA LEU I 362 -21.22 20.38 -27.97
C LEU I 362 -20.46 20.87 -29.19
N ASN I 363 -20.30 22.19 -29.35
CA ASN I 363 -19.69 22.72 -30.56
C ASN I 363 -18.19 22.42 -30.60
N GLN I 364 -17.44 22.92 -29.63
CA GLN I 364 -16.00 22.67 -29.60
C GLN I 364 -15.77 21.21 -29.21
N ARG I 365 -15.11 20.47 -30.10
CA ARG I 365 -14.94 19.03 -29.93
C ARG I 365 -13.79 18.59 -30.82
N ILE I 366 -13.70 17.27 -31.05
CA ILE I 366 -12.75 16.65 -31.97
C ILE I 366 -11.33 16.79 -31.42
N VAL I 367 -10.85 18.03 -31.31
CA VAL I 367 -9.59 18.36 -30.64
C VAL I 367 -8.46 17.54 -31.26
N VAL I 368 -8.21 17.73 -32.55
CA VAL I 368 -7.08 17.07 -33.20
C VAL I 368 -5.79 17.71 -32.74
N ASN I 369 -4.82 16.88 -32.35
CA ASN I 369 -3.50 17.37 -31.95
C ASN I 369 -2.49 17.24 -33.08
N GLY I 370 -2.47 16.10 -33.77
CA GLY I 370 -1.56 15.91 -34.88
C GLY I 370 -1.87 16.83 -36.05
N ARG I 371 -3.15 17.10 -36.31
CA ARG I 371 -3.58 17.96 -37.39
C ARG I 371 -4.20 19.24 -36.82
N THR I 372 -4.31 20.25 -37.70
CA THR I 372 -4.88 21.56 -37.41
C THR I 372 -4.51 22.08 -36.02
N GLN I 373 -5.47 22.67 -35.30
CA GLN I 373 -5.25 23.24 -33.99
C GLN I 373 -6.04 22.43 -32.97
N ARG I 374 -5.59 22.48 -31.71
CA ARG I 374 -6.25 21.72 -30.65
C ARG I 374 -7.70 22.14 -30.42
N ASN I 375 -8.08 23.34 -30.84
CA ASN I 375 -9.45 23.82 -30.72
C ASN I 375 -10.06 23.92 -32.10
N THR I 376 -11.20 23.26 -32.30
CA THR I 376 -11.91 23.25 -33.57
C THR I 376 -13.40 23.41 -33.32
N ASN I 377 -14.07 24.15 -34.21
CA ASN I 377 -15.49 24.40 -34.11
C ASN I 377 -16.21 23.78 -35.28
N THR I 378 -17.30 23.06 -35.00
CA THR I 378 -18.07 22.41 -36.05
C THR I 378 -18.89 23.40 -36.86
N MET I 379 -19.50 24.38 -36.19
CA MET I 379 -20.34 25.37 -36.84
C MET I 379 -19.98 26.76 -36.34
N LYS I 380 -20.31 27.76 -37.15
CA LYS I 380 -19.99 29.14 -36.83
C LYS I 380 -20.77 29.59 -35.58
N ASN I 381 -20.09 30.36 -34.73
CA ASN I 381 -20.65 30.71 -33.42
C ASN I 381 -21.73 31.77 -33.51
N TYR I 382 -21.69 32.65 -34.52
CA TYR I 382 -22.62 33.77 -34.56
C TYR I 382 -24.04 33.36 -34.88
N MET I 383 -24.28 32.11 -35.28
CA MET I 383 -25.61 31.62 -35.56
C MET I 383 -26.20 30.78 -34.43
N ILE I 384 -25.44 30.57 -33.35
CA ILE I 384 -25.95 29.77 -32.23
C ILE I 384 -27.15 30.41 -31.54
N PRO I 385 -27.14 31.72 -31.19
CA PRO I 385 -28.27 32.28 -30.44
C PRO I 385 -29.62 32.10 -31.12
N VAL I 386 -29.67 32.25 -32.45
CA VAL I 386 -30.94 32.11 -33.16
C VAL I 386 -31.36 30.65 -33.24
N VAL I 387 -30.38 29.74 -33.35
CA VAL I 387 -30.69 28.32 -33.47
C VAL I 387 -31.26 27.79 -32.15
N ALA I 388 -30.67 28.20 -31.03
CA ALA I 388 -31.12 27.72 -29.72
C ALA I 388 -32.55 28.16 -29.45
N GLN I 389 -32.94 29.33 -29.97
CA GLN I 389 -34.30 29.81 -29.81
C GLN I 389 -35.30 28.92 -30.53
N ALA I 390 -34.92 28.44 -31.73
CA ALA I 390 -35.83 27.66 -32.55
C ALA I 390 -36.17 26.32 -31.90
N PHE I 391 -35.19 25.66 -31.31
CA PHE I 391 -35.42 24.34 -30.71
C PHE I 391 -36.40 24.44 -29.54
N SER I 392 -36.33 25.54 -28.77
CA SER I 392 -37.23 25.70 -27.63
C SER I 392 -38.69 25.78 -28.10
N LYS I 393 -38.94 26.52 -29.18
CA LYS I 393 -40.30 26.63 -29.70
C LYS I 393 -40.78 25.30 -30.28
N TRP I 394 -39.89 24.56 -30.94
CA TRP I 394 -40.28 23.28 -31.54
C TRP I 394 -40.70 22.28 -30.46
N ALA I 395 -39.96 22.23 -29.35
CA ALA I 395 -40.29 21.29 -28.29
C ALA I 395 -41.64 21.59 -27.64
N LYS I 396 -42.02 22.86 -27.55
CA LYS I 396 -43.30 23.21 -26.94
C LYS I 396 -44.47 22.81 -27.83
N GLU I 397 -44.35 23.05 -29.14
CA GLU I 397 -45.45 22.74 -30.05
C GLU I 397 -45.70 21.24 -30.12
N CYS I 398 -44.64 20.43 -30.13
CA CYS I 398 -44.80 18.98 -30.20
C CYS I 398 -45.50 18.44 -28.96
N ARG I 399 -45.18 18.98 -27.79
CA ARG I 399 -45.80 18.53 -26.55
C ARG I 399 -47.28 18.89 -26.46
N LYS I 400 -47.69 20.01 -27.04
CA LYS I 400 -49.08 20.44 -26.96
C LYS I 400 -50.01 19.61 -27.84
N ASP I 401 -49.49 18.93 -28.85
CA ASP I 401 -50.33 18.08 -29.70
C ASP I 401 -50.67 16.76 -29.02
N MET I 402 -49.75 16.21 -28.24
CA MET I 402 -50.02 14.95 -27.56
C MET I 402 -51.08 15.11 -26.48
N GLU I 403 -51.18 16.30 -25.88
CA GLU I 403 -52.16 16.58 -24.84
C GLU I 403 -53.54 16.87 -25.40
N ASP I 404 -53.68 16.98 -26.71
CA ASP I 404 -54.97 17.25 -27.35
C ASP I 404 -55.07 16.32 -28.57
N GLU I 405 -55.67 15.16 -28.36
CA GLU I 405 -55.83 14.15 -29.41
C GLU I 405 -57.27 14.10 -29.85
N LYS I 406 -57.49 13.96 -31.15
CA LYS I 406 -58.82 13.92 -31.73
C LYS I 406 -59.21 12.48 -32.03
N LEU I 407 -60.36 12.29 -32.67
CA LEU I 407 -60.81 10.98 -33.09
C LEU I 407 -60.25 10.64 -34.47
N LEU I 408 -60.32 9.36 -34.80
CA LEU I 408 -59.72 8.84 -36.04
C LEU I 408 -60.76 8.92 -37.16
N GLY I 409 -60.47 9.73 -38.17
CA GLY I 409 -61.29 9.76 -39.37
C GLY I 409 -62.09 11.03 -39.58
N VAL I 410 -62.57 11.65 -38.48
CA VAL I 410 -63.47 12.78 -38.55
C VAL I 410 -62.75 14.03 -38.05
N ARG I 411 -63.14 15.18 -38.61
CA ARG I 411 -62.66 16.47 -38.17
C ARG I 411 -63.85 17.33 -37.77
N GLU I 412 -63.69 18.10 -36.69
CA GLU I 412 -64.77 18.87 -36.11
C GLU I 412 -64.73 20.31 -36.62
N ARG I 413 -65.87 20.81 -37.08
CA ARG I 413 -66.03 22.16 -37.56
C ARG I 413 -66.88 22.96 -36.56
N THR I 414 -67.12 24.23 -36.91
CA THR I 414 -67.92 25.10 -36.06
C THR I 414 -69.38 25.12 -36.51
N ALA I 422 -64.33 27.46 -41.42
CA ALA I 422 -65.23 27.17 -40.30
C ALA I 422 -64.53 26.32 -39.25
N PHE I 423 -63.25 26.60 -39.02
CA PHE I 423 -62.46 25.85 -38.06
C PHE I 423 -61.40 26.76 -37.46
N LYS I 424 -60.90 26.37 -36.30
CA LYS I 424 -59.87 27.11 -35.60
C LYS I 424 -58.50 26.70 -36.09
N LYS I 425 -57.64 27.68 -36.34
CA LYS I 425 -56.29 27.45 -36.83
C LYS I 425 -55.28 27.73 -35.72
N GLN I 426 -54.37 26.80 -35.50
CA GLN I 426 -53.34 26.96 -34.50
C GLN I 426 -52.17 27.79 -35.06
N LYS I 427 -51.28 28.20 -34.16
CA LYS I 427 -50.14 29.01 -34.53
C LYS I 427 -48.91 28.14 -34.75
N THR I 428 -48.09 28.55 -35.71
CA THR I 428 -46.84 27.87 -36.04
C THR I 428 -45.72 28.89 -36.08
N HIS I 429 -44.62 28.60 -35.36
CA HIS I 429 -43.51 29.52 -35.27
C HIS I 429 -42.17 28.92 -35.69
N THR I 430 -42.13 27.62 -36.01
CA THR I 430 -40.88 26.98 -36.37
C THR I 430 -41.14 25.87 -37.38
N VAL I 431 -40.28 25.77 -38.38
CA VAL I 431 -40.29 24.68 -39.35
C VAL I 431 -38.92 24.02 -39.32
N TYR I 432 -38.88 22.73 -39.01
CA TYR I 432 -37.65 22.00 -38.83
C TYR I 432 -37.67 20.77 -39.72
N LYS I 433 -36.71 20.68 -40.64
CA LYS I 433 -36.56 19.53 -41.52
C LYS I 433 -35.34 18.74 -41.08
N ARG I 434 -35.57 17.57 -40.50
CA ARG I 434 -34.51 16.72 -39.99
C ARG I 434 -33.77 16.05 -41.15
N PRO I 435 -32.55 15.57 -40.91
CA PRO I 435 -31.81 14.89 -41.97
C PRO I 435 -32.55 13.67 -42.50
N ASP I 436 -32.34 13.38 -43.79
CA ASP I 436 -32.99 12.27 -44.48
C ASP I 436 -34.51 12.47 -44.56
N THR I 437 -34.92 13.69 -44.88
CA THR I 437 -36.32 14.03 -45.05
C THR I 437 -36.47 14.87 -46.31
N GLN I 438 -37.58 14.69 -47.01
CA GLN I 438 -37.83 15.37 -48.27
C GLN I 438 -38.95 16.40 -48.11
N SER I 439 -38.82 17.51 -48.83
CA SER I 439 -39.84 18.55 -48.88
C SER I 439 -40.38 18.65 -50.30
N ILE I 440 -41.68 18.90 -50.42
CA ILE I 440 -42.37 18.90 -51.71
C ILE I 440 -43.06 20.24 -51.89
N GLN I 441 -42.95 20.81 -53.10
CA GLN I 441 -43.57 22.08 -53.44
C GLN I 441 -44.35 21.92 -54.74
N LYS I 442 -45.31 22.82 -54.94
CA LYS I 442 -46.16 22.83 -56.12
C LYS I 442 -45.79 24.03 -57.00
N VAL I 443 -45.50 23.77 -58.26
CA VAL I 443 -45.09 24.79 -59.22
C VAL I 443 -45.84 24.58 -60.52
N GLN I 444 -45.51 25.41 -61.52
CA GLN I 444 -46.13 25.35 -62.83
C GLN I 444 -45.26 24.50 -63.77
N ALA I 445 -45.92 23.63 -64.54
CA ALA I 445 -45.23 22.71 -65.43
C ALA I 445 -45.67 22.81 -66.88
N GLU I 446 -46.44 23.84 -67.24
CA GLU I 446 -46.91 24.04 -68.61
C GLU I 446 -46.66 25.48 -69.02
N PHE I 447 -45.76 25.67 -69.98
CA PHE I 447 -45.41 27.00 -70.48
C PHE I 447 -45.73 27.08 -71.96
N ASP I 448 -46.44 28.16 -72.35
CA ASP I 448 -46.80 28.34 -73.75
C ASP I 448 -46.59 29.76 -74.26
N SER I 449 -46.38 30.76 -73.40
CA SER I 449 -46.24 32.15 -73.83
C SER I 449 -44.77 32.53 -73.84
N PHE I 450 -44.27 32.89 -75.02
CA PHE I 450 -42.88 33.34 -75.18
C PHE I 450 -42.87 34.60 -76.01
N VAL I 451 -42.07 35.58 -75.57
CA VAL I 451 -41.97 36.88 -76.22
C VAL I 451 -40.52 37.11 -76.62
N VAL I 452 -40.30 37.46 -77.88
CA VAL I 452 -38.96 37.74 -78.38
C VAL I 452 -38.90 39.17 -78.94
N PRO I 453 -38.47 40.14 -78.12
CA PRO I 453 -38.34 41.51 -78.64
C PRO I 453 -37.29 41.65 -79.73
N SER I 454 -36.07 41.18 -79.46
CA SER I 454 -34.98 41.19 -80.43
C SER I 454 -34.69 42.60 -80.95
N LEU I 455 -34.72 43.58 -80.05
CA LEU I 455 -34.33 44.95 -80.38
C LEU I 455 -32.85 45.18 -80.07
N TRP I 456 -32.00 44.28 -80.57
CA TRP I 456 -30.59 44.30 -80.23
C TRP I 456 -29.89 45.51 -80.83
N SER I 457 -29.03 46.13 -80.03
CA SER I 457 -28.19 47.23 -80.48
C SER I 457 -26.78 47.00 -79.99
N SER I 458 -25.82 47.54 -80.73
CA SER I 458 -24.41 47.34 -80.41
C SER I 458 -24.05 48.18 -79.18
N GLY I 459 -23.96 47.53 -78.03
CA GLY I 459 -23.56 48.20 -76.81
C GLY I 459 -22.05 48.31 -76.71
N LEU I 460 -21.47 49.19 -77.52
CA LEU I 460 -20.02 49.33 -77.59
C LEU I 460 -19.68 50.77 -77.89
N SER I 461 -18.45 51.16 -77.56
CA SER I 461 -17.99 52.53 -77.69
C SER I 461 -16.72 52.58 -78.53
N ILE I 462 -16.53 53.72 -79.19
CA ILE I 462 -15.33 53.91 -80.02
C ILE I 462 -14.04 53.85 -79.20
N PRO I 463 -13.92 54.53 -78.05
CA PRO I 463 -12.65 54.44 -77.30
C PRO I 463 -12.29 53.01 -76.90
N LEU I 464 -13.28 52.19 -76.54
CA LEU I 464 -12.99 50.79 -76.22
C LEU I 464 -12.51 50.03 -77.44
N ARG I 465 -13.10 50.32 -78.61
CA ARG I 465 -12.66 49.66 -79.84
C ARG I 465 -11.21 50.00 -80.17
N THR I 466 -10.83 51.27 -80.02
CA THR I 466 -9.47 51.67 -80.32
C THR I 466 -8.46 50.98 -79.40
N ARG I 467 -8.78 50.89 -78.10
CA ARG I 467 -7.87 50.26 -77.16
C ARG I 467 -7.65 48.79 -77.48
N ILE I 468 -8.74 48.08 -77.82
CA ILE I 468 -8.62 46.64 -78.11
C ILE I 468 -7.79 46.41 -79.36
N LYS I 469 -8.04 47.18 -80.42
CA LYS I 469 -7.31 46.99 -81.66
C LYS I 469 -5.82 47.29 -81.49
N TRP I 470 -5.50 48.37 -80.79
CA TRP I 470 -4.10 48.76 -80.62
C TRP I 470 -3.37 47.79 -79.69
N LEU I 471 -4.04 47.29 -78.66
CA LEU I 471 -3.41 46.35 -77.75
C LEU I 471 -3.15 45.01 -78.44
N LEU I 472 -4.09 44.57 -79.27
CA LEU I 472 -3.97 43.28 -79.95
C LEU I 472 -3.00 43.37 -81.12
N PRO J 3 -16.64 -12.89 -58.03
CA PRO J 3 -16.89 -11.68 -57.23
C PRO J 3 -17.83 -10.70 -57.92
N VAL J 4 -18.68 -10.04 -57.13
CA VAL J 4 -19.64 -9.08 -57.64
C VAL J 4 -19.34 -7.72 -57.00
N TYR J 5 -19.26 -6.69 -57.82
CA TYR J 5 -18.88 -5.35 -57.38
C TYR J 5 -20.12 -4.46 -57.32
N VAL J 6 -20.27 -3.76 -56.20
CA VAL J 6 -21.40 -2.86 -55.99
C VAL J 6 -20.88 -1.45 -55.79
N ASP J 7 -21.69 -0.47 -56.20
CA ASP J 7 -21.30 0.94 -56.14
C ASP J 7 -21.88 1.57 -54.88
N ILE J 8 -21.34 1.15 -53.74
CA ILE J 8 -21.70 1.69 -52.43
C ILE J 8 -20.42 1.97 -51.66
N ASP J 9 -20.55 2.74 -50.59
CA ASP J 9 -19.40 3.14 -49.80
C ASP J 9 -18.74 1.91 -49.16
N ALA J 10 -17.41 1.95 -49.08
CA ALA J 10 -16.64 0.83 -48.56
C ALA J 10 -16.83 0.62 -47.06
N ASP J 11 -17.41 1.59 -46.35
CA ASP J 11 -17.62 1.49 -44.91
C ASP J 11 -19.06 1.93 -44.61
N SER J 12 -19.98 0.98 -44.63
CA SER J 12 -21.38 1.26 -44.31
C SER J 12 -22.00 0.00 -43.73
N ALA J 13 -23.14 0.19 -43.05
CA ALA J 13 -23.80 -0.91 -42.36
C ALA J 13 -24.61 -1.80 -43.28
N PHE J 14 -24.76 -1.44 -44.56
CA PHE J 14 -25.56 -2.22 -45.48
C PHE J 14 -24.80 -3.40 -46.08
N LEU J 15 -23.49 -3.48 -45.88
CA LEU J 15 -22.73 -4.61 -46.40
C LEU J 15 -23.16 -5.92 -45.73
N LYS J 16 -23.36 -5.90 -44.42
CA LYS J 16 -23.71 -7.11 -43.69
C LYS J 16 -25.07 -7.65 -44.14
N ALA J 17 -26.04 -6.76 -44.35
CA ALA J 17 -27.36 -7.21 -44.79
C ALA J 17 -27.30 -7.83 -46.19
N LEU J 18 -26.54 -7.22 -47.11
CA LEU J 18 -26.45 -7.75 -48.46
C LEU J 18 -25.76 -9.11 -48.47
N GLN J 19 -24.69 -9.27 -47.69
CA GLN J 19 -23.99 -10.55 -47.65
C GLN J 19 -24.87 -11.65 -47.06
N ARG J 20 -25.65 -11.32 -46.03
CA ARG J 20 -26.50 -12.31 -45.40
C ARG J 20 -27.63 -12.76 -46.32
N ALA J 21 -28.15 -11.85 -47.15
CA ALA J 21 -29.25 -12.19 -48.04
C ALA J 21 -28.78 -12.89 -49.31
N TYR J 22 -27.49 -12.84 -49.63
CA TYR J 22 -26.94 -13.47 -50.83
C TYR J 22 -25.72 -14.28 -50.42
N PRO J 23 -25.93 -15.47 -49.83
CA PRO J 23 -24.79 -16.27 -49.35
C PRO J 23 -24.03 -17.00 -50.44
N MET J 24 -24.53 -17.00 -51.68
CA MET J 24 -23.88 -17.71 -52.77
C MET J 24 -22.94 -16.83 -53.59
N PHE J 25 -22.77 -15.57 -53.20
CA PHE J 25 -21.91 -14.63 -53.93
C PHE J 25 -20.87 -14.03 -52.99
N GLU J 26 -20.04 -13.15 -53.54
CA GLU J 26 -19.06 -12.39 -52.78
C GLU J 26 -19.20 -10.92 -53.17
N VAL J 27 -19.50 -10.08 -52.20
CA VAL J 27 -19.80 -8.67 -52.44
C VAL J 27 -18.56 -7.85 -52.10
N GLU J 28 -18.12 -7.01 -53.04
CA GLU J 28 -16.97 -6.16 -52.86
C GLU J 28 -17.34 -4.71 -53.16
N PRO J 29 -17.16 -3.79 -52.22
CA PRO J 29 -17.57 -2.40 -52.46
C PRO J 29 -16.56 -1.65 -53.33
N ARG J 30 -17.09 -0.82 -54.24
CA ARG J 30 -16.26 0.01 -55.10
C ARG J 30 -17.12 1.20 -55.54
N GLN J 31 -16.88 2.35 -54.92
CA GLN J 31 -17.70 3.54 -55.11
C GLN J 31 -17.09 4.44 -56.18
N VAL J 32 -17.92 4.89 -57.12
CA VAL J 32 -17.47 5.76 -58.20
C VAL J 32 -18.40 6.96 -58.35
N THR J 33 -19.57 6.89 -57.72
CA THR J 33 -20.58 7.94 -57.89
C THR J 33 -21.31 8.16 -56.57
N PRO J 34 -21.48 9.42 -56.15
CA PRO J 34 -22.21 9.71 -54.89
C PRO J 34 -23.73 9.78 -55.12
N ASN J 35 -24.30 8.67 -55.56
CA ASN J 35 -25.74 8.60 -55.76
C ASN J 35 -26.48 8.63 -54.42
N ASP J 36 -27.70 9.15 -54.45
CA ASP J 36 -28.53 9.25 -53.27
C ASP J 36 -29.41 8.02 -53.04
N ALA J 37 -29.37 7.05 -53.95
CA ALA J 37 -30.15 5.81 -53.85
C ALA J 37 -29.26 4.61 -54.14
N ALA J 38 -28.08 4.59 -53.52
CA ALA J 38 -27.12 3.52 -53.78
C ALA J 38 -27.65 2.17 -53.31
N ASN J 39 -28.31 2.13 -52.15
CA ASN J 39 -28.81 0.87 -51.62
C ASN J 39 -29.89 0.27 -52.51
N ALA J 40 -30.76 1.12 -53.08
CA ALA J 40 -31.81 0.63 -53.95
C ALA J 40 -31.25 -0.03 -55.22
N ARG J 41 -30.21 0.57 -55.81
CA ARG J 41 -29.65 0.02 -57.04
C ARG J 41 -28.83 -1.23 -56.78
N ALA J 42 -28.20 -1.31 -55.60
CA ALA J 42 -27.35 -2.47 -55.29
C ALA J 42 -28.17 -3.75 -55.20
N PHE J 43 -29.34 -3.69 -54.58
CA PHE J 43 -30.17 -4.89 -54.46
C PHE J 43 -30.65 -5.37 -55.82
N SER J 44 -31.06 -4.44 -56.70
CA SER J 44 -31.55 -4.82 -58.02
C SER J 44 -30.46 -5.47 -58.85
N HIS J 45 -29.23 -4.97 -58.76
CA HIS J 45 -28.12 -5.54 -59.52
C HIS J 45 -27.86 -6.98 -59.11
N LEU J 46 -27.89 -7.25 -57.81
CA LEU J 46 -27.66 -8.62 -57.33
C LEU J 46 -28.83 -9.53 -57.69
N ALA J 47 -30.05 -9.02 -57.61
CA ALA J 47 -31.23 -9.84 -57.87
C ALA J 47 -31.27 -10.31 -59.32
N ILE J 48 -30.98 -9.42 -60.26
CA ILE J 48 -31.04 -9.80 -61.67
C ILE J 48 -29.92 -10.75 -62.03
N LYS J 49 -28.77 -10.64 -61.36
CA LYS J 49 -27.68 -11.58 -61.59
C LYS J 49 -28.06 -12.98 -61.11
N LEU J 50 -28.75 -13.06 -59.98
CA LEU J 50 -29.18 -14.37 -59.47
C LEU J 50 -30.22 -15.00 -60.38
N ILE J 51 -31.15 -14.19 -60.91
CA ILE J 51 -32.25 -14.74 -61.71
C ILE J 51 -31.72 -15.34 -63.00
N GLU J 52 -30.83 -14.63 -63.69
CA GLU J 52 -30.27 -15.15 -64.94
C GLU J 52 -29.39 -16.37 -64.71
N GLN J 53 -28.86 -16.53 -63.49
CA GLN J 53 -28.03 -17.68 -63.17
C GLN J 53 -28.86 -18.92 -62.83
N GLU J 54 -30.08 -18.74 -62.32
CA GLU J 54 -30.91 -19.87 -61.92
C GLU J 54 -31.55 -20.59 -63.10
N ILE J 55 -31.63 -19.95 -64.27
CA ILE J 55 -32.31 -20.54 -65.40
C ILE J 55 -31.27 -21.01 -66.42
N ASP J 56 -31.67 -22.00 -67.22
CA ASP J 56 -30.79 -22.60 -68.20
C ASP J 56 -30.58 -21.65 -69.38
N PRO J 57 -29.46 -21.80 -70.08
CA PRO J 57 -29.23 -20.96 -71.27
C PRO J 57 -30.14 -21.33 -72.43
N ASP J 58 -29.90 -20.71 -73.59
CA ASP J 58 -30.64 -20.94 -74.84
C ASP J 58 -32.16 -20.92 -74.62
N SER J 59 -32.62 -19.91 -73.88
CA SER J 59 -34.04 -19.68 -73.67
C SER J 59 -34.34 -18.21 -73.94
N THR J 60 -35.54 -17.95 -74.46
CA THR J 60 -35.95 -16.61 -74.83
C THR J 60 -36.65 -15.94 -73.65
N ILE J 61 -36.28 -14.68 -73.38
CA ILE J 61 -36.76 -13.94 -72.22
C ILE J 61 -37.43 -12.66 -72.68
N LEU J 62 -38.57 -12.34 -72.06
CA LEU J 62 -39.28 -11.09 -72.32
C LEU J 62 -39.02 -10.09 -71.20
N ASP J 63 -38.96 -8.81 -71.57
CA ASP J 63 -38.84 -7.71 -70.62
C ASP J 63 -40.02 -6.77 -70.85
N ILE J 64 -40.83 -6.56 -69.81
CA ILE J 64 -42.00 -5.70 -69.95
C ILE J 64 -41.61 -4.23 -69.84
N GLY J 65 -41.08 -3.84 -68.69
CA GLY J 65 -40.48 -2.52 -68.56
C GLY J 65 -38.99 -2.60 -68.82
N SER J 66 -38.58 -2.28 -70.04
CA SER J 66 -37.23 -2.58 -70.50
C SER J 66 -36.47 -1.30 -70.84
N ALA J 67 -35.22 -1.25 -70.41
CA ALA J 67 -34.25 -0.26 -70.88
C ALA J 67 -33.23 -1.00 -71.72
N PRO J 68 -33.27 -0.87 -73.05
CA PRO J 68 -32.43 -1.73 -73.90
C PRO J 68 -30.94 -1.62 -73.64
N ALA J 69 -30.47 -0.44 -73.21
CA ALA J 69 -29.04 -0.28 -72.94
C ALA J 69 -28.57 -1.13 -71.77
N ARG J 70 -29.47 -1.54 -70.88
CA ARG J 70 -29.07 -2.32 -69.72
C ARG J 70 -28.79 -3.77 -70.08
N ARG J 71 -29.50 -4.31 -71.07
CA ARG J 71 -29.37 -5.71 -71.49
C ARG J 71 -28.61 -5.83 -72.80
N MET J 72 -27.61 -4.98 -73.02
CA MET J 72 -26.88 -4.95 -74.28
C MET J 72 -25.61 -5.79 -74.26
N MET J 73 -24.93 -5.88 -73.13
CA MET J 73 -23.70 -6.66 -72.99
C MET J 73 -23.95 -7.98 -72.25
N SER J 74 -25.09 -8.60 -72.48
CA SER J 74 -25.45 -9.85 -71.86
C SER J 74 -25.30 -11.00 -72.86
N ASP J 75 -25.14 -12.21 -72.32
CA ASP J 75 -24.97 -13.41 -73.12
C ASP J 75 -26.28 -14.16 -73.37
N ARG J 76 -27.40 -13.63 -72.90
CA ARG J 76 -28.69 -14.29 -73.04
C ARG J 76 -29.45 -13.72 -74.24
N LYS J 77 -30.68 -14.17 -74.40
CA LYS J 77 -31.54 -13.77 -75.51
C LYS J 77 -32.72 -12.99 -74.93
N TYR J 78 -32.63 -11.66 -74.99
CA TYR J 78 -33.65 -10.78 -74.46
C TYR J 78 -34.48 -10.18 -75.59
N HIS J 79 -35.80 -10.21 -75.44
CA HIS J 79 -36.72 -9.52 -76.33
C HIS J 79 -37.38 -8.40 -75.53
N CYS J 80 -37.22 -7.17 -75.99
CA CYS J 80 -37.62 -5.99 -75.23
C CYS J 80 -38.94 -5.45 -75.75
N VAL J 81 -39.86 -5.16 -74.83
CA VAL J 81 -41.14 -4.54 -75.15
C VAL J 81 -41.06 -3.10 -74.66
N CYS J 82 -41.08 -2.14 -75.58
CA CYS J 82 -40.83 -0.73 -75.27
C CYS J 82 -41.91 0.15 -75.89
N PRO J 83 -43.01 0.39 -75.18
CA PRO J 83 -43.98 1.40 -75.60
C PRO J 83 -43.42 2.79 -75.36
N MET J 84 -44.21 3.80 -75.71
CA MET J 84 -43.76 5.20 -75.68
C MET J 84 -44.70 6.04 -74.82
N ARG J 85 -45.04 5.53 -73.63
CA ARG J 85 -46.02 6.17 -72.76
C ARG J 85 -45.40 6.95 -71.61
N SER J 86 -44.08 7.14 -71.60
CA SER J 86 -43.41 7.81 -70.51
C SER J 86 -42.41 8.82 -71.05
N ALA J 87 -42.15 9.85 -70.23
CA ALA J 87 -41.16 10.88 -70.58
C ALA J 87 -39.74 10.35 -70.57
N GLU J 88 -39.46 9.28 -69.82
CA GLU J 88 -38.15 8.64 -69.86
C GLU J 88 -37.85 7.99 -71.19
N ASP J 89 -38.88 7.61 -71.95
CA ASP J 89 -38.68 6.79 -73.15
C ASP J 89 -37.84 7.46 -74.22
N PRO J 90 -38.12 8.72 -74.64
CA PRO J 90 -37.29 9.31 -75.71
C PRO J 90 -35.82 9.39 -75.38
N GLU J 91 -35.48 9.67 -74.12
CA GLU J 91 -34.06 9.74 -73.74
C GLU J 91 -33.40 8.38 -73.79
N ARG J 92 -34.11 7.33 -73.34
CA ARG J 92 -33.53 6.00 -73.31
C ARG J 92 -33.29 5.47 -74.71
N LEU J 93 -34.21 5.75 -75.64
CA LEU J 93 -34.05 5.26 -77.01
C LEU J 93 -32.83 5.88 -77.68
N ALA J 94 -32.63 7.19 -77.49
CA ALA J 94 -31.46 7.84 -78.06
C ALA J 94 -30.17 7.32 -77.45
N ASN J 95 -30.18 7.07 -76.14
CA ASN J 95 -29.00 6.53 -75.48
C ASN J 95 -28.66 5.14 -76.04
N TYR J 96 -29.69 4.31 -76.25
CA TYR J 96 -29.47 2.97 -76.78
C TYR J 96 -28.84 3.04 -78.17
N ALA J 97 -29.31 3.95 -79.02
CA ALA J 97 -28.75 4.07 -80.37
C ALA J 97 -27.29 4.51 -80.33
N ARG J 98 -26.97 5.46 -79.44
CA ARG J 98 -25.59 5.95 -79.36
C ARG J 98 -24.62 4.86 -78.94
N LYS J 99 -25.01 4.04 -77.96
CA LYS J 99 -24.13 2.97 -77.52
C LYS J 99 -23.89 1.94 -78.61
N LEU J 100 -24.93 1.58 -79.36
CA LEU J 100 -24.79 0.60 -80.42
C LEU J 100 -23.85 1.09 -81.51
N ALA J 101 -23.97 2.36 -81.91
CA ALA J 101 -23.12 2.88 -82.97
C ALA J 101 -21.69 3.10 -82.50
N SER J 102 -21.50 3.31 -81.19
CA SER J 102 -20.17 3.57 -80.65
C SER J 102 -19.34 2.31 -80.45
N ALA J 103 -19.92 1.13 -80.67
CA ALA J 103 -19.21 -0.14 -80.54
C ALA J 103 -19.67 -1.06 -81.67
N ALA J 104 -18.92 -1.04 -82.78
CA ALA J 104 -19.22 -1.87 -83.93
C ALA J 104 -18.07 -2.76 -84.38
N GLY J 105 -16.83 -2.45 -83.99
CA GLY J 105 -15.70 -3.27 -84.35
C GLY J 105 -14.79 -3.55 -83.17
N LYS J 106 -15.36 -3.53 -81.97
CA LYS J 106 -14.61 -3.76 -80.74
C LYS J 106 -15.00 -5.04 -80.02
N VAL J 107 -16.29 -5.33 -79.94
CA VAL J 107 -16.79 -6.54 -79.27
C VAL J 107 -17.66 -7.29 -80.28
N LEU J 108 -17.06 -8.30 -80.93
CA LEU J 108 -17.79 -9.13 -81.90
C LEU J 108 -18.20 -10.46 -81.26
N ASP J 109 -18.89 -10.34 -80.12
CA ASP J 109 -19.35 -11.51 -79.38
C ASP J 109 -20.79 -11.43 -78.92
N ARG J 110 -21.47 -10.30 -79.05
CA ARG J 110 -22.83 -10.12 -78.54
C ARG J 110 -23.83 -9.85 -79.65
N ASN J 111 -23.49 -10.20 -80.90
CA ASN J 111 -24.37 -9.98 -82.05
C ASN J 111 -24.75 -8.51 -82.19
N ILE J 112 -23.73 -7.66 -82.24
CA ILE J 112 -23.96 -6.23 -82.41
C ILE J 112 -24.56 -5.94 -83.77
N SER J 113 -24.07 -6.62 -84.81
CA SER J 113 -24.58 -6.38 -86.16
C SER J 113 -26.07 -6.72 -86.25
N GLY J 114 -26.49 -7.81 -85.62
CA GLY J 114 -27.89 -8.17 -85.62
C GLY J 114 -28.76 -7.14 -84.92
N LYS J 115 -28.27 -6.62 -83.79
CA LYS J 115 -29.04 -5.63 -83.04
C LYS J 115 -29.24 -4.36 -83.85
N ILE J 116 -28.19 -3.89 -84.54
CA ILE J 116 -28.32 -2.70 -85.37
C ILE J 116 -29.28 -2.95 -86.53
N GLY J 117 -29.18 -4.11 -87.17
CA GLY J 117 -30.09 -4.42 -88.26
C GLY J 117 -31.53 -4.52 -87.82
N ASP J 118 -31.78 -5.12 -86.65
CA ASP J 118 -33.14 -5.20 -86.13
C ASP J 118 -33.70 -3.82 -85.81
N LEU J 119 -32.87 -2.95 -85.25
CA LEU J 119 -33.32 -1.59 -84.92
C LEU J 119 -33.70 -0.82 -86.17
N GLN J 120 -32.89 -0.95 -87.23
CA GLN J 120 -33.19 -0.22 -88.47
C GLN J 120 -34.50 -0.70 -89.10
N ALA J 121 -34.75 -2.01 -89.05
CA ALA J 121 -35.97 -2.55 -89.63
C ALA J 121 -37.21 -2.01 -88.93
N VAL J 122 -37.16 -1.90 -87.61
CA VAL J 122 -38.31 -1.40 -86.86
C VAL J 122 -38.57 0.07 -87.18
N MET J 123 -37.50 0.86 -87.34
CA MET J 123 -37.66 2.26 -87.69
C MET J 123 -38.29 2.45 -89.07
N ALA J 124 -38.16 1.47 -89.97
CA ALA J 124 -38.80 1.57 -91.26
C ALA J 124 -40.30 1.35 -91.14
N VAL J 125 -40.70 0.18 -90.66
CA VAL J 125 -42.10 -0.18 -90.44
C VAL J 125 -42.33 -0.28 -88.93
N PRO J 126 -43.10 0.62 -88.33
CA PRO J 126 -43.30 0.55 -86.88
C PRO J 126 -44.01 -0.70 -86.40
N ASP J 127 -44.80 -1.34 -87.26
CA ASP J 127 -45.65 -2.47 -86.86
C ASP J 127 -44.95 -3.81 -86.97
N THR J 128 -43.71 -3.86 -87.44
CA THR J 128 -43.02 -5.13 -87.60
C THR J 128 -42.57 -5.67 -86.25
N GLU J 129 -42.34 -6.98 -86.21
CA GLU J 129 -41.81 -7.67 -85.03
C GLU J 129 -40.42 -8.20 -85.33
N THR J 130 -39.52 -8.03 -84.37
CA THR J 130 -38.14 -8.45 -84.51
C THR J 130 -37.74 -9.29 -83.30
N PRO J 131 -36.76 -10.19 -83.46
CA PRO J 131 -36.35 -11.04 -82.33
C PRO J 131 -35.74 -10.29 -81.16
N THR J 132 -35.52 -8.98 -81.26
CA THR J 132 -34.90 -8.21 -80.20
C THR J 132 -35.67 -6.98 -79.76
N PHE J 133 -36.40 -6.31 -80.66
CA PHE J 133 -37.03 -5.04 -80.33
C PHE J 133 -38.43 -4.99 -80.91
N CYS J 134 -39.31 -4.25 -80.24
CA CYS J 134 -40.68 -4.04 -80.72
C CYS J 134 -41.26 -2.83 -80.02
N LEU J 135 -42.33 -2.29 -80.59
CA LEU J 135 -43.00 -1.10 -80.07
C LEU J 135 -44.44 -1.39 -79.67
N HIS J 136 -44.71 -2.60 -79.19
CA HIS J 136 -46.04 -2.97 -78.74
C HIS J 136 -46.10 -2.92 -77.21
N THR J 137 -47.20 -3.38 -76.65
CA THR J 137 -47.39 -3.47 -75.21
C THR J 137 -47.35 -4.94 -74.79
N ASP J 138 -47.55 -5.17 -73.49
CA ASP J 138 -47.57 -6.54 -72.98
C ASP J 138 -48.78 -7.34 -73.48
N VAL J 139 -49.79 -6.67 -74.01
CA VAL J 139 -50.98 -7.33 -74.53
C VAL J 139 -50.90 -7.54 -76.03
N SER J 140 -50.40 -6.56 -76.77
CA SER J 140 -50.37 -6.61 -78.23
C SER J 140 -49.17 -7.34 -78.80
N CYS J 141 -48.19 -7.70 -77.97
CA CYS J 141 -47.03 -8.42 -78.47
C CYS J 141 -47.41 -9.87 -78.81
N ARG J 142 -46.78 -10.39 -79.87
CA ARG J 142 -47.08 -11.72 -80.39
C ARG J 142 -45.80 -12.51 -80.64
N GLN J 143 -44.91 -12.52 -79.65
CA GLN J 143 -43.66 -13.28 -79.73
C GLN J 143 -43.71 -14.44 -78.74
N ARG J 144 -43.24 -15.61 -79.18
CA ARG J 144 -43.29 -16.81 -78.38
C ARG J 144 -42.01 -16.99 -77.57
N ALA J 145 -42.16 -17.32 -76.29
CA ALA J 145 -41.04 -17.61 -75.40
C ALA J 145 -41.58 -18.37 -74.20
N ASP J 146 -40.74 -18.54 -73.18
CA ASP J 146 -41.13 -19.28 -71.99
C ASP J 146 -40.74 -18.63 -70.67
N VAL J 147 -40.06 -17.48 -70.69
CA VAL J 147 -39.64 -16.80 -69.48
C VAL J 147 -39.99 -15.33 -69.60
N ALA J 148 -40.53 -14.76 -68.52
CA ALA J 148 -40.86 -13.35 -68.44
C ALA J 148 -40.28 -12.76 -67.16
N ILE J 149 -39.84 -11.50 -67.24
CA ILE J 149 -39.21 -10.82 -66.11
C ILE J 149 -39.87 -9.47 -65.93
N TYR J 150 -40.27 -9.16 -64.69
CA TYR J 150 -40.77 -7.85 -64.30
C TYR J 150 -39.80 -7.23 -63.32
N GLN J 151 -39.35 -6.02 -63.60
CA GLN J 151 -38.40 -5.30 -62.75
C GLN J 151 -38.96 -3.91 -62.47
N ASP J 152 -39.42 -3.69 -61.24
CA ASP J 152 -39.95 -2.41 -60.80
C ASP J 152 -41.09 -1.94 -61.70
N VAL J 153 -42.12 -2.79 -61.81
CA VAL J 153 -43.29 -2.51 -62.62
C VAL J 153 -44.50 -2.41 -61.69
N TYR J 154 -45.17 -1.25 -61.72
CA TYR J 154 -46.33 -1.02 -60.88
C TYR J 154 -47.50 -0.43 -61.67
N ALA J 155 -47.48 -0.52 -63.00
CA ALA J 155 -48.48 0.15 -63.84
C ALA J 155 -49.31 -0.84 -64.66
N VAL J 156 -49.41 -2.09 -64.23
CA VAL J 156 -50.18 -3.10 -64.93
C VAL J 156 -51.02 -3.88 -63.92
N HIS J 157 -52.07 -4.51 -64.42
CA HIS J 157 -52.93 -5.38 -63.62
C HIS J 157 -52.36 -6.80 -63.67
N ALA J 158 -52.03 -7.34 -62.50
CA ALA J 158 -51.32 -8.62 -62.46
C ALA J 158 -52.12 -9.77 -63.05
N PRO J 159 -53.39 -10.00 -62.69
CA PRO J 159 -54.11 -11.13 -63.32
C PRO J 159 -54.24 -11.02 -64.82
N THR J 160 -54.43 -9.82 -65.35
CA THR J 160 -54.61 -9.65 -66.79
C THR J 160 -53.30 -9.84 -67.54
N SER J 161 -52.22 -9.27 -67.02
CA SER J 161 -50.92 -9.39 -67.70
C SER J 161 -50.44 -10.84 -67.71
N LEU J 162 -50.63 -11.55 -66.60
CA LEU J 162 -50.13 -12.93 -66.51
C LEU J 162 -50.87 -13.85 -67.48
N TYR J 163 -52.19 -13.65 -67.64
CA TYR J 163 -52.97 -14.52 -68.51
C TYR J 163 -52.54 -14.39 -69.96
N HIS J 164 -52.29 -13.16 -70.42
CA HIS J 164 -51.91 -12.97 -71.82
C HIS J 164 -50.54 -13.57 -72.12
N GLN J 165 -49.67 -13.66 -71.12
CA GLN J 165 -48.37 -14.29 -71.31
C GLN J 165 -48.48 -15.81 -71.36
N ALA J 166 -49.49 -16.38 -70.73
CA ALA J 166 -49.61 -17.83 -70.66
C ALA J 166 -50.01 -18.44 -71.99
N ILE J 167 -50.89 -17.77 -72.73
CA ILE J 167 -51.41 -18.29 -73.99
C ILE J 167 -50.32 -18.28 -75.06
N LYS J 168 -49.20 -17.64 -74.76
CA LYS J 168 -48.05 -17.59 -75.67
C LYS J 168 -46.97 -18.58 -75.29
N GLY J 169 -47.21 -19.44 -74.31
CA GLY J 169 -46.26 -20.49 -73.98
C GLY J 169 -45.29 -20.17 -72.87
N VAL J 170 -45.57 -19.18 -72.03
CA VAL J 170 -44.68 -18.81 -70.93
C VAL J 170 -45.05 -19.64 -69.70
N ARG J 171 -44.05 -20.25 -69.08
CA ARG J 171 -44.26 -21.11 -67.92
C ARG J 171 -43.60 -20.61 -66.64
N LEU J 172 -42.86 -19.51 -66.69
CA LEU J 172 -42.16 -19.01 -65.52
C LEU J 172 -42.12 -17.48 -65.57
N ALA J 173 -42.20 -16.85 -64.40
CA ALA J 173 -42.19 -15.40 -64.29
C ALA J 173 -41.46 -14.98 -63.02
N TYR J 174 -40.95 -13.76 -63.03
CA TYR J 174 -40.24 -13.19 -61.89
C TYR J 174 -40.70 -11.75 -61.67
N TRP J 175 -40.67 -11.32 -60.41
CA TRP J 175 -41.07 -9.97 -60.04
C TRP J 175 -40.15 -9.45 -58.95
N VAL J 176 -39.68 -8.22 -59.13
CA VAL J 176 -38.80 -7.55 -58.16
C VAL J 176 -39.39 -6.17 -57.86
N GLY J 177 -39.55 -5.88 -56.58
CA GLY J 177 -40.10 -4.58 -56.20
C GLY J 177 -40.29 -4.48 -54.71
N PHE J 178 -40.95 -3.39 -54.31
CA PHE J 178 -41.24 -3.10 -52.91
C PHE J 178 -42.26 -4.07 -52.35
N ASP J 179 -42.22 -4.23 -51.03
CA ASP J 179 -43.22 -5.04 -50.34
C ASP J 179 -44.56 -4.30 -50.29
N THR J 180 -45.64 -5.05 -50.50
CA THR J 180 -46.98 -4.47 -50.56
C THR J 180 -47.78 -4.70 -49.28
N THR J 181 -47.14 -5.17 -48.21
CA THR J 181 -47.86 -5.41 -46.96
C THR J 181 -48.46 -4.15 -46.35
N PRO J 182 -47.76 -3.01 -46.26
CA PRO J 182 -48.37 -1.83 -45.63
C PRO J 182 -49.64 -1.35 -46.32
N PHE J 183 -49.77 -1.53 -47.64
CA PHE J 183 -50.96 -1.09 -48.35
C PHE J 183 -52.16 -2.00 -48.11
N MET J 184 -51.95 -3.22 -47.62
CA MET J 184 -53.07 -4.09 -47.26
C MET J 184 -53.67 -3.76 -45.91
N TYR J 185 -52.98 -2.97 -45.09
CA TYR J 185 -53.49 -2.53 -43.80
C TYR J 185 -54.24 -1.21 -43.88
N ASN J 186 -54.34 -0.63 -45.07
CA ASN J 186 -55.05 0.64 -45.30
C ASN J 186 -54.45 1.75 -44.44
N ALA J 187 -53.18 2.04 -44.70
CA ALA J 187 -52.46 3.08 -43.98
C ALA J 187 -52.52 4.40 -44.75
N MET J 188 -52.13 5.48 -44.06
CA MET J 188 -52.13 6.82 -44.63
C MET J 188 -50.75 7.27 -45.06
N ALA J 189 -49.71 6.88 -44.35
CA ALA J 189 -48.34 7.24 -44.70
C ALA J 189 -47.40 6.20 -44.13
N GLY J 190 -46.17 6.20 -44.63
CA GLY J 190 -45.19 5.22 -44.20
C GLY J 190 -43.81 5.59 -44.68
N ALA J 191 -42.84 4.73 -44.37
CA ALA J 191 -41.45 4.97 -44.73
C ALA J 191 -40.69 3.66 -44.80
N TYR J 192 -39.60 3.68 -45.58
CA TYR J 192 -38.63 2.59 -45.62
C TYR J 192 -37.27 3.16 -45.23
N PRO J 193 -36.90 3.12 -43.94
CA PRO J 193 -35.68 3.82 -43.52
C PRO J 193 -34.41 3.31 -44.16
N SER J 194 -34.33 2.01 -44.49
CA SER J 194 -33.08 1.45 -44.99
C SER J 194 -32.75 1.93 -46.40
N TYR J 195 -33.74 2.39 -47.17
CA TYR J 195 -33.53 2.81 -48.55
C TYR J 195 -33.86 4.28 -48.78
N SER J 196 -34.05 5.06 -47.71
CA SER J 196 -34.34 6.49 -47.80
C SER J 196 -35.57 6.75 -48.67
N THR J 197 -36.61 5.97 -48.45
CA THR J 197 -37.84 6.05 -49.22
C THR J 197 -38.98 6.52 -48.32
N ASN J 198 -39.72 7.53 -48.78
CA ASN J 198 -40.85 8.08 -48.06
C ASN J 198 -42.03 8.18 -49.00
N TRP J 199 -43.20 7.72 -48.55
CA TRP J 199 -44.43 7.79 -49.32
C TRP J 199 -45.54 8.34 -48.45
N ALA J 200 -46.46 9.08 -49.06
CA ALA J 200 -47.55 9.69 -48.33
C ALA J 200 -48.75 9.87 -49.26
N ASP J 201 -49.93 9.94 -48.66
CA ASP J 201 -51.15 10.18 -49.41
C ASP J 201 -51.24 11.63 -49.83
N GLU J 202 -51.98 11.89 -50.90
CA GLU J 202 -52.08 13.24 -51.45
C GLU J 202 -52.82 14.20 -50.52
N GLN J 203 -53.69 13.70 -49.66
CA GLN J 203 -54.49 14.56 -48.80
C GLN J 203 -53.73 15.11 -47.61
N VAL J 204 -52.55 14.57 -47.31
CA VAL J 204 -51.79 15.01 -46.14
C VAL J 204 -50.42 15.53 -46.57
N LEU J 205 -50.34 16.09 -47.77
CA LEU J 205 -49.08 16.62 -48.27
C LEU J 205 -48.66 17.90 -47.55
N LYS J 206 -49.56 18.54 -46.80
CA LYS J 206 -49.25 19.76 -46.06
C LYS J 206 -49.18 19.50 -44.56
N ALA J 207 -48.62 18.35 -44.19
CA ALA J 207 -48.47 17.98 -42.79
C ALA J 207 -47.31 18.75 -42.18
N LYS J 208 -46.94 18.41 -40.95
CA LYS J 208 -45.89 19.14 -40.23
C LYS J 208 -44.75 18.27 -39.76
N ASN J 209 -45.04 17.04 -39.30
CA ASN J 209 -44.03 16.20 -38.68
C ASN J 209 -44.03 14.80 -39.29
N ILE J 210 -44.08 14.71 -40.62
CA ILE J 210 -43.93 13.43 -41.30
C ILE J 210 -42.77 13.53 -42.28
N GLY J 211 -42.45 12.43 -42.94
CA GLY J 211 -41.27 12.37 -43.79
C GLY J 211 -41.37 13.07 -45.12
N LEU J 212 -42.58 13.42 -45.56
CA LEU J 212 -42.78 14.09 -46.85
C LEU J 212 -43.92 15.12 -46.67
N CYS J 213 -43.55 16.35 -46.36
CA CYS J 213 -44.53 17.40 -46.12
C CYS J 213 -43.84 18.75 -46.21
N SER J 214 -44.65 19.80 -46.25
CA SER J 214 -44.16 21.18 -46.24
C SER J 214 -45.27 22.07 -45.71
N THR J 215 -44.89 23.03 -44.87
CA THR J 215 -45.86 23.93 -44.24
C THR J 215 -45.26 25.32 -44.13
N ASP J 216 -46.12 26.29 -43.82
CA ASP J 216 -45.74 27.69 -43.69
C ASP J 216 -45.88 28.13 -42.23
N LEU J 217 -45.65 29.43 -42.00
CA LEU J 217 -45.74 30.03 -40.69
C LEU J 217 -47.03 30.85 -40.60
N THR J 218 -47.82 30.63 -39.56
CA THR J 218 -49.09 31.30 -39.38
C THR J 218 -49.20 31.81 -37.95
N GLU J 219 -50.10 32.78 -37.76
CA GLU J 219 -50.36 33.36 -36.46
C GLU J 219 -51.59 32.76 -35.78
N GLY J 220 -52.64 32.47 -36.54
CA GLY J 220 -53.82 31.84 -35.94
C GLY J 220 -55.05 32.70 -36.08
N ARG J 221 -56.10 32.13 -36.67
CA ARG J 221 -57.38 32.80 -36.82
C ARG J 221 -58.50 31.84 -36.42
N ARG J 222 -59.54 32.38 -35.79
CA ARG J 222 -60.69 31.60 -35.37
C ARG J 222 -61.78 31.72 -36.43
N GLY J 223 -62.01 30.65 -37.17
CA GLY J 223 -63.03 30.63 -38.19
C GLY J 223 -62.51 31.05 -39.56
N LYS J 224 -62.95 30.35 -40.60
CA LYS J 224 -62.53 30.65 -41.96
C LYS J 224 -63.67 30.33 -42.91
N LEU J 225 -63.66 31.01 -44.05
CA LEU J 225 -64.62 30.69 -45.11
C LEU J 225 -64.29 29.33 -45.70
N SER J 226 -65.33 28.57 -46.03
CA SER J 226 -65.14 27.20 -46.50
C SER J 226 -66.34 26.80 -47.36
N ILE J 227 -66.33 25.55 -47.80
CA ILE J 227 -67.39 24.97 -48.61
C ILE J 227 -68.04 23.90 -47.73
N MET J 228 -69.08 23.23 -48.24
CA MET J 228 -69.80 22.19 -47.52
C MET J 228 -68.84 21.28 -46.75
N ARG J 229 -69.19 20.98 -45.51
CA ARG J 229 -68.29 20.27 -44.62
C ARG J 229 -67.98 18.87 -45.13
N GLY J 230 -66.73 18.46 -44.97
CA GLY J 230 -66.31 17.12 -45.36
C GLY J 230 -66.60 16.09 -44.30
N LYS J 231 -66.16 16.35 -43.07
CA LYS J 231 -66.41 15.49 -41.91
C LYS J 231 -65.86 14.08 -42.10
N LYS J 232 -64.91 13.89 -43.01
CA LYS J 232 -64.34 12.57 -43.26
C LYS J 232 -62.89 12.73 -43.66
N LEU J 233 -62.10 11.68 -43.40
CA LEU J 233 -60.70 11.64 -43.79
C LEU J 233 -60.34 10.18 -44.02
N GLU J 234 -60.39 9.75 -45.28
CA GLU J 234 -60.12 8.36 -45.63
C GLU J 234 -59.09 8.31 -46.76
N PRO J 235 -58.31 7.23 -46.83
CA PRO J 235 -57.33 7.11 -47.91
C PRO J 235 -57.99 7.14 -49.29
N CYS J 236 -57.29 7.76 -50.24
N CYS J 236 -57.28 7.75 -50.24
CA CYS J 236 -57.75 7.86 -51.62
CA CYS J 236 -57.73 7.87 -51.62
C CYS J 236 -56.90 6.95 -52.51
C CYS J 236 -56.90 6.95 -52.51
N ASP J 237 -57.14 7.03 -53.82
CA ASP J 237 -56.49 6.13 -54.76
C ASP J 237 -55.13 6.63 -55.24
N ARG J 238 -54.73 7.85 -54.90
CA ARG J 238 -53.48 8.41 -55.40
C ARG J 238 -52.44 8.45 -54.29
N VAL J 239 -51.25 7.91 -54.57
CA VAL J 239 -50.16 7.85 -53.61
C VAL J 239 -48.88 8.30 -54.32
N LEU J 240 -48.06 9.08 -53.61
CA LEU J 240 -46.81 9.61 -54.15
C LEU J 240 -45.63 8.93 -53.47
N PHE J 241 -44.65 8.52 -54.28
CA PHE J 241 -43.44 7.87 -53.80
C PHE J 241 -42.24 8.78 -54.03
N SER J 242 -41.28 8.73 -53.10
CA SER J 242 -40.06 9.50 -53.20
C SER J 242 -38.88 8.62 -52.81
N VAL J 243 -38.12 8.17 -53.81
CA VAL J 243 -36.93 7.35 -53.60
C VAL J 243 -35.73 8.26 -53.84
N GLY J 244 -34.96 8.52 -52.78
CA GLY J 244 -33.85 9.44 -52.87
C GLY J 244 -34.33 10.85 -53.16
N SER J 245 -34.09 11.33 -54.37
CA SER J 245 -34.54 12.65 -54.80
C SER J 245 -35.47 12.58 -56.00
N THR J 246 -35.97 11.39 -56.36
CA THR J 246 -36.82 11.21 -57.52
C THR J 246 -38.25 10.91 -57.08
N LEU J 247 -39.21 11.50 -57.79
CA LEU J 247 -40.63 11.40 -57.44
C LEU J 247 -41.35 10.45 -58.39
N TYR J 248 -42.17 9.57 -57.82
CA TYR J 248 -42.97 8.63 -58.60
C TYR J 248 -44.40 8.63 -58.09
N PRO J 249 -45.39 8.88 -58.96
CA PRO J 249 -46.79 8.72 -58.56
C PRO J 249 -47.29 7.30 -58.79
N GLU J 250 -48.15 6.85 -57.88
CA GLU J 250 -48.67 5.49 -57.93
C GLU J 250 -50.16 5.48 -57.61
N SER J 251 -50.78 4.31 -57.80
CA SER J 251 -52.18 4.10 -57.49
C SER J 251 -52.34 2.88 -56.58
N ARG J 252 -53.33 2.95 -55.70
CA ARG J 252 -53.51 1.90 -54.70
C ARG J 252 -54.00 0.60 -55.32
N LYS J 253 -54.94 0.69 -56.27
CA LYS J 253 -55.55 -0.52 -56.84
C LYS J 253 -54.52 -1.38 -57.55
N LEU J 254 -53.63 -0.76 -58.33
CA LEU J 254 -52.63 -1.52 -59.06
C LEU J 254 -51.55 -2.08 -58.14
N LEU J 255 -51.32 -1.43 -56.99
CA LEU J 255 -50.33 -1.93 -56.05
C LEU J 255 -50.82 -3.18 -55.32
N LYS J 256 -52.09 -3.18 -54.90
CA LYS J 256 -52.63 -4.31 -54.15
C LYS J 256 -52.87 -5.52 -55.04
N SER J 257 -52.90 -5.35 -56.36
CA SER J 257 -53.15 -6.47 -57.25
C SER J 257 -51.97 -7.43 -57.33
N TRP J 258 -50.79 -7.03 -56.87
CA TRP J 258 -49.61 -7.89 -56.90
C TRP J 258 -49.43 -8.68 -55.61
N HIS J 259 -50.33 -8.54 -54.65
CA HIS J 259 -50.30 -9.34 -53.42
C HIS J 259 -51.06 -10.65 -53.69
N LEU J 260 -50.46 -11.48 -54.53
CA LEU J 260 -51.13 -12.66 -55.04
C LEU J 260 -51.27 -13.72 -53.94
N PRO J 261 -52.30 -14.56 -54.02
CA PRO J 261 -52.47 -15.64 -53.03
C PRO J 261 -51.47 -16.77 -53.24
N SER J 262 -51.55 -17.78 -52.38
CA SER J 262 -50.65 -18.93 -52.51
C SER J 262 -50.92 -19.72 -53.78
N VAL J 263 -52.20 -19.91 -54.12
CA VAL J 263 -52.59 -20.65 -55.31
C VAL J 263 -53.90 -20.06 -55.83
N PHE J 264 -54.00 -19.93 -57.15
CA PHE J 264 -55.19 -19.37 -57.77
C PHE J 264 -55.35 -19.96 -59.17
N HIS J 265 -56.57 -19.85 -59.69
CA HIS J 265 -56.94 -20.41 -60.99
C HIS J 265 -57.21 -19.28 -61.97
N LEU J 266 -56.82 -19.49 -63.23
CA LEU J 266 -57.07 -18.54 -64.31
C LEU J 266 -57.97 -19.21 -65.34
N LYS J 267 -59.24 -18.83 -65.36
CA LYS J 267 -60.21 -19.41 -66.27
C LYS J 267 -60.26 -18.60 -67.57
N GLY J 268 -61.26 -18.89 -68.42
CA GLY J 268 -61.42 -18.22 -69.68
C GLY J 268 -61.46 -19.21 -70.84
N LYS J 269 -60.89 -18.79 -71.97
CA LYS J 269 -60.80 -19.69 -73.12
C LYS J 269 -59.93 -20.90 -72.79
N LEU J 270 -58.82 -20.67 -72.10
CA LEU J 270 -57.95 -21.74 -71.63
C LEU J 270 -57.77 -21.61 -70.12
N SER J 271 -57.56 -22.74 -69.46
CA SER J 271 -57.48 -22.80 -68.01
C SER J 271 -56.06 -23.12 -67.56
N PHE J 272 -55.63 -22.46 -66.49
CA PHE J 272 -54.30 -22.65 -65.94
C PHE J 272 -54.38 -22.62 -64.42
N THR J 273 -53.39 -23.25 -63.78
CA THR J 273 -53.22 -23.21 -62.33
C THR J 273 -51.90 -22.52 -62.02
N CYS J 274 -51.86 -21.77 -60.92
CA CYS J 274 -50.73 -20.91 -60.62
C CYS J 274 -50.30 -21.08 -59.16
N ARG J 275 -49.05 -20.73 -58.91
CA ARG J 275 -48.47 -20.67 -57.57
C ARG J 275 -47.69 -19.39 -57.40
N CYS J 276 -47.29 -19.11 -56.15
CA CYS J 276 -46.53 -17.90 -55.85
C CYS J 276 -45.69 -18.14 -54.60
N ASP J 277 -44.40 -17.86 -54.69
CA ASP J 277 -43.48 -18.04 -53.58
C ASP J 277 -42.53 -16.86 -53.50
N THR J 278 -42.04 -16.60 -52.29
CA THR J 278 -41.07 -15.55 -52.04
C THR J 278 -39.71 -16.18 -51.80
N VAL J 279 -38.70 -15.69 -52.52
CA VAL J 279 -37.37 -16.28 -52.49
C VAL J 279 -36.41 -15.46 -51.65
N VAL J 280 -36.33 -14.15 -51.90
CA VAL J 280 -35.42 -13.25 -51.20
C VAL J 280 -36.24 -12.12 -50.58
N SER J 281 -35.91 -11.78 -49.34
CA SER J 281 -36.55 -10.67 -48.64
C SER J 281 -35.50 -9.96 -47.79
N CYS J 282 -35.39 -8.64 -47.95
CA CYS J 282 -34.39 -7.88 -47.21
C CYS J 282 -34.96 -6.48 -46.92
N GLU J 283 -35.59 -6.33 -45.76
CA GLU J 283 -35.94 -5.03 -45.20
C GLU J 283 -36.81 -4.20 -46.14
N GLY J 284 -37.62 -4.86 -46.97
CA GLY J 284 -38.56 -4.14 -47.81
C GLY J 284 -38.63 -4.63 -49.25
N TYR J 285 -37.52 -5.10 -49.80
CA TYR J 285 -37.50 -5.68 -51.13
C TYR J 285 -37.79 -7.17 -51.06
N VAL J 286 -38.57 -7.67 -52.02
CA VAL J 286 -38.90 -9.08 -52.13
C VAL J 286 -38.67 -9.53 -53.56
N VAL J 287 -38.46 -10.83 -53.73
CA VAL J 287 -38.36 -11.46 -55.05
C VAL J 287 -39.36 -12.60 -55.09
N LYS J 288 -40.22 -12.59 -56.10
CA LYS J 288 -41.30 -13.56 -56.21
C LYS J 288 -41.14 -14.38 -57.48
N ARG J 289 -41.51 -15.66 -57.40
CA ARG J 289 -41.46 -16.58 -58.52
C ARG J 289 -42.83 -17.18 -58.74
N ILE J 290 -43.29 -17.16 -59.99
CA ILE J 290 -44.62 -17.68 -60.34
C ILE J 290 -44.45 -18.76 -61.40
N THR J 291 -45.04 -19.92 -61.16
CA THR J 291 -45.05 -21.03 -62.09
C THR J 291 -46.48 -21.31 -62.53
N MET J 292 -46.64 -21.63 -63.81
CA MET J 292 -47.97 -21.80 -64.40
C MET J 292 -48.00 -23.08 -65.23
N SER J 293 -49.16 -23.73 -65.24
CA SER J 293 -49.34 -25.02 -65.92
C SER J 293 -50.77 -25.12 -66.43
N PRO J 294 -50.97 -25.75 -67.59
CA PRO J 294 -52.33 -25.89 -68.12
C PRO J 294 -53.16 -26.89 -67.32
N GLY J 295 -54.46 -26.69 -67.36
CA GLY J 295 -55.40 -27.58 -66.70
C GLY J 295 -56.01 -26.94 -65.46
N LEU J 296 -56.71 -27.78 -64.69
CA LEU J 296 -57.34 -27.36 -63.44
C LEU J 296 -57.17 -28.47 -62.43
N TYR J 297 -56.45 -28.21 -61.34
CA TYR J 297 -56.18 -29.20 -60.32
C TYR J 297 -56.34 -28.60 -58.93
N GLY J 298 -56.74 -29.45 -57.99
CA GLY J 298 -56.83 -29.05 -56.60
C GLY J 298 -57.96 -28.06 -56.32
N LYS J 299 -57.79 -27.33 -55.22
CA LYS J 299 -58.75 -26.33 -54.78
C LYS J 299 -58.00 -25.16 -54.15
N THR J 300 -58.68 -24.02 -54.09
CA THR J 300 -58.08 -22.78 -53.62
C THR J 300 -58.70 -22.35 -52.30
N THR J 301 -57.88 -21.73 -51.45
CA THR J 301 -58.32 -21.24 -50.16
C THR J 301 -58.39 -19.72 -50.05
N GLY J 302 -57.73 -18.99 -50.97
CA GLY J 302 -57.80 -17.55 -50.98
C GLY J 302 -57.18 -16.86 -49.77
N TYR J 303 -55.97 -17.29 -49.38
CA TYR J 303 -55.26 -16.70 -48.26
C TYR J 303 -53.84 -16.34 -48.67
N ALA J 304 -53.32 -15.26 -48.09
CA ALA J 304 -51.97 -14.80 -48.33
C ALA J 304 -51.23 -14.69 -47.01
N VAL J 305 -49.97 -15.10 -47.00
CA VAL J 305 -49.17 -15.19 -45.79
C VAL J 305 -47.88 -14.38 -45.98
N THR J 306 -47.55 -13.56 -44.99
CA THR J 306 -46.32 -12.79 -44.97
C THR J 306 -45.54 -13.12 -43.71
N HIS J 307 -44.25 -13.38 -43.86
CA HIS J 307 -43.37 -13.72 -42.74
C HIS J 307 -42.50 -12.53 -42.39
N HIS J 308 -42.50 -12.16 -41.11
CA HIS J 308 -41.78 -10.98 -40.64
C HIS J 308 -40.48 -11.40 -39.97
N ALA J 309 -39.35 -11.01 -40.56
CA ALA J 309 -38.05 -11.18 -39.93
C ALA J 309 -37.62 -9.97 -39.12
N ASP J 310 -38.32 -8.85 -39.26
CA ASP J 310 -38.08 -7.64 -38.50
C ASP J 310 -39.36 -7.20 -37.81
N GLY J 311 -39.31 -6.05 -37.14
CA GLY J 311 -40.47 -5.52 -36.46
C GLY J 311 -41.29 -4.63 -37.38
N PHE J 312 -42.61 -4.81 -37.32
CA PHE J 312 -43.55 -4.02 -38.10
C PHE J 312 -44.47 -3.29 -37.14
N LEU J 313 -44.58 -1.97 -37.30
CA LEU J 313 -45.35 -1.12 -36.41
C LEU J 313 -46.37 -0.31 -37.20
N MET J 314 -47.52 -0.07 -36.58
CA MET J 314 -48.56 0.78 -37.15
C MET J 314 -49.36 1.38 -36.01
N CYS J 315 -49.36 2.71 -35.91
CA CYS J 315 -49.97 3.38 -34.78
C CYS J 315 -50.78 4.57 -35.28
N LYS J 316 -51.36 5.29 -34.32
CA LYS J 316 -52.19 6.47 -34.60
C LYS J 316 -51.49 7.70 -34.03
N THR J 317 -51.38 8.74 -34.85
CA THR J 317 -50.68 9.96 -34.47
C THR J 317 -51.55 11.18 -34.73
N THR J 318 -51.25 12.26 -34.02
CA THR J 318 -51.96 13.52 -34.16
C THR J 318 -51.02 14.57 -34.74
N ASP J 319 -51.45 15.23 -35.81
CA ASP J 319 -50.63 16.20 -36.50
C ASP J 319 -51.52 17.34 -36.97
N THR J 320 -50.90 18.47 -37.29
CA THR J 320 -51.60 19.67 -37.75
C THR J 320 -51.42 19.78 -39.25
N VAL J 321 -52.51 19.65 -40.00
CA VAL J 321 -52.50 19.72 -41.45
C VAL J 321 -53.14 21.03 -41.87
N ASP J 322 -52.33 21.91 -42.47
CA ASP J 322 -52.78 23.22 -42.95
C ASP J 322 -53.47 24.01 -41.85
N GLY J 323 -52.88 24.01 -40.65
CA GLY J 323 -53.41 24.76 -39.53
C GLY J 323 -54.53 24.08 -38.77
N GLU J 324 -54.98 22.92 -39.21
CA GLU J 324 -56.08 22.21 -38.56
C GLU J 324 -55.56 20.91 -37.96
N ARG J 325 -55.98 20.62 -36.73
CA ARG J 325 -55.51 19.43 -36.02
C ARG J 325 -56.38 18.24 -36.38
N VAL J 326 -55.74 17.17 -36.89
CA VAL J 326 -56.42 15.95 -37.30
C VAL J 326 -55.59 14.76 -36.82
N SER J 327 -56.09 13.56 -37.10
CA SER J 327 -55.43 12.33 -36.71
C SER J 327 -55.50 11.30 -37.83
N PHE J 328 -54.41 10.58 -38.05
CA PHE J 328 -54.35 9.51 -39.03
C PHE J 328 -53.35 8.47 -38.53
N SER J 329 -52.96 7.54 -39.41
CA SER J 329 -52.12 6.42 -39.04
C SER J 329 -50.89 6.35 -39.93
N VAL J 330 -49.79 5.84 -39.37
CA VAL J 330 -48.53 5.68 -40.07
C VAL J 330 -47.99 4.29 -39.79
N CYS J 331 -46.93 3.91 -40.51
CA CYS J 331 -46.31 2.62 -40.35
C CYS J 331 -44.83 2.72 -40.69
N THR J 332 -44.04 1.77 -40.19
CA THR J 332 -42.61 1.75 -40.39
C THR J 332 -42.06 0.38 -40.02
N TYR J 333 -40.75 0.23 -40.16
CA TYR J 333 -40.03 -0.99 -39.81
C TYR J 333 -39.04 -0.73 -38.68
N VAL J 334 -38.82 -1.74 -37.85
CA VAL J 334 -37.91 -1.63 -36.71
C VAL J 334 -36.89 -2.76 -36.78
N PRO J 335 -35.62 -2.51 -36.47
CA PRO J 335 -34.63 -3.59 -36.44
C PRO J 335 -34.95 -4.63 -35.38
N ALA J 336 -34.49 -5.86 -35.63
CA ALA J 336 -34.80 -6.97 -34.74
C ALA J 336 -34.09 -6.83 -33.39
N THR J 337 -32.86 -6.33 -33.39
CA THR J 337 -32.10 -6.24 -32.15
C THR J 337 -32.74 -5.26 -31.17
N ILE J 338 -33.28 -4.16 -31.68
CA ILE J 338 -33.93 -3.18 -30.81
C ILE J 338 -35.16 -3.79 -30.15
N CYS J 339 -35.98 -4.52 -30.93
CA CYS J 339 -37.20 -5.11 -30.38
C CYS J 339 -36.89 -6.15 -29.33
N ASP J 340 -35.80 -6.89 -29.50
CA ASP J 340 -35.47 -7.98 -28.56
C ASP J 340 -35.09 -7.43 -27.19
N GLN J 341 -34.50 -6.24 -27.14
CA GLN J 341 -34.01 -5.66 -25.90
C GLN J 341 -35.02 -4.76 -25.21
N MET J 342 -36.20 -4.57 -25.79
CA MET J 342 -37.25 -3.75 -25.19
C MET J 342 -38.31 -4.57 -24.47
N THR J 343 -38.15 -5.89 -24.43
CA THR J 343 -39.18 -6.74 -23.82
C THR J 343 -39.15 -6.71 -22.30
N GLY J 344 -38.10 -6.19 -21.68
CA GLY J 344 -38.01 -6.17 -20.24
C GLY J 344 -38.73 -4.99 -19.60
N ILE J 345 -38.94 -3.92 -20.37
CA ILE J 345 -39.58 -2.72 -19.85
C ILE J 345 -41.06 -2.64 -20.20
N LEU J 346 -41.53 -3.46 -21.15
CA LEU J 346 -42.93 -3.41 -21.58
C LEU J 346 -43.84 -4.22 -20.67
N ALA J 347 -43.31 -4.87 -19.64
CA ALA J 347 -44.15 -5.63 -18.71
C ALA J 347 -45.03 -4.72 -17.87
N THR J 348 -44.68 -3.45 -17.73
CA THR J 348 -45.44 -2.48 -16.95
C THR J 348 -45.90 -1.34 -17.86
N GLU J 349 -46.50 -0.32 -17.25
CA GLU J 349 -46.95 0.86 -17.98
C GLU J 349 -45.88 1.95 -17.89
N VAL J 350 -45.48 2.48 -19.03
CA VAL J 350 -44.44 3.49 -19.11
C VAL J 350 -44.95 4.68 -19.90
N THR J 351 -44.44 5.86 -19.54
CA THR J 351 -44.77 7.08 -20.26
C THR J 351 -43.91 7.21 -21.52
N PRO J 352 -44.38 7.98 -22.51
CA PRO J 352 -43.57 8.14 -23.72
C PRO J 352 -42.19 8.72 -23.48
N GLU J 353 -42.03 9.58 -22.47
CA GLU J 353 -40.72 10.16 -22.20
C GLU J 353 -39.71 9.11 -21.77
N ASP J 354 -40.12 8.19 -20.89
CA ASP J 354 -39.22 7.14 -20.43
C ASP J 354 -38.83 6.21 -21.56
N ALA J 355 -39.78 5.86 -22.43
CA ALA J 355 -39.47 4.98 -23.55
C ALA J 355 -38.49 5.63 -24.52
N GLN J 356 -38.63 6.95 -24.74
CA GLN J 356 -37.72 7.66 -25.64
C GLN J 356 -36.30 7.64 -25.10
N LYS J 357 -36.13 7.83 -23.78
CA LYS J 357 -34.79 7.87 -23.21
C LYS J 357 -34.08 6.53 -23.36
N LEU J 358 -34.80 5.43 -23.13
CA LEU J 358 -34.19 4.11 -23.27
C LEU J 358 -33.81 3.82 -24.72
N LEU J 359 -34.66 4.24 -25.67
CA LEU J 359 -34.36 4.02 -27.07
C LEU J 359 -33.10 4.76 -27.50
N VAL J 360 -32.93 5.99 -27.03
CA VAL J 360 -31.75 6.77 -27.39
C VAL J 360 -30.49 6.13 -26.84
N GLY J 361 -30.52 5.74 -25.57
CA GLY J 361 -29.36 5.10 -24.96
C GLY J 361 -29.01 3.78 -25.60
N LEU J 362 -30.02 3.05 -26.10
CA LEU J 362 -29.82 1.76 -26.73
C LEU J 362 -29.47 1.85 -28.21
N ASN J 363 -29.42 3.06 -28.77
CA ASN J 363 -29.23 3.21 -30.20
C ASN J 363 -27.76 3.38 -30.58
N GLN J 364 -27.01 4.17 -29.80
CA GLN J 364 -25.60 4.42 -30.13
C GLN J 364 -24.74 3.17 -30.03
N ARG J 365 -25.24 2.10 -29.41
CA ARG J 365 -24.49 0.85 -29.36
C ARG J 365 -24.27 0.31 -30.77
N ILE J 366 -23.02 0.33 -31.23
CA ILE J 366 -22.68 -0.01 -32.60
C ILE J 366 -21.49 -0.96 -32.59
N VAL J 367 -21.26 -1.61 -33.72
CA VAL J 367 -20.22 -2.63 -33.82
C VAL J 367 -18.84 -2.02 -33.66
N VAL J 368 -18.63 -0.81 -34.19
CA VAL J 368 -17.31 -0.19 -34.17
C VAL J 368 -17.12 0.63 -32.90
N ASN J 369 -18.06 0.50 -31.97
CA ASN J 369 -17.97 1.09 -30.63
C ASN J 369 -17.88 2.61 -30.77
N GLY J 370 -16.88 3.27 -30.16
CA GLY J 370 -16.84 4.72 -30.17
C GLY J 370 -16.51 5.35 -31.50
N ARG J 371 -15.88 4.59 -32.41
CA ARG J 371 -15.55 5.12 -33.72
C ARG J 371 -16.83 5.47 -34.48
N THR J 372 -16.84 6.65 -35.11
CA THR J 372 -18.01 7.17 -35.79
C THR J 372 -17.94 7.01 -37.30
N GLN J 373 -17.05 6.15 -37.80
CA GLN J 373 -16.95 5.90 -39.23
C GLN J 373 -18.09 5.00 -39.70
N ARG J 374 -18.19 3.81 -39.13
CA ARG J 374 -19.28 2.88 -39.42
C ARG J 374 -20.44 3.02 -38.45
N ASN J 375 -20.37 3.97 -37.52
CA ASN J 375 -21.43 4.18 -36.53
C ASN J 375 -22.51 5.05 -37.16
N THR J 376 -23.33 4.42 -38.00
CA THR J 376 -24.50 5.07 -38.57
C THR J 376 -25.76 4.82 -37.75
N ASN J 377 -25.59 4.34 -36.51
CA ASN J 377 -26.68 3.99 -35.61
C ASN J 377 -27.49 2.81 -36.14
N THR J 378 -28.20 2.12 -35.24
CA THR J 378 -29.05 1.01 -35.66
C THR J 378 -30.24 1.47 -36.49
N MET J 379 -30.86 2.59 -36.12
CA MET J 379 -32.01 3.10 -36.85
C MET J 379 -31.88 4.62 -36.96
N LYS J 380 -32.56 5.18 -37.96
CA LYS J 380 -32.51 6.62 -38.19
C LYS J 380 -33.17 7.37 -37.03
N ASN J 381 -32.61 8.53 -36.70
CA ASN J 381 -33.05 9.25 -35.50
C ASN J 381 -34.37 9.98 -35.72
N TYR J 382 -34.77 10.20 -36.97
CA TYR J 382 -35.98 11.00 -37.22
C TYR J 382 -37.26 10.19 -37.04
N MET J 383 -37.16 8.88 -36.80
CA MET J 383 -38.32 8.05 -36.55
C MET J 383 -38.44 7.60 -35.10
N ILE J 384 -37.49 7.98 -34.25
CA ILE J 384 -37.56 7.57 -32.84
C ILE J 384 -38.77 8.15 -32.11
N PRO J 385 -39.10 9.46 -32.21
CA PRO J 385 -40.23 10.00 -31.44
C PRO J 385 -41.54 9.28 -31.68
N VAL J 386 -41.83 8.93 -32.94
CA VAL J 386 -43.11 8.27 -33.25
C VAL J 386 -43.12 6.83 -32.75
N VAL J 387 -41.95 6.17 -32.80
CA VAL J 387 -41.87 4.78 -32.36
C VAL J 387 -42.07 4.68 -30.85
N ALA J 388 -41.55 5.67 -30.11
CA ALA J 388 -41.65 5.65 -28.66
C ALA J 388 -43.12 5.71 -28.21
N GLN J 389 -43.93 6.49 -28.92
CA GLN J 389 -45.35 6.58 -28.58
C GLN J 389 -46.06 5.26 -28.81
N ALA J 390 -45.68 4.53 -29.86
CA ALA J 390 -46.35 3.27 -30.19
C ALA J 390 -46.18 2.23 -29.09
N PHE J 391 -44.97 2.12 -28.54
CA PHE J 391 -44.73 1.15 -27.47
C PHE J 391 -45.52 1.48 -26.22
N SER J 392 -45.64 2.78 -25.90
CA SER J 392 -46.38 3.18 -24.71
C SER J 392 -47.85 2.80 -24.81
N LYS J 393 -48.45 2.98 -25.99
CA LYS J 393 -49.85 2.63 -26.17
C LYS J 393 -50.05 1.11 -26.13
N TRP J 394 -49.09 0.36 -26.67
CA TRP J 394 -49.20 -1.10 -26.69
C TRP J 394 -49.21 -1.67 -25.27
N ALA J 395 -48.33 -1.15 -24.40
CA ALA J 395 -48.27 -1.66 -23.04
C ALA J 395 -49.55 -1.39 -22.28
N LYS J 396 -50.17 -0.23 -22.49
CA LYS J 396 -51.40 0.10 -21.79
C LYS J 396 -52.52 -0.85 -22.17
N GLU J 397 -52.64 -1.19 -23.45
CA GLU J 397 -53.70 -2.09 -23.90
C GLU J 397 -53.47 -3.52 -23.44
N CYS J 398 -52.22 -3.95 -23.30
CA CYS J 398 -51.92 -5.31 -22.85
C CYS J 398 -52.19 -5.51 -21.37
N ARG J 399 -52.36 -4.43 -20.60
CA ARG J 399 -52.68 -4.54 -19.19
C ARG J 399 -54.18 -4.73 -18.94
N LYS J 400 -55.02 -3.93 -19.61
CA LYS J 400 -56.45 -3.97 -19.35
C LYS J 400 -57.04 -5.35 -19.61
N ASP J 401 -56.41 -6.13 -20.48
CA ASP J 401 -56.88 -7.48 -20.75
C ASP J 401 -56.75 -8.38 -19.53
N MET J 402 -55.76 -8.08 -18.67
CA MET J 402 -55.48 -8.95 -17.53
C MET J 402 -56.49 -8.79 -16.40
N GLU J 403 -57.04 -7.59 -16.19
CA GLU J 403 -58.03 -7.40 -15.14
C GLU J 403 -59.46 -7.65 -15.61
N ASP J 404 -59.65 -8.10 -16.85
CA ASP J 404 -60.97 -8.36 -17.40
C ASP J 404 -61.05 -9.79 -17.94
N GLU J 405 -60.54 -10.74 -17.15
CA GLU J 405 -60.66 -12.14 -17.53
C GLU J 405 -62.12 -12.58 -17.52
N LYS J 406 -62.46 -13.47 -18.45
CA LYS J 406 -63.84 -13.90 -18.66
C LYS J 406 -63.93 -15.42 -18.62
N LEU J 407 -65.12 -15.93 -18.86
CA LEU J 407 -65.35 -17.36 -18.83
C LEU J 407 -64.73 -18.03 -20.06
N LEU J 408 -64.38 -19.30 -19.91
CA LEU J 408 -63.72 -20.05 -20.97
C LEU J 408 -64.78 -20.77 -21.80
N GLY J 409 -65.07 -20.24 -22.99
CA GLY J 409 -65.94 -20.91 -23.92
C GLY J 409 -67.13 -20.11 -24.41
N VAL J 410 -67.70 -19.27 -23.54
CA VAL J 410 -68.94 -18.57 -23.84
C VAL J 410 -68.66 -17.09 -24.03
N ARG J 411 -69.51 -16.46 -24.85
CA ARG J 411 -69.49 -15.01 -25.04
C ARG J 411 -70.48 -14.34 -24.09
N GLU J 412 -70.50 -13.01 -24.12
CA GLU J 412 -71.37 -12.24 -23.24
C GLU J 412 -71.97 -11.09 -24.01
N ARG J 413 -73.31 -11.02 -24.03
CA ARG J 413 -74.05 -9.89 -24.56
C ARG J 413 -74.88 -9.27 -23.44
N THR J 414 -74.70 -7.97 -23.24
CA THR J 414 -75.41 -7.27 -22.17
C THR J 414 -76.59 -6.46 -22.72
N LEU J 420 -78.81 -8.57 -23.45
CA LEU J 420 -79.73 -8.97 -24.51
C LEU J 420 -79.08 -8.82 -25.88
N TRP J 421 -78.64 -7.60 -26.20
CA TRP J 421 -78.01 -7.31 -27.48
C TRP J 421 -76.84 -6.37 -27.22
N ALA J 422 -76.28 -5.82 -28.31
CA ALA J 422 -75.32 -4.73 -28.28
C ALA J 422 -74.08 -5.10 -27.47
N PHE J 423 -73.34 -6.08 -27.99
CA PHE J 423 -72.04 -6.39 -27.44
C PHE J 423 -71.06 -5.26 -27.74
N LYS J 424 -70.19 -4.98 -26.77
CA LYS J 424 -69.33 -3.80 -26.82
C LYS J 424 -68.01 -4.12 -27.51
N LYS J 425 -67.52 -3.16 -28.29
CA LYS J 425 -66.22 -3.25 -28.93
C LYS J 425 -65.21 -2.37 -28.19
N GLN J 426 -63.95 -2.75 -28.26
CA GLN J 426 -62.88 -2.08 -27.53
C GLN J 426 -62.04 -1.22 -28.46
N LYS J 427 -61.23 -0.36 -27.85
CA LYS J 427 -60.36 0.54 -28.60
C LYS J 427 -59.09 -0.17 -29.02
N THR J 428 -58.60 0.16 -30.23
CA THR J 428 -57.34 -0.34 -30.73
C THR J 428 -56.60 0.80 -31.41
N HIS J 429 -55.41 1.13 -30.90
CA HIS J 429 -54.66 2.26 -31.40
C HIS J 429 -53.28 1.90 -31.93
N THR J 430 -52.88 0.63 -31.86
CA THR J 430 -51.57 0.23 -32.35
C THR J 430 -51.59 -1.25 -32.72
N VAL J 431 -50.81 -1.59 -33.75
CA VAL J 431 -50.61 -2.97 -34.17
C VAL J 431 -49.10 -3.22 -34.23
N TYR J 432 -48.65 -4.26 -33.54
CA TYR J 432 -47.23 -4.54 -33.40
C TYR J 432 -47.00 -6.02 -33.73
N LYS J 433 -46.25 -6.27 -34.81
CA LYS J 433 -45.92 -7.63 -35.24
C LYS J 433 -44.46 -7.90 -34.88
N ARG J 434 -44.24 -8.75 -33.89
CA ARG J 434 -42.91 -9.09 -33.43
C ARG J 434 -42.19 -9.99 -34.43
N PRO J 435 -40.86 -10.05 -34.37
CA PRO J 435 -40.12 -10.93 -35.27
C PRO J 435 -40.50 -12.39 -35.09
N ASP J 436 -40.34 -13.17 -36.17
CA ASP J 436 -40.68 -14.58 -36.21
C ASP J 436 -42.18 -14.83 -36.07
N THR J 437 -42.99 -13.90 -36.56
CA THR J 437 -44.44 -14.04 -36.60
C THR J 437 -44.91 -13.92 -38.04
N GLN J 438 -46.18 -14.25 -38.26
CA GLN J 438 -46.77 -14.25 -39.60
C GLN J 438 -48.05 -13.44 -39.60
N SER J 439 -48.40 -12.92 -40.78
CA SER J 439 -49.61 -12.15 -41.00
C SER J 439 -50.38 -12.75 -42.16
N ILE J 440 -51.71 -12.82 -42.02
CA ILE J 440 -52.56 -13.46 -43.01
C ILE J 440 -53.73 -12.55 -43.33
N GLN J 441 -54.06 -12.45 -44.62
CA GLN J 441 -55.19 -11.67 -45.10
C GLN J 441 -56.02 -12.50 -46.07
N LYS J 442 -57.25 -12.06 -46.30
CA LYS J 442 -58.18 -12.73 -47.21
C LYS J 442 -58.26 -11.96 -48.52
N VAL J 443 -58.04 -12.67 -49.63
CA VAL J 443 -58.02 -12.08 -50.97
C VAL J 443 -58.81 -12.99 -51.91
N GLN J 444 -58.83 -12.62 -53.18
CA GLN J 444 -59.53 -13.35 -54.22
C GLN J 444 -58.56 -14.25 -54.98
N ALA J 445 -59.00 -15.48 -55.27
CA ALA J 445 -58.14 -16.46 -55.93
C ALA J 445 -58.80 -17.10 -57.15
N GLU J 446 -59.82 -16.46 -57.73
CA GLU J 446 -60.48 -16.97 -58.93
C GLU J 446 -60.78 -15.80 -59.85
N PHE J 447 -60.28 -15.85 -61.07
CA PHE J 447 -60.47 -14.78 -62.05
C PHE J 447 -61.01 -15.39 -63.34
N ASP J 448 -62.14 -14.86 -63.82
CA ASP J 448 -62.73 -15.32 -65.07
C ASP J 448 -63.28 -14.16 -65.90
N SER J 449 -62.66 -12.98 -65.79
CA SER J 449 -63.10 -11.79 -66.50
C SER J 449 -61.90 -11.18 -67.21
N PHE J 450 -61.79 -11.41 -68.51
CA PHE J 450 -60.68 -10.92 -69.31
C PHE J 450 -61.21 -10.16 -70.51
N VAL J 451 -60.68 -8.96 -70.74
CA VAL J 451 -61.10 -8.10 -71.83
C VAL J 451 -59.85 -7.50 -72.49
N VAL J 452 -59.87 -7.41 -73.81
CA VAL J 452 -58.76 -6.86 -74.59
C VAL J 452 -59.29 -5.69 -75.40
N PRO J 453 -58.64 -4.52 -75.36
CA PRO J 453 -59.07 -3.41 -76.23
C PRO J 453 -58.99 -3.75 -77.72
N SER J 454 -58.00 -4.54 -78.13
CA SER J 454 -57.78 -4.95 -79.51
C SER J 454 -57.51 -3.78 -80.44
N LEU J 455 -57.13 -2.61 -79.91
CA LEU J 455 -56.80 -1.44 -80.70
C LEU J 455 -55.44 -0.92 -80.29
N TRP J 456 -54.59 -0.64 -81.27
CA TRP J 456 -53.22 -0.18 -81.03
C TRP J 456 -52.99 1.14 -81.75
N SER J 457 -52.40 2.10 -81.04
CA SER J 457 -52.06 3.39 -81.60
C SER J 457 -50.56 3.64 -81.43
N SER J 458 -49.92 4.11 -82.49
CA SER J 458 -48.49 4.35 -82.45
C SER J 458 -48.17 5.56 -81.57
N GLY J 459 -46.95 5.57 -81.04
CA GLY J 459 -46.50 6.65 -80.19
C GLY J 459 -45.24 7.32 -80.68
N LEU J 460 -44.68 6.81 -81.77
CA LEU J 460 -43.45 7.36 -82.32
C LEU J 460 -43.78 8.56 -83.21
N SER J 461 -42.86 9.52 -83.24
CA SER J 461 -43.01 10.74 -84.03
C SER J 461 -42.00 10.75 -85.17
N ILE J 462 -42.14 11.75 -86.05
CA ILE J 462 -41.27 11.89 -87.21
C ILE J 462 -39.90 12.43 -86.80
N PRO J 463 -39.81 13.56 -86.07
CA PRO J 463 -38.46 14.06 -85.70
C PRO J 463 -37.67 13.08 -84.87
N LEU J 464 -38.31 12.32 -83.98
CA LEU J 464 -37.60 11.31 -83.21
C LEU J 464 -37.06 10.21 -84.10
N ARG J 465 -37.85 9.77 -85.08
CA ARG J 465 -37.40 8.73 -85.99
C ARG J 465 -36.21 9.20 -86.82
N THR J 466 -36.23 10.45 -87.27
CA THR J 466 -35.12 10.98 -88.06
C THR J 466 -33.83 11.02 -87.25
N ARG J 467 -33.92 11.41 -85.98
CA ARG J 467 -32.72 11.51 -85.16
C ARG J 467 -32.06 10.14 -84.96
N ILE J 468 -32.87 9.10 -84.74
CA ILE J 468 -32.32 7.77 -84.54
C ILE J 468 -31.65 7.27 -85.81
N LYS J 469 -32.26 7.52 -86.97
CA LYS J 469 -31.66 7.12 -88.24
C LYS J 469 -30.32 7.81 -88.46
N TRP J 470 -30.24 9.10 -88.14
CA TRP J 470 -28.98 9.83 -88.29
C TRP J 470 -27.92 9.28 -87.35
N LEU J 471 -28.30 8.95 -86.11
CA LEU J 471 -27.34 8.42 -85.15
C LEU J 471 -26.78 7.09 -85.61
N LEU J 472 -27.64 6.22 -86.15
CA LEU J 472 -27.20 4.90 -86.61
C LEU J 472 -26.39 4.95 -87.89
N SER J 473 -26.34 6.10 -88.57
CA SER J 473 -25.59 6.23 -89.81
C SER J 473 -24.09 6.15 -89.55
N PRO K 3 -19.49 -38.43 -43.69
CA PRO K 3 -20.04 -37.14 -43.27
C PRO K 3 -21.27 -36.72 -44.07
N VAL K 4 -22.18 -35.99 -43.43
CA VAL K 4 -23.41 -35.51 -44.06
C VAL K 4 -23.41 -33.99 -43.99
N TYR K 5 -23.73 -33.36 -45.12
CA TYR K 5 -23.75 -31.90 -45.23
C TYR K 5 -25.19 -31.40 -45.17
N VAL K 6 -25.43 -30.38 -44.37
CA VAL K 6 -26.75 -29.80 -44.21
C VAL K 6 -26.69 -28.31 -44.55
N ASP K 7 -27.83 -27.78 -44.99
CA ASP K 7 -27.92 -26.37 -45.38
C ASP K 7 -28.27 -25.55 -44.14
N ILE K 8 -27.26 -25.37 -43.28
CA ILE K 8 -27.43 -24.68 -42.01
C ILE K 8 -26.24 -23.74 -41.82
N ASP K 9 -26.52 -22.55 -41.27
CA ASP K 9 -25.46 -21.59 -40.99
C ASP K 9 -24.47 -22.19 -40.00
N ALA K 10 -23.18 -21.88 -40.19
CA ALA K 10 -22.12 -22.51 -39.42
C ALA K 10 -22.09 -22.08 -37.95
N ASP K 11 -22.85 -21.05 -37.57
CA ASP K 11 -22.83 -20.53 -36.21
C ASP K 11 -24.24 -20.45 -35.64
N SER K 12 -25.02 -21.51 -35.84
CA SER K 12 -26.38 -21.58 -35.31
C SER K 12 -26.43 -22.50 -34.10
N ALA K 13 -27.43 -22.28 -33.26
CA ALA K 13 -27.63 -23.08 -32.06
C ALA K 13 -28.30 -24.41 -32.32
N PHE K 14 -28.88 -24.60 -33.52
CA PHE K 14 -29.54 -25.86 -33.85
C PHE K 14 -28.56 -26.97 -34.19
N LEU K 15 -27.28 -26.64 -34.44
CA LEU K 15 -26.32 -27.67 -34.79
C LEU K 15 -26.08 -28.64 -33.65
N LYS K 16 -26.02 -28.14 -32.41
CA LYS K 16 -25.81 -29.02 -31.27
C LYS K 16 -26.99 -29.97 -31.07
N ALA K 17 -28.21 -29.48 -31.28
CA ALA K 17 -29.39 -30.34 -31.12
C ALA K 17 -29.40 -31.46 -32.17
N LEU K 18 -29.03 -31.14 -33.41
CA LEU K 18 -29.01 -32.15 -34.46
C LEU K 18 -27.98 -33.23 -34.16
N GLN K 19 -26.80 -32.84 -33.69
CA GLN K 19 -25.75 -33.81 -33.40
C GLN K 19 -26.16 -34.75 -32.26
N ARG K 20 -26.84 -34.21 -31.25
CA ARG K 20 -27.26 -35.04 -30.12
C ARG K 20 -28.32 -36.06 -30.55
N ALA K 21 -29.23 -35.67 -31.45
CA ALA K 21 -30.28 -36.58 -31.88
C ALA K 21 -29.77 -37.65 -32.84
N TYR K 22 -28.64 -37.42 -33.50
CA TYR K 22 -28.06 -38.36 -34.46
C TYR K 22 -26.61 -38.61 -34.08
N PRO K 23 -26.36 -39.49 -33.11
CA PRO K 23 -24.98 -39.75 -32.66
C PRO K 23 -24.22 -40.72 -33.54
N MET K 24 -24.81 -41.25 -34.61
CA MET K 24 -24.15 -42.19 -35.49
C MET K 24 -23.63 -41.55 -36.78
N PHE K 25 -23.80 -40.25 -36.94
CA PHE K 25 -23.37 -39.53 -38.14
C PHE K 25 -22.39 -38.43 -37.76
N GLU K 26 -21.89 -37.73 -38.78
CA GLU K 26 -21.03 -36.57 -38.61
C GLU K 26 -21.63 -35.42 -39.42
N VAL K 27 -22.22 -34.46 -38.73
CA VAL K 27 -22.98 -33.38 -39.36
C VAL K 27 -22.06 -32.18 -39.53
N GLU K 28 -22.03 -31.63 -40.75
CA GLU K 28 -21.25 -30.44 -41.05
C GLU K 28 -22.13 -29.42 -41.78
N PRO K 29 -21.93 -28.13 -41.54
CA PRO K 29 -22.78 -27.11 -42.16
C PRO K 29 -22.24 -26.62 -43.50
N ARG K 30 -23.17 -26.35 -44.42
CA ARG K 30 -22.82 -25.84 -45.74
C ARG K 30 -24.04 -25.10 -46.28
N GLN K 31 -24.01 -23.77 -46.22
CA GLN K 31 -25.14 -22.94 -46.61
C GLN K 31 -24.97 -22.48 -48.06
N VAL K 32 -26.03 -22.68 -48.86
CA VAL K 32 -25.99 -22.30 -50.27
C VAL K 32 -27.21 -21.46 -50.63
N THR K 33 -28.20 -21.40 -49.74
CA THR K 33 -29.41 -20.65 -50.00
C THR K 33 -29.96 -20.11 -48.69
N PRO K 34 -30.57 -18.91 -48.70
CA PRO K 34 -31.17 -18.35 -47.48
C PRO K 34 -32.64 -18.74 -47.31
N ASN K 35 -32.89 -20.04 -47.19
CA ASN K 35 -34.25 -20.52 -47.02
C ASN K 35 -34.81 -20.11 -45.66
N ASP K 36 -36.12 -19.89 -45.61
CA ASP K 36 -36.80 -19.52 -44.38
C ASP K 36 -37.18 -20.73 -43.53
N ALA K 37 -37.04 -21.94 -44.05
CA ALA K 37 -37.35 -23.15 -43.31
C ALA K 37 -36.17 -24.11 -43.34
N ALA K 38 -34.97 -23.60 -43.09
CA ALA K 38 -33.77 -24.43 -43.16
C ALA K 38 -33.78 -25.53 -42.10
N ASN K 39 -34.24 -25.20 -40.89
CA ASN K 39 -34.24 -26.19 -39.81
C ASN K 39 -35.19 -27.35 -40.11
N ALA K 40 -36.33 -27.07 -40.72
CA ALA K 40 -37.31 -28.11 -41.01
C ALA K 40 -36.86 -29.08 -42.10
N ARG K 41 -35.94 -28.66 -42.98
CA ARG K 41 -35.46 -29.53 -44.04
C ARG K 41 -34.23 -30.33 -43.64
N ALA K 42 -33.43 -29.82 -42.70
CA ALA K 42 -32.26 -30.56 -42.24
C ALA K 42 -32.67 -31.85 -41.53
N PHE K 43 -33.72 -31.80 -40.71
CA PHE K 43 -34.18 -32.98 -40.01
C PHE K 43 -34.67 -34.05 -40.98
N SER K 44 -35.43 -33.64 -42.01
CA SER K 44 -35.96 -34.60 -42.97
C SER K 44 -34.84 -35.27 -43.76
N HIS K 45 -33.79 -34.52 -44.10
CA HIS K 45 -32.68 -35.10 -44.83
C HIS K 45 -31.99 -36.19 -44.03
N LEU K 46 -31.78 -35.94 -42.73
CA LEU K 46 -31.09 -36.93 -41.91
C LEU K 46 -31.97 -38.13 -41.61
N ALA K 47 -33.29 -37.92 -41.48
CA ALA K 47 -34.19 -39.02 -41.17
C ALA K 47 -34.24 -40.04 -42.29
N ILE K 48 -34.25 -39.59 -43.53
CA ILE K 48 -34.29 -40.50 -44.67
C ILE K 48 -33.01 -41.33 -44.73
N LYS K 49 -31.87 -40.69 -44.49
CA LYS K 49 -30.59 -41.40 -44.56
C LYS K 49 -30.50 -42.51 -43.52
N LEU K 50 -31.00 -42.25 -42.31
CA LEU K 50 -31.00 -43.27 -41.27
C LEU K 50 -31.88 -44.45 -41.65
N ILE K 51 -33.04 -44.18 -42.25
CA ILE K 51 -33.97 -45.24 -42.61
C ILE K 51 -33.35 -46.17 -43.64
N GLU K 52 -32.67 -45.60 -44.65
CA GLU K 52 -32.07 -46.43 -45.69
C GLU K 52 -30.96 -47.31 -45.14
N GLN K 53 -30.23 -46.81 -44.14
CA GLN K 53 -29.08 -47.55 -43.62
C GLN K 53 -29.46 -48.84 -42.92
N GLU K 54 -30.66 -48.92 -42.35
CA GLU K 54 -31.03 -50.10 -41.56
C GLU K 54 -31.75 -51.17 -42.39
N ILE K 55 -32.46 -50.77 -43.44
CA ILE K 55 -33.07 -51.75 -44.33
C ILE K 55 -32.01 -52.38 -45.22
N ASP K 56 -32.17 -53.67 -45.48
CA ASP K 56 -31.24 -54.40 -46.33
C ASP K 56 -31.49 -54.05 -47.80
N PRO K 57 -30.49 -54.26 -48.66
CA PRO K 57 -30.69 -53.99 -50.10
C PRO K 57 -31.66 -54.96 -50.75
N ASP K 58 -31.80 -54.84 -52.07
CA ASP K 58 -32.64 -55.70 -52.92
C ASP K 58 -34.04 -55.90 -52.37
N SER K 59 -34.55 -54.89 -51.66
CA SER K 59 -35.92 -54.90 -51.14
C SER K 59 -36.71 -53.80 -51.81
N THR K 60 -37.89 -54.15 -52.32
CA THR K 60 -38.74 -53.18 -53.00
C THR K 60 -39.37 -52.23 -51.98
N ILE K 61 -39.30 -50.93 -52.25
CA ILE K 61 -39.79 -49.91 -51.34
C ILE K 61 -40.90 -49.13 -52.02
N LEU K 62 -42.06 -49.08 -51.38
CA LEU K 62 -43.13 -48.20 -51.83
C LEU K 62 -42.90 -46.78 -51.35
N ASP K 63 -43.66 -45.85 -51.91
CA ASP K 63 -43.52 -44.44 -51.54
C ASP K 63 -44.85 -43.75 -51.81
N ILE K 64 -45.57 -43.41 -50.74
CA ILE K 64 -46.90 -42.83 -50.86
C ILE K 64 -46.79 -41.32 -50.96
N GLY K 65 -47.34 -40.75 -52.03
CA GLY K 65 -47.35 -39.30 -52.20
C GLY K 65 -45.98 -38.67 -52.24
N SER K 66 -45.07 -39.24 -53.03
CA SER K 66 -43.69 -38.78 -53.05
C SER K 66 -43.44 -37.84 -54.23
N ALA K 67 -42.24 -37.25 -54.23
CA ALA K 67 -41.74 -36.47 -55.34
C ALA K 67 -40.66 -37.29 -56.06
N PRO K 68 -40.91 -37.74 -57.29
CA PRO K 68 -39.95 -38.63 -57.95
C PRO K 68 -38.56 -38.04 -58.11
N ALA K 69 -38.45 -36.71 -58.18
CA ALA K 69 -37.15 -36.08 -58.40
C ALA K 69 -36.18 -36.28 -57.24
N ARG K 70 -36.68 -36.56 -56.03
CA ARG K 70 -35.80 -36.71 -54.89
C ARG K 70 -35.09 -38.06 -54.89
N ARG K 71 -35.74 -39.11 -55.42
CA ARG K 71 -35.20 -40.45 -55.40
C ARG K 71 -34.49 -40.85 -56.69
N MET K 72 -34.22 -39.87 -57.56
CA MET K 72 -33.60 -40.19 -58.85
C MET K 72 -32.20 -40.76 -58.69
N MET K 73 -31.40 -40.18 -57.79
CA MET K 73 -29.99 -40.54 -57.64
C MET K 73 -29.76 -41.47 -56.45
N SER K 74 -30.69 -42.39 -56.19
CA SER K 74 -30.57 -43.33 -55.09
C SER K 74 -30.45 -44.74 -55.66
N ASP K 75 -29.56 -45.54 -55.07
CA ASP K 75 -29.35 -46.92 -55.50
C ASP K 75 -30.28 -47.88 -54.77
N ARG K 76 -31.58 -47.60 -54.83
CA ARG K 76 -32.58 -48.43 -54.19
C ARG K 76 -33.78 -48.56 -55.12
N LYS K 77 -34.57 -49.61 -54.89
CA LYS K 77 -35.76 -49.87 -55.68
C LYS K 77 -36.93 -49.09 -55.09
N TYR K 78 -37.51 -48.21 -55.89
CA TYR K 78 -38.61 -47.36 -55.44
C TYR K 78 -39.80 -47.51 -56.39
N HIS K 79 -41.00 -47.41 -55.82
CA HIS K 79 -42.25 -47.40 -56.58
C HIS K 79 -43.04 -46.19 -56.13
N CYS K 80 -43.00 -45.12 -56.93
CA CYS K 80 -43.61 -43.86 -56.55
C CYS K 80 -45.09 -43.86 -56.90
N VAL K 81 -45.95 -43.75 -55.89
CA VAL K 81 -47.39 -43.62 -56.09
C VAL K 81 -47.69 -42.13 -56.13
N CYS K 82 -47.98 -41.62 -57.33
CA CYS K 82 -48.13 -40.18 -57.55
C CYS K 82 -49.45 -39.89 -58.25
N PRO K 83 -50.55 -39.83 -57.50
CA PRO K 83 -51.81 -39.34 -58.08
C PRO K 83 -51.77 -37.84 -58.29
N MET K 84 -52.68 -37.37 -59.14
CA MET K 84 -52.76 -35.96 -59.51
C MET K 84 -53.97 -35.35 -58.80
N ARG K 85 -53.76 -34.89 -57.57
CA ARG K 85 -54.84 -34.31 -56.77
C ARG K 85 -54.40 -33.06 -56.03
N SER K 86 -53.28 -32.46 -56.41
CA SER K 86 -52.79 -31.26 -55.74
C SER K 86 -52.31 -30.26 -56.79
N ALA K 87 -52.34 -28.98 -56.41
CA ALA K 87 -51.92 -27.92 -57.32
C ALA K 87 -50.42 -27.91 -57.57
N GLU K 88 -49.63 -28.60 -56.75
CA GLU K 88 -48.18 -28.65 -56.91
C GLU K 88 -47.72 -29.88 -57.66
N ASP K 89 -48.64 -30.72 -58.13
CA ASP K 89 -48.29 -31.97 -58.79
C ASP K 89 -47.83 -31.79 -60.24
N PRO K 90 -48.55 -31.02 -61.08
CA PRO K 90 -48.08 -30.88 -62.48
C PRO K 90 -46.70 -30.26 -62.58
N GLU K 91 -46.35 -29.34 -61.69
CA GLU K 91 -45.01 -28.76 -61.71
C GLU K 91 -43.96 -29.81 -61.36
N ARG K 92 -44.26 -30.70 -60.42
CA ARG K 92 -43.30 -31.73 -60.02
C ARG K 92 -43.05 -32.72 -61.15
N LEU K 93 -44.11 -33.10 -61.88
CA LEU K 93 -43.94 -34.06 -62.98
C LEU K 93 -43.08 -33.48 -64.08
N ALA K 94 -43.30 -32.20 -64.44
CA ALA K 94 -42.50 -31.58 -65.48
C ALA K 94 -41.03 -31.48 -65.07
N ASN K 95 -40.78 -31.15 -63.80
CA ASN K 95 -39.40 -31.09 -63.32
C ASN K 95 -38.73 -32.46 -63.37
N TYR K 96 -39.48 -33.51 -63.04
CA TYR K 96 -38.92 -34.86 -63.08
C TYR K 96 -38.52 -35.25 -64.50
N ALA K 97 -39.36 -34.93 -65.47
CA ALA K 97 -39.04 -35.26 -66.87
C ALA K 97 -37.82 -34.49 -67.35
N ARG K 98 -37.72 -33.21 -67.00
CA ARG K 98 -36.61 -32.38 -67.47
C ARG K 98 -35.28 -32.91 -66.93
N LYS K 99 -35.25 -33.26 -65.65
CA LYS K 99 -34.01 -33.80 -65.08
C LYS K 99 -33.68 -35.16 -65.66
N LEU K 100 -34.69 -35.99 -65.91
CA LEU K 100 -34.45 -37.33 -66.45
C LEU K 100 -33.83 -37.27 -67.83
N ALA K 101 -34.31 -36.38 -68.69
CA ALA K 101 -33.79 -36.30 -70.06
C ALA K 101 -32.42 -35.64 -70.09
N SER K 102 -32.17 -34.68 -69.19
CA SER K 102 -30.91 -33.94 -69.23
C SER K 102 -29.73 -34.83 -68.85
N ALA K 103 -29.93 -35.76 -67.91
CA ALA K 103 -28.86 -36.61 -67.41
C ALA K 103 -28.73 -37.92 -68.18
N ALA K 104 -29.52 -38.10 -69.25
CA ALA K 104 -29.51 -39.35 -70.01
C ALA K 104 -28.16 -39.53 -70.70
N GLY K 105 -27.36 -40.48 -70.21
CA GLY K 105 -26.10 -40.79 -70.83
C GLY K 105 -24.90 -40.50 -69.96
N LYS K 106 -24.94 -39.39 -69.22
CA LYS K 106 -23.79 -39.00 -68.41
C LYS K 106 -23.58 -39.93 -67.22
N VAL K 107 -24.66 -40.43 -66.63
CA VAL K 107 -24.60 -41.37 -65.51
C VAL K 107 -24.97 -42.74 -66.03
N LEU K 108 -24.24 -43.76 -65.57
CA LEU K 108 -24.46 -45.13 -66.03
C LEU K 108 -24.76 -46.11 -64.91
N ASP K 109 -24.39 -45.80 -63.67
CA ASP K 109 -24.63 -46.70 -62.55
C ASP K 109 -26.00 -46.54 -61.92
N ARG K 110 -26.78 -45.57 -62.37
CA ARG K 110 -28.14 -45.36 -61.86
C ARG K 110 -29.22 -45.80 -62.83
N ASN K 111 -28.85 -46.50 -63.90
CA ASN K 111 -29.75 -47.13 -64.88
C ASN K 111 -31.03 -46.31 -65.12
N ILE K 112 -30.83 -45.03 -65.46
CA ILE K 112 -31.95 -44.15 -65.77
C ILE K 112 -32.51 -44.39 -67.16
N SER K 113 -31.79 -45.14 -68.01
CA SER K 113 -32.32 -45.46 -69.34
C SER K 113 -33.61 -46.26 -69.24
N GLY K 114 -33.67 -47.21 -68.31
CA GLY K 114 -34.91 -47.94 -68.09
C GLY K 114 -36.01 -47.04 -67.57
N LYS K 115 -35.67 -46.07 -66.72
CA LYS K 115 -36.67 -45.17 -66.18
C LYS K 115 -37.29 -44.31 -67.26
N ILE K 116 -36.48 -43.82 -68.21
CA ILE K 116 -36.99 -42.93 -69.25
C ILE K 116 -37.99 -43.67 -70.14
N GLY K 117 -37.61 -44.84 -70.63
CA GLY K 117 -38.51 -45.60 -71.49
C GLY K 117 -39.74 -46.09 -70.75
N ASP K 118 -39.57 -46.48 -69.48
CA ASP K 118 -40.70 -46.99 -68.72
C ASP K 118 -41.70 -45.88 -68.40
N LEU K 119 -41.19 -44.66 -68.16
CA LEU K 119 -42.09 -43.52 -67.98
C LEU K 119 -42.89 -43.24 -69.25
N GLN K 120 -42.30 -43.51 -70.41
CA GLN K 120 -43.02 -43.32 -71.66
C GLN K 120 -44.20 -44.27 -71.79
N ALA K 121 -44.06 -45.48 -71.25
CA ALA K 121 -45.13 -46.48 -71.37
C ALA K 121 -46.38 -46.05 -70.62
N VAL K 122 -46.23 -45.53 -69.39
CA VAL K 122 -47.39 -45.16 -68.59
C VAL K 122 -48.08 -43.94 -69.18
N MET K 123 -47.31 -43.08 -69.86
CA MET K 123 -47.92 -41.91 -70.50
C MET K 123 -48.86 -42.33 -71.63
N ALA K 124 -48.47 -43.33 -72.41
CA ALA K 124 -49.32 -43.79 -73.51
C ALA K 124 -50.63 -44.38 -72.99
N VAL K 125 -50.56 -45.22 -71.96
CA VAL K 125 -51.74 -45.81 -71.35
C VAL K 125 -51.71 -45.52 -69.86
N PRO K 126 -52.59 -44.63 -69.35
CA PRO K 126 -52.51 -44.26 -67.94
C PRO K 126 -53.27 -45.22 -67.03
N ASP K 127 -53.12 -46.52 -67.28
CA ASP K 127 -53.72 -47.53 -66.41
C ASP K 127 -52.76 -48.66 -66.08
N THR K 128 -51.75 -48.92 -66.90
CA THR K 128 -50.86 -50.05 -66.71
C THR K 128 -49.96 -49.83 -65.48
N GLU K 129 -49.62 -50.95 -64.84
CA GLU K 129 -48.69 -50.90 -63.73
C GLU K 129 -47.26 -50.75 -64.23
N THR K 130 -46.34 -50.50 -63.29
CA THR K 130 -44.97 -50.14 -63.62
C THR K 130 -44.12 -50.27 -62.36
N PRO K 131 -42.93 -50.88 -62.44
CA PRO K 131 -42.10 -51.05 -61.24
C PRO K 131 -41.49 -49.76 -60.71
N THR K 132 -41.73 -48.62 -61.36
CA THR K 132 -41.15 -47.35 -60.90
C THR K 132 -42.16 -46.21 -60.78
N PHE K 133 -43.24 -46.21 -61.55
CA PHE K 133 -44.19 -45.10 -61.54
C PHE K 133 -45.61 -45.65 -61.61
N CYS K 134 -46.56 -44.82 -61.21
CA CYS K 134 -47.98 -45.15 -61.34
C CYS K 134 -48.78 -43.89 -61.06
N LEU K 135 -50.06 -43.93 -61.43
CA LEU K 135 -50.98 -42.80 -61.25
C LEU K 135 -52.15 -43.18 -60.36
N HIS K 136 -52.01 -44.23 -59.57
CA HIS K 136 -53.07 -44.72 -58.69
C HIS K 136 -52.94 -44.08 -57.32
N THR K 137 -53.75 -44.54 -56.38
CA THR K 137 -53.72 -44.10 -55.01
C THR K 137 -53.19 -45.21 -54.12
N ASP K 138 -53.19 -44.98 -52.80
CA ASP K 138 -52.69 -45.98 -51.87
C ASP K 138 -53.60 -47.21 -51.82
N VAL K 139 -54.91 -47.01 -51.97
CA VAL K 139 -55.87 -48.11 -51.92
C VAL K 139 -56.23 -48.61 -53.32
N SER K 140 -55.50 -48.17 -54.35
CA SER K 140 -55.76 -48.60 -55.71
C SER K 140 -54.57 -49.27 -56.39
N CYS K 141 -53.35 -48.99 -55.95
CA CYS K 141 -52.17 -49.63 -56.54
C CYS K 141 -52.17 -51.11 -56.20
N ARG K 142 -51.69 -51.92 -57.15
CA ARG K 142 -51.68 -53.37 -57.02
C ARG K 142 -50.27 -53.94 -57.13
N GLN K 143 -49.27 -53.13 -56.79
CA GLN K 143 -47.88 -53.58 -56.78
C GLN K 143 -47.55 -54.22 -55.44
N ARG K 144 -46.76 -55.29 -55.48
CA ARG K 144 -46.41 -56.04 -54.28
C ARG K 144 -45.00 -55.67 -53.82
N ALA K 145 -44.88 -55.34 -52.53
CA ALA K 145 -43.59 -55.00 -51.94
C ALA K 145 -43.62 -55.43 -50.47
N ASP K 146 -42.65 -54.95 -49.70
CA ASP K 146 -42.58 -55.28 -48.28
C ASP K 146 -42.30 -54.09 -47.37
N VAL K 147 -41.88 -52.94 -47.91
CA VAL K 147 -41.56 -51.77 -47.10
C VAL K 147 -42.32 -50.57 -47.65
N ALA K 148 -42.96 -49.82 -46.76
CA ALA K 148 -43.69 -48.61 -47.12
C ALA K 148 -43.16 -47.44 -46.31
N ILE K 149 -43.10 -46.27 -46.94
CA ILE K 149 -42.55 -45.07 -46.32
C ILE K 149 -43.55 -43.93 -46.48
N TYR K 150 -43.86 -43.26 -45.37
CA TYR K 150 -44.67 -42.06 -45.36
C TYR K 150 -43.82 -40.89 -44.90
N GLN K 151 -43.83 -39.80 -45.66
CA GLN K 151 -43.05 -38.61 -45.35
C GLN K 151 -43.94 -37.39 -45.45
N ASP K 152 -44.27 -36.80 -44.30
CA ASP K 152 -45.11 -35.60 -44.23
C ASP K 152 -46.45 -35.83 -44.94
N VAL K 153 -47.20 -36.80 -44.44
CA VAL K 153 -48.50 -37.16 -44.98
C VAL K 153 -49.53 -36.97 -43.88
N TYR K 154 -50.55 -36.14 -44.16
CA TYR K 154 -51.64 -35.89 -43.21
C TYR K 154 -53.00 -35.93 -43.89
N ALA K 155 -53.11 -36.61 -45.04
CA ALA K 155 -54.33 -36.60 -45.83
C ALA K 155 -54.95 -37.98 -45.98
N VAL K 156 -54.53 -38.95 -45.15
CA VAL K 156 -55.05 -40.31 -45.23
C VAL K 156 -55.46 -40.76 -43.84
N HIS K 157 -56.32 -41.78 -43.81
CA HIS K 157 -56.76 -42.40 -42.56
C HIS K 157 -55.82 -43.56 -42.24
N ALA K 158 -55.16 -43.49 -41.09
CA ALA K 158 -54.09 -44.44 -40.79
C ALA K 158 -54.57 -45.89 -40.71
N PRO K 159 -55.63 -46.24 -39.97
CA PRO K 159 -56.04 -47.65 -39.95
C PRO K 159 -56.43 -48.21 -41.31
N THR K 160 -57.07 -47.40 -42.16
CA THR K 160 -57.50 -47.88 -43.47
C THR K 160 -56.31 -48.02 -44.42
N SER K 161 -55.41 -47.03 -44.41
CA SER K 161 -54.26 -47.08 -45.30
C SER K 161 -53.33 -48.24 -44.96
N LEU K 162 -53.10 -48.47 -43.66
CA LEU K 162 -52.17 -49.52 -43.25
C LEU K 162 -52.70 -50.90 -43.62
N TYR K 163 -54.01 -51.11 -43.50
CA TYR K 163 -54.58 -52.42 -43.81
C TYR K 163 -54.38 -52.79 -45.28
N HIS K 164 -54.57 -51.83 -46.18
CA HIS K 164 -54.45 -52.12 -47.60
C HIS K 164 -53.02 -52.43 -48.00
N GLN K 165 -52.05 -51.90 -47.26
CA GLN K 165 -50.65 -52.25 -47.53
C GLN K 165 -50.29 -53.62 -46.99
N ALA K 166 -50.92 -54.04 -45.90
CA ALA K 166 -50.55 -55.30 -45.26
C ALA K 166 -50.99 -56.51 -46.10
N ILE K 167 -52.08 -56.39 -46.85
CA ILE K 167 -52.61 -57.50 -47.63
C ILE K 167 -51.76 -57.71 -48.88
N LYS K 168 -50.75 -56.87 -49.07
CA LYS K 168 -49.83 -57.00 -50.20
C LYS K 168 -48.44 -57.45 -49.77
N GLY K 169 -48.31 -58.00 -48.56
CA GLY K 169 -47.04 -58.51 -48.10
C GLY K 169 -46.10 -57.50 -47.49
N VAL K 170 -46.61 -56.37 -47.00
CA VAL K 170 -45.77 -55.35 -46.38
C VAL K 170 -45.62 -55.66 -44.90
N ARG K 171 -44.38 -55.69 -44.43
CA ARG K 171 -44.08 -56.02 -43.04
C ARG K 171 -43.41 -54.89 -42.27
N LEU K 172 -43.30 -53.70 -42.86
CA LEU K 172 -42.63 -52.59 -42.19
C LEU K 172 -43.17 -51.28 -42.73
N ALA K 173 -43.18 -50.26 -41.88
CA ALA K 173 -43.66 -48.93 -42.26
C ALA K 173 -42.95 -47.88 -41.44
N TYR K 174 -42.93 -46.65 -41.95
CA TYR K 174 -42.30 -45.53 -41.28
C TYR K 174 -43.14 -44.28 -41.47
N TRP K 175 -43.03 -43.35 -40.52
CA TRP K 175 -43.75 -42.09 -40.57
C TRP K 175 -42.86 -40.98 -40.03
N VAL K 176 -42.84 -39.86 -40.75
CA VAL K 176 -42.09 -38.66 -40.35
C VAL K 176 -43.03 -37.47 -40.39
N GLY K 177 -43.10 -36.72 -39.30
CA GLY K 177 -43.98 -35.57 -39.25
C GLY K 177 -43.96 -34.95 -37.87
N PHE K 178 -44.88 -33.99 -37.68
CA PHE K 178 -44.98 -33.25 -36.45
C PHE K 178 -45.57 -34.12 -35.33
N ASP K 179 -45.33 -33.70 -34.09
CA ASP K 179 -45.90 -34.40 -32.94
C ASP K 179 -47.41 -34.14 -32.87
N THR K 180 -48.16 -35.19 -32.55
CA THR K 180 -49.62 -35.13 -32.51
C THR K 180 -50.15 -34.78 -31.12
N THR K 181 -49.29 -34.73 -30.11
CA THR K 181 -49.75 -34.51 -28.74
C THR K 181 -50.55 -33.22 -28.55
N PRO K 182 -50.18 -32.07 -29.11
CA PRO K 182 -50.98 -30.86 -28.87
C PRO K 182 -52.43 -30.98 -29.31
N PHE K 183 -52.71 -31.76 -30.36
CA PHE K 183 -54.07 -31.90 -30.86
C PHE K 183 -54.91 -32.87 -30.04
N MET K 184 -54.30 -33.70 -29.21
CA MET K 184 -55.04 -34.58 -28.32
C MET K 184 -55.53 -33.87 -27.07
N TYR K 185 -54.97 -32.71 -26.74
CA TYR K 185 -55.42 -31.91 -25.60
C TYR K 185 -56.55 -30.96 -25.97
N ASN K 186 -56.96 -30.94 -27.24
CA ASN K 186 -58.06 -30.09 -27.72
C ASN K 186 -57.76 -28.62 -27.46
N ALA K 187 -56.69 -28.14 -28.08
CA ALA K 187 -56.24 -26.77 -27.93
C ALA K 187 -56.76 -25.90 -29.08
N MET K 188 -56.68 -24.59 -28.88
CA MET K 188 -57.15 -23.62 -29.87
C MET K 188 -56.04 -23.08 -30.75
N ALA K 189 -54.83 -22.92 -30.22
CA ALA K 189 -53.70 -22.43 -30.98
C ALA K 189 -52.41 -22.94 -30.34
N GLY K 190 -51.33 -22.87 -31.09
CA GLY K 190 -50.05 -23.35 -30.61
C GLY K 190 -48.92 -22.88 -31.51
N ALA K 191 -47.71 -23.29 -31.14
CA ALA K 191 -46.52 -22.89 -31.88
C ALA K 191 -45.43 -23.95 -31.74
N TYR K 192 -44.51 -23.93 -32.70
CA TYR K 192 -43.29 -24.76 -32.65
C TYR K 192 -42.11 -23.83 -32.79
N PRO K 193 -41.61 -23.24 -31.70
CA PRO K 193 -40.61 -22.16 -31.83
C PRO K 193 -39.33 -22.57 -32.54
N SER K 194 -38.90 -23.82 -32.37
CA SER K 194 -37.62 -24.24 -32.95
C SER K 194 -37.65 -24.33 -34.46
N TYR K 195 -38.83 -24.40 -35.07
CA TYR K 195 -38.95 -24.54 -36.51
C TYR K 195 -39.69 -23.38 -37.17
N SER K 196 -39.95 -22.30 -36.43
CA SER K 196 -40.66 -21.13 -36.96
C SER K 196 -42.01 -21.51 -37.55
N THR K 197 -42.76 -22.32 -36.81
CA THR K 197 -44.05 -22.82 -37.25
C THR K 197 -45.15 -22.34 -36.31
N ASN K 198 -46.23 -21.84 -36.89
CA ASN K 198 -47.38 -21.38 -36.14
C ASN K 198 -48.65 -21.92 -36.77
N TRP K 199 -49.58 -22.36 -35.93
CA TRP K 199 -50.87 -22.88 -36.38
C TRP K 199 -51.98 -22.28 -35.55
N ALA K 200 -53.15 -22.11 -36.16
CA ALA K 200 -54.29 -21.50 -35.49
C ALA K 200 -55.58 -22.07 -36.07
N ASP K 201 -56.66 -21.92 -35.30
CA ASP K 201 -57.97 -22.39 -35.71
C ASP K 201 -58.61 -21.36 -36.65
N GLU K 202 -59.65 -21.80 -37.37
CA GLU K 202 -60.30 -20.93 -38.35
C GLU K 202 -61.01 -19.75 -37.70
N GLN K 203 -61.52 -19.92 -36.48
CA GLN K 203 -62.36 -18.93 -35.84
C GLN K 203 -61.57 -17.85 -35.09
N VAL K 204 -60.25 -17.97 -34.98
CA VAL K 204 -59.44 -16.99 -34.28
C VAL K 204 -58.43 -16.33 -35.21
N LEU K 205 -58.70 -16.30 -36.52
CA LEU K 205 -57.77 -15.71 -37.47
C LEU K 205 -57.69 -14.20 -37.38
N LYS K 206 -58.60 -13.56 -36.65
CA LYS K 206 -58.61 -12.11 -36.49
C LYS K 206 -58.26 -11.69 -35.06
N ALA K 207 -57.35 -12.43 -34.41
CA ALA K 207 -56.94 -12.11 -33.06
C ALA K 207 -55.91 -10.99 -33.09
N LYS K 208 -55.26 -10.73 -31.96
CA LYS K 208 -54.36 -9.59 -31.82
C LYS K 208 -52.97 -9.96 -31.35
N ASN K 209 -52.84 -10.95 -30.47
CA ASN K 209 -51.58 -11.25 -29.80
C ASN K 209 -51.25 -12.74 -29.85
N ILE K 210 -51.36 -13.34 -31.03
CA ILE K 210 -50.91 -14.71 -31.25
C ILE K 210 -49.99 -14.72 -32.48
N GLY K 211 -49.41 -15.90 -32.74
CA GLY K 211 -48.41 -16.00 -33.79
C GLY K 211 -48.98 -15.76 -35.19
N LEU K 212 -50.15 -16.32 -35.47
CA LEU K 212 -50.76 -16.24 -36.79
C LEU K 212 -52.10 -15.51 -36.67
N CYS K 213 -52.09 -14.21 -36.91
CA CYS K 213 -53.29 -13.40 -36.81
C CYS K 213 -53.04 -12.07 -37.51
N SER K 214 -54.12 -11.30 -37.68
CA SER K 214 -54.06 -9.95 -38.22
C SER K 214 -55.32 -9.22 -37.82
N THR K 215 -55.17 -7.93 -37.52
CA THR K 215 -56.29 -7.13 -37.03
C THR K 215 -56.22 -5.75 -37.70
N ASP K 216 -57.10 -4.85 -37.26
CA ASP K 216 -57.19 -3.51 -37.81
C ASP K 216 -57.23 -2.50 -36.68
N LEU K 217 -57.42 -1.23 -37.02
CA LEU K 217 -57.51 -0.15 -36.06
C LEU K 217 -58.96 0.33 -35.99
N THR K 218 -59.47 0.45 -34.76
CA THR K 218 -60.84 0.89 -34.54
C THR K 218 -60.89 1.85 -33.36
N GLU K 219 -61.93 2.69 -33.35
CA GLU K 219 -62.13 3.66 -32.28
C GLU K 219 -63.06 3.14 -31.18
N GLY K 220 -63.97 2.23 -31.49
CA GLY K 220 -64.89 1.70 -30.51
C GLY K 220 -66.31 2.16 -30.74
N ARG K 221 -67.14 1.29 -31.31
CA ARG K 221 -68.52 1.61 -31.63
C ARG K 221 -69.47 0.91 -30.66
N ARG K 222 -70.77 1.13 -30.88
CA ARG K 222 -71.78 0.53 -30.01
C ARG K 222 -71.85 -0.97 -30.19
N GLY K 223 -71.86 -1.44 -31.44
CA GLY K 223 -71.94 -2.87 -31.68
C GLY K 223 -72.32 -3.15 -33.12
N LYS K 224 -72.67 -4.41 -33.37
CA LYS K 224 -73.08 -4.87 -34.70
C LYS K 224 -74.57 -5.18 -34.69
N LEU K 225 -75.12 -5.34 -35.89
CA LEU K 225 -76.51 -5.76 -36.06
C LEU K 225 -76.58 -7.29 -36.06
N SER K 226 -76.34 -7.86 -34.88
CA SER K 226 -76.27 -9.30 -34.69
C SER K 226 -77.50 -9.77 -33.93
N ILE K 227 -78.26 -10.65 -34.57
CA ILE K 227 -79.43 -11.26 -33.91
C ILE K 227 -79.13 -12.67 -33.40
N MET K 228 -78.25 -13.40 -34.06
CA MET K 228 -77.86 -14.72 -33.58
C MET K 228 -77.14 -14.61 -32.24
N ARG K 229 -77.38 -15.59 -31.37
CA ARG K 229 -76.77 -15.58 -30.04
C ARG K 229 -75.33 -16.03 -30.09
N GLY K 230 -75.09 -17.25 -30.53
CA GLY K 230 -73.72 -17.76 -30.63
C GLY K 230 -72.99 -17.84 -29.32
N LYS K 231 -73.63 -18.41 -28.29
CA LYS K 231 -73.00 -18.51 -26.96
C LYS K 231 -72.10 -19.73 -26.86
N LYS K 232 -71.26 -19.94 -27.88
CA LYS K 232 -70.32 -21.06 -27.90
C LYS K 232 -69.09 -20.65 -28.70
N LEU K 233 -67.91 -21.00 -28.19
CA LEU K 233 -66.65 -20.82 -28.90
C LEU K 233 -65.84 -22.09 -28.66
N GLU K 234 -65.99 -23.06 -29.56
CA GLU K 234 -65.36 -24.36 -29.42
C GLU K 234 -64.57 -24.69 -30.68
N PRO K 235 -63.49 -25.45 -30.56
CA PRO K 235 -62.71 -25.83 -31.75
C PRO K 235 -63.53 -26.62 -32.74
N CYS K 236 -63.26 -26.39 -34.02
N CYS K 236 -63.26 -26.39 -34.02
CA CYS K 236 -63.93 -27.07 -35.12
CA CYS K 236 -63.93 -27.07 -35.12
C CYS K 236 -62.91 -27.90 -35.89
C CYS K 236 -62.91 -27.90 -35.89
N ASP K 237 -63.39 -28.53 -36.97
CA ASP K 237 -62.54 -29.40 -37.78
C ASP K 237 -61.95 -28.63 -38.98
N ARG K 238 -61.13 -27.63 -38.64
CA ARG K 238 -60.45 -26.84 -39.65
C ARG K 238 -59.26 -26.13 -39.02
N VAL K 239 -58.06 -26.47 -39.47
CA VAL K 239 -56.83 -25.96 -38.89
C VAL K 239 -55.90 -25.51 -40.01
N LEU K 240 -55.26 -24.36 -39.83
CA LEU K 240 -54.34 -23.80 -40.80
C LEU K 240 -52.92 -23.82 -40.25
N PHE K 241 -51.97 -24.32 -41.05
CA PHE K 241 -50.57 -24.40 -40.68
C PHE K 241 -49.76 -23.38 -41.46
N SER K 242 -48.65 -22.94 -40.88
CA SER K 242 -47.75 -22.00 -41.52
C SER K 242 -46.32 -22.35 -41.15
N VAL K 243 -45.57 -22.90 -42.10
CA VAL K 243 -44.17 -23.25 -41.91
C VAL K 243 -43.35 -22.23 -42.70
N GLY K 244 -42.76 -21.28 -42.00
CA GLY K 244 -42.03 -20.21 -42.66
C GLY K 244 -42.95 -19.28 -43.42
N SER K 245 -42.91 -19.33 -44.75
CA SER K 245 -43.77 -18.53 -45.59
C SER K 245 -44.76 -19.36 -46.41
N THR K 246 -44.96 -20.63 -46.05
CA THR K 246 -45.81 -21.53 -46.80
C THR K 246 -47.03 -21.91 -45.95
N LEU K 247 -48.20 -21.92 -46.59
CA LEU K 247 -49.47 -22.16 -45.92
C LEU K 247 -49.98 -23.56 -46.23
N TYR K 248 -50.44 -24.27 -45.19
CA TYR K 248 -50.99 -25.61 -45.34
C TYR K 248 -52.30 -25.75 -44.56
N PRO K 249 -53.41 -26.08 -45.23
CA PRO K 249 -54.64 -26.39 -44.50
C PRO K 249 -54.72 -27.86 -44.12
N GLU K 250 -55.28 -28.12 -42.95
CA GLU K 250 -55.33 -29.47 -42.40
C GLU K 250 -56.70 -29.73 -41.77
N SER K 251 -56.91 -30.98 -41.36
CA SER K 251 -58.13 -31.40 -40.69
C SER K 251 -57.78 -32.08 -39.37
N ARG K 252 -58.64 -31.91 -38.37
CA ARG K 252 -58.36 -32.44 -37.04
C ARG K 252 -58.54 -33.95 -36.99
N LYS K 253 -59.58 -34.48 -37.63
CA LYS K 253 -59.85 -35.91 -37.55
C LYS K 253 -58.71 -36.71 -38.16
N LEU K 254 -58.16 -36.25 -39.29
CA LEU K 254 -57.07 -36.99 -39.93
C LEU K 254 -55.77 -36.88 -39.14
N LEU K 255 -55.59 -35.79 -38.39
CA LEU K 255 -54.38 -35.64 -37.57
C LEU K 255 -54.42 -36.58 -36.37
N LYS K 256 -55.56 -36.66 -35.69
CA LYS K 256 -55.66 -37.48 -34.49
C LYS K 256 -55.64 -38.97 -34.80
N SER K 257 -55.86 -39.36 -36.07
CA SER K 257 -55.86 -40.77 -36.41
C SER K 257 -54.47 -41.37 -36.42
N TRP K 258 -53.42 -40.55 -36.41
CA TRP K 258 -52.05 -41.03 -36.41
C TRP K 258 -51.47 -41.18 -35.01
N HIS K 259 -52.26 -40.90 -33.97
CA HIS K 259 -51.82 -41.11 -32.59
C HIS K 259 -52.18 -42.54 -32.18
N LEU K 260 -51.49 -43.49 -32.80
CA LEU K 260 -51.79 -44.90 -32.63
C LEU K 260 -51.32 -45.40 -31.26
N PRO K 261 -52.03 -46.36 -30.69
CA PRO K 261 -51.62 -46.94 -29.40
C PRO K 261 -50.42 -47.87 -29.57
N SER K 262 -50.02 -48.48 -28.46
CA SER K 262 -48.87 -49.39 -28.50
C SER K 262 -49.19 -50.67 -29.24
N VAL K 263 -50.34 -51.28 -28.96
CA VAL K 263 -50.74 -52.53 -29.58
C VAL K 263 -52.19 -52.42 -30.01
N PHE K 264 -52.49 -52.81 -31.25
CA PHE K 264 -53.86 -52.82 -31.75
C PHE K 264 -54.00 -53.90 -32.81
N HIS K 265 -55.25 -54.29 -33.06
CA HIS K 265 -55.58 -55.39 -33.94
C HIS K 265 -56.34 -54.88 -35.15
N LEU K 266 -56.13 -55.54 -36.30
CA LEU K 266 -56.87 -55.27 -37.52
C LEU K 266 -57.64 -56.52 -37.91
N LYS K 267 -58.95 -56.38 -38.13
CA LYS K 267 -59.82 -57.50 -38.39
C LYS K 267 -60.60 -57.27 -39.68
N GLY K 268 -60.93 -58.37 -40.36
CA GLY K 268 -61.66 -58.31 -41.61
C GLY K 268 -61.58 -59.63 -42.36
N LYS K 269 -61.32 -59.57 -43.67
CA LYS K 269 -61.09 -60.80 -44.42
C LYS K 269 -59.84 -61.52 -43.91
N LEU K 270 -58.79 -60.76 -43.59
CA LEU K 270 -57.58 -61.30 -42.99
C LEU K 270 -57.29 -60.55 -41.71
N SER K 271 -56.67 -61.23 -40.76
CA SER K 271 -56.39 -60.67 -39.45
C SER K 271 -54.90 -60.42 -39.27
N PHE K 272 -54.56 -59.27 -38.69
CA PHE K 272 -53.18 -58.90 -38.45
C PHE K 272 -53.04 -58.29 -37.06
N THR K 273 -51.84 -58.39 -36.51
CA THR K 273 -51.48 -57.74 -35.26
C THR K 273 -50.19 -56.96 -35.48
N CYS K 274 -50.06 -55.83 -34.77
CA CYS K 274 -48.95 -54.93 -35.05
C CYS K 274 -48.70 -54.02 -33.86
N ARG K 275 -47.57 -53.31 -33.91
CA ARG K 275 -47.11 -52.45 -32.83
C ARG K 275 -46.59 -51.14 -33.41
N CYS K 276 -46.53 -50.12 -32.56
CA CYS K 276 -46.03 -48.81 -32.93
C CYS K 276 -45.01 -48.34 -31.89
N ASP K 277 -43.86 -47.86 -32.35
CA ASP K 277 -42.80 -47.39 -31.47
C ASP K 277 -42.24 -46.08 -32.00
N THR K 278 -41.64 -45.31 -31.09
CA THR K 278 -40.98 -44.05 -31.43
C THR K 278 -39.47 -44.22 -31.24
N VAL K 279 -38.71 -43.84 -32.26
CA VAL K 279 -37.27 -44.05 -32.26
C VAL K 279 -36.47 -42.75 -32.22
N VAL K 280 -36.98 -41.66 -32.81
CA VAL K 280 -36.30 -40.38 -32.84
C VAL K 280 -37.28 -39.30 -32.43
N SER K 281 -36.83 -38.38 -31.58
CA SER K 281 -37.65 -37.25 -31.14
C SER K 281 -36.76 -36.06 -30.89
N CYS K 282 -37.06 -34.92 -31.55
CA CYS K 282 -36.24 -33.72 -31.39
C CYS K 282 -37.14 -32.50 -31.54
N GLU K 283 -37.64 -32.00 -30.40
CA GLU K 283 -38.28 -30.69 -30.31
C GLU K 283 -39.49 -30.55 -31.24
N GLY K 284 -40.22 -31.65 -31.45
CA GLY K 284 -41.47 -31.63 -32.19
C GLY K 284 -41.55 -32.67 -33.30
N TYR K 285 -40.44 -32.92 -33.99
CA TYR K 285 -40.39 -33.97 -34.99
C TYR K 285 -40.17 -35.32 -34.33
N VAL K 286 -40.93 -36.31 -34.79
CA VAL K 286 -40.80 -37.68 -34.30
C VAL K 286 -40.73 -38.62 -35.50
N VAL K 287 -40.14 -39.79 -35.28
CA VAL K 287 -40.07 -40.85 -36.28
C VAL K 287 -40.67 -42.10 -35.67
N LYS K 288 -41.67 -42.68 -36.34
CA LYS K 288 -42.39 -43.83 -35.84
C LYS K 288 -42.16 -45.04 -36.76
N ARG K 289 -42.05 -46.21 -36.15
CA ARG K 289 -41.85 -47.45 -36.87
C ARG K 289 -42.95 -48.44 -36.49
N ILE K 290 -43.57 -49.04 -37.50
CA ILE K 290 -44.67 -49.98 -37.30
C ILE K 290 -44.30 -51.31 -37.94
N THR K 291 -44.43 -52.39 -37.19
CA THR K 291 -44.18 -53.74 -37.67
C THR K 291 -45.47 -54.54 -37.63
N MET K 292 -45.80 -55.18 -38.74
CA MET K 292 -47.06 -55.91 -38.87
C MET K 292 -46.79 -57.39 -39.09
N SER K 293 -47.62 -58.23 -38.50
CA SER K 293 -47.49 -59.67 -38.59
C SER K 293 -48.85 -60.29 -38.85
N PRO K 294 -48.90 -61.44 -39.52
CA PRO K 294 -50.19 -62.09 -39.78
C PRO K 294 -50.61 -63.03 -38.66
N GLY K 295 -51.91 -63.01 -38.36
CA GLY K 295 -52.48 -63.83 -37.31
C GLY K 295 -53.25 -63.00 -36.30
N LEU K 296 -53.31 -63.49 -35.07
CA LEU K 296 -54.00 -62.80 -34.00
C LEU K 296 -53.44 -63.31 -32.67
N TYR K 297 -52.73 -62.45 -31.94
CA TYR K 297 -52.09 -62.84 -30.70
C TYR K 297 -52.24 -61.73 -29.67
N GLY K 298 -52.22 -62.13 -28.40
CA GLY K 298 -52.20 -61.18 -27.31
C GLY K 298 -53.53 -60.50 -27.07
N LYS K 299 -53.49 -59.50 -26.19
CA LYS K 299 -54.65 -58.70 -25.85
C LYS K 299 -54.24 -57.23 -25.81
N THR K 300 -55.21 -56.35 -26.02
CA THR K 300 -54.97 -54.92 -26.11
C THR K 300 -55.52 -54.21 -24.89
N THR K 301 -55.07 -52.96 -24.71
CA THR K 301 -55.54 -52.11 -23.62
C THR K 301 -55.96 -50.71 -24.05
N GLY K 302 -55.49 -50.22 -25.20
CA GLY K 302 -55.91 -48.93 -25.70
C GLY K 302 -55.35 -47.75 -24.94
N TYR K 303 -54.02 -47.66 -24.88
CA TYR K 303 -53.36 -46.54 -24.20
C TYR K 303 -52.19 -46.07 -25.03
N ALA K 304 -51.95 -44.75 -25.03
CA ALA K 304 -50.83 -44.13 -25.72
C ALA K 304 -50.00 -43.34 -24.72
N VAL K 305 -48.68 -43.47 -24.84
CA VAL K 305 -47.74 -42.87 -23.89
C VAL K 305 -46.80 -41.96 -24.64
N THR K 306 -46.60 -40.75 -24.12
CA THR K 306 -45.68 -39.77 -24.68
C THR K 306 -44.64 -39.40 -23.64
N HIS K 307 -43.39 -39.31 -24.07
CA HIS K 307 -42.27 -38.97 -23.19
C HIS K 307 -41.82 -37.55 -23.49
N HIS K 308 -41.70 -36.74 -22.44
CA HIS K 308 -41.32 -35.33 -22.57
C HIS K 308 -39.87 -35.16 -22.15
N ALA K 309 -39.02 -34.78 -23.10
CA ALA K 309 -37.65 -34.41 -22.79
C ALA K 309 -37.50 -32.92 -22.47
N ASP K 310 -38.55 -32.13 -22.72
CA ASP K 310 -38.55 -30.71 -22.40
C ASP K 310 -39.96 -30.32 -21.98
N GLY K 311 -40.07 -29.16 -21.32
CA GLY K 311 -41.34 -28.75 -20.76
C GLY K 311 -42.40 -28.52 -21.81
N PHE K 312 -43.64 -28.85 -21.45
CA PHE K 312 -44.82 -28.64 -22.29
C PHE K 312 -45.84 -27.86 -21.48
N LEU K 313 -46.35 -26.77 -22.07
CA LEU K 313 -47.23 -25.85 -21.36
C LEU K 313 -48.56 -25.70 -22.10
N MET K 314 -49.63 -25.50 -21.34
CA MET K 314 -50.95 -25.20 -21.88
C MET K 314 -51.70 -24.37 -20.86
N CYS K 315 -52.14 -23.18 -21.26
CA CYS K 315 -52.76 -22.25 -20.33
C CYS K 315 -53.92 -21.54 -21.02
N LYS K 316 -54.68 -20.80 -20.22
CA LYS K 316 -55.82 -20.03 -20.69
C LYS K 316 -55.46 -18.56 -20.75
N THR K 317 -55.73 -17.93 -21.89
CA THR K 317 -55.39 -16.53 -22.13
C THR K 317 -56.62 -15.77 -22.59
N THR K 318 -56.58 -14.46 -22.39
CA THR K 318 -57.64 -13.55 -22.82
C THR K 318 -57.13 -12.65 -23.92
N ASP K 319 -57.89 -12.58 -25.02
CA ASP K 319 -57.50 -11.77 -26.17
C ASP K 319 -58.74 -11.03 -26.68
N THR K 320 -58.56 -10.30 -27.77
CA THR K 320 -59.63 -9.51 -28.38
C THR K 320 -59.73 -9.92 -29.85
N VAL K 321 -60.80 -10.64 -30.19
CA VAL K 321 -61.03 -11.11 -31.55
C VAL K 321 -62.10 -10.24 -32.19
N ASP K 322 -61.72 -9.51 -33.24
CA ASP K 322 -62.61 -8.63 -33.98
C ASP K 322 -63.25 -7.56 -33.10
N GLY K 323 -62.55 -7.13 -32.06
CA GLY K 323 -63.05 -6.09 -31.17
C GLY K 323 -63.76 -6.57 -29.93
N GLU K 324 -63.97 -7.88 -29.78
CA GLU K 324 -64.67 -8.43 -28.64
C GLU K 324 -63.75 -9.30 -27.81
N ARG K 325 -63.84 -9.17 -26.49
CA ARG K 325 -63.01 -9.95 -25.59
C ARG K 325 -63.51 -11.38 -25.48
N VAL K 326 -62.61 -12.34 -25.65
CA VAL K 326 -62.92 -13.76 -25.50
C VAL K 326 -61.74 -14.44 -24.80
N SER K 327 -61.92 -15.73 -24.50
CA SER K 327 -60.90 -16.51 -23.83
C SER K 327 -60.79 -17.88 -24.49
N PHE K 328 -59.56 -18.37 -24.62
CA PHE K 328 -59.30 -19.68 -25.19
C PHE K 328 -57.92 -20.14 -24.71
N SER K 329 -57.51 -21.32 -25.16
CA SER K 329 -56.30 -21.96 -24.67
C SER K 329 -55.24 -22.04 -25.76
N VAL K 330 -53.98 -21.95 -25.33
CA VAL K 330 -52.82 -22.04 -26.22
C VAL K 330 -51.81 -23.01 -25.62
N CYS K 331 -50.86 -23.44 -26.46
CA CYS K 331 -49.84 -24.38 -26.03
C CYS K 331 -48.50 -24.01 -26.68
N THR K 332 -47.42 -24.47 -26.06
CA THR K 332 -46.08 -24.17 -26.54
C THR K 332 -45.09 -25.12 -25.88
N TYR K 333 -43.83 -25.02 -26.29
CA TYR K 333 -42.74 -25.80 -25.73
C TYR K 333 -41.72 -24.89 -25.05
N VAL K 334 -41.09 -25.41 -24.01
CA VAL K 334 -40.11 -24.65 -23.23
C VAL K 334 -38.81 -25.45 -23.15
N PRO K 335 -37.65 -24.81 -23.31
CA PRO K 335 -36.38 -25.54 -23.17
C PRO K 335 -36.18 -26.08 -21.76
N ALA K 336 -35.43 -27.17 -21.67
CA ALA K 336 -35.24 -27.85 -20.40
C ALA K 336 -34.41 -27.02 -19.43
N THR K 337 -33.41 -26.30 -19.93
CA THR K 337 -32.53 -25.52 -19.05
C THR K 337 -33.30 -24.41 -18.35
N ILE K 338 -34.21 -23.76 -19.04
CA ILE K 338 -35.01 -22.70 -18.42
C ILE K 338 -35.90 -23.27 -17.34
N CYS K 339 -36.50 -24.43 -17.59
CA CYS K 339 -37.40 -25.04 -16.62
C CYS K 339 -36.70 -25.38 -15.32
N ASP K 340 -35.47 -25.90 -15.41
CA ASP K 340 -34.75 -26.32 -14.20
C ASP K 340 -34.35 -25.13 -13.34
N GLN K 341 -34.07 -23.98 -13.96
CA GLN K 341 -33.58 -22.83 -13.21
C GLN K 341 -34.68 -22.04 -12.52
N MET K 342 -35.95 -22.38 -12.77
CA MET K 342 -37.07 -21.67 -12.16
C MET K 342 -37.68 -22.43 -10.98
N THR K 343 -37.06 -23.53 -10.54
CA THR K 343 -37.65 -24.34 -9.49
C THR K 343 -37.78 -23.56 -8.19
N GLY K 344 -36.76 -22.78 -7.84
CA GLY K 344 -36.78 -22.07 -6.57
C GLY K 344 -37.84 -20.98 -6.51
N ILE K 345 -37.99 -20.21 -7.59
CA ILE K 345 -38.85 -19.03 -7.53
C ILE K 345 -40.33 -19.41 -7.48
N LEU K 346 -40.72 -20.53 -8.11
CA LEU K 346 -42.11 -20.95 -8.05
C LEU K 346 -42.50 -21.58 -6.72
N ALA K 347 -41.65 -21.50 -5.70
CA ALA K 347 -42.03 -21.94 -4.36
C ALA K 347 -42.88 -20.92 -3.63
N THR K 348 -43.00 -19.71 -4.16
CA THR K 348 -43.78 -18.63 -3.57
C THR K 348 -44.88 -18.21 -4.54
N GLU K 349 -45.58 -17.13 -4.19
CA GLU K 349 -46.57 -16.52 -5.06
C GLU K 349 -45.94 -15.31 -5.74
N VAL K 350 -45.88 -15.34 -7.07
CA VAL K 350 -45.21 -14.30 -7.84
C VAL K 350 -46.19 -13.69 -8.83
N THR K 351 -46.14 -12.37 -8.95
CA THR K 351 -46.93 -11.66 -9.93
C THR K 351 -46.36 -11.85 -11.32
N PRO K 352 -47.19 -11.71 -12.36
CA PRO K 352 -46.66 -11.86 -13.73
C PRO K 352 -45.54 -10.88 -14.07
N GLU K 353 -45.54 -9.69 -13.49
CA GLU K 353 -44.48 -8.72 -13.76
C GLU K 353 -43.14 -9.23 -13.24
N ASP K 354 -43.12 -9.80 -12.04
CA ASP K 354 -41.87 -10.31 -11.48
C ASP K 354 -41.35 -11.50 -12.26
N ALA K 355 -42.26 -12.40 -12.69
CA ALA K 355 -41.85 -13.57 -13.46
C ALA K 355 -41.27 -13.17 -14.81
N GLN K 356 -41.88 -12.17 -15.46
CA GLN K 356 -41.42 -11.74 -16.77
C GLN K 356 -40.01 -11.16 -16.71
N LYS K 357 -39.72 -10.35 -15.68
CA LYS K 357 -38.40 -9.76 -15.56
C LYS K 357 -37.34 -10.82 -15.28
N LEU K 358 -37.67 -11.82 -14.46
CA LEU K 358 -36.71 -12.87 -14.17
C LEU K 358 -36.39 -13.70 -15.41
N LEU K 359 -37.41 -13.96 -16.24
CA LEU K 359 -37.19 -14.74 -17.46
C LEU K 359 -36.27 -14.01 -18.43
N VAL K 360 -36.42 -12.68 -18.53
CA VAL K 360 -35.60 -11.89 -19.44
C VAL K 360 -34.13 -11.95 -19.01
N GLY K 361 -33.87 -11.82 -17.70
CA GLY K 361 -32.50 -11.87 -17.22
C GLY K 361 -31.83 -13.21 -17.46
N LEU K 362 -32.58 -14.30 -17.29
CA LEU K 362 -32.02 -15.62 -17.53
C LEU K 362 -31.74 -15.86 -19.01
N ASN K 363 -32.54 -15.25 -19.89
CA ASN K 363 -32.41 -15.53 -21.32
C ASN K 363 -31.33 -14.68 -21.98
N GLN K 364 -31.17 -13.43 -21.56
CA GLN K 364 -30.31 -12.48 -22.25
C GLN K 364 -29.03 -12.15 -21.50
N ARG K 365 -29.05 -12.11 -20.17
CA ARG K 365 -27.88 -11.67 -19.41
C ARG K 365 -27.37 -12.77 -18.48
N ILE K 366 -27.27 -13.99 -18.99
CA ILE K 366 -26.77 -15.09 -18.17
C ILE K 366 -25.26 -14.92 -17.93
N VAL K 367 -24.79 -15.46 -16.82
CA VAL K 367 -23.39 -15.40 -16.44
C VAL K 367 -22.89 -16.81 -16.15
N VAL K 368 -21.75 -17.18 -16.72
CA VAL K 368 -21.16 -18.50 -16.51
C VAL K 368 -19.68 -18.31 -16.16
N ASN K 369 -19.23 -19.02 -15.13
CA ASN K 369 -17.84 -18.96 -14.67
C ASN K 369 -17.41 -17.54 -14.35
N GLY K 370 -18.35 -16.73 -13.86
CA GLY K 370 -18.07 -15.35 -13.52
C GLY K 370 -17.98 -14.40 -14.68
N ARG K 371 -18.37 -14.83 -15.88
CA ARG K 371 -18.30 -14.00 -17.07
C ARG K 371 -19.68 -13.94 -17.73
N THR K 372 -20.03 -12.76 -18.21
CA THR K 372 -21.35 -12.51 -18.80
C THR K 372 -21.34 -12.80 -20.29
N GLN K 373 -22.36 -13.52 -20.74
CA GLN K 373 -22.56 -13.83 -22.16
C GLN K 373 -23.80 -13.09 -22.63
N ARG K 374 -23.60 -12.05 -23.44
CA ARG K 374 -24.70 -11.19 -23.88
C ARG K 374 -25.50 -11.86 -24.99
N ASN K 375 -26.83 -11.82 -24.85
CA ASN K 375 -27.77 -12.17 -25.92
C ASN K 375 -27.56 -13.62 -26.39
N THR K 376 -27.60 -14.56 -25.45
CA THR K 376 -27.56 -15.97 -25.82
C THR K 376 -28.82 -16.37 -26.57
N ASN K 377 -29.99 -15.89 -26.11
CA ASN K 377 -31.28 -16.15 -26.76
C ASN K 377 -31.55 -17.65 -26.87
N THR K 378 -31.65 -18.30 -25.71
CA THR K 378 -31.97 -19.73 -25.69
C THR K 378 -33.37 -19.99 -26.24
N MET K 379 -34.33 -19.14 -25.89
CA MET K 379 -35.70 -19.25 -26.39
C MET K 379 -36.12 -17.94 -27.03
N LYS K 380 -37.04 -18.03 -27.98
CA LYS K 380 -37.50 -16.85 -28.70
C LYS K 380 -38.31 -15.93 -27.78
N ASN K 381 -38.13 -14.63 -27.98
CA ASN K 381 -38.65 -13.65 -27.03
C ASN K 381 -40.15 -13.42 -27.15
N TYR K 382 -40.74 -13.69 -28.31
CA TYR K 382 -42.14 -13.36 -28.50
C TYR K 382 -43.08 -14.29 -27.74
N MET K 383 -42.57 -15.37 -27.16
CA MET K 383 -43.37 -16.29 -26.37
C MET K 383 -43.20 -16.08 -24.86
N ILE K 384 -42.33 -15.17 -24.44
CA ILE K 384 -42.10 -14.96 -23.02
C ILE K 384 -43.34 -14.43 -22.29
N PRO K 385 -44.08 -13.41 -22.81
CA PRO K 385 -45.23 -12.90 -22.05
C PRO K 385 -46.26 -13.94 -21.67
N VAL K 386 -46.56 -14.88 -22.58
CA VAL K 386 -47.58 -15.88 -22.31
C VAL K 386 -47.05 -16.93 -21.33
N VAL K 387 -45.76 -17.25 -21.42
CA VAL K 387 -45.18 -18.25 -20.53
C VAL K 387 -45.12 -17.72 -19.10
N ALA K 388 -44.82 -16.42 -18.96
CA ALA K 388 -44.70 -15.82 -17.64
C ALA K 388 -46.02 -15.89 -16.88
N GLN K 389 -47.14 -15.67 -17.58
CA GLN K 389 -48.45 -15.73 -16.94
C GLN K 389 -48.79 -17.16 -16.52
N ALA K 390 -48.35 -18.14 -17.31
CA ALA K 390 -48.66 -19.53 -17.01
C ALA K 390 -48.06 -19.97 -15.68
N PHE K 391 -46.81 -19.59 -15.43
CA PHE K 391 -46.16 -19.95 -14.17
C PHE K 391 -46.84 -19.29 -12.97
N SER K 392 -47.32 -18.07 -13.15
CA SER K 392 -47.95 -17.35 -12.05
C SER K 392 -49.21 -18.07 -11.57
N LYS K 393 -50.03 -18.56 -12.51
CA LYS K 393 -51.25 -19.27 -12.12
C LYS K 393 -50.92 -20.63 -11.52
N TRP K 394 -49.88 -21.29 -12.02
CA TRP K 394 -49.52 -22.61 -11.51
C TRP K 394 -49.10 -22.55 -10.05
N ALA K 395 -48.31 -21.54 -9.68
CA ALA K 395 -47.86 -21.43 -8.30
C ALA K 395 -49.02 -21.17 -7.35
N LYS K 396 -50.00 -20.38 -7.77
CA LYS K 396 -51.15 -20.08 -6.92
C LYS K 396 -52.00 -21.32 -6.64
N GLU K 397 -52.19 -22.17 -7.65
CA GLU K 397 -53.02 -23.36 -7.48
C GLU K 397 -52.42 -24.37 -6.52
N CYS K 398 -51.08 -24.52 -6.53
CA CYS K 398 -50.44 -25.50 -5.66
C CYS K 398 -50.63 -25.15 -4.19
N ARG K 399 -50.55 -23.87 -3.85
CA ARG K 399 -50.67 -23.47 -2.44
C ARG K 399 -52.07 -23.74 -1.90
N LYS K 400 -53.10 -23.52 -2.72
CA LYS K 400 -54.46 -23.79 -2.28
C LYS K 400 -54.67 -25.26 -1.98
N ASP K 401 -53.96 -26.13 -2.69
CA ASP K 401 -54.06 -27.57 -2.42
C ASP K 401 -53.47 -27.94 -1.06
N MET K 402 -52.52 -27.16 -0.54
CA MET K 402 -51.90 -27.45 0.75
C MET K 402 -52.76 -26.99 1.92
N GLU K 403 -53.76 -26.14 1.70
CA GLU K 403 -54.62 -25.65 2.76
C GLU K 403 -55.95 -26.38 2.82
N ASP K 404 -56.12 -27.43 2.03
CA ASP K 404 -57.36 -28.22 1.97
C ASP K 404 -57.04 -29.70 2.17
N GLU K 405 -56.25 -30.00 3.20
CA GLU K 405 -55.88 -31.38 3.49
C GLU K 405 -57.11 -32.20 3.84
N LYS K 406 -57.18 -33.40 3.29
CA LYS K 406 -58.29 -34.32 3.48
C LYS K 406 -57.80 -35.56 4.22
N LEU K 407 -58.70 -36.52 4.37
CA LEU K 407 -58.40 -37.79 5.03
C LEU K 407 -58.01 -38.84 4.00
N LEU K 408 -57.40 -39.91 4.48
CA LEU K 408 -56.84 -40.94 3.60
C LEU K 408 -57.94 -41.87 3.10
N GLY K 409 -58.06 -41.97 1.78
CA GLY K 409 -58.94 -42.96 1.17
C GLY K 409 -60.41 -42.78 1.44
N VAL K 410 -60.87 -41.52 1.53
CA VAL K 410 -62.29 -41.22 1.70
C VAL K 410 -62.68 -40.09 0.77
N ARG K 411 -63.99 -40.00 0.50
CA ARG K 411 -64.56 -38.91 -0.27
C ARG K 411 -65.80 -38.43 0.44
N GLU K 412 -65.85 -37.15 0.79
CA GLU K 412 -66.88 -36.62 1.66
C GLU K 412 -68.21 -36.48 0.90
N ARG K 413 -69.28 -37.01 1.52
CA ARG K 413 -70.64 -36.83 1.02
C ARG K 413 -71.55 -36.61 2.21
N THR K 414 -72.33 -35.53 2.17
CA THR K 414 -73.23 -35.20 3.28
C THR K 414 -74.61 -35.78 3.05
N LEU K 420 -77.89 -33.23 -1.00
CA LEU K 420 -76.59 -32.67 -0.67
C LEU K 420 -75.49 -33.72 -0.84
N TRP K 421 -75.66 -34.59 -1.84
CA TRP K 421 -74.71 -35.66 -2.12
C TRP K 421 -73.90 -35.39 -3.37
N ALA K 422 -73.74 -34.12 -3.74
CA ALA K 422 -72.96 -33.72 -4.91
C ALA K 422 -71.64 -33.11 -4.45
N PHE K 423 -70.60 -33.31 -5.25
CA PHE K 423 -69.26 -32.85 -4.92
C PHE K 423 -68.86 -31.69 -5.83
N LYS K 424 -68.28 -30.66 -5.22
CA LYS K 424 -67.82 -29.50 -5.97
C LYS K 424 -66.58 -29.85 -6.79
N LYS K 425 -66.49 -29.25 -7.97
CA LYS K 425 -65.35 -29.42 -8.86
C LYS K 425 -64.55 -28.12 -8.89
N GLN K 426 -63.24 -28.24 -8.69
CA GLN K 426 -62.38 -27.07 -8.66
C GLN K 426 -62.05 -26.61 -10.08
N LYS K 427 -61.46 -25.42 -10.17
CA LYS K 427 -61.11 -24.81 -11.44
C LYS K 427 -59.63 -25.03 -11.76
N THR K 428 -59.34 -25.34 -13.02
CA THR K 428 -57.98 -25.53 -13.50
C THR K 428 -57.73 -24.59 -14.66
N HIS K 429 -56.62 -23.85 -14.59
CA HIS K 429 -56.28 -22.88 -15.61
C HIS K 429 -54.91 -23.09 -16.24
N THR K 430 -54.18 -24.13 -15.82
CA THR K 430 -52.83 -24.35 -16.34
C THR K 430 -52.48 -25.82 -16.22
N VAL K 431 -51.96 -26.38 -17.31
CA VAL K 431 -51.42 -27.73 -17.34
C VAL K 431 -49.94 -27.63 -17.70
N TYR K 432 -49.08 -28.17 -16.83
CA TYR K 432 -47.64 -28.03 -16.98
C TYR K 432 -47.00 -29.41 -16.80
N LYS K 433 -46.27 -29.86 -17.81
CA LYS K 433 -45.57 -31.14 -17.76
C LYS K 433 -44.07 -30.88 -17.68
N ARG K 434 -43.47 -31.31 -16.57
CA ARG K 434 -42.05 -31.12 -16.36
C ARG K 434 -41.24 -32.08 -17.24
N PRO K 435 -39.95 -31.78 -17.45
CA PRO K 435 -39.10 -32.73 -18.16
C PRO K 435 -38.99 -34.06 -17.41
N ASP K 436 -38.78 -35.14 -18.17
CA ASP K 436 -38.71 -36.49 -17.63
C ASP K 436 -40.04 -36.90 -16.99
N THR K 437 -41.13 -36.58 -17.68
CA THR K 437 -42.47 -36.94 -17.24
C THR K 437 -43.24 -37.48 -18.44
N GLN K 438 -44.06 -38.49 -18.21
CA GLN K 438 -44.81 -39.16 -19.26
C GLN K 438 -46.29 -38.80 -19.18
N SER K 439 -46.93 -38.75 -20.35
CA SER K 439 -48.35 -38.45 -20.47
C SER K 439 -49.06 -39.64 -21.11
N ILE K 440 -50.28 -39.92 -20.65
CA ILE K 440 -51.04 -41.08 -21.09
C ILE K 440 -52.41 -40.62 -21.58
N GLN K 441 -52.87 -41.22 -22.68
CA GLN K 441 -54.17 -40.91 -23.27
C GLN K 441 -54.89 -42.20 -23.61
N LYS K 442 -56.21 -42.11 -23.75
CA LYS K 442 -57.06 -43.25 -24.05
C LYS K 442 -57.57 -43.13 -25.47
N VAL K 443 -57.34 -44.18 -26.28
CA VAL K 443 -57.71 -44.21 -27.68
C VAL K 443 -58.37 -45.55 -27.98
N GLN K 444 -58.71 -45.73 -29.26
CA GLN K 444 -59.35 -46.96 -29.73
C GLN K 444 -58.28 -47.88 -30.34
N ALA K 445 -58.37 -49.17 -29.99
CA ALA K 445 -57.37 -50.15 -30.44
C ALA K 445 -58.00 -51.34 -31.13
N GLU K 446 -59.25 -51.22 -31.59
CA GLU K 446 -59.94 -52.30 -32.28
C GLU K 446 -60.60 -51.75 -33.54
N PHE K 447 -60.08 -52.13 -34.69
CA PHE K 447 -60.60 -51.70 -35.99
C PHE K 447 -60.97 -52.92 -36.82
N ASP K 448 -62.20 -52.93 -37.33
CA ASP K 448 -62.67 -54.05 -38.15
C ASP K 448 -63.29 -53.58 -39.45
N SER K 449 -63.88 -52.39 -39.46
CA SER K 449 -64.62 -51.91 -40.60
C SER K 449 -63.71 -51.14 -41.55
N PHE K 450 -63.78 -51.49 -42.84
CA PHE K 450 -63.02 -50.81 -43.88
C PHE K 450 -63.89 -50.66 -45.11
N VAL K 451 -63.60 -49.63 -45.90
CA VAL K 451 -64.34 -49.32 -47.12
C VAL K 451 -63.36 -49.21 -48.28
N VAL K 452 -63.67 -49.85 -49.39
CA VAL K 452 -62.86 -49.80 -50.60
C VAL K 452 -63.60 -48.96 -51.64
N PRO K 453 -62.98 -47.92 -52.20
CA PRO K 453 -63.66 -47.09 -53.19
C PRO K 453 -64.00 -47.86 -54.46
N SER K 454 -62.99 -48.47 -55.09
CA SER K 454 -63.14 -49.18 -56.35
C SER K 454 -63.76 -48.29 -57.43
N LEU K 455 -63.34 -47.03 -57.45
CA LEU K 455 -63.82 -46.03 -58.41
C LEU K 455 -62.66 -45.31 -59.06
N TRP K 456 -61.67 -46.08 -59.51
CA TRP K 456 -60.47 -45.50 -60.09
C TRP K 456 -60.79 -44.76 -61.38
N SER K 457 -60.20 -43.56 -61.52
CA SER K 457 -60.37 -42.76 -62.72
C SER K 457 -59.16 -41.85 -62.86
N SER K 458 -58.67 -41.71 -64.09
CA SER K 458 -57.48 -40.90 -64.32
C SER K 458 -57.80 -39.41 -64.16
N GLY K 459 -56.76 -38.64 -63.87
CA GLY K 459 -56.89 -37.21 -63.70
C GLY K 459 -55.93 -36.42 -64.56
N LEU K 460 -55.54 -36.97 -65.69
CA LEU K 460 -54.62 -36.33 -66.61
C LEU K 460 -55.38 -35.45 -67.60
N SER K 461 -54.61 -34.69 -68.39
CA SER K 461 -55.16 -33.81 -69.41
C SER K 461 -54.36 -33.96 -70.69
N ILE K 462 -55.03 -33.71 -71.82
CA ILE K 462 -54.35 -33.79 -73.12
C ILE K 462 -53.21 -32.79 -73.24
N PRO K 463 -53.40 -31.49 -72.94
CA PRO K 463 -52.25 -30.57 -73.06
C PRO K 463 -51.10 -30.93 -72.15
N LEU K 464 -51.37 -31.47 -70.96
CA LEU K 464 -50.28 -31.86 -70.06
C LEU K 464 -49.51 -33.05 -70.62
N ARG K 465 -50.23 -34.08 -71.08
CA ARG K 465 -49.57 -35.27 -71.61
C ARG K 465 -48.66 -34.95 -72.78
N THR K 466 -49.05 -33.96 -73.59
CA THR K 466 -48.22 -33.56 -74.72
C THR K 466 -46.90 -32.96 -74.25
N ARG K 467 -46.93 -32.23 -73.13
CA ARG K 467 -45.72 -31.55 -72.65
C ARG K 467 -44.63 -32.54 -72.28
N ILE K 468 -44.98 -33.57 -71.49
CA ILE K 468 -43.98 -34.57 -71.12
C ILE K 468 -43.53 -35.37 -72.33
N LYS K 469 -44.46 -35.67 -73.24
CA LYS K 469 -44.10 -36.41 -74.45
C LYS K 469 -43.09 -35.63 -75.29
N TRP K 470 -43.29 -34.31 -75.40
CA TRP K 470 -42.33 -33.48 -76.14
C TRP K 470 -40.97 -33.47 -75.45
N LEU K 471 -40.95 -33.37 -74.13
CA LEU K 471 -39.69 -33.32 -73.40
C LEU K 471 -38.92 -34.63 -73.55
N LEU K 472 -39.62 -35.76 -73.49
CA LEU K 472 -38.97 -37.06 -73.59
C LEU K 472 -38.62 -37.44 -75.02
N SER K 473 -39.13 -36.71 -76.02
CA SER K 473 -38.85 -37.00 -77.42
C SER K 473 -37.78 -36.09 -78.00
N LYS K 474 -36.79 -35.73 -77.20
CA LYS K 474 -35.69 -34.88 -77.65
C LYS K 474 -34.84 -35.58 -78.71
N PRO L 3 -12.36 -55.87 -21.10
CA PRO L 3 -13.18 -54.65 -21.02
C PRO L 3 -14.60 -54.89 -21.54
N VAL L 4 -15.56 -54.14 -21.00
CA VAL L 4 -16.96 -54.25 -21.38
C VAL L 4 -17.43 -52.88 -21.86
N TYR L 5 -18.12 -52.86 -22.99
CA TYR L 5 -18.61 -51.62 -23.59
C TYR L 5 -20.11 -51.48 -23.35
N VAL L 6 -20.54 -50.26 -23.03
CA VAL L 6 -21.93 -49.96 -22.76
C VAL L 6 -22.39 -48.83 -23.67
N ASP L 7 -23.69 -48.79 -23.91
CA ASP L 7 -24.28 -47.84 -24.85
C ASP L 7 -24.81 -46.60 -24.12
N ILE L 8 -23.90 -45.87 -23.49
CA ILE L 8 -24.21 -44.59 -22.85
C ILE L 8 -23.12 -43.59 -23.24
N ASP L 9 -23.44 -42.31 -23.12
CA ASP L 9 -22.48 -41.28 -23.45
C ASP L 9 -21.46 -41.10 -22.32
N ALA L 10 -20.33 -40.47 -22.68
CA ALA L 10 -19.22 -40.37 -21.75
C ALA L 10 -19.45 -39.35 -20.65
N ASP L 11 -20.37 -38.40 -20.87
CA ASP L 11 -20.59 -37.33 -19.91
C ASP L 11 -21.68 -37.65 -18.89
N SER L 12 -22.25 -38.86 -18.93
CA SER L 12 -23.30 -39.22 -17.98
C SER L 12 -22.73 -39.36 -16.57
N ALA L 13 -23.57 -39.09 -15.58
CA ALA L 13 -23.23 -39.26 -14.18
C ALA L 13 -23.54 -40.66 -13.68
N PHE L 14 -24.13 -41.51 -14.51
CA PHE L 14 -24.46 -42.88 -14.15
C PHE L 14 -23.28 -43.84 -14.30
N LEU L 15 -22.19 -43.41 -14.94
CA LEU L 15 -21.04 -44.28 -15.11
C LEU L 15 -20.38 -44.61 -13.78
N LYS L 16 -20.31 -43.62 -12.87
CA LYS L 16 -19.68 -43.85 -11.57
C LYS L 16 -20.46 -44.88 -10.76
N ALA L 17 -21.79 -44.84 -10.82
CA ALA L 17 -22.60 -45.82 -10.10
C ALA L 17 -22.38 -47.23 -10.64
N LEU L 18 -22.29 -47.36 -11.97
CA LEU L 18 -22.11 -48.68 -12.58
C LEU L 18 -20.77 -49.28 -12.20
N GLN L 19 -19.71 -48.46 -12.20
CA GLN L 19 -18.38 -48.97 -11.86
C GLN L 19 -18.30 -49.41 -10.41
N ARG L 20 -18.99 -48.71 -9.51
CA ARG L 20 -18.96 -49.06 -8.10
C ARG L 20 -19.65 -50.40 -7.85
N ALA L 21 -20.75 -50.67 -8.56
CA ALA L 21 -21.50 -51.91 -8.36
C ALA L 21 -20.86 -53.10 -9.06
N TYR L 22 -19.95 -52.87 -9.99
CA TYR L 22 -19.28 -53.93 -10.74
C TYR L 22 -17.77 -53.68 -10.67
N PRO L 23 -17.14 -54.01 -9.54
CA PRO L 23 -15.71 -53.72 -9.38
C PRO L 23 -14.79 -54.74 -10.04
N MET L 24 -15.32 -55.82 -10.58
CA MET L 24 -14.51 -56.86 -11.21
C MET L 24 -14.37 -56.67 -12.72
N PHE L 25 -14.97 -55.63 -13.29
CA PHE L 25 -14.96 -55.37 -14.71
C PHE L 25 -14.25 -54.06 -15.00
N GLU L 26 -14.11 -53.76 -16.29
CA GLU L 26 -13.55 -52.50 -16.78
C GLU L 26 -14.53 -51.95 -17.80
N VAL L 27 -15.19 -50.85 -17.46
CA VAL L 27 -16.33 -50.33 -18.22
C VAL L 27 -15.89 -49.10 -19.00
N GLU L 28 -16.21 -49.08 -20.29
CA GLU L 28 -16.00 -47.92 -21.16
C GLU L 28 -17.27 -47.62 -21.93
N PRO L 29 -17.54 -46.35 -22.21
CA PRO L 29 -18.75 -45.98 -22.95
C PRO L 29 -18.54 -45.91 -24.45
N ARG L 30 -19.58 -46.29 -25.18
CA ARG L 30 -19.57 -46.22 -26.64
C ARG L 30 -21.02 -46.07 -27.11
N GLN L 31 -21.40 -44.86 -27.48
CA GLN L 31 -22.78 -44.55 -27.82
C GLN L 31 -23.01 -44.69 -29.32
N VAL L 32 -24.01 -45.48 -29.70
CA VAL L 32 -24.38 -45.66 -31.09
C VAL L 32 -25.88 -45.53 -31.32
N THR L 33 -26.67 -45.27 -30.28
CA THR L 33 -28.12 -45.19 -30.42
C THR L 33 -28.66 -44.25 -29.34
N PRO L 34 -29.52 -43.29 -29.69
CA PRO L 34 -30.10 -42.38 -28.70
C PRO L 34 -31.37 -42.91 -28.06
N ASN L 35 -31.28 -44.11 -27.48
CA ASN L 35 -32.45 -44.71 -26.83
C ASN L 35 -32.81 -43.95 -25.57
N ASP L 36 -34.11 -43.97 -25.24
CA ASP L 36 -34.61 -43.29 -24.05
C ASP L 36 -34.50 -44.14 -22.79
N ALA L 37 -34.12 -45.41 -22.91
CA ALA L 37 -33.97 -46.29 -21.75
C ALA L 37 -32.56 -46.86 -21.70
N ALA L 38 -31.56 -46.00 -21.92
CA ALA L 38 -30.17 -46.48 -21.97
C ALA L 38 -29.72 -47.02 -20.62
N ASN L 39 -30.11 -46.36 -19.53
CA ASN L 39 -29.65 -46.78 -18.20
C ASN L 39 -30.16 -48.16 -17.86
N ALA L 40 -31.43 -48.45 -18.15
CA ALA L 40 -31.99 -49.76 -17.83
C ALA L 40 -31.32 -50.87 -18.63
N ARG L 41 -31.05 -50.62 -19.91
CA ARG L 41 -30.46 -51.65 -20.76
C ARG L 41 -29.01 -51.92 -20.38
N ALA L 42 -28.29 -50.89 -19.93
CA ALA L 42 -26.89 -51.06 -19.58
C ALA L 42 -26.71 -52.01 -18.41
N PHE L 43 -27.59 -51.90 -17.40
CA PHE L 43 -27.50 -52.74 -16.21
C PHE L 43 -27.71 -54.21 -16.54
N SER L 44 -28.68 -54.49 -17.41
CA SER L 44 -28.98 -55.88 -17.76
C SER L 44 -27.82 -56.53 -18.50
N HIS L 45 -27.13 -55.75 -19.34
CA HIS L 45 -25.99 -56.29 -20.09
C HIS L 45 -24.88 -56.76 -19.15
N LEU L 46 -24.59 -55.96 -18.12
CA LEU L 46 -23.52 -56.33 -17.19
C LEU L 46 -23.94 -57.49 -16.30
N ALA L 47 -25.23 -57.61 -15.99
CA ALA L 47 -25.70 -58.68 -15.11
C ALA L 47 -25.46 -60.05 -15.74
N ILE L 48 -25.71 -60.17 -17.05
CA ILE L 48 -25.55 -61.45 -17.72
C ILE L 48 -24.09 -61.88 -17.72
N LYS L 49 -23.17 -60.93 -17.92
CA LYS L 49 -21.75 -61.25 -17.92
C LYS L 49 -21.30 -61.82 -16.58
N LEU L 50 -21.80 -61.24 -15.49
CA LEU L 50 -21.43 -61.71 -14.15
C LEU L 50 -21.92 -63.15 -13.92
N ILE L 51 -23.14 -63.46 -14.36
CA ILE L 51 -23.70 -64.79 -14.13
C ILE L 51 -22.89 -65.85 -14.87
N GLU L 52 -22.50 -65.56 -16.11
CA GLU L 52 -21.75 -66.52 -16.91
C GLU L 52 -20.40 -66.88 -16.30
N GLN L 53 -19.83 -66.01 -15.47
CA GLN L 53 -18.56 -66.29 -14.82
C GLN L 53 -18.70 -67.17 -13.58
N GLU L 54 -19.92 -67.36 -13.09
CA GLU L 54 -20.18 -68.17 -11.90
C GLU L 54 -20.76 -69.54 -12.21
N ILE L 55 -21.02 -69.84 -13.49
CA ILE L 55 -21.64 -71.09 -13.90
C ILE L 55 -20.55 -72.01 -14.47
N ASP L 56 -20.53 -73.24 -14.00
CA ASP L 56 -19.60 -74.22 -14.55
C ASP L 56 -19.93 -74.48 -16.01
N PRO L 57 -18.93 -74.54 -16.89
CA PRO L 57 -19.21 -74.77 -18.32
C PRO L 57 -19.75 -76.16 -18.60
N ASP L 58 -19.96 -76.47 -19.88
CA ASP L 58 -20.54 -77.73 -20.35
C ASP L 58 -21.79 -78.12 -19.54
N SER L 59 -22.55 -77.12 -19.11
CA SER L 59 -23.80 -77.33 -18.40
C SER L 59 -24.94 -76.65 -19.15
N THR L 60 -26.03 -77.39 -19.36
CA THR L 60 -27.19 -76.87 -20.06
C THR L 60 -27.99 -75.94 -19.16
N ILE L 61 -28.54 -74.88 -19.76
CA ILE L 61 -29.26 -73.84 -19.03
C ILE L 61 -30.62 -73.64 -19.65
N LEU L 62 -31.66 -73.58 -18.81
CA LEU L 62 -33.00 -73.20 -19.25
C LEU L 62 -33.15 -71.69 -19.21
N ASP L 63 -33.94 -71.16 -20.13
CA ASP L 63 -34.20 -69.72 -20.22
C ASP L 63 -35.71 -69.52 -20.38
N ILE L 64 -36.36 -69.06 -19.33
CA ILE L 64 -37.81 -68.94 -19.32
C ILE L 64 -38.21 -67.61 -19.96
N GLY L 65 -39.10 -67.69 -20.95
CA GLY L 65 -39.60 -66.50 -21.62
C GLY L 65 -38.53 -65.69 -22.31
N SER L 66 -37.66 -66.36 -23.06
CA SER L 66 -36.50 -65.72 -23.66
C SER L 66 -36.74 -65.38 -25.12
N ALA L 67 -35.99 -64.39 -25.60
CA ALA L 67 -35.92 -64.10 -27.02
C ALA L 67 -34.64 -64.71 -27.56
N PRO L 68 -34.71 -65.69 -28.47
CA PRO L 68 -33.50 -66.42 -28.86
C PRO L 68 -32.56 -65.66 -29.77
N ALA L 69 -32.89 -64.42 -30.15
CA ALA L 69 -32.00 -63.66 -31.01
C ALA L 69 -30.72 -63.23 -30.29
N ARG L 70 -30.81 -62.93 -29.00
CA ARG L 70 -29.67 -62.42 -28.25
C ARG L 70 -28.83 -63.52 -27.61
N ARG L 71 -29.26 -64.78 -27.69
CA ARG L 71 -28.48 -65.91 -27.21
C ARG L 71 -27.76 -66.65 -28.32
N MET L 72 -27.76 -66.11 -29.54
CA MET L 72 -27.21 -66.83 -30.68
C MET L 72 -25.69 -66.88 -30.62
N MET L 73 -25.05 -65.78 -30.24
CA MET L 73 -23.59 -65.71 -30.23
C MET L 73 -22.98 -66.28 -28.96
N SER L 74 -23.78 -66.55 -27.93
CA SER L 74 -23.24 -67.10 -26.69
C SER L 74 -22.73 -68.52 -26.90
N ASP L 75 -21.56 -68.79 -26.35
CA ASP L 75 -20.94 -70.12 -26.46
C ASP L 75 -21.33 -71.03 -25.29
N ARG L 76 -22.65 -71.16 -25.07
CA ARG L 76 -23.15 -72.01 -24.00
C ARG L 76 -24.25 -72.92 -24.54
N LYS L 77 -24.93 -73.64 -23.65
CA LYS L 77 -26.01 -74.55 -24.02
C LYS L 77 -27.31 -73.98 -23.46
N TYR L 78 -28.04 -73.25 -24.29
CA TYR L 78 -29.30 -72.64 -23.89
C TYR L 78 -30.47 -73.43 -24.46
N HIS L 79 -31.56 -73.51 -23.70
CA HIS L 79 -32.79 -74.17 -24.12
C HIS L 79 -33.93 -73.17 -23.90
N CYS L 80 -34.27 -72.42 -24.94
CA CYS L 80 -35.28 -71.39 -24.84
C CYS L 80 -36.68 -71.99 -24.74
N VAL L 81 -37.51 -71.38 -23.90
CA VAL L 81 -38.91 -71.77 -23.73
C VAL L 81 -39.74 -70.59 -24.21
N CYS L 82 -40.38 -70.73 -25.38
CA CYS L 82 -41.03 -69.62 -26.07
C CYS L 82 -42.47 -69.95 -26.40
N PRO L 83 -43.40 -69.74 -25.48
CA PRO L 83 -44.82 -69.81 -25.83
C PRO L 83 -45.22 -68.66 -26.72
N MET L 84 -46.26 -68.91 -27.53
CA MET L 84 -46.80 -67.89 -28.44
C MET L 84 -47.98 -67.17 -27.78
N ARG L 85 -47.67 -66.43 -26.72
CA ARG L 85 -48.69 -65.83 -25.87
C ARG L 85 -48.75 -64.32 -25.92
N SER L 86 -47.63 -63.65 -26.13
CA SER L 86 -47.56 -62.20 -26.13
C SER L 86 -47.74 -61.66 -27.55
N ALA L 87 -47.86 -60.34 -27.65
CA ALA L 87 -48.04 -59.67 -28.93
C ALA L 87 -46.73 -59.33 -29.62
N GLU L 88 -45.59 -59.56 -28.96
CA GLU L 88 -44.29 -59.34 -29.56
C GLU L 88 -43.64 -60.63 -30.05
N ASP L 89 -44.22 -61.79 -29.76
CA ASP L 89 -43.60 -63.06 -30.12
C ASP L 89 -43.43 -63.24 -31.62
N PRO L 90 -44.43 -62.97 -32.48
CA PRO L 90 -44.21 -63.17 -33.93
C PRO L 90 -43.05 -62.36 -34.48
N GLU L 91 -42.85 -61.13 -33.98
CA GLU L 91 -41.72 -60.33 -34.44
C GLU L 91 -40.39 -60.96 -34.03
N ARG L 92 -40.31 -61.47 -32.81
CA ARG L 92 -39.06 -62.08 -32.34
C ARG L 92 -38.72 -63.33 -33.14
N LEU L 93 -39.73 -64.17 -33.42
CA LEU L 93 -39.47 -65.41 -34.14
C LEU L 93 -38.99 -65.14 -35.56
N ALA L 94 -39.60 -64.16 -36.24
CA ALA L 94 -39.18 -63.84 -37.60
C ALA L 94 -37.75 -63.29 -37.62
N ASN L 95 -37.41 -62.45 -36.64
CA ASN L 95 -36.05 -61.90 -36.58
C ASN L 95 -35.04 -63.00 -36.32
N TYR L 96 -35.37 -63.97 -35.47
CA TYR L 96 -34.46 -65.06 -35.16
C TYR L 96 -34.16 -65.89 -36.41
N ALA L 97 -35.19 -66.19 -37.20
CA ALA L 97 -34.99 -66.99 -38.41
C ALA L 97 -34.16 -66.23 -39.44
N ARG L 98 -34.43 -64.93 -39.60
CA ARG L 98 -33.72 -64.15 -40.62
C ARG L 98 -32.23 -64.07 -40.32
N LYS L 99 -31.86 -63.85 -39.07
CA LYS L 99 -30.45 -63.74 -38.72
C LYS L 99 -29.74 -65.08 -38.85
N LEU L 100 -30.42 -66.18 -38.53
CA LEU L 100 -29.79 -67.50 -38.63
C LEU L 100 -29.41 -67.83 -40.07
N ALA L 101 -30.30 -67.55 -41.02
CA ALA L 101 -30.02 -67.88 -42.41
C ALA L 101 -29.03 -66.92 -43.04
N SER L 102 -29.01 -65.65 -42.61
CA SER L 102 -28.15 -64.65 -43.20
C SER L 102 -26.68 -64.85 -42.88
N ALA L 103 -26.36 -65.63 -41.84
CA ALA L 103 -24.97 -65.88 -41.43
C ALA L 103 -24.77 -67.37 -41.18
N ALA L 104 -25.27 -68.20 -42.09
CA ALA L 104 -25.16 -69.65 -41.93
C ALA L 104 -23.81 -70.21 -42.34
N GLY L 105 -23.00 -69.44 -43.05
CA GLY L 105 -21.70 -69.93 -43.50
C GLY L 105 -20.55 -68.98 -43.26
N LYS L 106 -20.86 -67.75 -42.83
CA LYS L 106 -19.82 -66.75 -42.63
C LYS L 106 -18.87 -67.17 -41.50
N VAL L 107 -19.40 -67.68 -40.40
CA VAL L 107 -18.59 -68.13 -39.27
C VAL L 107 -18.75 -69.63 -39.01
N LEU L 108 -20.00 -70.10 -38.87
CA LEU L 108 -20.30 -71.52 -38.69
C LEU L 108 -19.48 -72.13 -37.54
N ASP L 109 -19.35 -71.38 -36.45
CA ASP L 109 -18.56 -71.83 -35.31
C ASP L 109 -19.34 -71.88 -34.01
N ARG L 110 -20.62 -71.55 -34.02
CA ARG L 110 -21.45 -71.57 -32.83
C ARG L 110 -22.64 -72.51 -33.00
N ASN L 111 -22.39 -73.68 -33.58
CA ASN L 111 -23.42 -74.68 -33.83
C ASN L 111 -24.59 -74.10 -34.61
N ILE L 112 -24.26 -73.33 -35.65
CA ILE L 112 -25.29 -72.70 -36.47
C ILE L 112 -26.11 -73.76 -37.21
N SER L 113 -25.45 -74.78 -37.74
CA SER L 113 -26.17 -75.82 -38.48
C SER L 113 -27.15 -76.57 -37.59
N GLY L 114 -26.75 -76.86 -36.35
CA GLY L 114 -27.66 -77.56 -35.45
C GLY L 114 -28.87 -76.72 -35.08
N LYS L 115 -28.67 -75.41 -34.89
CA LYS L 115 -29.79 -74.54 -34.55
C LYS L 115 -30.79 -74.44 -35.70
N ILE L 116 -30.30 -74.45 -36.94
CA ILE L 116 -31.20 -74.44 -38.09
C ILE L 116 -31.93 -75.76 -38.21
N GLY L 117 -31.23 -76.87 -37.98
CA GLY L 117 -31.82 -78.18 -38.21
C GLY L 117 -32.99 -78.47 -37.30
N ASP L 118 -32.83 -78.23 -36.01
CA ASP L 118 -33.91 -78.53 -35.06
C ASP L 118 -35.01 -77.48 -35.07
N LEU L 119 -34.73 -76.27 -35.53
CA LEU L 119 -35.79 -75.28 -35.72
C LEU L 119 -36.76 -75.74 -36.80
N GLN L 120 -36.23 -76.33 -37.88
CA GLN L 120 -37.09 -76.87 -38.93
C GLN L 120 -37.95 -78.03 -38.40
N ALA L 121 -37.38 -78.86 -37.54
CA ALA L 121 -38.12 -79.99 -36.99
C ALA L 121 -39.31 -79.53 -36.16
N VAL L 122 -39.13 -78.47 -35.37
CA VAL L 122 -40.23 -77.95 -34.57
C VAL L 122 -41.33 -77.38 -35.47
N MET L 123 -40.94 -76.74 -36.58
CA MET L 123 -41.92 -76.21 -37.52
C MET L 123 -42.77 -77.31 -38.15
N ALA L 124 -42.22 -78.52 -38.28
CA ALA L 124 -43.00 -79.62 -38.84
C ALA L 124 -44.02 -80.14 -37.83
N VAL L 125 -43.53 -80.63 -36.69
CA VAL L 125 -44.38 -81.17 -35.62
C VAL L 125 -44.32 -80.20 -34.45
N PRO L 126 -45.43 -79.52 -34.11
CA PRO L 126 -45.40 -78.58 -32.98
C PRO L 126 -44.95 -79.21 -31.67
N ASP L 127 -45.59 -80.32 -31.28
CA ASP L 127 -45.29 -80.98 -30.01
C ASP L 127 -44.02 -81.82 -30.17
N THR L 128 -42.88 -81.13 -30.12
CA THR L 128 -41.58 -81.77 -30.28
C THR L 128 -40.58 -81.07 -29.37
N GLU L 129 -39.71 -81.87 -28.75
CA GLU L 129 -38.66 -81.36 -27.87
C GLU L 129 -37.32 -81.44 -28.58
N THR L 130 -36.60 -80.32 -28.58
CA THR L 130 -35.29 -80.21 -29.18
C THR L 130 -34.33 -79.62 -28.16
N PRO L 131 -33.02 -79.91 -28.27
CA PRO L 131 -32.08 -79.44 -27.24
C PRO L 131 -31.78 -77.95 -27.32
N THR L 132 -32.49 -77.22 -28.19
CA THR L 132 -32.30 -75.77 -28.31
C THR L 132 -33.60 -74.97 -28.35
N PHE L 133 -34.72 -75.56 -28.76
CA PHE L 133 -35.94 -74.78 -28.94
C PHE L 133 -37.15 -75.64 -28.59
N CYS L 134 -38.20 -74.97 -28.13
CA CYS L 134 -39.47 -75.63 -27.84
C CYS L 134 -40.57 -74.56 -27.82
N LEU L 135 -41.81 -75.03 -27.85
CA LEU L 135 -42.98 -74.15 -27.87
C LEU L 135 -43.95 -74.52 -26.75
N HIS L 136 -43.43 -74.73 -25.55
CA HIS L 136 -44.24 -75.04 -24.38
C HIS L 136 -44.10 -73.91 -23.36
N THR L 137 -44.71 -74.11 -22.20
CA THR L 137 -44.61 -73.17 -21.10
C THR L 137 -43.59 -73.68 -20.08
N ASP L 138 -43.42 -72.92 -19.00
CA ASP L 138 -42.49 -73.32 -17.95
C ASP L 138 -42.96 -74.56 -17.21
N VAL L 139 -44.25 -74.88 -17.29
CA VAL L 139 -44.79 -76.06 -16.61
C VAL L 139 -44.81 -77.27 -17.53
N SER L 140 -45.17 -77.07 -18.80
CA SER L 140 -45.34 -78.17 -19.74
C SER L 140 -44.04 -78.63 -20.38
N CYS L 141 -42.93 -77.94 -20.14
CA CYS L 141 -41.66 -78.35 -20.73
C CYS L 141 -41.18 -79.66 -20.13
N ARG L 142 -40.42 -80.42 -20.92
CA ARG L 142 -39.92 -81.72 -20.50
C ARG L 142 -38.40 -81.83 -20.52
N GLN L 143 -37.69 -80.83 -21.02
CA GLN L 143 -36.23 -80.88 -21.05
C GLN L 143 -35.67 -80.88 -19.64
N ARG L 144 -34.61 -81.65 -19.42
CA ARG L 144 -33.98 -81.81 -18.12
C ARG L 144 -32.69 -81.01 -18.08
N ALA L 145 -32.55 -80.18 -17.05
CA ALA L 145 -31.38 -79.32 -16.91
C ALA L 145 -31.09 -79.14 -15.42
N ASP L 146 -30.19 -78.21 -15.10
CA ASP L 146 -29.83 -77.93 -13.72
C ASP L 146 -29.72 -76.45 -13.39
N VAL L 147 -29.86 -75.55 -14.36
CA VAL L 147 -29.75 -74.11 -14.13
C VAL L 147 -30.92 -73.42 -14.83
N ALA L 148 -31.55 -72.49 -14.12
CA ALA L 148 -32.66 -71.71 -14.67
C ALA L 148 -32.36 -70.23 -14.51
N ILE L 149 -32.71 -69.44 -15.52
CA ILE L 149 -32.45 -68.01 -15.54
C ILE L 149 -33.75 -67.28 -15.88
N TYR L 150 -34.11 -66.32 -15.05
CA TYR L 150 -35.26 -65.44 -15.29
C TYR L 150 -34.76 -64.02 -15.53
N GLN L 151 -35.18 -63.42 -16.63
CA GLN L 151 -34.78 -62.07 -17.00
C GLN L 151 -36.04 -61.24 -17.24
N ASP L 152 -36.37 -60.38 -16.27
CA ASP L 152 -37.52 -59.47 -16.37
C ASP L 152 -38.82 -60.25 -16.59
N VAL L 153 -39.15 -61.09 -15.62
CA VAL L 153 -40.35 -61.92 -15.66
C VAL L 153 -41.24 -61.50 -14.49
N TYR L 154 -42.47 -61.12 -14.80
CA TYR L 154 -43.42 -60.70 -13.78
C TYR L 154 -44.80 -61.33 -13.96
N ALA L 155 -44.92 -62.37 -14.78
CA ALA L 155 -46.23 -62.93 -15.13
C ALA L 155 -46.40 -64.37 -14.67
N VAL L 156 -45.60 -64.82 -13.70
CA VAL L 156 -45.70 -66.18 -13.19
C VAL L 156 -45.72 -66.15 -11.67
N HIS L 157 -46.25 -67.21 -11.08
CA HIS L 157 -46.28 -67.38 -9.63
C HIS L 157 -44.99 -68.08 -9.20
N ALA L 158 -44.19 -67.42 -8.39
CA ALA L 158 -42.84 -67.91 -8.09
C ALA L 158 -42.83 -69.27 -7.39
N PRO L 159 -43.60 -69.51 -6.32
CA PRO L 159 -43.56 -70.84 -5.69
C PRO L 159 -43.96 -71.97 -6.63
N THR L 160 -44.93 -71.73 -7.50
CA THR L 160 -45.37 -72.80 -8.41
C THR L 160 -44.34 -73.05 -9.51
N SER L 161 -43.80 -71.98 -10.09
CA SER L 161 -42.81 -72.14 -11.16
C SER L 161 -41.54 -72.79 -10.64
N LEU L 162 -41.09 -72.40 -9.45
CA LEU L 162 -39.84 -72.94 -8.91
C LEU L 162 -39.97 -74.43 -8.61
N TYR L 163 -41.12 -74.86 -8.10
CA TYR L 163 -41.30 -76.26 -7.76
C TYR L 163 -41.22 -77.15 -9.00
N HIS L 164 -41.81 -76.72 -10.11
CA HIS L 164 -41.79 -77.53 -11.32
C HIS L 164 -40.38 -77.66 -11.89
N GLN L 165 -39.53 -76.64 -11.68
CA GLN L 165 -38.15 -76.74 -12.13
C GLN L 165 -37.35 -77.67 -11.23
N ALA L 166 -37.69 -77.72 -9.94
CA ALA L 166 -36.90 -78.49 -8.98
C ALA L 166 -37.06 -80.00 -9.20
N ILE L 167 -38.24 -80.45 -9.60
CA ILE L 167 -38.51 -81.88 -9.77
C ILE L 167 -37.86 -82.38 -11.05
N LYS L 168 -37.21 -81.49 -11.79
CA LYS L 168 -36.53 -81.84 -13.03
C LYS L 168 -35.01 -81.74 -12.93
N GLY L 169 -34.48 -81.57 -11.73
CA GLY L 169 -33.04 -81.57 -11.53
C GLY L 169 -32.37 -80.21 -11.49
N VAL L 170 -33.11 -79.14 -11.23
CA VAL L 170 -32.55 -77.79 -11.18
C VAL L 170 -32.16 -77.48 -9.74
N ARG L 171 -30.92 -77.00 -9.56
CA ARG L 171 -30.39 -76.70 -8.23
C ARG L 171 -29.95 -75.25 -8.08
N LEU L 172 -30.19 -74.41 -9.09
CA LEU L 172 -29.76 -73.02 -9.03
C LEU L 172 -30.67 -72.18 -9.92
N ALA L 173 -30.96 -70.96 -9.47
CA ALA L 173 -31.83 -70.06 -10.22
C ALA L 173 -31.38 -68.62 -10.01
N TYR L 174 -31.69 -67.77 -10.98
CA TYR L 174 -31.36 -66.36 -10.93
C TYR L 174 -32.57 -65.54 -11.35
N TRP L 175 -32.67 -64.33 -10.79
CA TRP L 175 -33.77 -63.42 -11.10
C TRP L 175 -33.23 -61.99 -11.19
N VAL L 176 -33.58 -61.30 -12.28
CA VAL L 176 -33.19 -59.92 -12.50
C VAL L 176 -34.45 -59.10 -12.74
N GLY L 177 -34.58 -57.99 -12.02
CA GLY L 177 -35.75 -57.14 -12.18
C GLY L 177 -35.73 -56.01 -11.17
N PHE L 178 -36.83 -55.27 -11.16
CA PHE L 178 -36.97 -54.13 -10.27
C PHE L 178 -37.20 -54.58 -8.82
N ASP L 179 -36.88 -53.70 -7.89
CA ASP L 179 -37.10 -53.98 -6.48
C ASP L 179 -38.60 -53.99 -6.17
N THR L 180 -39.01 -54.92 -5.32
CA THR L 180 -40.42 -55.10 -4.97
C THR L 180 -40.78 -54.48 -3.62
N THR L 181 -39.86 -53.73 -3.01
CA THR L 181 -40.15 -53.12 -1.71
C THR L 181 -41.33 -52.15 -1.73
N PRO L 182 -41.46 -51.22 -2.69
CA PRO L 182 -42.59 -50.27 -2.63
C PRO L 182 -43.95 -50.95 -2.65
N PHE L 183 -44.10 -52.07 -3.34
CA PHE L 183 -45.41 -52.71 -3.45
C PHE L 183 -45.81 -53.45 -2.18
N MET L 184 -44.88 -53.68 -1.25
CA MET L 184 -45.24 -54.27 0.03
C MET L 184 -45.78 -53.25 1.02
N TYR L 185 -45.67 -51.96 0.72
CA TYR L 185 -46.18 -50.90 1.58
C TYR L 185 -47.57 -50.43 1.20
N ASN L 186 -48.15 -50.98 0.14
CA ASN L 186 -49.50 -50.63 -0.34
C ASN L 186 -49.59 -49.14 -0.66
N ALA L 187 -48.78 -48.74 -1.64
CA ALA L 187 -48.76 -47.36 -2.13
C ALA L 187 -49.63 -47.22 -3.37
N MET L 188 -49.85 -45.97 -3.78
CA MET L 188 -50.64 -45.66 -4.96
C MET L 188 -49.80 -45.29 -6.17
N ALA L 189 -48.67 -44.62 -5.97
CA ALA L 189 -47.81 -44.22 -7.07
C ALA L 189 -46.37 -44.14 -6.58
N GLY L 190 -45.45 -44.15 -7.54
CA GLY L 190 -44.05 -44.11 -7.20
C GLY L 190 -43.20 -43.80 -8.42
N ALA L 191 -41.89 -43.83 -8.23
CA ALA L 191 -40.99 -43.51 -9.32
C ALA L 191 -39.61 -44.09 -9.04
N TYR L 192 -38.86 -44.32 -10.12
CA TYR L 192 -37.44 -44.66 -10.06
C TYR L 192 -36.70 -43.62 -10.88
N PRO L 193 -36.27 -42.50 -10.28
CA PRO L 193 -35.74 -41.38 -11.07
C PRO L 193 -34.49 -41.73 -11.87
N SER L 194 -33.65 -42.60 -11.32
CA SER L 194 -32.39 -42.92 -11.99
C SER L 194 -32.58 -43.65 -13.31
N TYR L 195 -33.67 -44.38 -13.48
CA TYR L 195 -33.94 -45.14 -14.70
C TYR L 195 -35.09 -44.57 -15.51
N SER L 196 -35.59 -43.38 -15.15
CA SER L 196 -36.68 -42.71 -15.86
C SER L 196 -37.91 -43.61 -15.97
N THR L 197 -38.35 -44.14 -14.82
CA THR L 197 -39.47 -45.05 -14.76
C THR L 197 -40.52 -44.50 -13.80
N ASN L 198 -41.77 -44.46 -14.25
CA ASN L 198 -42.88 -43.98 -13.45
C ASN L 198 -44.01 -44.99 -13.52
N TRP L 199 -44.65 -45.26 -12.38
CA TRP L 199 -45.78 -46.17 -12.32
C TRP L 199 -46.88 -45.54 -11.47
N ALA L 200 -48.12 -45.94 -11.76
CA ALA L 200 -49.26 -45.41 -11.04
C ALA L 200 -50.40 -46.41 -11.09
N ASP L 201 -51.31 -46.29 -10.14
CA ASP L 201 -52.51 -47.11 -10.13
C ASP L 201 -53.48 -46.66 -11.21
N GLU L 202 -54.34 -47.58 -11.66
CA GLU L 202 -55.29 -47.27 -12.72
C GLU L 202 -56.36 -46.28 -12.29
N GLN L 203 -56.59 -46.15 -10.98
CA GLN L 203 -57.64 -45.27 -10.48
C GLN L 203 -57.21 -43.81 -10.40
N VAL L 204 -55.91 -43.52 -10.56
CA VAL L 204 -55.42 -42.16 -10.41
C VAL L 204 -54.71 -41.70 -11.69
N LEU L 205 -55.11 -42.26 -12.82
CA LEU L 205 -54.51 -41.85 -14.10
C LEU L 205 -54.95 -40.46 -14.53
N LYS L 206 -55.94 -39.87 -13.88
CA LYS L 206 -56.40 -38.52 -14.20
C LYS L 206 -55.97 -37.51 -13.14
N ALA L 207 -54.77 -37.69 -12.58
CA ALA L 207 -54.25 -36.79 -11.57
C ALA L 207 -53.68 -35.54 -12.26
N LYS L 208 -52.99 -34.70 -11.50
CA LYS L 208 -52.47 -33.44 -12.03
C LYS L 208 -50.99 -33.26 -11.80
N ASN L 209 -50.44 -33.70 -10.66
CA ASN L 209 -49.06 -33.42 -10.30
C ASN L 209 -48.33 -34.69 -9.92
N ILE L 210 -48.48 -35.75 -10.72
CA ILE L 210 -47.67 -36.96 -10.54
C ILE L 210 -46.94 -37.25 -11.84
N GLY L 211 -46.11 -38.28 -11.84
CA GLY L 211 -45.26 -38.56 -12.99
C GLY L 211 -45.95 -39.20 -14.18
N LEU L 212 -47.17 -39.71 -14.00
CA LEU L 212 -47.90 -40.39 -15.08
C LEU L 212 -49.38 -40.03 -14.93
N CYS L 213 -49.81 -38.99 -15.65
CA CYS L 213 -51.18 -38.52 -15.56
C CYS L 213 -51.48 -37.61 -16.75
N SER L 214 -52.75 -37.24 -16.88
CA SER L 214 -53.20 -36.30 -17.90
C SER L 214 -54.57 -35.78 -17.49
N THR L 215 -54.79 -34.48 -17.67
CA THR L 215 -56.03 -33.84 -17.25
C THR L 215 -56.40 -32.79 -18.30
N ASP L 216 -57.51 -32.08 -18.04
CA ASP L 216 -58.01 -31.07 -18.95
C ASP L 216 -58.30 -29.79 -18.16
N LEU L 217 -58.66 -28.74 -18.88
CA LEU L 217 -58.97 -27.45 -18.29
C LEU L 217 -60.47 -27.32 -18.07
N THR L 218 -60.85 -26.91 -16.86
CA THR L 218 -62.26 -26.75 -16.50
C THR L 218 -62.44 -25.42 -15.78
N GLU L 219 -63.71 -25.10 -15.49
CA GLU L 219 -64.06 -23.85 -14.82
C GLU L 219 -64.66 -24.04 -13.44
N GLY L 220 -65.33 -25.16 -13.19
CA GLY L 220 -65.91 -25.40 -11.89
C GLY L 220 -67.43 -25.40 -11.90
N ARG L 221 -68.03 -26.58 -11.83
CA ARG L 221 -69.47 -26.74 -11.83
C ARG L 221 -69.91 -27.38 -10.52
N ARG L 222 -71.18 -27.14 -10.18
CA ARG L 222 -71.66 -27.40 -8.81
C ARG L 222 -71.56 -28.87 -8.42
N GLY L 223 -71.89 -29.78 -9.32
CA GLY L 223 -71.83 -31.18 -8.97
C GLY L 223 -72.09 -32.06 -10.16
N LYS L 224 -71.95 -33.37 -9.95
CA LYS L 224 -72.10 -34.38 -10.98
C LYS L 224 -73.16 -35.38 -10.56
N LEU L 225 -74.04 -35.75 -11.49
CA LEU L 225 -75.10 -36.71 -11.23
C LEU L 225 -74.59 -38.13 -11.45
N SER L 226 -73.65 -38.54 -10.61
CA SER L 226 -73.06 -39.88 -10.66
C SER L 226 -73.84 -40.78 -9.72
N ILE L 227 -74.55 -41.76 -10.29
CA ILE L 227 -75.36 -42.66 -9.47
C ILE L 227 -74.49 -43.59 -8.64
N MET L 228 -73.43 -44.13 -9.23
CA MET L 228 -72.55 -45.06 -8.54
C MET L 228 -71.69 -44.29 -7.54
N ARG L 229 -71.98 -44.46 -6.25
CA ARG L 229 -71.26 -43.80 -5.18
C ARG L 229 -70.46 -44.83 -4.40
N GLY L 230 -69.14 -44.68 -4.37
CA GLY L 230 -68.29 -45.62 -3.66
C GLY L 230 -67.80 -45.10 -2.33
N LYS L 231 -67.38 -43.83 -2.29
CA LYS L 231 -66.85 -43.17 -1.10
C LYS L 231 -65.63 -43.92 -0.53
N LYS L 232 -64.95 -44.71 -1.35
CA LYS L 232 -63.77 -45.44 -0.93
C LYS L 232 -62.69 -45.30 -1.99
N LEU L 233 -61.44 -45.18 -1.55
CA LEU L 233 -60.29 -45.06 -2.45
C LEU L 233 -59.20 -45.99 -1.92
N GLU L 234 -59.14 -47.19 -2.46
CA GLU L 234 -58.18 -48.19 -2.02
C GLU L 234 -57.42 -48.76 -3.21
N PRO L 235 -56.18 -49.20 -3.01
CA PRO L 235 -55.43 -49.79 -4.13
C PRO L 235 -56.12 -51.02 -4.69
N CYS L 236 -56.01 -51.20 -5.99
N CYS L 236 -56.01 -51.20 -6.00
CA CYS L 236 -56.58 -52.33 -6.70
CA CYS L 236 -56.58 -52.34 -6.71
C CYS L 236 -55.47 -53.17 -7.33
C CYS L 236 -55.46 -53.18 -7.33
N ASP L 237 -55.86 -54.23 -8.05
CA ASP L 237 -54.89 -55.14 -8.63
C ASP L 237 -54.13 -54.49 -9.79
N ARG L 238 -54.82 -53.73 -10.63
CA ARG L 238 -54.21 -53.25 -11.86
C ARG L 238 -53.19 -52.15 -11.59
N VAL L 239 -52.02 -52.29 -12.19
CA VAL L 239 -50.92 -51.33 -12.06
C VAL L 239 -50.28 -51.15 -13.43
N LEU L 240 -49.96 -49.91 -13.77
CA LEU L 240 -49.37 -49.57 -15.06
C LEU L 240 -47.93 -49.11 -14.86
N PHE L 241 -47.03 -49.61 -15.70
CA PHE L 241 -45.62 -49.23 -15.69
C PHE L 241 -45.28 -48.48 -16.97
N SER L 242 -44.27 -47.61 -16.88
CA SER L 242 -43.79 -46.83 -18.01
C SER L 242 -42.29 -46.68 -17.91
N VAL L 243 -41.56 -47.43 -18.72
CA VAL L 243 -40.11 -47.35 -18.79
C VAL L 243 -39.75 -46.63 -20.09
N GLY L 244 -39.18 -45.44 -19.96
CA GLY L 244 -38.90 -44.63 -21.13
C GLY L 244 -40.18 -44.22 -21.84
N SER L 245 -40.42 -44.80 -23.02
CA SER L 245 -41.63 -44.57 -23.79
C SER L 245 -42.42 -45.85 -24.03
N THR L 246 -42.20 -46.87 -23.22
CA THR L 246 -42.86 -48.16 -23.36
C THR L 246 -43.80 -48.40 -22.19
N LEU L 247 -44.93 -49.05 -22.48
CA LEU L 247 -45.98 -49.28 -21.48
C LEU L 247 -46.10 -50.77 -21.19
N TYR L 248 -46.22 -51.10 -19.90
CA TYR L 248 -46.36 -52.49 -19.46
C TYR L 248 -47.43 -52.59 -18.39
N PRO L 249 -48.47 -53.40 -18.61
CA PRO L 249 -49.45 -53.67 -17.55
C PRO L 249 -48.97 -54.78 -16.63
N GLU L 250 -49.26 -54.63 -15.33
CA GLU L 250 -48.82 -55.56 -14.31
C GLU L 250 -49.93 -55.81 -13.31
N SER L 251 -49.76 -56.86 -12.52
CA SER L 251 -50.68 -57.24 -11.46
C SER L 251 -49.96 -57.27 -10.12
N ARG L 252 -50.65 -56.84 -9.07
CA ARG L 252 -50.02 -56.74 -7.75
C ARG L 252 -49.74 -58.12 -7.15
N LYS L 253 -50.62 -59.09 -7.38
CA LYS L 253 -50.46 -60.41 -6.76
C LYS L 253 -49.17 -61.09 -7.22
N LEU L 254 -48.88 -61.02 -8.52
CA LEU L 254 -47.67 -61.65 -9.03
C LEU L 254 -46.42 -60.86 -8.62
N LEU L 255 -46.52 -59.53 -8.52
CA LEU L 255 -45.37 -58.73 -8.11
C LEU L 255 -44.97 -59.05 -6.68
N LYS L 256 -45.94 -59.20 -5.79
CA LYS L 256 -45.64 -59.44 -4.38
C LYS L 256 -45.16 -60.86 -4.10
N SER L 257 -45.41 -61.80 -5.03
CA SER L 257 -45.02 -63.18 -4.81
C SER L 257 -43.51 -63.39 -4.92
N TRP L 258 -42.78 -62.44 -5.50
CA TRP L 258 -41.35 -62.56 -5.67
C TRP L 258 -40.55 -61.99 -4.50
N HIS L 259 -41.23 -61.49 -3.47
CA HIS L 259 -40.57 -61.02 -2.25
C HIS L 259 -40.45 -62.22 -1.32
N LEU L 260 -39.42 -63.04 -1.56
CA LEU L 260 -39.25 -64.30 -0.87
C LEU L 260 -38.50 -64.11 0.45
N PRO L 261 -38.76 -64.96 1.44
CA PRO L 261 -38.03 -64.89 2.71
C PRO L 261 -36.65 -65.56 2.57
N SER L 262 -35.94 -65.63 3.70
CA SER L 262 -34.61 -66.20 3.70
C SER L 262 -34.66 -67.71 3.44
N VAL L 263 -35.53 -68.43 4.14
CA VAL L 263 -35.66 -69.87 4.00
C VAL L 263 -37.14 -70.23 3.90
N PHE L 264 -37.45 -71.21 3.05
CA PHE L 264 -38.83 -71.68 2.90
C PHE L 264 -38.79 -73.13 2.44
N HIS L 265 -39.91 -73.82 2.67
CA HIS L 265 -40.04 -75.23 2.33
C HIS L 265 -41.12 -75.42 1.29
N LEU L 266 -40.85 -76.31 0.33
CA LEU L 266 -41.82 -76.70 -0.70
C LEU L 266 -42.20 -78.16 -0.46
N LYS L 267 -43.45 -78.39 -0.08
CA LYS L 267 -43.92 -79.72 0.26
C LYS L 267 -44.95 -80.19 -0.77
N GLY L 268 -44.69 -81.35 -1.37
CA GLY L 268 -45.61 -81.96 -2.33
C GLY L 268 -45.39 -83.44 -2.37
N LYS L 269 -45.40 -84.00 -3.58
CA LYS L 269 -45.00 -85.40 -3.73
C LYS L 269 -43.54 -85.58 -3.34
N LEU L 270 -42.72 -84.53 -3.48
CA LEU L 270 -41.35 -84.52 -3.02
C LEU L 270 -41.11 -83.22 -2.27
N SER L 271 -40.16 -83.25 -1.34
CA SER L 271 -39.89 -82.13 -0.45
C SER L 271 -38.52 -81.52 -0.78
N PHE L 272 -38.44 -80.19 -0.69
CA PHE L 272 -37.23 -79.46 -0.98
C PHE L 272 -37.04 -78.34 0.02
N THR L 273 -35.79 -77.91 0.18
CA THR L 273 -35.43 -76.79 1.04
C THR L 273 -34.71 -75.75 0.20
N CYS L 274 -35.08 -74.48 0.38
CA CYS L 274 -34.61 -73.41 -0.48
C CYS L 274 -34.12 -72.22 0.33
N ARG L 275 -33.24 -71.43 -0.28
CA ARG L 275 -32.72 -70.20 0.29
C ARG L 275 -32.77 -69.09 -0.77
N CYS L 276 -32.58 -67.86 -0.31
CA CYS L 276 -32.61 -66.71 -1.21
C CYS L 276 -31.67 -65.64 -0.68
N ASP L 277 -30.81 -65.12 -1.55
CA ASP L 277 -29.86 -64.08 -1.20
C ASP L 277 -29.81 -63.03 -2.31
N THR L 278 -29.40 -61.82 -1.94
CA THR L 278 -29.22 -60.72 -2.87
C THR L 278 -27.73 -60.45 -3.02
N VAL L 279 -27.26 -60.38 -4.26
CA VAL L 279 -25.84 -60.22 -4.53
C VAL L 279 -25.50 -58.88 -5.17
N VAL L 280 -26.41 -58.30 -5.95
CA VAL L 280 -26.19 -57.02 -6.61
C VAL L 280 -27.40 -56.14 -6.38
N SER L 281 -27.17 -54.88 -6.02
CA SER L 281 -28.23 -53.91 -5.80
C SER L 281 -27.74 -52.53 -6.19
N CYS L 282 -28.46 -51.86 -7.09
CA CYS L 282 -28.05 -50.54 -7.56
C CYS L 282 -29.30 -49.72 -7.87
N GLU L 283 -29.75 -48.94 -6.89
CA GLU L 283 -30.75 -47.88 -7.06
C GLU L 283 -32.08 -48.37 -7.61
N GLY L 284 -32.42 -49.64 -7.41
CA GLY L 284 -33.70 -50.14 -7.86
C GLY L 284 -33.66 -51.51 -8.51
N TYR L 285 -32.55 -51.84 -9.16
CA TYR L 285 -32.36 -53.16 -9.75
C TYR L 285 -31.63 -54.06 -8.77
N VAL L 286 -32.10 -55.30 -8.65
CA VAL L 286 -31.51 -56.28 -7.76
C VAL L 286 -31.31 -57.59 -8.52
N VAL L 287 -30.35 -58.38 -8.07
CA VAL L 287 -30.10 -59.72 -8.58
C VAL L 287 -30.18 -60.70 -7.42
N LYS L 288 -31.02 -61.73 -7.57
CA LYS L 288 -31.26 -62.70 -6.51
C LYS L 288 -30.81 -64.09 -6.97
N ARG L 289 -30.24 -64.84 -6.03
CA ARG L 289 -29.79 -66.20 -6.28
C ARG L 289 -30.54 -67.15 -5.36
N ILE L 290 -31.11 -68.21 -5.95
CA ILE L 290 -31.94 -69.17 -5.22
C ILE L 290 -31.35 -70.55 -5.43
N THR L 291 -31.20 -71.30 -4.33
CA THR L 291 -30.68 -72.66 -4.37
C THR L 291 -31.72 -73.63 -3.83
N MET L 292 -31.73 -74.84 -4.37
CA MET L 292 -32.66 -75.89 -3.96
C MET L 292 -31.88 -77.13 -3.55
N SER L 293 -32.48 -77.91 -2.64
CA SER L 293 -31.88 -79.14 -2.16
C SER L 293 -33.00 -80.08 -1.72
N PRO L 294 -32.85 -81.38 -1.94
CA PRO L 294 -33.91 -82.32 -1.57
C PRO L 294 -33.85 -82.68 -0.09
N GLY L 295 -35.01 -82.74 0.54
CA GLY L 295 -35.12 -83.04 1.95
C GLY L 295 -35.53 -81.83 2.77
N LEU L 296 -35.91 -82.09 4.01
CA LEU L 296 -36.35 -81.05 4.94
C LEU L 296 -35.34 -80.92 6.06
N TYR L 297 -34.83 -79.70 6.27
CA TYR L 297 -33.87 -79.41 7.32
C TYR L 297 -34.19 -78.07 7.94
N GLY L 298 -33.85 -77.94 9.22
CA GLY L 298 -34.00 -76.67 9.91
C GLY L 298 -35.46 -76.28 10.15
N LYS L 299 -35.63 -75.01 10.48
CA LYS L 299 -36.96 -74.45 10.75
C LYS L 299 -37.04 -73.07 10.12
N THR L 300 -38.26 -72.60 9.91
CA THR L 300 -38.53 -71.34 9.25
C THR L 300 -39.11 -70.32 10.23
N THR L 301 -38.94 -69.05 9.89
CA THR L 301 -39.46 -67.94 10.68
C THR L 301 -40.43 -67.06 9.91
N GLY L 302 -40.19 -66.84 8.62
CA GLY L 302 -41.09 -66.05 7.81
C GLY L 302 -40.85 -64.56 7.87
N TYR L 303 -39.63 -64.13 7.58
CA TYR L 303 -39.28 -62.72 7.58
C TYR L 303 -38.45 -62.39 6.35
N ALA L 304 -38.61 -61.17 5.85
CA ALA L 304 -37.84 -60.66 4.73
C ALA L 304 -37.14 -59.37 5.14
N VAL L 305 -35.88 -59.25 4.76
CA VAL L 305 -35.03 -58.14 5.18
C VAL L 305 -34.52 -57.42 3.94
N THR L 306 -34.62 -56.09 3.94
CA THR L 306 -34.12 -55.25 2.85
C THR L 306 -33.14 -54.25 3.43
N HIS L 307 -31.99 -54.11 2.78
CA HIS L 307 -30.96 -53.18 3.21
C HIS L 307 -31.00 -51.94 2.33
N HIS L 308 -30.97 -50.76 2.95
CA HIS L 308 -31.09 -49.49 2.24
C HIS L 308 -29.73 -48.80 2.21
N ALA L 309 -29.19 -48.64 1.01
CA ALA L 309 -27.99 -47.84 0.81
C ALA L 309 -28.28 -46.38 0.52
N ASP L 310 -29.56 -46.01 0.37
CA ASP L 310 -29.97 -44.64 0.14
C ASP L 310 -31.36 -44.44 0.75
N GLY L 311 -31.78 -43.18 0.80
CA GLY L 311 -33.02 -42.85 1.47
C GLY L 311 -34.23 -43.39 0.75
N PHE L 312 -35.30 -43.64 1.51
CA PHE L 312 -36.57 -44.12 0.98
C PHE L 312 -37.70 -43.37 1.67
N LEU L 313 -38.60 -42.80 0.89
CA LEU L 313 -39.69 -41.99 1.41
C LEU L 313 -41.03 -42.56 1.00
N MET L 314 -42.03 -42.33 1.84
CA MET L 314 -43.42 -42.65 1.53
C MET L 314 -44.31 -41.73 2.35
N CYS L 315 -44.85 -40.70 1.72
CA CYS L 315 -45.60 -39.67 2.41
C CYS L 315 -47.02 -39.61 1.85
N LYS L 316 -47.80 -38.65 2.35
CA LYS L 316 -49.18 -38.45 1.95
C LYS L 316 -49.32 -37.09 1.27
N THR L 317 -49.98 -37.07 0.13
CA THR L 317 -50.12 -35.85 -0.67
C THR L 317 -51.59 -35.64 -1.02
N THR L 318 -51.92 -34.40 -1.35
CA THR L 318 -53.28 -34.01 -1.75
C THR L 318 -53.25 -33.52 -3.18
N ASP L 319 -54.13 -34.08 -4.01
CA ASP L 319 -54.20 -33.74 -5.43
C ASP L 319 -55.65 -33.83 -5.88
N THR L 320 -55.94 -33.25 -7.04
CA THR L 320 -57.28 -33.24 -7.60
C THR L 320 -57.33 -34.25 -8.75
N VAL L 321 -58.17 -35.27 -8.60
CA VAL L 321 -58.36 -36.30 -9.61
C VAL L 321 -59.68 -36.06 -10.32
N ASP L 322 -59.61 -35.71 -11.60
CA ASP L 322 -60.77 -35.41 -12.43
C ASP L 322 -61.66 -34.33 -11.79
N GLY L 323 -61.04 -33.28 -11.26
CA GLY L 323 -61.77 -32.16 -10.69
C GLY L 323 -62.17 -32.32 -9.24
N GLU L 324 -61.93 -33.48 -8.64
CA GLU L 324 -62.29 -33.74 -7.26
C GLU L 324 -61.04 -33.88 -6.40
N ARG L 325 -61.04 -33.24 -5.23
CA ARG L 325 -59.86 -33.20 -4.38
C ARG L 325 -59.84 -34.41 -3.46
N VAL L 326 -58.77 -35.19 -3.52
CA VAL L 326 -58.59 -36.40 -2.72
C VAL L 326 -57.15 -36.45 -2.23
N SER L 327 -56.82 -37.52 -1.50
CA SER L 327 -55.48 -37.71 -0.95
C SER L 327 -55.09 -39.18 -1.03
N PHE L 328 -53.82 -39.42 -1.34
CA PHE L 328 -53.27 -40.77 -1.39
C PHE L 328 -51.79 -40.70 -1.03
N SER L 329 -51.06 -41.77 -1.30
CA SER L 329 -49.67 -41.90 -0.88
C SER L 329 -48.74 -42.08 -2.07
N VAL L 330 -47.53 -41.55 -1.94
CA VAL L 330 -46.52 -41.57 -3.00
C VAL L 330 -45.18 -41.94 -2.38
N CYS L 331 -44.41 -42.76 -3.09
CA CYS L 331 -43.09 -43.19 -2.64
C CYS L 331 -42.03 -42.85 -3.67
N THR L 332 -40.78 -42.73 -3.21
CA THR L 332 -39.68 -42.36 -4.08
C THR L 332 -38.36 -42.71 -3.41
N TYR L 333 -37.27 -42.47 -4.13
CA TYR L 333 -35.91 -42.68 -3.64
C TYR L 333 -35.15 -41.35 -3.59
N VAL L 334 -34.23 -41.25 -2.65
CA VAL L 334 -33.44 -40.03 -2.46
C VAL L 334 -31.96 -40.41 -2.42
N PRO L 335 -31.08 -39.64 -3.07
CA PRO L 335 -29.64 -39.92 -2.98
C PRO L 335 -29.12 -39.76 -1.55
N ALA L 336 -28.06 -40.51 -1.26
CA ALA L 336 -27.54 -40.54 0.10
C ALA L 336 -26.91 -39.21 0.51
N THR L 337 -26.25 -38.53 -0.42
CA THR L 337 -25.56 -37.29 -0.09
C THR L 337 -26.54 -36.21 0.37
N ILE L 338 -27.71 -36.14 -0.28
CA ILE L 338 -28.71 -35.15 0.11
C ILE L 338 -29.22 -35.43 1.52
N CYS L 339 -29.45 -36.71 1.84
CA CYS L 339 -29.97 -37.06 3.16
C CYS L 339 -28.98 -36.71 4.26
N ASP L 340 -27.68 -36.89 3.99
CA ASP L 340 -26.67 -36.64 5.02
C ASP L 340 -26.60 -35.18 5.41
N GLN L 341 -26.74 -34.28 4.43
CA GLN L 341 -26.55 -32.85 4.67
C GLN L 341 -27.78 -32.15 5.22
N MET L 342 -28.89 -32.87 5.38
CA MET L 342 -30.10 -32.31 5.97
C MET L 342 -30.24 -32.63 7.45
N THR L 343 -29.22 -33.26 8.05
CA THR L 343 -29.34 -33.70 9.43
C THR L 343 -29.49 -32.51 10.39
N GLY L 344 -28.72 -31.45 10.18
CA GLY L 344 -28.75 -30.33 11.10
C GLY L 344 -29.98 -29.46 10.96
N ILE L 345 -30.54 -29.38 9.76
CA ILE L 345 -31.70 -28.51 9.53
C ILE L 345 -32.94 -29.08 10.20
N LEU L 346 -33.11 -30.41 10.15
CA LEU L 346 -34.32 -31.04 10.65
C LEU L 346 -34.35 -31.18 12.16
N ALA L 347 -33.48 -30.48 12.89
CA ALA L 347 -33.52 -30.49 14.34
C ALA L 347 -34.65 -29.63 14.91
N THR L 348 -35.27 -28.78 14.09
CA THR L 348 -36.36 -27.93 14.54
C THR L 348 -37.55 -28.05 13.59
N GLU L 349 -38.55 -27.20 13.76
CA GLU L 349 -39.71 -27.18 12.89
C GLU L 349 -39.47 -26.22 11.73
N VAL L 350 -39.70 -26.71 10.51
CA VAL L 350 -39.45 -25.94 9.30
C VAL L 350 -40.67 -26.04 8.39
N THR L 351 -41.02 -24.92 7.76
CA THR L 351 -42.15 -24.88 6.84
C THR L 351 -41.77 -25.47 5.50
N PRO L 352 -42.75 -25.98 4.74
CA PRO L 352 -42.44 -26.50 3.40
C PRO L 352 -41.82 -25.47 2.47
N GLU L 353 -42.16 -24.19 2.62
CA GLU L 353 -41.56 -23.15 1.80
C GLU L 353 -40.06 -23.06 2.03
N ASP L 354 -39.65 -23.09 3.30
CA ASP L 354 -38.23 -22.97 3.62
C ASP L 354 -37.46 -24.22 3.19
N ALA L 355 -38.07 -25.40 3.35
CA ALA L 355 -37.39 -26.63 2.99
C ALA L 355 -37.10 -26.70 1.50
N GLN L 356 -38.05 -26.24 0.68
CA GLN L 356 -37.84 -26.25 -0.77
C GLN L 356 -36.68 -25.35 -1.17
N LYS L 357 -36.57 -24.17 -0.55
CA LYS L 357 -35.46 -23.27 -0.85
C LYS L 357 -34.12 -23.88 -0.46
N LEU L 358 -34.08 -24.56 0.69
CA LEU L 358 -32.82 -25.18 1.13
C LEU L 358 -32.38 -26.29 0.19
N LEU L 359 -33.33 -27.09 -0.30
CA LEU L 359 -32.98 -28.20 -1.18
C LEU L 359 -32.39 -27.71 -2.50
N VAL L 360 -32.95 -26.62 -3.04
CA VAL L 360 -32.44 -26.09 -4.31
C VAL L 360 -31.01 -25.61 -4.15
N GLY L 361 -30.70 -24.92 -3.04
CA GLY L 361 -29.35 -24.47 -2.82
C GLY L 361 -28.36 -25.60 -2.68
N LEU L 362 -28.78 -26.71 -2.05
CA LEU L 362 -27.92 -27.87 -1.89
C LEU L 362 -27.75 -28.66 -3.19
N ASN L 363 -28.48 -28.30 -4.24
CA ASN L 363 -28.43 -29.00 -5.53
C ASN L 363 -27.52 -28.29 -6.52
N GLN L 364 -26.41 -27.71 -6.04
CA GLN L 364 -25.48 -26.99 -6.89
C GLN L 364 -24.08 -27.56 -6.71
N ARG L 365 -23.25 -27.36 -7.72
CA ARG L 365 -21.91 -27.95 -7.74
C ARG L 365 -20.97 -27.21 -6.78
N ILE L 366 -19.95 -27.93 -6.32
CA ILE L 366 -18.86 -27.37 -5.54
C ILE L 366 -17.55 -27.86 -6.14
N VAL L 367 -16.71 -26.93 -6.59
CA VAL L 367 -15.42 -27.25 -7.19
C VAL L 367 -14.34 -26.51 -6.43
N VAL L 368 -13.32 -27.25 -5.97
CA VAL L 368 -12.21 -26.68 -5.21
C VAL L 368 -10.91 -27.05 -5.92
N ASN L 369 -10.13 -26.03 -6.27
CA ASN L 369 -8.80 -26.22 -6.89
C ASN L 369 -8.89 -27.05 -8.18
N GLY L 370 -9.98 -26.89 -8.90
CA GLY L 370 -10.15 -27.55 -10.18
C GLY L 370 -10.67 -28.97 -10.12
N ARG L 371 -10.87 -29.52 -8.94
CA ARG L 371 -11.41 -30.87 -8.77
C ARG L 371 -12.76 -30.78 -8.09
N THR L 372 -13.75 -31.47 -8.64
CA THR L 372 -15.12 -31.35 -8.16
C THR L 372 -15.31 -32.11 -6.86
N GLN L 373 -16.24 -31.64 -6.04
CA GLN L 373 -16.63 -32.31 -4.81
C GLN L 373 -18.12 -32.58 -4.71
N ARG L 374 -18.95 -31.81 -5.40
CA ARG L 374 -20.40 -32.01 -5.42
C ARG L 374 -20.90 -31.77 -6.84
N ASN L 375 -21.82 -32.62 -7.29
CA ASN L 375 -22.30 -32.55 -8.66
C ASN L 375 -23.34 -31.45 -8.82
N THR L 376 -23.56 -31.05 -10.08
CA THR L 376 -24.47 -29.96 -10.37
C THR L 376 -25.93 -30.39 -10.26
N ASN L 377 -26.24 -31.65 -10.52
CA ASN L 377 -27.62 -32.16 -10.41
C ASN L 377 -27.55 -33.55 -9.78
N THR L 378 -27.63 -33.59 -8.44
CA THR L 378 -27.63 -34.88 -7.75
C THR L 378 -28.97 -35.59 -7.90
N MET L 379 -30.07 -34.85 -7.81
CA MET L 379 -31.40 -35.41 -7.95
C MET L 379 -32.19 -34.58 -8.95
N LYS L 380 -33.17 -35.22 -9.60
CA LYS L 380 -33.97 -34.54 -10.60
C LYS L 380 -34.93 -33.55 -9.95
N ASN L 381 -35.25 -32.49 -10.69
CA ASN L 381 -35.97 -31.35 -10.13
C ASN L 381 -37.48 -31.54 -10.10
N TYR L 382 -38.03 -32.57 -10.74
CA TYR L 382 -39.47 -32.74 -10.75
C TYR L 382 -39.99 -33.48 -9.52
N MET L 383 -39.11 -33.92 -8.63
CA MET L 383 -39.52 -34.58 -7.39
C MET L 383 -39.23 -33.74 -6.15
N ILE L 384 -38.62 -32.56 -6.31
CA ILE L 384 -38.28 -31.74 -5.15
C ILE L 384 -39.52 -31.26 -4.39
N PRO L 385 -40.58 -30.72 -5.04
CA PRO L 385 -41.73 -30.23 -4.26
C PRO L 385 -42.34 -31.25 -3.33
N VAL L 386 -42.50 -32.49 -3.79
CA VAL L 386 -43.14 -33.52 -2.96
C VAL L 386 -42.19 -33.97 -1.85
N VAL L 387 -40.88 -34.02 -2.16
CA VAL L 387 -39.91 -34.46 -1.16
C VAL L 387 -39.79 -33.45 -0.03
N ALA L 388 -39.78 -32.17 -0.37
CA ALA L 388 -39.66 -31.12 0.65
C ALA L 388 -40.84 -31.12 1.60
N GLN L 389 -42.02 -31.49 1.09
CA GLN L 389 -43.20 -31.58 1.94
C GLN L 389 -43.05 -32.68 2.99
N ALA L 390 -42.45 -33.80 2.60
CA ALA L 390 -42.33 -34.93 3.50
C ALA L 390 -41.44 -34.60 4.70
N PHE L 391 -40.33 -33.90 4.46
CA PHE L 391 -39.42 -33.55 5.54
C PHE L 391 -40.08 -32.63 6.56
N SER L 392 -40.99 -31.78 6.10
CA SER L 392 -41.68 -30.85 7.00
C SER L 392 -42.52 -31.60 8.01
N LYS L 393 -43.26 -32.62 7.56
CA LYS L 393 -44.10 -33.38 8.48
C LYS L 393 -43.27 -34.25 9.41
N TRP L 394 -42.16 -34.80 8.92
CA TRP L 394 -41.34 -35.69 9.73
C TRP L 394 -40.76 -34.95 10.93
N ALA L 395 -40.29 -33.72 10.73
CA ALA L 395 -39.72 -32.95 11.83
C ALA L 395 -40.79 -32.59 12.85
N LYS L 396 -42.01 -32.32 12.39
CA LYS L 396 -43.10 -31.98 13.31
C LYS L 396 -43.44 -33.14 14.23
N GLU L 397 -43.46 -34.36 13.71
CA GLU L 397 -43.81 -35.53 14.50
C GLU L 397 -42.75 -35.92 15.52
N CYS L 398 -41.50 -35.52 15.31
CA CYS L 398 -40.44 -35.81 16.26
C CYS L 398 -40.46 -34.91 17.48
N ARG L 399 -40.84 -33.63 17.31
CA ARG L 399 -40.92 -32.72 18.45
C ARG L 399 -42.04 -33.11 19.40
N LYS L 400 -43.17 -33.57 18.86
CA LYS L 400 -44.29 -33.95 19.72
C LYS L 400 -43.99 -35.19 20.54
N ASP L 401 -43.19 -36.12 20.00
CA ASP L 401 -42.86 -37.34 20.71
C ASP L 401 -42.03 -37.05 21.96
N MET L 402 -41.08 -36.12 21.85
CA MET L 402 -40.18 -35.85 22.97
C MET L 402 -40.75 -34.87 23.98
N GLU L 403 -41.95 -34.33 23.75
CA GLU L 403 -42.61 -33.46 24.72
C GLU L 403 -43.63 -34.19 25.58
N ASP L 404 -43.76 -35.51 25.41
CA ASP L 404 -44.71 -36.32 26.17
C ASP L 404 -44.01 -37.63 26.55
N GLU L 405 -43.55 -37.72 27.79
CA GLU L 405 -42.76 -38.85 28.25
C GLU L 405 -43.63 -39.83 29.03
N LYS L 406 -43.47 -41.12 28.74
CA LYS L 406 -44.11 -42.18 29.51
C LYS L 406 -43.13 -42.70 30.54
N LEU L 407 -43.48 -43.81 31.20
CA LEU L 407 -42.64 -44.44 32.21
C LEU L 407 -42.03 -45.72 31.65
N LEU L 408 -40.92 -46.13 32.26
CA LEU L 408 -40.20 -47.31 31.81
C LEU L 408 -40.99 -48.58 32.12
N GLY L 409 -41.18 -49.42 31.11
CA GLY L 409 -41.81 -50.71 31.29
C GLY L 409 -43.30 -50.69 31.49
N VAL L 410 -43.95 -49.54 31.34
CA VAL L 410 -45.39 -49.41 31.54
C VAL L 410 -45.99 -48.82 30.28
N ARG L 411 -46.96 -49.53 29.70
CA ARG L 411 -47.74 -49.03 28.57
C ARG L 411 -49.11 -48.63 29.11
N GLU L 412 -49.39 -47.32 29.07
CA GLU L 412 -50.62 -46.83 29.67
C GLU L 412 -51.80 -47.07 28.75
N ARG L 413 -52.91 -47.52 29.33
CA ARG L 413 -54.12 -47.85 28.58
C ARG L 413 -55.34 -47.19 29.22
N THR L 414 -55.20 -45.92 29.58
CA THR L 414 -56.30 -45.17 30.17
C THR L 414 -56.17 -43.68 29.88
N CYS L 419 -62.70 -50.94 35.75
CA CYS L 419 -63.20 -50.07 34.69
C CYS L 419 -62.59 -50.45 33.34
N LEU L 420 -63.27 -50.06 32.26
CA LEU L 420 -62.79 -50.36 30.93
C LEU L 420 -61.53 -49.58 30.61
N TRP L 421 -60.56 -50.24 29.99
CA TRP L 421 -59.26 -49.65 29.67
C TRP L 421 -59.07 -49.65 28.17
N ALA L 422 -58.71 -48.50 27.61
CA ALA L 422 -58.50 -48.37 26.18
C ALA L 422 -57.37 -47.38 25.91
N PHE L 423 -56.74 -47.53 24.74
CA PHE L 423 -55.61 -46.70 24.34
C PHE L 423 -55.97 -45.93 23.08
N LYS L 424 -55.07 -45.04 22.67
CA LYS L 424 -55.27 -44.15 21.54
C LYS L 424 -54.17 -44.34 20.52
N LYS L 425 -54.52 -44.24 19.25
CA LYS L 425 -53.54 -44.26 18.16
C LYS L 425 -53.27 -42.85 17.67
N GLN L 426 -52.00 -42.61 17.31
CA GLN L 426 -51.56 -41.29 16.88
C GLN L 426 -51.43 -41.24 15.36
N LYS L 427 -51.37 -40.03 14.83
CA LYS L 427 -51.24 -39.82 13.40
C LYS L 427 -49.85 -40.17 12.91
N THR L 428 -49.77 -40.65 11.67
CA THR L 428 -48.50 -40.98 11.03
C THR L 428 -48.66 -40.69 9.54
N HIS L 429 -48.11 -39.56 9.10
CA HIS L 429 -48.28 -39.10 7.73
C HIS L 429 -47.03 -39.30 6.87
N THR L 430 -45.96 -39.84 7.42
CA THR L 430 -44.73 -40.03 6.64
C THR L 430 -43.91 -41.15 7.25
N VAL L 431 -43.18 -41.85 6.39
CA VAL L 431 -42.24 -42.89 6.80
C VAL L 431 -40.92 -42.62 6.11
N TYR L 432 -39.84 -42.53 6.89
CA TYR L 432 -38.53 -42.18 6.38
C TYR L 432 -37.53 -43.24 6.80
N LYS L 433 -36.89 -43.88 5.82
CA LYS L 433 -35.86 -44.88 6.06
C LYS L 433 -34.52 -44.28 5.64
N ARG L 434 -33.70 -43.92 6.61
CA ARG L 434 -32.41 -43.31 6.36
C ARG L 434 -31.43 -44.33 5.77
N PRO L 435 -30.37 -43.87 5.11
CA PRO L 435 -29.36 -44.79 4.59
C PRO L 435 -28.71 -45.59 5.70
N ASP L 436 -28.28 -46.80 5.35
CA ASP L 436 -27.70 -47.76 6.30
C ASP L 436 -28.72 -48.14 7.38
N THR L 437 -29.87 -48.62 6.91
CA THR L 437 -30.96 -49.03 7.79
C THR L 437 -31.73 -50.13 7.10
N GLN L 438 -32.14 -51.13 7.87
CA GLN L 438 -32.81 -52.31 7.35
C GLN L 438 -34.30 -52.25 7.64
N SER L 439 -35.08 -52.90 6.76
CA SER L 439 -36.53 -53.00 6.90
C SER L 439 -36.93 -54.47 6.91
N ILE L 440 -37.88 -54.81 7.77
CA ILE L 440 -38.29 -56.19 7.98
C ILE L 440 -39.79 -56.30 7.77
N GLN L 441 -40.22 -57.33 7.02
CA GLN L 441 -41.63 -57.56 6.73
C GLN L 441 -41.97 -59.02 7.04
N LYS L 442 -43.27 -59.30 7.13
CA LYS L 442 -43.77 -60.62 7.44
C LYS L 442 -44.40 -61.24 6.20
N VAL L 443 -43.96 -62.45 5.84
CA VAL L 443 -44.42 -63.16 4.66
C VAL L 443 -44.73 -64.60 5.04
N GLN L 444 -45.11 -65.39 4.04
CA GLN L 444 -45.43 -66.80 4.22
C GLN L 444 -44.23 -67.65 3.79
N ALA L 445 -43.97 -68.71 4.55
CA ALA L 445 -42.79 -69.55 4.33
C ALA L 445 -43.10 -71.01 4.01
N GLU L 446 -44.35 -71.44 4.13
CA GLU L 446 -44.72 -72.83 3.87
C GLU L 446 -45.72 -72.89 2.73
N PHE L 447 -45.43 -73.71 1.73
CA PHE L 447 -46.29 -73.90 0.57
C PHE L 447 -46.50 -75.37 0.31
N ASP L 448 -47.74 -75.76 0.06
CA ASP L 448 -48.06 -77.15 -0.24
C ASP L 448 -49.05 -77.34 -1.38
N SER L 449 -49.53 -76.26 -1.99
CA SER L 449 -50.51 -76.34 -3.06
C SER L 449 -49.87 -75.94 -4.38
N PHE L 450 -50.04 -76.79 -5.40
CA PHE L 450 -49.51 -76.54 -6.74
C PHE L 450 -50.57 -77.00 -7.74
N VAL L 451 -51.38 -76.06 -8.20
CA VAL L 451 -52.46 -76.34 -9.15
C VAL L 451 -52.06 -75.85 -10.53
N VAL L 452 -52.44 -76.62 -11.55
CA VAL L 452 -52.11 -76.28 -12.94
C VAL L 452 -53.31 -76.57 -13.82
N PRO L 453 -53.41 -75.88 -14.96
CA PRO L 453 -54.49 -76.17 -15.90
C PRO L 453 -54.47 -77.60 -16.43
N SER L 454 -53.28 -78.21 -16.54
CA SER L 454 -53.13 -79.60 -16.98
C SER L 454 -53.71 -79.83 -18.38
N LEU L 455 -53.61 -78.82 -19.24
CA LEU L 455 -54.11 -78.95 -20.62
C LEU L 455 -53.39 -77.92 -21.47
N TRP L 456 -52.57 -78.38 -22.41
CA TRP L 456 -51.81 -77.51 -23.28
C TRP L 456 -52.41 -77.50 -24.68
N SER L 457 -52.51 -76.30 -25.26
CA SER L 457 -53.04 -76.12 -26.61
C SER L 457 -52.04 -75.32 -27.43
N SER L 458 -51.95 -75.67 -28.71
CA SER L 458 -51.04 -74.97 -29.61
C SER L 458 -51.49 -73.54 -29.85
N GLY L 459 -50.52 -72.67 -30.14
CA GLY L 459 -50.82 -71.28 -30.39
C GLY L 459 -50.11 -70.71 -31.60
N LEU L 460 -49.89 -71.55 -32.62
CA LEU L 460 -49.21 -71.15 -33.83
C LEU L 460 -50.15 -71.30 -35.02
N SER L 461 -50.19 -70.29 -35.87
CA SER L 461 -51.08 -70.26 -37.02
C SER L 461 -50.37 -70.76 -38.27
N ILE L 462 -51.17 -71.22 -39.23
CA ILE L 462 -50.61 -71.73 -40.48
C ILE L 462 -49.86 -70.67 -41.27
N PRO L 463 -50.38 -69.45 -41.48
CA PRO L 463 -49.61 -68.47 -42.25
C PRO L 463 -48.26 -68.13 -41.65
N LEU L 464 -48.16 -68.13 -40.32
CA LEU L 464 -46.86 -67.89 -39.69
C LEU L 464 -45.88 -69.03 -39.96
N ARG L 465 -46.39 -70.27 -39.96
CA ARG L 465 -45.53 -71.42 -40.24
C ARG L 465 -44.95 -71.35 -41.64
N THR L 466 -45.78 -70.98 -42.62
CA THR L 466 -45.30 -70.89 -44.00
C THR L 466 -44.24 -69.81 -44.16
N ARG L 467 -44.42 -68.68 -43.49
CA ARG L 467 -43.45 -67.59 -43.59
C ARG L 467 -42.10 -68.01 -43.01
N ILE L 468 -42.11 -68.70 -41.87
CA ILE L 468 -40.85 -69.14 -41.26
C ILE L 468 -40.14 -70.15 -42.15
N LYS L 469 -40.89 -71.10 -42.71
CA LYS L 469 -40.30 -72.10 -43.59
C LYS L 469 -39.72 -71.47 -44.85
N TRP L 470 -40.43 -70.47 -45.40
CA TRP L 470 -39.94 -69.81 -46.61
C TRP L 470 -38.62 -69.09 -46.35
N LEU L 471 -38.49 -68.43 -45.20
CA LEU L 471 -37.25 -67.74 -44.87
C LEU L 471 -36.08 -68.72 -44.75
N LEU L 472 -36.33 -69.88 -44.13
CA LEU L 472 -35.30 -70.89 -43.97
C LEU L 472 -35.07 -71.71 -45.24
N SER L 473 -35.96 -71.61 -46.22
CA SER L 473 -35.80 -72.37 -47.46
C SER L 473 -34.55 -71.92 -48.22
N LYS L 474 -34.32 -70.60 -48.28
CA LYS L 474 -33.16 -70.05 -48.99
C LYS L 474 -31.97 -70.10 -48.04
N VAL L 475 -31.31 -71.26 -48.00
CA VAL L 475 -30.17 -71.47 -47.13
C VAL L 475 -28.94 -70.68 -47.56
N PRO L 476 -28.74 -70.33 -48.85
CA PRO L 476 -27.54 -69.51 -49.05
C PRO L 476 -27.73 -68.08 -48.56
N TYR M 1 -10.78 9.11 3.48
CA TYR M 1 -9.51 8.47 3.15
C TYR M 1 -8.51 9.51 2.65
N ILE M 2 -7.40 9.62 3.38
CA ILE M 2 -6.33 10.58 3.09
C ILE M 2 -6.94 11.99 3.07
N PHE M 3 -7.15 12.55 1.88
CA PHE M 3 -7.61 13.93 1.78
C PHE M 3 -9.05 14.06 2.25
N SER M 4 -9.98 13.39 1.57
CA SER M 4 -11.39 13.49 1.92
C SER M 4 -12.13 12.28 1.34
N SER M 5 -13.12 11.79 2.08
CA SER M 5 -13.95 10.68 1.65
C SER M 5 -15.21 11.22 0.97
N ASP M 6 -16.17 10.34 0.72
CA ASP M 6 -17.42 10.77 0.11
C ASP M 6 -18.24 11.64 1.05
N THR M 7 -18.12 11.42 2.36
CA THR M 7 -18.84 12.19 3.35
C THR M 7 -18.03 13.34 3.92
N GLY M 8 -16.86 13.61 3.35
CA GLY M 8 -16.03 14.72 3.79
C GLY M 8 -15.46 14.56 5.19
N GLN M 9 -14.98 13.37 5.53
CA GLN M 9 -14.34 13.12 6.82
C GLN M 9 -12.84 12.88 6.69
N GLY M 10 -12.41 12.13 5.68
CA GLY M 10 -11.00 11.99 5.37
C GLY M 10 -10.16 11.39 6.49
N HIS M 11 -8.86 11.34 6.23
CA HIS M 11 -7.89 10.90 7.23
C HIS M 11 -7.01 12.02 7.75
N LEU M 12 -6.84 13.10 6.99
CA LEU M 12 -6.05 14.23 7.43
C LEU M 12 -6.87 15.13 8.37
N GLN M 13 -6.16 15.98 9.10
CA GLN M 13 -6.79 16.90 10.03
C GLN M 13 -7.19 18.18 9.30
N GLN M 14 -7.63 19.19 10.06
CA GLN M 14 -8.06 20.45 9.47
C GLN M 14 -7.43 21.66 10.15
N LYS M 15 -6.35 21.47 10.91
CA LYS M 15 -5.65 22.55 11.59
C LYS M 15 -4.30 22.77 10.94
N SER M 16 -4.00 24.02 10.58
CA SER M 16 -2.75 24.36 9.94
C SER M 16 -1.64 24.54 10.97
N VAL M 17 -0.51 23.91 10.72
CA VAL M 17 0.64 24.00 11.63
C VAL M 17 1.89 24.39 10.85
N ARG M 18 1.77 24.47 9.53
CA ARG M 18 2.90 24.78 8.65
C ARG M 18 2.64 26.08 7.89
N GLN M 19 2.13 27.09 8.59
CA GLN M 19 1.79 28.37 7.98
C GLN M 19 2.54 29.49 8.69
N THR M 20 3.02 30.45 7.91
CA THR M 20 3.73 31.61 8.45
C THR M 20 3.21 32.87 7.76
N THR M 21 3.41 34.00 8.43
CA THR M 21 2.97 35.30 7.93
C THR M 21 4.12 36.11 7.33
N LEU M 22 5.15 35.44 6.84
CA LEU M 22 6.31 36.09 6.24
C LEU M 22 6.59 35.48 4.88
N PRO M 23 7.17 36.23 3.95
CA PRO M 23 7.43 35.71 2.60
C PRO M 23 8.62 34.77 2.50
N VAL M 24 9.20 34.34 3.62
CA VAL M 24 10.34 33.43 3.62
C VAL M 24 10.06 32.29 4.58
N ASN M 25 10.80 31.20 4.40
CA ASN M 25 10.65 30.04 5.25
C ASN M 25 11.36 30.27 6.58
N ILE M 26 10.69 29.88 7.67
CA ILE M 26 11.19 30.08 9.03
C ILE M 26 11.13 28.76 9.76
N VAL M 27 12.23 28.39 10.41
CA VAL M 27 12.28 27.18 11.23
C VAL M 27 11.75 27.51 12.62
N GLU M 28 10.95 26.60 13.17
CA GLU M 28 10.33 26.78 14.47
C GLU M 28 10.53 25.51 15.29
N GLU M 29 9.95 25.51 16.50
CA GLU M 29 10.10 24.40 17.43
C GLU M 29 8.76 23.68 17.61
N VAL M 30 8.81 22.36 17.72
CA VAL M 30 7.62 21.54 17.90
C VAL M 30 7.29 21.50 19.39
N HIS M 31 6.04 21.80 19.72
CA HIS M 31 5.55 21.81 21.09
C HIS M 31 4.61 20.63 21.32
N GLU M 32 4.07 20.57 22.53
CA GLU M 32 3.15 19.52 22.95
C GLU M 32 1.77 20.09 23.22
N GLU M 33 0.77 19.23 23.08
CA GLU M 33 -0.62 19.60 23.30
C GLU M 33 -1.09 19.02 24.63
N LYS M 34 -1.49 19.90 25.55
CA LYS M 34 -1.96 19.47 26.86
C LYS M 34 -3.39 18.96 26.76
N CYS M 35 -3.68 17.90 27.51
CA CYS M 35 -4.99 17.26 27.49
C CYS M 35 -5.65 17.39 28.86
N TYR M 36 -6.95 17.63 28.85
CA TYR M 36 -7.70 17.77 30.10
C TYR M 36 -7.94 16.41 30.71
N PRO M 37 -7.49 16.15 31.94
CA PRO M 37 -7.75 14.86 32.58
C PRO M 37 -9.22 14.71 32.92
N PRO M 38 -9.85 13.61 32.51
CA PRO M 38 -11.25 13.39 32.87
C PRO M 38 -11.42 13.17 34.36
N LYS M 39 -12.61 13.53 34.86
CA LYS M 39 -12.94 13.38 36.27
C LYS M 39 -14.31 12.72 36.40
N LEU M 40 -14.51 12.06 37.54
CA LEU M 40 -15.72 11.32 37.82
C LEU M 40 -16.66 12.11 38.71
N ASP M 41 -17.95 12.07 38.40
CA ASP M 41 -18.95 12.78 39.19
C ASP M 41 -20.29 12.09 38.99
N GLU M 42 -20.84 11.55 40.08
CA GLU M 42 -22.12 10.83 40.03
C GLU M 42 -23.30 11.66 40.53
N ILE M 43 -23.07 12.59 41.46
CA ILE M 43 -24.17 13.39 41.99
C ILE M 43 -24.74 14.30 40.91
N LYS M 44 -23.88 14.80 40.02
CA LYS M 44 -24.37 15.65 38.93
C LYS M 44 -25.29 14.89 38.00
N GLU M 45 -24.95 13.63 37.69
CA GLU M 45 -25.78 12.84 36.79
C GLU M 45 -27.16 12.57 37.38
N GLN M 46 -27.22 12.27 38.68
CA GLN M 46 -28.50 11.96 39.31
C GLN M 46 -29.44 13.16 39.28
N LEU M 47 -28.93 14.34 39.63
CA LEU M 47 -29.79 15.53 39.62
C LEU M 47 -30.12 15.98 38.20
N LEU M 48 -29.19 15.84 37.27
CA LEU M 48 -29.46 16.24 35.89
C LEU M 48 -30.49 15.32 35.24
N LEU M 49 -30.42 14.02 35.56
CA LEU M 49 -31.40 13.08 35.01
C LEU M 49 -32.81 13.42 35.49
N LYS M 50 -32.97 13.74 36.77
CA LYS M 50 -34.27 14.15 37.28
C LYS M 50 -34.70 15.48 36.68
N ARG M 51 -33.76 16.41 36.52
CA ARG M 51 -34.07 17.68 35.89
C ARG M 51 -34.29 17.51 34.38
N LEU M 52 -33.79 16.41 33.82
CA LEU M 52 -34.09 16.10 32.42
C LEU M 52 -35.56 15.78 32.22
N GLN M 53 -36.17 15.07 33.19
CA GLN M 53 -37.56 14.66 33.03
C GLN M 53 -38.51 15.84 33.08
N GLU M 54 -38.25 16.80 33.97
CA GLU M 54 -39.22 17.88 34.19
C GLU M 54 -39.29 18.82 32.99
N SER M 55 -38.17 19.06 32.31
CA SER M 55 -38.15 19.95 31.17
C SER M 55 -36.93 19.69 30.29
N ALA M 56 -37.17 19.41 29.00
CA ALA M 56 -36.06 19.13 28.09
C ALA M 56 -36.49 19.50 26.67
N SER M 57 -36.10 20.69 26.21
CA SER M 57 -36.47 21.09 24.85
C SER M 57 -35.47 20.57 23.82
N THR M 58 -34.26 21.13 23.80
CA THR M 58 -33.20 20.61 22.95
C THR M 58 -31.84 20.45 23.64
N ALA M 59 -31.44 21.34 24.53
CA ALA M 59 -30.09 21.29 25.08
C ALA M 59 -30.05 20.51 26.39
N ASN M 60 -31.22 20.26 26.98
CA ASN M 60 -31.25 19.53 28.24
C ASN M 60 -30.82 18.08 28.04
N ARG M 61 -31.19 17.47 26.91
CA ARG M 61 -30.75 16.11 26.61
C ARG M 61 -29.24 16.07 26.39
N SER M 62 -28.70 17.08 25.71
CA SER M 62 -27.29 17.06 25.35
C SER M 62 -26.40 17.07 26.58
N ARG M 63 -26.84 17.72 27.66
CA ARG M 63 -26.07 17.72 28.89
C ARG M 63 -26.02 16.33 29.51
N TYR M 64 -27.05 15.51 29.28
CA TYR M 64 -27.06 14.17 29.83
C TYR M 64 -26.03 13.28 29.16
N GLN M 65 -25.97 13.29 27.83
CA GLN M 65 -25.00 12.46 27.12
C GLN M 65 -23.58 12.91 27.43
N SER M 66 -23.35 14.23 27.49
CA SER M 66 -22.02 14.72 27.81
C SER M 66 -21.59 14.27 29.20
N ARG M 67 -22.50 14.34 30.18
CA ARG M 67 -22.20 13.82 31.51
C ARG M 67 -22.01 12.32 31.49
N LYS M 68 -22.86 11.62 30.72
CA LYS M 68 -22.80 10.16 30.69
C LYS M 68 -21.53 9.65 30.02
N VAL M 69 -21.17 10.25 28.88
CA VAL M 69 -19.95 9.85 28.18
C VAL M 69 -18.72 10.18 29.01
N GLU M 70 -18.74 11.33 29.69
CA GLU M 70 -17.61 11.72 30.52
C GLU M 70 -17.38 10.72 31.65
N ASN M 71 -18.47 10.19 32.23
CA ASN M 71 -18.34 9.16 33.25
C ASN M 71 -17.72 7.90 32.68
N MET M 72 -18.11 7.51 31.46
CA MET M 72 -17.56 6.31 30.85
C MET M 72 -16.06 6.44 30.60
N LYS M 73 -15.62 7.61 30.14
CA LYS M 73 -14.20 7.81 29.86
C LYS M 73 -13.35 7.65 31.11
N ALA M 74 -13.81 8.20 32.23
CA ALA M 74 -13.08 8.06 33.49
C ALA M 74 -13.01 6.60 33.93
N MET M 75 -14.10 5.85 33.76
CA MET M 75 -14.11 4.45 34.15
C MET M 75 -13.14 3.62 33.31
N ILE M 76 -13.05 3.92 32.01
CA ILE M 76 -12.15 3.18 31.14
C ILE M 76 -10.70 3.39 31.56
N ILE M 77 -10.35 4.64 31.89
CA ILE M 77 -8.98 4.93 32.32
C ILE M 77 -8.63 4.16 33.58
N HIS M 78 -9.54 4.11 34.55
CA HIS M 78 -9.27 3.43 35.80
C HIS M 78 -9.06 1.93 35.59
N ARG M 79 -9.89 1.32 34.72
CA ARG M 79 -9.77 -0.11 34.48
C ARG M 79 -8.55 -0.43 33.62
N LEU M 80 -8.29 0.38 32.60
CA LEU M 80 -7.20 0.09 31.67
C LEU M 80 -5.84 0.24 32.35
N LYS M 81 -5.73 1.20 33.28
CA LYS M 81 -4.45 1.44 33.94
C LYS M 81 -4.01 0.25 34.79
N GLU M 82 -4.96 -0.47 35.38
CA GLU M 82 -4.61 -1.57 36.28
C GLU M 82 -4.08 -2.79 35.53
N GLY M 83 -4.52 -2.99 34.29
CA GLY M 83 -4.11 -4.18 33.55
C GLY M 83 -2.62 -4.22 33.27
N CYS M 84 -2.07 -3.11 32.78
CA CYS M 84 -0.68 -3.05 32.35
C CYS M 84 0.22 -2.50 33.46
N ARG M 85 0.21 -3.19 34.60
CA ARG M 85 1.05 -2.76 35.72
C ARG M 85 2.52 -3.10 35.50
N LEU M 86 2.82 -4.18 34.79
CA LEU M 86 4.19 -4.58 34.55
C LEU M 86 4.87 -3.77 33.44
N TYR M 87 4.10 -3.02 32.65
CA TYR M 87 4.66 -2.25 31.54
C TYR M 87 4.57 -0.74 31.76
N LEU M 88 3.83 -0.28 32.76
CA LEU M 88 3.67 1.15 32.98
C LEU M 88 4.98 1.79 33.44
N ALA M 89 5.21 3.02 33.00
CA ALA M 89 6.43 3.75 33.32
C ALA M 89 6.07 5.21 33.55
N SER M 90 7.10 6.03 33.78
CA SER M 90 6.92 7.44 34.06
C SER M 90 7.46 8.30 32.92
N ASP M 91 7.38 9.61 33.11
CA ASP M 91 7.83 10.58 32.11
C ASP M 91 9.30 10.92 32.33
N THR M 92 10.09 10.72 31.28
CA THR M 92 11.49 11.12 31.23
C THR M 92 11.63 12.42 30.45
N PRO M 93 12.74 13.15 30.63
CA PRO M 93 12.94 14.38 29.85
C PRO M 93 12.92 14.08 28.35
N ARG M 94 12.29 15.00 27.61
CA ARG M 94 12.06 14.81 26.18
C ARG M 94 13.18 15.43 25.35
N VAL M 95 13.30 14.97 24.12
CA VAL M 95 14.29 15.47 23.17
C VAL M 95 13.60 16.51 22.29
N PRO M 96 14.07 17.75 22.26
CA PRO M 96 13.40 18.77 21.44
C PRO M 96 13.57 18.50 19.95
N SER M 97 12.63 19.05 19.18
CA SER M 97 12.62 18.88 17.74
C SER M 97 12.21 20.20 17.09
N TYR M 98 12.53 20.32 15.79
CA TYR M 98 12.27 21.54 15.05
C TYR M 98 11.65 21.19 13.70
N ARG M 99 10.95 22.17 13.11
CA ARG M 99 10.20 21.96 11.88
C ARG M 99 10.20 23.27 11.09
N ILE M 100 9.93 23.16 9.80
CA ILE M 100 9.98 24.28 8.86
C ILE M 100 8.56 24.71 8.51
N THR M 101 8.35 26.01 8.38
CA THR M 101 7.06 26.59 8.03
C THR M 101 7.16 27.29 6.67
N TYR M 102 6.03 27.42 6.00
CA TYR M 102 5.93 28.01 4.67
C TYR M 102 4.84 29.08 4.62
N PRO M 103 4.96 30.03 3.69
CA PRO M 103 3.92 31.06 3.55
C PRO M 103 2.61 30.50 3.03
N ALA M 104 1.55 31.29 3.21
CA ALA M 104 0.19 30.90 2.84
C ALA M 104 0.02 30.87 1.33
N PRO M 105 -0.87 30.01 0.83
CA PRO M 105 -1.11 29.92 -0.62
C PRO M 105 -2.04 31.03 -1.12
N ILE M 106 -2.00 31.22 -2.43
CA ILE M 106 -2.82 32.21 -3.13
C ILE M 106 -3.73 31.49 -4.10
N TYR M 107 -5.01 31.87 -4.12
CA TYR M 107 -6.01 31.27 -4.98
C TYR M 107 -6.67 32.32 -5.85
N SER M 108 -7.15 31.89 -7.04
CA SER M 108 -7.85 32.64 -8.07
C SER M 108 -9.35 32.69 -7.78
N PRO M 109 -10.05 33.71 -8.27
CA PRO M 109 -11.50 33.80 -8.02
C PRO M 109 -12.27 32.70 -8.75
N SER M 110 -13.45 32.41 -8.21
CA SER M 110 -14.33 31.38 -8.75
C SER M 110 -15.68 31.99 -9.10
N ILE M 111 -16.24 31.56 -10.23
CA ILE M 111 -17.53 32.02 -10.71
C ILE M 111 -18.43 30.80 -10.88
N ASN M 112 -19.66 30.89 -10.37
CA ASN M 112 -20.59 29.78 -10.39
C ASN M 112 -21.44 29.81 -11.66
N ILE M 113 -21.49 28.67 -12.36
CA ILE M 113 -22.31 28.51 -13.55
C ILE M 113 -23.15 27.25 -13.38
N LYS M 114 -24.45 27.36 -13.58
CA LYS M 114 -25.35 26.23 -13.40
C LYS M 114 -26.56 26.38 -14.32
N LEU M 115 -27.25 25.27 -14.54
CA LEU M 115 -28.47 25.26 -15.33
C LEU M 115 -29.67 25.49 -14.40
N SER M 116 -30.88 25.31 -14.93
CA SER M 116 -32.10 25.52 -14.17
C SER M 116 -32.91 24.25 -13.99
N ASN M 117 -33.21 23.54 -15.07
CA ASN M 117 -34.06 22.34 -14.98
C ASN M 117 -33.22 21.14 -14.59
N PRO M 118 -33.51 20.47 -13.47
CA PRO M 118 -32.70 19.31 -13.08
C PRO M 118 -32.83 18.12 -14.01
N GLU M 119 -33.95 17.97 -14.72
CA GLU M 119 -34.10 16.86 -15.65
C GLU M 119 -33.15 16.99 -16.84
N THR M 120 -32.90 18.23 -17.29
CA THR M 120 -31.95 18.42 -18.39
C THR M 120 -30.54 18.01 -17.99
N ALA M 121 -30.19 18.18 -16.72
CA ALA M 121 -28.86 17.76 -16.26
C ALA M 121 -28.68 16.26 -16.40
N VAL M 122 -29.72 15.48 -16.09
CA VAL M 122 -29.65 14.03 -16.23
C VAL M 122 -29.48 13.65 -17.70
N ALA M 123 -30.20 14.34 -18.59
CA ALA M 123 -30.09 14.04 -20.02
C ALA M 123 -28.69 14.32 -20.54
N VAL M 124 -28.07 15.41 -20.10
CA VAL M 124 -26.71 15.72 -20.54
C VAL M 124 -25.73 14.66 -20.06
N CYS M 125 -25.85 14.23 -18.80
CA CYS M 125 -24.96 13.21 -18.28
C CYS M 125 -25.16 11.89 -19.01
N ASN M 126 -26.41 11.52 -19.30
CA ASN M 126 -26.67 10.29 -20.03
C ASN M 126 -26.13 10.35 -21.45
N GLU M 127 -26.26 11.52 -22.10
CA GLU M 127 -25.71 11.69 -23.44
C GLU M 127 -24.19 11.58 -23.43
N PHE M 128 -23.54 12.11 -22.39
CA PHE M 128 -22.10 12.02 -22.28
C PHE M 128 -21.63 10.57 -22.15
N LEU M 129 -22.36 9.77 -21.37
CA LEU M 129 -21.97 8.37 -21.19
C LEU M 129 -22.12 7.57 -22.48
N ALA M 130 -23.24 7.75 -23.20
CA ALA M 130 -23.48 6.97 -24.40
C ALA M 130 -22.47 7.28 -25.49
N ARG M 131 -22.12 8.56 -25.67
CA ARG M 131 -21.19 8.95 -26.73
C ARG M 131 -19.80 8.39 -26.49
N ASN M 132 -19.35 8.39 -25.23
CA ASN M 132 -17.98 7.98 -24.93
C ASN M 132 -17.87 6.52 -24.51
N TYR M 133 -18.90 5.97 -23.86
CA TYR M 133 -18.88 4.59 -23.37
C TYR M 133 -20.12 3.89 -23.89
N PRO M 134 -20.07 3.32 -25.11
CA PRO M 134 -21.27 2.70 -25.67
C PRO M 134 -21.72 1.46 -24.94
N THR M 135 -20.78 0.58 -24.56
CA THR M 135 -21.16 -0.69 -23.96
C THR M 135 -21.72 -0.51 -22.55
N VAL M 136 -21.20 0.46 -21.80
CA VAL M 136 -21.65 0.64 -20.41
C VAL M 136 -23.09 1.16 -20.37
N ALA M 137 -23.51 1.92 -21.37
CA ALA M 137 -24.81 2.57 -21.36
C ALA M 137 -25.95 1.67 -21.82
N SER M 138 -25.65 0.43 -22.23
CA SER M 138 -26.68 -0.49 -22.71
C SER M 138 -26.75 -1.77 -21.90
N TYR M 139 -26.08 -1.83 -20.74
CA TYR M 139 -26.10 -3.06 -19.94
C TYR M 139 -27.43 -3.26 -19.25
N GLN M 140 -27.99 -2.21 -18.65
CA GLN M 140 -29.18 -2.33 -17.83
C GLN M 140 -30.41 -2.47 -18.73
N VAL M 141 -31.09 -3.61 -18.64
CA VAL M 141 -32.31 -3.84 -19.40
C VAL M 141 -33.40 -4.38 -18.50
N THR M 142 -33.03 -4.82 -17.29
CA THR M 142 -33.98 -5.39 -16.35
C THR M 142 -33.55 -5.00 -14.94
N ASP M 143 -34.14 -5.66 -13.94
CA ASP M 143 -33.86 -5.38 -12.54
C ASP M 143 -32.51 -5.96 -12.13
N GLU M 144 -32.21 -5.85 -10.84
CA GLU M 144 -30.93 -6.30 -10.30
C GLU M 144 -31.12 -7.70 -9.71
N TYR M 145 -30.92 -8.72 -10.55
CA TYR M 145 -31.02 -10.12 -10.15
C TYR M 145 -29.64 -10.77 -10.09
N ASP M 146 -28.64 -10.02 -9.63
CA ASP M 146 -27.28 -10.54 -9.55
C ASP M 146 -27.19 -11.68 -8.55
N ALA M 147 -27.91 -11.58 -7.43
CA ALA M 147 -27.84 -12.63 -6.41
C ALA M 147 -28.39 -13.96 -6.94
N TYR M 148 -29.50 -13.91 -7.68
CA TYR M 148 -30.07 -15.14 -8.23
C TYR M 148 -29.13 -15.77 -9.24
N LEU M 149 -28.52 -14.97 -10.12
CA LEU M 149 -27.62 -15.51 -11.13
C LEU M 149 -26.37 -16.12 -10.50
N ASP M 150 -25.92 -15.58 -9.36
CA ASP M 150 -24.78 -16.16 -8.67
C ASP M 150 -25.12 -17.49 -8.02
N MET M 151 -26.38 -17.69 -7.64
CA MET M 151 -26.79 -18.95 -7.04
C MET M 151 -26.96 -20.05 -8.08
N VAL M 152 -27.42 -19.70 -9.29
CA VAL M 152 -27.68 -20.71 -10.32
C VAL M 152 -26.39 -21.43 -10.70
N ASP M 153 -25.33 -20.67 -10.95
CA ASP M 153 -24.04 -21.29 -11.21
C ASP M 153 -23.37 -21.66 -9.90
N GLY M 154 -22.45 -22.63 -9.98
CA GLY M 154 -21.84 -23.18 -8.79
C GLY M 154 -20.79 -22.29 -8.14
N SER M 155 -19.95 -22.88 -7.31
CA SER M 155 -18.91 -22.16 -6.59
C SER M 155 -17.55 -22.62 -7.06
N GLU M 156 -16.71 -21.68 -7.48
CA GLU M 156 -15.34 -21.95 -7.91
C GLU M 156 -14.39 -21.21 -6.98
N SER M 157 -13.38 -21.92 -6.48
CA SER M 157 -12.47 -21.34 -5.51
C SER M 157 -11.10 -21.96 -5.66
N CYS M 158 -10.09 -21.25 -5.14
CA CYS M 158 -8.70 -21.70 -5.12
C CYS M 158 -8.17 -21.44 -3.71
N LEU M 159 -8.31 -22.43 -2.84
CA LEU M 159 -7.99 -22.28 -1.43
C LEU M 159 -6.65 -22.94 -1.10
N ASP M 160 -6.20 -22.72 0.13
CA ASP M 160 -4.96 -23.31 0.62
C ASP M 160 -4.98 -23.30 2.14
N ARG M 161 -4.90 -24.49 2.75
CA ARG M 161 -4.90 -24.64 4.21
C ARG M 161 -6.16 -24.03 4.82
N ALA M 162 -7.31 -24.59 4.43
CA ALA M 162 -8.59 -24.11 4.91
C ALA M 162 -9.52 -25.30 5.16
N THR M 163 -10.43 -25.11 6.11
CA THR M 163 -11.45 -26.11 6.44
C THR M 163 -12.81 -25.43 6.51
N PHE M 164 -13.85 -26.14 6.07
CA PHE M 164 -15.20 -25.60 6.09
C PHE M 164 -16.19 -26.75 6.08
N ASN M 165 -17.43 -26.43 6.45
CA ASN M 165 -18.50 -27.42 6.52
C ASN M 165 -19.31 -27.38 5.22
N PRO M 166 -19.32 -28.46 4.43
CA PRO M 166 -20.08 -28.44 3.17
C PRO M 166 -21.58 -28.36 3.36
N SER M 167 -22.11 -28.72 4.54
CA SER M 167 -23.54 -28.71 4.77
C SER M 167 -24.12 -27.31 4.93
N LYS M 168 -23.28 -26.29 5.09
CA LYS M 168 -23.74 -24.92 5.26
C LYS M 168 -23.48 -24.05 4.04
N LEU M 169 -23.13 -24.65 2.91
CA LEU M 169 -22.89 -23.91 1.68
C LEU M 169 -24.18 -23.84 0.88
N ARG M 170 -24.95 -22.80 1.16
CA ARG M 170 -26.24 -22.56 0.54
C ARG M 170 -26.45 -21.05 0.45
N SER M 171 -26.89 -20.58 -0.72
CA SER M 171 -26.87 -19.15 -1.04
C SER M 171 -28.17 -18.71 -1.69
N TYR M 172 -29.30 -19.08 -1.10
CA TYR M 172 -30.57 -18.52 -1.57
C TYR M 172 -30.68 -17.06 -1.16
N PRO M 173 -31.04 -16.17 -2.07
CA PRO M 173 -31.06 -14.73 -1.75
C PRO M 173 -32.13 -14.39 -0.71
N LYS M 174 -31.86 -13.30 0.01
CA LYS M 174 -32.78 -12.72 0.96
C LYS M 174 -33.41 -11.47 0.38
N GLN M 175 -34.25 -10.81 1.18
CA GLN M 175 -34.96 -9.63 0.71
C GLN M 175 -33.97 -8.50 0.39
N HIS M 176 -34.27 -7.76 -0.68
CA HIS M 176 -33.38 -6.69 -1.15
C HIS M 176 -34.25 -5.54 -1.66
N SER M 177 -34.16 -4.40 -1.00
CA SER M 177 -34.89 -3.19 -1.39
C SER M 177 -33.90 -2.06 -1.66
N TYR M 178 -34.16 -1.30 -2.71
CA TYR M 178 -33.26 -0.23 -3.11
C TYR M 178 -34.04 0.79 -3.93
N HIS M 179 -33.34 1.84 -4.36
CA HIS M 179 -33.90 2.88 -5.21
C HIS M 179 -33.31 2.77 -6.61
N ALA M 180 -34.15 2.88 -7.62
CA ALA M 180 -33.68 2.78 -8.99
C ALA M 180 -32.86 4.00 -9.37
N PRO M 181 -31.63 3.84 -9.83
CA PRO M 181 -30.82 5.00 -10.21
C PRO M 181 -31.29 5.60 -11.52
N THR M 182 -30.92 6.87 -11.72
CA THR M 182 -31.22 7.59 -12.95
C THR M 182 -30.05 7.63 -13.92
N ILE M 183 -28.83 7.78 -13.41
CA ILE M 183 -27.65 7.72 -14.27
C ILE M 183 -27.42 6.27 -14.69
N ARG M 184 -27.13 6.06 -15.97
CA ARG M 184 -27.07 4.73 -16.54
C ARG M 184 -25.74 4.03 -16.28
N SER M 185 -24.93 4.50 -15.35
CA SER M 185 -23.73 3.78 -14.97
C SER M 185 -24.10 2.57 -14.12
N ALA M 186 -23.54 1.42 -14.46
CA ALA M 186 -23.91 0.16 -13.80
C ALA M 186 -22.95 -0.16 -12.67
N VAL M 187 -23.13 0.55 -11.56
CA VAL M 187 -22.34 0.34 -10.35
C VAL M 187 -23.01 -0.77 -9.54
N PRO M 188 -22.31 -1.86 -9.24
CA PRO M 188 -22.96 -2.98 -8.54
C PRO M 188 -23.25 -2.66 -7.09
N SER M 189 -24.20 -3.43 -6.53
CA SER M 189 -24.60 -3.39 -5.14
C SER M 189 -23.64 -4.21 -4.28
N PRO M 190 -23.50 -3.88 -3.01
CA PRO M 190 -22.64 -4.68 -2.13
C PRO M 190 -23.11 -6.12 -2.03
N PHE M 191 -22.14 -7.03 -1.89
CA PHE M 191 -22.43 -8.45 -1.88
C PHE M 191 -23.11 -8.87 -0.58
N GLN M 192 -23.77 -10.02 -0.63
CA GLN M 192 -24.45 -10.58 0.53
C GLN M 192 -23.50 -11.49 1.32
N ASN M 193 -23.73 -11.57 2.63
CA ASN M 193 -22.87 -12.33 3.53
C ASN M 193 -23.26 -13.80 3.44
N THR M 194 -22.55 -14.56 2.61
CA THR M 194 -22.75 -15.98 2.43
C THR M 194 -21.41 -16.69 2.45
N LEU M 195 -21.46 -18.02 2.63
CA LEU M 195 -20.23 -18.81 2.59
C LEU M 195 -19.62 -18.84 1.20
N GLN M 196 -20.44 -18.75 0.15
CA GLN M 196 -19.93 -18.75 -1.21
C GLN M 196 -19.04 -17.53 -1.46
N ASN M 197 -19.45 -16.36 -0.97
CA ASN M 197 -18.67 -15.15 -1.17
C ASN M 197 -17.35 -15.19 -0.41
N VAL M 198 -17.35 -15.79 0.78
CA VAL M 198 -16.15 -15.85 1.59
C VAL M 198 -15.07 -16.68 0.88
N LEU M 199 -15.47 -17.83 0.33
CA LEU M 199 -14.51 -18.66 -0.39
C LEU M 199 -14.03 -17.99 -1.67
N ALA M 200 -14.89 -17.23 -2.33
CA ALA M 200 -14.49 -16.53 -3.55
C ALA M 200 -13.48 -15.43 -3.25
N ALA M 201 -13.65 -14.74 -2.12
CA ALA M 201 -12.71 -13.68 -1.75
C ALA M 201 -11.33 -14.25 -1.43
N ALA M 202 -11.28 -15.40 -0.76
CA ALA M 202 -10.01 -16.02 -0.37
C ALA M 202 -9.54 -17.01 -1.43
N THR M 203 -9.46 -16.51 -2.67
CA THR M 203 -8.95 -17.27 -3.80
C THR M 203 -7.52 -16.88 -4.14
N LYS M 204 -6.78 -16.35 -3.17
CA LYS M 204 -5.40 -15.89 -3.38
C LYS M 204 -4.43 -16.97 -2.93
N ARG M 205 -3.40 -17.21 -3.73
CA ARG M 205 -2.42 -18.27 -3.46
C ARG M 205 -1.03 -17.63 -3.45
N ASN M 206 -0.56 -17.33 -2.24
CA ASN M 206 0.75 -16.72 -2.04
C ASN M 206 1.74 -17.65 -1.36
N CYS M 207 1.62 -18.97 -1.59
CA CYS M 207 2.45 -19.94 -0.91
C CYS M 207 3.86 -19.86 -1.45
N ASN M 208 4.73 -19.15 -0.72
CA ASN M 208 6.14 -19.04 -1.06
C ASN M 208 6.97 -19.20 0.19
N VAL M 209 8.03 -20.01 0.10
CA VAL M 209 8.89 -20.30 1.25
C VAL M 209 10.32 -19.90 0.90
N THR M 210 10.96 -19.19 1.82
CA THR M 210 12.36 -18.77 1.68
C THR M 210 13.03 -18.94 3.04
N GLN M 211 14.22 -18.37 3.18
CA GLN M 211 14.97 -18.47 4.43
C GLN M 211 14.33 -17.57 5.48
N MET M 212 13.83 -18.16 6.56
CA MET M 212 13.08 -17.42 7.57
C MET M 212 13.91 -16.35 8.25
N ARG M 213 14.93 -16.77 9.00
CA ARG M 213 15.78 -15.84 9.75
C ARG M 213 17.24 -16.28 9.69
N GLU M 214 17.68 -16.77 8.53
CA GLU M 214 19.02 -17.28 8.38
C GLU M 214 19.97 -16.18 7.91
N LEU M 215 21.22 -16.56 7.67
CA LEU M 215 22.24 -15.59 7.29
C LEU M 215 21.93 -14.85 6.00
N PRO M 216 21.52 -15.50 4.89
CA PRO M 216 21.20 -14.72 3.69
C PRO M 216 20.09 -13.70 3.90
N THR M 217 19.09 -14.01 4.73
CA THR M 217 18.02 -13.05 4.97
C THR M 217 18.53 -11.82 5.71
N MET M 218 19.41 -12.02 6.70
CA MET M 218 19.93 -10.90 7.47
C MET M 218 20.80 -9.99 6.63
N ASP M 219 21.57 -10.56 5.70
CA ASP M 219 22.46 -9.77 4.86
C ASP M 219 21.68 -8.79 3.99
N SER M 220 20.58 -9.25 3.39
CA SER M 220 19.76 -8.38 2.56
C SER M 220 19.14 -7.26 3.38
N ALA M 221 18.66 -7.58 4.59
CA ALA M 221 18.08 -6.56 5.46
C ALA M 221 19.12 -5.53 5.89
N ALA M 222 20.34 -5.98 6.17
CA ALA M 222 21.40 -5.07 6.60
C ALA M 222 21.73 -4.05 5.51
N PHE M 223 21.76 -4.48 4.25
CA PHE M 223 22.02 -3.56 3.16
C PHE M 223 20.88 -2.56 2.98
N ASN M 224 19.64 -3.02 3.15
CA ASN M 224 18.49 -2.15 2.93
C ASN M 224 18.47 -0.98 3.90
N VAL M 225 18.76 -1.23 5.18
CA VAL M 225 18.77 -0.15 6.16
C VAL M 225 19.94 0.78 5.93
N GLU M 226 21.04 0.27 5.38
CA GLU M 226 22.19 1.12 5.09
C GLU M 226 21.86 2.14 4.00
N CYS M 227 21.17 1.70 2.95
CA CYS M 227 20.78 2.62 1.89
C CYS M 227 19.80 3.67 2.38
N PHE M 228 18.86 3.27 3.23
CA PHE M 228 17.86 4.21 3.75
C PHE M 228 18.52 5.30 4.58
N LYS M 229 19.46 4.94 5.44
CA LYS M 229 20.11 5.90 6.32
C LYS M 229 21.15 6.75 5.59
N LYS M 230 21.57 6.34 4.39
CA LYS M 230 22.63 7.05 3.69
C LYS M 230 22.10 7.99 2.61
N TYR M 231 20.90 7.73 2.07
CA TYR M 231 20.39 8.50 0.95
C TYR M 231 19.10 9.26 1.25
N ALA M 232 18.53 9.10 2.44
CA ALA M 232 17.26 9.73 2.76
C ALA M 232 17.21 10.35 4.15
N CYS M 233 18.28 10.26 4.94
CA CYS M 233 18.26 10.75 6.30
C CYS M 233 19.56 11.50 6.60
N ASN M 234 19.48 12.44 7.53
CA ASN M 234 20.65 13.12 8.05
C ASN M 234 21.13 12.44 9.34
N GLN M 235 22.33 12.82 9.78
CA GLN M 235 22.94 12.22 10.97
C GLN M 235 23.10 13.30 12.03
N GLU M 236 22.03 13.56 12.78
CA GLU M 236 22.11 14.43 13.94
C GLU M 236 21.19 13.99 15.08
N TYR M 237 20.52 12.83 14.96
CA TYR M 237 19.54 12.43 15.95
C TYR M 237 19.66 10.97 16.39
N TRP M 238 20.45 10.14 15.71
CA TRP M 238 20.42 8.69 15.96
C TRP M 238 20.89 8.35 17.37
N ARG M 239 22.01 8.95 17.81
CA ARG M 239 22.58 8.55 19.09
C ARG M 239 21.72 9.02 20.26
N GLU M 240 21.07 10.19 20.12
CA GLU M 240 20.21 10.68 21.18
C GLU M 240 18.96 9.82 21.33
N PHE M 241 18.38 9.40 20.20
CA PHE M 241 17.14 8.62 20.25
C PHE M 241 17.36 7.24 20.85
N ALA M 242 18.52 6.62 20.59
CA ALA M 242 18.78 5.29 21.11
C ALA M 242 18.86 5.29 22.64
N SER M 243 19.32 6.40 23.22
CA SER M 243 19.49 6.45 24.67
C SER M 243 18.13 6.51 25.38
N SER M 244 17.13 7.13 24.77
CA SER M 244 15.83 7.32 25.41
C SER M 244 14.81 6.36 24.81
N PRO M 245 14.38 5.33 25.53
CA PRO M 245 13.37 4.41 25.00
C PRO M 245 11.98 5.05 24.93
N ILE M 246 11.06 4.28 24.37
CA ILE M 246 9.64 4.64 24.34
C ILE M 246 8.88 3.54 25.06
N ARG M 247 8.14 3.92 26.09
CA ARG M 247 7.42 2.97 26.93
C ARG M 247 5.98 3.42 27.14
N VAL M 248 5.16 2.49 27.61
CA VAL M 248 3.77 2.79 27.90
C VAL M 248 3.70 3.71 29.11
N THR M 249 2.93 4.80 28.99
CA THR M 249 2.85 5.81 30.03
C THR M 249 1.40 6.22 30.22
N THR M 250 1.07 6.64 31.45
CA THR M 250 -0.29 7.06 31.78
C THR M 250 -0.77 8.18 30.85
N GLU M 251 0.12 9.12 30.53
CA GLU M 251 -0.27 10.23 29.67
C GLU M 251 -0.67 9.75 28.28
N ASN M 252 -0.02 8.69 27.79
CA ASN M 252 -0.37 8.15 26.48
C ASN M 252 -1.79 7.59 26.48
N LEU M 253 -2.15 6.83 27.52
CA LEU M 253 -3.49 6.26 27.59
C LEU M 253 -4.54 7.34 27.84
N THR M 254 -4.23 8.30 28.71
CA THR M 254 -5.19 9.36 29.01
C THR M 254 -5.49 10.20 27.78
N THR M 255 -4.46 10.54 27.01
CA THR M 255 -4.66 11.34 25.80
C THR M 255 -5.42 10.55 24.75
N TYR M 256 -5.10 9.26 24.60
CA TYR M 256 -5.72 8.45 23.56
C TYR M 256 -7.22 8.31 23.77
N VAL M 257 -7.62 7.88 24.97
CA VAL M 257 -9.03 7.59 25.23
C VAL M 257 -9.88 8.86 25.13
N THR M 258 -9.33 10.00 25.54
CA THR M 258 -10.08 11.25 25.49
C THR M 258 -10.44 11.63 24.06
N LYS M 259 -9.67 11.16 23.07
CA LYS M 259 -9.92 11.52 21.69
C LYS M 259 -11.04 10.71 21.04
N LEU M 260 -11.47 9.62 21.66
CA LEU M 260 -12.55 8.82 21.08
C LEU M 260 -13.88 9.56 21.17
N LYS M 261 -14.81 9.13 20.33
CA LYS M 261 -16.14 9.72 20.26
C LYS M 261 -17.09 8.99 21.21
N GLY M 262 -18.37 9.30 21.09
CA GLY M 262 -19.39 8.72 21.94
C GLY M 262 -19.58 7.24 21.73
N PRO M 263 -20.09 6.84 20.56
CA PRO M 263 -20.34 5.41 20.31
C PRO M 263 -19.10 4.54 20.44
N LYS M 264 -17.93 5.04 20.03
CA LYS M 264 -16.71 4.25 20.15
C LYS M 264 -16.36 3.98 21.62
N ALA M 265 -16.54 4.99 22.48
CA ALA M 265 -16.26 4.81 23.90
C ALA M 265 -17.21 3.79 24.52
N ALA M 266 -18.49 3.84 24.14
CA ALA M 266 -19.45 2.89 24.69
C ALA M 266 -19.13 1.47 24.29
N ALA M 267 -18.71 1.26 23.03
CA ALA M 267 -18.36 -0.09 22.58
C ALA M 267 -17.15 -0.62 23.35
N LEU M 268 -16.14 0.23 23.57
CA LEU M 268 -14.97 -0.19 24.34
C LEU M 268 -15.33 -0.49 25.79
N PHE M 269 -16.25 0.29 26.36
CA PHE M 269 -16.65 0.08 27.75
C PHE M 269 -17.33 -1.27 27.95
N ALA M 270 -18.06 -1.74 26.94
CA ALA M 270 -18.78 -3.01 27.08
C ALA M 270 -17.85 -4.21 27.18
N LYS M 271 -16.56 -4.04 26.84
CA LYS M 271 -15.60 -5.13 26.85
C LYS M 271 -14.53 -4.90 27.91
N THR M 272 -14.93 -4.36 29.06
CA THR M 272 -14.01 -4.12 30.16
C THR M 272 -14.36 -4.88 31.42
N HIS M 273 -15.41 -5.72 31.40
CA HIS M 273 -15.76 -6.49 32.58
C HIS M 273 -14.74 -7.60 32.85
N ASN M 274 -14.56 -8.50 31.89
CA ASN M 274 -13.55 -9.55 31.99
C ASN M 274 -12.30 -9.07 31.26
N LEU M 275 -11.54 -8.20 31.94
CA LEU M 275 -10.37 -7.56 31.35
C LEU M 275 -9.15 -8.45 31.52
N LEU M 276 -8.64 -8.98 30.41
CA LEU M 276 -7.44 -9.78 30.43
C LEU M 276 -6.20 -8.89 30.55
N PRO M 277 -5.13 -9.39 31.15
CA PRO M 277 -3.89 -8.61 31.23
C PRO M 277 -3.23 -8.48 29.85
N LEU M 278 -2.27 -7.56 29.77
CA LEU M 278 -1.62 -7.29 28.50
C LEU M 278 -0.86 -8.51 27.99
N GLN M 279 -0.17 -9.23 28.88
CA GLN M 279 0.60 -10.40 28.48
C GLN M 279 -0.26 -11.61 28.16
N GLU M 280 -1.56 -11.55 28.44
CA GLU M 280 -2.47 -12.66 28.18
C GLU M 280 -3.18 -12.52 26.83
N VAL M 281 -3.20 -11.33 26.25
CA VAL M 281 -3.92 -11.08 25.01
C VAL M 281 -3.13 -11.69 23.86
N PRO M 282 -3.70 -12.62 23.09
CA PRO M 282 -2.98 -13.15 21.93
C PRO M 282 -2.80 -12.09 20.86
N MET M 283 -1.64 -12.12 20.20
CA MET M 283 -1.31 -11.15 19.16
C MET M 283 -1.33 -11.75 17.76
N ASP M 284 -1.73 -13.01 17.61
CA ASP M 284 -1.74 -13.69 16.32
C ASP M 284 -3.08 -14.36 16.06
N ARG M 285 -4.16 -13.76 16.54
CA ARG M 285 -5.51 -14.26 16.31
C ARG M 285 -6.36 -13.13 15.77
N PHE M 286 -7.06 -13.39 14.66
CA PHE M 286 -7.83 -12.37 13.96
C PHE M 286 -9.23 -12.90 13.66
N THR M 287 -10.14 -11.96 13.40
CA THR M 287 -11.49 -12.26 12.98
C THR M 287 -11.72 -11.71 11.58
N MET M 288 -12.69 -12.29 10.89
CA MET M 288 -12.96 -11.96 9.49
C MET M 288 -14.21 -11.10 9.39
N ASP M 289 -14.09 -9.98 8.66
CA ASP M 289 -15.20 -9.06 8.43
C ASP M 289 -15.37 -8.86 6.94
N MET M 290 -16.63 -8.80 6.50
CA MET M 290 -16.96 -8.69 5.08
C MET M 290 -17.55 -7.35 4.67
N LYS M 291 -18.18 -6.63 5.59
CA LYS M 291 -18.97 -5.44 5.23
C LYS M 291 -18.06 -4.38 4.62
N ARG M 292 -18.16 -4.23 3.30
CA ARG M 292 -17.36 -3.28 2.55
C ARG M 292 -18.19 -2.71 1.41
N ASP M 293 -17.54 -1.92 0.56
CA ASP M 293 -18.15 -1.38 -0.65
C ASP M 293 -17.23 -1.69 -1.82
N VAL M 294 -17.82 -2.07 -2.96
CA VAL M 294 -17.03 -2.41 -4.13
C VAL M 294 -16.34 -1.16 -4.68
N LYS M 295 -15.16 -1.36 -5.25
CA LYS M 295 -14.37 -0.29 -5.84
C LYS M 295 -14.42 -0.40 -7.35
N VAL M 296 -14.82 0.69 -8.01
CA VAL M 296 -14.95 0.74 -9.46
C VAL M 296 -14.15 1.92 -9.98
N THR M 297 -13.48 1.72 -11.12
CA THR M 297 -12.69 2.73 -11.81
C THR M 297 -13.30 3.03 -13.17
N PRO M 298 -13.06 4.22 -13.72
CA PRO M 298 -13.61 4.55 -15.05
C PRO M 298 -13.10 3.58 -16.10
N GLY M 299 -13.98 3.23 -17.03
CA GLY M 299 -13.70 2.29 -18.09
C GLY M 299 -14.81 1.27 -18.19
N THR M 300 -14.60 0.28 -19.05
CA THR M 300 -15.58 -0.80 -19.27
C THR M 300 -14.93 -2.13 -18.91
N LYS M 301 -14.96 -2.45 -17.62
CA LYS M 301 -14.45 -3.72 -17.12
C LYS M 301 -15.39 -4.43 -16.15
N HIS M 302 -16.31 -3.72 -15.49
CA HIS M 302 -17.25 -4.34 -14.57
C HIS M 302 -18.49 -4.89 -15.27
N THR M 303 -18.69 -4.58 -16.55
CA THR M 303 -19.80 -5.12 -17.32
C THR M 303 -19.43 -6.41 -18.03
N GLU M 304 -18.21 -6.89 -17.87
CA GLU M 304 -17.76 -8.14 -18.47
C GLU M 304 -17.31 -9.18 -17.47
N GLU M 305 -16.72 -8.77 -16.35
CA GLU M 305 -16.25 -9.68 -15.31
C GLU M 305 -16.75 -9.22 -13.95
N ARG M 306 -17.11 -10.17 -13.11
CA ARG M 306 -17.57 -9.85 -11.76
C ARG M 306 -16.40 -9.31 -10.93
N PRO M 307 -16.61 -8.25 -10.16
CA PRO M 307 -15.54 -7.71 -9.33
C PRO M 307 -15.27 -8.59 -8.11
N LYS M 308 -14.11 -8.37 -7.51
CA LYS M 308 -13.70 -9.14 -6.34
C LYS M 308 -14.44 -8.70 -5.09
N VAL M 309 -14.30 -9.49 -4.03
CA VAL M 309 -14.93 -9.23 -2.74
C VAL M 309 -13.85 -8.80 -1.76
N GLN M 310 -14.11 -7.70 -1.05
CA GLN M 310 -13.14 -7.15 -0.10
C GLN M 310 -13.39 -7.72 1.29
N VAL M 311 -12.29 -7.93 2.03
CA VAL M 311 -12.34 -8.53 3.35
C VAL M 311 -11.49 -7.70 4.30
N ILE M 312 -11.82 -7.80 5.59
CA ILE M 312 -11.09 -7.11 6.65
C ILE M 312 -10.69 -8.14 7.70
N GLN M 313 -9.42 -8.11 8.12
CA GLN M 313 -8.92 -8.94 9.21
C GLN M 313 -8.79 -8.07 10.44
N ALA M 314 -9.66 -8.29 11.42
CA ALA M 314 -9.71 -7.47 12.63
C ALA M 314 -8.94 -8.17 13.75
N ALA M 315 -8.11 -7.41 14.45
CA ALA M 315 -7.31 -7.94 15.54
C ALA M 315 -8.12 -7.90 16.85
N GLU M 316 -7.47 -8.24 17.96
CA GLU M 316 -8.15 -8.24 19.24
C GLU M 316 -8.48 -6.81 19.66
N PRO M 317 -9.69 -6.55 20.14
CA PRO M 317 -10.05 -5.18 20.55
C PRO M 317 -9.16 -4.63 21.66
N LEU M 318 -8.72 -5.47 22.59
CA LEU M 318 -7.84 -5.00 23.67
C LEU M 318 -6.42 -4.77 23.19
N ALA M 319 -5.99 -5.49 22.16
CA ALA M 319 -4.63 -5.31 21.65
C ALA M 319 -4.42 -3.92 21.07
N THR M 320 -5.44 -3.39 20.37
CA THR M 320 -5.33 -2.09 19.73
C THR M 320 -5.62 -0.93 20.68
N ALA M 321 -5.94 -1.21 21.94
CA ALA M 321 -6.18 -0.16 22.92
C ALA M 321 -5.04 -0.01 23.92
N TYR M 322 -4.28 -1.08 24.16
CA TYR M 322 -3.20 -1.01 25.14
C TYR M 322 -1.99 -0.25 24.59
N LEU M 323 -1.67 -0.43 23.32
CA LEU M 323 -0.41 0.04 22.75
C LEU M 323 -0.58 1.17 21.74
N CYS M 324 -1.79 1.69 21.55
CA CYS M 324 -2.06 2.69 20.52
C CYS M 324 -1.69 4.10 20.98
N GLY M 325 -0.94 4.21 22.08
CA GLY M 325 -0.53 5.52 22.56
C GLY M 325 0.87 5.91 22.12
N ILE M 326 1.53 5.05 21.36
CA ILE M 326 2.89 5.29 20.90
C ILE M 326 2.96 5.72 19.44
N HIS M 327 1.81 5.83 18.77
CA HIS M 327 1.82 6.23 17.37
C HIS M 327 2.29 7.66 17.19
N ARG M 328 1.89 8.55 18.10
CA ARG M 328 2.24 9.97 17.96
C ARG M 328 3.74 10.17 18.10
N GLU M 329 4.38 9.49 19.04
CA GLU M 329 5.82 9.64 19.24
C GLU M 329 6.60 9.09 18.05
N LEU M 330 6.14 7.98 17.48
CA LEU M 330 6.82 7.41 16.32
C LEU M 330 6.78 8.36 15.13
N VAL M 331 5.66 9.04 14.93
CA VAL M 331 5.54 9.99 13.82
C VAL M 331 6.51 11.14 14.02
N ARG M 332 6.61 11.66 15.24
CA ARG M 332 7.49 12.79 15.51
C ARG M 332 8.95 12.42 15.27
N ARG M 333 9.37 11.23 15.72
CA ARG M 333 10.76 10.84 15.55
C ARG M 333 11.12 10.62 14.09
N LEU M 334 10.19 10.05 13.31
CA LEU M 334 10.44 9.82 11.89
C LEU M 334 10.62 11.13 11.14
N ASN M 335 9.79 12.13 11.46
CA ASN M 335 9.89 13.42 10.78
C ASN M 335 11.18 14.15 11.11
N ALA M 336 11.78 13.84 12.27
CA ALA M 336 12.97 14.57 12.70
C ALA M 336 14.21 14.11 11.93
N VAL M 337 14.27 12.85 11.50
CA VAL M 337 15.46 12.31 10.86
C VAL M 337 15.43 12.43 9.34
N LEU M 338 14.32 12.86 8.75
CA LEU M 338 14.24 12.95 7.31
C LEU M 338 14.86 14.26 6.81
N LEU M 339 15.30 14.23 5.55
CA LEU M 339 15.89 15.41 4.93
C LEU M 339 14.81 16.46 4.66
N PRO M 340 15.20 17.73 4.58
CA PRO M 340 14.20 18.79 4.36
C PRO M 340 13.40 18.61 3.07
N ASN M 341 14.00 18.05 2.02
CA ASN M 341 13.33 17.90 0.74
C ASN M 341 12.50 16.63 0.64
N VAL M 342 12.45 15.82 1.69
CA VAL M 342 11.64 14.61 1.74
C VAL M 342 10.51 14.83 2.73
N HIS M 343 9.28 14.56 2.29
CA HIS M 343 8.09 14.89 3.07
C HIS M 343 7.22 13.65 3.24
N THR M 344 6.43 13.66 4.32
CA THR M 344 5.46 12.61 4.62
C THR M 344 4.14 13.25 4.98
N LEU M 345 3.04 12.68 4.46
CA LEU M 345 1.72 13.29 4.62
C LEU M 345 1.19 13.21 6.04
N PHE M 346 1.84 12.49 6.94
CA PHE M 346 1.38 12.41 8.32
C PHE M 346 1.42 13.79 8.98
N ASP M 347 0.38 14.07 9.77
CA ASP M 347 0.28 15.30 10.56
C ASP M 347 0.30 16.54 9.67
N MET M 348 -0.59 16.54 8.68
CA MET M 348 -0.76 17.69 7.79
C MET M 348 -2.24 17.85 7.46
N SER M 349 -2.54 18.92 6.74
CA SER M 349 -3.88 19.21 6.26
C SER M 349 -3.82 19.54 4.78
N ALA M 350 -4.98 19.83 4.19
CA ALA M 350 -5.04 20.14 2.77
C ALA M 350 -4.30 21.43 2.44
N GLU M 351 -4.46 22.46 3.29
CA GLU M 351 -3.82 23.74 3.03
C GLU M 351 -2.30 23.64 3.14
N ASP M 352 -1.81 22.87 4.10
CA ASP M 352 -0.35 22.75 4.27
C ASP M 352 0.30 22.11 3.06
N PHE M 353 -0.36 21.11 2.46
CA PHE M 353 0.21 20.46 1.28
C PHE M 353 0.33 21.44 0.12
N ASP M 354 -0.66 22.32 -0.05
CA ASP M 354 -0.62 23.28 -1.14
C ASP M 354 0.53 24.27 -0.97
N ALA M 355 0.77 24.70 0.27
CA ALA M 355 1.81 25.69 0.51
C ALA M 355 3.21 25.13 0.28
N ILE M 356 3.40 23.83 0.48
CA ILE M 356 4.72 23.24 0.33
C ILE M 356 5.15 23.21 -1.14
N ILE M 357 4.25 22.81 -2.03
CA ILE M 357 4.58 22.62 -3.43
C ILE M 357 4.11 23.79 -4.26
N ALA M 358 3.96 24.95 -3.62
CA ALA M 358 3.44 26.13 -4.30
C ALA M 358 4.36 26.62 -5.42
N THR M 359 5.67 26.59 -5.20
CA THR M 359 6.64 27.18 -6.12
C THR M 359 7.71 26.16 -6.50
N HIS M 360 7.28 24.96 -6.84
CA HIS M 360 8.24 23.93 -7.25
C HIS M 360 7.92 23.31 -8.61
N PHE M 361 6.65 23.16 -8.95
CA PHE M 361 6.24 22.51 -10.20
C PHE M 361 5.89 23.57 -11.23
N LYS M 362 6.54 23.50 -12.39
CA LYS M 362 6.37 24.43 -13.49
C LYS M 362 6.17 23.64 -14.77
N PRO M 363 5.54 24.24 -15.79
CA PRO M 363 5.32 23.51 -17.04
C PRO M 363 6.63 23.08 -17.68
N GLY M 364 6.61 21.90 -18.30
CA GLY M 364 7.80 21.34 -18.90
C GLY M 364 8.73 20.63 -17.95
N ASP M 365 8.23 20.16 -16.81
CA ASP M 365 9.03 19.47 -15.81
C ASP M 365 8.62 18.00 -15.74
N ALA M 366 9.62 17.12 -15.67
CA ALA M 366 9.38 15.69 -15.61
C ALA M 366 9.14 15.25 -14.18
N VAL M 367 8.07 14.49 -13.95
CA VAL M 367 7.71 13.98 -12.64
C VAL M 367 7.55 12.47 -12.75
N LEU M 368 8.13 11.74 -11.80
CA LEU M 368 8.06 10.29 -11.75
C LEU M 368 7.13 9.86 -10.63
N GLU M 369 6.08 9.13 -10.99
CA GLU M 369 5.14 8.57 -10.04
C GLU M 369 5.21 7.06 -10.09
N THR M 370 5.29 6.42 -8.92
CA THR M 370 5.48 4.99 -8.82
C THR M 370 4.64 4.43 -7.67
N ASP M 371 3.98 3.31 -7.92
CA ASP M 371 3.24 2.59 -6.89
C ASP M 371 3.82 1.19 -6.72
N ILE M 372 3.72 0.66 -5.50
CA ILE M 372 4.30 -0.63 -5.16
C ILE M 372 3.23 -1.64 -4.77
N ALA M 373 1.97 -1.39 -5.14
CA ALA M 373 0.88 -2.30 -4.78
C ALA M 373 1.06 -3.67 -5.43
N SER M 374 1.48 -3.70 -6.68
CA SER M 374 1.66 -4.97 -7.41
C SER M 374 3.01 -5.58 -7.04
N PHE M 375 3.08 -6.07 -5.81
CA PHE M 375 4.29 -6.71 -5.30
C PHE M 375 3.90 -7.68 -4.20
N ASP M 376 4.46 -8.89 -4.27
CA ASP M 376 4.18 -9.93 -3.28
C ASP M 376 5.17 -9.84 -2.13
N LYS M 377 4.78 -9.13 -1.07
CA LYS M 377 5.63 -8.97 0.11
C LYS M 377 5.74 -10.23 0.94
N SER M 378 4.91 -11.24 0.68
CA SER M 378 4.95 -12.49 1.43
C SER M 378 6.00 -13.47 0.91
N GLN M 379 6.57 -13.21 -0.27
CA GLN M 379 7.57 -14.12 -0.82
C GLN M 379 8.89 -14.03 -0.06
N ASP M 380 9.31 -12.82 0.30
CA ASP M 380 10.59 -12.59 0.95
C ASP M 380 10.36 -12.25 2.42
N ASP M 381 11.09 -12.93 3.29
CA ASP M 381 11.03 -12.66 4.73
C ASP M 381 11.89 -11.45 5.14
N SER M 382 12.74 -10.95 4.24
CA SER M 382 13.58 -9.81 4.55
C SER M 382 12.79 -8.51 4.64
N LEU M 383 11.61 -8.44 4.03
CA LEU M 383 10.79 -7.24 4.11
C LEU M 383 10.29 -6.99 5.53
N ALA M 384 10.08 -8.04 6.31
CA ALA M 384 9.69 -7.88 7.72
C ALA M 384 10.88 -7.57 8.61
N LEU M 385 12.06 -8.13 8.31
CA LEU M 385 13.24 -7.84 9.10
C LEU M 385 13.66 -6.38 8.97
N THR M 386 13.54 -5.82 7.77
CA THR M 386 13.95 -4.43 7.55
C THR M 386 13.11 -3.47 8.40
N ALA M 387 11.81 -3.71 8.48
CA ALA M 387 10.94 -2.86 9.29
C ALA M 387 11.31 -2.92 10.76
N MET M 388 11.61 -4.13 11.26
CA MET M 388 11.98 -4.27 12.66
C MET M 388 13.32 -3.57 12.96
N MET M 389 14.27 -3.66 12.03
CA MET M 389 15.54 -2.99 12.22
C MET M 389 15.37 -1.47 12.30
N LEU M 390 14.51 -0.91 11.45
CA LEU M 390 14.22 0.52 11.51
C LEU M 390 13.53 0.88 12.82
N LEU M 391 12.60 0.04 13.26
CA LEU M 391 11.88 0.30 14.51
C LEU M 391 12.83 0.28 15.70
N GLU M 392 13.77 -0.67 15.73
CA GLU M 392 14.71 -0.76 16.84
C GLU M 392 15.61 0.47 16.89
N ASP M 393 16.04 0.97 15.73
CA ASP M 393 16.89 2.15 15.71
C ASP M 393 16.14 3.39 16.20
N LEU M 394 14.82 3.43 16.02
CA LEU M 394 14.04 4.58 16.46
C LEU M 394 13.87 4.65 17.97
N GLY M 395 14.16 3.58 18.70
CA GLY M 395 14.13 3.62 20.15
C GLY M 395 12.90 3.01 20.78
N VAL M 396 12.48 1.85 20.30
CA VAL M 396 11.36 1.12 20.88
C VAL M 396 11.87 0.21 21.98
N ASP M 397 11.16 0.18 23.10
CA ASP M 397 11.59 -0.58 24.26
C ASP M 397 11.50 -2.08 23.97
N GLN M 398 12.44 -2.84 24.53
CA GLN M 398 12.66 -4.21 24.08
C GLN M 398 11.46 -5.14 24.29
N PRO M 399 10.86 -5.25 25.48
CA PRO M 399 9.71 -6.17 25.62
C PRO M 399 8.54 -5.83 24.72
N ILE M 400 8.33 -4.56 24.41
CA ILE M 400 7.24 -4.19 23.51
C ILE M 400 7.51 -4.71 22.10
N LEU M 401 8.77 -4.80 21.70
CA LEU M 401 9.10 -5.30 20.37
C LEU M 401 8.65 -6.75 20.18
N ASP M 402 8.76 -7.56 21.24
CA ASP M 402 8.33 -8.95 21.15
C ASP M 402 6.83 -9.05 20.86
N LEU M 403 6.03 -8.21 21.51
CA LEU M 403 4.59 -8.22 21.25
C LEU M 403 4.28 -7.84 19.81
N ILE M 404 4.98 -6.83 19.28
CA ILE M 404 4.78 -6.43 17.90
C ILE M 404 5.21 -7.53 16.95
N GLU M 405 6.34 -8.18 17.24
CA GLU M 405 6.86 -9.21 16.35
C GLU M 405 5.93 -10.40 16.23
N ALA M 406 5.17 -10.70 17.29
CA ALA M 406 4.29 -11.86 17.28
C ALA M 406 3.18 -11.77 16.23
N ALA M 407 2.86 -10.56 15.78
CA ALA M 407 1.80 -10.36 14.80
C ALA M 407 2.29 -10.40 13.37
N PHE M 408 3.59 -10.58 13.15
CA PHE M 408 4.17 -10.60 11.82
C PHE M 408 4.71 -11.99 11.45
N GLY M 409 4.15 -13.03 12.06
CA GLY M 409 4.55 -14.39 11.75
C GLY M 409 3.40 -15.23 11.24
N GLU M 410 3.17 -16.39 11.86
CA GLU M 410 2.06 -17.25 11.49
C GLU M 410 0.80 -16.81 12.23
N ILE M 411 -0.27 -16.56 11.47
CA ILE M 411 -1.53 -16.09 12.04
C ILE M 411 -2.66 -16.96 11.52
N SER M 412 -3.79 -16.90 12.21
CA SER M 412 -4.98 -17.66 11.84
C SER M 412 -6.20 -16.75 11.89
N SER M 413 -7.15 -17.02 11.00
CA SER M 413 -8.39 -16.27 10.92
C SER M 413 -9.57 -17.21 10.99
N CYS M 414 -10.68 -16.73 11.56
CA CYS M 414 -11.87 -17.52 11.75
C CYS M 414 -13.11 -16.72 11.37
N HIS M 415 -14.07 -17.40 10.74
CA HIS M 415 -15.35 -16.80 10.41
C HIS M 415 -16.41 -17.32 11.38
N LEU M 416 -16.88 -16.44 12.26
CA LEU M 416 -17.79 -16.82 13.34
C LEU M 416 -19.12 -17.40 12.85
N PRO M 417 -19.81 -16.79 11.88
CA PRO M 417 -21.11 -17.35 11.47
C PRO M 417 -21.04 -18.79 10.97
N THR M 418 -19.98 -19.17 10.25
CA THR M 418 -19.90 -20.49 9.65
C THR M 418 -18.84 -21.39 10.26
N GLY M 419 -17.99 -20.87 11.14
CA GLY M 419 -16.93 -21.67 11.73
C GLY M 419 -15.90 -22.10 10.72
N THR M 420 -15.50 -21.20 9.83
CA THR M 420 -14.50 -21.47 8.82
C THR M 420 -13.14 -20.99 9.29
N ARG M 421 -12.12 -21.84 9.15
CA ARG M 421 -10.78 -21.57 9.65
C ARG M 421 -9.83 -21.33 8.49
N PHE M 422 -9.00 -20.29 8.61
CA PHE M 422 -8.00 -19.96 7.61
C PHE M 422 -6.65 -19.77 8.30
N LYS M 423 -5.58 -20.11 7.59
CA LYS M 423 -4.22 -19.95 8.08
C LYS M 423 -3.39 -19.25 7.02
N PHE M 424 -2.62 -18.24 7.42
CA PHE M 424 -1.77 -17.49 6.52
C PHE M 424 -0.36 -17.41 7.09
N GLY M 425 0.62 -17.26 6.20
CA GLY M 425 2.00 -17.13 6.60
C GLY M 425 2.37 -15.69 6.92
N ALA M 426 3.53 -15.25 6.42
CA ALA M 426 3.96 -13.87 6.61
C ALA M 426 3.08 -12.94 5.79
N MET M 427 2.42 -12.01 6.47
CA MET M 427 1.51 -11.07 5.83
C MET M 427 1.79 -9.66 6.30
N MET M 428 1.71 -8.71 5.38
CA MET M 428 1.95 -7.30 5.68
C MET M 428 0.67 -6.49 5.84
N LYS M 429 -0.31 -6.70 4.98
CA LYS M 429 -1.58 -5.99 5.08
C LYS M 429 -2.48 -6.70 6.10
N SER M 430 -3.00 -5.93 7.06
CA SER M 430 -3.84 -6.47 8.12
C SER M 430 -4.65 -5.32 8.72
N GLY M 431 -5.30 -5.60 9.84
CA GLY M 431 -6.11 -4.60 10.51
C GLY M 431 -5.52 -4.12 11.83
N MET M 432 -4.22 -4.32 12.01
CA MET M 432 -3.55 -3.86 13.22
C MET M 432 -3.36 -2.35 13.17
N PHE M 433 -2.73 -1.80 14.21
CA PHE M 433 -2.57 -0.36 14.34
C PHE M 433 -1.19 0.13 13.89
N LEU M 434 -0.40 -0.72 13.24
CA LEU M 434 0.77 -0.29 12.45
C LEU M 434 0.65 -0.93 11.08
N THR M 435 -0.06 -0.25 10.18
CA THR M 435 -0.16 -0.66 8.79
C THR M 435 0.29 0.44 7.84
N LEU M 436 -0.17 1.67 8.05
CA LEU M 436 0.29 2.79 7.23
C LEU M 436 1.76 3.11 7.53
N PHE M 437 2.17 3.01 8.79
CA PHE M 437 3.53 3.36 9.17
C PHE M 437 4.54 2.42 8.53
N VAL M 438 4.29 1.11 8.60
CA VAL M 438 5.23 0.14 8.04
C VAL M 438 5.24 0.22 6.52
N ASN M 439 4.07 0.45 5.91
CA ASN M 439 4.02 0.57 4.46
C ASN M 439 4.78 1.81 3.97
N THR M 440 4.66 2.91 4.71
CA THR M 440 5.40 4.12 4.34
C THR M 440 6.90 3.91 4.47
N LEU M 441 7.34 3.22 5.52
CA LEU M 441 8.77 2.97 5.70
C LEU M 441 9.32 2.09 4.57
N LEU M 442 8.58 1.06 4.19
CA LEU M 442 9.04 0.19 3.11
C LEU M 442 9.04 0.91 1.77
N ASN M 443 8.06 1.80 1.55
CA ASN M 443 8.00 2.54 0.29
C ASN M 443 9.21 3.44 0.13
N ILE M 444 9.62 4.12 1.21
CA ILE M 444 10.79 4.99 1.14
C ILE M 444 12.06 4.18 0.93
N THR M 445 12.17 3.04 1.62
CA THR M 445 13.37 2.22 1.50
C THR M 445 13.55 1.68 0.08
N ILE M 446 12.45 1.24 -0.55
CA ILE M 446 12.53 0.70 -1.90
C ILE M 446 12.98 1.78 -2.88
N ALA M 447 12.40 2.98 -2.76
CA ALA M 447 12.78 4.08 -3.66
C ALA M 447 14.22 4.50 -3.44
N SER M 448 14.67 4.55 -2.19
CA SER M 448 16.04 4.99 -1.90
C SER M 448 17.07 4.03 -2.48
N ARG M 449 16.82 2.72 -2.34
CA ARG M 449 17.78 1.74 -2.84
C ARG M 449 17.85 1.76 -4.37
N VAL M 450 16.71 1.87 -5.04
CA VAL M 450 16.69 1.83 -6.50
C VAL M 450 17.31 3.10 -7.08
N LEU M 451 16.93 4.27 -6.57
CA LEU M 451 17.36 5.53 -7.14
C LEU M 451 18.75 5.96 -6.68
N GLU M 452 19.25 5.41 -5.58
CA GLU M 452 20.59 5.70 -5.06
C GLU M 452 20.67 7.19 -4.74
N GLU M 453 21.63 7.93 -5.28
CA GLU M 453 21.84 9.32 -4.90
C GLU M 453 20.95 10.30 -5.66
N ARG M 454 20.16 9.83 -6.61
CA ARG M 454 19.26 10.73 -7.33
C ARG M 454 18.10 11.21 -6.44
N LEU M 455 17.84 10.51 -5.33
CA LEU M 455 16.82 10.96 -4.41
C LEU M 455 17.28 12.13 -3.56
N THR M 456 18.56 12.18 -3.21
CA THR M 456 19.07 13.26 -2.36
C THR M 456 19.01 14.60 -3.09
N THR M 457 19.46 14.62 -4.35
CA THR M 457 19.45 15.86 -5.14
C THR M 457 18.11 15.94 -5.87
N SER M 458 17.13 16.54 -5.21
CA SER M 458 15.79 16.67 -5.77
C SER M 458 15.12 17.90 -5.20
N ALA M 459 14.06 18.34 -5.86
CA ALA M 459 13.32 19.53 -5.43
C ALA M 459 12.24 19.21 -4.41
N CYS M 460 11.48 18.14 -4.62
CA CYS M 460 10.39 17.79 -3.71
C CYS M 460 10.02 16.34 -3.91
N ALA M 461 9.91 15.60 -2.82
CA ALA M 461 9.49 14.20 -2.83
C ALA M 461 8.45 13.98 -1.75
N ALA M 462 7.36 13.29 -2.11
CA ALA M 462 6.27 13.02 -1.20
C ALA M 462 5.99 11.52 -1.18
N PHE M 463 5.86 10.96 0.02
CA PHE M 463 5.58 9.54 0.20
C PHE M 463 4.43 9.37 1.18
N ILE M 464 3.45 8.57 0.78
CA ILE M 464 2.34 8.19 1.65
C ILE M 464 1.69 6.92 1.13
N GLY M 465 1.40 5.98 2.03
CA GLY M 465 0.79 4.72 1.65
C GLY M 465 1.60 3.94 0.63
N ASP M 466 0.98 3.62 -0.50
CA ASP M 466 1.65 2.93 -1.59
C ASP M 466 1.89 3.82 -2.80
N ASP M 467 1.81 5.14 -2.64
CA ASP M 467 1.97 6.08 -3.73
C ASP M 467 3.08 7.07 -3.42
N ASN M 468 3.76 7.53 -4.46
CA ASN M 468 4.84 8.49 -4.31
C ASN M 468 5.02 9.28 -5.60
N ILE M 469 5.56 10.49 -5.47
CA ILE M 469 5.89 11.34 -6.60
C ILE M 469 7.25 11.97 -6.35
N ILE M 470 8.11 11.95 -7.36
CA ILE M 470 9.46 12.48 -7.25
C ILE M 470 9.69 13.44 -8.42
N HIS M 471 10.23 14.62 -8.12
CA HIS M 471 10.40 15.67 -9.11
C HIS M 471 11.73 15.54 -9.83
N GLY M 472 11.70 15.76 -11.15
CA GLY M 472 12.92 15.80 -11.94
C GLY M 472 13.64 14.47 -12.07
N VAL M 473 12.91 13.37 -12.25
CA VAL M 473 13.51 12.06 -12.44
C VAL M 473 12.85 11.39 -13.65
N VAL M 474 13.67 10.83 -14.53
CA VAL M 474 13.18 10.14 -15.72
C VAL M 474 13.50 8.65 -15.60
N SER M 475 13.05 7.87 -16.57
CA SER M 475 13.24 6.43 -16.56
C SER M 475 14.43 6.05 -17.44
N ASP M 476 15.38 5.34 -16.86
CA ASP M 476 16.59 4.90 -17.56
C ASP M 476 16.75 3.39 -17.38
N ALA M 477 17.77 2.84 -18.04
CA ALA M 477 18.02 1.41 -17.95
C ALA M 477 18.73 1.02 -16.66
N LEU M 478 19.33 1.98 -15.95
CA LEU M 478 20.02 1.64 -14.71
C LEU M 478 19.05 1.15 -13.65
N MET M 479 17.90 1.81 -13.50
CA MET M 479 16.91 1.37 -12.52
C MET M 479 16.28 0.05 -12.92
N ALA M 480 16.14 -0.18 -14.24
CA ALA M 480 15.59 -1.46 -14.71
C ALA M 480 16.54 -2.60 -14.38
N ALA M 481 17.84 -2.40 -14.60
CA ALA M 481 18.82 -3.44 -14.28
C ALA M 481 18.91 -3.69 -12.78
N ARG M 482 18.86 -2.62 -11.99
CA ARG M 482 18.92 -2.78 -10.53
C ARG M 482 17.70 -3.51 -10.01
N CYS M 483 16.52 -3.23 -10.56
CA CYS M 483 15.28 -3.83 -10.09
C CYS M 483 15.04 -5.21 -10.68
N ALA M 484 15.79 -5.62 -11.70
CA ALA M 484 15.61 -6.91 -12.34
C ALA M 484 16.45 -8.01 -11.69
N THR M 485 16.85 -7.82 -10.43
CA THR M 485 17.62 -8.86 -9.74
C THR M 485 16.80 -10.12 -9.54
N TRP M 486 15.52 -9.97 -9.23
CA TRP M 486 14.63 -11.11 -8.98
C TRP M 486 13.62 -11.28 -10.10
N MET M 487 12.84 -10.25 -10.40
CA MET M 487 11.92 -10.23 -11.53
C MET M 487 11.78 -8.80 -12.01
N ASN M 488 10.78 -8.54 -12.85
CA ASN M 488 10.65 -7.25 -13.53
C ASN M 488 9.43 -6.44 -13.11
N MET M 489 8.36 -7.09 -12.65
CA MET M 489 7.12 -6.40 -12.32
C MET M 489 7.01 -6.08 -10.83
N GLU M 490 8.13 -5.79 -10.17
CA GLU M 490 8.08 -5.40 -8.76
C GLU M 490 7.25 -4.14 -8.57
N VAL M 491 7.49 -3.11 -9.39
CA VAL M 491 6.81 -1.83 -9.26
C VAL M 491 6.36 -1.37 -10.64
N LYS M 492 5.41 -0.42 -10.63
CA LYS M 492 4.91 0.21 -11.85
C LYS M 492 5.29 1.68 -11.82
N ILE M 493 5.92 2.14 -12.91
CA ILE M 493 6.39 3.52 -13.00
C ILE M 493 5.74 4.19 -14.20
N ILE M 494 5.45 5.47 -14.04
CA ILE M 494 4.80 6.27 -15.08
C ILE M 494 5.48 7.63 -15.15
N ASP M 495 5.76 8.09 -16.37
CA ASP M 495 6.38 9.38 -16.60
C ASP M 495 5.31 10.42 -16.89
N ALA M 496 5.44 11.59 -16.25
CA ALA M 496 4.47 12.66 -16.40
C ALA M 496 5.20 13.98 -16.64
N VAL M 497 4.55 14.86 -17.40
CA VAL M 497 5.09 16.18 -17.72
C VAL M 497 4.02 17.22 -17.39
N VAL M 498 4.41 18.25 -16.64
CA VAL M 498 3.45 19.28 -16.24
C VAL M 498 2.95 20.02 -17.47
N SER M 499 1.64 20.30 -17.48
CA SER M 499 0.92 21.01 -18.53
C SER M 499 0.82 20.20 -19.82
N VAL M 500 1.34 18.97 -19.86
CA VAL M 500 1.21 18.09 -21.01
C VAL M 500 0.56 16.76 -20.61
N LYS M 501 1.09 16.11 -19.59
CA LYS M 501 0.52 14.89 -19.03
C LYS M 501 0.48 15.06 -17.52
N ALA M 502 -0.67 15.46 -16.99
CA ALA M 502 -0.77 15.86 -15.60
C ALA M 502 -0.46 14.68 -14.68
N PRO M 503 0.37 14.85 -13.67
CA PRO M 503 0.65 13.76 -12.73
C PRO M 503 -0.57 13.40 -11.92
N TYR M 504 -0.62 12.14 -11.49
CA TYR M 504 -1.73 11.60 -10.70
C TYR M 504 -1.22 11.25 -9.31
N PHE M 505 -1.96 11.67 -8.28
CA PHE M 505 -1.53 11.45 -6.90
C PHE M 505 -2.76 11.36 -6.01
N CYS M 506 -2.94 10.19 -5.38
CA CYS M 506 -3.99 9.97 -4.39
C CYS M 506 -5.36 10.32 -4.94
N GLY M 507 -5.65 9.84 -6.14
CA GLY M 507 -6.93 10.11 -6.76
C GLY M 507 -7.17 11.57 -7.08
N GLY M 508 -6.15 12.26 -7.60
CA GLY M 508 -6.29 13.67 -7.91
C GLY M 508 -5.32 14.07 -8.99
N PHE M 509 -5.41 15.33 -9.39
CA PHE M 509 -4.57 15.90 -10.45
C PHE M 509 -3.80 17.09 -9.90
N ILE M 510 -2.53 17.18 -10.29
CA ILE M 510 -1.67 18.31 -9.94
C ILE M 510 -1.58 19.23 -11.15
N LEU M 511 -2.08 20.45 -11.00
CA LEU M 511 -2.14 21.41 -12.09
C LEU M 511 -1.46 22.71 -11.68
N HIS M 512 -0.92 23.42 -12.67
CA HIS M 512 -0.26 24.69 -12.46
C HIS M 512 -1.21 25.82 -12.89
N ASP M 513 -1.46 26.75 -11.98
CA ASP M 513 -2.38 27.84 -12.26
C ASP M 513 -1.80 28.79 -13.30
N THR M 514 -2.68 29.52 -13.96
CA THR M 514 -2.31 30.46 -15.01
C THR M 514 -2.35 31.91 -14.55
N VAL M 515 -3.40 32.30 -13.81
CA VAL M 515 -3.53 33.67 -13.35
C VAL M 515 -2.49 33.99 -12.29
N THR M 516 -2.30 33.09 -11.32
CA THR M 516 -1.36 33.33 -10.23
C THR M 516 0.01 32.72 -10.49
N GLY M 517 0.05 31.50 -11.05
CA GLY M 517 1.32 30.85 -11.32
C GLY M 517 1.80 29.99 -10.18
N THR M 518 0.88 29.22 -9.58
CA THR M 518 1.20 28.33 -8.47
C THR M 518 0.54 26.98 -8.70
N ALA M 519 1.13 25.95 -8.10
CA ALA M 519 0.62 24.59 -8.23
C ALA M 519 -0.49 24.34 -7.22
N CYS M 520 -1.40 23.44 -7.57
CA CYS M 520 -2.52 23.08 -6.71
C CYS M 520 -2.99 21.68 -7.06
N ARG M 521 -3.76 21.09 -6.16
CA ARG M 521 -4.27 19.73 -6.32
C ARG M 521 -5.79 19.74 -6.28
N VAL M 522 -6.42 19.05 -7.23
CA VAL M 522 -7.87 18.96 -7.32
C VAL M 522 -8.26 17.50 -7.46
N ALA M 523 -9.56 17.24 -7.33
CA ALA M 523 -10.07 15.88 -7.35
C ALA M 523 -10.35 15.41 -8.77
N ASP M 524 -10.77 14.14 -8.89
CA ASP M 524 -11.04 13.52 -10.18
C ASP M 524 -12.53 13.58 -10.46
N PRO M 525 -12.96 14.25 -11.54
CA PRO M 525 -14.41 14.38 -11.79
C PRO M 525 -15.07 13.11 -12.30
N LEU M 526 -14.36 12.32 -13.12
CA LEU M 526 -14.95 11.09 -13.65
C LEU M 526 -15.22 10.08 -12.55
N LYS M 527 -14.33 10.01 -11.54
CA LYS M 527 -14.57 9.10 -10.43
C LYS M 527 -15.86 9.45 -9.70
N ARG M 528 -16.11 10.75 -9.50
CA ARG M 528 -17.36 11.17 -8.89
C ARG M 528 -18.55 10.85 -9.79
N LEU M 529 -18.41 11.06 -11.11
CA LEU M 529 -19.53 10.92 -12.02
C LEU M 529 -20.09 9.50 -12.01
N PHE M 530 -19.21 8.50 -12.01
CA PHE M 530 -19.67 7.11 -11.96
C PHE M 530 -20.29 6.79 -10.61
N LYS M 531 -19.94 7.55 -9.57
CA LYS M 531 -20.40 7.20 -8.23
C LYS M 531 -21.85 7.61 -8.01
N LEU M 532 -22.34 8.63 -8.72
CA LEU M 532 -23.74 9.01 -8.61
C LEU M 532 -24.68 7.97 -9.21
N GLY M 533 -24.15 7.03 -9.99
CA GLY M 533 -24.97 6.00 -10.59
C GLY M 533 -25.03 4.75 -9.75
N LYS M 534 -24.83 4.90 -8.44
CA LYS M 534 -24.86 3.79 -7.49
C LYS M 534 -26.20 3.75 -6.77
N PRO M 535 -26.87 2.60 -6.74
CA PRO M 535 -28.18 2.54 -6.07
C PRO M 535 -28.06 2.81 -4.58
N LEU M 536 -29.12 3.39 -4.03
CA LEU M 536 -29.19 3.75 -2.61
C LEU M 536 -30.09 2.76 -1.90
N ALA M 537 -29.59 2.17 -0.82
CA ALA M 537 -30.37 1.21 -0.04
C ALA M 537 -31.52 1.90 0.66
N ALA M 538 -32.66 1.20 0.73
CA ALA M 538 -33.84 1.75 1.38
C ALA M 538 -33.58 1.94 2.88
N GLY M 539 -34.14 3.02 3.43
CA GLY M 539 -33.97 3.33 4.83
C GLY M 539 -32.73 4.15 5.16
N ASP M 540 -31.95 4.55 4.16
CA ASP M 540 -30.76 5.35 4.38
C ASP M 540 -31.13 6.83 4.37
N GLU M 541 -30.59 7.57 5.35
CA GLU M 541 -30.90 8.99 5.53
C GLU M 541 -29.62 9.83 5.51
N GLN M 542 -28.63 9.37 4.73
CA GLN M 542 -27.34 10.04 4.63
C GLN M 542 -27.25 10.88 3.34
N ASP M 543 -28.37 11.46 2.91
CA ASP M 543 -28.41 12.26 1.70
C ASP M 543 -28.19 13.75 1.95
N GLU M 544 -27.53 14.10 3.05
CA GLU M 544 -27.21 15.49 3.35
C GLU M 544 -25.72 15.74 3.52
N ASP M 545 -24.96 14.76 4.00
CA ASP M 545 -23.52 14.92 4.06
C ASP M 545 -22.88 14.87 2.66
N ARG M 546 -23.53 14.17 1.73
CA ARG M 546 -22.99 14.08 0.38
C ARG M 546 -23.19 15.37 -0.40
N ARG M 547 -24.29 16.09 -0.16
CA ARG M 547 -24.53 17.34 -0.86
C ARG M 547 -23.50 18.39 -0.49
N ARG M 548 -23.15 18.48 0.79
CA ARG M 548 -22.13 19.43 1.22
C ARG M 548 -20.76 19.08 0.64
N ALA M 549 -20.44 17.78 0.59
CA ALA M 549 -19.18 17.36 -0.01
C ALA M 549 -19.13 17.71 -1.49
N LEU M 550 -20.24 17.51 -2.20
CA LEU M 550 -20.29 17.86 -3.61
C LEU M 550 -20.19 19.37 -3.81
N ALA M 551 -20.83 20.15 -2.93
CA ALA M 551 -20.79 21.59 -3.06
C ALA M 551 -19.37 22.14 -2.91
N ASP M 552 -18.62 21.62 -1.95
CA ASP M 552 -17.23 22.05 -1.78
C ASP M 552 -16.37 21.66 -2.97
N GLU M 553 -16.58 20.45 -3.49
CA GLU M 553 -15.76 19.98 -4.60
C GLU M 553 -16.09 20.71 -5.90
N VAL M 554 -17.35 21.12 -6.08
CA VAL M 554 -17.73 21.85 -7.28
C VAL M 554 -17.07 23.23 -7.30
N THR M 555 -17.03 23.91 -6.15
CA THR M 555 -16.45 25.25 -6.09
C THR M 555 -14.98 25.23 -6.48
N ARG M 556 -14.24 24.23 -6.02
CA ARG M 556 -12.82 24.15 -6.35
C ARG M 556 -12.60 23.91 -7.84
N TRP M 557 -13.57 23.29 -8.52
CA TRP M 557 -13.43 23.00 -9.94
C TRP M 557 -13.62 24.21 -10.83
N GLN M 558 -14.34 25.23 -10.37
CA GLN M 558 -14.72 26.37 -11.21
C GLN M 558 -13.81 27.58 -11.00
N ARG M 559 -12.61 27.37 -10.45
CA ARG M 559 -11.67 28.46 -10.29
C ARG M 559 -11.17 28.93 -11.66
N THR M 560 -11.06 30.25 -11.82
CA THR M 560 -10.56 30.81 -13.07
C THR M 560 -9.09 30.45 -13.26
N GLY M 561 -8.72 30.15 -14.50
CA GLY M 561 -7.38 29.72 -14.81
C GLY M 561 -7.13 28.24 -14.68
N LEU M 562 -8.15 27.44 -14.38
CA LEU M 562 -8.02 26.00 -14.27
C LEU M 562 -9.00 25.24 -15.16
N VAL M 563 -9.91 25.92 -15.85
CA VAL M 563 -10.88 25.24 -16.68
C VAL M 563 -10.21 24.57 -17.88
N THR M 564 -9.33 25.31 -18.57
CA THR M 564 -8.64 24.75 -19.73
C THR M 564 -7.68 23.63 -19.33
N GLU M 565 -6.96 23.82 -18.22
CA GLU M 565 -6.02 22.80 -17.78
C GLU M 565 -6.72 21.51 -17.39
N LEU M 566 -7.88 21.62 -16.74
CA LEU M 566 -8.64 20.43 -16.35
C LEU M 566 -9.10 19.64 -17.56
N GLU M 567 -9.50 20.34 -18.62
CA GLU M 567 -9.94 19.66 -19.85
C GLU M 567 -8.83 18.81 -20.44
N ARG M 568 -7.62 19.36 -20.51
CA ARG M 568 -6.50 18.64 -21.13
C ARG M 568 -6.03 17.49 -20.26
N ALA M 569 -6.08 17.67 -18.93
CA ALA M 569 -5.62 16.62 -18.03
C ALA M 569 -6.49 15.38 -18.13
N VAL M 570 -7.82 15.56 -18.18
CA VAL M 570 -8.73 14.43 -18.27
C VAL M 570 -8.57 13.71 -19.60
N TYR M 571 -8.43 14.48 -20.69
CA TYR M 571 -8.30 13.87 -22.02
C TYR M 571 -7.00 13.08 -22.13
N SER M 572 -5.92 13.59 -21.56
CA SER M 572 -4.63 12.91 -21.64
C SER M 572 -4.59 11.65 -20.78
N ARG M 573 -5.54 11.49 -19.86
CA ARG M 573 -5.55 10.34 -18.96
C ARG M 573 -6.56 9.29 -19.39
N TYR M 574 -7.77 9.71 -19.75
CA TYR M 574 -8.85 8.78 -20.07
C TYR M 574 -9.31 8.84 -21.52
N GLU M 575 -8.80 9.78 -22.30
CA GLU M 575 -9.17 9.95 -23.72
C GLU M 575 -10.67 10.17 -23.87
N VAL M 576 -11.18 11.14 -23.12
CA VAL M 576 -12.59 11.49 -23.12
C VAL M 576 -12.71 13.01 -23.30
N GLN M 577 -13.73 13.41 -24.05
CA GLN M 577 -13.97 14.81 -24.37
C GLN M 577 -15.33 15.25 -23.84
N GLY M 578 -15.43 16.54 -23.49
CA GLY M 578 -16.69 17.12 -23.08
C GLY M 578 -17.01 16.96 -21.61
N ILE M 579 -16.14 17.45 -20.73
CA ILE M 579 -16.36 17.35 -19.30
C ILE M 579 -16.81 18.66 -18.66
N THR M 580 -16.73 19.78 -19.39
CA THR M 580 -17.23 21.04 -18.86
C THR M 580 -18.73 20.99 -18.64
N ALA M 581 -19.47 20.37 -19.57
CA ALA M 581 -20.91 20.26 -19.41
C ALA M 581 -21.27 19.38 -18.22
N VAL M 582 -20.49 18.33 -17.98
CA VAL M 582 -20.72 17.46 -16.83
C VAL M 582 -20.54 18.24 -15.52
N ILE M 583 -19.49 19.06 -15.45
CA ILE M 583 -19.26 19.86 -14.26
C ILE M 583 -20.41 20.84 -14.04
N THR M 584 -20.91 21.45 -15.11
CA THR M 584 -22.07 22.33 -15.00
C THR M 584 -23.30 21.56 -14.51
N SER M 585 -23.47 20.32 -14.99
CA SER M 585 -24.58 19.49 -14.52
C SER M 585 -24.44 19.19 -13.04
N MET M 586 -23.22 18.95 -12.57
CA MET M 586 -23.02 18.69 -11.15
C MET M 586 -23.33 19.93 -10.31
N ALA M 587 -23.14 21.12 -10.89
CA ALA M 587 -23.36 22.36 -10.13
C ALA M 587 -24.83 22.53 -9.77
N THR M 588 -25.74 22.25 -10.71
CA THR M 588 -27.16 22.47 -10.44
C THR M 588 -27.72 21.39 -9.52
N PHE M 589 -27.12 20.20 -9.52
CA PHE M 589 -27.57 19.15 -8.60
C PHE M 589 -27.31 19.54 -7.15
N ALA M 590 -26.15 20.11 -6.86
CA ALA M 590 -25.78 20.49 -5.50
C ALA M 590 -26.10 21.98 -5.29
N SER M 591 -27.40 22.28 -5.35
CA SER M 591 -27.85 23.65 -5.15
C SER M 591 -28.99 23.71 -4.15
N SER M 592 -29.75 22.62 -4.03
CA SER M 592 -30.88 22.58 -3.11
C SER M 592 -31.19 21.13 -2.76
N LYS M 593 -31.97 20.95 -1.69
CA LYS M 593 -32.36 19.62 -1.27
C LYS M 593 -33.23 18.92 -2.32
N GLU M 594 -34.19 19.66 -2.88
CA GLU M 594 -35.09 19.05 -3.85
C GLU M 594 -34.39 18.73 -5.17
N ASN M 595 -33.37 19.52 -5.53
CA ASN M 595 -32.64 19.24 -6.76
C ASN M 595 -31.85 17.94 -6.68
N PHE M 596 -31.48 17.52 -5.46
CA PHE M 596 -30.77 16.27 -5.27
C PHE M 596 -31.68 15.05 -5.31
N LYS M 597 -33.00 15.24 -5.29
CA LYS M 597 -33.94 14.13 -5.32
C LYS M 597 -34.16 13.58 -6.73
N LYS M 598 -33.62 14.22 -7.76
CA LYS M 598 -33.80 13.76 -9.12
C LYS M 598 -32.87 12.64 -9.51
N LEU M 599 -31.92 12.28 -8.64
CA LEU M 599 -30.99 11.19 -8.89
C LEU M 599 -31.52 9.84 -8.43
N ARG M 600 -32.70 9.80 -7.80
CA ARG M 600 -33.30 8.58 -7.29
C ARG M 600 -34.62 8.31 -8.00
N GLY M 601 -35.28 7.23 -7.61
CA GLY M 601 -36.53 6.84 -8.22
C GLY M 601 -37.39 6.00 -7.29
N PRO M 602 -38.36 5.29 -7.86
CA PRO M 602 -39.25 4.46 -7.04
C PRO M 602 -38.51 3.30 -6.39
N VAL M 603 -39.05 2.83 -5.27
CA VAL M 603 -38.45 1.75 -4.51
C VAL M 603 -38.83 0.41 -5.14
N VAL M 604 -37.84 -0.47 -5.29
CA VAL M 604 -38.04 -1.79 -5.86
C VAL M 604 -37.66 -2.82 -4.80
N THR M 605 -38.52 -3.80 -4.58
CA THR M 605 -38.32 -4.85 -3.59
C THR M 605 -38.25 -6.20 -4.30
N LEU M 606 -37.22 -6.99 -3.97
CA LEU M 606 -37.02 -8.29 -4.57
C LEU M 606 -36.81 -9.33 -3.48
N TYR M 607 -37.22 -10.58 -3.79
CA TYR M 607 -37.06 -11.73 -2.90
C TYR M 607 -37.78 -11.54 -1.57
N GLY M 608 -38.78 -10.67 -1.51
CA GLY M 608 -39.46 -10.40 -0.26
C GLY M 608 -40.96 -10.31 -0.46
N GLY M 609 -41.69 -10.75 0.56
CA GLY M 609 -43.13 -10.67 0.55
C GLY M 609 -43.78 -11.95 0.06
N PRO M 610 -44.48 -12.66 0.95
CA PRO M 610 -45.23 -13.87 0.57
C PRO M 610 -46.55 -13.57 -0.11
N LYS M 611 -46.52 -12.69 -1.10
CA LYS M 611 -47.74 -12.27 -1.80
C LYS M 611 -47.48 -12.11 -3.30
N GLY N 1 46.15 1.92 -8.71
CA GLY N 1 46.96 2.97 -9.27
C GLY N 1 46.55 3.36 -10.68
N ILE N 2 47.53 3.80 -11.48
CA ILE N 2 47.25 4.19 -12.85
C ILE N 2 47.02 2.96 -13.72
N ILE N 3 46.22 3.12 -14.77
CA ILE N 3 45.95 2.07 -15.74
C ILE N 3 46.24 2.62 -17.13
N GLU N 4 47.18 1.99 -17.83
CA GLU N 4 47.57 2.42 -19.16
C GLU N 4 46.86 1.57 -20.22
N THR N 5 46.55 2.20 -21.35
CA THR N 5 45.83 1.55 -22.44
C THR N 5 46.64 1.75 -23.72
N PRO N 6 47.62 0.88 -23.98
CA PRO N 6 48.43 1.04 -25.18
C PRO N 6 47.67 0.68 -26.45
N ARG N 7 47.25 1.69 -27.21
CA ARG N 7 46.62 1.54 -28.52
C ARG N 7 45.48 0.53 -28.49
N GLY N 8 44.45 0.85 -27.70
CA GLY N 8 43.28 0.02 -27.64
C GLY N 8 43.35 -1.07 -26.58
N ALA N 9 44.40 -1.90 -26.66
CA ALA N 9 44.58 -2.96 -25.68
C ALA N 9 44.81 -2.38 -24.29
N ILE N 10 44.38 -3.13 -23.28
CA ILE N 10 44.42 -2.69 -21.90
C ILE N 10 45.36 -3.58 -21.10
N LYS N 11 46.31 -2.96 -20.40
CA LYS N 11 47.18 -3.65 -19.48
C LYS N 11 47.23 -2.88 -18.17
N VAL N 12 47.36 -3.60 -17.06
CA VAL N 12 47.32 -3.01 -15.73
C VAL N 12 48.64 -3.31 -15.02
N THR N 13 49.24 -2.29 -14.42
CA THR N 13 50.46 -2.43 -13.65
C THR N 13 50.10 -2.58 -12.18
N ALA N 14 50.85 -3.43 -11.48
CA ALA N 14 50.57 -3.79 -10.08
C ALA N 14 51.40 -3.01 -9.08
N GLN N 15 51.65 -1.72 -9.33
CA GLN N 15 52.49 -0.94 -8.42
C GLN N 15 51.95 -0.79 -7.00
N PRO N 16 50.63 -0.76 -6.74
CA PRO N 16 50.19 -0.67 -5.34
C PRO N 16 50.61 -1.90 -4.56
N THR N 17 51.04 -1.68 -3.31
CA THR N 17 51.50 -2.75 -2.43
C THR N 17 50.40 -3.25 -1.50
N ASP N 18 49.13 -3.10 -1.89
CA ASP N 18 48.02 -3.57 -1.08
C ASP N 18 47.88 -5.09 -1.22
N HIS N 19 46.79 -5.64 -0.70
CA HIS N 19 46.55 -7.08 -0.78
C HIS N 19 46.45 -7.53 -2.23
N VAL N 20 47.38 -8.39 -2.63
CA VAL N 20 47.38 -8.98 -3.98
C VAL N 20 47.62 -10.48 -3.83
N VAL N 21 46.87 -11.28 -4.57
CA VAL N 21 47.06 -12.73 -4.57
C VAL N 21 47.60 -13.14 -5.95
N GLY N 22 48.72 -13.87 -5.94
CA GLY N 22 49.37 -14.26 -7.18
C GLY N 22 49.77 -13.06 -8.01
N GLU N 23 49.08 -12.86 -9.12
CA GLU N 23 49.28 -11.70 -10.00
C GLU N 23 47.95 -11.00 -10.26
N TYR N 24 47.10 -10.93 -9.24
CA TYR N 24 45.77 -10.33 -9.35
C TYR N 24 45.64 -9.21 -8.34
N LEU N 25 45.09 -8.08 -8.79
CA LEU N 25 44.93 -6.92 -7.93
C LEU N 25 43.59 -6.96 -7.21
N VAL N 26 43.57 -6.48 -5.97
CA VAL N 26 42.37 -6.44 -5.14
C VAL N 26 42.03 -4.98 -4.86
N LEU N 27 40.79 -4.60 -5.15
CA LEU N 27 40.36 -3.22 -4.93
C LEU N 27 38.87 -3.22 -4.62
N SER N 28 38.44 -2.15 -3.95
CA SER N 28 37.05 -2.06 -3.50
C SER N 28 36.11 -1.83 -4.69
N PRO N 29 34.87 -2.34 -4.60
CA PRO N 29 33.90 -2.09 -5.69
C PRO N 29 33.65 -0.61 -5.94
N GLN N 30 33.66 0.21 -4.89
CA GLN N 30 33.41 1.64 -5.07
C GLN N 30 34.50 2.31 -5.90
N THR N 31 35.75 1.84 -5.78
CA THR N 31 36.83 2.42 -6.55
C THR N 31 36.62 2.19 -8.06
N VAL N 32 36.16 0.99 -8.42
CA VAL N 32 35.97 0.66 -9.83
C VAL N 32 34.90 1.57 -10.45
N LEU N 33 33.80 1.80 -9.73
CA LEU N 33 32.72 2.62 -10.27
C LEU N 33 33.16 4.05 -10.55
N ARG N 34 33.96 4.62 -9.64
CA ARG N 34 34.40 6.00 -9.78
C ARG N 34 35.67 6.11 -10.62
N SER N 35 35.62 5.56 -11.83
CA SER N 35 36.77 5.62 -12.75
C SER N 35 36.27 5.36 -14.16
N GLN N 36 36.40 6.36 -15.03
CA GLN N 36 35.99 6.19 -16.42
C GLN N 36 36.89 5.23 -17.18
N LYS N 37 38.12 5.00 -16.70
CA LYS N 37 39.03 4.07 -17.36
C LYS N 37 38.53 2.64 -17.27
N LEU N 38 37.88 2.28 -16.16
CA LEU N 38 37.41 0.92 -15.92
C LEU N 38 35.92 0.76 -16.25
N SER N 39 35.43 1.48 -17.26
CA SER N 39 34.02 1.41 -17.63
C SER N 39 33.64 0.10 -18.31
N LEU N 40 34.61 -0.72 -18.70
CA LEU N 40 34.31 -1.96 -19.40
C LEU N 40 33.79 -3.05 -18.48
N ILE N 41 34.05 -2.96 -17.17
CA ILE N 41 33.61 -3.99 -16.24
C ILE N 41 32.74 -3.38 -15.14
N HIS N 42 32.07 -2.27 -15.46
CA HIS N 42 31.20 -1.63 -14.48
C HIS N 42 30.00 -2.49 -14.11
N ALA N 43 29.57 -3.39 -14.99
CA ALA N 43 28.45 -4.27 -14.67
C ALA N 43 28.77 -5.18 -13.51
N LEU N 44 30.00 -5.72 -13.47
CA LEU N 44 30.40 -6.58 -12.36
C LEU N 44 30.48 -5.79 -11.06
N ALA N 45 30.87 -4.52 -11.12
CA ALA N 45 30.94 -3.70 -9.91
C ALA N 45 29.56 -3.55 -9.27
N GLU N 46 28.53 -3.36 -10.10
CA GLU N 46 27.17 -3.29 -9.56
C GLU N 46 26.74 -4.61 -8.93
N GLN N 47 27.10 -5.73 -9.57
CA GLN N 47 26.69 -7.04 -9.05
C GLN N 47 27.38 -7.37 -7.74
N VAL N 48 28.68 -7.11 -7.64
CA VAL N 48 29.40 -7.37 -6.39
C VAL N 48 28.95 -6.42 -5.29
N LYS N 49 28.33 -5.30 -5.65
CA LYS N 49 27.75 -4.39 -4.68
C LYS N 49 26.46 -5.03 -4.14
N THR N 50 25.73 -4.33 -3.29
CA THR N 50 24.61 -4.87 -2.52
C THR N 50 25.05 -6.01 -1.60
N CYS N 51 26.36 -6.15 -1.40
CA CYS N 51 26.92 -7.13 -0.50
C CYS N 51 28.05 -6.53 0.32
N THR N 52 27.85 -5.32 0.85
CA THR N 52 28.87 -4.61 1.63
C THR N 52 28.16 -3.85 2.74
N HIS N 53 28.23 -4.37 3.96
CA HIS N 53 27.74 -3.68 5.15
C HIS N 53 28.78 -3.79 6.26
N SER N 54 28.55 -3.05 7.34
CA SER N 54 29.52 -2.90 8.42
C SER N 54 29.01 -3.49 9.72
N GLY N 55 28.30 -4.61 9.63
CA GLY N 55 27.85 -5.32 10.81
C GLY N 55 26.68 -4.65 11.51
N ARG N 56 26.27 -5.26 12.61
CA ARG N 56 25.13 -4.79 13.39
C ARG N 56 25.14 -5.50 14.74
N ALA N 57 24.69 -4.80 15.77
CA ALA N 57 24.62 -5.33 17.13
C ALA N 57 23.22 -5.11 17.69
N GLY N 58 22.82 -6.02 18.58
CA GLY N 58 21.51 -5.98 19.20
C GLY N 58 20.80 -7.32 19.10
N ARG N 59 19.48 -7.28 18.93
CA ARG N 59 18.71 -8.50 18.76
C ARG N 59 19.12 -9.24 17.50
N TYR N 60 19.32 -8.50 16.41
CA TYR N 60 19.72 -9.07 15.12
C TYR N 60 21.16 -8.66 14.87
N ALA N 61 22.10 -9.47 15.36
CA ALA N 61 23.52 -9.17 15.28
C ALA N 61 24.16 -9.96 14.14
N VAL N 62 24.94 -9.26 13.32
CA VAL N 62 25.67 -9.87 12.21
C VAL N 62 27.12 -9.36 12.25
N GLU N 63 27.90 -9.77 11.26
CA GLU N 63 29.30 -9.37 11.14
C GLU N 63 29.51 -8.69 9.80
N ALA N 64 30.55 -7.85 9.74
CA ALA N 64 30.82 -7.08 8.53
C ALA N 64 31.17 -8.00 7.38
N TYR N 65 30.53 -7.78 6.23
CA TYR N 65 30.77 -8.55 5.00
C TYR N 65 31.32 -7.61 3.94
N ASP N 66 32.56 -7.83 3.55
CA ASP N 66 33.26 -6.98 2.58
C ASP N 66 33.60 -7.80 1.35
N GLY N 67 33.25 -7.28 0.18
CA GLY N 67 33.60 -7.92 -1.08
C GLY N 67 34.62 -7.12 -1.86
N ARG N 68 35.36 -7.79 -2.74
CA ARG N 68 36.40 -7.13 -3.52
C ARG N 68 36.35 -7.63 -4.96
N VAL N 69 37.03 -6.91 -5.84
CA VAL N 69 37.05 -7.19 -7.27
C VAL N 69 38.47 -7.56 -7.68
N LEU N 70 38.61 -8.67 -8.40
CA LEU N 70 39.90 -9.18 -8.84
C LEU N 70 40.10 -8.89 -10.32
N VAL N 71 41.26 -8.33 -10.65
CA VAL N 71 41.61 -8.05 -12.05
C VAL N 71 43.04 -8.53 -12.32
N PRO N 72 43.32 -9.04 -13.51
CA PRO N 72 44.70 -9.39 -13.86
C PRO N 72 45.55 -8.14 -14.05
N SER N 73 46.86 -8.32 -13.91
CA SER N 73 47.79 -7.20 -13.98
C SER N 73 49.11 -7.65 -14.57
N GLY N 74 49.82 -6.69 -15.17
CA GLY N 74 51.18 -6.91 -15.62
C GLY N 74 51.35 -7.33 -17.06
N TYR N 75 50.28 -7.76 -17.73
CA TYR N 75 50.39 -8.29 -19.08
C TYR N 75 49.51 -7.49 -20.02
N ALA N 76 50.01 -7.25 -21.24
CA ALA N 76 49.27 -6.54 -22.27
C ALA N 76 48.35 -7.53 -22.98
N ILE N 77 47.05 -7.40 -22.77
CA ILE N 77 46.06 -8.32 -23.30
C ILE N 77 44.96 -7.52 -23.99
N SER N 78 44.12 -8.23 -24.72
CA SER N 78 42.98 -7.60 -25.39
C SER N 78 41.94 -7.16 -24.37
N PRO N 79 41.22 -6.07 -24.65
CA PRO N 79 40.19 -5.61 -23.71
C PRO N 79 39.09 -6.64 -23.44
N GLU N 80 38.75 -7.46 -24.44
CA GLU N 80 37.70 -8.46 -24.25
C GLU N 80 38.11 -9.50 -23.22
N ASP N 81 39.37 -9.96 -23.27
CA ASP N 81 39.84 -10.95 -22.31
C ASP N 81 39.93 -10.38 -20.90
N PHE N 82 40.01 -9.06 -20.76
CA PHE N 82 40.04 -8.45 -19.43
C PHE N 82 38.72 -8.69 -18.69
N GLN N 83 37.61 -8.64 -19.42
CA GLN N 83 36.29 -8.81 -18.80
C GLN N 83 36.12 -10.22 -18.23
N SER N 84 36.43 -11.23 -19.03
CA SER N 84 36.20 -12.61 -18.60
C SER N 84 37.17 -13.03 -17.50
N LEU N 85 38.42 -12.56 -17.57
CA LEU N 85 39.42 -12.93 -16.58
C LEU N 85 39.05 -12.40 -15.20
N SER N 86 38.52 -11.17 -15.14
CA SER N 86 38.12 -10.60 -13.86
C SER N 86 36.97 -11.38 -13.22
N GLU N 87 36.02 -11.82 -14.04
CA GLU N 87 34.84 -12.50 -13.49
C GLU N 87 35.23 -13.82 -12.81
N SER N 88 36.12 -14.59 -13.43
CA SER N 88 36.48 -15.89 -12.86
C SER N 88 37.23 -15.72 -11.55
N ALA N 89 38.20 -14.80 -11.50
CA ALA N 89 38.98 -14.62 -10.28
C ALA N 89 38.16 -14.00 -9.16
N THR N 90 37.30 -13.03 -9.50
CA THR N 90 36.51 -12.36 -8.48
C THR N 90 35.52 -13.32 -7.82
N MET N 91 34.88 -14.19 -8.62
CA MET N 91 33.86 -15.08 -8.07
C MET N 91 34.45 -16.03 -7.04
N VAL N 92 35.64 -16.56 -7.29
CA VAL N 92 36.27 -17.48 -6.34
C VAL N 92 36.57 -16.76 -5.04
N TYR N 93 37.04 -15.52 -5.10
CA TYR N 93 37.38 -14.78 -3.89
C TYR N 93 36.14 -14.51 -3.04
N ASN N 94 35.00 -14.23 -3.67
CA ASN N 94 33.78 -13.96 -2.91
C ASN N 94 33.17 -15.23 -2.36
N GLU N 95 33.47 -16.38 -2.97
CA GLU N 95 32.85 -17.63 -2.56
C GLU N 95 33.42 -18.13 -1.23
N ARG N 96 34.70 -17.84 -0.96
CA ARG N 96 35.38 -18.49 0.16
C ARG N 96 34.86 -17.99 1.51
N GLU N 97 34.67 -16.69 1.66
CA GLU N 97 34.23 -16.16 2.95
C GLU N 97 32.73 -16.33 3.16
N PHE N 98 31.97 -16.58 2.10
CA PHE N 98 30.54 -16.85 2.26
C PHE N 98 30.32 -18.09 3.11
N VAL N 99 31.08 -19.15 2.85
CA VAL N 99 31.03 -20.34 3.69
C VAL N 99 31.66 -20.06 5.05
N ASN N 100 32.76 -19.28 5.07
CA ASN N 100 33.46 -19.02 6.32
C ASN N 100 32.57 -18.30 7.33
N ARG N 101 31.80 -17.31 6.86
CA ARG N 101 30.85 -16.64 7.75
C ARG N 101 29.78 -17.58 8.27
N LYS N 102 29.29 -18.48 7.41
CA LYS N 102 28.23 -19.39 7.82
C LYS N 102 28.68 -20.26 8.98
N LEU N 103 29.91 -20.77 8.94
CA LEU N 103 30.42 -21.57 10.04
C LEU N 103 30.68 -20.71 11.27
N HIS N 104 31.19 -19.49 11.08
CA HIS N 104 31.45 -18.61 12.21
C HIS N 104 30.15 -18.15 12.86
N HIS N 105 29.11 -17.93 12.05
CA HIS N 105 27.81 -17.52 12.59
C HIS N 105 27.20 -18.59 13.48
N ILE N 106 27.37 -19.86 13.13
CA ILE N 106 26.81 -20.95 13.93
C ILE N 106 27.49 -21.03 15.29
N ALA N 107 28.79 -20.73 15.33
CA ALA N 107 29.55 -20.87 16.57
C ALA N 107 29.06 -19.91 17.65
N MET N 108 28.95 -18.63 17.30
CA MET N 108 28.63 -17.62 18.31
C MET N 108 27.18 -17.74 18.77
N HIS N 109 26.26 -17.86 17.82
CA HIS N 109 24.84 -17.93 18.13
C HIS N 109 24.39 -19.40 18.21
N GLY N 110 23.09 -19.61 18.29
CA GLY N 110 22.54 -20.96 18.37
C GLY N 110 22.13 -21.49 17.01
N PRO N 111 22.53 -22.72 16.72
CA PRO N 111 22.12 -23.35 15.46
C PRO N 111 20.60 -23.47 15.37
N ALA N 112 20.08 -23.33 14.15
CA ALA N 112 18.65 -23.45 13.95
C ALA N 112 18.18 -24.89 14.20
N LEU N 113 16.97 -25.02 14.74
CA LEU N 113 16.50 -26.32 15.18
C LEU N 113 15.83 -27.11 14.05
N ASN N 114 14.99 -26.45 13.27
CA ASN N 114 14.30 -27.13 12.16
C ASN N 114 15.05 -26.99 10.84
N THR N 115 16.35 -27.29 10.87
CA THR N 115 17.21 -27.19 9.69
C THR N 115 18.17 -28.37 9.70
N ASP N 116 19.22 -28.27 8.88
CA ASP N 116 20.23 -29.32 8.75
C ASP N 116 21.53 -28.96 9.47
N GLU N 117 21.55 -27.83 10.19
CA GLU N 117 22.78 -27.38 10.84
C GLU N 117 23.21 -28.27 12.00
N GLU N 118 22.38 -29.21 12.44
CA GLU N 118 22.78 -30.12 13.50
C GLU N 118 23.92 -31.04 13.07
N SER N 119 24.18 -31.14 11.76
CA SER N 119 25.34 -31.89 11.28
C SER N 119 26.65 -31.22 11.69
N TYR N 120 26.60 -29.98 12.15
CA TYR N 120 27.77 -29.28 12.66
C TYR N 120 27.72 -29.26 14.18
N GLU N 121 28.76 -29.80 14.82
CA GLU N 121 28.82 -29.92 16.27
C GLU N 121 30.08 -29.26 16.80
N LEU N 122 30.08 -29.01 18.10
CA LEU N 122 31.23 -28.44 18.78
C LEU N 122 32.04 -29.57 19.41
N VAL N 123 33.33 -29.64 19.06
CA VAL N 123 34.18 -30.77 19.41
C VAL N 123 35.43 -30.25 20.13
N ARG N 124 35.89 -31.01 21.11
CA ARG N 124 37.08 -30.65 21.87
C ARG N 124 38.29 -30.50 20.96
N ALA N 125 39.17 -29.56 21.31
CA ALA N 125 40.33 -29.25 20.48
C ALA N 125 41.37 -30.36 20.47
N GLU N 126 41.24 -31.38 21.32
CA GLU N 126 42.20 -32.47 21.37
C GLU N 126 41.78 -33.63 20.46
N ARG N 127 40.60 -34.19 20.70
CA ARG N 127 40.07 -35.25 19.84
C ARG N 127 39.67 -34.64 18.49
N THR N 128 40.55 -34.77 17.51
CA THR N 128 40.43 -34.12 16.20
C THR N 128 40.67 -35.10 15.08
N GLU N 129 39.94 -36.22 15.09
CA GLU N 129 40.05 -37.21 14.02
C GLU N 129 39.84 -36.60 12.64
N HIS N 130 39.21 -35.43 12.58
CA HIS N 130 39.05 -34.72 11.31
C HIS N 130 40.42 -34.24 10.83
N GLU N 131 40.76 -34.57 9.59
CA GLU N 131 42.10 -34.25 9.09
C GLU N 131 42.28 -32.74 8.94
N TYR N 132 41.32 -32.09 8.28
CA TYR N 132 41.21 -30.64 8.31
C TYR N 132 39.94 -30.28 9.07
N VAL N 133 40.03 -29.27 9.94
CA VAL N 133 38.92 -28.87 10.79
C VAL N 133 38.90 -27.35 10.86
N TYR N 134 37.69 -26.78 10.97
CA TYR N 134 37.53 -25.33 10.98
C TYR N 134 37.63 -24.81 12.40
N ASP N 135 38.40 -23.73 12.59
CA ASP N 135 38.56 -23.10 13.89
C ASP N 135 37.78 -21.79 13.95
N VAL N 136 37.55 -21.31 15.17
CA VAL N 136 36.75 -20.11 15.37
C VAL N 136 37.63 -18.91 15.75
N ASP N 137 38.76 -19.16 16.42
CA ASP N 137 39.59 -18.06 16.92
C ASP N 137 40.14 -17.20 15.78
N GLN N 138 40.57 -17.83 14.69
CA GLN N 138 41.14 -17.13 13.56
C GLN N 138 40.26 -17.22 12.31
N ARG N 139 39.09 -17.89 12.42
CA ARG N 139 38.08 -17.99 11.36
C ARG N 139 38.70 -18.41 10.02
N ARG N 140 39.55 -19.43 10.03
CA ARG N 140 40.08 -20.04 8.83
C ARG N 140 39.87 -21.55 8.90
N CYS N 141 40.45 -22.26 7.93
CA CYS N 141 40.49 -23.72 7.94
C CYS N 141 41.93 -24.16 8.13
N CYS N 142 42.18 -24.93 9.19
CA CYS N 142 43.53 -25.27 9.60
C CYS N 142 43.58 -26.73 10.02
N LYS N 143 44.76 -27.35 9.86
CA LYS N 143 44.88 -28.78 10.12
C LYS N 143 45.08 -29.06 11.62
N LYS N 144 46.16 -28.52 12.20
CA LYS N 144 46.45 -28.78 13.61
C LYS N 144 47.32 -27.64 14.13
N GLU N 145 46.68 -26.67 14.81
CA GLU N 145 47.39 -25.55 15.41
C GLU N 145 46.85 -25.21 16.79
N GLU N 146 46.19 -26.17 17.45
CA GLU N 146 45.68 -26.01 18.82
C GLU N 146 44.70 -24.83 18.91
N ALA N 147 43.59 -24.99 18.21
CA ALA N 147 42.52 -23.99 18.20
C ALA N 147 41.90 -23.90 19.59
N ALA N 148 42.15 -22.80 20.27
CA ALA N 148 41.64 -22.61 21.63
C ALA N 148 40.12 -22.44 21.61
N GLY N 149 39.51 -22.71 22.75
CA GLY N 149 38.07 -22.62 22.88
C GLY N 149 37.38 -23.95 22.71
N LEU N 150 36.62 -24.11 21.63
CA LEU N 150 35.94 -25.37 21.34
C LEU N 150 35.68 -25.44 19.85
N VAL N 151 36.19 -26.48 19.20
CA VAL N 151 36.32 -26.50 17.76
C VAL N 151 35.05 -27.03 17.10
N LEU N 152 34.73 -26.50 15.92
CA LEU N 152 33.56 -26.88 15.16
C LEU N 152 33.92 -27.94 14.13
N VAL N 153 33.00 -28.89 13.92
CA VAL N 153 33.09 -29.84 12.83
C VAL N 153 31.84 -29.70 11.97
N GLY N 154 31.79 -30.43 10.87
CA GLY N 154 30.64 -30.37 9.99
C GLY N 154 30.86 -31.19 8.73
N ASP N 155 29.86 -31.10 7.84
CA ASP N 155 29.90 -31.87 6.60
C ASP N 155 30.98 -31.35 5.67
N LEU N 156 30.86 -30.09 5.24
CA LEU N 156 31.88 -29.48 4.39
C LEU N 156 33.18 -29.25 5.14
N THR N 157 33.17 -29.37 6.47
CA THR N 157 34.41 -29.24 7.24
C THR N 157 35.38 -30.37 6.88
N ASN N 158 34.86 -31.54 6.47
CA ASN N 158 35.76 -32.67 6.22
C ASN N 158 36.67 -32.41 5.02
N PRO N 159 36.17 -32.29 3.78
CA PRO N 159 36.99 -31.70 2.73
C PRO N 159 36.78 -30.20 2.65
N PRO N 160 37.81 -29.40 2.91
CA PRO N 160 37.68 -27.93 2.73
C PRO N 160 37.92 -27.52 1.29
N TYR N 161 36.99 -27.90 0.41
CA TYR N 161 37.17 -27.64 -1.02
C TYR N 161 37.15 -26.15 -1.33
N HIS N 162 36.38 -25.37 -0.57
CA HIS N 162 36.40 -23.92 -0.73
C HIS N 162 37.78 -23.36 -0.39
N GLU N 163 38.43 -23.91 0.63
CA GLU N 163 39.77 -23.51 1.01
C GLU N 163 40.85 -24.02 0.06
N PHE N 164 40.58 -25.10 -0.67
CA PHE N 164 41.54 -25.68 -1.61
C PHE N 164 41.71 -24.84 -2.88
N ALA N 165 40.89 -23.80 -3.06
CA ALA N 165 40.98 -22.97 -4.24
C ALA N 165 41.54 -21.58 -3.98
N TYR N 166 41.68 -21.16 -2.72
CA TYR N 166 42.23 -19.85 -2.44
C TYR N 166 43.69 -19.74 -2.87
N GLU N 167 44.48 -20.79 -2.63
CA GLU N 167 45.88 -20.80 -3.04
C GLU N 167 46.05 -21.02 -4.54
N GLY N 168 44.98 -21.45 -5.24
CA GLY N 168 45.09 -21.67 -6.67
C GLY N 168 45.37 -20.40 -7.45
N LEU N 169 44.89 -19.26 -6.96
CA LEU N 169 45.12 -17.98 -7.63
C LEU N 169 46.58 -17.57 -7.65
N LYS N 170 47.42 -18.18 -6.81
CA LYS N 170 48.84 -17.83 -6.79
C LYS N 170 49.51 -18.20 -8.11
N ILE N 171 49.18 -19.36 -8.66
CA ILE N 171 49.80 -19.85 -9.89
C ILE N 171 48.86 -19.68 -11.09
N ARG N 172 47.85 -18.84 -10.96
CA ARG N 172 46.89 -18.66 -12.05
C ARG N 172 47.51 -17.82 -13.16
N PRO N 173 47.58 -18.31 -14.39
CA PRO N 173 48.17 -17.51 -15.48
C PRO N 173 47.29 -16.31 -15.82
N ALA N 174 47.93 -15.28 -16.38
CA ALA N 174 47.25 -14.07 -16.81
C ALA N 174 47.29 -13.87 -18.32
N CYS N 175 48.40 -14.22 -18.97
CA CYS N 175 48.52 -14.02 -20.41
C CYS N 175 47.81 -15.14 -21.16
N PRO N 176 46.84 -14.84 -22.02
CA PRO N 176 46.25 -15.89 -22.85
C PRO N 176 47.27 -16.47 -23.83
N TYR N 177 47.10 -17.74 -24.15
CA TYR N 177 47.96 -18.41 -25.11
C TYR N 177 47.34 -18.38 -26.50
N LYS N 178 48.15 -18.07 -27.50
CA LYS N 178 47.72 -18.00 -28.88
C LYS N 178 47.86 -19.37 -29.53
N ILE N 179 46.75 -19.92 -29.99
CA ILE N 179 46.72 -21.24 -30.61
C ILE N 179 45.41 -21.37 -31.38
N ALA N 180 45.40 -22.19 -32.42
CA ALA N 180 44.19 -22.37 -33.22
C ALA N 180 43.15 -23.16 -32.44
N VAL N 181 42.24 -22.44 -31.78
CA VAL N 181 41.21 -23.05 -30.94
C VAL N 181 40.06 -23.47 -31.86
N ILE N 182 40.01 -24.75 -32.19
CA ILE N 182 38.93 -25.31 -32.99
C ILE N 182 38.02 -26.11 -32.08
N GLY N 183 36.81 -26.38 -32.55
CA GLY N 183 35.83 -27.10 -31.75
C GLY N 183 34.85 -27.93 -32.55
N VAL N 184 34.34 -28.99 -31.95
CA VAL N 184 33.34 -29.86 -32.56
C VAL N 184 31.99 -29.56 -31.92
N PHE N 185 30.97 -29.33 -32.75
CA PHE N 185 29.64 -28.98 -32.28
C PHE N 185 28.70 -30.16 -32.46
N GLY N 186 27.48 -30.01 -31.94
CA GLY N 186 26.51 -31.08 -32.00
C GLY N 186 26.50 -31.93 -30.74
N VAL N 187 25.46 -32.77 -30.63
CA VAL N 187 25.27 -33.64 -29.47
C VAL N 187 26.49 -34.54 -29.33
N PRO N 188 27.14 -34.58 -28.16
CA PRO N 188 28.42 -35.29 -28.05
C PRO N 188 28.29 -36.81 -28.10
N GLY N 189 29.43 -37.48 -28.22
CA GLY N 189 29.44 -38.93 -28.22
C GLY N 189 29.26 -39.59 -29.57
N SER N 190 29.58 -38.88 -30.66
CA SER N 190 29.49 -39.46 -32.00
C SER N 190 30.85 -39.59 -32.66
N GLY N 191 31.55 -38.49 -32.85
CA GLY N 191 32.90 -38.54 -33.36
C GLY N 191 33.88 -37.83 -32.45
N LYS N 192 33.41 -36.80 -31.74
CA LYS N 192 34.29 -36.03 -30.87
C LYS N 192 34.84 -36.89 -29.74
N SER N 193 34.02 -37.79 -29.20
CA SER N 193 34.55 -38.80 -28.30
C SER N 193 35.53 -39.72 -29.01
N ALA N 194 35.20 -40.10 -30.25
CA ALA N 194 36.06 -40.99 -31.03
C ALA N 194 37.35 -40.31 -31.49
N ILE N 195 37.37 -38.98 -31.55
CA ILE N 195 38.61 -38.28 -31.89
C ILE N 195 39.66 -38.55 -30.82
N ILE N 196 39.26 -38.48 -29.54
CA ILE N 196 40.17 -38.76 -28.44
C ILE N 196 40.16 -40.24 -28.06
N LYS N 197 39.35 -41.07 -28.72
CA LYS N 197 39.23 -42.48 -28.40
C LYS N 197 39.97 -43.37 -29.39
N ASN N 198 39.69 -43.23 -30.68
CA ASN N 198 40.26 -44.11 -31.69
C ASN N 198 41.44 -43.51 -32.44
N LEU N 199 41.54 -42.18 -32.51
CA LEU N 199 42.61 -41.53 -33.25
C LEU N 199 43.20 -40.40 -32.41
N VAL N 200 43.48 -40.69 -31.14
CA VAL N 200 44.16 -39.74 -30.27
C VAL N 200 45.67 -39.99 -30.38
N THR N 201 46.46 -38.96 -30.05
CA THR N 201 47.90 -39.04 -30.23
C THR N 201 48.56 -39.67 -29.00
N ARG N 202 49.89 -39.72 -29.03
CA ARG N 202 50.71 -40.27 -27.95
C ARG N 202 50.78 -39.38 -26.72
N GLN N 203 51.04 -38.09 -26.90
CA GLN N 203 51.36 -37.22 -25.77
C GLN N 203 50.13 -36.56 -25.16
N ASP N 204 48.94 -36.77 -25.72
CA ASP N 204 47.74 -36.13 -25.19
C ASP N 204 47.31 -36.81 -23.89
N LEU N 205 46.76 -36.02 -22.98
CA LEU N 205 46.28 -36.50 -21.69
C LEU N 205 44.79 -36.25 -21.57
N VAL N 206 44.05 -37.27 -21.15
CA VAL N 206 42.59 -37.18 -21.00
C VAL N 206 42.34 -36.61 -19.60
N THR N 207 42.17 -35.28 -19.54
CA THR N 207 41.88 -34.59 -18.30
C THR N 207 40.50 -33.94 -18.28
N SER N 208 39.78 -33.99 -19.40
CA SER N 208 38.57 -33.19 -19.58
C SER N 208 37.35 -33.87 -18.95
N GLY N 209 36.32 -33.05 -18.71
CA GLY N 209 35.06 -33.53 -18.22
C GLY N 209 35.10 -33.93 -16.74
N LYS N 210 34.02 -34.57 -16.31
CA LYS N 210 33.94 -35.07 -14.95
C LYS N 210 34.90 -36.26 -14.78
N LYS N 211 35.18 -36.59 -13.52
CA LYS N 211 36.12 -37.67 -13.22
C LYS N 211 35.71 -38.97 -13.89
N GLU N 212 34.39 -39.20 -14.01
CA GLU N 212 33.93 -40.36 -14.77
C GLU N 212 34.29 -40.24 -16.25
N ASN N 213 34.15 -39.04 -16.81
CA ASN N 213 34.49 -38.84 -18.22
C ASN N 213 35.98 -39.02 -18.46
N CYS N 214 36.82 -38.64 -17.50
CA CYS N 214 38.25 -38.83 -17.63
C CYS N 214 38.61 -40.30 -17.70
N GLN N 215 37.96 -41.12 -16.88
CA GLN N 215 38.31 -42.54 -16.79
C GLN N 215 37.74 -43.35 -17.94
N GLU N 216 36.54 -43.00 -18.42
CA GLU N 216 35.91 -43.78 -19.48
C GLU N 216 36.75 -43.81 -20.75
N ILE N 217 37.30 -42.65 -21.13
CA ILE N 217 38.14 -42.61 -22.32
C ILE N 217 39.39 -43.46 -22.13
N THR N 218 39.99 -43.41 -20.94
CA THR N 218 41.15 -44.25 -20.66
C THR N 218 40.82 -45.73 -20.77
N THR N 219 39.67 -46.14 -20.22
CA THR N 219 39.24 -47.52 -20.39
C THR N 219 38.81 -47.80 -21.82
N ASP N 220 38.27 -46.79 -22.52
CA ASP N 220 37.84 -46.99 -23.90
C ASP N 220 39.03 -47.17 -24.83
N VAL N 221 40.04 -46.32 -24.71
CA VAL N 221 41.19 -46.42 -25.61
C VAL N 221 41.94 -47.73 -25.37
N MET N 222 42.14 -48.10 -24.11
CA MET N 222 42.93 -49.30 -23.80
C MET N 222 42.22 -50.56 -24.26
N ARG N 223 40.92 -50.67 -24.00
CA ARG N 223 40.19 -51.88 -24.36
C ARG N 223 40.04 -52.00 -25.87
N GLN N 224 39.72 -50.89 -26.54
CA GLN N 224 39.47 -50.95 -27.98
C GLN N 224 40.78 -50.97 -28.77
N ARG N 225 41.63 -49.97 -28.57
CA ARG N 225 42.88 -49.86 -29.31
C ARG N 225 44.11 -49.94 -28.42
N GLY N 226 44.19 -49.13 -27.37
CA GLY N 226 45.34 -49.12 -26.50
C GLY N 226 45.96 -47.75 -26.31
N LEU N 227 47.25 -47.63 -26.63
CA LEU N 227 48.01 -46.38 -26.66
C LEU N 227 48.29 -45.81 -25.28
N GLU N 228 47.94 -46.53 -24.21
CA GLU N 228 48.39 -46.23 -22.84
C GLU N 228 48.13 -44.78 -22.42
N ILE N 229 46.97 -44.23 -22.74
CA ILE N 229 46.65 -42.86 -22.36
C ILE N 229 46.17 -42.86 -20.91
N SER N 230 46.77 -41.98 -20.09
CA SER N 230 46.45 -41.89 -18.68
C SER N 230 45.22 -41.03 -18.47
N ALA N 231 44.93 -40.67 -17.22
CA ALA N 231 43.71 -39.92 -16.90
C ALA N 231 43.96 -39.04 -15.67
N ARG N 232 43.93 -37.73 -15.89
CA ARG N 232 43.81 -36.76 -14.82
C ARG N 232 42.42 -36.11 -14.96
N THR N 233 42.10 -35.15 -14.10
CA THR N 233 40.81 -34.48 -14.15
C THR N 233 40.99 -32.97 -14.19
N VAL N 234 39.93 -32.27 -14.57
CA VAL N 234 39.98 -30.81 -14.68
C VAL N 234 40.29 -30.18 -13.33
N ASP N 235 39.64 -30.67 -12.26
CA ASP N 235 39.84 -30.09 -10.94
C ASP N 235 41.28 -30.24 -10.48
N SER N 236 41.85 -31.43 -10.66
CA SER N 236 43.24 -31.65 -10.28
C SER N 236 44.21 -30.90 -11.19
N LEU N 237 43.93 -30.87 -12.49
CA LEU N 237 44.82 -30.17 -13.42
C LEU N 237 44.82 -28.67 -13.14
N LEU N 238 43.66 -28.09 -12.82
CA LEU N 238 43.59 -26.67 -12.56
C LEU N 238 44.21 -26.30 -11.22
N LEU N 239 43.96 -27.12 -10.18
CA LEU N 239 44.49 -26.81 -8.86
C LEU N 239 45.96 -27.16 -8.74
N ASN N 240 46.30 -28.43 -8.96
CA ASN N 240 47.68 -28.87 -8.81
C ASN N 240 48.55 -28.30 -9.94
N GLY N 241 49.85 -28.29 -9.69
CA GLY N 241 50.78 -27.81 -10.69
C GLY N 241 50.86 -28.72 -11.89
N CYS N 242 51.31 -28.15 -13.00
CA CYS N 242 51.37 -28.86 -14.27
C CYS N 242 52.76 -29.44 -14.51
N ASN N 243 52.84 -30.25 -15.57
CA ASN N 243 54.05 -31.00 -15.90
C ASN N 243 54.39 -30.68 -17.36
N ARG N 244 55.27 -31.51 -17.94
CA ARG N 244 55.69 -31.47 -19.33
C ARG N 244 54.53 -31.09 -20.25
N PRO N 245 54.71 -30.10 -21.13
CA PRO N 245 53.59 -29.61 -21.93
C PRO N 245 53.02 -30.68 -22.85
N VAL N 246 51.69 -30.69 -22.98
CA VAL N 246 51.04 -31.62 -23.88
C VAL N 246 51.31 -31.23 -25.33
N ASP N 247 51.56 -32.22 -26.18
CA ASP N 247 51.79 -31.96 -27.59
C ASP N 247 50.55 -31.35 -28.23
N VAL N 248 49.47 -32.11 -28.28
CA VAL N 248 48.18 -31.65 -28.79
C VAL N 248 47.12 -31.93 -27.73
N LEU N 249 46.27 -30.95 -27.48
CA LEU N 249 45.32 -30.98 -26.37
C LEU N 249 43.92 -31.22 -26.92
N TYR N 250 43.24 -32.23 -26.38
CA TYR N 250 41.94 -32.68 -26.87
C TYR N 250 40.86 -32.56 -25.81
N VAL N 251 40.78 -31.41 -25.14
CA VAL N 251 39.81 -31.21 -24.07
C VAL N 251 38.39 -31.32 -24.63
N ASP N 252 37.55 -32.09 -23.95
CA ASP N 252 36.15 -32.30 -24.30
C ASP N 252 35.25 -31.78 -23.19
N GLU N 253 34.05 -31.35 -23.58
CA GLU N 253 33.03 -30.86 -22.64
C GLU N 253 33.55 -29.69 -21.81
N ALA N 254 34.35 -28.84 -22.42
CA ALA N 254 34.87 -27.66 -21.73
C ALA N 254 33.93 -26.47 -21.80
N PHE N 255 32.90 -26.54 -22.64
CA PHE N 255 31.95 -25.45 -22.73
C PHE N 255 31.03 -25.36 -21.52
N ALA N 256 30.97 -26.41 -20.70
CA ALA N 256 30.33 -26.30 -19.39
C ALA N 256 31.15 -25.40 -18.46
N CYS N 257 32.47 -25.48 -18.54
CA CYS N 257 33.34 -24.66 -17.72
C CYS N 257 33.35 -23.22 -18.23
N HIS N 258 33.72 -22.31 -17.33
CA HIS N 258 33.75 -20.89 -17.67
C HIS N 258 34.90 -20.58 -18.62
N SER N 259 34.69 -19.59 -19.48
CA SER N 259 35.68 -19.26 -20.50
C SER N 259 36.98 -18.76 -19.89
N GLY N 260 36.90 -17.93 -18.85
CA GLY N 260 38.10 -17.42 -18.23
C GLY N 260 38.97 -18.50 -17.61
N THR N 261 38.33 -19.52 -17.03
CA THR N 261 39.08 -20.65 -16.49
C THR N 261 39.81 -21.39 -17.61
N LEU N 262 39.18 -21.54 -18.77
CA LEU N 262 39.82 -22.20 -19.90
C LEU N 262 41.02 -21.41 -20.39
N LEU N 263 40.90 -20.07 -20.40
CA LEU N 263 42.00 -19.24 -20.88
C LEU N 263 43.26 -19.45 -20.07
N ALA N 264 43.12 -19.50 -18.74
CA ALA N 264 44.27 -19.78 -17.88
C ALA N 264 44.74 -21.22 -18.01
N LEU N 265 43.81 -22.15 -18.23
CA LEU N 265 44.17 -23.56 -18.34
C LEU N 265 45.04 -23.82 -19.56
N ILE N 266 44.70 -23.23 -20.71
CA ILE N 266 45.49 -23.43 -21.92
C ILE N 266 46.89 -22.86 -21.75
N ALA N 267 47.00 -21.65 -21.22
CA ALA N 267 48.30 -21.00 -21.07
C ALA N 267 49.14 -21.65 -19.98
N LEU N 268 48.53 -22.33 -19.02
CA LEU N 268 49.30 -22.94 -17.94
C LEU N 268 50.06 -24.17 -18.42
N VAL N 269 49.56 -24.84 -19.45
CA VAL N 269 50.24 -26.02 -19.98
C VAL N 269 51.03 -25.73 -21.26
N ARG N 270 50.69 -24.66 -21.99
CA ARG N 270 51.37 -24.26 -23.22
C ARG N 270 51.46 -25.42 -24.21
N PRO N 271 50.34 -25.81 -24.83
CA PRO N 271 50.39 -26.94 -25.78
C PRO N 271 51.27 -26.62 -26.98
N ARG N 272 51.93 -27.67 -27.49
CA ARG N 272 52.79 -27.51 -28.66
C ARG N 272 51.98 -27.45 -29.94
N GLN N 273 51.12 -28.44 -30.17
CA GLN N 273 50.29 -28.51 -31.36
C GLN N 273 48.96 -27.82 -31.10
N LYS N 274 48.00 -28.02 -32.00
CA LYS N 274 46.71 -27.35 -31.91
C LYS N 274 45.96 -27.79 -30.65
N VAL N 275 44.86 -27.09 -30.37
CA VAL N 275 44.00 -27.40 -29.24
C VAL N 275 42.56 -27.42 -29.73
N VAL N 276 41.86 -28.54 -29.52
CA VAL N 276 40.47 -28.68 -29.90
C VAL N 276 39.63 -28.72 -28.63
N LEU N 277 38.49 -28.04 -28.67
CA LEU N 277 37.58 -27.96 -27.52
C LEU N 277 36.24 -28.51 -27.95
N CYS N 278 35.96 -29.76 -27.58
CA CYS N 278 34.75 -30.46 -27.95
C CYS N 278 33.72 -30.36 -26.84
N GLY N 279 32.56 -30.96 -27.06
CA GLY N 279 31.59 -31.16 -26.01
C GLY N 279 30.28 -30.41 -26.12
N ASP N 280 30.03 -29.65 -27.20
CA ASP N 280 28.78 -28.96 -27.46
C ASP N 280 28.61 -27.79 -26.49
N PRO N 281 28.23 -26.61 -26.94
CA PRO N 281 27.84 -25.53 -26.01
C PRO N 281 26.33 -25.44 -25.75
N LYS N 282 25.53 -26.38 -26.24
CA LYS N 282 24.09 -26.37 -26.02
C LYS N 282 23.72 -27.33 -24.90
N GLN N 283 24.09 -26.95 -23.67
CA GLN N 283 23.73 -27.73 -22.48
C GLN N 283 23.88 -26.83 -21.26
N CYS N 284 23.61 -27.40 -20.09
CA CYS N 284 23.84 -26.69 -18.84
C CYS N 284 25.33 -26.53 -18.60
N GLY N 285 25.70 -25.37 -18.07
CA GLY N 285 27.08 -25.01 -17.83
C GLY N 285 27.53 -25.31 -16.42
N PHE N 286 28.43 -24.46 -15.91
CA PHE N 286 28.99 -24.61 -14.58
C PHE N 286 28.11 -24.01 -13.49
N PHE N 287 26.90 -23.58 -13.84
CA PHE N 287 25.94 -22.95 -12.93
C PHE N 287 26.60 -21.89 -12.04
N ASN N 288 26.06 -21.69 -10.84
CA ASN N 288 26.64 -20.73 -9.90
C ASN N 288 26.16 -21.06 -8.51
N MET N 289 27.09 -21.14 -7.56
CA MET N 289 26.72 -21.44 -6.18
C MET N 289 25.87 -20.34 -5.57
N MET N 290 26.22 -19.07 -5.86
CA MET N 290 25.54 -17.93 -5.27
C MET N 290 24.55 -17.28 -6.25
N GLN N 291 24.22 -17.96 -7.35
CA GLN N 291 23.22 -17.54 -8.34
C GLN N 291 23.68 -16.29 -9.11
N MET N 292 24.85 -15.74 -8.79
CA MET N 292 25.32 -14.51 -9.43
C MET N 292 25.32 -14.62 -10.94
N LYS N 293 24.76 -13.61 -11.60
CA LYS N 293 24.64 -13.63 -13.05
C LYS N 293 25.99 -13.48 -13.72
N VAL N 294 26.17 -14.19 -14.83
CA VAL N 294 27.39 -14.11 -15.63
C VAL N 294 27.09 -13.36 -16.91
N ASN N 295 27.86 -12.30 -17.18
CA ASN N 295 27.66 -11.48 -18.35
C ASN N 295 28.86 -11.44 -19.30
N TYR N 296 30.04 -11.83 -18.85
CA TYR N 296 31.26 -11.73 -19.64
C TYR N 296 31.73 -13.09 -20.17
N ASN N 297 30.80 -13.96 -20.54
CA ASN N 297 31.15 -15.29 -21.05
C ASN N 297 31.19 -15.23 -22.57
N HIS N 298 32.28 -14.69 -23.11
CA HIS N 298 32.47 -14.62 -24.54
C HIS N 298 32.99 -15.96 -25.07
N ASN N 299 33.02 -16.10 -26.40
CA ASN N 299 33.33 -17.37 -27.04
C ASN N 299 34.50 -17.21 -27.99
N ILE N 300 35.34 -18.25 -28.05
CA ILE N 300 36.48 -18.31 -28.96
C ILE N 300 36.35 -19.58 -29.78
N CYS N 301 36.47 -19.44 -31.11
CA CYS N 301 36.35 -20.59 -32.00
C CYS N 301 37.05 -20.26 -33.31
N THR N 302 37.31 -21.32 -34.09
CA THR N 302 37.98 -21.16 -35.38
C THR N 302 37.22 -21.85 -36.50
N GLN N 303 36.46 -22.91 -36.19
CA GLN N 303 35.77 -23.68 -37.21
C GLN N 303 34.27 -23.52 -37.01
N VAL N 304 33.50 -24.11 -37.94
CA VAL N 304 32.06 -23.93 -37.98
C VAL N 304 31.30 -25.25 -38.10
N TYR N 305 31.97 -26.35 -38.43
CA TYR N 305 31.30 -27.63 -38.62
C TYR N 305 30.51 -28.04 -37.37
N HIS N 306 29.29 -28.54 -37.59
CA HIS N 306 28.29 -28.65 -36.54
C HIS N 306 27.72 -30.05 -36.35
N LYS N 307 28.00 -30.99 -37.26
CA LYS N 307 27.46 -32.35 -37.20
C LYS N 307 25.93 -32.33 -37.20
N SER N 308 25.38 -31.91 -38.34
CA SER N 308 23.94 -31.72 -38.50
C SER N 308 23.15 -33.03 -38.50
N ILE N 309 23.82 -34.18 -38.58
CA ILE N 309 23.11 -35.45 -38.72
C ILE N 309 22.28 -35.81 -37.49
N SER N 310 22.54 -35.17 -36.35
CA SER N 310 21.72 -35.34 -35.15
C SER N 310 21.68 -36.80 -34.68
N ARG N 311 22.81 -37.49 -34.84
CA ARG N 311 23.02 -38.83 -34.33
C ARG N 311 21.88 -39.80 -34.65
N ARG N 312 21.57 -40.67 -33.70
CA ARG N 312 20.44 -41.58 -33.81
C ARG N 312 19.67 -41.58 -32.49
N CYS N 313 19.47 -40.38 -31.92
CA CYS N 313 18.96 -40.24 -30.57
C CYS N 313 17.63 -39.49 -30.46
N THR N 314 17.23 -38.75 -31.48
CA THR N 314 16.05 -37.90 -31.38
C THR N 314 14.79 -38.70 -31.74
N LEU N 315 13.66 -38.00 -31.81
CA LEU N 315 12.36 -38.61 -32.06
C LEU N 315 11.43 -37.54 -32.60
N PRO N 316 10.29 -37.93 -33.19
CA PRO N 316 9.39 -36.91 -33.77
C PRO N 316 8.88 -35.89 -32.76
N VAL N 317 8.81 -36.23 -31.47
CA VAL N 317 8.36 -35.26 -30.47
C VAL N 317 9.32 -34.09 -30.39
N THR N 318 10.63 -34.36 -30.40
CA THR N 318 11.63 -33.31 -30.33
C THR N 318 11.91 -32.64 -31.67
N ALA N 319 11.01 -32.80 -32.66
CA ALA N 319 11.09 -31.96 -33.84
C ALA N 319 10.89 -30.49 -33.48
N ILE N 320 10.09 -30.22 -32.45
CA ILE N 320 9.98 -28.88 -31.91
C ILE N 320 11.31 -28.44 -31.30
N VAL N 321 11.99 -29.37 -30.61
CA VAL N 321 13.32 -29.07 -30.09
C VAL N 321 14.27 -28.72 -31.23
N SER N 322 14.10 -29.36 -32.38
CA SER N 322 14.83 -28.98 -33.59
C SER N 322 14.38 -27.64 -34.15
N SER N 323 13.29 -27.07 -33.63
CA SER N 323 12.83 -25.75 -34.06
C SER N 323 12.75 -24.75 -32.90
N LEU N 324 12.80 -25.21 -31.65
CA LEU N 324 12.80 -24.34 -30.49
C LEU N 324 14.20 -23.97 -30.03
N HIS N 325 15.08 -24.96 -29.86
CA HIS N 325 16.45 -24.69 -29.43
C HIS N 325 17.40 -24.52 -30.60
N TYR N 326 17.22 -25.32 -31.66
CA TYR N 326 17.96 -25.17 -32.90
C TYR N 326 17.06 -24.56 -33.96
N GLU N 327 17.68 -23.86 -34.92
CA GLU N 327 16.91 -23.17 -35.94
C GLU N 327 16.32 -24.11 -36.99
N GLY N 328 16.83 -25.33 -37.09
CA GLY N 328 16.27 -26.28 -38.03
C GLY N 328 17.29 -27.09 -38.81
N LYS N 329 18.57 -26.72 -38.68
CA LYS N 329 19.63 -27.43 -39.39
C LYS N 329 20.01 -28.75 -38.75
N MET N 330 19.25 -29.23 -37.76
CA MET N 330 19.59 -30.44 -37.01
C MET N 330 18.73 -31.63 -37.46
N ARG N 331 18.47 -31.75 -38.76
CA ARG N 331 17.72 -32.88 -39.29
C ARG N 331 18.41 -34.19 -38.94
N THR N 332 17.62 -35.15 -38.46
CA THR N 332 18.17 -36.37 -37.88
C THR N 332 18.04 -37.55 -38.85
N THR N 333 18.65 -38.67 -38.45
CA THR N 333 18.58 -39.93 -39.16
C THR N 333 17.79 -40.98 -38.39
N ASN N 334 17.58 -40.76 -37.10
CA ASN N 334 17.07 -41.78 -36.18
C ASN N 334 15.71 -42.30 -36.63
N GLU N 335 15.51 -43.61 -36.43
CA GLU N 335 14.25 -44.30 -36.74
C GLU N 335 13.42 -44.50 -35.49
N TYR N 336 13.68 -43.73 -34.44
CA TYR N 336 13.02 -43.88 -33.15
C TYR N 336 11.72 -43.09 -33.15
N ASN N 337 10.61 -43.78 -32.89
CA ASN N 337 9.29 -43.16 -33.01
C ASN N 337 8.61 -42.94 -31.66
N LYS N 338 8.31 -44.02 -30.91
CA LYS N 338 7.80 -44.00 -29.53
C LYS N 338 6.86 -42.83 -29.26
N PRO N 339 5.60 -42.90 -29.71
CA PRO N 339 4.65 -41.80 -29.44
C PRO N 339 4.66 -41.31 -28.00
N ILE N 340 4.18 -40.08 -27.79
CA ILE N 340 4.46 -39.32 -26.57
C ILE N 340 4.23 -40.18 -25.33
N VAL N 341 5.14 -40.05 -24.36
CA VAL N 341 5.13 -40.83 -23.14
C VAL N 341 5.02 -39.88 -21.95
N VAL N 342 4.00 -40.10 -21.12
CA VAL N 342 3.82 -39.38 -19.87
C VAL N 342 3.87 -40.30 -18.67
N ASP N 343 4.15 -41.59 -18.89
CA ASP N 343 4.22 -42.63 -17.87
C ASP N 343 2.94 -42.75 -17.05
N THR N 344 1.84 -42.13 -17.50
CA THR N 344 0.53 -42.25 -16.88
C THR N 344 0.59 -42.24 -15.36
N THR N 345 0.11 -43.31 -14.73
CA THR N 345 0.23 -43.49 -13.29
C THR N 345 0.81 -44.87 -12.99
N GLY N 346 0.52 -45.83 -13.86
CA GLY N 346 0.98 -47.20 -13.66
C GLY N 346 1.79 -47.74 -14.82
N SER N 347 2.65 -46.92 -15.39
CA SER N 347 3.46 -47.31 -16.55
C SER N 347 4.65 -48.15 -16.08
N THR N 348 5.64 -48.29 -16.96
CA THR N 348 6.81 -49.13 -16.72
C THR N 348 7.41 -48.89 -15.34
N LYS N 349 7.63 -49.98 -14.61
CA LYS N 349 8.20 -49.98 -13.27
C LYS N 349 9.69 -49.65 -13.33
N PRO N 350 10.37 -49.50 -12.17
CA PRO N 350 11.83 -49.33 -12.20
C PRO N 350 12.54 -50.40 -13.00
N ASP N 351 13.16 -49.99 -14.10
CA ASP N 351 13.89 -50.88 -14.98
C ASP N 351 15.01 -50.09 -15.64
N PRO N 352 15.92 -50.76 -16.35
CA PRO N 352 16.88 -50.01 -17.18
C PRO N 352 16.17 -49.07 -18.14
N GLY N 353 16.70 -47.87 -18.27
CA GLY N 353 16.07 -46.79 -19.02
C GLY N 353 15.15 -45.95 -18.15
N ASP N 354 14.55 -46.56 -17.13
CA ASP N 354 13.72 -45.86 -16.16
C ASP N 354 14.54 -45.32 -14.98
N LEU N 355 15.86 -45.22 -15.12
CA LEU N 355 16.71 -44.74 -14.05
C LEU N 355 16.35 -43.31 -13.68
N VAL N 356 16.22 -43.05 -12.38
CA VAL N 356 15.90 -41.71 -11.89
C VAL N 356 17.12 -40.82 -12.09
N LEU N 357 17.04 -39.92 -13.07
CA LEU N 357 18.11 -38.96 -13.34
C LEU N 357 17.45 -37.59 -13.52
N THR N 358 17.40 -36.82 -12.44
CA THR N 358 16.75 -35.52 -12.48
C THR N 358 17.58 -34.53 -13.27
N CYS N 359 16.94 -33.42 -13.69
CA CYS N 359 17.60 -32.37 -14.43
C CYS N 359 17.30 -30.99 -13.85
N PHE N 360 16.74 -30.94 -12.63
CA PHE N 360 16.32 -29.69 -11.99
C PHE N 360 17.00 -29.63 -10.62
N ARG N 361 17.96 -28.71 -10.47
CA ARG N 361 18.76 -28.67 -9.26
C ARG N 361 17.94 -28.25 -8.04
N GLY N 362 17.03 -27.29 -8.19
CA GLY N 362 16.18 -26.90 -7.09
C GLY N 362 15.21 -27.97 -6.65
N TRP N 363 15.03 -29.01 -7.45
CA TRP N 363 14.13 -30.11 -7.14
C TRP N 363 14.87 -31.40 -6.77
N VAL N 364 16.21 -31.35 -6.71
CA VAL N 364 16.98 -32.55 -6.34
C VAL N 364 16.71 -32.93 -4.89
N LYS N 365 16.71 -31.94 -3.99
CA LYS N 365 16.47 -32.23 -2.59
C LYS N 365 15.07 -32.76 -2.35
N GLN N 366 14.09 -32.26 -3.12
CA GLN N 366 12.72 -32.74 -3.00
C GLN N 366 12.52 -34.09 -3.69
N LEU N 367 13.48 -34.54 -4.50
CA LEU N 367 13.36 -35.85 -5.15
C LEU N 367 13.33 -36.98 -4.14
N GLN N 368 14.21 -36.92 -3.13
CA GLN N 368 14.41 -38.05 -2.23
C GLN N 368 13.23 -38.26 -1.29
N ILE N 369 12.39 -37.26 -1.08
CA ILE N 369 11.29 -37.41 -0.13
C ILE N 369 10.07 -38.05 -0.80
N ASP N 370 9.82 -37.73 -2.07
CA ASP N 370 8.69 -38.32 -2.77
C ASP N 370 9.05 -39.56 -3.57
N TYR N 371 10.14 -39.54 -4.33
CA TYR N 371 10.55 -40.68 -5.15
C TYR N 371 11.88 -41.19 -4.60
N ARG N 372 11.82 -42.30 -3.86
CA ARG N 372 13.01 -42.83 -3.20
C ARG N 372 13.16 -44.32 -3.44
N GLY N 373 12.08 -44.99 -3.84
CA GLY N 373 12.09 -46.43 -3.98
C GLY N 373 12.34 -46.97 -5.36
N HIS N 374 12.44 -46.10 -6.38
CA HIS N 374 12.60 -46.59 -7.75
C HIS N 374 14.08 -46.64 -8.15
N GLU N 375 14.76 -45.49 -8.19
CA GLU N 375 16.19 -45.45 -8.46
C GLU N 375 16.81 -44.30 -7.69
N VAL N 376 18.14 -44.18 -7.83
CA VAL N 376 18.93 -43.17 -7.13
C VAL N 376 19.86 -42.45 -8.11
N MET N 377 20.74 -41.61 -7.57
CA MET N 377 21.75 -40.83 -8.31
C MET N 377 21.14 -39.77 -9.22
N THR N 378 21.98 -38.83 -9.66
CA THR N 378 21.55 -37.72 -10.50
C THR N 378 22.55 -37.56 -11.62
N ALA N 379 22.08 -37.26 -12.83
CA ALA N 379 22.95 -37.02 -13.98
C ALA N 379 22.75 -35.62 -14.57
N ALA N 380 22.18 -34.70 -13.81
CA ALA N 380 21.99 -33.34 -14.30
C ALA N 380 23.32 -32.66 -14.58
N ALA N 381 24.29 -32.81 -13.68
CA ALA N 381 25.62 -32.26 -13.87
C ALA N 381 26.57 -33.20 -14.56
N SER N 382 26.10 -34.38 -14.98
CA SER N 382 26.92 -35.40 -15.61
C SER N 382 26.34 -35.80 -16.96
N GLN N 383 25.66 -34.88 -17.63
CA GLN N 383 24.96 -35.17 -18.86
C GLN N 383 25.94 -35.41 -20.00
N GLY N 384 25.40 -35.90 -21.12
CA GLY N 384 26.18 -36.09 -22.33
C GLY N 384 26.82 -37.45 -22.49
N LEU N 385 26.72 -38.32 -21.48
CA LEU N 385 27.35 -39.64 -21.56
C LEU N 385 26.45 -40.62 -22.31
N THR N 386 26.94 -41.85 -22.44
CA THR N 386 26.19 -42.92 -23.12
C THR N 386 25.38 -43.72 -22.10
N ARG N 387 24.60 -42.98 -21.29
CA ARG N 387 23.81 -43.60 -20.23
C ARG N 387 22.59 -44.35 -20.79
N LYS N 388 22.14 -43.98 -21.99
CA LYS N 388 20.98 -44.55 -22.67
C LYS N 388 19.79 -44.77 -21.74
N GLY N 389 19.54 -43.81 -20.85
CA GLY N 389 18.37 -43.85 -20.01
C GLY N 389 18.24 -42.61 -19.14
N VAL N 390 17.06 -41.99 -19.11
CA VAL N 390 16.83 -40.78 -18.33
C VAL N 390 15.42 -40.84 -17.76
N TYR N 391 15.24 -40.21 -16.59
CA TYR N 391 13.92 -40.00 -16.02
C TYR N 391 14.02 -38.88 -15.00
N ALA N 392 13.38 -37.75 -15.29
CA ALA N 392 13.42 -36.58 -14.42
C ALA N 392 12.09 -36.47 -13.67
N VAL N 393 12.18 -36.19 -12.38
CA VAL N 393 10.99 -36.14 -11.54
C VAL N 393 10.23 -34.84 -11.75
N ARG N 394 8.98 -34.82 -11.33
CA ARG N 394 8.13 -33.63 -11.43
C ARG N 394 7.31 -33.51 -10.16
N GLN N 395 7.02 -32.28 -9.75
CA GLN N 395 6.18 -32.03 -8.59
C GLN N 395 4.93 -31.22 -8.93
N LYS N 396 5.08 -30.14 -9.68
CA LYS N 396 3.97 -29.25 -10.01
C LYS N 396 4.06 -28.87 -11.48
N VAL N 397 3.07 -28.09 -11.92
CA VAL N 397 2.99 -27.67 -13.32
C VAL N 397 2.80 -26.16 -13.39
N ASN N 398 3.03 -25.48 -12.28
CA ASN N 398 2.82 -24.03 -12.19
C ASN N 398 4.08 -23.35 -11.67
N GLU N 399 4.28 -22.11 -12.11
CA GLU N 399 5.40 -21.23 -11.69
C GLU N 399 6.71 -22.00 -11.57
N ASN N 400 7.16 -22.54 -12.70
CA ASN N 400 8.41 -23.29 -12.75
C ASN N 400 9.44 -22.51 -13.55
N PRO N 401 10.21 -21.61 -12.94
CA PRO N 401 11.19 -20.83 -13.71
C PRO N 401 12.46 -21.63 -13.99
N LEU N 402 12.71 -22.66 -13.19
CA LEU N 402 13.93 -23.45 -13.34
C LEU N 402 13.98 -24.13 -14.69
N TYR N 403 12.86 -24.70 -15.14
CA TYR N 403 12.74 -25.32 -16.45
C TYR N 403 11.60 -24.63 -17.19
N ALA N 404 11.92 -24.01 -18.34
CA ALA N 404 10.93 -23.28 -19.13
C ALA N 404 11.48 -23.05 -20.54
N SER N 405 10.80 -23.63 -21.53
CA SER N 405 11.03 -23.35 -22.95
C SER N 405 12.50 -23.42 -23.35
N THR N 406 13.15 -22.26 -23.44
CA THR N 406 14.54 -22.20 -23.91
C THR N 406 15.55 -22.55 -22.83
N SER N 407 15.11 -22.78 -21.59
CA SER N 407 16.04 -23.14 -20.53
C SER N 407 16.70 -24.47 -20.84
N GLU N 408 17.93 -24.63 -20.34
CA GLU N 408 18.67 -25.85 -20.61
C GLU N 408 18.18 -27.00 -19.75
N HIS N 409 17.37 -26.72 -18.74
CA HIS N 409 16.85 -27.78 -17.89
C HIS N 409 15.87 -28.69 -18.65
N VAL N 410 14.97 -28.10 -19.43
CA VAL N 410 14.07 -28.91 -20.25
C VAL N 410 14.84 -29.58 -21.38
N ASN N 411 15.86 -28.89 -21.92
CA ASN N 411 16.55 -29.35 -23.13
C ASN N 411 17.13 -30.75 -22.99
N VAL N 412 17.08 -31.34 -21.80
CA VAL N 412 17.61 -32.68 -21.57
C VAL N 412 16.50 -33.67 -21.89
N LEU N 413 15.39 -33.18 -22.46
CA LEU N 413 14.31 -34.07 -22.89
C LEU N 413 14.80 -35.14 -23.86
N LEU N 414 15.49 -34.73 -24.91
CA LEU N 414 16.17 -35.72 -25.73
C LEU N 414 17.30 -36.34 -24.92
N THR N 415 17.24 -37.66 -24.78
CA THR N 415 18.16 -38.33 -23.87
C THR N 415 19.61 -38.14 -24.32
N ARG N 416 20.51 -38.06 -23.33
CA ARG N 416 21.88 -37.59 -23.53
C ARG N 416 22.64 -38.35 -24.61
N THR N 417 22.13 -39.48 -25.05
CA THR N 417 22.73 -40.28 -26.12
C THR N 417 21.60 -40.99 -26.86
N GLU N 418 21.93 -42.04 -27.61
CA GLU N 418 20.90 -42.93 -28.11
C GLU N 418 20.45 -43.85 -26.99
N GLY N 419 19.14 -43.91 -26.74
CA GLY N 419 18.65 -44.69 -25.62
C GLY N 419 17.16 -44.65 -25.36
N LYS N 420 16.78 -44.65 -24.10
CA LYS N 420 15.38 -44.77 -23.68
C LYS N 420 14.98 -43.51 -22.93
N LEU N 421 13.77 -43.01 -23.19
CA LEU N 421 13.25 -41.78 -22.60
C LEU N 421 11.89 -42.00 -21.96
N VAL N 422 11.74 -41.52 -20.72
CA VAL N 422 10.48 -41.58 -19.99
C VAL N 422 10.33 -40.32 -19.15
N TRP N 423 9.09 -39.96 -18.83
CA TRP N 423 8.78 -38.90 -17.86
C TRP N 423 7.46 -39.24 -17.21
N LYS N 424 7.37 -39.10 -15.89
CA LYS N 424 6.11 -39.42 -15.21
C LYS N 424 5.12 -38.28 -15.24
N THR N 425 5.40 -37.22 -15.99
CA THR N 425 4.59 -36.00 -16.01
C THR N 425 3.09 -36.32 -16.06
N LEU N 426 2.32 -35.54 -15.31
CA LEU N 426 0.94 -35.88 -15.03
C LEU N 426 0.13 -36.08 -16.30
N SER N 427 -0.65 -37.17 -16.34
CA SER N 427 -1.52 -37.45 -17.47
C SER N 427 -2.63 -36.41 -17.50
N GLY N 428 -2.54 -35.48 -18.45
CA GLY N 428 -3.46 -34.36 -18.49
C GLY N 428 -2.81 -33.09 -17.98
N ASP N 429 -2.42 -32.21 -18.89
CA ASP N 429 -1.73 -30.97 -18.57
C ASP N 429 -2.50 -29.81 -19.17
N PRO N 430 -2.37 -28.61 -18.57
CA PRO N 430 -3.09 -27.44 -19.08
C PRO N 430 -2.86 -27.18 -20.56
N TRP N 431 -1.62 -27.35 -21.01
CA TRP N 431 -1.24 -27.11 -22.40
C TRP N 431 -0.74 -28.40 -23.06
N ILE N 432 -1.00 -28.49 -24.36
CA ILE N 432 -0.64 -29.67 -25.15
C ILE N 432 0.14 -29.33 -26.40
N LYS N 433 0.87 -28.22 -26.43
CA LYS N 433 1.47 -27.75 -27.68
C LYS N 433 2.68 -28.59 -28.11
N THR N 434 3.51 -29.03 -27.16
CA THR N 434 4.75 -29.69 -27.54
C THR N 434 4.58 -31.13 -27.97
N LEU N 435 3.37 -31.70 -27.85
CA LEU N 435 3.12 -33.08 -28.24
C LEU N 435 2.01 -33.23 -29.25
N GLN N 436 1.61 -32.15 -29.94
CA GLN N 436 0.49 -32.23 -30.86
C GLN N 436 0.91 -31.94 -32.30
N ASN N 437 1.70 -30.89 -32.52
CA ASN N 437 2.08 -30.46 -33.87
C ASN N 437 3.58 -30.22 -34.01
N PRO N 438 4.38 -31.28 -34.00
CA PRO N 438 5.82 -31.13 -34.26
C PRO N 438 6.06 -30.73 -35.71
N PRO N 439 7.17 -30.06 -35.99
CA PRO N 439 7.47 -29.70 -37.38
C PRO N 439 7.58 -30.93 -38.27
N LYS N 440 7.17 -30.77 -39.53
CA LYS N 440 7.12 -31.87 -40.49
C LYS N 440 8.29 -31.81 -41.48
N GLY N 441 9.49 -31.48 -41.00
CA GLY N 441 10.66 -31.47 -41.85
C GLY N 441 11.14 -32.87 -42.18
N ASN N 442 12.30 -32.92 -42.85
CA ASN N 442 12.89 -34.20 -43.23
C ASN N 442 13.21 -35.02 -42.00
N PHE N 443 12.47 -36.11 -41.80
CA PHE N 443 12.62 -36.90 -40.57
C PHE N 443 13.91 -37.72 -40.58
N LYS N 444 14.26 -38.29 -41.73
CA LYS N 444 15.42 -39.17 -41.82
C LYS N 444 15.85 -39.25 -43.29
N ALA N 445 17.11 -38.90 -43.56
CA ALA N 445 17.58 -38.96 -44.94
C ALA N 445 18.07 -40.35 -45.31
N THR N 446 19.17 -40.79 -44.70
CA THR N 446 19.80 -42.08 -44.96
C THR N 446 20.66 -42.50 -43.77
N ILE N 447 20.96 -43.80 -43.67
CA ILE N 447 21.97 -44.25 -42.72
C ILE N 447 23.38 -43.99 -43.27
N LYS N 448 23.51 -43.84 -44.58
CA LYS N 448 24.81 -43.56 -45.18
C LYS N 448 25.27 -42.13 -44.88
N GLU N 449 24.32 -41.21 -44.68
CA GLU N 449 24.69 -39.82 -44.41
C GLU N 449 25.45 -39.69 -43.11
N TRP N 450 25.23 -40.61 -42.16
CA TRP N 450 25.92 -40.53 -40.88
C TRP N 450 27.43 -40.68 -41.06
N GLU N 451 27.85 -41.62 -41.90
CA GLU N 451 29.27 -41.93 -42.06
C GLU N 451 29.96 -40.95 -42.98
N VAL N 452 29.77 -39.65 -42.73
CA VAL N 452 30.41 -38.60 -43.53
C VAL N 452 31.18 -37.67 -42.61
N GLU N 453 30.48 -37.15 -41.59
CA GLU N 453 31.09 -36.13 -40.73
C GLU N 453 32.22 -36.70 -39.88
N HIS N 454 32.13 -37.98 -39.52
CA HIS N 454 33.19 -38.57 -38.70
C HIS N 454 34.56 -38.46 -39.37
N ALA N 455 34.57 -38.42 -40.71
CA ALA N 455 35.82 -38.19 -41.42
C ALA N 455 36.07 -36.71 -41.65
N SER N 456 35.01 -35.93 -41.95
CA SER N 456 35.20 -34.52 -42.24
C SER N 456 35.47 -33.72 -40.97
N ILE N 457 34.88 -34.13 -39.84
CA ILE N 457 35.19 -33.47 -38.57
C ILE N 457 36.66 -33.65 -38.23
N MET N 458 37.17 -34.88 -38.38
CA MET N 458 38.60 -35.10 -38.19
C MET N 458 39.41 -34.39 -39.28
N ALA N 459 38.85 -34.29 -40.48
CA ALA N 459 39.52 -33.55 -41.55
C ALA N 459 39.73 -32.09 -41.17
N GLY N 460 38.82 -31.52 -40.37
CA GLY N 460 38.99 -30.20 -39.82
C GLY N 460 39.86 -30.13 -38.59
N ILE N 461 40.39 -31.27 -38.15
CA ILE N 461 41.27 -31.32 -36.98
C ILE N 461 42.65 -31.76 -37.44
N CYS N 462 42.71 -32.55 -38.52
CA CYS N 462 43.97 -33.07 -39.02
C CYS N 462 44.37 -32.50 -40.37
N SER N 463 43.51 -32.64 -41.38
CA SER N 463 43.89 -32.25 -42.73
C SER N 463 43.74 -30.77 -43.01
N HIS N 464 43.01 -30.04 -42.16
CA HIS N 464 42.87 -28.59 -42.39
C HIS N 464 44.21 -27.88 -42.21
N GLN N 465 44.96 -28.24 -41.18
CA GLN N 465 46.29 -27.70 -40.92
C GLN N 465 46.89 -28.46 -39.75
N MET N 466 48.20 -28.65 -39.79
CA MET N 466 48.90 -29.39 -38.75
C MET N 466 50.39 -29.06 -38.76
ZN ZN P . -15.82 -86.31 15.02
PG ATP Q . -28.88 -69.53 14.32
O1G ATP Q . -27.48 -69.16 14.72
O2G ATP Q . -29.60 -68.30 13.82
O3G ATP Q . -29.63 -70.10 15.50
PB ATP Q . -30.06 -71.67 12.72
O1B ATP Q . -30.35 -71.58 11.25
O2B ATP Q . -31.30 -71.30 13.50
O3B ATP Q . -28.82 -70.65 13.11
PA ATP Q . -28.40 -73.55 14.14
O1A ATP Q . -28.39 -75.03 14.46
O2A ATP Q . -28.59 -72.77 15.42
O3A ATP Q . -29.62 -73.21 13.10
O5' ATP Q . -26.95 -73.13 13.47
C5' ATP Q . -25.78 -73.41 14.19
C4' ATP Q . -24.71 -74.02 13.23
O4' ATP Q . -23.88 -74.72 13.88
C3' ATP Q . -25.38 -75.01 12.24
O3' ATP Q . -24.61 -75.15 11.12
C2' ATP Q . -25.42 -76.31 13.01
O2' ATP Q . -25.29 -77.49 12.07
C1' ATP Q . -24.38 -76.27 13.80
N9 ATP Q . -24.74 -76.74 15.12
C8 ATP Q . -25.90 -76.54 15.73
N7 ATP Q . -25.88 -77.11 16.91
C5 ATP Q . -24.68 -77.69 17.07
C6 ATP Q . -24.08 -78.45 18.10
N6 ATP Q . -24.80 -78.73 19.33
N1 ATP Q . -22.85 -78.90 17.93
C2 ATP Q . -22.16 -78.64 16.82
N3 ATP Q . -22.70 -77.95 15.83
C4 ATP Q . -23.95 -77.47 15.93
PG GTP R . -22.53 -67.86 4.69
O1G GTP R . -23.25 -68.46 5.87
O2G GTP R . -22.77 -68.69 3.45
O3G GTP R . -23.04 -66.46 4.45
O3B GTP R . -20.92 -67.81 5.01
PB GTP R . -20.12 -66.41 5.36
O1B GTP R . -19.74 -65.72 4.08
O2B GTP R . -18.88 -66.71 6.17
O3A GTP R . -21.14 -65.45 6.23
PA GTP R . -21.40 -63.86 5.89
O1A GTP R . -22.32 -63.73 4.70
O2A GTP R . -20.08 -63.20 5.57
O5' GTP R . -22.08 -63.13 7.20
C5' GTP R . -21.60 -61.88 7.58
C4' GTP R . -21.13 -61.99 9.07
O4' GTP R . -22.07 -62.49 9.78
C3' GTP R . -19.97 -63.01 9.20
O3' GTP R . -18.77 -62.39 9.04
C2' GTP R . -20.11 -63.54 10.61
O2' GTP R . -19.14 -62.82 11.52
C1' GTP R . -21.33 -63.29 10.98
N9 GTP R . -22.02 -64.52 11.26
C8 GTP R . -21.78 -65.69 10.68
N7 GTP R . -22.60 -66.60 11.18
C5 GTP R . -23.38 -66.02 12.09
C6 GTP R . -24.50 -66.53 13.00
O6 GTP R . -24.82 -67.68 12.96
N1 GTP R . -25.17 -65.63 13.90
C2 GTP R . -24.77 -64.25 13.94
N2 GTP R . -25.44 -63.33 14.85
N3 GTP R . -23.70 -63.76 13.08
C4 GTP R . -23.00 -64.69 12.14
ZN ZN S . 13.56 -73.57 47.93
PG GTP T . -1.61 -60.57 31.97
O1G GTP T . -2.39 -61.69 31.34
O2G GTP T . -2.55 -59.43 32.31
O3G GTP T . -0.57 -60.07 30.99
O3B GTP T . -0.87 -61.11 33.33
PB GTP T . 0.48 -62.06 33.32
O1B GTP T . 0.78 -62.47 31.90
O2B GTP T . 0.23 -63.29 34.16
O3A GTP T . 1.73 -61.20 33.95
PA GTP T . 2.08 -59.65 33.47
O1A GTP T . 2.08 -59.58 31.96
O2A GTP T . 3.44 -59.27 34.00
O5' GTP T . 0.93 -58.65 34.08
C5' GTP T . 0.83 -57.35 33.57
C4' GTP T . 0.80 -56.35 34.76
O4' GTP T . 0.01 -56.76 35.68
C3' GTP T . 2.19 -56.30 35.46
O3' GTP T . 2.98 -55.37 34.87
C2' GTP T . 1.88 -55.90 36.88
O2' GTP T . 2.04 -54.41 37.04
C1' GTP T . 0.63 -56.23 37.09
N9 GTP T . 0.56 -57.28 38.07
C8 GTP T . 1.16 -58.46 38.00
N7 GTP T . 0.88 -59.16 39.08
C5 GTP T . 0.08 -58.44 39.87
C6 GTP T . -0.58 -58.69 41.22
O6 GTP T . -0.41 -59.72 41.77
N1 GTP T . -1.41 -57.69 41.82
C2 GTP T . -1.61 -56.43 41.13
N2 GTP T . -2.45 -55.40 41.73
N3 GTP T . -0.98 -56.19 39.84
C4 GTP T . -0.12 -57.24 39.22
PG ATP U . -3.75 -61.87 44.51
O1G ATP U . -4.64 -60.83 43.88
O2G ATP U . -3.07 -61.28 45.72
O3G ATP U . -2.70 -62.31 43.51
PB ATP U . -4.70 -64.58 44.13
O1B ATP U . -5.14 -64.32 42.72
O2B ATP U . -5.68 -65.53 44.80
O3B ATP U . -4.65 -63.17 44.97
PA ATP U . -2.10 -65.21 45.33
O1A ATP U . -1.90 -66.59 45.90
O2A ATP U . -2.57 -64.28 46.42
O3A ATP U . -3.20 -65.28 44.11
O5' ATP U . -0.67 -64.67 44.70
C5' ATP U . -0.23 -65.23 43.50
C4' ATP U . 1.25 -65.69 43.67
O4' ATP U . 1.65 -65.44 44.85
C3' ATP U . 1.34 -67.24 43.48
O3' ATP U . 2.25 -67.55 42.53
C2' ATP U . 1.79 -67.77 44.83
O2' ATP U . 2.72 -68.95 44.64
C1' ATP U . 2.44 -66.77 45.35
N9 ATP U . 2.40 -66.84 46.79
C8 ATP U . 1.32 -66.73 47.54
N7 ATP U . 1.66 -66.86 48.82
C5 ATP U . 2.98 -67.05 48.87
C6 ATP U . 3.89 -67.24 49.92
N6 ATP U . 3.44 -67.25 51.31
N1 ATP U . 5.18 -67.41 49.64
C2 ATP U . 5.61 -67.40 48.38
N3 ATP U . 4.78 -67.23 47.37
C4 ATP U . 3.46 -67.05 47.59
ZN ZN V . 42.23 -42.36 66.08
PG GTP W . 24.90 -41.09 52.76
O1G GTP W . 24.01 -40.63 53.89
O2G GTP W . 25.92 -42.06 53.30
O3G GTP W . 24.06 -41.79 51.71
O3B GTP W . 25.67 -39.80 52.10
PB GTP W . 25.58 -39.39 50.51
O1B GTP W . 26.00 -37.95 50.34
O2B GTP W . 26.50 -40.28 49.70
O3A GTP W . 24.03 -39.57 49.97
PA GTP W . 22.75 -38.72 50.54
O1A GTP W . 22.37 -39.22 51.92
O2A GTP W . 21.57 -38.90 49.60
O5' GTP W . 23.12 -37.11 50.63
C5' GTP W . 22.06 -36.21 50.73
C4' GTP W . 22.56 -34.88 51.39
O4' GTP W . 22.14 -34.79 52.58
C3' GTP W . 24.11 -34.87 51.53
O3' GTP W . 24.69 -34.39 50.40
C2' GTP W . 24.34 -33.92 52.68
O2' GTP W . 24.58 -32.53 52.15
C1' GTP W . 23.25 -33.94 53.40
N9 GTP W . 23.52 -34.56 54.67
C8 GTP W . 24.34 -35.57 54.88
N7 GTP W . 24.32 -35.89 56.17
C5 GTP W . 23.48 -35.06 56.81
C6 GTP W . 23.05 -34.92 58.26
O6 GTP W . 23.50 -35.65 59.08
N1 GTP W . 22.11 -33.92 58.64
C2 GTP W . 21.57 -33.03 57.63
N2 GTP W . 20.61 -32.00 57.99
N3 GTP W . 21.98 -33.16 56.23
C4 GTP W . 22.97 -34.22 55.84
PG ATP X . 21.81 -37.01 63.08
O1G ATP X . 21.77 -36.81 64.58
O2G ATP X . 22.72 -35.98 62.46
O3G ATP X . 20.42 -36.87 62.51
PB ATP X . 21.91 -39.88 63.56
O1B ATP X . 21.61 -40.98 62.58
O2B ATP X . 20.69 -39.58 64.38
O3B ATP X . 22.37 -38.53 62.74
PA ATP X . 24.46 -39.44 64.91
O1A ATP X . 25.52 -40.33 65.54
O2A ATP X . 24.08 -38.34 65.87
O3A ATP X . 23.14 -40.36 64.56
O5' ATP X . 25.05 -38.78 63.52
C5' ATP X . 25.54 -39.65 62.53
C4' ATP X . 27.09 -39.60 62.52
O4' ATP X . 27.52 -38.86 63.47
C3' ATP X . 27.67 -41.02 62.82
O3' ATP X . 28.32 -41.50 61.72
C2' ATP X . 28.65 -40.83 63.96
O2' ATP X . 29.94 -41.59 63.66
C1' ATP X . 28.89 -39.55 63.99
N9 ATP X . 29.17 -39.13 65.34
C8 ATP X . 28.29 -39.02 66.31
N7 ATP X . 28.90 -38.61 67.42
C5 ATP X . 30.20 -38.46 67.13
C6 ATP X . 31.32 -38.05 67.86
N6 ATP X . 31.19 -37.69 69.26
N1 ATP X . 32.50 -37.99 67.27
C2 ATP X . 32.65 -38.32 65.99
N3 ATP X . 31.61 -38.71 65.27
C4 ATP X . 30.38 -38.78 65.81
ZN ZN Y . 62.02 -0.63 64.35
PG GTP Z . 42.57 -9.80 56.87
O1G GTP Z . 41.37 -10.08 55.99
O2G GTP Z . 42.32 -8.53 57.66
O3G GTP Z . 42.77 -10.95 57.83
O3B GTP Z . 43.91 -9.61 55.92
PB GTP Z . 43.96 -8.58 54.65
O1B GTP Z . 43.96 -9.37 53.36
O2B GTP Z . 45.21 -7.73 54.73
O3A GTP Z . 42.63 -7.62 54.70
PA GTP Z . 41.58 -7.44 53.45
O1A GTP Z . 40.96 -8.79 53.12
O2A GTP Z . 42.32 -6.91 52.24
O5' GTP Z . 40.39 -6.39 53.89
C5' GTP Z . 39.52 -5.91 52.90
C4' GTP Z . 39.37 -4.37 53.11
O4' GTP Z . 39.16 -4.11 54.33
C3' GTP Z . 40.71 -3.66 52.79
O3' GTP Z . 40.77 -3.32 51.47
C2' GTP Z . 40.68 -2.42 53.66
O2' GTP Z . 40.24 -1.24 52.85
C1' GTP Z . 39.82 -2.66 54.61
N9 GTP Z . 40.49 -2.65 55.88
C8 GTP Z . 41.61 -3.28 56.17
N7 GTP Z . 41.93 -3.05 57.45
C5 GTP Z . 40.99 -2.25 57.98
C6 GTP Z . 40.80 -1.65 59.37
O6 GTP Z . 41.59 -1.87 60.22
N1 GTP Z . 39.67 -0.82 59.64
C2 GTP Z . 38.70 -0.55 58.59
N2 GTP Z . 37.56 0.29 58.85
N3 GTP Z . 38.90 -1.14 57.25
C4 GTP Z . 40.07 -2.00 56.98
PG ATP AA . 40.68 -1.92 64.81
O1G ATP AA . 41.96 -1.99 64.02
O2G ATP AA . 39.60 -2.71 64.10
O3G ATP AA . 40.25 -0.49 64.93
PB ATP AA . 41.54 -4.04 66.61
O1B ATP AA . 40.95 -5.03 65.62
O2B ATP AA . 41.20 -4.48 68.01
O3B ATP AA . 40.91 -2.54 66.32
PA ATP AA . 44.15 -2.74 66.73
O1A ATP AA . 43.44 -1.44 66.41
O2A ATP AA . 44.55 -2.74 68.19
O3A ATP AA . 43.17 -4.03 66.41
O5' ATP AA . 45.49 -2.86 65.78
C5' ATP AA . 45.45 -2.35 64.48
C4' ATP AA . 46.70 -2.84 63.69
O4' ATP AA . 47.58 -1.91 63.62
C3' ATP AA . 47.39 -4.03 64.42
O3' ATP AA . 47.88 -4.92 63.51
C2' ATP AA . 48.54 -3.41 65.21
O2' ATP AA . 49.75 -4.32 65.14
C1' ATP AA . 48.80 -2.28 64.63
N9 ATP AA . 48.92 -1.25 65.63
C8 ATP AA . 48.05 -1.00 66.59
N7 ATP AA . 48.49 0.02 67.32
C5 ATP AA . 49.66 0.42 66.81
C6 ATP AA . 50.59 1.43 67.15
N6 ATP AA . 50.34 2.31 68.27
N1 ATP AA . 51.68 1.56 66.41
C2 ATP AA . 51.93 0.78 65.37
N3 ATP AA . 51.08 -0.18 65.04
C4 ATP AA . 49.94 -0.38 65.73
ZN ZN BA . 67.82 40.22 43.50
PG GTP CA . 51.10 24.82 44.28
O1G GTP CA . 52.08 25.51 45.20
O2G GTP CA . 49.95 25.74 43.99
O3G GTP CA . 50.59 23.57 44.95
O3B GTP CA . 51.88 24.40 42.88
PB GTP CA . 51.53 25.02 41.39
O1B GTP CA . 51.02 26.43 41.53
O2B GTP CA . 52.78 25.02 40.55
O3A GTP CA . 50.39 24.09 40.66
PA GTP CA . 48.79 24.09 41.08
O1A GTP CA . 48.64 23.64 42.51
O2A GTP CA . 48.04 23.14 40.18
O5' GTP CA . 48.18 25.61 40.91
C5' GTP CA . 46.89 25.85 41.38
C4' GTP CA . 46.26 27.00 40.54
O4' GTP CA . 45.78 27.90 41.31
C3' GTP CA . 47.36 27.71 39.70
O3' GTP CA . 47.35 27.24 38.42
C2' GTP CA . 46.97 29.18 39.70
O2' GTP CA . 46.13 29.48 38.49
C1' GTP CA . 46.28 29.36 40.79
N9 GTP CA . 47.07 29.99 41.79
C8 GTP CA . 48.36 29.80 42.01
N7 GTP CA . 48.77 30.54 43.01
C5 GTP CA . 47.73 31.25 43.46
C6 GTP CA . 47.56 32.28 44.59
O6 GTP CA . 48.49 32.58 45.26
N1 GTP CA . 46.28 32.87 44.83
C2 GTP CA . 45.14 32.49 44.01
N2 GTP CA . 43.84 33.09 44.25
N3 GTP CA . 45.31 31.51 42.94
C4 GTP CA . 46.65 30.90 42.69
PG ATP DA . 48.32 34.28 49.56
O1G ATP DA . 49.34 33.57 48.70
O2G ATP DA . 47.05 33.46 49.62
O3G ATP DA . 47.99 35.63 48.96
PB ATP DA . 49.94 33.43 51.81
O1B ATP DA . 49.43 32.02 51.63
O2B ATP DA . 50.03 33.75 53.28
O3B ATP DA . 48.92 34.49 51.08
PA ATP DA . 52.03 34.89 50.38
O1A ATP DA . 53.43 35.17 50.89
O2A ATP DA . 51.15 36.08 50.68
O3A ATP DA . 51.45 33.55 51.14
O5' ATP DA . 52.09 34.62 48.76
C5' ATP DA . 52.89 33.57 48.29
C4' ATP DA . 54.20 34.17 47.69
O4' ATP DA . 54.14 35.44 47.65
C3' ATP DA . 55.41 33.84 48.63
O3' ATP DA . 56.22 32.91 48.05
C2' ATP DA . 56.17 35.15 48.79
O2' ATP DA . 57.63 34.93 48.54
C1' ATP DA . 55.67 35.95 47.88
N9 ATP DA . 55.67 37.30 48.35
C8 ATP DA . 54.92 37.78 49.33
N7 ATP DA . 55.19 39.07 49.50
C5 ATP DA . 56.12 39.41 48.59
C6 ATP DA . 56.79 40.61 48.28
N6 ATP DA . 56.50 41.83 49.02
N1 ATP DA . 57.68 40.62 47.29
C2 ATP DA . 57.96 39.52 46.61
N3 ATP DA . 57.35 38.38 46.87
C4 ATP DA . 56.43 38.30 47.85
ZN ZN EA . 57.50 69.12 9.16
PG GTP FA . 47.65 52.52 18.26
O1G GTP FA . 47.11 53.89 17.96
O2G GTP FA . 49.04 52.64 18.82
O3G GTP FA . 46.77 51.83 19.27
O3B GTP FA . 47.71 51.63 16.86
PB GTP FA . 46.40 50.88 16.22
O1B GTP FA . 46.84 49.87 15.18
O2B GTP FA . 45.50 51.91 15.56
O3A GTP FA . 45.57 50.11 17.40
PA GTP FA . 43.98 50.42 17.76
O1A GTP FA . 43.88 51.73 18.50
O2A GTP FA . 43.45 49.31 18.65
O5' GTP FA . 43.08 50.50 16.39
C5' GTP FA . 41.71 50.28 16.49
C4' GTP FA . 40.94 51.50 15.88
O4' GTP FA . 40.97 52.50 16.65
C3' GTP FA . 41.64 52.01 14.60
O3' GTP FA . 41.20 51.33 13.51
C2' GTP FA . 41.21 53.47 14.52
O2' GTP FA . 40.14 53.62 13.46
C1' GTP FA . 40.72 53.77 15.68
N9 GTP FA . 41.38 54.95 16.20
C8 GTP FA . 42.68 55.17 16.18
N7 GTP FA . 42.93 56.35 16.74
C5 GTP FA . 41.77 56.89 17.12
C6 GTP FA . 41.40 58.22 17.80
O6 GTP FA . 42.25 58.98 18.10
N1 GTP FA . 40.03 58.52 18.08
C2 GTP FA . 39.00 57.57 17.72
N2 GTP FA . 37.60 57.86 17.99
N3 GTP FA . 39.36 56.31 17.06
C4 GTP FA . 40.78 56.00 16.77
PG ATP GA . 42.11 62.11 21.36
O1G ATP GA . 41.22 61.05 21.95
O2G ATP GA . 41.78 63.46 21.97
O3G ATP GA . 41.90 62.17 19.86
PB ATP GA . 44.52 62.34 22.97
O1B ATP GA . 43.58 62.60 24.12
O2B ATP GA . 45.58 61.35 23.39
O3B ATP GA . 43.69 61.74 21.67
PA ATP GA . 45.59 64.14 20.96
O1A ATP GA . 44.30 64.28 20.18
O2A ATP GA . 46.34 65.45 20.92
O3A ATP GA . 45.24 63.75 22.52
O5' ATP GA . 46.51 62.96 20.28
C5' ATP GA . 46.08 62.36 19.09
C4' ATP GA . 47.21 62.48 18.03
O4' ATP GA . 47.02 63.51 17.29
C3' ATP GA . 48.59 62.70 18.74
O3' ATP GA . 49.52 61.85 18.23
C2' ATP GA . 48.98 64.14 18.41
O2' ATP GA . 50.47 64.25 18.27
C1' ATP GA . 48.39 64.37 17.27
N9 ATP GA . 48.07 65.78 17.16
C8 ATP GA . 47.34 66.47 18.01
N7 ATP GA . 47.26 67.73 17.59
C5 ATP GA . 47.97 67.83 16.46
C6 ATP GA . 48.26 68.89 15.57
N6 ATP GA . 47.74 70.22 15.82
N1 ATP GA . 49.01 68.65 14.51
C2 ATP GA . 49.51 67.44 14.27
N3 ATP GA . 49.25 66.43 15.08
C4 ATP GA . 48.50 66.59 16.17
ZN ZN HA . 35.32 78.26 -29.84
PG ATP IA . 24.26 73.28 -12.51
O1G ATP IA . 22.83 73.38 -12.99
O2G ATP IA . 25.12 72.68 -13.58
O3G ATP IA . 24.30 72.40 -11.28
PB ATP IA . 26.34 75.10 -11.61
O1B ATP IA . 27.03 73.80 -11.26
O2B ATP IA . 26.29 75.98 -10.38
O3B ATP IA . 24.81 74.79 -12.12
PA ATP IA . 26.67 75.97 -14.36
O1A ATP IA . 27.55 76.94 -15.11
O2A ATP IA . 25.24 76.46 -14.40
O3A ATP IA . 27.18 75.86 -12.80
O5' ATP IA . 26.77 74.48 -15.06
C5' ATP IA . 28.02 73.86 -15.13
C4' ATP IA . 28.52 73.87 -16.61
O4' ATP IA . 27.73 74.55 -17.35
C3' ATP IA . 29.90 74.61 -16.68
O3' ATP IA . 30.87 73.75 -17.12
C2' ATP IA . 29.70 75.72 -17.70
O2' ATP IA . 30.91 75.82 -18.60
C1' ATP IA . 28.66 75.35 -18.40
N9 ATP IA . 27.97 76.49 -18.91
C8 ATP IA . 27.23 77.33 -18.20
N7 ATP IA . 26.74 78.27 -19.00
C5 ATP IA . 27.17 78.01 -20.25
C6 ATP IA . 27.00 78.63 -21.49
N6 ATP IA . 26.18 79.83 -21.60
N1 ATP IA . 27.58 78.12 -22.56
C2 ATP IA . 28.32 77.03 -22.48
N3 ATP IA . 28.52 76.41 -21.33
C4 ATP IA . 27.96 76.88 -20.20
PG GTP JA . 31.12 62.07 -15.04
O1G GTP JA . 30.62 60.71 -14.62
O2G GTP JA . 29.93 62.96 -15.33
O3G GTP JA . 31.96 61.94 -16.28
O3B GTP JA . 32.02 62.74 -13.83
PB GTP JA . 31.51 64.01 -12.91
O1B GTP JA . 32.30 64.05 -11.64
O2B GTP JA . 31.71 65.30 -13.68
O3A GTP JA . 29.91 63.82 -12.56
PA GTP JA . 29.25 62.41 -12.04
O1A GTP JA . 28.48 62.64 -10.76
O2A GTP JA . 30.35 61.41 -11.79
O5' GTP JA . 28.22 61.83 -13.19
C5' GTP JA . 27.21 60.95 -12.80
C4' GTP JA . 25.86 61.47 -13.40
O4' GTP JA . 25.67 62.68 -13.08
C3' GTP JA . 25.92 61.49 -14.95
O3' GTP JA . 25.45 60.33 -15.46
C2' GTP JA . 25.02 62.64 -15.35
O2' GTP JA . 23.74 62.10 -15.96
C1' GTP JA . 24.74 63.30 -14.26
N9 GTP JA . 25.04 64.69 -14.44
C8 GTP JA . 26.17 65.19 -14.89
N7 GTP JA . 26.10 66.51 -14.92
C5 GTP JA . 24.88 66.88 -14.48
C6 GTP JA . 24.21 68.23 -14.29
O6 GTP JA . 24.79 69.23 -14.55
N1 GTP JA . 22.87 68.29 -13.78
C2 GTP JA . 22.18 67.07 -13.45
N2 GTP JA . 20.82 67.13 -12.93
N3 GTP JA . 22.83 65.78 -13.64
C4 GTP JA . 24.21 65.71 -14.17
ZN ZN KA . 5.69 65.33 -62.75
PG ATP LA . -0.88 65.64 -42.71
O1G ATP LA . -1.11 64.62 -41.62
O2G ATP LA . -2.04 66.62 -42.73
O3G ATP LA . -0.79 64.93 -44.03
PB ATP LA . 0.89 67.97 -42.93
O1B ATP LA . 2.01 68.53 -42.09
O2B ATP LA . -0.33 68.86 -42.79
O3B ATP LA . 0.54 66.45 -42.40
PA ATP LA . 0.40 67.48 -45.76
O1A ATP LA . 0.67 68.38 -46.93
O2A ATP LA . -1.05 67.59 -45.35
O3A ATP LA . 1.37 67.93 -44.50
O5' ATP LA . 0.75 65.92 -46.18
C5' ATP LA . 2.08 65.53 -46.24
C4' ATP LA . 2.46 65.21 -47.72
O4' ATP LA . 1.43 65.34 -48.48
C3' ATP LA . 3.50 66.25 -48.25
O3' ATP LA . 4.67 65.62 -48.54
C2' ATP LA . 2.89 66.83 -49.50
O2' ATP LA . 3.94 66.98 -50.57
C1' ATP LA . 1.99 65.97 -49.86
N9 ATP LA . 0.92 66.62 -50.57
C8 ATP LA . 0.08 67.49 -50.07
N7 ATP LA . -0.77 67.88 -51.01
C5 ATP LA . -0.45 67.24 -52.14
C6 ATP LA . -0.97 67.22 -53.45
N6 ATP LA . -2.11 68.06 -53.79
N1 ATP LA . -0.42 66.45 -54.36
C2 ATP LA . 0.63 65.68 -54.07
N3 ATP LA . 1.14 65.67 -52.85
C4 ATP LA . 0.63 66.43 -51.87
PG GTP MA . 9.26 59.49 -40.49
O1G GTP MA . 9.21 58.75 -39.17
O2G GTP MA . 7.86 59.60 -41.05
O3G GTP MA . 9.82 60.87 -40.26
O3B GTP MA . 10.22 58.68 -41.54
PB GTP MA . 10.27 57.03 -41.65
O1B GTP MA . 10.35 56.63 -43.10
O2B GTP MA . 11.49 56.51 -40.91
O3A GTP MA . 8.91 56.39 -40.97
PA GTP MA . 7.46 56.35 -41.75
O1A GTP MA . 7.44 57.41 -42.83
O2A GTP MA . 7.28 54.99 -42.38
O5' GTP MA . 6.25 56.63 -40.68
C5' GTP MA . 6.00 55.70 -39.68
C4' GTP MA . 4.52 55.19 -39.84
O4' GTP MA . 3.72 56.17 -39.70
C3' GTP MA . 4.29 54.71 -41.31
O3' GTP MA . 4.51 53.37 -41.39
C2' GTP MA . 2.84 55.01 -41.58
O2' GTP MA . 1.99 53.81 -41.25
C1' GTP MA . 2.53 56.01 -40.78
N9 GTP MA . 2.37 57.22 -41.54
C8 GTP MA . 3.26 57.70 -42.40
N7 GTP MA . 2.79 58.83 -42.91
C5 GTP MA . 1.60 59.08 -42.37
C6 GTP MA . 0.58 60.21 -42.55
O6 GTP MA . 0.80 61.10 -43.31
N1 GTP MA . -0.65 60.19 -41.81
C2 GTP MA . -0.92 59.11 -40.90
N2 GTP MA . -2.16 59.08 -40.14
N3 GTP MA . 0.06 58.03 -40.73
C4 GTP MA . 1.34 58.04 -41.49
ZN ZN NA . -22.58 33.90 -81.50
PG ATP OA . -26.45 40.69 -61.50
O1G ATP OA . -27.77 41.35 -61.77
O2G ATP OA . -26.36 40.30 -60.04
O3G ATP OA . -26.33 39.44 -62.33
PB ATP OA . -25.33 43.11 -62.73
O1B ATP OA . -24.22 44.04 -62.33
O2B ATP OA . -26.65 43.77 -62.46
O3B ATP OA . -25.20 41.71 -61.86
PA ATP OA . -25.80 41.43 -65.08
O1A ATP OA . -25.76 41.64 -66.58
O2A ATP OA . -27.22 41.19 -64.63
O3A ATP OA . -25.20 42.78 -64.34
O5' ATP OA . -24.86 40.13 -64.68
C5' ATP OA . -23.53 40.11 -65.13
C4' ATP OA . -23.43 39.23 -66.43
O4' ATP OA . -24.59 38.84 -66.79
C3' ATP OA . -22.90 40.09 -67.61
O3' ATP OA . -21.66 39.67 -67.98
C2' ATP OA . -23.88 39.87 -68.75
O2' ATP OA . -23.15 39.65 -70.04
C1' ATP OA . -24.53 38.79 -68.42
N9 ATP OA . -25.86 38.81 -68.96
C8 ATP OA . -26.87 39.53 -68.50
N7 ATP OA . -27.94 39.30 -69.25
C5 ATP OA . -27.60 38.41 -70.20
C6 ATP OA . -28.28 37.80 -71.27
N6 ATP OA . -29.69 38.10 -71.50
N1 ATP OA . -27.64 36.95 -72.04
C2 ATP OA . -26.36 36.66 -71.85
N3 ATP OA . -25.69 37.22 -70.86
C4 ATP OA . -26.27 38.10 -70.03
PG GTP PA . -15.02 37.34 -61.02
O1G GTP PA . -13.71 37.69 -60.35
O2G GTP PA . -16.15 38.11 -60.37
O3G GTP PA . -14.93 37.73 -62.48
O3B GTP PA . -15.31 35.72 -60.91
PB GTP PA . -14.50 34.70 -59.91
O1B GTP PA . -15.42 33.60 -59.45
O2B GTP PA . -13.33 34.09 -60.65
O3A GTP PA . -13.92 35.52 -58.59
PA GTP PA . -14.86 36.03 -57.34
O1A GTP PA . -15.55 37.32 -57.72
O2A GTP PA . -13.98 36.27 -56.14
O5' GTP PA . -16.00 34.90 -56.98
C5' GTP PA . -16.89 35.17 -55.94
C4' GTP PA . -18.01 34.08 -55.93
O4' GTP PA . -19.16 34.62 -56.01
C3' GTP PA . -17.91 33.19 -57.21
O3' GTP PA . -17.11 32.11 -56.97
C2' GTP PA . -19.33 32.75 -57.45
O2' GTP PA . -19.59 31.44 -56.75
C1' GTP PA . -20.09 33.69 -56.94
N9 GTP PA . -20.68 34.47 -57.98
C8 GTP PA . -20.12 34.77 -59.15
N7 GTP PA . -20.95 35.51 -59.86
C5 GTP PA . -22.07 35.69 -59.16
C6 GTP PA . -23.38 36.43 -59.44
O6 GTP PA . -23.52 37.01 -60.46
N1 GTP PA . -24.42 36.45 -58.46
C2 GTP PA . -24.23 35.75 -57.20
N2 GTP PA . -25.28 35.76 -56.20
N3 GTP PA . -22.98 35.04 -56.94
C4 GTP PA . -21.90 35.02 -57.96
ZN ZN QA . -42.61 -7.74 -79.05
PG GTP RA . -31.84 2.89 -62.73
O1G GTP RA . -30.47 2.75 -62.10
O2G GTP RA . -32.90 2.67 -61.67
O3G GTP RA . -32.00 1.86 -63.82
O3B GTP RA . -32.01 4.40 -63.36
PB GTP RA . -33.45 5.19 -63.50
O1B GTP RA . -33.35 6.18 -64.64
O2B GTP RA . -34.54 4.18 -63.79
O3A GTP RA . -33.81 6.00 -62.12
PA GTP RA . -33.04 5.83 -60.67
O1A GTP RA . -33.13 7.13 -59.91
O2A GTP RA . -31.58 5.49 -60.89
O5' GTP RA . -33.77 4.64 -59.80
C5' GTP RA . -33.70 4.68 -58.41
C4' GTP RA . -34.63 3.56 -57.84
O4' GTP RA . -35.85 3.87 -57.99
C3' GTP RA . -34.46 2.24 -58.66
O3' GTP RA . -33.45 1.49 -58.16
C2' GTP RA . -35.79 1.54 -58.46
O2' GTP RA . -35.69 0.58 -57.31
C1' GTP RA . -36.66 2.48 -58.19
N9 GTP RA . -37.60 2.60 -59.28
C8 GTP RA . -37.30 2.52 -60.57
N7 GTP RA . -38.39 2.69 -61.29
C5 GTP RA . -39.42 2.89 -60.45
C6 GTP RA . -40.92 3.14 -60.67
O6 GTP RA . -41.36 3.19 -61.76
N1 GTP RA . -41.78 3.31 -59.53
C2 GTP RA . -41.23 3.25 -58.20
N2 GTP RA . -42.11 3.43 -57.06
N3 GTP RA . -39.80 3.01 -58.00
C4 GTP RA . -38.91 2.83 -59.17
PG ATP SA . -45.27 5.58 -62.90
O1G ATP SA . -44.79 6.65 -61.95
O2G ATP SA . -46.79 5.57 -62.91
O3G ATP SA . -44.75 4.24 -62.44
PB ATP SA . -45.27 7.12 -65.36
O1B ATP SA . -44.11 8.01 -65.76
O2B ATP SA . -46.28 7.94 -64.59
O3B ATP SA . -44.72 5.89 -64.42
PA ATP SA . -46.42 4.94 -66.89
O1A ATP SA . -46.78 4.36 -65.55
O2A ATP SA . -47.62 4.84 -67.81
O3A ATP SA . -45.98 6.52 -66.72
O5' ATP SA . -45.16 4.09 -67.54
C5' ATP SA . -44.31 3.41 -66.67
C4' ATP SA . -43.36 2.50 -67.52
O4' ATP SA . -43.90 1.36 -67.72
C3' ATP SA . -43.15 3.14 -68.93
O3' ATP SA . -41.83 3.41 -69.13
C2' ATP SA . -43.60 2.08 -69.92
O2' ATP SA . -42.65 2.02 -71.10
C1' ATP SA . -43.55 0.96 -69.25
N9 ATP SA . -44.52 0.02 -69.75
C8 ATP SA . -44.23 -1.13 -70.33
N7 ATP SA . -45.35 -1.75 -70.67
C5 ATP SA . -46.38 -0.97 -70.29
C6 ATP SA . -47.77 -1.08 -70.36
N6 ATP SA . -48.38 -2.25 -70.97
N1 ATP SA . -48.53 -0.11 -69.87
C2 ATP SA . -47.99 0.97 -69.31
N3 ATP SA . -46.68 1.11 -69.22
C4 ATP SA . -45.86 0.16 -69.70
ZN ZN TA . -48.53 -48.16 -58.43
PG ATP UA . -52.79 -30.57 -47.62
O1G ATP UA . -51.84 -31.51 -46.90
O2G ATP UA . -52.53 -29.16 -47.16
O3G ATP UA . -54.21 -30.96 -47.31
PB ATP UA . -53.62 -30.18 -50.37
O1B ATP UA . -52.94 -29.30 -51.39
O2B ATP UA . -54.73 -29.40 -49.70
O3B ATP UA . -52.53 -30.68 -49.25
PA ATP UA . -53.94 -33.05 -50.72
O1A ATP UA . -53.82 -33.17 -49.22
O2A ATP UA . -55.06 -33.94 -51.20
O3A ATP UA . -54.27 -31.49 -51.13
O5' ATP UA . -52.53 -33.52 -51.44
C5' ATP UA . -51.43 -33.82 -50.61
C4' ATP UA . -50.54 -34.86 -51.35
O4' ATP UA . -50.83 -36.04 -50.98
C3' ATP UA . -50.82 -34.83 -52.89
O3' ATP UA . -49.74 -34.34 -53.56
C2' ATP UA . -51.08 -36.27 -53.29
O2' ATP UA . -50.31 -36.60 -54.55
C1' ATP UA . -50.62 -36.98 -52.29
N9 ATP UA . -51.34 -38.21 -52.16
C8 ATP UA . -50.84 -39.42 -52.37
N7 ATP UA . -51.77 -40.34 -52.16
C5 ATP UA . -52.90 -39.69 -51.80
C6 ATP UA . -54.20 -40.10 -51.45
N6 ATP UA . -54.54 -41.52 -51.44
N1 ATP UA . -55.11 -39.19 -51.14
C2 ATP UA . -54.81 -37.90 -51.14
N3 ATP UA . -53.60 -37.48 -51.47
C4 ATP UA . -52.63 -38.34 -51.79
PG GTP VA . -42.01 -27.57 -51.73
O1G GTP VA . -42.21 -27.77 -53.21
O2G GTP VA . -42.99 -28.43 -50.97
O3G GTP VA . -42.23 -26.12 -51.39
O3B GTP VA . -40.47 -28.00 -51.32
PB GTP VA . -40.09 -29.36 -50.48
O1B GTP VA . -41.03 -30.48 -50.90
O2B GTP VA . -38.66 -29.76 -50.78
O3A GTP VA . -40.25 -29.08 -48.87
PA GTP VA . -40.72 -27.64 -48.23
O1A GTP VA . -42.21 -27.46 -48.43
O2A GTP VA . -39.97 -26.52 -48.90
O5' GTP VA . -40.39 -27.64 -46.62
C5' GTP VA . -41.25 -26.95 -45.76
C4' GTP VA . -41.82 -27.97 -44.72
O4' GTP VA . -43.08 -28.08 -44.86
C3' GTP VA . -41.29 -29.40 -45.02
O3' GTP VA . -40.13 -29.62 -44.35
C2' GTP VA . -42.38 -30.32 -44.50
O2' GTP VA . -41.96 -30.90 -43.17
C1' GTP VA . -43.44 -29.57 -44.35
N9 GTP VA . -44.53 -30.11 -45.12
C8 GTP VA . -44.42 -30.67 -46.32
N7 GTP VA . -45.62 -31.05 -46.73
C5 GTP VA . -46.52 -30.73 -45.80
C6 GTP VA . -48.04 -30.91 -45.68
O6 GTP VA . -48.64 -31.42 -46.56
N1 GTP VA . -48.73 -30.45 -44.51
C2 GTP VA . -47.98 -29.82 -43.44
N2 GTP VA . -48.67 -29.35 -42.26
N3 GTP VA . -46.53 -29.66 -43.55
C4 GTP VA . -45.81 -30.13 -44.77
ZN ZN WA . -38.65 -77.08 -23.75
PG ATP XA . -46.51 -57.89 -19.43
O1G ATP XA . -45.43 -58.48 -20.32
O2G ATP XA . -46.43 -58.55 -18.07
O3G ATP XA . -46.29 -56.41 -19.29
PB ATP XA . -48.22 -58.56 -21.69
O1B ATP XA . -47.71 -57.42 -22.54
O2B ATP XA . -49.70 -58.76 -21.95
O3B ATP XA . -47.99 -58.18 -20.10
PA ATP XA . -47.33 -61.27 -21.10
O1A ATP XA . -48.35 -62.28 -21.58
O2A ATP XA . -47.62 -60.91 -19.67
O3A ATP XA . -47.41 -59.94 -22.07
O5' ATP XA . -45.83 -61.92 -21.22
C5' ATP XA . -45.69 -63.12 -21.93
C4' ATP XA . -44.15 -63.40 -22.09
O4' ATP XA . -43.75 -64.16 -21.14
C3' ATP XA . -43.90 -64.16 -23.43
O3' ATP XA . -42.82 -63.64 -24.07
C2' ATP XA . -43.61 -65.60 -23.02
O2' ATP XA . -42.57 -66.18 -23.94
C1' ATP XA . -43.14 -65.51 -21.81
N9 ATP XA . -43.51 -66.66 -21.03
C8 ATP XA . -42.77 -67.74 -20.83
N7 ATP XA . -43.43 -68.60 -20.07
C5 ATP XA . -44.61 -68.05 -19.77
C6 ATP XA . -45.72 -68.47 -19.00
N6 ATP XA . -45.71 -69.75 -18.34
N1 ATP XA . -46.76 -67.66 -18.90
C2 ATP XA . -46.79 -66.48 -19.50
N3 ATP XA . -45.77 -66.06 -20.22
C4 ATP XA . -44.67 -66.82 -20.38
PG GTP YA . -38.88 -54.08 -26.40
O1G GTP YA . -38.33 -52.74 -25.96
O2G GTP YA . -39.29 -54.88 -25.19
O3G GTP YA . -40.08 -53.86 -27.30
O3B GTP YA . -37.71 -54.90 -27.24
PB GTP YA . -36.28 -55.32 -26.57
O1B GTP YA . -35.17 -54.50 -27.18
O2B GTP YA . -36.01 -56.80 -26.81
O3A GTP YA . -36.35 -55.04 -24.95
PA GTP YA . -35.63 -53.76 -24.20
O1A GTP YA . -35.53 -52.60 -25.15
O2A GTP YA . -34.25 -54.16 -23.73
O5' GTP YA . -36.54 -53.31 -22.90
C5' GTP YA . -36.31 -52.07 -22.31
C4' GTP YA . -36.42 -52.24 -20.77
O4' GTP YA . -37.63 -52.47 -20.43
C3' GTP YA . -35.65 -53.53 -20.32
O3' GTP YA . -34.35 -53.21 -20.03
C2' GTP YA . -36.38 -53.97 -19.07
O2' GTP YA . -35.71 -53.38 -17.86
C1' GTP YA . -37.59 -53.51 -19.18
N9 GTP YA . -38.50 -54.59 -19.43
C8 GTP YA . -38.36 -55.54 -20.35
N7 GTP YA . -39.38 -56.37 -20.29
C5 GTP YA . -40.22 -55.97 -19.32
C6 GTP YA . -41.54 -56.50 -18.78
O6 GTP YA . -42.02 -57.47 -19.26
N1 GTP YA . -42.20 -55.81 -17.72
C2 GTP YA . -41.61 -54.63 -17.14
N2 GTP YA . -42.26 -53.93 -16.05
N3 GTP YA . -40.33 -54.13 -17.66
C4 GTP YA . -39.64 -54.83 -18.77
#